data_5T0H
#
_entry.id   5T0H
#
loop_
_entity.id
_entity.type
_entity.pdbx_description
1 polymer '26S protease regulatory subunit 7'
2 polymer '26S protease regulatory subunit 4'
3 polymer '26S protease regulatory subunit 8'
4 polymer '26S protease regulatory subunit 6B'
5 polymer '26S protease regulatory subunit 10B'
6 polymer '26S protease regulatory subunit 6A'
7 polymer 'Proteasome subunit alpha type-6'
8 polymer 'Proteasome subunit alpha type-2'
9 polymer 'Proteasome subunit alpha type-4'
10 polymer 'Proteasome subunit alpha type-7'
11 polymer 'Proteasome subunit alpha type-5'
12 polymer 'Proteasome subunit alpha type-1'
13 polymer 'Proteasome subunit alpha type-3'
14 polymer 'Proteasome subunit beta type-6'
15 polymer 'Proteasome subunit beta type-7'
16 polymer 'Proteasome subunit beta type-3'
17 polymer 'Proteasome subunit beta type-2'
18 polymer 'Proteasome subunit beta type-5'
19 polymer 'Proteasome subunit beta type-1'
20 polymer 'Proteasome subunit beta type-4'
21 polymer '26S proteasome non-ATPase regulatory subunit 1'
22 polymer '26S proteasome non-ATPase regulatory subunit 3'
23 polymer '26S proteasome non-ATPase regulatory subunit 12'
24 polymer '26S proteasome non-ATPase regulatory subunit 11'
25 polymer '26S proteasome non-ATPase regulatory subunit 6'
26 polymer '26S proteasome non-ATPase regulatory subunit 7'
27 polymer '26S proteasome non-ATPase regulatory subunit 13'
28 polymer '26S proteasome non-ATPase regulatory subunit 4'
29 polymer '26S proteasome non-ATPase regulatory subunit 14'
30 polymer '26S proteasome non-ATPase regulatory subunit 8'
31 polymer '26S proteasome complex subunit DSS1'
32 polymer '26S proteasome non-ATPase regulatory subunit 2'
33 non-polymer "ADENOSINE-5'-DIPHOSPHATE"
34 non-polymer 'ZINC ION'
#
loop_
_entity_poly.entity_id
_entity_poly.type
_entity_poly.pdbx_seq_one_letter_code
_entity_poly.pdbx_strand_id
1 'polypeptide(L)'
;MPDYLGADQRKTKEDEKDDKPIRALDEGDIALLKTYGQSTYSRQIKQVEDDIQQLLKKINELTGIKESDTGLAPPALWDL
AADKQTLQSEQPLQVARCTKIINADSEDPKYIINVKQFAKFVVDLSDQVAPTDIEEGMRVGVDRNKYQIHIPLPPKIDPT
VTMMQVEEKPDVTYSDVGGCKEQIEKLREVVETPLLHPERFVNLGIEPPKGVLLFGPPGTGKTLCARAVANRTDACFIRV
IGSELVQKYVGEGARMVRELFEMARTKKACLIFFDEIDAIGGARFDDGAGGDNEVQRTMLELINQLDGFDPRGNIKVLMA
TNRPDTLDPALMRPGRLDRKIEFSLPDLEGRTHIFKIHARSMSVERDIRFELLARLCPNSTGAEIRSVCTEAGMFAIRAR
RKIATEKDFLEAVNKVIKSYAKFSATPRYMTYN
;
A
2 'polypeptide(L)'
;MGQSQSGGHGPGGGKKDDKDKKKKYEPPVPTRVGKKKKKTKGPDAASKLPLVTPHTQCRLKLLKLERIKDYLLMEEEFIR
NQEQMKPLEEKQEEERSKVDDLRGTPMSVGTLEEIIDDNHAIVSTSVGSEHYVSILSFVDKDLLEPGCSVLLNHKVHAVI
GVLMDDTDPLVTVMKVEKAPQETYADIGGLDNQIQEIKESVELPLTHPEYYEEMGIKPPKGVILYGPPGTGKTLLAKAVA
NQTSATFLRVVGSELIQKYLGDGPKLVRELFRVAEEHAPSIVFIDEIDAIGTKRYDSNSGGEREIQRTMLELLNQLDGFD
SRGDVKVIMATNRIETLDPALIRPGRIDRKIEFPLPDEKTKKRIFQIHTSRMTLADDVTLDDLIMAKDDLSGADIKAICT
EAGLMALRERRMKVTNEDFKKSKENVLYKKQEGTPEGLYL
;
B
3 'polypeptide(L)'
;MELEEGKAGSGLRQYYLSKIEELQLIVNDKSQNLRRLQAQRNELNAKVRLLREELQLLQEQGSYVGEVVRAMDKKKVLVK
VHPEGKFVVDVDKNIDINDVTPNCRVALRNDSYTLHKILPNKVDPLVSLMMVEKVPDSTYEMIGGLDKQIKEIKEVIELP
VKHPELFEALGIAQPKGVLLYGPPGTGKTLLARAVAHHTDCTFIRVSGSELVQKFIGEGARMVRELFVMAREHAPSIIFM
DEIDSIGSSRLEGGSGGDSEVQRTMLELLNQLDGFEATKNIKVIMATNRIDILDSALLRPGRIDRKIEFPPPNEEARLDI
LKIHSRKMNLTRGINLRKIAELMPGASGAEVKGVCTEAGMYALRERRVHVTQEDFEMAVAKVMQKDSEKNMSIKKLWK
;
C
4 'polypeptide(L)'
;MEEIGILVEKAQDEIPALSVSRPQTGLSFLGPEPEDLEDLYSRYKKLQQELEFLEVQEEYIKDEQKNLKKEFLHAQEEVK
RIQSIPLVIGQFLEAVDQNTAIVGSTTGSNYYVRILSTIDRELLKPNASVALHKHSNALVDVLPPEADSSIMMLTSDQKP
DVMYADIGGMDIQKQEVREAVELPLTHFELYKQIGIDPPRGVLMYGPPGCGKTMLAKAVAHHTTAAFIRVVGSEFVQKYL
GEGPRMVRDVFRLAKENAPAIIFIDEIDAIATKRFDAQTGADREVQRILLELLNQMDGFDQNVNVKVIMATNRADTLDPA
LLRPGRLDRKIEFPLPDRRQKRLIFSTITSKMNLSEEVDLEDYVARPDKISGADINSICQESGMLAVRENRYIVLAKDFE
KAYKTVIKKDEQEHEFYK
;
D
5 'polypeptide(L)'
;MAIPGIPYERRLLIMADPRDKALQDYRKKLLEHKEIDGRLKELREQLKELTKQYEKSENDLKALQSVGQIVGEVLKQLTE
EKFIVKATNGPRYVVGCRRQLDKSKLKPGTRVALDMTTLTIMRYLPREVDPLVYNMSHEDPGNVSYSEIGGLSEQIRELR
EVIELPLTNPELFQRVGIIPPKGCLLYGPPGTGKTLLARAVASQLDCNFLKVVSSSIVDKYIGESARLIREMFNYARDHQ
PCIIFMDEIDAIGGRRFSEGTSADREIQRTLMELLNQMDGFDTLHRVKMIMATNRPDTLDPALLRPGRLDRKIHIDLPNE
QARLDILKIHAGPITKHGEIDYEAIVKLSDGFNGADLRNVCTEAGMFAIRADHDFVVQEDFMKAVRKVADSKKLESKLDY
KPV
;
E
6 'polypeptide(L)'
;MNLLPNIESPVTRQEKMATVWDEAEQDGIGEEVLKMSTEEIIQRTRLLDSEIKIMKSEVLRVTHELQAMKDKIKENSEKI
KVNKTLPYLVSNVIELLDVDPNDQEEDGANIDLDSQRKGKCAVIKTSTRQTYFLPVIGLVDAEKLKPGDLVGVNKDSYLI
LETLPTEYDSRVKAMEVDERPTEQYSDIGGLDKQIQELVEAIVLPMNHKEKFENLGIQPPKGVLMYGPPGTGKTLLARAC
AAQTKATFLKLAGPQLVQMFIGDGAKLVRDAFALAKEKAPSIIFIDELDAIGTKRFDSEKAGDREVQRTMLELLNQLDGF
QPNTQVKVIAATNRVDILDPALLRSGRLDRKIEFPMPNEEARARIMQIHSRKMNVSPDVNYEELARCTDDFNGAQCKAVC
VEAGMIALRRGATELTHEDYMEGILEVQAKKKANLQYYA
;
F
7 'polypeptide(L)'
;SRGSSAGFDRHITIFSPEGRLYQVEYAFKAINQGGLTSVAVRGKDCAVIVTQKKVPDKLLDSSTVTHLFKITENIGCVMT
GMTADSRSQVQRARYEAANWKYKYGYEIPVDMLCKRIADISQVYTQNAEMRPLGCCMILIGIDEEQGPQVYKCDPAGYYC
GFKATAAGVKQTESTSFLEKKVKKKFDWTFEQTVETAITCLSTVLSIDFKPSEIEVGVVTVENPKFRILTEAEIDAHLVA
LAERD
;
G
8 'polypeptide(L)'
;AERGYSFSLTTFSPSGKLVQIEYALAAVAGGAPSVGIKAANGVVLATEKKQKSILYDERSVHKVEPITKHIGLVYSGMGP
DYRVLVHRARKLAQQYYLVYQEPIPTAQLVQRVASVMQEYTQSGGVRPFGVSLLICGWNEGRPYLFQSDPSGAYFAWKAT
AMGKNYVNGKTFLEKRYNEDLELEDAIHTAILTLKESFEGQMTEDNIEVGICNEAGFRRLTPTEVKDYLAAIA
;
H
9 'polypeptide(L)'
;SRRYDSRTTIFSPEGRLYQVEYAMEAIGHAGTCLGILANDGVLLAAERRNIHKLLDEVFFSEKIYKLNEDMACSVAGITS
DANVLTNELRLIAQRYLLQYQEPIPCEQLVTALCDIKQAYTQFGGKRPFGVSLLYIGWDKHYGFQLYQSDPSGNYGGWKA
TCIGNNSAAAVSMLKQDYKEGEMTLKSALALAIKVLNKTMDVSKLSAEKVEIATLTRENGKTVIRVLKQKEVEQLIKKHE
EEEAKAEREKKEKEQKEKDK
;
I
10 'polypeptide(L)'
;SYDRAITVFSPDGHLFQVEYAQEAVKKGSTAVGVRGRDIVVLGVEKKSVAKLQDERTVRKICALDDNVCMAFAGLTADAR
IVINRARVECQSHRLTVEDPVTVEYITRYIASLKQRYTQSNGRRPFGISALIVGFDFDGTPRLYQTDPSGTYHAWKANAI
GRGAKSVREFLEKNYTDEAIETDDLTIKLVIKALLEVVQSGGKNIELAVMRRDQSLKILNPEEIEKYVAEIEKEKEENEK
KKQKKAS
;
J
11 'polypeptide(L)'
;FLTRSEYDRGVNTFSPEGRLFQVEYAIEAIKLGSTAIGIQTSEGVCLAVEKRITSPLMEPSSIEKIVEIDAHIGCAMSGL
IADAKTLIDKARVETQNHWFTYNETMTVESVTQAVSNLALQFGEEDADPGAMSRPFGVALLFGGVDEKGPQLFHMDPSGT
FVQCDARAIGSASEGAQSSLQEVYHKSMTLKEAIKSSLIILKQVMEEKLNATNIELATVQPGQNFHMFTKEELEEVIKDI
;
K
12 'polypeptide(L)'
;QLSKVKFRNQYDNDVTVWSPQGRIHQIEYAMEAVKQGSATVGLKSKTHAVLVALKRAQSELAAHQKKILHVDNHIGISIA
GLTADARLLCNFMRQECLDSRFVFDRPLPVSRLVSLIGSKTQIPTQRYGRRPYGVGLLIAGYDDMGPHIFQTCPSANYFD
CRAMSIGARSQSARTYLERHMSEFMECNLNELVKHGLRALRETLPAEQDLTTKNVSIGIVGKDLEFTIYDDDDVSPFLEG
LEERPQRKAQPAQPADEPAEKADEPMEH
;
L
13 'polypeptide(L)'
;SSIGTGYDLSASTFSPDGRVFQVEYAMKAVENSSTAIGIRCKDGVVFGVEKLVLSKLYEEGSNKRLFNVDRHVGMAVAGL
LADARSLADIAREEASNFRSNFGYNIPLKHLADRVAMYVHAYTLYSAVRPFGCSFMLGSYSVNDGAQLYMIDPSGVSYGY
WGCAIGKARQAAKTEIEKLQMKEMTCRDIVKEVAKIIYIVHDEVKDKAFELELSWVGELTNGRHEIVPKDIREEAEKYAK
ESLKEEDESDDDNM
;
M
14 'polypeptide(L)'
;AATLLAARGAGPAPAWGPEAFTPDWESREVSTGTTIMAVQFDGGVVLGADSRTTTGSYIANRVTDKLTPIHDRIFCCRSG
SAADTQAVADAVTYQLGFHSIELNEPPLVHTAASLFKEMCYRYREDLMAGIIIAGWDPQEGGQVYSVPMGGMMVRQSFAI
GGSGSSYIYGYVDATYREGMTKEECLQFTANALALAMERDGSSGGVIRLAAIAESGVERQVLLGDQIPKFAVATLPPA
;
N
15 'polypeptide(L)'
;AAVSVYAPPVGGFSFDNCRRNAVLEADFAKRGYKLPKVRKTGTTIAGVVYKDGIVLGADTRATEGMVVADKNCSKIHFIS
PNIYCCGAGTAADTDMTTQLISSNLELHSLSTGRLPRVVTANRMLKQMLFRYQGYIGAALVLGGVDVTGPHLYSIYPHGS
TDKLPYVTMGSGSLAAMAVFEDKFRPDMEEEEAKNLVSEAIAAGIFNDLGSGSNIDLCVISKNKLDFLRPYTVPNKKGTR
LGRYRCEKGTTAVLTEKITPLEIEVLEETVQTMDTS
;
O
16 'polypeptide(L)'
;SIMSYNGGAVMAMKGKNCVAIAADRRFGIQAQMVTTDFQKIFPMGDRLYIGLAGLATDVQTVAQRLKFRLNLYELKEGRQ
IKPYTLMSMVANLLYEKRFGPYYTEPVIAGLDPKTFKPFICSLDLIGCPMVTDDFVVSGTCAEQMYGMCESLWEPNMDPD
HLFETISQAMLNAVDRDAVSGMGVIVHIIEKDKITTRTLKARMD
;
P
17 'polypeptide(L)'
;MEYLIGIQGPDYVLVASDRVAASNIVQMKDDHDKMFKMSEKILLLCVGEAGDTVQFAEYIQKNVQLYKMRNGYELSPTAA
ANFTRRNLADCLRSRTPYHVNLLLAGYDEHEGPALYYMDYLAALAKAPFAAHGYGAFLTLSILDRYYTPTISRERAVELL
RKCLEELQKRFILNLPTFSVRIIDKNGIHDLDNISFPKQGS
;
Q
18 'polypeptide(L)'
;ALASVLERPLPVNQRGFFGLGGRADLLDLGPGSLSDGLSLAAPGWGVPEEPGIEMLHGTTTLAFKFRHGVIVAADSRATA
GAYIASQTVKKVIEINPYLLGTMAGGAADCSFWERLLARQCRIYELRNKERISVAAASKLLANMVYQYKGMGLSMGTMIC
GWDKRGPGLYYVDSEGNRISGATFSVGSGSVYAYGVMDRGYSYDLEVEQAYDLARRAIYQATYRDAYSGGAVNLYHVRED
GWIRVSSDNVADLHEKYSGSTP
;
R
19 'polypeptide(L)'
;LSSTAMYSAPGRDLGMEPHRAAGPLQLRFSPYVFNGGTILAIAGEDFAIVASDTRLSEGFSIHTRDSPKCYKLTDKTVIG
CSGFHGDCLTLTKIIEARLKMYKHSNNKAMTTGAIAAMLSTILYSRRFFPYYVYNIIGGLDEEGKGAVYSFDPVGSYQRD
SFKAGGSASAMLQPLLDNQVGFKNMQNVEHVPLSLDRAMRLVKDVFISAAERDVYTGDALRICIVTKEGIREETVSLRKD
;
S
20 'polypeptide(L)'
;EAFLGSRSGLWAGGPAPGQFYRIPSTPDSFMDPASALYRGPITRTQNPMVTGTSVLGVKFEGGVVIAADMLGSYGSLARF
RNISRIMRVNNSTMLGASGDYADFQYLKQVLGQMVIDEELLGDGHSYSPRAIHSWLTRAMYSRRSKMNPLWNTMVIGGYA
DGESFLGYVDMLGVAYEAPSLATGYGAYLAQPLLREVLEKQPVLSQTEARDLVERCMRVLYYRDARSYNRFQIATVTEKG
VEIEGPLSTETNWDIAHMISGFE
;
T
21 'polypeptide(L)'
;MITSAAGIISLLDEDEPQLKEFALHKLNAVVNDFWAEISESVDKIEVLYEDEGFRSRQFAALVASKVFYHLGAFEESLNY
ALGAGDLFNVNDNSEYVETIIAKCIDHYTKQCVENADLPEGEKKPIDQRLEGIVNKMFQRCLDDHKYKQAIGIALETRRL
DVFEKTILESNDVPGMLAYSLKLCMSLMQNKQFRNKVLRVLVKIYMNLEKPDFINVCQCLIFLDDPQAVSDILEKLVKED
NLLMAYQICFDLYESASQQFLSSVIQNLRTVGTPIASVPGSTNTGTVPGSEKDSDSMETEEKTSSAFVGKTPEASPEPKD
QTLKMIKILSGEMAIELHLQFLIRNNNTDLMILKNTKDAVRNSVCHTATVIANSFMHCGTTSDQFLRDNLEWLARATNWA
KFTATASLGVIHKGHEKEALQLMATYLPKDTSPGSAYQEGGGLYALGLIHANHGGDIIDYLLNQLKNASNDIVRHGGSLG
LGLAAMGTARQDVYDLLKTNLYQDDAVTGEAAGLALGLVMLGSKNAQAIEDMVGYAQETQHEKILRGLAVGIALVMYGRM
EEADALIESLCRDKDPILRRSGMYTVAMAYCGSGNNKAIRRLLHVAVSDVNDDVRRAAVESLGFILFRTPEQCPSVVSLL
SESYNPHVRYGAAMALGICCAGTGNKEAINLLEPMTNDPVNYVRQGALIASALIMIQQTEITCPKVNQFRQLYSKVINDK
HDDVMAKFGAILAQGILDAGGHNVTISLQSRTGHTHMPSVVGVLVFTQFWFWFPLSHFLSLAYTPTCVIGLNKDLKMPKV
QYKSNCKPSTFAYPAPLEVPKEKEKEKVSTAVLSITAKAKKKEKEKEKKEEEKMEVDEAEKKEEKEKKKEPEPNFQLLDN
PARVMPAQLKVLTMPETCRYQPFKPLSIGGIIILKDTSEDIEELVEPVAAHGPKIEEEEQEPEPPEPFEYIDD
;
U
22 'polypeptide(L)'
;KQEGSARRRGADKAKPPPGGGEQEPPPPPAPQDVEMKEEAATGGGSTGEADGKTAAAAAEHSQRELDTVTLEDIKEHVKQ
LEKAVSGKEPRFVLRALRMLPSTSRRLNHYVLYKAVQGFFTSNNATRDFLLPFLEEPMDTEADLQFRPRTGKAASTPLLP
EVEAYLQLLVVIFMMNSKRYKEAQKISDDLMQKISTQNRRALDLVAAKCYYYHARVYEFLDKLDVVRSFLHARLRTATLR
HDADGQATLLNLLLRNYLHYSLYDQAEKLVSKSVFPEQANNNEWARYLYYTGRIKAIQLEYSEARRTMTNALRKAPQHTA
VGFKQTVHKLLIVVELLLGEIPDRLQFRQPSLKRSLMPYFLLTQAVRTGNLAKFNQVLDQFGEKFQADGTYTLIIRLRHN
VIKTGVRMISLSYSRISLADIAQKLQLDSPEDAEFIVAKAIRDGVIEASINHEKGYVQSKEMIDIYSTREPQLAFHQRIS
FCLDIHNMSVKAMRFPPKSYNKDLESAEERREREQQDLEFAKEMAEDDDDSFP
;
V
23 'polypeptide(L)'
;MADGGSERADGRIVKMEVDYSATVDQRLPECAKLAKEGRLQEVIETLLSLEKQTRTASDMVSTSRILVAVVKMCYEAKEW
DLLNENIMLLSKRRSQLKQAVAKMVQQCCTYVEEITDLPIKLRLIDTLRMVTEGKIYVEIERARLTKTLATIKEQNGDVK
EAASILQELQVETYGSMEKKERVEFILEQMRLCLAVKDYIRTQIISKKINTKFFQEENTEKLKLKYYNLMIQLDQHEGSY
LSICKHYRAIYDTPCIQAESEKWQQALKSVVLYVILAPFDNEQSDLVHRISGDKKLEEIPKYKDLLKLFTTMELMRWSTL
VEDYGMELRKGSLESPATDVFGSTEEGEKRWKDLKNRVVEHNIRIMAKYYTRITMKRMAQLLDLSVDESEAFLSNLVVNK
TIFAKVDRLAGIINFQRPKDPNNLLNDWSQKLNSLMSLVNKTTHLIAKEEMIHNLQ
;
W
24 'polypeptide(L)'
;MAAAAVVEFQRAQSLLSTDREASIDILHSIVKRDIQENDEEAVQVKEQSILELGSLLAKTGQAAELGGLLKYVRPFLNSI
SKAKAARLVRSLLDLFLDMEAATGQEVELCLECIEWAKSEKRTFLRQALEARLVSLYFDTKRYQEALHLGSQLLRELKKM
DDKALLVEVQLLESKTYHALSNLPKARAALTSARTTANAIYCPPKLQATLDMQSGIIHAAEEKDWKTAYSYFYEAFEGYD
SIDSPKAITSLKYMLLCKIMLNTPEDVQALVSGKLALRYAGRQTEALKCVAQASKNRSLADFEKALTDYRAELRDDPIIS
THLAKLYDNLLEQNLIRVIEPFSRVQIEHISSLIKLSKADVERKLSQMILDKKFHGILDQGEGVLIIFDEPPVDKTYEAA
LETIQNMSKVVDSLYNKAKKLT
;
X
25 'polypeptide(L)'
;MPLENLEEEGLPKNPDLRIAQLRFLLSLPEHRGDAAVRDELMAAVRDNNMAPYYEALCKSLDWQIDVDLLNKMKKANEDE
LKRLDEELEDAEKNLGESEIRDAMMAKAEYLCRIGDKEGALTAFRKTYDKTVALGHRLDIVFYLLRIGLFYMDNDLITRN
TEKAKSLIEEGGDWDRRNRLKVYQGLYCVAIRDFKQAAELFLDTVSTFTSYELMDYKTFVTYTVYVSMIALERPDLREKV
IKGAEILEVLHSLPAVRQYLFSLYECRYSVFFQSLAVVEQEMKKDWLFAPHYRYYVREMRIHAYSQLLESYRSLTLGYMA
EAFGVGVEFIDQELSRFIAAGRLHCKIDKVNEIVETNRPDSKNWQYQETIKKGDLLLNRVQKLSRVINM
;
Y
26 'polypeptide(L)'
;MPELAVQKVVVHPLVLLSVVDHFNRIGKVGNQKRVVGVLLGSWQKKVLDVSNSFAVPFDEDDKDDSVWFLDHDYLENMYG
MFKKVNARERIVGWYHTGPKLHKNDIAINELMKRYCPNSVLVIIDVKPKDLGLPTEAYISVEEVHDDGTPTSKTFEHVTS
EIGAEEAEEVGVEHLLRDIKDTTVGTLSQRITNQVHGLKGLNSKLLDIRSYLEKVATGKLPINHQIIYQLQDVFNLLPDV
SLQEFVKAFYLKTNDQMVVVYLASLIRSVVALHNLINNKIANRDAEKKEGQEKEESKKDRKEDKEKDKDKEKSDVKKEEK
KEKK
;
Z
27 'polypeptide(L)'
;MKDVPGFLQQSQNSGPGQPAVWHRLEELYTKKLWHQLTLQVLDFVQDPCFAQGDGLIKLYENFISEFEHRVNPLSLVEII
LHVVRQMTDPNVALTFLEKTREKVKSSDEAVILCKTAIGALKLNIGDLQVTKETIEDVEEMLNNLPGVTSVHSRFYDLSS
KYYQTIGNHASYYKDALRFLGCVDIKDLPVSEQQERAFTLGLAGLLGEGVFNFGELLMHPVLESLRNTDRQWLIDTLYAF
NSGNVERFQTLKTAWGQQPDLAANEAQLLRKIQLLCLMEMTFTRPANHRQLTFEEIAKSAKITVNEVELLVMKALSVGLV
KGSIDEVDKRVHMTWVQPRVLDLQQIKGMKDRLEFWCTDVKSMEMLVEHQAHDILT
;
a
28 'polypeptide(L)'
;MVLESTMVCVDNSEYMRNGDFLPTRLQAQQDAVNIVCHSKTRSNPENNVGLITLANDCEVLTTLTPDTGRILSKLHTVQP
KGKITFCTGIRVAHLALKHRQGKNHKMRIIAFVGSPVEDNEKDLVKLAKRLKKEKVNVDIINFGEEEVNTEKLTAFVNTL
NGKDGTGSHLVTVPPGPSLADALISSPILAGEGGAMLGLGASDFEFGVDPSADPELALALRVSMEEQRQRQEEEARRAAA
ASAAEAGIATTGTEDSDDALLKMTISQQEFGRTGLPDLSSMTEEEQIAYAMQMSLQGAEFGQAESADIDASSAMDTSEPA
KEEDDYDVMQDPEFLQSVLENLPGVDPNNEAIRNAMGSLASQATKDGKKDKKEEDKK
;
b
29 'polypeptide(L)'
;DRLLRLGGGMPGLGQGPPTDAPAVDTAEQVYISSLALLKMLKHGRAGVPMEVMGLMLGEFVDDYTVRVIDVFAMPQSGTG
VSVEAVDPVFQAKMLDMLKQTGRPEMVVGWYHSHPGFGCWLSGVDINTQQSFEALSERAVAVVVDPIQSVKGKVVIDAFR
LINANMMVLGHEPRQTTSNLGHLNKPSIQALIHGLNRHYYSITINYRKNELEQKMLLNLHKKSWMEGLTLQDYSEHCKHN
ESVVKEMLELAKNYNKAVEEEDKMTPEQLAIKNVGKQDPKRHLEEHVDVLMTSNIVQCLAAMLDTVVFK
;
c
30 'polypeptide(L)'
;FIKGRAPRAPPRERRRATRGGLRQVVAPPRALGSTSRPHFRRASVCRRRCRKSGGLLAASRKMAAAAVNGAAGFSSSGPA
ATSGAVLQAATGMYEQLKGEWNRKSPNLSKCGEELGRLKLVLLELNFLPTTGTKLTKQQLILARDILEIGAQWSILRKDI
PSFERYMAQLKCYYFDYKEQLPESAYMHQLLGLNLLFLLSQNRVAEFHTELERLPAKDIQTNVYIKHPVSLEQYLMEGSY
NKVFLAKGNIPAESYTFFIDILLDTIRDEIAGCIEKAYEKILFTEATRILFFNTPKKMTDYAKKRGWVLGPNNYYSFASQ
QQKPEDTTIPSTELAKQVIEYARQLEMIV
;
d
31 'polypeptide(L)' MSEKKQPVDLGLLEEDDEFEEFPAEDWAGLDEDEDAHVWEDNWDDDNVEDDFSNQLRAELEKHGYKMETS e
32 'polypeptide(L)'
;MSMSGEVAKEWQELDDAEKVQREPLLTLVKEIVPYNMAHNAEHEACDLLMEIEQVDMLEKDIDENAYAKVCLYLTSCVNY
VPEPENSALLRCALGVFRKFSRFPEALRLALMLNDMELVEDIFTSCKDVVVQKQMAFMLGRHGVFLELSEDVEEYEDLTE
IMSNVQLNSNFLALARELDIMEPKVPDDIYKTHLENNRFGGSGSQVDSARMNLASSFVNGFVNAAFGQDKLLTDDGNKWL
YKNKDHGMLSAAASLGMILLWDVDGGLTQIDKYLYSSEDYIKSGALLACGIVNSGVRNECDPALALLSDYVLHNSNTMRL
GSIFGLGLAYAGSNREDVLTLLLPVMGDSKSSMEVAGVTALACGMIAVGSCNGDVTSTILQTIMEKSETELKDTYARWLP
LGLGLNHLGKGEAIEAILAALEVVSEPFRSFANTLVDVCAYAGSGNVLKVQQLLHICSEHFDSKEKEEDKDKKEKKDKDK
KEAPADMGAHQGVAVLGIALIAMGEEIGAEMALRTFGHLLRYGEPTLRRAVPLALALISVSNPRLNILDTLSKFSHDADP
EVSYNSIFAMGMVGSGTNNARLAAMLRQLAQYHAKDPNNLFMVRLAQGLTHLGKGTLTLCPYHSDRQLMSQVAVAGLLTV
LVSFLDVRNIILGKSHYVLYGLVAAMQPRMLVTFDEELRPLPVSVRVGQAVDVVGQAGKPKTITGFQTHTTPVLLAHGER
AELATEEFLPVTPILEGFVILRKNPNYDL
;
f
#
loop_
_chem_comp.id
_chem_comp.type
_chem_comp.name
_chem_comp.formula
ADP non-polymer ADENOSINE-5'-DIPHOSPHATE 'C10 H15 N5 O10 P2'
ZN non-polymer 'ZINC ION' 'Zn 2'
#
# COMPACT_ATOMS: atom_id res chain seq x y z
N ALA A 73 -44.17 23.47 -12.35
CA ALA A 73 -44.96 22.29 -12.00
C ALA A 73 -45.85 21.78 -13.16
N PRO A 74 -46.46 22.67 -13.94
CA PRO A 74 -47.12 22.22 -15.17
C PRO A 74 -46.14 21.52 -16.10
N PRO A 75 -44.87 21.92 -16.13
CA PRO A 75 -43.88 20.98 -16.70
C PRO A 75 -43.78 19.70 -15.90
N ALA A 76 -43.69 19.77 -14.58
CA ALA A 76 -43.56 18.55 -13.79
C ALA A 76 -44.82 17.70 -13.82
N LEU A 77 -46.00 18.31 -14.01
CA LEU A 77 -47.25 17.57 -14.01
C LEU A 77 -47.39 16.75 -15.28
N TRP A 78 -47.27 17.41 -16.43
CA TRP A 78 -47.16 16.67 -17.68
C TRP A 78 -45.93 15.74 -17.69
N ASP A 79 -44.99 15.93 -16.75
CA ASP A 79 -43.74 15.16 -16.80
C ASP A 79 -43.96 13.76 -16.23
N LEU A 80 -44.84 13.63 -15.26
CA LEU A 80 -45.15 12.31 -14.68
C LEU A 80 -46.36 11.67 -15.30
N ALA A 81 -47.01 12.35 -16.26
CA ALA A 81 -48.22 11.80 -16.84
C ALA A 81 -47.97 10.56 -17.70
N ALA A 82 -47.07 10.59 -18.71
CA ALA A 82 -46.89 9.57 -19.75
C ALA A 82 -46.01 8.41 -19.30
N ASP A 83 -45.57 8.39 -18.04
CA ASP A 83 -44.92 7.17 -17.53
C ASP A 83 -45.77 5.92 -17.76
N LYS A 84 -47.10 6.06 -17.79
CA LYS A 84 -47.98 5.00 -18.28
C LYS A 84 -47.54 4.51 -19.65
N GLN A 85 -47.45 5.43 -20.62
CA GLN A 85 -46.95 5.05 -21.95
C GLN A 85 -45.47 4.71 -21.93
N THR A 86 -44.74 5.19 -20.94
CA THR A 86 -43.34 4.78 -20.79
C THR A 86 -43.25 3.37 -20.22
N LEU A 87 -44.11 3.03 -19.27
CA LEU A 87 -44.10 1.66 -18.74
C LEU A 87 -44.68 0.68 -19.74
N GLN A 88 -45.64 1.12 -20.57
CA GLN A 88 -46.12 0.26 -21.64
C GLN A 88 -45.09 0.09 -22.74
N SER A 89 -44.35 1.15 -23.07
CA SER A 89 -43.22 1.07 -23.97
C SER A 89 -41.96 0.56 -23.28
N GLU A 90 -42.03 0.36 -21.96
CA GLU A 90 -40.89 -0.17 -21.24
C GLU A 90 -40.67 -1.64 -21.55
N GLN A 91 -41.69 -2.47 -21.42
CA GLN A 91 -41.50 -3.91 -21.61
C GLN A 91 -40.82 -4.25 -22.92
N PRO A 92 -41.20 -3.75 -24.11
CA PRO A 92 -40.39 -3.97 -25.30
C PRO A 92 -39.12 -3.13 -25.30
N LEU A 93 -38.00 -3.71 -25.77
CA LEU A 93 -36.70 -3.08 -25.97
C LEU A 93 -35.96 -2.84 -24.66
N GLN A 94 -36.56 -3.11 -23.50
CA GLN A 94 -35.93 -2.76 -22.23
C GLN A 94 -34.78 -3.70 -21.89
N VAL A 95 -34.84 -4.93 -22.38
CA VAL A 95 -33.88 -5.97 -22.04
C VAL A 95 -32.72 -5.94 -23.02
N ALA A 96 -32.68 -4.90 -23.86
CA ALA A 96 -31.68 -4.75 -24.91
C ALA A 96 -30.25 -4.85 -24.40
N ARG A 97 -30.08 -4.73 -23.08
CA ARG A 97 -28.81 -5.10 -22.43
C ARG A 97 -28.40 -6.52 -22.80
N CYS A 98 -27.11 -6.77 -22.98
CA CYS A 98 -26.04 -5.81 -22.70
C CYS A 98 -25.30 -5.41 -23.98
N THR A 99 -24.70 -4.22 -23.98
CA THR A 99 -23.94 -3.80 -25.15
C THR A 99 -22.78 -4.76 -25.38
N LYS A 100 -22.73 -5.36 -26.56
CA LYS A 100 -21.94 -6.56 -26.77
C LYS A 100 -21.32 -6.56 -28.16
N ILE A 101 -20.04 -6.88 -28.24
CA ILE A 101 -19.33 -6.96 -29.53
C ILE A 101 -19.36 -8.39 -30.03
N ILE A 102 -19.51 -8.56 -31.34
CA ILE A 102 -19.59 -9.90 -31.91
C ILE A 102 -18.17 -10.39 -32.19
N ASN A 103 -18.05 -11.62 -32.68
CA ASN A 103 -16.73 -12.21 -32.90
C ASN A 103 -16.59 -12.74 -34.32
N ALA A 104 -17.39 -13.74 -34.68
CA ALA A 104 -17.30 -14.35 -36.00
C ALA A 104 -18.66 -14.89 -36.41
N ASP A 105 -18.85 -15.05 -37.71
CA ASP A 105 -20.02 -15.73 -38.28
C ASP A 105 -19.51 -16.77 -39.27
N SER A 106 -19.72 -18.04 -38.93
CA SER A 106 -19.23 -19.12 -39.80
C SER A 106 -20.11 -19.28 -41.03
N GLU A 107 -21.43 -19.26 -40.84
CA GLU A 107 -22.39 -19.40 -41.92
C GLU A 107 -23.60 -18.53 -41.61
N ASP A 108 -24.67 -18.70 -42.39
CA ASP A 108 -25.83 -17.81 -42.30
C ASP A 108 -26.43 -17.74 -40.90
N PRO A 109 -26.90 -18.85 -40.29
CA PRO A 109 -27.68 -18.71 -39.06
C PRO A 109 -26.86 -18.32 -37.83
N LYS A 110 -25.56 -18.55 -37.82
CA LYS A 110 -24.79 -18.56 -36.58
C LYS A 110 -23.99 -17.28 -36.38
N TYR A 111 -23.86 -16.89 -35.11
CA TYR A 111 -23.02 -15.78 -34.67
C TYR A 111 -22.44 -16.11 -33.31
N ILE A 112 -21.31 -15.48 -32.98
CA ILE A 112 -20.73 -15.54 -31.65
C ILE A 112 -20.44 -14.12 -31.19
N ILE A 113 -20.89 -13.79 -29.98
CA ILE A 113 -20.83 -12.43 -29.45
C ILE A 113 -20.11 -12.44 -28.11
N ASN A 114 -19.44 -11.33 -27.79
CA ASN A 114 -18.59 -11.24 -26.61
C ASN A 114 -18.85 -9.92 -25.90
N VAL A 115 -19.00 -9.98 -24.57
CA VAL A 115 -19.32 -8.78 -23.79
C VAL A 115 -18.25 -8.55 -22.73
N LYS A 116 -18.35 -7.44 -21.99
CA LYS A 116 -17.44 -7.12 -20.90
C LYS A 116 -17.97 -7.55 -19.54
N GLN A 117 -19.20 -8.06 -19.49
CA GLN A 117 -19.76 -8.70 -18.30
C GLN A 117 -19.08 -10.04 -18.01
N PHE A 118 -18.19 -10.48 -18.90
CA PHE A 118 -17.50 -11.78 -18.99
C PHE A 118 -18.33 -12.79 -19.76
N ALA A 119 -19.57 -12.46 -20.13
CA ALA A 119 -20.42 -13.39 -20.85
C ALA A 119 -20.00 -13.46 -22.31
N LYS A 120 -19.69 -14.66 -22.78
CA LYS A 120 -19.33 -14.90 -24.16
C LYS A 120 -20.24 -15.99 -24.71
N PHE A 121 -20.94 -15.68 -25.81
CA PHE A 121 -21.98 -16.57 -26.33
C PHE A 121 -21.89 -16.69 -27.83
N VAL A 122 -22.12 -17.91 -28.33
CA VAL A 122 -22.27 -18.18 -29.76
C VAL A 122 -23.77 -18.36 -29.99
N VAL A 123 -24.42 -17.37 -30.58
CA VAL A 123 -25.88 -17.26 -30.47
C VAL A 123 -26.44 -16.51 -31.66
N ASP A 124 -27.76 -16.62 -31.85
CA ASP A 124 -28.46 -16.21 -33.06
C ASP A 124 -28.97 -14.76 -32.92
N LEU A 125 -29.87 -14.37 -33.83
CA LEU A 125 -30.31 -13.00 -34.00
C LEU A 125 -31.82 -12.89 -33.82
N SER A 126 -32.28 -11.64 -33.67
CA SER A 126 -33.68 -11.30 -33.89
C SER A 126 -33.87 -10.98 -35.37
N ASP A 127 -35.02 -11.39 -35.92
CA ASP A 127 -35.23 -11.32 -37.36
C ASP A 127 -35.18 -9.91 -37.93
N GLN A 128 -35.20 -8.88 -37.09
CA GLN A 128 -35.13 -7.51 -37.59
C GLN A 128 -33.74 -7.13 -38.09
N VAL A 129 -32.74 -8.00 -37.90
CA VAL A 129 -31.35 -7.70 -38.23
C VAL A 129 -30.93 -8.57 -39.41
N ALA A 130 -30.40 -7.91 -40.49
CA ALA A 130 -29.87 -8.54 -41.69
C ALA A 130 -28.40 -8.85 -41.53
N PRO A 131 -27.92 -9.96 -42.11
CA PRO A 131 -26.52 -10.36 -41.88
C PRO A 131 -25.49 -9.43 -42.48
N THR A 132 -25.73 -8.94 -43.70
CA THR A 132 -24.70 -8.14 -44.38
C THR A 132 -24.61 -6.72 -43.86
N ASP A 133 -25.59 -6.26 -43.08
CA ASP A 133 -25.58 -4.91 -42.54
C ASP A 133 -24.74 -4.77 -41.28
N ILE A 134 -24.17 -5.87 -40.78
CA ILE A 134 -23.50 -5.89 -39.48
C ILE A 134 -22.02 -6.13 -39.69
N GLU A 135 -21.22 -5.63 -38.74
CA GLU A 135 -19.77 -5.69 -38.79
C GLU A 135 -19.23 -6.57 -37.67
N GLU A 136 -18.02 -7.08 -37.89
CA GLU A 136 -17.35 -7.89 -36.87
C GLU A 136 -16.86 -7.01 -35.74
N GLY A 137 -16.93 -7.55 -34.52
CA GLY A 137 -16.53 -6.80 -33.34
C GLY A 137 -17.33 -5.53 -33.14
N MET A 138 -18.65 -5.66 -33.23
CA MET A 138 -19.56 -4.51 -33.24
C MET A 138 -20.43 -4.55 -31.99
N ARG A 139 -20.42 -3.47 -31.22
CA ARG A 139 -21.32 -3.36 -30.08
C ARG A 139 -22.76 -3.40 -30.56
N VAL A 140 -23.54 -4.32 -29.98
CA VAL A 140 -24.92 -4.55 -30.39
C VAL A 140 -25.82 -4.60 -29.16
N GLY A 141 -27.12 -4.43 -29.41
CA GLY A 141 -28.12 -4.74 -28.42
C GLY A 141 -28.58 -6.18 -28.52
N VAL A 142 -29.02 -6.72 -27.39
CA VAL A 142 -29.34 -8.15 -27.29
C VAL A 142 -30.40 -8.32 -26.21
N ASP A 143 -31.25 -9.34 -26.36
CA ASP A 143 -32.11 -9.78 -25.28
C ASP A 143 -31.42 -11.00 -24.65
N ARG A 144 -30.87 -10.80 -23.46
CA ARG A 144 -29.95 -11.78 -22.87
C ARG A 144 -30.62 -13.08 -22.48
N ASN A 145 -31.94 -13.19 -22.59
CA ASN A 145 -32.60 -14.48 -22.41
C ASN A 145 -32.34 -15.37 -23.62
N LYS A 146 -32.84 -14.98 -24.79
CA LYS A 146 -32.50 -15.65 -26.03
C LYS A 146 -31.07 -15.34 -26.47
N TYR A 147 -30.50 -14.23 -26.00
CA TYR A 147 -29.23 -13.69 -26.50
C TYR A 147 -29.34 -13.41 -28.01
N GLN A 148 -30.37 -12.66 -28.38
CA GLN A 148 -30.66 -12.35 -29.78
C GLN A 148 -29.69 -11.28 -30.28
N ILE A 149 -29.94 -10.78 -31.49
CA ILE A 149 -29.29 -9.57 -31.97
C ILE A 149 -30.39 -8.52 -32.12
N HIS A 150 -30.39 -7.54 -31.22
CA HIS A 150 -31.43 -6.53 -31.22
C HIS A 150 -31.12 -5.42 -32.24
N ILE A 151 -30.16 -4.58 -31.93
CA ILE A 151 -29.64 -3.61 -32.90
C ILE A 151 -28.16 -3.38 -32.61
N PRO A 152 -27.31 -3.18 -33.63
CA PRO A 152 -25.94 -2.77 -33.36
C PRO A 152 -25.87 -1.28 -33.04
N LEU A 153 -24.97 -0.94 -32.11
CA LEU A 153 -24.75 0.46 -31.74
C LEU A 153 -23.34 0.87 -32.16
N PRO A 154 -23.21 1.91 -32.97
CA PRO A 154 -21.88 2.31 -33.48
C PRO A 154 -20.89 2.69 -32.38
N PRO A 155 -21.25 3.53 -31.40
CA PRO A 155 -20.22 4.10 -30.52
C PRO A 155 -19.56 3.07 -29.62
N LYS A 156 -18.35 3.38 -29.19
CA LYS A 156 -17.59 2.51 -28.30
C LYS A 156 -17.02 3.26 -27.10
N ILE A 157 -16.00 4.08 -27.35
CA ILE A 157 -15.25 4.82 -26.33
C ILE A 157 -15.18 6.20 -27.01
N ASP A 158 -15.01 7.34 -26.32
CA ASP A 158 -14.39 7.49 -25.01
C ASP A 158 -15.20 8.40 -24.06
N PRO A 159 -15.00 8.23 -22.73
CA PRO A 159 -15.69 9.07 -21.75
C PRO A 159 -15.39 10.56 -21.81
N THR A 160 -15.90 11.30 -20.83
CA THR A 160 -16.07 12.76 -20.90
C THR A 160 -14.78 13.52 -21.10
N VAL A 161 -13.60 12.90 -20.91
CA VAL A 161 -12.37 13.59 -21.27
C VAL A 161 -12.38 13.94 -22.75
N THR A 162 -12.99 13.08 -23.58
CA THR A 162 -13.34 13.49 -24.94
C THR A 162 -14.26 14.71 -24.94
N MET A 163 -15.45 14.58 -24.35
CA MET A 163 -16.39 15.69 -24.35
C MET A 163 -15.81 16.95 -23.72
N MET A 164 -14.79 16.81 -22.86
CA MET A 164 -14.00 17.97 -22.47
C MET A 164 -13.10 18.43 -23.60
N GLN A 165 -12.36 17.48 -24.20
CA GLN A 165 -11.48 17.81 -25.32
C GLN A 165 -12.30 18.24 -26.53
N VAL A 166 -13.38 17.51 -26.83
CA VAL A 166 -14.30 17.95 -27.88
C VAL A 166 -15.03 19.21 -27.42
N GLU A 167 -15.10 20.20 -28.30
CA GLU A 167 -15.66 21.49 -27.92
C GLU A 167 -16.61 21.97 -29.01
N GLU A 168 -17.47 22.92 -28.64
CA GLU A 168 -18.48 23.45 -29.56
C GLU A 168 -18.66 24.94 -29.31
N LYS A 169 -19.65 25.53 -29.99
CA LYS A 169 -20.08 26.92 -29.92
C LYS A 169 -19.05 27.86 -30.54
N PRO A 170 -19.49 29.00 -31.11
CA PRO A 170 -18.52 29.98 -31.63
C PRO A 170 -18.16 31.06 -30.62
N ASP A 171 -17.16 31.89 -30.97
CA ASP A 171 -16.84 33.18 -30.36
C ASP A 171 -15.50 33.69 -30.90
N VAL A 172 -15.21 34.98 -30.70
CA VAL A 172 -13.91 35.57 -31.02
C VAL A 172 -13.60 35.42 -32.51
N THR A 173 -14.28 36.21 -33.35
CA THR A 173 -14.21 36.07 -34.80
C THR A 173 -12.97 36.78 -35.37
N TYR A 174 -12.96 36.93 -36.71
CA TYR A 174 -11.84 37.52 -37.42
C TYR A 174 -11.43 38.87 -36.84
N SER A 175 -12.40 39.79 -36.69
CA SER A 175 -12.12 41.20 -36.46
C SER A 175 -11.30 41.46 -35.21
N ASP A 176 -11.15 40.47 -34.33
CA ASP A 176 -10.27 40.59 -33.18
C ASP A 176 -8.80 40.56 -33.56
N VAL A 177 -8.48 40.35 -34.84
CA VAL A 177 -7.11 40.39 -35.31
C VAL A 177 -6.47 41.71 -34.92
N GLY A 178 -5.21 41.66 -34.49
CA GLY A 178 -4.49 42.84 -34.06
C GLY A 178 -3.75 43.54 -35.19
N GLY A 179 -4.20 43.32 -36.42
CA GLY A 179 -3.62 43.98 -37.57
C GLY A 179 -2.80 43.09 -38.47
N CYS A 180 -2.48 41.87 -38.03
CA CYS A 180 -1.74 40.94 -38.88
C CYS A 180 -2.61 40.57 -40.08
N LYS A 181 -2.08 40.79 -41.28
CA LYS A 181 -2.89 40.65 -42.48
C LYS A 181 -2.63 39.33 -43.18
N GLU A 182 -1.46 39.20 -43.81
CA GLU A 182 -1.12 37.99 -44.54
C GLU A 182 -0.34 36.98 -43.70
N GLN A 183 -0.07 37.29 -42.43
CA GLN A 183 0.38 36.25 -41.52
C GLN A 183 -0.76 35.29 -41.19
N ILE A 184 -1.94 35.84 -40.92
CA ILE A 184 -3.13 35.02 -40.74
C ILE A 184 -3.71 34.56 -42.08
N GLU A 185 -3.50 35.32 -43.16
CA GLU A 185 -4.07 34.97 -44.45
C GLU A 185 -3.37 33.76 -45.06
N LYS A 186 -2.04 33.69 -44.93
CA LYS A 186 -1.33 32.51 -45.39
C LYS A 186 -1.83 31.25 -44.70
N LEU A 187 -2.26 31.38 -43.44
CA LEU A 187 -2.93 30.27 -42.77
C LEU A 187 -4.45 30.38 -42.88
N ARG A 188 -4.98 31.47 -43.41
CA ARG A 188 -6.41 31.50 -43.72
C ARG A 188 -6.68 30.83 -45.06
N GLU A 189 -5.69 30.82 -45.95
CA GLU A 189 -5.83 30.10 -47.21
C GLU A 189 -5.67 28.59 -47.03
N VAL A 190 -5.09 28.15 -45.91
CA VAL A 190 -4.88 26.72 -45.71
C VAL A 190 -6.13 26.05 -45.14
N VAL A 191 -6.88 26.74 -44.25
CA VAL A 191 -7.91 26.07 -43.48
C VAL A 191 -9.32 26.36 -44.02
N GLU A 192 -9.82 27.58 -43.81
CA GLU A 192 -11.20 27.90 -44.17
C GLU A 192 -11.36 28.20 -45.65
N THR A 193 -10.29 28.62 -46.32
CA THR A 193 -10.39 28.82 -47.78
C THR A 193 -10.69 27.51 -48.50
N PRO A 194 -10.03 26.38 -48.20
CA PRO A 194 -10.51 25.10 -48.74
C PRO A 194 -11.83 24.65 -48.13
N LEU A 195 -12.11 25.02 -46.88
CA LEU A 195 -13.37 24.62 -46.26
C LEU A 195 -14.55 25.43 -46.77
N LEU A 196 -14.31 26.68 -47.17
CA LEU A 196 -15.36 27.46 -47.81
C LEU A 196 -15.91 26.73 -49.04
N HIS A 197 -15.01 26.29 -49.92
CA HIS A 197 -15.37 25.49 -51.08
C HIS A 197 -14.46 24.26 -51.17
N PRO A 198 -14.86 23.13 -50.59
CA PRO A 198 -14.18 21.87 -50.95
C PRO A 198 -14.28 21.55 -52.43
N GLU A 199 -15.24 22.16 -53.13
CA GLU A 199 -15.33 22.06 -54.58
C GLU A 199 -14.18 22.79 -55.28
N ARG A 200 -13.53 23.73 -54.60
CA ARG A 200 -12.44 24.48 -55.21
C ARG A 200 -11.31 23.56 -55.67
N PHE A 201 -11.11 22.43 -54.98
CA PHE A 201 -10.09 21.46 -55.34
C PHE A 201 -10.62 20.37 -56.28
N VAL A 202 -11.82 20.51 -56.79
CA VAL A 202 -12.31 19.56 -57.80
C VAL A 202 -11.58 19.80 -59.12
N ASN A 203 -11.77 20.98 -59.70
CA ASN A 203 -11.07 21.37 -60.93
C ASN A 203 -9.55 21.33 -60.73
N LEU A 204 -9.02 22.21 -59.88
CA LEU A 204 -7.57 22.38 -59.80
C LEU A 204 -6.92 21.26 -59.00
N GLY A 205 -7.51 20.91 -57.85
CA GLY A 205 -6.95 19.88 -56.97
C GLY A 205 -6.61 18.61 -57.73
N ILE A 206 -5.47 17.95 -57.49
CA ILE A 206 -4.45 18.09 -56.43
C ILE A 206 -5.08 18.10 -55.02
N GLU A 207 -4.55 18.87 -54.08
CA GLU A 207 -4.88 18.64 -52.68
C GLU A 207 -4.96 19.96 -51.91
N PRO A 208 -5.82 20.04 -50.92
CA PRO A 208 -5.56 20.93 -49.79
C PRO A 208 -4.41 20.37 -48.98
N PRO A 209 -3.45 21.21 -48.57
CA PRO A 209 -2.21 20.68 -47.99
C PRO A 209 -2.40 19.89 -46.71
N LYS A 210 -1.30 19.38 -46.18
CA LYS A 210 -1.32 18.37 -45.11
C LYS A 210 -1.41 19.01 -43.73
N GLY A 211 -0.41 19.82 -43.37
CA GLY A 211 -0.36 20.42 -42.05
C GLY A 211 0.34 21.76 -42.09
N VAL A 212 0.50 22.36 -40.92
CA VAL A 212 1.13 23.66 -40.77
C VAL A 212 2.07 23.63 -39.57
N LEU A 213 2.70 24.77 -39.29
CA LEU A 213 3.52 24.97 -38.11
C LEU A 213 3.32 26.38 -37.60
N LEU A 214 3.15 26.50 -36.27
CA LEU A 214 2.94 27.78 -35.63
C LEU A 214 3.70 27.82 -34.32
N PHE A 215 4.33 28.95 -34.02
CA PHE A 215 5.05 29.16 -32.79
C PHE A 215 5.53 30.60 -32.74
N GLY A 216 5.91 31.04 -31.55
CA GLY A 216 6.27 32.42 -31.32
C GLY A 216 5.96 32.82 -29.89
N PRO A 217 5.75 34.12 -29.67
CA PRO A 217 5.29 34.59 -28.35
C PRO A 217 3.90 34.06 -28.08
N PRO A 218 3.33 34.34 -26.90
CA PRO A 218 1.91 34.01 -26.72
C PRO A 218 1.03 34.69 -27.75
N GLY A 219 1.22 35.99 -27.96
CA GLY A 219 0.43 36.72 -28.94
C GLY A 219 0.68 36.43 -30.41
N THR A 220 -0.37 35.99 -31.09
CA THR A 220 -1.56 35.51 -30.40
C THR A 220 -1.82 34.05 -30.77
N GLY A 221 -1.59 33.17 -29.81
CA GLY A 221 -1.84 31.75 -30.00
C GLY A 221 -3.23 31.36 -29.54
N LYS A 222 -3.78 30.34 -30.19
CA LYS A 222 -5.04 29.71 -29.79
C LYS A 222 -6.23 30.65 -29.97
N THR A 223 -5.96 31.93 -30.19
CA THR A 223 -7.00 32.87 -30.60
C THR A 223 -7.26 32.76 -32.10
N LEU A 224 -6.21 32.47 -32.88
CA LEU A 224 -6.42 32.08 -34.27
C LEU A 224 -7.30 30.84 -34.35
N CYS A 225 -7.19 29.95 -33.35
CA CYS A 225 -8.16 28.88 -33.21
C CYS A 225 -9.52 29.44 -32.80
N ALA A 226 -9.52 30.36 -31.84
CA ALA A 226 -10.76 31.06 -31.48
C ALA A 226 -11.31 31.82 -32.67
N ARG A 227 -10.43 32.40 -33.48
CA ARG A 227 -10.85 32.97 -34.75
C ARG A 227 -11.50 31.91 -35.63
N ALA A 228 -10.94 30.69 -35.61
CA ALA A 228 -11.57 29.59 -36.33
C ALA A 228 -12.80 29.07 -35.59
N VAL A 229 -12.93 29.37 -34.30
CA VAL A 229 -14.10 28.93 -33.55
C VAL A 229 -15.34 29.65 -34.04
N ALA A 230 -15.29 30.98 -34.09
CA ALA A 230 -16.46 31.74 -34.52
C ALA A 230 -16.70 31.58 -36.01
N ASN A 231 -15.63 31.58 -36.80
CA ASN A 231 -15.74 31.54 -38.25
C ASN A 231 -15.88 30.13 -38.78
N ARG A 232 -15.92 29.12 -37.91
CA ARG A 232 -16.21 27.76 -38.36
C ARG A 232 -17.62 27.72 -38.94
N THR A 233 -17.72 27.29 -40.21
CA THR A 233 -18.98 27.34 -40.92
C THR A 233 -19.70 25.99 -41.00
N ASP A 234 -19.10 24.91 -40.49
CA ASP A 234 -19.66 23.57 -40.69
C ASP A 234 -19.93 22.85 -39.38
N ALA A 235 -18.91 22.34 -38.71
CA ALA A 235 -19.09 21.52 -37.52
C ALA A 235 -18.08 21.94 -36.46
N CYS A 236 -18.47 21.76 -35.20
CA CYS A 236 -17.66 22.27 -34.09
C CYS A 236 -16.42 21.42 -33.90
N PHE A 237 -15.25 22.04 -34.02
CA PHE A 237 -14.00 21.30 -34.02
C PHE A 237 -13.51 21.10 -32.58
N ILE A 238 -12.39 20.38 -32.45
CA ILE A 238 -11.98 19.78 -31.19
C ILE A 238 -10.64 20.37 -30.78
N ARG A 239 -10.61 21.08 -29.66
CA ARG A 239 -9.36 21.49 -29.05
C ARG A 239 -8.69 20.29 -28.40
N VAL A 240 -7.37 20.39 -28.18
CA VAL A 240 -6.59 19.35 -27.53
C VAL A 240 -5.71 19.98 -26.48
N ILE A 241 -5.88 19.56 -25.23
CA ILE A 241 -5.10 20.05 -24.10
C ILE A 241 -3.95 19.08 -23.85
N GLY A 242 -2.76 19.61 -23.64
CA GLY A 242 -1.55 18.81 -23.60
C GLY A 242 -1.42 17.84 -22.45
N SER A 243 -1.50 18.32 -21.21
CA SER A 243 -1.16 17.48 -20.07
C SER A 243 -2.16 16.37 -19.83
N GLU A 244 -3.29 16.35 -20.55
CA GLU A 244 -4.17 15.19 -20.50
C GLU A 244 -3.73 14.07 -21.42
N LEU A 245 -2.78 14.33 -22.34
CA LEU A 245 -2.24 13.26 -23.16
C LEU A 245 -1.29 12.39 -22.34
N VAL A 246 -0.38 13.02 -21.60
CA VAL A 246 0.48 12.28 -20.69
C VAL A 246 -0.33 11.77 -19.52
N GLN A 247 -0.26 10.47 -19.26
CA GLN A 247 -1.10 9.84 -18.25
C GLN A 247 -0.36 8.67 -17.62
N LYS A 248 -0.85 8.24 -16.46
CA LYS A 248 -0.39 7.04 -15.80
C LYS A 248 -0.91 5.83 -16.59
N TYR A 249 -0.66 4.62 -16.08
CA TYR A 249 -1.29 3.42 -16.63
C TYR A 249 -0.96 3.29 -18.11
N VAL A 250 0.27 2.89 -18.43
CA VAL A 250 0.89 3.20 -19.72
C VAL A 250 -0.05 2.87 -20.86
N GLY A 251 -0.22 3.83 -21.76
CA GLY A 251 -1.07 3.64 -22.93
C GLY A 251 -2.48 4.17 -22.81
N GLU A 252 -2.78 4.95 -21.76
CA GLU A 252 -4.10 5.55 -21.62
C GLU A 252 -4.44 6.43 -22.83
N GLY A 253 -3.76 7.56 -22.95
CA GLY A 253 -3.94 8.44 -24.08
C GLY A 253 -3.54 7.83 -25.41
N ALA A 254 -2.73 6.77 -25.38
CA ALA A 254 -2.41 6.05 -26.61
C ALA A 254 -3.67 5.58 -27.31
N ARG A 255 -4.61 4.99 -26.55
CA ARG A 255 -5.91 4.68 -27.10
C ARG A 255 -6.58 5.93 -27.66
N MET A 256 -6.57 7.00 -26.89
CA MET A 256 -7.31 8.21 -27.24
C MET A 256 -6.89 8.74 -28.61
N VAL A 257 -5.63 9.16 -28.75
CA VAL A 257 -5.15 9.75 -29.99
C VAL A 257 -5.50 8.87 -31.19
N ARG A 258 -5.32 7.55 -31.04
CA ARG A 258 -5.80 6.61 -32.03
C ARG A 258 -7.31 6.73 -32.23
N GLU A 259 -8.08 6.44 -31.16
CA GLU A 259 -9.52 6.27 -31.30
C GLU A 259 -10.25 7.61 -31.51
N LEU A 260 -9.70 8.72 -31.01
CA LEU A 260 -10.42 9.98 -31.14
C LEU A 260 -10.48 10.44 -32.59
N PHE A 261 -9.54 10.00 -33.43
CA PHE A 261 -9.57 10.38 -34.83
C PHE A 261 -10.76 9.75 -35.55
N GLU A 262 -11.07 8.50 -35.23
CA GLU A 262 -12.32 7.91 -35.72
C GLU A 262 -13.52 8.63 -35.14
N MET A 263 -13.44 9.03 -33.86
CA MET A 263 -14.46 9.92 -33.31
C MET A 263 -14.48 11.26 -34.02
N ALA A 264 -13.32 11.71 -34.52
CA ALA A 264 -13.30 12.86 -35.41
C ALA A 264 -13.75 12.50 -36.81
N ARG A 265 -13.40 11.31 -37.29
CA ARG A 265 -13.96 10.82 -38.54
C ARG A 265 -15.47 10.59 -38.44
N THR A 266 -15.98 10.31 -37.24
CA THR A 266 -17.42 10.26 -37.04
C THR A 266 -18.06 11.60 -37.35
N LYS A 267 -17.31 12.69 -37.18
CA LYS A 267 -17.77 14.03 -37.52
C LYS A 267 -17.43 14.41 -38.95
N LYS A 268 -16.91 13.46 -39.75
CA LYS A 268 -16.67 13.60 -41.18
C LYS A 268 -15.97 14.90 -41.56
N ALA A 269 -14.67 14.98 -41.29
CA ALA A 269 -13.71 16.03 -41.67
C ALA A 269 -13.67 17.19 -40.68
N CYS A 270 -14.47 17.17 -39.62
CA CYS A 270 -14.43 18.24 -38.63
C CYS A 270 -13.04 18.36 -38.02
N LEU A 271 -12.48 19.57 -38.08
CA LEU A 271 -11.06 19.81 -37.85
C LEU A 271 -10.67 19.56 -36.40
N ILE A 272 -9.36 19.41 -36.18
CA ILE A 272 -8.78 19.27 -34.85
C ILE A 272 -7.61 20.24 -34.72
N PHE A 273 -7.32 20.63 -33.48
CA PHE A 273 -6.15 21.44 -33.15
C PHE A 273 -5.52 20.90 -31.87
N PHE A 274 -4.20 20.81 -31.86
CA PHE A 274 -3.45 20.34 -30.70
C PHE A 274 -2.74 21.53 -30.06
N ASP A 275 -2.83 21.62 -28.74
CA ASP A 275 -2.13 22.63 -27.97
C ASP A 275 -1.07 21.96 -27.11
N GLU A 276 0.01 22.71 -26.83
CA GLU A 276 1.18 22.18 -26.13
C GLU A 276 1.75 20.96 -26.85
N ILE A 277 1.76 21.02 -28.19
CA ILE A 277 2.25 19.91 -28.98
C ILE A 277 3.75 19.69 -28.79
N ASP A 278 4.46 20.69 -28.25
CA ASP A 278 5.88 20.50 -27.94
C ASP A 278 6.05 19.64 -26.69
N ALA A 279 5.19 19.84 -25.69
CA ALA A 279 5.30 19.05 -24.47
C ALA A 279 4.95 17.59 -24.73
N ILE A 280 3.81 17.34 -25.38
CA ILE A 280 3.35 15.97 -25.57
C ILE A 280 4.11 15.27 -26.68
N GLY A 281 4.73 16.01 -27.58
CA GLY A 281 5.45 15.42 -28.69
C GLY A 281 6.90 15.13 -28.39
N GLY A 282 7.23 14.96 -27.11
CA GLY A 282 8.59 15.08 -26.60
C GLY A 282 9.66 14.34 -27.37
N ALA A 283 10.76 15.06 -27.65
CA ALA A 283 11.86 14.55 -28.46
C ALA A 283 13.20 15.06 -27.95
N ARG A 284 14.24 14.23 -28.06
CA ARG A 284 14.11 12.91 -28.67
C ARG A 284 14.20 11.81 -27.62
N PHE A 285 15.42 11.53 -27.15
CA PHE A 285 15.59 10.48 -26.15
C PHE A 285 16.91 10.68 -25.43
N ASP A 286 17.02 10.04 -24.27
CA ASP A 286 18.28 9.81 -23.59
C ASP A 286 18.45 8.30 -23.44
N ASP A 287 19.70 7.88 -23.23
CA ASP A 287 20.03 6.46 -23.13
C ASP A 287 19.15 5.76 -22.11
N GLY A 288 19.26 6.15 -20.85
CA GLY A 288 18.36 5.63 -19.83
C GLY A 288 18.20 6.57 -18.66
N ALA A 289 17.07 6.47 -17.96
CA ALA A 289 16.03 5.51 -18.32
C ALA A 289 14.66 6.18 -18.37
N GLY A 290 13.91 5.90 -19.44
CA GLY A 290 12.59 6.48 -19.59
C GLY A 290 11.51 5.76 -18.80
N GLY A 291 10.57 6.51 -18.24
CA GLY A 291 10.40 7.91 -18.58
C GLY A 291 9.81 8.13 -19.96
N ASP A 292 10.54 8.85 -20.82
CA ASP A 292 10.02 9.22 -22.13
C ASP A 292 9.58 8.01 -22.96
N ASN A 293 10.04 6.81 -22.62
CA ASN A 293 9.74 5.61 -23.40
C ASN A 293 8.24 5.50 -23.72
N GLU A 294 7.40 5.40 -22.70
CA GLU A 294 5.97 5.36 -22.91
C GLU A 294 5.47 6.58 -23.69
N VAL A 295 6.12 7.73 -23.52
CA VAL A 295 5.78 8.91 -24.31
C VAL A 295 6.45 8.85 -25.69
N GLN A 296 7.59 8.17 -25.81
CA GLN A 296 8.18 7.94 -27.13
C GLN A 296 7.21 7.22 -28.05
N ARG A 297 6.29 6.46 -27.48
CA ARG A 297 5.16 5.93 -28.23
C ARG A 297 4.37 7.08 -28.83
N THR A 298 3.75 7.91 -27.97
CA THR A 298 2.75 8.88 -28.38
C THR A 298 3.20 9.72 -29.57
N MET A 299 4.44 10.20 -29.53
CA MET A 299 4.98 10.95 -30.66
C MET A 299 4.93 10.12 -31.94
N LEU A 300 5.71 9.03 -31.98
CA LEU A 300 5.66 8.13 -33.12
C LEU A 300 4.30 7.49 -33.29
N GLU A 301 3.53 7.34 -32.21
CA GLU A 301 2.14 6.93 -32.34
C GLU A 301 1.33 7.95 -33.12
N LEU A 302 1.50 9.24 -32.78
CA LEU A 302 0.92 10.28 -33.61
C LEU A 302 1.51 10.23 -35.02
N ILE A 303 2.79 9.88 -35.13
CA ILE A 303 3.39 9.71 -36.46
C ILE A 303 2.76 8.51 -37.16
N ASN A 304 2.42 7.45 -36.43
CA ASN A 304 1.61 6.40 -37.02
C ASN A 304 0.24 6.94 -37.40
N GLN A 305 -0.38 7.70 -36.50
CA GLN A 305 -1.60 8.43 -36.86
C GLN A 305 -1.33 9.37 -38.02
N LEU A 306 -0.10 9.89 -38.13
CA LEU A 306 0.31 10.62 -39.33
C LEU A 306 0.56 9.67 -40.49
N ASP A 307 1.14 8.50 -40.23
CA ASP A 307 1.45 7.53 -41.26
C ASP A 307 0.26 6.69 -41.69
N GLY A 308 -0.89 6.84 -41.02
CA GLY A 308 -2.10 6.25 -41.53
C GLY A 308 -2.46 6.91 -42.85
N PHE A 309 -2.63 6.10 -43.90
CA PHE A 309 -2.87 6.65 -45.23
C PHE A 309 -4.09 7.54 -45.25
N ASP A 310 -5.18 7.10 -44.63
CA ASP A 310 -6.44 7.83 -44.64
C ASP A 310 -6.55 8.80 -43.47
N PRO A 311 -7.25 9.92 -43.68
CA PRO A 311 -7.60 10.48 -44.99
C PRO A 311 -6.48 11.13 -45.82
N ARG A 312 -5.50 11.87 -45.29
CA ARG A 312 -5.38 12.27 -43.89
C ARG A 312 -5.27 13.79 -43.74
N GLY A 313 -5.99 14.36 -42.79
CA GLY A 313 -6.95 13.63 -41.97
C GLY A 313 -8.38 13.97 -42.34
N ASN A 314 -8.52 14.60 -43.52
CA ASN A 314 -9.76 15.22 -44.00
C ASN A 314 -10.06 16.44 -43.14
N ILE A 315 -9.39 16.53 -41.99
CA ILE A 315 -9.38 17.69 -41.14
C ILE A 315 -8.15 18.54 -41.35
N LYS A 316 -7.28 18.16 -42.30
CA LYS A 316 -5.95 18.74 -42.43
C LYS A 316 -5.28 18.63 -41.07
N VAL A 317 -4.76 19.75 -40.55
CA VAL A 317 -4.41 19.96 -39.15
C VAL A 317 -3.97 21.42 -38.99
N LEU A 318 -3.99 21.90 -37.76
CA LEU A 318 -3.41 23.19 -37.41
C LEU A 318 -2.69 23.00 -36.08
N MET A 319 -1.42 23.38 -36.03
CA MET A 319 -0.56 23.07 -34.89
C MET A 319 0.19 24.32 -34.46
N ALA A 320 0.04 24.68 -33.18
CA ALA A 320 0.79 25.77 -32.58
C ALA A 320 1.68 25.22 -31.46
N THR A 321 2.88 25.77 -31.37
CA THR A 321 3.87 25.31 -30.41
C THR A 321 4.68 26.51 -29.93
N ASN A 322 5.80 26.24 -29.26
CA ASN A 322 6.69 27.29 -28.77
C ASN A 322 8.07 27.16 -29.39
N ARG A 323 8.85 26.16 -29.00
CA ARG A 323 10.23 25.96 -29.41
C ARG A 323 10.30 25.11 -30.68
N PRO A 324 11.42 25.15 -31.41
CA PRO A 324 11.55 24.28 -32.59
C PRO A 324 11.50 22.81 -32.25
N ASP A 325 12.18 22.39 -31.19
CA ASP A 325 11.94 21.05 -30.65
C ASP A 325 10.51 21.07 -30.10
N THR A 326 9.79 19.96 -30.20
CA THR A 326 10.33 18.64 -30.55
C THR A 326 10.63 18.44 -32.03
N LEU A 327 11.78 17.81 -32.28
CA LEU A 327 12.31 17.71 -33.63
C LEU A 327 11.64 16.61 -34.45
N ASP A 328 11.30 15.48 -33.82
CA ASP A 328 10.84 14.33 -34.60
C ASP A 328 9.58 14.61 -35.40
N PRO A 329 8.50 15.13 -34.82
CA PRO A 329 7.40 15.60 -35.68
C PRO A 329 7.77 16.81 -36.50
N ALA A 330 8.74 17.61 -36.04
CA ALA A 330 9.21 18.75 -36.82
C ALA A 330 10.09 18.31 -37.97
N LEU A 331 10.76 17.16 -37.85
CA LEU A 331 11.41 16.54 -39.00
C LEU A 331 10.50 15.50 -39.67
N MET A 332 9.39 15.14 -39.05
CA MET A 332 8.36 14.37 -39.76
C MET A 332 7.44 15.28 -40.56
N ARG A 333 7.24 16.52 -40.13
CA ARG A 333 6.38 17.42 -40.89
C ARG A 333 6.90 17.69 -42.31
N PRO A 334 8.20 17.76 -42.60
CA PRO A 334 8.60 17.74 -44.01
C PRO A 334 8.34 16.40 -44.66
N GLY A 335 8.20 15.34 -43.85
CA GLY A 335 7.81 14.05 -44.39
C GLY A 335 6.31 13.93 -44.61
N ARG A 336 5.52 14.79 -43.96
CA ARG A 336 4.09 14.84 -44.23
C ARG A 336 3.60 16.27 -44.42
N LEU A 337 3.71 17.09 -43.37
CA LEU A 337 3.00 18.36 -43.29
C LEU A 337 3.58 19.38 -44.26
N ASP A 338 3.05 20.59 -44.18
CA ASP A 338 3.38 21.67 -45.10
C ASP A 338 3.36 22.98 -44.32
N ARG A 339 3.50 24.09 -45.05
CA ARG A 339 3.10 25.42 -44.59
C ARG A 339 3.67 25.75 -43.20
N LYS A 340 4.97 26.00 -43.16
CA LYS A 340 5.59 26.48 -41.93
C LYS A 340 5.57 28.01 -41.98
N ILE A 341 4.75 28.61 -41.12
CA ILE A 341 4.60 30.05 -41.02
C ILE A 341 4.80 30.45 -39.56
N GLU A 342 4.71 31.75 -39.30
CA GLU A 342 5.18 32.26 -38.02
C GLU A 342 4.37 33.47 -37.60
N PHE A 343 4.29 33.66 -36.28
CA PHE A 343 3.86 34.91 -35.67
C PHE A 343 4.79 36.02 -36.19
N SER A 344 4.38 37.30 -36.33
CA SER A 344 3.22 38.00 -35.76
C SER A 344 2.94 37.70 -34.27
N LEU A 345 3.80 38.03 -33.30
CA LEU A 345 5.00 38.92 -33.26
C LEU A 345 4.62 40.40 -33.42
N PRO A 346 5.42 41.27 -32.82
CA PRO A 346 5.19 42.71 -32.94
C PRO A 346 5.71 43.26 -34.26
N ASP A 347 5.09 44.36 -34.68
CA ASP A 347 5.52 45.11 -35.86
C ASP A 347 5.45 46.59 -35.55
N LEU A 348 6.16 47.39 -36.35
CA LEU A 348 6.09 48.83 -36.22
C LEU A 348 4.68 49.36 -36.48
N GLU A 349 3.88 48.62 -37.24
CA GLU A 349 2.56 49.05 -37.69
C GLU A 349 1.44 48.41 -36.88
N GLY A 350 1.34 47.08 -36.92
CA GLY A 350 0.24 46.35 -36.33
C GLY A 350 -0.07 46.70 -34.88
N ARG A 351 0.91 47.25 -34.17
CA ARG A 351 0.65 47.78 -32.84
C ARG A 351 -0.44 48.85 -32.87
N THR A 352 -0.54 49.59 -33.97
CA THR A 352 -1.61 50.57 -34.08
C THR A 352 -2.98 49.90 -34.12
N HIS A 353 -3.06 48.69 -34.65
CA HIS A 353 -4.32 47.94 -34.59
C HIS A 353 -4.49 47.30 -33.23
N ILE A 354 -3.40 46.82 -32.62
CA ILE A 354 -3.46 46.39 -31.23
C ILE A 354 -3.71 47.59 -30.32
N PHE A 355 -3.43 48.80 -30.79
CA PHE A 355 -3.89 50.02 -30.16
C PHE A 355 -5.22 50.50 -30.72
N LYS A 356 -5.67 49.93 -31.84
CA LYS A 356 -7.03 50.13 -32.33
C LYS A 356 -7.98 49.03 -31.90
N ILE A 357 -7.49 48.02 -31.19
CA ILE A 357 -8.42 47.13 -30.49
C ILE A 357 -9.07 47.88 -29.33
N HIS A 358 -8.43 48.97 -28.89
CA HIS A 358 -9.02 49.91 -27.93
C HIS A 358 -9.65 51.12 -28.61
N ALA A 359 -9.66 51.17 -29.94
CA ALA A 359 -10.19 52.32 -30.68
C ALA A 359 -11.62 52.63 -30.27
N ARG A 360 -12.54 51.70 -30.56
CA ARG A 360 -13.94 51.89 -30.16
C ARG A 360 -14.14 51.75 -28.66
N SER A 361 -13.14 51.32 -27.91
CA SER A 361 -13.24 51.29 -26.46
C SER A 361 -13.14 52.71 -25.90
N MET A 362 -13.69 52.88 -24.70
CA MET A 362 -13.69 54.17 -23.98
C MET A 362 -14.33 55.22 -24.90
N SER A 363 -13.82 56.45 -24.89
CA SER A 363 -14.02 57.41 -25.96
C SER A 363 -12.67 58.10 -26.15
N VAL A 364 -12.07 57.94 -27.32
CA VAL A 364 -10.70 58.43 -27.51
C VAL A 364 -10.72 59.95 -27.49
N GLU A 365 -9.93 60.54 -26.59
CA GLU A 365 -9.81 61.98 -26.54
C GLU A 365 -9.27 62.50 -27.87
N ARG A 366 -9.84 63.61 -28.33
CA ARG A 366 -9.56 64.09 -29.69
C ARG A 366 -8.07 64.30 -29.93
N ASP A 367 -7.31 64.60 -28.88
CA ASP A 367 -5.88 64.85 -29.00
C ASP A 367 -5.02 63.61 -28.71
N ILE A 368 -5.63 62.47 -28.38
CA ILE A 368 -4.87 61.25 -28.19
C ILE A 368 -4.39 60.74 -29.54
N ARG A 369 -3.11 60.38 -29.61
CA ARG A 369 -2.48 59.98 -30.85
C ARG A 369 -1.92 58.57 -30.73
N PHE A 370 -2.12 57.78 -31.79
CA PHE A 370 -1.60 56.42 -31.85
C PHE A 370 -0.10 56.43 -32.15
N GLU A 371 0.28 56.99 -33.31
CA GLU A 371 1.67 57.00 -33.74
C GLU A 371 2.63 57.50 -32.67
N LEU A 372 2.17 58.42 -31.81
CA LEU A 372 3.04 58.93 -30.75
C LEU A 372 3.46 57.81 -29.81
N LEU A 373 2.50 57.01 -29.36
CA LEU A 373 2.82 55.87 -28.50
C LEU A 373 3.36 54.68 -29.27
N ALA A 374 2.87 54.45 -30.49
CA ALA A 374 3.30 53.31 -31.29
C ALA A 374 4.79 53.34 -31.58
N ARG A 375 5.36 54.52 -31.81
CA ARG A 375 6.79 54.62 -32.08
C ARG A 375 7.64 54.43 -30.84
N LEU A 376 7.04 54.46 -29.65
CA LEU A 376 7.79 54.38 -28.40
C LEU A 376 7.89 52.98 -27.82
N CYS A 377 7.27 51.97 -28.44
CA CYS A 377 7.14 50.65 -27.83
C CYS A 377 7.71 49.56 -28.72
N PRO A 378 8.99 49.22 -28.61
CA PRO A 378 9.54 48.08 -29.35
C PRO A 378 9.20 46.75 -28.70
N ASN A 379 9.10 45.72 -29.55
CA ASN A 379 8.94 44.33 -29.11
C ASN A 379 7.76 44.19 -28.14
N SER A 380 6.61 44.69 -28.57
CA SER A 380 5.46 44.86 -27.68
C SER A 380 4.54 43.63 -27.59
N THR A 381 4.67 42.69 -28.53
CA THR A 381 3.71 41.60 -28.74
C THR A 381 2.30 42.20 -28.82
N GLY A 382 1.29 41.50 -28.33
CA GLY A 382 0.00 42.12 -28.09
C GLY A 382 -0.44 42.20 -26.64
N ALA A 383 0.16 41.36 -25.79
CA ALA A 383 -0.33 41.12 -24.43
C ALA A 383 -0.31 42.36 -23.55
N GLU A 384 0.89 42.83 -23.19
CA GLU A 384 1.01 43.94 -22.26
C GLU A 384 0.45 45.23 -22.86
N ILE A 385 0.68 45.44 -24.15
CA ILE A 385 0.24 46.69 -24.77
C ILE A 385 -1.27 46.75 -24.96
N ARG A 386 -1.98 45.63 -24.79
CA ARG A 386 -3.42 45.71 -24.61
C ARG A 386 -3.77 46.24 -23.23
N SER A 387 -3.06 45.74 -22.20
CA SER A 387 -3.21 46.31 -20.87
C SER A 387 -2.55 47.68 -20.75
N VAL A 388 -1.55 47.97 -21.60
CA VAL A 388 -0.93 49.30 -21.61
C VAL A 388 -1.98 50.37 -21.84
N CYS A 389 -2.83 50.20 -22.85
CA CYS A 389 -3.94 51.12 -23.03
C CYS A 389 -4.97 50.97 -21.92
N THR A 390 -4.99 49.82 -21.26
CA THR A 390 -5.96 49.56 -20.20
C THR A 390 -5.54 50.19 -18.88
N GLU A 391 -4.25 50.27 -18.60
CA GLU A 391 -3.79 50.82 -17.34
C GLU A 391 -3.96 52.32 -17.25
N ALA A 392 -4.37 52.98 -18.33
CA ALA A 392 -4.93 54.33 -18.21
C ALA A 392 -6.16 54.29 -17.31
N GLY A 393 -7.14 53.46 -17.66
CA GLY A 393 -8.32 53.28 -16.84
C GLY A 393 -8.02 52.80 -15.44
N MET A 394 -6.88 52.14 -15.23
CA MET A 394 -6.43 51.81 -13.89
C MET A 394 -6.30 53.09 -13.07
N PHE A 395 -5.30 53.91 -13.39
CA PHE A 395 -5.10 55.15 -12.65
C PHE A 395 -6.22 56.16 -12.88
N ALA A 396 -6.96 56.05 -13.99
CA ALA A 396 -8.10 56.91 -14.22
C ALA A 396 -9.10 56.82 -13.08
N ILE A 397 -9.67 55.62 -12.88
CA ILE A 397 -10.62 55.42 -11.78
C ILE A 397 -9.96 55.74 -10.44
N ARG A 398 -8.67 55.44 -10.32
CA ARG A 398 -7.96 55.70 -9.06
C ARG A 398 -7.78 57.20 -8.84
N ALA A 399 -7.41 57.94 -9.88
CA ALA A 399 -7.23 59.38 -9.79
C ALA A 399 -8.49 60.15 -10.16
N ARG A 400 -9.61 59.46 -10.38
CA ARG A 400 -10.92 60.02 -10.71
C ARG A 400 -11.00 60.52 -12.15
N ARG A 401 -9.93 60.40 -12.93
CA ARG A 401 -9.91 60.94 -14.29
C ARG A 401 -11.09 60.44 -15.09
N LYS A 402 -11.86 61.39 -15.63
CA LYS A 402 -13.14 61.06 -16.25
C LYS A 402 -12.93 60.25 -17.52
N ILE A 403 -12.15 60.78 -18.45
CA ILE A 403 -11.56 59.96 -19.50
C ILE A 403 -10.05 60.12 -19.37
N ALA A 404 -9.30 59.41 -20.18
CA ALA A 404 -7.85 59.39 -20.08
C ALA A 404 -7.22 60.16 -21.24
N THR A 405 -6.11 60.82 -20.94
CA THR A 405 -5.27 61.44 -21.94
C THR A 405 -4.05 60.55 -22.18
N GLU A 406 -3.57 60.54 -23.42
CA GLU A 406 -2.43 59.67 -23.75
C GLU A 406 -1.24 59.94 -22.83
N LYS A 407 -1.08 61.18 -22.38
CA LYS A 407 0.01 61.50 -21.46
C LYS A 407 -0.16 60.78 -20.12
N ASP A 408 -1.40 60.46 -19.74
CA ASP A 408 -1.63 59.85 -18.44
C ASP A 408 -1.03 58.45 -18.37
N PHE A 409 -1.40 57.58 -19.32
CA PHE A 409 -0.88 56.22 -19.24
C PHE A 409 0.55 56.15 -19.76
N LEU A 410 0.91 56.93 -20.79
CA LEU A 410 2.28 56.86 -21.29
C LEU A 410 3.30 57.22 -20.21
N GLU A 411 2.90 57.97 -19.19
CA GLU A 411 3.71 58.10 -17.99
C GLU A 411 3.84 56.76 -17.27
N ALA A 412 2.71 56.09 -17.07
CA ALA A 412 2.73 54.75 -16.47
C ALA A 412 3.09 53.67 -17.49
N VAL A 413 3.06 53.97 -18.78
CA VAL A 413 3.49 53.01 -19.79
C VAL A 413 5.00 52.87 -19.80
N ASN A 414 5.71 53.98 -20.07
CA ASN A 414 7.16 53.98 -19.95
C ASN A 414 7.58 53.42 -18.59
N LYS A 415 6.78 53.65 -17.54
CA LYS A 415 6.89 52.86 -16.33
C LYS A 415 6.65 51.39 -16.61
N VAL A 416 5.41 51.04 -17.01
CA VAL A 416 5.01 49.63 -17.02
C VAL A 416 5.84 48.82 -18.01
N ILE A 417 6.36 49.45 -19.08
CA ILE A 417 7.30 48.72 -19.93
C ILE A 417 8.62 48.52 -19.21
N LYS A 418 9.20 49.60 -18.69
CA LYS A 418 10.49 49.51 -17.99
C LYS A 418 10.34 48.72 -16.70
N SER A 419 9.37 49.11 -15.86
CA SER A 419 9.18 48.43 -14.58
C SER A 419 9.01 46.93 -14.78
N TYR A 420 8.36 46.52 -15.86
CA TYR A 420 8.24 45.11 -16.19
C TYR A 420 9.31 44.61 -17.17
N ALA A 421 10.12 45.50 -17.76
CA ALA A 421 11.31 45.07 -18.49
C ALA A 421 12.57 45.14 -17.64
N LYS A 422 12.49 45.68 -16.42
CA LYS A 422 13.63 45.64 -15.53
C LYS A 422 14.01 44.20 -15.19
N PHE A 423 13.05 43.43 -14.67
CA PHE A 423 13.29 42.03 -14.37
C PHE A 423 13.16 41.14 -15.61
N SER A 424 12.14 41.37 -16.45
CA SER A 424 11.79 40.45 -17.53
C SER A 424 11.79 41.18 -18.87
N ALA A 425 12.70 40.81 -19.75
CA ALA A 425 12.61 41.23 -21.15
C ALA A 425 11.69 40.33 -21.96
N THR A 426 11.24 39.21 -21.39
CA THR A 426 10.48 38.16 -22.08
C THR A 426 11.18 37.84 -23.39
N PRO A 427 12.35 37.21 -23.34
CA PRO A 427 13.12 37.00 -24.57
C PRO A 427 12.53 35.90 -25.44
N ARG A 428 11.50 36.26 -26.21
CA ARG A 428 10.88 35.29 -27.10
C ARG A 428 11.89 34.73 -28.08
N TYR A 429 12.82 35.57 -28.56
CA TYR A 429 13.89 35.10 -29.41
C TYR A 429 14.71 34.01 -28.73
N MET A 430 14.87 34.09 -27.41
CA MET A 430 15.64 33.09 -26.69
C MET A 430 14.86 31.80 -26.47
N THR A 431 13.53 31.91 -26.35
CA THR A 431 12.71 30.73 -26.06
C THR A 431 12.89 29.64 -27.11
N TYR A 432 12.78 30.01 -28.39
CA TYR A 432 12.97 29.05 -29.47
C TYR A 432 14.43 28.96 -29.91
N ASN A 433 15.34 29.66 -29.24
CA ASN A 433 16.77 29.53 -29.54
C ASN A 433 17.53 29.06 -28.30
N GLU B 93 -49.70 15.67 -7.05
CA GLU B 93 -50.61 15.14 -6.04
C GLU B 93 -50.81 13.63 -6.22
N GLU B 94 -51.71 13.25 -7.12
CA GLU B 94 -51.89 11.85 -7.45
C GLU B 94 -50.69 11.25 -8.16
N GLU B 95 -49.96 12.07 -8.93
CA GLU B 95 -48.73 11.60 -9.56
C GLU B 95 -47.73 11.08 -8.55
N ARG B 96 -47.69 11.67 -7.35
CA ARG B 96 -46.77 11.21 -6.32
C ARG B 96 -47.11 9.80 -5.86
N SER B 97 -48.40 9.50 -5.75
CA SER B 97 -48.88 8.16 -5.38
C SER B 97 -49.03 7.24 -6.57
N LYS B 98 -48.77 7.72 -7.79
CA LYS B 98 -48.82 6.91 -9.00
C LYS B 98 -47.46 6.30 -9.32
N VAL B 99 -46.47 7.15 -9.62
CA VAL B 99 -45.18 6.66 -10.07
C VAL B 99 -44.33 6.09 -8.95
N ASP B 100 -44.75 6.24 -7.69
CA ASP B 100 -44.01 5.61 -6.60
C ASP B 100 -44.02 4.09 -6.72
N ASP B 101 -45.04 3.53 -7.38
CA ASP B 101 -45.07 2.10 -7.62
C ASP B 101 -44.09 1.71 -8.71
N LEU B 102 -43.98 2.53 -9.76
CA LEU B 102 -42.95 2.30 -10.78
C LEU B 102 -41.56 2.45 -10.18
N ARG B 103 -41.36 3.51 -9.38
CA ARG B 103 -40.14 3.61 -8.59
C ARG B 103 -39.98 2.40 -7.66
N GLY B 104 -41.07 1.97 -7.04
CA GLY B 104 -41.01 0.94 -6.01
C GLY B 104 -40.58 -0.45 -6.40
N THR B 105 -40.30 -1.27 -5.39
CA THR B 105 -40.15 -0.75 -4.05
C THR B 105 -38.84 0.05 -3.84
N PRO B 106 -37.66 -0.53 -4.19
CA PRO B 106 -36.41 0.24 -4.09
C PRO B 106 -35.98 0.86 -5.40
N MET B 107 -34.84 1.55 -5.41
CA MET B 107 -34.17 1.94 -6.64
C MET B 107 -32.66 2.00 -6.39
N SER B 108 -31.90 1.63 -7.41
CA SER B 108 -30.46 1.46 -7.28
C SER B 108 -29.74 2.80 -7.45
N VAL B 109 -28.41 2.75 -7.45
CA VAL B 109 -27.55 3.87 -7.79
C VAL B 109 -26.76 3.47 -9.03
N GLY B 110 -27.01 4.15 -10.14
CA GLY B 110 -26.26 3.92 -11.36
C GLY B 110 -25.21 5.00 -11.57
N THR B 111 -24.51 4.87 -12.70
CA THR B 111 -23.51 5.85 -13.12
C THR B 111 -23.84 6.28 -14.54
N LEU B 112 -24.20 7.55 -14.71
CA LEU B 112 -24.59 8.07 -16.01
C LEU B 112 -23.36 8.12 -16.92
N GLU B 113 -23.44 7.50 -18.09
CA GLU B 113 -22.27 7.37 -18.95
C GLU B 113 -22.44 8.04 -20.31
N GLU B 114 -23.26 7.45 -21.19
CA GLU B 114 -23.39 7.95 -22.54
C GLU B 114 -24.85 7.87 -22.97
N ILE B 115 -25.16 8.53 -24.09
CA ILE B 115 -26.53 8.68 -24.57
C ILE B 115 -26.60 8.26 -26.03
N ILE B 116 -27.64 7.50 -26.37
CA ILE B 116 -28.09 7.46 -27.76
C ILE B 116 -28.82 8.77 -28.04
N ASP B 117 -28.45 9.43 -29.13
CA ASP B 117 -28.95 10.78 -29.40
C ASP B 117 -30.48 10.84 -29.47
N ASP B 118 -31.15 9.69 -29.56
CA ASP B 118 -32.58 9.57 -29.36
C ASP B 118 -32.98 9.73 -27.89
N ASN B 119 -32.02 9.97 -27.00
CA ASN B 119 -32.22 10.06 -25.55
C ASN B 119 -32.55 8.70 -24.94
N HIS B 120 -31.87 7.66 -25.42
CA HIS B 120 -31.77 6.39 -24.72
C HIS B 120 -30.36 6.32 -24.16
N ALA B 121 -30.24 6.43 -22.84
CA ALA B 121 -28.95 6.71 -22.21
C ALA B 121 -28.26 5.41 -21.83
N ILE B 122 -27.16 5.10 -22.51
CA ILE B 122 -26.37 3.90 -22.22
C ILE B 122 -25.42 4.21 -21.07
N VAL B 123 -25.50 3.41 -20.01
CA VAL B 123 -24.72 3.66 -18.81
C VAL B 123 -23.83 2.47 -18.53
N SER B 124 -22.69 2.72 -17.88
CA SER B 124 -21.86 1.67 -17.33
C SER B 124 -21.85 1.83 -15.81
N THR B 125 -22.56 0.95 -15.11
CA THR B 125 -22.63 0.97 -13.67
C THR B 125 -22.54 -0.45 -13.16
N SER B 126 -22.06 -0.60 -11.93
CA SER B 126 -21.63 -1.91 -11.43
C SER B 126 -22.71 -2.99 -11.51
N VAL B 127 -22.39 -4.07 -12.22
CA VAL B 127 -21.14 -4.12 -12.98
C VAL B 127 -21.41 -3.92 -14.47
N GLY B 128 -21.00 -2.75 -14.97
CA GLY B 128 -21.12 -2.40 -16.38
C GLY B 128 -22.51 -2.57 -16.98
N SER B 129 -23.55 -2.39 -16.19
CA SER B 129 -24.91 -2.60 -16.65
C SER B 129 -25.45 -1.33 -17.32
N GLU B 130 -26.05 -1.51 -18.48
CA GLU B 130 -26.58 -0.42 -19.28
C GLU B 130 -28.07 -0.25 -19.00
N HIS B 131 -28.71 0.57 -19.83
CA HIS B 131 -30.16 0.72 -19.88
C HIS B 131 -30.50 1.72 -20.99
N TYR B 132 -31.79 1.92 -21.25
CA TYR B 132 -32.23 2.99 -22.14
C TYR B 132 -33.36 3.73 -21.46
N VAL B 133 -33.11 5.00 -21.14
CA VAL B 133 -34.10 5.81 -20.44
C VAL B 133 -34.38 7.03 -21.30
N SER B 134 -35.56 7.04 -21.92
CA SER B 134 -36.27 8.28 -22.20
C SER B 134 -37.47 8.24 -21.28
N ILE B 135 -37.41 9.05 -20.22
CA ILE B 135 -38.51 9.23 -19.28
C ILE B 135 -38.73 10.72 -19.11
N LEU B 136 -39.99 11.05 -18.88
CA LEU B 136 -40.44 12.41 -19.08
C LEU B 136 -40.20 13.29 -17.86
N SER B 137 -40.25 12.72 -16.64
CA SER B 137 -40.17 13.54 -15.43
C SER B 137 -38.75 13.86 -14.99
N PHE B 138 -38.65 14.97 -14.24
CA PHE B 138 -37.52 15.34 -13.40
C PHE B 138 -36.32 15.77 -14.25
N VAL B 139 -36.48 15.68 -15.57
CA VAL B 139 -35.42 15.99 -16.50
C VAL B 139 -35.89 17.15 -17.40
N ASP B 140 -35.02 18.10 -17.80
CA ASP B 140 -33.58 18.23 -17.54
C ASP B 140 -32.81 17.02 -18.06
N LYS B 141 -33.25 16.50 -19.20
CA LYS B 141 -32.62 15.32 -19.77
C LYS B 141 -31.21 15.65 -20.27
N ASP B 142 -31.04 16.83 -20.84
CA ASP B 142 -29.75 17.30 -21.33
C ASP B 142 -28.68 17.37 -20.24
N LEU B 143 -28.87 18.27 -19.27
CA LEU B 143 -27.78 18.71 -18.39
C LEU B 143 -27.31 17.63 -17.41
N LEU B 144 -28.06 16.54 -17.23
CA LEU B 144 -27.57 15.46 -16.37
C LEU B 144 -26.22 14.96 -16.86
N GLU B 145 -26.05 14.88 -18.18
CA GLU B 145 -24.76 14.89 -18.88
C GLU B 145 -23.97 13.59 -18.69
N PRO B 146 -23.13 13.24 -19.66
CA PRO B 146 -22.21 12.11 -19.46
C PRO B 146 -21.27 12.33 -18.29
N GLY B 147 -20.73 11.23 -17.78
CA GLY B 147 -19.78 11.28 -16.68
C GLY B 147 -20.38 11.71 -15.37
N CYS B 148 -21.50 11.10 -14.99
CA CYS B 148 -22.20 11.42 -13.76
C CYS B 148 -22.80 10.15 -13.19
N SER B 149 -23.65 10.30 -12.17
CA SER B 149 -24.31 9.19 -11.53
C SER B 149 -25.82 9.31 -11.72
N VAL B 150 -26.50 8.17 -11.63
CA VAL B 150 -27.94 8.08 -11.79
C VAL B 150 -28.48 7.11 -10.73
N LEU B 151 -29.81 6.98 -10.71
CA LEU B 151 -30.49 6.11 -9.76
C LEU B 151 -31.49 5.26 -10.53
N LEU B 152 -31.27 3.95 -10.55
CA LEU B 152 -31.95 3.06 -11.48
C LEU B 152 -32.96 2.17 -10.76
N ASN B 153 -34.03 1.82 -11.48
CA ASN B 153 -35.00 0.86 -11.02
C ASN B 153 -34.41 -0.55 -10.98
N HIS B 154 -35.08 -1.45 -10.27
CA HIS B 154 -34.76 -2.86 -10.37
C HIS B 154 -35.39 -3.48 -11.61
N LYS B 155 -36.68 -3.21 -11.84
CA LYS B 155 -37.30 -3.68 -13.08
C LYS B 155 -38.05 -2.57 -13.83
N VAL B 156 -37.50 -2.16 -14.98
CA VAL B 156 -36.13 -2.50 -15.31
C VAL B 156 -35.28 -1.23 -15.42
N HIS B 157 -34.46 -1.00 -14.39
CA HIS B 157 -33.30 -0.13 -14.39
C HIS B 157 -33.46 1.23 -15.09
N ALA B 158 -34.63 1.86 -14.96
CA ALA B 158 -34.81 3.21 -15.49
C ALA B 158 -34.40 4.23 -14.43
N VAL B 159 -33.64 5.24 -14.85
CA VAL B 159 -33.25 6.30 -13.94
C VAL B 159 -34.45 7.23 -13.80
N ILE B 160 -35.00 7.30 -12.60
CA ILE B 160 -36.15 8.16 -12.32
C ILE B 160 -35.76 9.44 -11.59
N GLY B 161 -34.49 9.58 -11.21
CA GLY B 161 -34.02 10.72 -10.45
C GLY B 161 -32.51 10.73 -10.35
N VAL B 162 -31.93 11.90 -10.10
CA VAL B 162 -30.48 12.08 -10.08
C VAL B 162 -30.10 13.04 -8.95
N LEU B 163 -28.83 12.98 -8.57
CA LEU B 163 -28.31 13.78 -7.47
C LEU B 163 -26.96 14.37 -7.86
N MET B 164 -26.55 15.39 -7.11
CA MET B 164 -25.18 15.93 -7.14
C MET B 164 -24.57 15.63 -5.79
N ASP B 165 -23.62 14.69 -5.75
CA ASP B 165 -23.12 14.16 -4.47
C ASP B 165 -21.66 14.55 -4.29
N ASP B 166 -21.43 15.52 -3.40
CA ASP B 166 -20.15 15.79 -2.79
C ASP B 166 -20.47 16.65 -1.57
N THR B 167 -19.68 16.71 -0.48
CA THR B 167 -18.50 15.91 -0.10
C THR B 167 -17.33 15.86 -1.08
N ASP B 168 -16.71 14.68 -1.18
CA ASP B 168 -15.56 14.40 -2.05
C ASP B 168 -14.34 15.23 -1.64
N PRO B 169 -13.13 14.83 -2.05
CA PRO B 169 -11.98 15.72 -1.82
C PRO B 169 -12.04 16.99 -2.64
N LEU B 170 -12.85 17.01 -3.71
CA LEU B 170 -13.00 18.18 -4.57
C LEU B 170 -13.48 19.40 -3.80
N VAL B 171 -14.72 19.35 -3.29
CA VAL B 171 -15.30 20.50 -2.62
C VAL B 171 -14.63 20.74 -1.27
N THR B 172 -14.15 19.69 -0.62
CA THR B 172 -13.63 19.83 0.74
C THR B 172 -12.40 20.73 0.79
N VAL B 173 -11.51 20.61 -0.20
CA VAL B 173 -10.24 21.34 -0.15
C VAL B 173 -10.38 22.82 -0.45
N MET B 174 -11.55 23.27 -0.94
CA MET B 174 -11.71 24.68 -1.30
C MET B 174 -12.17 25.56 -0.14
N LYS B 175 -12.71 24.97 0.92
CA LYS B 175 -13.56 25.69 1.87
C LYS B 175 -13.23 25.14 3.28
N VAL B 176 -13.85 25.58 4.40
CA VAL B 176 -14.94 26.55 4.54
C VAL B 176 -14.73 27.35 5.82
N GLU B 177 -14.93 28.66 5.81
CA GLU B 177 -15.36 29.44 4.65
C GLU B 177 -14.24 30.31 4.04
N LYS B 178 -13.64 31.25 4.78
CA LYS B 178 -13.73 31.42 6.24
C LYS B 178 -14.10 32.84 6.63
N ALA B 179 -13.29 33.80 6.16
CA ALA B 179 -13.22 35.19 6.60
C ALA B 179 -12.74 35.33 8.04
N PRO B 180 -11.47 35.02 8.33
CA PRO B 180 -10.89 35.40 9.62
C PRO B 180 -10.96 36.91 9.84
N GLN B 181 -10.83 37.30 11.10
CA GLN B 181 -11.22 38.64 11.55
C GLN B 181 -10.25 39.74 11.17
N GLU B 182 -9.08 39.42 10.62
CA GLU B 182 -8.10 40.45 10.33
C GLU B 182 -8.52 41.28 9.11
N THR B 183 -8.00 42.50 9.04
CA THR B 183 -8.41 43.51 8.06
C THR B 183 -7.19 44.11 7.39
N TYR B 184 -7.44 44.90 6.34
CA TYR B 184 -6.36 45.62 5.66
C TYR B 184 -5.98 46.91 6.36
N ALA B 185 -6.65 47.26 7.46
CA ALA B 185 -6.19 48.33 8.33
C ALA B 185 -5.08 47.87 9.27
N ASP B 186 -4.75 46.58 9.25
CA ASP B 186 -3.71 46.06 10.15
C ASP B 186 -2.32 46.44 9.65
N ILE B 187 -2.12 46.46 8.33
CA ILE B 187 -0.81 46.74 7.76
C ILE B 187 -0.81 48.18 7.24
N GLY B 188 -0.10 49.05 7.95
CA GLY B 188 0.03 50.43 7.54
C GLY B 188 1.38 50.74 6.93
N GLY B 189 1.45 51.88 6.24
CA GLY B 189 2.67 52.33 5.60
C GLY B 189 2.95 51.66 4.28
N LEU B 190 2.39 50.49 4.03
CA LEU B 190 2.42 49.82 2.75
C LEU B 190 1.17 50.09 1.92
N ASP B 191 0.29 50.98 2.40
CA ASP B 191 -0.95 51.27 1.69
C ASP B 191 -0.72 51.59 0.22
N ASN B 192 0.41 52.23 -0.10
CA ASN B 192 0.80 52.43 -1.50
C ASN B 192 0.79 51.11 -2.27
N GLN B 193 1.17 50.02 -1.61
CA GLN B 193 1.14 48.71 -2.25
C GLN B 193 -0.28 48.18 -2.37
N ILE B 194 -1.09 48.30 -1.30
CA ILE B 194 -2.44 47.76 -1.35
C ILE B 194 -3.40 48.71 -2.07
N GLN B 195 -3.14 50.02 -2.05
CA GLN B 195 -4.00 50.94 -2.80
C GLN B 195 -3.90 50.66 -4.30
N GLU B 196 -2.76 50.13 -4.75
CA GLU B 196 -2.70 49.56 -6.10
C GLU B 196 -3.72 48.44 -6.25
N ILE B 197 -3.57 47.37 -5.47
CA ILE B 197 -4.49 46.24 -5.55
C ILE B 197 -5.86 46.58 -4.99
N LYS B 198 -6.03 47.76 -4.39
CA LYS B 198 -7.35 48.20 -3.94
C LYS B 198 -8.34 48.16 -5.09
N GLU B 199 -8.05 48.88 -6.18
CA GLU B 199 -8.90 48.80 -7.35
C GLU B 199 -8.96 47.38 -7.90
N SER B 200 -7.91 46.59 -7.71
CA SER B 200 -7.92 45.22 -8.18
C SER B 200 -8.81 44.33 -7.30
N VAL B 201 -8.82 44.56 -5.99
CA VAL B 201 -9.75 43.83 -5.14
C VAL B 201 -11.13 44.48 -5.17
N GLU B 202 -11.21 45.79 -5.37
CA GLU B 202 -12.51 46.46 -5.38
C GLU B 202 -13.24 46.22 -6.68
N LEU B 203 -12.70 46.72 -7.80
CA LEU B 203 -13.45 46.79 -9.05
C LEU B 203 -14.22 45.52 -9.42
N PRO B 204 -13.67 44.31 -9.32
CA PRO B 204 -14.51 43.12 -9.51
C PRO B 204 -15.52 43.03 -8.37
N LEU B 205 -16.75 42.67 -8.72
CA LEU B 205 -17.88 42.82 -7.79
C LEU B 205 -18.00 44.30 -7.44
N THR B 206 -17.73 44.65 -6.19
CA THR B 206 -18.01 46.01 -5.70
C THR B 206 -17.48 47.07 -6.66
N HIS B 207 -18.26 48.18 -6.81
CA HIS B 207 -17.91 49.35 -7.60
C HIS B 207 -17.54 49.00 -9.04
N PRO B 208 -18.34 48.15 -9.74
CA PRO B 208 -17.97 47.65 -11.07
C PRO B 208 -18.11 48.67 -12.19
N GLU B 209 -18.79 49.79 -11.94
CA GLU B 209 -19.32 50.62 -13.04
C GLU B 209 -18.21 51.20 -13.92
N TYR B 210 -17.21 51.81 -13.30
CA TYR B 210 -16.22 52.52 -14.10
C TYR B 210 -15.27 51.58 -14.82
N TYR B 211 -15.30 50.29 -14.50
CA TYR B 211 -14.75 49.28 -15.40
C TYR B 211 -15.45 49.33 -16.76
N GLU B 212 -16.78 49.23 -16.74
CA GLU B 212 -17.55 49.15 -17.98
C GLU B 212 -17.95 50.53 -18.52
N GLU B 213 -17.83 51.58 -17.72
CA GLU B 213 -18.00 52.93 -18.25
C GLU B 213 -16.79 53.34 -19.08
N MET B 214 -15.60 52.94 -18.63
CA MET B 214 -14.43 52.99 -19.49
C MET B 214 -14.51 51.89 -20.54
N GLY B 215 -15.11 50.75 -20.19
CA GLY B 215 -15.23 49.64 -21.11
C GLY B 215 -13.92 49.04 -21.56
N ILE B 216 -12.81 49.38 -20.90
CA ILE B 216 -11.50 48.90 -21.35
C ILE B 216 -11.21 47.48 -20.91
N LYS B 217 -12.03 46.92 -20.03
CA LYS B 217 -11.91 45.52 -19.63
C LYS B 217 -10.55 45.20 -19.02
N PRO B 218 -10.26 45.65 -17.80
CA PRO B 218 -9.08 45.14 -17.07
C PRO B 218 -9.43 44.06 -16.06
N PRO B 219 -9.92 42.87 -16.47
CA PRO B 219 -10.04 41.78 -15.50
C PRO B 219 -8.86 40.83 -15.58
N LYS B 220 -7.64 41.32 -15.33
CA LYS B 220 -6.46 40.51 -15.56
C LYS B 220 -5.92 39.80 -14.32
N GLY B 221 -6.51 40.05 -13.14
CA GLY B 221 -6.06 39.38 -11.93
C GLY B 221 -4.92 40.08 -11.22
N VAL B 222 -4.10 39.32 -10.48
CA VAL B 222 -2.90 39.85 -9.83
C VAL B 222 -1.86 38.73 -9.75
N ILE B 223 -0.59 39.13 -9.65
CA ILE B 223 0.50 38.27 -9.23
C ILE B 223 1.17 38.95 -8.04
N LEU B 224 1.82 38.15 -7.19
CA LEU B 224 2.43 38.67 -5.99
C LEU B 224 3.84 38.12 -5.85
N TYR B 225 4.64 38.76 -5.00
CA TYR B 225 6.00 38.35 -4.67
C TYR B 225 6.55 39.31 -3.62
N GLY B 226 7.65 38.93 -3.00
CA GLY B 226 8.40 39.81 -2.14
C GLY B 226 9.35 39.06 -1.24
N PRO B 227 10.32 39.78 -0.64
CA PRO B 227 11.23 39.15 0.32
C PRO B 227 10.79 39.27 1.79
N PRO B 228 11.52 38.60 2.70
CA PRO B 228 12.24 37.36 2.36
C PRO B 228 11.29 36.17 2.20
N GLY B 229 10.40 36.02 3.17
CA GLY B 229 9.41 34.95 3.20
C GLY B 229 7.96 35.37 3.05
N THR B 230 7.69 36.58 2.58
CA THR B 230 6.39 37.22 2.82
C THR B 230 5.27 36.55 2.01
N GLY B 231 4.09 37.16 2.10
CA GLY B 231 2.85 36.57 1.62
C GLY B 231 1.81 36.25 2.69
N LYS B 232 2.16 36.20 3.97
CA LYS B 232 1.13 36.30 5.01
C LYS B 232 0.77 37.75 5.29
N THR B 233 1.74 38.67 5.14
CA THR B 233 1.40 40.08 5.10
C THR B 233 0.52 40.39 3.90
N LEU B 234 0.69 39.63 2.81
CA LEU B 234 -0.25 39.63 1.70
C LEU B 234 -1.49 38.80 2.01
N LEU B 235 -1.40 37.85 2.93
CA LEU B 235 -2.61 37.26 3.50
C LEU B 235 -3.33 38.28 4.37
N ALA B 236 -2.56 39.16 5.05
CA ALA B 236 -3.17 40.31 5.69
C ALA B 236 -3.87 41.21 4.68
N LYS B 237 -3.43 41.18 3.42
CA LYS B 237 -4.24 41.74 2.35
C LYS B 237 -5.37 40.79 1.95
N ALA B 238 -5.07 39.49 1.91
CA ALA B 238 -6.07 38.51 1.49
C ALA B 238 -7.15 38.31 2.55
N VAL B 239 -6.78 38.42 3.83
CA VAL B 239 -7.78 38.33 4.90
C VAL B 239 -8.76 39.50 4.80
N ALA B 240 -8.35 40.60 4.18
CA ALA B 240 -9.26 41.71 3.95
C ALA B 240 -10.17 41.47 2.75
N ASN B 241 -9.65 40.81 1.71
CA ASN B 241 -10.44 40.49 0.53
C ASN B 241 -11.62 39.57 0.84
N GLN B 242 -11.64 38.95 2.02
CA GLN B 242 -12.76 38.12 2.43
C GLN B 242 -14.03 38.92 2.69
N THR B 243 -13.95 40.25 2.69
CA THR B 243 -15.16 41.07 2.83
C THR B 243 -16.03 40.98 1.58
N SER B 244 -15.47 40.52 0.47
CA SER B 244 -16.18 40.48 -0.80
C SER B 244 -16.04 39.11 -1.45
N ALA B 245 -17.12 38.67 -2.09
CA ALA B 245 -17.19 37.45 -2.92
C ALA B 245 -16.78 36.24 -2.08
N THR B 246 -16.01 35.31 -2.65
CA THR B 246 -15.65 34.07 -2.01
C THR B 246 -14.24 33.70 -2.44
N PHE B 247 -13.53 32.97 -1.59
CA PHE B 247 -12.10 32.80 -1.82
C PHE B 247 -11.63 31.40 -1.41
N LEU B 248 -10.59 30.94 -2.08
CA LEU B 248 -9.86 29.72 -1.74
C LEU B 248 -8.37 29.98 -1.88
N ARG B 249 -7.59 29.51 -0.91
CA ARG B 249 -6.14 29.56 -0.97
C ARG B 249 -5.58 28.14 -1.08
N VAL B 250 -4.70 27.94 -2.06
CA VAL B 250 -4.06 26.66 -2.29
C VAL B 250 -2.56 26.85 -2.11
N VAL B 251 -1.86 25.73 -1.86
CA VAL B 251 -0.41 25.74 -1.68
C VAL B 251 0.20 24.79 -2.69
N GLY B 252 0.93 25.33 -3.66
CA GLY B 252 1.80 24.55 -4.51
C GLY B 252 1.07 23.63 -5.47
N SER B 253 1.88 22.98 -6.32
CA SER B 253 1.44 21.95 -7.25
C SER B 253 1.50 20.56 -6.64
N GLU B 254 1.75 20.46 -5.33
CA GLU B 254 2.01 19.23 -4.60
C GLU B 254 1.05 18.10 -4.95
N LEU B 255 -0.24 18.42 -5.14
CA LEU B 255 -1.22 17.40 -5.46
C LEU B 255 -0.93 16.70 -6.79
N ILE B 256 -0.18 17.35 -7.69
CA ILE B 256 0.26 16.67 -8.91
C ILE B 256 1.51 15.85 -8.67
N GLN B 257 2.47 16.41 -7.93
CA GLN B 257 3.77 15.76 -7.74
C GLN B 257 3.71 14.50 -6.89
N LYS B 258 2.56 14.21 -6.27
CA LYS B 258 2.42 13.05 -5.43
C LYS B 258 2.48 11.72 -6.18
N TYR B 259 2.47 11.76 -7.52
CA TYR B 259 2.30 10.57 -8.33
C TYR B 259 2.43 10.97 -9.79
N LEU B 260 2.69 9.98 -10.64
CA LEU B 260 2.80 10.24 -12.07
C LEU B 260 1.44 10.66 -12.62
N GLY B 261 1.44 11.71 -13.44
CA GLY B 261 0.21 12.33 -13.89
C GLY B 261 -0.83 11.37 -14.43
N ASP B 262 -2.12 11.45 -14.03
CA ASP B 262 -2.76 12.38 -13.07
C ASP B 262 -2.83 13.83 -13.59
N GLY B 263 -2.06 14.13 -14.64
CA GLY B 263 -2.11 15.40 -15.32
C GLY B 263 -2.04 16.59 -14.39
N PRO B 264 -2.65 17.70 -14.80
CA PRO B 264 -3.05 18.74 -13.83
C PRO B 264 -4.28 18.36 -13.03
N LYS B 265 -4.99 17.29 -13.41
CA LYS B 265 -6.44 17.15 -13.28
C LYS B 265 -7.01 17.63 -11.95
N LEU B 266 -6.31 17.39 -10.85
CA LEU B 266 -6.78 17.93 -9.57
C LEU B 266 -6.74 19.45 -9.56
N VAL B 267 -5.82 20.06 -10.31
CA VAL B 267 -5.87 21.50 -10.51
C VAL B 267 -6.99 21.87 -11.47
N ARG B 268 -7.25 21.02 -12.47
CA ARG B 268 -8.32 21.28 -13.43
C ARG B 268 -9.65 21.48 -12.72
N GLU B 269 -10.05 20.52 -11.89
CA GLU B 269 -11.31 20.64 -11.17
C GLU B 269 -11.28 21.84 -10.23
N LEU B 270 -10.18 22.01 -9.49
CA LEU B 270 -10.02 23.21 -8.66
C LEU B 270 -10.15 24.47 -9.49
N PHE B 271 -9.74 24.42 -10.76
CA PHE B 271 -9.92 25.57 -11.64
C PHE B 271 -11.36 25.70 -12.11
N ARG B 272 -11.98 24.60 -12.52
CA ARG B 272 -13.33 24.64 -13.06
C ARG B 272 -14.42 24.49 -12.00
N VAL B 273 -14.07 24.10 -10.77
CA VAL B 273 -15.04 24.22 -9.68
C VAL B 273 -15.10 25.65 -9.17
N ALA B 274 -14.05 26.44 -9.42
CA ALA B 274 -14.15 27.87 -9.19
C ALA B 274 -15.11 28.51 -10.18
N GLU B 275 -15.29 27.89 -11.35
CA GLU B 275 -16.38 28.29 -12.24
C GLU B 275 -17.73 27.91 -11.65
N GLU B 276 -17.80 26.75 -10.99
CA GLU B 276 -19.01 26.37 -10.29
C GLU B 276 -19.31 27.35 -9.16
N HIS B 277 -18.28 27.91 -8.53
CA HIS B 277 -18.42 28.92 -7.50
C HIS B 277 -18.29 30.33 -8.02
N ALA B 278 -18.13 30.51 -9.33
CA ALA B 278 -17.98 31.83 -9.92
C ALA B 278 -19.23 32.69 -9.69
N PRO B 279 -19.03 33.98 -9.36
CA PRO B 279 -17.73 34.63 -9.18
C PRO B 279 -17.04 34.27 -7.86
N SER B 280 -15.72 34.16 -7.89
CA SER B 280 -14.94 33.80 -6.72
C SER B 280 -13.52 34.31 -6.89
N ILE B 281 -12.63 33.90 -5.99
CA ILE B 281 -11.21 34.22 -6.05
C ILE B 281 -10.42 33.00 -5.58
N VAL B 282 -9.32 32.71 -6.26
CA VAL B 282 -8.45 31.59 -5.91
C VAL B 282 -7.00 32.06 -5.89
N PHE B 283 -6.25 31.59 -4.90
CA PHE B 283 -4.85 31.98 -4.73
C PHE B 283 -4.01 30.76 -4.42
N ILE B 284 -2.81 30.71 -5.00
CA ILE B 284 -1.84 29.64 -4.75
C ILE B 284 -0.63 30.28 -4.09
N ASP B 285 -0.25 29.75 -2.92
CA ASP B 285 0.76 30.38 -2.08
C ASP B 285 2.16 29.90 -2.45
N GLU B 286 3.01 30.84 -2.86
CA GLU B 286 4.44 30.63 -2.97
C GLU B 286 4.77 29.43 -3.86
N ILE B 287 4.58 29.63 -5.16
CA ILE B 287 4.76 28.53 -6.12
C ILE B 287 6.18 28.01 -5.98
N ASP B 288 6.28 26.72 -5.62
CA ASP B 288 7.55 26.04 -5.43
C ASP B 288 7.94 25.15 -6.60
N ALA B 289 7.17 25.16 -7.69
CA ALA B 289 7.19 24.11 -8.72
C ALA B 289 8.61 23.71 -9.12
N ILE B 290 9.33 24.58 -9.83
CA ILE B 290 10.75 24.37 -10.08
C ILE B 290 11.62 25.14 -9.10
N GLY B 291 11.03 25.95 -8.23
CA GLY B 291 11.78 26.58 -7.16
C GLY B 291 12.34 25.53 -6.22
N THR B 292 11.45 24.71 -5.67
CA THR B 292 11.87 23.46 -5.05
C THR B 292 12.07 22.42 -6.14
N LYS B 293 12.95 21.45 -5.87
CA LYS B 293 13.36 20.47 -6.87
C LYS B 293 12.78 19.10 -6.56
N ARG B 294 13.20 18.46 -5.47
CA ARG B 294 12.80 17.10 -5.18
C ARG B 294 11.32 17.04 -4.82
N TYR B 295 10.75 15.84 -4.95
CA TYR B 295 9.34 15.58 -4.75
C TYR B 295 9.13 14.61 -3.58
N ASP B 296 7.95 14.69 -2.98
CA ASP B 296 7.50 13.62 -2.11
C ASP B 296 6.90 12.48 -2.93
N SER B 297 6.91 11.28 -2.36
CA SER B 297 6.31 10.08 -2.96
C SER B 297 7.05 9.79 -4.27
N ASN B 298 6.36 9.65 -5.40
CA ASN B 298 6.99 9.35 -6.68
C ASN B 298 6.58 10.39 -7.70
N SER B 299 7.55 10.92 -8.44
CA SER B 299 7.26 11.90 -9.49
C SER B 299 8.39 11.93 -10.49
N GLY B 300 8.07 12.40 -11.69
CA GLY B 300 9.06 12.69 -12.71
C GLY B 300 8.46 12.61 -14.11
N GLY B 301 9.19 13.07 -15.11
CA GLY B 301 10.45 13.78 -14.90
C GLY B 301 10.20 15.27 -14.75
N GLU B 302 11.16 16.08 -15.17
CA GLU B 302 10.98 17.53 -15.10
C GLU B 302 9.84 18.00 -16.00
N ARG B 303 9.76 17.46 -17.22
CA ARG B 303 8.80 17.98 -18.19
C ARG B 303 7.37 17.76 -17.75
N GLU B 304 7.07 16.61 -17.13
CA GLU B 304 5.71 16.37 -16.66
C GLU B 304 5.36 17.30 -15.51
N ILE B 305 6.34 17.67 -14.69
CA ILE B 305 6.14 18.72 -13.70
C ILE B 305 6.21 20.09 -14.36
N GLN B 306 7.03 20.23 -15.41
CA GLN B 306 7.07 21.48 -16.16
C GLN B 306 5.75 21.72 -16.88
N ARG B 307 5.17 20.67 -17.47
CA ARG B 307 3.95 20.84 -18.24
C ARG B 307 2.72 20.98 -17.35
N THR B 308 2.71 20.36 -16.16
CA THR B 308 1.58 20.54 -15.26
C THR B 308 1.52 21.98 -14.75
N MET B 309 2.65 22.68 -14.71
CA MET B 309 2.63 24.13 -14.54
C MET B 309 2.34 24.83 -15.87
N LEU B 310 2.89 24.31 -16.97
CA LEU B 310 2.58 24.86 -18.28
C LEU B 310 1.11 24.69 -18.63
N GLU B 311 0.51 23.55 -18.24
CA GLU B 311 -0.92 23.37 -18.41
C GLU B 311 -1.72 24.20 -17.42
N LEU B 312 -1.16 24.46 -16.23
CA LEU B 312 -1.82 25.30 -15.25
C LEU B 312 -2.15 26.67 -15.84
N LEU B 313 -1.18 27.29 -16.52
CA LEU B 313 -1.46 28.54 -17.20
C LEU B 313 -2.28 28.32 -18.46
N ASN B 314 -1.93 27.29 -19.25
CA ASN B 314 -2.62 27.06 -20.52
C ASN B 314 -4.08 26.69 -20.32
N GLN B 315 -4.43 26.06 -19.21
CA GLN B 315 -5.85 25.91 -18.88
C GLN B 315 -6.45 27.24 -18.45
N LEU B 316 -5.70 28.01 -17.65
CA LEU B 316 -6.08 29.35 -17.25
C LEU B 316 -5.94 30.36 -18.38
N ASP B 317 -5.31 29.97 -19.48
CA ASP B 317 -4.96 30.87 -20.58
C ASP B 317 -6.12 31.79 -21.04
N GLY B 318 -7.24 31.26 -21.55
CA GLY B 318 -7.59 29.85 -21.65
C GLY B 318 -8.42 29.73 -22.91
N PHE B 319 -8.81 28.51 -23.28
CA PHE B 319 -9.56 28.36 -24.52
C PHE B 319 -10.98 27.86 -24.31
N ASP B 320 -11.95 28.77 -24.37
CA ASP B 320 -11.70 30.18 -24.10
C ASP B 320 -12.56 30.59 -22.92
N SER B 321 -11.92 30.86 -21.78
CA SER B 321 -12.59 30.91 -20.50
C SER B 321 -12.75 32.36 -20.02
N ARG B 322 -14.00 32.78 -19.85
CA ARG B 322 -14.28 34.05 -19.18
C ARG B 322 -14.25 33.91 -17.67
N GLY B 323 -14.38 32.68 -17.16
CA GLY B 323 -14.63 32.43 -15.76
C GLY B 323 -13.68 33.06 -14.77
N ASP B 324 -14.24 33.78 -13.81
CA ASP B 324 -13.49 34.32 -12.68
C ASP B 324 -14.26 33.99 -11.40
N VAL B 325 -13.65 33.50 -10.31
CA VAL B 325 -12.22 33.18 -10.07
C VAL B 325 -11.19 34.19 -10.61
N LYS B 326 -11.15 35.36 -9.97
CA LYS B 326 -10.02 36.26 -10.16
C LYS B 326 -8.78 35.61 -9.57
N VAL B 327 -7.73 35.47 -10.37
CA VAL B 327 -6.61 34.61 -10.04
C VAL B 327 -5.54 35.42 -9.33
N ILE B 328 -5.29 35.10 -8.07
CA ILE B 328 -4.19 35.66 -7.29
C ILE B 328 -3.08 34.61 -7.24
N MET B 329 -1.85 35.02 -7.52
CA MET B 329 -0.72 34.10 -7.52
C MET B 329 0.49 34.78 -6.89
N ALA B 330 1.31 33.99 -6.20
CA ALA B 330 2.48 34.53 -5.53
C ALA B 330 3.59 33.49 -5.48
N THR B 331 4.82 33.98 -5.59
CA THR B 331 6.01 33.26 -5.13
C THR B 331 7.04 34.30 -4.72
N ASN B 332 7.79 34.02 -3.65
CA ASN B 332 8.74 35.00 -3.15
C ASN B 332 10.04 35.02 -3.94
N ARG B 333 10.25 34.05 -4.83
CA ARG B 333 11.41 34.01 -5.71
C ARG B 333 10.92 34.23 -7.14
N ILE B 334 11.24 35.39 -7.71
CA ILE B 334 10.79 35.70 -9.06
C ILE B 334 11.56 34.91 -10.11
N GLU B 335 12.71 34.36 -9.75
CA GLU B 335 13.59 33.66 -10.67
C GLU B 335 12.92 32.47 -11.35
N THR B 336 12.57 31.44 -10.56
CA THR B 336 12.30 30.12 -11.09
C THR B 336 11.06 30.05 -11.99
N LEU B 337 10.11 30.96 -11.82
CA LEU B 337 8.91 30.91 -12.66
C LEU B 337 9.28 31.15 -14.13
N ASP B 338 8.58 30.44 -15.01
CA ASP B 338 8.70 30.71 -16.43
C ASP B 338 8.16 32.11 -16.72
N PRO B 339 8.98 33.02 -17.26
CA PRO B 339 8.54 34.41 -17.43
C PRO B 339 7.31 34.57 -18.32
N ALA B 340 6.96 33.56 -19.12
CA ALA B 340 5.80 33.66 -19.99
C ALA B 340 4.47 33.66 -19.24
N LEU B 341 4.49 33.39 -17.93
CA LEU B 341 3.25 33.41 -17.15
C LEU B 341 2.67 34.81 -17.03
N ILE B 342 3.48 35.85 -17.23
CA ILE B 342 3.03 37.21 -16.97
C ILE B 342 2.06 37.68 -18.06
N ARG B 343 2.43 37.49 -19.32
CA ARG B 343 1.73 38.15 -20.42
C ARG B 343 0.26 37.77 -20.52
N PRO B 344 -0.14 36.48 -20.56
CA PRO B 344 -1.58 36.19 -20.57
C PRO B 344 -2.28 36.67 -19.33
N GLY B 345 -1.76 36.36 -18.16
CA GLY B 345 -2.17 37.01 -16.93
C GLY B 345 -1.52 36.41 -15.70
N ARG B 346 -1.43 37.19 -14.62
CA ARG B 346 -1.77 38.61 -14.65
C ARG B 346 -0.64 39.42 -15.28
N ILE B 347 -0.99 40.25 -16.27
CA ILE B 347 0.00 41.04 -16.97
C ILE B 347 0.38 42.28 -16.16
N ASP B 348 -0.60 42.97 -15.62
CA ASP B 348 -0.37 44.32 -15.10
C ASP B 348 0.22 44.35 -13.70
N ARG B 349 0.08 43.30 -12.89
CA ARG B 349 0.42 43.41 -11.48
C ARG B 349 1.27 42.24 -11.01
N LYS B 350 2.45 42.56 -10.48
CA LYS B 350 3.14 41.74 -9.51
C LYS B 350 3.63 42.66 -8.41
N ILE B 351 3.12 42.46 -7.19
CA ILE B 351 3.33 43.41 -6.10
C ILE B 351 4.75 43.27 -5.56
N GLU B 352 5.44 44.40 -5.41
CA GLU B 352 6.76 44.40 -4.78
C GLU B 352 6.57 44.65 -3.29
N PHE B 353 7.09 43.74 -2.45
CA PHE B 353 6.98 43.88 -1.01
C PHE B 353 8.22 44.57 -0.48
N PRO B 354 8.14 45.83 -0.03
CA PRO B 354 9.30 46.47 0.58
C PRO B 354 9.53 45.95 2.00
N LEU B 355 10.80 45.86 2.37
CA LEU B 355 11.15 45.49 3.73
C LEU B 355 10.79 46.64 4.68
N PRO B 356 10.44 46.34 5.92
CA PRO B 356 9.97 47.40 6.83
C PRO B 356 11.06 48.41 7.15
N ASP B 357 10.68 49.68 7.18
CA ASP B 357 11.56 50.77 7.55
C ASP B 357 11.40 51.05 9.05
N GLU B 358 12.04 52.12 9.53
CA GLU B 358 12.07 52.38 10.96
C GLU B 358 10.67 52.71 11.51
N LYS B 359 9.95 53.62 10.85
CA LYS B 359 8.64 54.00 11.35
C LYS B 359 7.56 52.98 10.99
N THR B 360 7.75 52.23 9.90
CA THR B 360 6.85 51.13 9.61
C THR B 360 6.89 50.09 10.73
N LYS B 361 8.10 49.74 11.20
CA LYS B 361 8.23 48.89 12.37
C LYS B 361 7.53 49.52 13.58
N LYS B 362 7.61 50.84 13.70
CA LYS B 362 6.86 51.52 14.75
C LYS B 362 5.36 51.44 14.51
N ARG B 363 4.94 51.66 13.26
CA ARG B 363 3.53 51.56 12.94
C ARG B 363 3.01 50.14 13.14
N ILE B 364 3.85 49.15 12.90
CA ILE B 364 3.43 47.75 12.99
C ILE B 364 3.41 47.28 14.45
N PHE B 365 4.42 47.67 15.23
CA PHE B 365 4.66 47.05 16.53
C PHE B 365 3.51 47.28 17.49
N GLN B 366 3.06 48.53 17.63
CA GLN B 366 2.07 48.86 18.65
C GLN B 366 0.75 48.11 18.46
N ILE B 367 0.46 47.66 17.25
CA ILE B 367 -0.77 46.91 17.00
C ILE B 367 -0.79 45.62 17.82
N HIS B 368 0.38 45.01 18.01
CA HIS B 368 0.46 43.80 18.83
C HIS B 368 0.37 44.15 20.31
N THR B 369 1.32 44.95 20.81
CA THR B 369 1.36 45.34 22.21
C THR B 369 0.17 46.20 22.64
N SER B 370 -0.70 46.59 21.71
CA SER B 370 -1.95 47.25 22.10
C SER B 370 -2.71 46.41 23.11
N ARG B 371 -2.81 45.10 22.86
CA ARG B 371 -3.51 44.20 23.77
C ARG B 371 -2.64 43.80 24.95
N MET B 372 -1.36 43.53 24.72
CA MET B 372 -0.46 43.13 25.80
C MET B 372 -0.01 44.37 26.56
N THR B 373 -0.37 44.45 27.84
CA THR B 373 -0.08 45.65 28.61
C THR B 373 1.41 45.71 28.92
N LEU B 374 2.06 46.79 28.50
CA LEU B 374 3.46 47.02 28.78
C LEU B 374 3.65 47.60 30.19
N ALA B 375 4.83 47.37 30.74
CA ALA B 375 5.20 47.99 32.01
C ALA B 375 5.55 49.46 31.78
N ASP B 376 5.98 50.12 32.87
CA ASP B 376 6.22 51.56 32.79
C ASP B 376 7.42 51.88 31.89
N ASP B 377 8.50 51.12 32.03
CA ASP B 377 9.73 51.42 31.30
C ASP B 377 9.70 50.91 29.86
N VAL B 378 8.68 50.16 29.46
CA VAL B 378 8.64 49.59 28.13
C VAL B 378 8.40 50.69 27.11
N THR B 379 9.21 50.71 26.06
CA THR B 379 9.08 51.68 24.98
C THR B 379 9.20 50.97 23.64
N LEU B 380 8.28 51.31 22.73
CA LEU B 380 8.28 50.70 21.41
C LEU B 380 9.52 51.10 20.63
N ASP B 381 9.84 52.39 20.60
CA ASP B 381 10.85 52.95 19.71
C ASP B 381 12.24 52.34 19.91
N ASP B 382 12.86 52.62 21.06
CA ASP B 382 14.30 52.43 21.23
C ASP B 382 14.77 51.05 20.78
N LEU B 383 14.04 50.00 21.17
CA LEU B 383 14.41 48.64 20.79
C LEU B 383 14.44 48.49 19.26
N ILE B 384 13.28 48.63 18.62
CA ILE B 384 13.23 48.50 17.16
C ILE B 384 13.96 49.64 16.46
N MET B 385 14.23 50.74 17.17
CA MET B 385 15.05 51.81 16.60
C MET B 385 16.48 51.35 16.39
N ALA B 386 17.04 50.62 17.36
CA ALA B 386 18.39 50.12 17.24
C ALA B 386 18.46 48.89 16.35
N LYS B 387 17.43 48.03 16.39
CA LYS B 387 17.43 46.82 15.59
C LYS B 387 17.17 47.14 14.12
N ASP B 388 17.74 46.32 13.24
CA ASP B 388 17.72 46.59 11.81
C ASP B 388 17.28 45.35 11.04
N ASP B 389 16.61 45.59 9.92
CA ASP B 389 16.24 44.54 8.96
C ASP B 389 15.44 43.42 9.63
N LEU B 390 14.37 43.81 10.31
CA LEU B 390 13.50 42.85 10.95
C LEU B 390 12.43 42.37 9.98
N SER B 391 11.53 41.53 10.49
CA SER B 391 10.38 41.06 9.75
C SER B 391 9.12 41.35 10.56
N GLY B 392 8.02 41.61 9.85
CA GLY B 392 6.75 41.82 10.53
C GLY B 392 6.35 40.64 11.39
N ALA B 393 6.72 39.42 10.98
CA ALA B 393 6.43 38.24 11.78
C ALA B 393 7.22 38.25 13.08
N ASP B 394 8.52 38.54 13.00
CA ASP B 394 9.34 38.63 14.20
C ASP B 394 8.82 39.72 15.13
N ILE B 395 8.71 40.95 14.61
CA ILE B 395 8.23 42.07 15.43
C ILE B 395 6.84 41.79 15.99
N LYS B 396 6.09 40.88 15.37
CA LYS B 396 4.88 40.36 16.00
C LYS B 396 5.21 39.27 17.02
N ALA B 397 6.16 38.39 16.70
CA ALA B 397 6.50 37.26 17.55
C ALA B 397 7.51 37.61 18.63
N ILE B 398 8.10 38.81 18.61
CA ILE B 398 8.98 39.19 19.71
C ILE B 398 8.19 39.40 20.98
N CYS B 399 6.88 39.64 20.87
CA CYS B 399 6.05 39.79 22.06
C CYS B 399 5.70 38.46 22.70
N THR B 400 5.86 37.34 21.96
CA THR B 400 5.49 36.04 22.50
C THR B 400 6.46 35.55 23.56
N GLU B 401 7.74 35.93 23.47
CA GLU B 401 8.71 35.52 24.47
C GLU B 401 8.36 36.10 25.85
N ALA B 402 7.86 37.34 25.88
CA ALA B 402 7.35 37.88 27.12
C ALA B 402 6.04 37.22 27.51
N GLY B 403 5.29 36.72 26.52
CA GLY B 403 4.12 35.90 26.79
C GLY B 403 4.45 34.53 27.36
N LEU B 404 5.72 34.25 27.60
CA LEU B 404 6.12 33.02 28.31
C LEU B 404 6.40 33.34 29.78
N MET B 405 7.50 34.05 30.04
CA MET B 405 7.95 34.27 31.41
C MET B 405 6.91 35.02 32.22
N ALA B 406 6.34 36.09 31.66
CA ALA B 406 5.28 36.81 32.36
C ALA B 406 4.06 35.92 32.57
N LEU B 407 3.79 35.03 31.60
CA LEU B 407 2.75 34.03 31.77
C LEU B 407 3.20 32.84 32.59
N ARG B 408 4.52 32.59 32.66
CA ARG B 408 5.03 31.62 33.62
C ARG B 408 4.84 32.10 35.04
N GLU B 409 5.00 33.41 35.27
CA GLU B 409 4.58 34.03 36.51
C GLU B 409 3.10 34.37 36.51
N ARG B 410 2.40 34.12 35.41
CA ARG B 410 0.99 34.43 35.24
C ARG B 410 0.73 35.91 35.51
N ARG B 411 1.30 36.74 34.65
CA ARG B 411 1.18 38.19 34.73
C ARG B 411 0.58 38.71 33.44
N MET B 412 -0.41 39.59 33.56
CA MET B 412 -1.05 40.18 32.39
C MET B 412 -0.19 41.22 31.70
N LYS B 413 0.95 41.59 32.30
CA LYS B 413 1.72 42.74 31.87
C LYS B 413 3.10 42.32 31.36
N VAL B 414 3.51 42.96 30.27
CA VAL B 414 4.85 42.77 29.72
C VAL B 414 5.84 43.62 30.50
N THR B 415 7.07 43.13 30.62
CA THR B 415 8.15 43.88 31.25
C THR B 415 9.31 44.02 30.27
N ASN B 416 9.76 45.26 30.05
CA ASN B 416 10.85 45.47 29.11
C ASN B 416 12.17 44.93 29.64
N GLU B 417 12.34 44.92 30.97
CA GLU B 417 13.53 44.29 31.54
C GLU B 417 13.64 42.85 31.06
N ASP B 418 12.53 42.14 30.95
CA ASP B 418 12.52 40.87 30.26
C ASP B 418 12.50 41.08 28.74
N PHE B 419 11.60 41.95 28.26
CA PHE B 419 11.42 42.12 26.82
C PHE B 419 12.72 42.53 26.13
N LYS B 420 13.54 43.36 26.77
CA LYS B 420 14.92 43.55 26.35
C LYS B 420 15.67 42.22 26.42
N LYS B 421 15.81 41.68 27.64
CA LYS B 421 16.63 40.49 27.85
C LYS B 421 16.09 39.29 27.07
N SER B 422 14.77 39.12 27.03
CA SER B 422 14.20 37.99 26.30
C SER B 422 14.34 38.18 24.80
N LYS B 423 14.32 39.45 24.33
CA LYS B 423 14.53 39.71 22.91
C LYS B 423 15.82 39.08 22.41
N GLU B 424 16.83 38.98 23.29
CA GLU B 424 18.05 38.28 22.93
C GLU B 424 17.75 36.87 22.42
N ASN B 425 16.73 36.22 22.98
CA ASN B 425 16.36 34.88 22.51
C ASN B 425 15.85 34.92 21.08
N VAL B 426 14.92 35.84 20.78
CA VAL B 426 14.52 36.03 19.39
C VAL B 426 15.66 36.64 18.59
N LEU B 427 16.48 37.49 19.22
CA LEU B 427 17.71 37.93 18.56
C LEU B 427 18.63 36.75 18.31
N TYR B 428 18.79 35.87 19.32
CA TYR B 428 19.49 34.62 19.10
C TYR B 428 18.78 33.76 18.06
N LYS B 429 17.45 33.88 17.97
CA LYS B 429 16.71 33.14 16.97
C LYS B 429 17.07 33.60 15.55
N LYS B 430 17.22 34.92 15.36
CA LYS B 430 17.64 35.40 14.05
C LYS B 430 19.16 35.32 13.87
N GLN B 431 19.93 35.67 14.90
CA GLN B 431 21.39 35.61 14.83
C GLN B 431 21.89 34.19 14.58
N GLU B 432 21.73 33.32 15.57
CA GLU B 432 22.29 31.97 15.48
C GLU B 432 21.38 31.01 14.73
N GLY B 433 20.10 31.34 14.58
CA GLY B 433 19.18 30.45 13.89
C GLY B 433 18.69 31.01 12.57
N LEU C 3 -78.49 -29.38 66.19
CA LEU C 3 -79.44 -30.36 65.67
C LEU C 3 -78.90 -31.77 65.85
N GLU C 4 -77.57 -31.89 65.78
CA GLU C 4 -76.83 -33.13 66.00
C GLU C 4 -76.99 -34.11 64.85
N GLU C 5 -77.95 -33.85 63.95
CA GLU C 5 -78.13 -34.68 62.76
C GLU C 5 -77.10 -34.44 61.64
N GLY C 6 -76.83 -33.20 61.23
CA GLY C 6 -77.45 -31.97 61.71
C GLY C 6 -76.58 -30.77 61.41
N LYS C 7 -76.90 -29.62 62.02
CA LYS C 7 -76.06 -28.44 61.84
C LYS C 7 -74.70 -28.64 62.49
N ALA C 8 -74.68 -29.25 63.68
CA ALA C 8 -73.40 -29.69 64.24
C ALA C 8 -72.81 -30.83 63.43
N GLY C 9 -73.65 -31.69 62.85
CA GLY C 9 -73.19 -32.70 61.94
C GLY C 9 -72.75 -32.17 60.59
N SER C 10 -73.38 -31.09 60.11
CA SER C 10 -72.95 -30.44 58.88
C SER C 10 -71.52 -29.93 58.98
N GLY C 11 -71.01 -29.65 60.19
CA GLY C 11 -69.61 -29.35 60.35
C GLY C 11 -68.71 -30.48 59.90
N LEU C 12 -69.13 -31.73 60.14
CA LEU C 12 -68.37 -32.87 59.64
C LEU C 12 -68.65 -33.13 58.17
N ARG C 13 -69.92 -33.02 57.76
CA ARG C 13 -70.27 -33.21 56.35
C ARG C 13 -69.53 -32.23 55.46
N GLN C 14 -69.68 -30.93 55.74
CA GLN C 14 -68.98 -29.91 54.96
C GLN C 14 -67.47 -30.03 55.09
N TYR C 15 -66.99 -30.62 56.18
CA TYR C 15 -65.55 -30.79 56.33
C TYR C 15 -64.99 -31.78 55.33
N TYR C 16 -65.75 -32.85 55.05
CA TYR C 16 -65.31 -33.79 54.01
C TYR C 16 -65.07 -33.07 52.69
N LEU C 17 -66.02 -32.23 52.28
CA LEU C 17 -65.83 -31.41 51.10
C LEU C 17 -64.85 -30.25 51.33
N SER C 18 -64.52 -29.95 52.58
CA SER C 18 -63.44 -29.00 52.84
C SER C 18 -62.08 -29.67 52.72
N LYS C 19 -61.94 -30.90 53.25
CA LYS C 19 -60.70 -31.64 53.10
C LYS C 19 -60.44 -32.01 51.66
N ILE C 20 -61.48 -32.39 50.91
CA ILE C 20 -61.34 -32.59 49.48
C ILE C 20 -61.19 -31.26 48.73
N GLU C 21 -61.74 -30.17 49.27
CA GLU C 21 -61.45 -28.86 48.70
C GLU C 21 -59.96 -28.55 48.78
N GLU C 22 -59.36 -28.71 49.96
CA GLU C 22 -57.92 -28.50 50.11
C GLU C 22 -57.13 -29.48 49.24
N LEU C 23 -57.57 -30.74 49.20
CA LEU C 23 -56.97 -31.72 48.29
C LEU C 23 -57.06 -31.23 46.85
N GLN C 24 -58.28 -31.04 46.34
CA GLN C 24 -58.48 -30.53 44.99
C GLN C 24 -57.79 -29.18 44.78
N LEU C 25 -57.71 -28.35 45.81
CA LEU C 25 -56.94 -27.11 45.70
C LEU C 25 -55.46 -27.40 45.50
N ILE C 26 -54.92 -28.31 46.31
CA ILE C 26 -53.54 -28.77 46.13
C ILE C 26 -53.35 -29.36 44.74
N VAL C 27 -54.32 -30.15 44.28
CA VAL C 27 -54.23 -30.71 42.94
C VAL C 27 -54.50 -29.65 41.88
N ASN C 28 -55.29 -28.62 42.23
CA ASN C 28 -55.51 -27.53 41.28
C ASN C 28 -54.21 -26.79 40.98
N ASP C 29 -53.42 -26.52 42.01
CA ASP C 29 -52.11 -25.93 41.79
C ASP C 29 -51.20 -26.87 41.01
N LYS C 30 -51.33 -28.19 41.25
CA LYS C 30 -50.58 -29.17 40.46
C LYS C 30 -50.85 -29.00 38.97
N SER C 31 -52.05 -28.59 38.61
CA SER C 31 -52.32 -28.21 37.22
C SER C 31 -51.83 -26.81 36.91
N GLN C 32 -51.89 -25.89 37.88
CA GLN C 32 -51.61 -24.48 37.61
C GLN C 32 -50.17 -24.25 37.20
N ASN C 33 -49.22 -24.86 37.91
CA ASN C 33 -47.82 -24.66 37.55
C ASN C 33 -47.46 -25.43 36.28
N LEU C 34 -48.12 -26.57 36.04
CA LEU C 34 -47.95 -27.24 34.77
C LEU C 34 -48.69 -26.53 33.64
N ARG C 35 -49.62 -25.63 33.96
CA ARG C 35 -50.09 -24.67 32.98
C ARG C 35 -48.99 -23.68 32.61
N ARG C 36 -48.22 -23.22 33.60
CA ARG C 36 -47.08 -22.37 33.33
C ARG C 36 -46.04 -23.10 32.48
N LEU C 37 -45.79 -24.38 32.77
CA LEU C 37 -44.88 -25.16 31.95
C LEU C 37 -45.48 -25.50 30.59
N GLN C 38 -46.78 -25.78 30.55
CA GLN C 38 -47.43 -25.99 29.27
C GLN C 38 -47.39 -24.74 28.41
N ALA C 39 -47.71 -23.58 28.99
CA ALA C 39 -47.61 -22.32 28.27
C ALA C 39 -46.16 -21.96 27.95
N GLN C 40 -45.21 -22.38 28.81
CA GLN C 40 -43.80 -22.20 28.55
C GLN C 40 -43.42 -22.83 27.22
N ARG C 41 -43.55 -24.16 27.13
CA ARG C 41 -43.23 -24.88 25.90
C ARG C 41 -44.23 -24.61 24.79
N ASN C 42 -45.40 -24.05 25.11
CA ASN C 42 -46.33 -23.62 24.06
C ASN C 42 -45.81 -22.35 23.39
N GLU C 43 -45.35 -21.39 24.19
CA GLU C 43 -44.70 -20.21 23.63
C GLU C 43 -43.40 -20.61 22.93
N LEU C 44 -42.71 -21.63 23.45
CA LEU C 44 -41.55 -22.18 22.73
C LEU C 44 -41.97 -22.87 21.45
N ASN C 45 -43.18 -23.44 21.40
CA ASN C 45 -43.71 -23.93 20.14
C ASN C 45 -44.02 -22.77 19.19
N ALA C 46 -44.43 -21.61 19.74
CA ALA C 46 -44.51 -20.41 18.94
C ALA C 46 -43.14 -19.88 18.57
N LYS C 47 -42.10 -20.25 19.33
CA LYS C 47 -40.75 -19.87 18.97
C LYS C 47 -40.19 -20.73 17.83
N VAL C 48 -40.53 -22.02 17.80
CA VAL C 48 -40.10 -22.85 16.68
C VAL C 48 -40.95 -22.58 15.45
N ARG C 49 -42.19 -22.13 15.64
CA ARG C 49 -42.96 -21.61 14.50
C ARG C 49 -42.42 -20.26 14.06
N LEU C 50 -42.03 -19.40 15.00
CA LEU C 50 -41.32 -18.19 14.63
C LEU C 50 -39.94 -18.50 14.06
N LEU C 51 -39.28 -19.53 14.57
CA LEU C 51 -38.02 -19.96 13.98
C LEU C 51 -38.21 -20.35 12.52
N ARG C 52 -39.19 -21.22 12.25
CA ARG C 52 -39.49 -21.59 10.86
C ARG C 52 -40.00 -20.41 10.05
N GLU C 53 -40.78 -19.53 10.68
CA GLU C 53 -41.28 -18.36 9.96
C GLU C 53 -40.14 -17.43 9.57
N GLU C 54 -39.25 -17.12 10.52
CA GLU C 54 -38.04 -16.39 10.16
C GLU C 54 -37.13 -17.26 9.30
N LEU C 55 -37.20 -18.59 9.45
CA LEU C 55 -36.50 -19.46 8.53
C LEU C 55 -37.22 -19.53 7.19
N GLN C 56 -38.52 -19.22 7.17
CA GLN C 56 -39.22 -19.00 5.90
C GLN C 56 -39.00 -17.59 5.39
N LEU C 57 -38.94 -16.59 6.27
CA LEU C 57 -38.79 -15.21 5.80
C LEU C 57 -37.46 -15.00 5.08
N LEU C 58 -36.38 -15.60 5.59
CA LEU C 58 -35.06 -15.02 5.33
C LEU C 58 -34.43 -15.53 4.03
N GLN C 59 -34.97 -16.60 3.43
CA GLN C 59 -34.36 -17.10 2.20
C GLN C 59 -34.78 -16.31 0.97
N GLU C 60 -36.08 -16.03 0.83
CA GLU C 60 -36.58 -15.50 -0.44
C GLU C 60 -35.95 -14.15 -0.73
N GLN C 61 -35.24 -13.60 0.25
CA GLN C 61 -34.60 -12.30 0.25
C GLN C 61 -33.14 -12.33 0.67
N GLY C 62 -32.81 -13.00 1.78
CA GLY C 62 -31.48 -12.90 2.35
C GLY C 62 -31.49 -11.93 3.51
N SER C 63 -30.35 -11.25 3.69
CA SER C 63 -30.26 -10.00 4.45
C SER C 63 -28.83 -9.50 4.45
N TYR C 64 -28.65 -8.21 4.70
CA TYR C 64 -27.36 -7.56 4.55
C TYR C 64 -27.24 -6.46 5.59
N VAL C 65 -26.17 -5.66 5.48
CA VAL C 65 -25.93 -4.52 6.36
C VAL C 65 -25.42 -3.37 5.50
N GLY C 66 -26.07 -2.21 5.60
CA GLY C 66 -25.74 -1.05 4.79
C GLY C 66 -25.04 0.04 5.57
N GLU C 67 -24.65 1.07 4.82
CA GLU C 67 -24.06 2.30 5.39
C GLU C 67 -24.71 3.48 4.68
N VAL C 68 -25.34 4.36 5.46
CA VAL C 68 -26.03 5.53 4.91
C VAL C 68 -25.00 6.62 4.61
N VAL C 69 -24.90 7.02 3.34
CA VAL C 69 -24.06 8.15 2.97
C VAL C 69 -24.84 9.45 2.79
N ARG C 70 -26.16 9.43 2.88
CA ARG C 70 -27.02 10.60 2.72
C ARG C 70 -28.47 10.17 2.87
N ALA C 71 -29.33 11.15 3.15
CA ALA C 71 -30.78 10.94 3.20
C ALA C 71 -31.46 11.95 2.28
N MET C 72 -32.70 11.65 1.92
CA MET C 72 -33.42 12.38 0.90
C MET C 72 -34.61 13.13 1.49
N ASP C 73 -35.00 14.21 0.80
CA ASP C 73 -36.22 14.92 1.19
C ASP C 73 -37.47 14.09 0.90
N LYS C 74 -37.39 13.20 -0.10
CA LYS C 74 -38.47 12.27 -0.44
C LYS C 74 -38.65 11.16 0.58
N LYS C 75 -37.83 11.14 1.63
CA LYS C 75 -37.74 10.16 2.72
C LYS C 75 -36.79 9.02 2.38
N LYS C 76 -36.23 8.97 1.17
CA LYS C 76 -35.31 7.92 0.83
C LYS C 76 -33.96 8.18 1.51
N VAL C 77 -33.05 7.22 1.35
CA VAL C 77 -31.74 7.24 2.01
C VAL C 77 -30.71 6.69 1.04
N LEU C 78 -29.53 7.31 1.02
CA LEU C 78 -28.43 6.87 0.16
C LEU C 78 -27.59 5.85 0.92
N VAL C 79 -27.62 4.60 0.46
CA VAL C 79 -26.95 3.49 1.13
C VAL C 79 -26.29 2.61 0.06
N LYS C 80 -25.14 2.05 0.42
CA LYS C 80 -24.41 1.16 -0.46
C LYS C 80 -24.75 -0.30 -0.16
N VAL C 81 -24.82 -1.11 -1.21
CA VAL C 81 -24.68 -2.55 -1.09
C VAL C 81 -23.19 -2.81 -1.27
N HIS C 82 -22.50 -3.15 -0.20
CA HIS C 82 -21.06 -2.99 -0.12
C HIS C 82 -20.28 -3.91 -1.04
N PRO C 83 -20.64 -5.20 -1.17
CA PRO C 83 -19.99 -6.02 -2.21
C PRO C 83 -20.24 -5.55 -3.63
N GLU C 84 -21.18 -4.63 -3.86
CA GLU C 84 -21.66 -4.28 -5.19
C GLU C 84 -21.83 -2.77 -5.28
N GLY C 85 -22.49 -2.31 -6.33
CA GLY C 85 -22.81 -0.89 -6.44
C GLY C 85 -23.84 -0.45 -5.42
N LYS C 86 -23.95 0.87 -5.27
CA LYS C 86 -24.84 1.46 -4.29
C LYS C 86 -26.31 1.37 -4.72
N PHE C 87 -27.20 1.49 -3.73
CA PHE C 87 -28.63 1.68 -3.91
C PHE C 87 -29.04 3.02 -3.32
N VAL C 88 -30.32 3.36 -3.48
CA VAL C 88 -30.95 4.43 -2.70
C VAL C 88 -32.35 3.98 -2.33
N VAL C 89 -32.65 3.91 -1.03
CA VAL C 89 -33.89 3.29 -0.57
C VAL C 89 -34.55 4.17 0.48
N ASP C 90 -35.82 3.87 0.75
CA ASP C 90 -36.71 4.76 1.47
C ASP C 90 -36.93 4.30 2.93
N VAL C 91 -37.65 5.13 3.66
CA VAL C 91 -38.18 4.83 4.99
C VAL C 91 -39.19 3.67 4.87
N ASP C 92 -39.10 2.59 5.67
CA ASP C 92 -38.38 2.39 6.95
C ASP C 92 -38.91 3.33 8.02
N LYS C 93 -40.16 3.07 8.42
CA LYS C 93 -40.97 4.00 9.20
C LYS C 93 -40.75 3.93 10.70
N ASN C 94 -40.03 2.92 11.20
CA ASN C 94 -39.73 2.87 12.63
C ASN C 94 -38.68 3.92 12.98
N ILE C 95 -37.45 3.74 12.47
CA ILE C 95 -36.41 4.74 12.65
C ILE C 95 -36.57 5.81 11.59
N ASP C 96 -36.72 7.07 12.04
CA ASP C 96 -36.93 8.19 11.14
C ASP C 96 -35.60 8.65 10.55
N ILE C 97 -35.67 9.70 9.72
CA ILE C 97 -34.47 10.22 9.09
C ILE C 97 -33.57 10.91 10.11
N ASN C 98 -34.15 11.71 11.00
CA ASN C 98 -33.37 12.48 11.97
C ASN C 98 -32.75 11.61 13.06
N ASP C 99 -33.16 10.35 13.18
CA ASP C 99 -32.58 9.48 14.20
C ASP C 99 -31.17 9.06 13.84
N VAL C 100 -30.85 8.99 12.54
CA VAL C 100 -29.56 8.52 12.07
C VAL C 100 -28.98 9.58 11.13
N THR C 101 -27.65 9.68 11.13
CA THR C 101 -26.93 10.61 10.29
C THR C 101 -26.12 9.85 9.25
N PRO C 102 -25.81 10.49 8.11
CA PRO C 102 -24.97 9.82 7.11
C PRO C 102 -23.66 9.33 7.70
N ASN C 103 -23.10 8.29 7.06
CA ASN C 103 -21.95 7.54 7.56
C ASN C 103 -22.28 6.88 8.91
N CYS C 104 -23.23 5.95 8.84
CA CYS C 104 -23.62 5.15 9.98
C CYS C 104 -24.04 3.77 9.49
N ARG C 105 -23.94 2.78 10.37
CA ARG C 105 -24.20 1.40 10.02
C ARG C 105 -25.68 1.08 10.19
N VAL C 106 -26.31 0.59 9.13
CA VAL C 106 -27.69 0.14 9.16
C VAL C 106 -27.73 -1.26 8.55
N ALA C 107 -28.80 -1.99 8.85
CA ALA C 107 -29.00 -3.33 8.32
C ALA C 107 -29.81 -3.22 7.04
N LEU C 108 -29.17 -3.51 5.91
CA LEU C 108 -29.84 -3.42 4.62
C LEU C 108 -30.90 -4.50 4.53
N ARG C 109 -32.14 -4.11 4.28
CA ARG C 109 -33.18 -5.11 4.13
C ARG C 109 -33.07 -5.79 2.78
N ASN C 110 -33.57 -7.02 2.75
CA ASN C 110 -33.33 -7.98 1.69
C ASN C 110 -34.50 -8.14 0.72
N ASP C 111 -35.63 -7.51 0.97
CA ASP C 111 -36.84 -7.71 0.17
C ASP C 111 -37.21 -6.43 -0.57
N SER C 112 -37.62 -5.38 0.17
CA SER C 112 -37.79 -4.06 -0.40
C SER C 112 -36.45 -3.34 -0.52
N TYR C 113 -35.35 -4.00 -0.15
CA TYR C 113 -34.00 -3.44 -0.14
C TYR C 113 -33.91 -2.18 0.71
N THR C 114 -34.78 -2.10 1.72
CA THR C 114 -34.83 -1.00 2.68
C THR C 114 -33.77 -1.23 3.76
N LEU C 115 -33.87 -0.50 4.87
CA LEU C 115 -32.93 -0.62 5.98
C LEU C 115 -33.66 -1.17 7.20
N HIS C 116 -33.14 -2.26 7.75
CA HIS C 116 -33.79 -2.96 8.85
C HIS C 116 -33.52 -2.30 10.19
N LYS C 117 -32.28 -2.37 10.66
CA LYS C 117 -31.94 -1.88 12.00
C LYS C 117 -30.81 -0.88 11.97
N ILE C 118 -30.35 -0.46 13.15
CA ILE C 118 -29.31 0.56 13.30
C ILE C 118 -28.16 -0.04 14.10
N LEU C 119 -26.94 0.23 13.65
CA LEU C 119 -25.73 -0.23 14.30
C LEU C 119 -24.69 0.88 14.27
N PRO C 120 -23.73 0.86 15.19
CA PRO C 120 -22.65 1.85 15.14
C PRO C 120 -21.64 1.52 14.05
N ASN C 121 -20.97 2.57 13.57
CA ASN C 121 -19.95 2.43 12.55
C ASN C 121 -18.66 3.09 13.03
N LYS C 122 -17.54 2.60 12.51
CA LYS C 122 -16.22 3.02 12.97
C LYS C 122 -15.40 3.56 11.81
N VAL C 123 -14.73 4.69 12.04
CA VAL C 123 -13.80 5.27 11.09
C VAL C 123 -12.48 5.56 11.79
N ASP C 124 -12.50 6.45 12.79
CA ASP C 124 -11.30 6.72 13.57
C ASP C 124 -10.74 5.49 14.29
N PRO C 125 -11.55 4.55 14.81
CA PRO C 125 -10.96 3.33 15.39
C PRO C 125 -10.06 2.57 14.42
N LEU C 126 -10.23 2.80 13.11
CA LEU C 126 -9.20 2.37 12.16
C LEU C 126 -8.03 3.35 12.17
N VAL C 127 -8.34 4.65 12.12
CA VAL C 127 -7.29 5.67 12.15
C VAL C 127 -6.53 5.61 13.47
N SER C 128 -7.25 5.72 14.59
CA SER C 128 -6.61 5.74 15.90
C SER C 128 -5.86 4.46 16.19
N LEU C 129 -6.30 3.33 15.62
CA LEU C 129 -5.53 2.10 15.76
C LEU C 129 -4.24 2.17 14.97
N MET C 130 -4.31 2.66 13.71
CA MET C 130 -3.08 2.94 12.97
C MET C 130 -2.20 3.92 13.72
N MET C 131 -2.81 4.93 14.35
CA MET C 131 -2.08 5.79 15.28
C MET C 131 -1.50 4.97 16.44
N VAL C 132 -2.37 4.36 17.25
CA VAL C 132 -1.92 3.67 18.45
C VAL C 132 -1.07 2.45 18.14
N GLU C 133 -1.04 1.99 16.88
CA GLU C 133 -0.03 1.03 16.46
C GLU C 133 1.36 1.51 16.86
N LYS C 134 1.76 2.65 16.32
CA LYS C 134 3.11 3.21 16.47
C LYS C 134 3.60 3.22 17.92
N VAL C 135 2.99 4.03 18.77
CA VAL C 135 3.58 4.30 20.09
C VAL C 135 2.53 4.24 21.19
N PRO C 136 2.90 3.78 22.39
CA PRO C 136 2.05 4.01 23.56
C PRO C 136 2.28 5.39 24.16
N ASP C 137 1.71 5.64 25.35
CA ASP C 137 1.77 6.95 25.98
C ASP C 137 2.56 6.95 27.28
N SER C 138 2.15 6.16 28.27
CA SER C 138 2.58 6.26 29.68
C SER C 138 2.19 7.66 30.18
N THR C 139 3.01 8.31 30.99
CA THR C 139 2.62 9.57 31.62
C THR C 139 3.86 10.20 32.26
N TYR C 140 3.64 11.28 33.00
CA TYR C 140 4.68 11.91 33.81
C TYR C 140 5.44 10.89 34.64
N GLU C 141 4.71 10.20 35.54
CA GLU C 141 5.32 9.27 36.47
C GLU C 141 6.22 8.26 35.78
N MET C 142 5.85 7.86 34.56
CA MET C 142 6.61 6.86 33.82
C MET C 142 7.71 7.47 32.96
N ILE C 143 7.91 8.79 33.05
CA ILE C 143 8.97 9.47 32.31
C ILE C 143 9.83 10.23 33.30
N GLY C 144 11.03 10.60 32.85
CA GLY C 144 11.95 11.33 33.70
C GLY C 144 12.93 12.16 32.90
N GLY C 145 13.56 13.10 33.61
CA GLY C 145 14.56 13.96 33.01
C GLY C 145 14.02 15.15 32.23
N LEU C 146 12.72 15.20 31.96
CA LEU C 146 12.11 16.25 31.18
C LEU C 146 11.57 17.40 32.02
N ASP C 147 11.83 17.38 33.33
CA ASP C 147 11.32 18.43 34.21
C ASP C 147 11.62 19.84 33.70
N LYS C 148 12.76 20.01 33.03
CA LYS C 148 13.08 21.30 32.41
C LYS C 148 12.08 21.63 31.32
N GLN C 149 11.90 20.73 30.36
CA GLN C 149 11.11 21.02 29.17
C GLN C 149 9.62 20.82 29.38
N ILE C 150 9.20 20.04 30.38
CA ILE C 150 7.77 19.99 30.67
C ILE C 150 7.33 21.29 31.34
N LYS C 151 8.26 21.99 31.99
CA LYS C 151 7.98 23.33 32.50
C LYS C 151 7.74 24.33 31.38
N GLU C 152 7.98 23.93 30.13
CA GLU C 152 7.75 24.76 28.95
C GLU C 152 6.53 24.29 28.16
N ILE C 153 6.55 23.06 27.67
CA ILE C 153 5.48 22.57 26.80
C ILE C 153 4.13 22.56 27.50
N LYS C 154 4.11 22.41 28.83
CA LYS C 154 2.82 22.36 29.53
C LYS C 154 2.03 23.65 29.35
N GLU C 155 2.70 24.79 29.35
CA GLU C 155 2.01 26.06 29.10
C GLU C 155 1.53 26.14 27.66
N VAL C 156 2.18 25.43 26.75
CA VAL C 156 1.76 25.41 25.35
C VAL C 156 0.46 24.61 25.18
N ILE C 157 0.25 23.59 26.02
CA ILE C 157 -0.83 22.64 25.84
C ILE C 157 -2.06 23.03 26.64
N GLU C 158 -1.93 23.07 27.97
CA GLU C 158 -3.11 23.15 28.84
C GLU C 158 -3.79 24.51 28.78
N LEU C 159 -3.03 25.59 28.61
CA LEU C 159 -3.64 26.91 28.56
C LEU C 159 -4.62 27.05 27.39
N PRO C 160 -4.36 26.51 26.20
CA PRO C 160 -5.44 26.44 25.20
C PRO C 160 -6.56 25.49 25.59
N VAL C 161 -6.31 24.49 26.44
CA VAL C 161 -7.39 23.60 26.87
C VAL C 161 -8.18 24.20 28.02
N LYS C 162 -7.48 24.70 29.05
CA LYS C 162 -8.16 25.15 30.28
C LYS C 162 -8.58 26.61 30.17
N HIS C 163 -7.59 27.49 30.07
CA HIS C 163 -7.61 28.95 30.21
C HIS C 163 -8.34 29.78 29.15
N PRO C 164 -8.42 29.36 27.87
CA PRO C 164 -8.26 30.31 26.75
C PRO C 164 -8.90 31.68 26.90
N GLU C 165 -9.96 31.81 27.71
CA GLU C 165 -10.53 33.13 27.96
C GLU C 165 -9.49 34.15 28.42
N LEU C 166 -8.37 33.69 29.00
CA LEU C 166 -7.28 34.59 29.36
C LEU C 166 -6.18 34.64 28.31
N PHE C 167 -6.31 33.90 27.20
CA PHE C 167 -5.46 34.15 26.04
C PHE C 167 -5.61 35.59 25.57
N GLU C 168 -6.85 36.06 25.44
CA GLU C 168 -7.11 37.43 25.08
C GLU C 168 -6.73 38.41 26.19
N ALA C 169 -6.78 37.96 27.45
CA ALA C 169 -6.26 38.78 28.54
C ALA C 169 -4.80 39.14 28.29
N LEU C 170 -4.00 38.17 27.82
CA LEU C 170 -2.69 38.51 27.28
C LEU C 170 -2.81 39.11 25.89
N GLY C 171 -3.68 38.54 25.05
CA GLY C 171 -3.91 39.07 23.71
C GLY C 171 -3.24 38.31 22.59
N ILE C 172 -2.73 37.12 22.84
CA ILE C 172 -2.06 36.32 21.81
C ILE C 172 -2.88 35.08 21.54
N ALA C 173 -2.73 34.54 20.34
CA ALA C 173 -3.49 33.38 19.91
C ALA C 173 -2.80 32.10 20.40
N GLN C 174 -3.27 30.96 19.91
CA GLN C 174 -2.72 29.68 20.32
C GLN C 174 -1.31 29.52 19.75
N PRO C 175 -0.40 28.88 20.50
CA PRO C 175 0.89 28.50 19.91
C PRO C 175 0.68 27.51 18.77
N LYS C 176 1.29 27.81 17.63
CA LYS C 176 1.00 27.05 16.41
C LYS C 176 1.61 25.65 16.47
N GLY C 177 2.75 25.51 17.15
CA GLY C 177 3.41 24.22 17.19
C GLY C 177 4.52 24.22 18.20
N VAL C 178 5.39 23.22 18.07
CA VAL C 178 6.51 23.01 18.98
C VAL C 178 7.34 21.84 18.47
N LEU C 179 8.57 21.71 18.96
CA LEU C 179 9.43 20.60 18.58
C LEU C 179 10.47 20.40 19.66
N LEU C 180 11.05 19.21 19.68
CA LEU C 180 12.18 18.88 20.56
C LEU C 180 13.28 18.31 19.70
N TYR C 181 14.40 19.04 19.59
CA TYR C 181 15.52 18.62 18.76
C TYR C 181 16.71 18.27 19.63
N GLY C 182 17.44 17.24 19.20
CA GLY C 182 18.48 16.63 20.00
C GLY C 182 18.75 15.24 19.47
N PRO C 183 19.24 14.35 20.32
CA PRO C 183 19.39 12.95 19.92
C PRO C 183 18.04 12.35 19.58
N PRO C 184 17.96 11.49 18.54
CA PRO C 184 16.79 10.69 18.18
C PRO C 184 16.86 9.25 18.70
N GLY C 185 16.71 9.03 20.01
CA GLY C 185 16.13 9.97 20.94
C GLY C 185 14.77 9.48 21.39
N THR C 186 14.39 9.83 22.62
CA THR C 186 13.40 9.06 23.35
C THR C 186 12.50 9.96 24.18
N GLY C 187 11.19 9.72 24.11
CA GLY C 187 10.22 10.40 24.94
C GLY C 187 9.50 11.55 24.27
N LYS C 188 10.09 12.13 23.23
CA LYS C 188 9.40 13.15 22.46
C LYS C 188 8.09 12.63 21.88
N THR C 189 8.10 11.38 21.41
CA THR C 189 6.87 10.75 20.95
C THR C 189 6.00 10.32 22.11
N LEU C 190 6.63 9.90 23.22
CA LEU C 190 5.88 9.69 24.45
C LEU C 190 5.25 10.99 24.92
N LEU C 191 6.06 12.06 25.02
CA LEU C 191 5.55 13.37 25.39
C LEU C 191 4.37 13.77 24.51
N ALA C 192 4.46 13.47 23.22
CA ALA C 192 3.36 13.73 22.30
C ALA C 192 2.07 13.04 22.75
N ARG C 193 2.09 11.71 22.80
CA ARG C 193 0.87 10.97 23.11
C ARG C 193 0.51 11.05 24.60
N ALA C 194 1.50 11.12 25.49
CA ALA C 194 1.20 11.19 26.91
C ALA C 194 0.55 12.51 27.28
N VAL C 195 1.10 13.63 26.81
CA VAL C 195 0.46 14.91 27.03
C VAL C 195 -0.89 14.94 26.32
N ALA C 196 -1.00 14.31 25.16
CA ALA C 196 -2.31 14.09 24.56
C ALA C 196 -3.20 13.28 25.49
N HIS C 197 -2.63 12.30 26.18
CA HIS C 197 -3.39 11.53 27.16
C HIS C 197 -3.54 12.28 28.48
N HIS C 198 -2.51 13.05 28.88
CA HIS C 198 -2.62 13.87 30.09
C HIS C 198 -3.82 14.79 30.01
N THR C 199 -4.04 15.39 28.85
CA THR C 199 -5.20 16.24 28.63
C THR C 199 -6.40 15.48 28.11
N ASP C 200 -6.21 14.21 27.72
CA ASP C 200 -7.18 13.34 27.06
C ASP C 200 -7.50 13.80 25.65
N CYS C 201 -6.93 14.91 25.18
CA CYS C 201 -7.11 15.34 23.80
C CYS C 201 -6.58 14.28 22.84
N THR C 202 -7.33 14.05 21.77
CA THR C 202 -7.00 12.96 20.85
C THR C 202 -5.69 13.25 20.12
N PHE C 203 -5.07 12.18 19.61
CA PHE C 203 -3.73 12.24 19.04
C PHE C 203 -3.76 11.79 17.58
N ILE C 204 -3.01 12.51 16.74
CA ILE C 204 -2.90 12.22 15.32
C ILE C 204 -1.43 12.27 14.93
N ARG C 205 -1.08 11.58 13.85
CA ARG C 205 0.28 11.52 13.33
C ARG C 205 0.30 12.00 11.88
N VAL C 206 1.48 11.94 11.27
CA VAL C 206 1.67 12.26 9.86
C VAL C 206 1.65 10.95 9.07
N SER C 207 1.82 11.02 7.75
CA SER C 207 1.86 9.84 6.91
C SER C 207 2.94 8.87 7.38
N GLY C 208 2.55 7.62 7.65
CA GLY C 208 1.20 7.17 7.36
C GLY C 208 1.13 6.28 6.13
N SER C 209 2.28 5.80 5.71
CA SER C 209 2.38 4.88 4.59
C SER C 209 1.73 5.55 3.32
N GLU C 210 1.06 4.95 2.31
CA GLU C 210 0.50 3.60 2.03
C GLU C 210 -0.71 3.10 2.85
N LEU C 211 -1.89 3.57 2.39
CA LEU C 211 -3.21 3.01 2.66
C LEU C 211 -3.96 3.65 3.83
N VAL C 212 -3.34 4.59 4.57
CA VAL C 212 -4.16 5.50 5.35
C VAL C 212 -4.56 6.73 4.53
N GLN C 213 -4.11 6.82 3.29
CA GLN C 213 -4.32 8.01 2.45
C GLN C 213 -5.67 7.95 1.74
N LYS C 214 -5.80 7.05 0.75
CA LYS C 214 -7.07 6.91 0.05
C LYS C 214 -8.16 6.34 0.95
N PHE C 215 -7.78 5.72 2.07
CA PHE C 215 -8.78 5.27 3.04
C PHE C 215 -9.63 6.43 3.54
N ILE C 216 -9.11 7.65 3.48
CA ILE C 216 -9.88 8.87 3.72
C ILE C 216 -9.93 9.63 2.40
N GLY C 217 -11.09 9.67 1.76
CA GLY C 217 -11.24 10.34 0.49
C GLY C 217 -10.85 9.50 -0.71
N GLU C 218 -10.38 10.15 -1.78
CA GLU C 218 -9.90 9.43 -2.95
C GLU C 218 -8.51 9.94 -3.34
N GLY C 219 -8.45 11.18 -3.83
CA GLY C 219 -7.17 11.85 -4.00
C GLY C 219 -7.37 13.35 -3.93
N ALA C 220 -6.33 14.04 -3.48
CA ALA C 220 -6.38 15.47 -3.19
C ALA C 220 -4.97 15.92 -2.86
N ARG C 221 -4.85 17.18 -2.41
CA ARG C 221 -3.70 17.58 -1.61
C ARG C 221 -3.54 16.68 -0.39
N MET C 222 -4.63 16.05 0.06
CA MET C 222 -4.68 14.97 1.03
C MET C 222 -4.48 15.44 2.47
N VAL C 223 -3.99 16.67 2.65
CA VAL C 223 -3.88 17.22 4.00
C VAL C 223 -5.18 17.85 4.48
N ARG C 224 -6.09 18.20 3.57
CA ARG C 224 -7.36 18.81 3.99
C ARG C 224 -8.22 17.82 4.74
N GLU C 225 -8.31 16.58 4.25
CA GLU C 225 -9.08 15.56 4.98
C GLU C 225 -8.50 15.33 6.37
N LEU C 226 -7.18 15.28 6.49
CA LEU C 226 -6.56 15.24 7.81
C LEU C 226 -6.90 16.48 8.62
N PHE C 227 -6.98 17.64 7.94
CA PHE C 227 -7.43 18.85 8.61
C PHE C 227 -8.92 18.77 8.96
N VAL C 228 -9.68 17.98 8.20
CA VAL C 228 -11.09 17.76 8.54
C VAL C 228 -11.22 16.80 9.72
N MET C 229 -10.27 15.89 9.88
CA MET C 229 -10.30 14.96 11.01
C MET C 229 -10.32 15.71 12.34
N ALA C 230 -9.46 16.72 12.46
CA ALA C 230 -9.40 17.53 13.68
C ALA C 230 -10.67 18.33 13.93
N ARG C 231 -11.47 18.60 12.90
CA ARG C 231 -12.75 19.25 13.10
C ARG C 231 -13.73 18.32 13.81
N GLU C 232 -13.60 17.00 13.59
CA GLU C 232 -14.48 16.05 14.26
C GLU C 232 -14.11 15.90 15.73
N HIS C 233 -12.84 16.00 16.08
CA HIS C 233 -12.37 15.81 17.45
C HIS C 233 -11.45 16.95 17.84
N ALA C 234 -11.88 17.74 18.83
CA ALA C 234 -11.04 18.78 19.39
C ALA C 234 -11.25 18.83 20.90
N PRO C 235 -10.18 19.08 21.67
CA PRO C 235 -8.78 19.30 21.25
C PRO C 235 -8.10 18.07 20.66
N SER C 236 -7.18 18.29 19.73
CA SER C 236 -6.47 17.23 19.03
C SER C 236 -4.98 17.53 19.00
N ILE C 237 -4.17 16.47 18.91
CA ILE C 237 -2.73 16.59 18.84
C ILE C 237 -2.27 15.92 17.55
N ILE C 238 -1.55 16.67 16.72
CA ILE C 238 -0.98 16.16 15.48
C ILE C 238 0.53 16.14 15.63
N PHE C 239 1.16 15.17 14.97
CA PHE C 239 2.58 14.90 15.18
C PHE C 239 3.23 14.53 13.86
N MET C 240 4.54 14.79 13.76
CA MET C 240 5.34 14.40 12.61
C MET C 240 6.11 13.14 12.98
N ASP C 241 5.71 12.00 12.41
CA ASP C 241 6.33 10.73 12.70
C ASP C 241 7.02 10.16 11.47
N GLU C 242 8.35 10.14 11.48
CA GLU C 242 9.13 10.78 12.52
C GLU C 242 9.94 11.93 11.93
N ILE C 243 10.79 11.58 10.97
CA ILE C 243 11.72 12.46 10.25
C ILE C 243 12.67 13.12 11.24
N ASP C 244 12.84 12.50 12.41
CA ASP C 244 13.94 12.84 13.30
C ASP C 244 15.07 11.85 12.99
N SER C 245 16.12 12.34 12.33
CA SER C 245 17.25 11.55 11.86
C SER C 245 18.16 12.46 11.04
N ILE C 246 19.40 12.02 10.85
CA ILE C 246 20.31 12.66 9.90
C ILE C 246 20.36 11.92 8.57
N GLY C 247 19.66 10.80 8.44
CA GLY C 247 19.79 9.96 7.26
C GLY C 247 18.87 10.30 6.10
N SER C 248 17.74 10.93 6.40
CA SER C 248 16.77 11.24 5.36
C SER C 248 17.17 12.43 4.50
N SER C 249 18.24 13.15 4.86
CA SER C 249 18.63 14.36 4.16
C SER C 249 18.92 14.15 2.68
N ARG C 250 20.05 13.51 2.36
CA ARG C 250 20.54 13.30 0.99
C ARG C 250 20.88 14.62 0.32
N LEU C 251 20.48 15.73 0.94
CA LEU C 251 20.73 17.10 0.51
C LEU C 251 19.87 17.49 -0.69
N GLU C 252 19.34 16.50 -1.41
CA GLU C 252 18.32 16.76 -2.43
C GLU C 252 17.18 15.76 -2.32
N GLY C 253 17.48 14.48 -2.59
CA GLY C 253 16.44 13.48 -2.70
C GLY C 253 15.56 13.36 -1.47
N GLY C 254 16.07 13.76 -0.31
CA GLY C 254 15.27 13.76 0.89
C GLY C 254 14.60 15.08 1.16
N SER C 255 15.10 16.15 0.51
CA SER C 255 14.49 17.46 0.66
C SER C 255 13.01 17.43 0.28
N GLY C 256 12.73 17.12 -1.00
CA GLY C 256 11.34 17.07 -1.44
C GLY C 256 10.51 16.06 -0.67
N GLY C 257 11.13 14.94 -0.29
CA GLY C 257 10.44 14.03 0.62
C GLY C 257 10.15 14.66 1.96
N ASP C 258 11.12 15.45 2.46
CA ASP C 258 10.88 16.23 3.67
C ASP C 258 10.11 17.50 3.38
N SER C 259 10.25 18.06 2.18
CA SER C 259 9.60 19.33 1.85
C SER C 259 8.11 19.27 2.12
N GLU C 260 7.45 18.20 1.67
CA GLU C 260 6.03 18.03 1.96
C GLU C 260 5.81 17.59 3.40
N VAL C 261 6.79 16.91 4.00
CA VAL C 261 6.75 16.70 5.45
C VAL C 261 6.93 18.04 6.17
N GLN C 262 7.83 18.88 5.66
CA GLN C 262 7.89 20.26 6.12
C GLN C 262 6.62 21.01 5.75
N ARG C 263 6.12 20.80 4.52
CA ARG C 263 4.89 21.46 4.10
C ARG C 263 3.69 20.96 4.87
N THR C 264 3.68 19.67 5.25
CA THR C 264 2.57 19.13 6.04
C THR C 264 2.31 19.97 7.28
N MET C 265 3.36 20.57 7.85
CA MET C 265 3.14 21.58 8.88
C MET C 265 2.79 22.93 8.25
N LEU C 266 3.49 23.31 7.17
CA LEU C 266 3.30 24.62 6.57
C LEU C 266 1.86 24.83 6.14
N GLU C 267 1.38 24.02 5.18
CA GLU C 267 0.01 24.16 4.72
C GLU C 267 -0.99 24.00 5.85
N LEU C 268 -0.64 23.20 6.86
CA LEU C 268 -1.47 23.14 8.06
C LEU C 268 -1.36 24.43 8.87
N LEU C 269 -0.14 24.92 9.07
CA LEU C 269 0.01 26.25 9.66
C LEU C 269 -0.70 27.31 8.83
N ASN C 270 -0.67 27.15 7.51
CA ASN C 270 -1.42 28.04 6.63
C ASN C 270 -2.92 27.78 6.71
N GLN C 271 -3.33 26.57 7.06
CA GLN C 271 -4.74 26.28 7.30
C GLN C 271 -5.11 26.33 8.77
N LEU C 272 -4.16 26.59 9.65
CA LEU C 272 -4.46 26.88 11.06
C LEU C 272 -4.48 28.40 11.26
N ASP C 273 -3.34 29.05 11.06
CA ASP C 273 -3.24 30.50 11.23
C ASP C 273 -3.76 31.24 10.00
N GLY C 274 -3.44 30.74 8.81
CA GLY C 274 -3.78 31.48 7.59
C GLY C 274 -5.26 31.73 7.45
N PHE C 275 -6.06 30.67 7.49
CA PHE C 275 -7.51 30.81 7.53
C PHE C 275 -8.09 29.57 8.24
N GLU C 276 -9.40 29.37 8.09
CA GLU C 276 -10.19 28.41 8.86
C GLU C 276 -10.23 28.78 10.34
N ALA C 277 -10.08 27.78 11.20
CA ALA C 277 -10.44 27.92 12.61
C ALA C 277 -10.19 26.60 13.36
N THR C 278 -10.10 26.64 14.69
CA THR C 278 -9.98 27.87 15.48
C THR C 278 -8.86 27.73 16.50
N LYS C 279 -9.05 26.85 17.47
CA LYS C 279 -8.07 26.57 18.51
C LYS C 279 -7.92 25.07 18.70
N ASN C 280 -7.17 24.66 19.72
CA ASN C 280 -7.08 23.30 20.20
C ASN C 280 -6.28 22.37 19.30
N ILE C 281 -5.81 22.84 18.14
CA ILE C 281 -5.07 22.01 17.19
C ILE C 281 -3.59 22.37 17.27
N LYS C 282 -2.73 21.36 17.28
CA LYS C 282 -1.31 21.54 17.46
C LYS C 282 -0.53 20.57 16.58
N VAL C 283 0.74 20.90 16.35
CA VAL C 283 1.64 20.07 15.56
C VAL C 283 3.00 20.02 16.26
N ILE C 284 3.73 18.92 16.01
CA ILE C 284 5.01 18.67 16.66
C ILE C 284 6.03 18.21 15.62
N MET C 285 7.27 18.64 15.80
CA MET C 285 8.38 18.27 14.93
C MET C 285 9.50 17.62 15.76
N ALA C 286 10.40 16.91 15.07
CA ALA C 286 11.59 16.39 15.72
C ALA C 286 12.71 16.25 14.69
N THR C 287 13.94 16.55 15.10
CA THR C 287 15.13 16.41 14.26
C THR C 287 16.35 16.47 15.17
N ASN C 288 17.54 16.39 14.57
CA ASN C 288 18.81 16.54 15.27
C ASN C 288 19.50 17.83 14.83
N ARG C 289 19.99 17.87 13.60
CA ARG C 289 20.76 18.96 13.01
C ARG C 289 20.35 19.01 11.54
N ILE C 290 21.12 19.72 10.72
CA ILE C 290 20.77 19.83 9.30
C ILE C 290 19.38 20.47 9.25
N ASP C 291 18.36 19.65 8.98
CA ASP C 291 16.99 20.14 8.87
C ASP C 291 16.60 21.08 10.01
N ILE C 292 17.24 20.96 11.18
CA ILE C 292 17.05 21.97 12.23
C ILE C 292 17.51 23.34 11.72
N LEU C 293 18.65 23.39 11.02
CA LEU C 293 19.04 24.63 10.36
C LEU C 293 18.16 24.90 9.14
N ASP C 294 17.72 23.85 8.44
CA ASP C 294 16.72 24.01 7.40
C ASP C 294 15.37 24.42 7.98
N SER C 295 15.11 24.11 9.25
CA SER C 295 13.94 24.69 9.91
C SER C 295 14.03 26.20 9.95
N ALA C 296 15.24 26.74 10.15
CA ALA C 296 15.42 28.19 10.12
C ALA C 296 15.11 28.76 8.74
N LEU C 297 15.34 27.97 7.68
CA LEU C 297 14.87 28.38 6.35
C LEU C 297 13.35 28.53 6.37
N LEU C 298 12.66 27.59 7.02
CA LEU C 298 11.23 27.74 7.25
C LEU C 298 10.90 28.70 8.38
N ARG C 299 11.89 29.11 9.17
CA ARG C 299 11.66 29.89 10.38
C ARG C 299 12.47 31.18 10.39
N PRO C 300 12.00 32.23 9.72
CA PRO C 300 12.30 33.60 10.14
C PRO C 300 11.29 34.07 11.19
N GLY C 301 11.07 33.23 12.21
CA GLY C 301 10.07 33.47 13.22
C GLY C 301 8.69 32.95 12.90
N ARG C 302 8.48 32.38 11.71
CA ARG C 302 7.12 32.06 11.26
C ARG C 302 6.93 30.63 10.76
N ILE C 303 6.10 29.83 11.42
CA ILE C 303 5.51 30.12 12.73
C ILE C 303 5.62 28.84 13.57
N ASP C 304 6.36 28.88 14.67
CA ASP C 304 6.55 27.68 15.48
C ASP C 304 7.17 28.10 16.82
N ARG C 305 7.37 27.09 17.68
CA ARG C 305 8.06 27.23 18.95
C ARG C 305 9.26 26.30 18.95
N LYS C 306 10.41 26.81 19.39
CA LYS C 306 11.67 26.08 19.30
C LYS C 306 12.07 25.61 20.70
N ILE C 307 12.11 24.29 20.89
CA ILE C 307 12.56 23.67 22.13
C ILE C 307 13.54 22.57 21.78
N GLU C 308 14.58 22.44 22.61
CA GLU C 308 15.64 21.46 22.41
C GLU C 308 15.34 20.18 23.16
N PHE C 309 15.70 19.04 22.57
CA PHE C 309 15.53 17.74 23.22
C PHE C 309 16.85 17.34 23.88
N PRO C 310 16.87 17.07 25.18
CA PRO C 310 18.13 16.99 25.90
C PRO C 310 18.81 15.65 25.69
N PRO C 311 20.13 15.58 25.86
CA PRO C 311 20.79 14.29 25.99
C PRO C 311 20.57 13.71 27.37
N PRO C 312 20.64 12.39 27.53
CA PRO C 312 20.36 11.79 28.84
C PRO C 312 21.43 12.15 29.86
N ASN C 313 21.04 12.05 31.13
CA ASN C 313 21.94 12.36 32.23
C ASN C 313 21.57 11.48 33.43
N GLU C 314 22.48 11.41 34.38
CA GLU C 314 22.34 10.49 35.52
C GLU C 314 21.04 10.69 36.28
N GLU C 315 20.49 11.90 36.26
CA GLU C 315 19.24 12.19 36.96
C GLU C 315 18.15 11.19 36.56
N ALA C 316 17.78 11.19 35.28
CA ALA C 316 16.78 10.26 34.80
C ALA C 316 17.26 8.81 34.95
N ARG C 317 18.55 8.56 34.69
CA ARG C 317 19.07 7.20 34.66
C ARG C 317 18.71 6.42 35.93
N LEU C 318 18.79 7.08 37.09
CA LEU C 318 18.31 6.47 38.33
C LEU C 318 16.85 6.09 38.25
N ASP C 319 15.97 7.10 38.13
CA ASP C 319 14.54 6.88 38.30
C ASP C 319 13.89 6.23 37.08
N ILE C 320 14.29 6.59 35.87
CA ILE C 320 13.64 6.00 34.69
C ILE C 320 13.96 4.51 34.60
N LEU C 321 15.08 4.07 35.16
CA LEU C 321 15.30 2.65 35.35
C LEU C 321 14.41 2.11 36.46
N LYS C 322 14.32 2.84 37.57
CA LYS C 322 13.38 2.50 38.64
C LYS C 322 11.94 2.48 38.12
N ILE C 323 11.64 3.32 37.12
CA ILE C 323 10.33 3.25 36.48
C ILE C 323 10.16 1.92 35.74
N HIS C 324 11.17 1.54 34.96
CA HIS C 324 11.14 0.23 34.32
C HIS C 324 11.29 -0.92 35.32
N SER C 325 11.80 -0.63 36.51
CA SER C 325 12.08 -1.66 37.52
C SER C 325 10.86 -2.00 38.37
N ARG C 326 9.70 -1.39 38.10
CA ARG C 326 8.51 -1.67 38.90
C ARG C 326 8.05 -3.12 38.72
N LYS C 327 7.93 -3.57 37.47
CA LYS C 327 7.37 -4.89 37.21
C LYS C 327 8.39 -6.01 37.43
N MET C 328 9.67 -5.75 37.21
CA MET C 328 10.67 -6.80 37.30
C MET C 328 10.86 -7.27 38.74
N ASN C 329 11.36 -8.49 38.89
CA ASN C 329 11.66 -9.06 40.20
C ASN C 329 13.12 -8.77 40.51
N LEU C 330 13.35 -7.96 41.55
CA LEU C 330 14.69 -7.61 41.97
C LEU C 330 14.65 -7.28 43.46
N THR C 331 15.74 -7.59 44.16
CA THR C 331 15.84 -7.24 45.56
C THR C 331 16.24 -5.77 45.70
N ARG C 332 16.27 -5.30 46.95
CA ARG C 332 16.44 -3.88 47.20
C ARG C 332 17.91 -3.47 47.26
N GLY C 333 18.81 -4.43 47.43
CA GLY C 333 20.21 -4.14 47.66
C GLY C 333 20.98 -3.69 46.42
N ILE C 334 20.29 -3.47 45.30
CA ILE C 334 20.96 -3.05 44.09
C ILE C 334 21.46 -1.62 44.25
N ASN C 335 22.66 -1.36 43.74
CA ASN C 335 23.26 -0.03 43.84
C ASN C 335 22.78 0.84 42.68
N LEU C 336 22.22 2.01 43.01
CA LEU C 336 21.79 2.94 41.99
C LEU C 336 22.95 3.75 41.40
N ARG C 337 23.99 4.00 42.19
CA ARG C 337 25.14 4.77 41.72
C ARG C 337 25.77 4.12 40.50
N LYS C 338 26.31 2.91 40.66
CA LYS C 338 27.00 2.26 39.56
C LYS C 338 26.06 1.92 38.41
N ILE C 339 24.81 1.56 38.70
CA ILE C 339 23.90 1.19 37.62
C ILE C 339 23.60 2.40 36.74
N ALA C 340 23.39 3.58 37.36
CA ALA C 340 23.29 4.82 36.60
C ALA C 340 24.59 5.14 35.87
N GLU C 341 25.65 5.41 36.64
CA GLU C 341 26.86 6.02 36.08
C GLU C 341 27.61 5.10 35.12
N LEU C 342 27.33 3.81 35.14
CA LEU C 342 27.96 2.91 34.16
C LEU C 342 27.39 3.09 32.76
N MET C 343 26.38 3.93 32.58
CA MET C 343 25.74 4.14 31.27
C MET C 343 25.82 5.62 30.87
N PRO C 344 27.01 6.14 30.60
CA PRO C 344 27.11 7.50 30.06
C PRO C 344 26.78 7.51 28.57
N GLY C 345 26.26 8.65 28.12
CA GLY C 345 25.85 8.76 26.73
C GLY C 345 24.72 7.81 26.38
N ALA C 346 24.96 6.95 25.38
CA ALA C 346 24.00 5.92 24.96
C ALA C 346 22.73 6.62 24.50
N SER C 347 21.57 6.31 25.05
CA SER C 347 20.31 6.91 24.63
C SER C 347 19.28 6.69 25.74
N GLY C 348 18.04 7.05 25.46
CA GLY C 348 16.95 6.72 26.36
C GLY C 348 16.51 5.29 26.13
N ALA C 349 16.69 4.80 24.91
CA ALA C 349 16.49 3.39 24.61
C ALA C 349 17.49 2.50 25.32
N GLU C 350 18.58 3.08 25.83
CA GLU C 350 19.51 2.35 26.68
C GLU C 350 18.80 1.82 27.93
N VAL C 351 17.94 2.64 28.53
CA VAL C 351 17.25 2.25 29.74
C VAL C 351 16.33 1.06 29.49
N LYS C 352 15.80 0.95 28.26
CA LYS C 352 15.01 -0.22 27.91
C LYS C 352 15.84 -1.49 27.98
N GLY C 353 17.02 -1.48 27.37
CA GLY C 353 17.87 -2.64 27.30
C GLY C 353 18.66 -2.98 28.56
N VAL C 354 18.54 -2.17 29.61
CA VAL C 354 19.30 -2.39 30.84
C VAL C 354 19.01 -3.78 31.41
N CYS C 355 17.80 -3.99 31.89
CA CYS C 355 17.46 -5.25 32.57
C CYS C 355 16.86 -6.29 31.64
N THR C 356 16.49 -5.93 30.41
CA THR C 356 15.97 -6.91 29.47
C THR C 356 17.02 -7.98 29.19
N GLU C 357 18.12 -7.60 28.51
CA GLU C 357 19.18 -8.56 28.23
C GLU C 357 19.82 -9.08 29.52
N ALA C 358 19.83 -8.27 30.58
CA ALA C 358 20.20 -8.79 31.89
C ALA C 358 19.20 -9.83 32.36
N GLY C 359 17.90 -9.56 32.17
CA GLY C 359 16.90 -10.55 32.47
C GLY C 359 16.98 -11.75 31.55
N MET C 360 17.35 -11.52 30.28
CA MET C 360 17.45 -12.60 29.31
C MET C 360 18.36 -13.73 29.80
N TYR C 361 19.48 -13.37 30.43
CA TYR C 361 20.34 -14.39 31.02
C TYR C 361 19.78 -14.90 32.33
N ALA C 362 19.16 -14.02 33.13
CA ALA C 362 18.43 -14.48 34.31
C ALA C 362 17.23 -15.34 33.92
N LEU C 363 16.53 -14.94 32.85
CA LEU C 363 15.59 -15.83 32.19
C LEU C 363 16.24 -17.18 31.90
N ARG C 364 17.30 -17.17 31.10
CA ARG C 364 18.07 -18.37 30.83
C ARG C 364 18.54 -19.04 32.11
N GLU C 365 18.79 -18.26 33.17
CA GLU C 365 19.19 -18.83 34.45
C GLU C 365 18.00 -19.34 35.26
N ARG C 366 16.80 -18.81 35.00
CA ARG C 366 15.51 -19.18 35.61
C ARG C 366 15.29 -18.52 36.97
N ARG C 367 16.21 -17.72 37.48
CA ARG C 367 16.08 -17.12 38.80
C ARG C 367 14.84 -16.24 38.88
N VAL C 368 14.29 -16.12 40.10
CA VAL C 368 13.11 -15.31 40.34
C VAL C 368 13.48 -13.82 40.33
N HIS C 369 14.24 -13.36 41.31
CA HIS C 369 14.73 -11.99 41.35
C HIS C 369 16.24 -11.99 41.16
N VAL C 370 16.73 -10.97 40.47
CA VAL C 370 18.06 -11.00 39.87
C VAL C 370 19.07 -10.36 40.82
N THR C 371 20.34 -10.37 40.43
CA THR C 371 21.40 -9.67 41.13
C THR C 371 21.99 -8.61 40.20
N GLN C 372 22.60 -7.58 40.78
CA GLN C 372 23.12 -6.48 39.99
C GLN C 372 24.25 -6.92 39.06
N GLU C 373 24.90 -8.05 39.36
CA GLU C 373 25.94 -8.56 38.47
C GLU C 373 25.38 -8.86 37.09
N ASP C 374 24.25 -9.56 37.02
CA ASP C 374 23.60 -9.80 35.74
C ASP C 374 23.15 -8.48 35.10
N PHE C 375 22.67 -7.55 35.93
CA PHE C 375 22.41 -6.20 35.43
C PHE C 375 23.70 -5.53 34.98
N GLU C 376 24.79 -5.73 35.74
CA GLU C 376 26.09 -5.23 35.33
C GLU C 376 26.58 -5.93 34.06
N MET C 377 26.18 -7.19 33.86
CA MET C 377 26.52 -7.88 32.62
C MET C 377 25.91 -7.19 31.42
N ALA C 378 24.61 -6.87 31.49
CA ALA C 378 23.96 -6.17 30.40
C ALA C 378 24.37 -4.70 30.34
N VAL C 379 24.88 -4.14 31.44
CA VAL C 379 25.49 -2.82 31.38
C VAL C 379 26.59 -2.82 30.32
N ALA C 380 27.37 -3.89 30.27
CA ALA C 380 28.32 -4.06 29.18
C ALA C 380 27.62 -4.42 27.88
N LYS C 381 26.73 -5.42 27.93
CA LYS C 381 26.13 -6.00 26.72
C LYS C 381 25.57 -4.95 25.79
N VAL C 382 24.56 -4.20 26.26
CA VAL C 382 23.92 -3.21 25.39
C VAL C 382 24.89 -2.10 25.01
N MET C 383 25.94 -1.90 25.80
CA MET C 383 26.96 -0.91 25.50
C MET C 383 28.18 -1.52 24.81
N GLN C 384 28.18 -2.83 24.53
CA GLN C 384 29.28 -3.44 23.78
C GLN C 384 29.28 -2.97 22.34
N LYS C 385 28.11 -2.66 21.79
CA LYS C 385 27.98 -2.44 20.35
C LYS C 385 28.71 -1.17 19.91
N ASP C 386 28.44 -0.06 20.59
CA ASP C 386 28.99 1.24 20.19
C ASP C 386 30.52 1.24 20.25
N ASP D 39 -80.61 -25.59 53.44
CA ASP D 39 -79.62 -24.67 52.91
C ASP D 39 -78.20 -25.19 53.13
N LEU D 40 -77.89 -25.58 54.37
CA LEU D 40 -76.55 -26.10 54.67
C LEU D 40 -76.27 -27.36 53.88
N TYR D 41 -77.16 -28.35 53.97
CA TYR D 41 -77.02 -29.55 53.15
C TYR D 41 -77.19 -29.25 51.67
N SER D 42 -78.04 -28.27 51.33
CA SER D 42 -78.22 -27.84 49.95
C SER D 42 -76.90 -27.39 49.35
N ARG D 43 -76.31 -26.32 49.90
CA ARG D 43 -75.03 -25.84 49.37
C ARG D 43 -73.93 -26.87 49.56
N TYR D 44 -74.03 -27.74 50.57
CA TYR D 44 -73.08 -28.82 50.72
C TYR D 44 -73.14 -29.77 49.52
N LYS D 45 -74.34 -30.06 49.03
CA LYS D 45 -74.47 -30.82 47.81
C LYS D 45 -74.18 -29.99 46.56
N LYS D 46 -74.02 -28.67 46.71
CA LYS D 46 -73.64 -27.82 45.59
C LYS D 46 -72.14 -27.59 45.48
N LEU D 47 -71.35 -28.01 46.47
CA LEU D 47 -69.92 -27.71 46.47
C LEU D 47 -69.07 -28.80 45.84
N GLN D 48 -69.62 -29.98 45.55
CA GLN D 48 -68.85 -31.01 44.87
C GLN D 48 -69.01 -30.97 43.36
N GLN D 49 -69.95 -30.17 42.84
CA GLN D 49 -70.08 -29.99 41.40
C GLN D 49 -68.79 -29.44 40.81
N GLU D 50 -68.45 -28.21 41.14
CA GLU D 50 -67.22 -27.61 40.63
C GLU D 50 -65.98 -28.35 41.10
N LEU D 51 -66.06 -29.08 42.21
CA LEU D 51 -64.95 -29.89 42.65
C LEU D 51 -64.69 -31.04 41.68
N GLU D 52 -65.74 -31.79 41.33
CA GLU D 52 -65.59 -32.85 40.34
C GLU D 52 -65.33 -32.28 38.96
N PHE D 53 -65.84 -31.08 38.67
CA PHE D 53 -65.54 -30.44 37.39
C PHE D 53 -64.06 -30.07 37.31
N LEU D 54 -63.51 -29.53 38.39
CA LEU D 54 -62.07 -29.28 38.43
C LEU D 54 -61.27 -30.57 38.45
N GLU D 55 -61.84 -31.66 38.99
CA GLU D 55 -61.15 -32.95 38.96
C GLU D 55 -61.05 -33.50 37.55
N VAL D 56 -62.15 -33.45 36.80
CA VAL D 56 -62.09 -33.88 35.41
C VAL D 56 -61.27 -32.91 34.57
N GLN D 57 -61.12 -31.66 35.02
CA GLN D 57 -60.21 -30.74 34.36
C GLN D 57 -58.76 -31.10 34.65
N GLU D 58 -58.48 -31.63 35.84
CA GLU D 58 -57.14 -32.12 36.18
C GLU D 58 -56.71 -33.19 35.19
N GLU D 59 -57.41 -34.32 35.20
CA GLU D 59 -57.07 -35.42 34.29
C GLU D 59 -57.09 -34.95 32.84
N TYR D 60 -58.00 -34.04 32.50
CA TYR D 60 -57.99 -33.44 31.17
C TYR D 60 -56.67 -32.77 30.87
N ILE D 61 -56.34 -31.71 31.62
CA ILE D 61 -55.17 -30.91 31.29
C ILE D 61 -53.91 -31.74 31.42
N LYS D 62 -53.91 -32.77 32.28
CA LYS D 62 -52.79 -33.70 32.34
C LYS D 62 -52.63 -34.42 31.01
N ASP D 63 -53.70 -35.05 30.51
CA ASP D 63 -53.64 -35.70 29.22
C ASP D 63 -53.43 -34.70 28.10
N GLU D 64 -53.97 -33.49 28.25
CA GLU D 64 -53.71 -32.43 27.28
C GLU D 64 -52.22 -32.14 27.15
N GLN D 65 -51.60 -31.68 28.25
CA GLN D 65 -50.17 -31.36 28.20
C GLN D 65 -49.30 -32.60 28.05
N LYS D 66 -49.87 -33.81 28.15
CA LYS D 66 -49.11 -35.01 27.79
C LYS D 66 -49.02 -35.15 26.28
N ASN D 67 -50.13 -34.96 25.58
CA ASN D 67 -50.12 -35.06 24.13
C ASN D 67 -49.38 -33.88 23.50
N LEU D 68 -49.63 -32.67 24.03
CA LEU D 68 -48.93 -31.50 23.52
C LEU D 68 -47.44 -31.57 23.81
N LYS D 69 -47.05 -32.26 24.89
CA LYS D 69 -45.63 -32.47 25.17
C LYS D 69 -44.99 -33.32 24.07
N LYS D 70 -45.66 -34.42 23.70
CA LYS D 70 -45.16 -35.24 22.60
C LYS D 70 -45.17 -34.48 21.28
N GLU D 71 -46.10 -33.53 21.13
CA GLU D 71 -46.07 -32.66 19.96
C GLU D 71 -44.89 -31.69 20.02
N PHE D 72 -44.52 -31.25 21.23
CA PHE D 72 -43.31 -30.45 21.37
C PHE D 72 -42.05 -31.26 21.15
N LEU D 73 -42.06 -32.54 21.58
CA LEU D 73 -40.96 -33.43 21.23
C LEU D 73 -40.89 -33.63 19.71
N HIS D 74 -42.05 -33.71 19.06
CA HIS D 74 -42.08 -33.74 17.60
C HIS D 74 -41.52 -32.44 17.02
N ALA D 75 -41.84 -31.31 17.63
CA ALA D 75 -41.26 -30.04 17.21
C ALA D 75 -39.76 -30.01 17.44
N GLN D 76 -39.28 -30.70 18.49
CA GLN D 76 -37.85 -30.82 18.69
C GLN D 76 -37.21 -31.66 17.59
N GLU D 77 -37.92 -32.69 17.12
CA GLU D 77 -37.43 -33.45 15.98
C GLU D 77 -37.39 -32.60 14.71
N GLU D 78 -38.28 -31.61 14.61
CA GLU D 78 -38.27 -30.72 13.46
C GLU D 78 -37.04 -29.80 13.50
N VAL D 79 -36.85 -29.09 14.62
CA VAL D 79 -35.77 -28.12 14.69
C VAL D 79 -34.41 -28.79 14.66
N LYS D 80 -34.31 -30.04 15.15
CA LYS D 80 -33.06 -30.78 15.02
C LYS D 80 -32.88 -31.36 13.63
N ARG D 81 -33.98 -31.67 12.92
CA ARG D 81 -33.87 -32.03 11.51
C ARG D 81 -33.47 -30.81 10.69
N ILE D 82 -34.14 -29.68 10.92
CA ILE D 82 -33.75 -28.43 10.31
C ILE D 82 -32.28 -28.16 10.64
N GLN D 83 -31.49 -27.90 9.60
CA GLN D 83 -32.01 -27.94 8.23
C GLN D 83 -31.13 -28.81 7.31
N SER D 84 -29.87 -28.42 7.15
CA SER D 84 -28.98 -28.97 6.16
C SER D 84 -27.59 -29.08 6.80
N ILE D 85 -26.75 -30.08 6.47
CA ILE D 85 -26.92 -31.23 5.56
C ILE D 85 -27.58 -31.00 4.19
N PRO D 86 -26.82 -30.44 3.21
CA PRO D 86 -25.51 -29.77 3.33
C PRO D 86 -25.62 -28.31 3.71
N LEU D 87 -24.68 -27.81 4.50
CA LEU D 87 -24.76 -26.45 5.03
C LEU D 87 -23.49 -25.70 4.67
N VAL D 88 -23.64 -24.51 4.07
CA VAL D 88 -22.49 -23.72 3.67
C VAL D 88 -21.94 -22.97 4.87
N ILE D 89 -20.67 -23.23 5.19
CA ILE D 89 -19.99 -22.51 6.25
C ILE D 89 -19.54 -21.15 5.71
N GLY D 90 -19.45 -20.17 6.61
CA GLY D 90 -19.17 -18.81 6.19
C GLY D 90 -18.32 -18.08 7.20
N GLN D 91 -17.85 -16.90 6.79
CA GLN D 91 -16.81 -16.19 7.51
C GLN D 91 -17.44 -15.22 8.50
N PHE D 92 -17.30 -15.51 9.79
CA PHE D 92 -18.01 -14.78 10.83
C PHE D 92 -17.14 -13.65 11.40
N LEU D 93 -17.80 -12.54 11.71
CA LEU D 93 -17.12 -11.33 12.18
C LEU D 93 -17.45 -11.00 13.64
N GLU D 94 -18.71 -10.71 13.95
CA GLU D 94 -19.09 -10.36 15.32
C GLU D 94 -20.56 -10.61 15.52
N ALA D 95 -20.96 -10.66 16.79
CA ALA D 95 -22.37 -10.72 17.18
C ALA D 95 -22.80 -9.32 17.61
N VAL D 96 -23.76 -8.74 16.88
CA VAL D 96 -24.11 -7.34 17.10
C VAL D 96 -24.96 -7.17 18.37
N ASP D 97 -26.00 -7.99 18.54
CA ASP D 97 -26.86 -7.88 19.72
C ASP D 97 -27.63 -9.19 19.88
N GLN D 98 -28.61 -9.17 20.78
CA GLN D 98 -29.34 -10.37 21.18
C GLN D 98 -29.96 -11.08 19.98
N ASN D 99 -29.72 -12.39 19.89
CA ASN D 99 -30.35 -13.32 18.96
C ASN D 99 -29.98 -13.08 17.49
N THR D 100 -29.21 -12.05 17.17
CA THR D 100 -28.77 -11.81 15.81
C THR D 100 -27.29 -11.49 15.81
N ALA D 101 -26.73 -11.29 14.62
CA ALA D 101 -25.29 -11.12 14.42
C ALA D 101 -25.05 -10.83 12.95
N ILE D 102 -23.82 -10.46 12.63
CA ILE D 102 -23.40 -10.19 11.25
C ILE D 102 -22.34 -11.20 10.85
N VAL D 103 -22.44 -11.69 9.62
CA VAL D 103 -21.53 -12.72 9.13
C VAL D 103 -21.31 -12.52 7.64
N GLY D 104 -20.08 -12.73 7.20
CA GLY D 104 -19.82 -12.89 5.78
C GLY D 104 -19.94 -14.36 5.39
N SER D 105 -20.39 -14.59 4.17
CA SER D 105 -20.39 -15.95 3.66
C SER D 105 -18.98 -16.33 3.24
N THR D 106 -18.81 -17.56 2.75
CA THR D 106 -17.56 -17.90 2.11
C THR D 106 -17.43 -17.20 0.76
N THR D 107 -18.50 -16.56 0.28
CA THR D 107 -18.46 -15.64 -0.84
C THR D 107 -18.22 -14.20 -0.41
N GLY D 108 -18.01 -13.96 0.89
CA GLY D 108 -17.57 -12.67 1.40
C GLY D 108 -18.56 -11.53 1.34
N SER D 109 -19.75 -11.69 1.94
CA SER D 109 -20.73 -10.62 2.03
C SER D 109 -21.34 -10.60 3.43
N ASN D 110 -21.26 -9.45 4.09
CA ASN D 110 -21.82 -9.33 5.44
C ASN D 110 -23.33 -9.42 5.42
N TYR D 111 -23.89 -10.08 6.43
CA TYR D 111 -25.31 -10.38 6.50
C TYR D 111 -25.86 -9.96 7.85
N TYR D 112 -27.19 -9.95 7.97
CA TYR D 112 -27.85 -9.73 9.25
C TYR D 112 -28.90 -10.81 9.43
N VAL D 113 -28.73 -11.69 10.41
CA VAL D 113 -29.59 -12.85 10.57
C VAL D 113 -29.89 -13.06 12.04
N ARG D 114 -31.16 -13.35 12.34
CA ARG D 114 -31.52 -13.84 13.65
C ARG D 114 -30.94 -15.25 13.84
N ILE D 115 -30.19 -15.45 14.91
CA ILE D 115 -29.45 -16.69 15.10
C ILE D 115 -30.39 -17.82 15.52
N LEU D 116 -29.89 -19.05 15.37
CA LEU D 116 -30.59 -20.22 15.89
C LEU D 116 -30.90 -20.02 17.36
N SER D 117 -32.10 -20.44 17.76
CA SER D 117 -32.65 -20.04 19.06
C SER D 117 -31.92 -20.71 20.21
N THR D 118 -31.72 -22.03 20.15
CA THR D 118 -31.28 -22.76 21.34
C THR D 118 -29.84 -22.44 21.71
N ILE D 119 -29.00 -22.07 20.76
CA ILE D 119 -27.63 -21.64 21.05
C ILE D 119 -27.52 -20.17 20.69
N ASP D 120 -27.50 -19.30 21.72
CA ASP D 120 -27.32 -17.88 21.47
C ASP D 120 -25.84 -17.48 21.35
N ARG D 121 -25.02 -17.90 22.31
CA ARG D 121 -23.74 -17.23 22.52
C ARG D 121 -22.55 -18.17 22.67
N GLU D 122 -22.58 -19.03 23.70
CA GLU D 122 -21.36 -19.59 24.29
C GLU D 122 -20.37 -20.12 23.26
N LEU D 123 -20.84 -20.86 22.26
CA LEU D 123 -19.94 -21.39 21.24
C LEU D 123 -19.83 -20.51 20.02
N LEU D 124 -20.65 -19.46 19.92
CA LEU D 124 -20.62 -18.62 18.72
C LEU D 124 -19.32 -17.82 18.64
N LYS D 125 -18.95 -17.14 19.73
CA LYS D 125 -17.67 -16.44 19.88
C LYS D 125 -17.59 -15.23 18.96
N PRO D 126 -16.69 -14.28 19.21
CA PRO D 126 -16.53 -13.17 18.25
C PRO D 126 -16.08 -13.64 16.88
N ASN D 127 -15.06 -14.49 16.80
CA ASN D 127 -14.50 -14.92 15.52
C ASN D 127 -14.58 -16.43 15.41
N ALA D 128 -15.30 -16.90 14.40
CA ALA D 128 -15.42 -18.32 14.07
C ALA D 128 -15.82 -18.43 12.61
N SER D 129 -16.19 -19.64 12.18
CA SER D 129 -16.79 -19.84 10.87
C SER D 129 -18.10 -20.58 11.09
N VAL D 130 -19.21 -19.92 10.84
CA VAL D 130 -20.54 -20.44 11.15
C VAL D 130 -21.17 -20.98 9.86
N ALA D 131 -21.74 -22.18 9.95
CA ALA D 131 -22.40 -22.77 8.80
C ALA D 131 -23.75 -22.12 8.57
N LEU D 132 -23.97 -21.61 7.36
CA LEU D 132 -25.12 -20.78 7.04
C LEU D 132 -26.17 -21.61 6.30
N HIS D 133 -27.44 -21.33 6.57
CA HIS D 133 -28.55 -22.07 5.99
C HIS D 133 -28.45 -22.07 4.46
N LYS D 134 -28.76 -23.23 3.88
CA LYS D 134 -28.77 -23.38 2.42
C LYS D 134 -29.49 -22.22 1.74
N HIS D 135 -30.81 -22.12 1.94
CA HIS D 135 -31.61 -21.07 1.32
C HIS D 135 -31.39 -19.69 1.98
N SER D 136 -31.60 -19.60 3.29
CA SER D 136 -31.66 -18.31 3.97
C SER D 136 -30.30 -17.76 4.36
N ASN D 137 -29.29 -18.61 4.53
CA ASN D 137 -28.03 -18.25 5.20
C ASN D 137 -28.28 -17.87 6.66
N ALA D 138 -29.07 -18.67 7.36
CA ALA D 138 -29.37 -18.41 8.75
C ALA D 138 -28.21 -18.78 9.66
N LEU D 139 -28.09 -18.06 10.77
CA LEU D 139 -27.05 -18.34 11.74
C LEU D 139 -27.47 -19.52 12.60
N VAL D 140 -26.66 -20.59 12.55
CA VAL D 140 -27.07 -21.87 13.10
C VAL D 140 -25.99 -22.39 14.05
N ASP D 141 -24.84 -22.78 13.50
CA ASP D 141 -23.78 -23.34 14.31
C ASP D 141 -22.45 -23.13 13.60
N VAL D 142 -21.37 -23.07 14.39
CA VAL D 142 -20.03 -22.93 13.85
C VAL D 142 -19.39 -24.31 13.72
N LEU D 143 -18.10 -24.33 13.40
CA LEU D 143 -17.34 -25.56 13.24
C LEU D 143 -16.93 -26.05 14.64
N PRO D 144 -16.23 -27.20 14.73
CA PRO D 144 -15.85 -27.71 16.07
C PRO D 144 -15.24 -26.68 17.04
N PRO D 145 -14.39 -25.76 16.56
CA PRO D 145 -13.50 -25.67 15.40
C PRO D 145 -12.16 -26.38 15.66
N GLU D 146 -11.40 -26.82 14.65
CA GLU D 146 -11.79 -26.93 13.25
C GLU D 146 -10.78 -27.89 12.59
N ALA D 147 -11.13 -28.44 11.42
CA ALA D 147 -10.12 -29.01 10.54
C ALA D 147 -9.41 -27.93 9.72
N ASP D 148 -9.93 -26.72 9.75
CA ASP D 148 -9.45 -25.53 9.03
C ASP D 148 -9.42 -25.81 7.52
N SER D 149 -8.43 -25.27 6.80
CA SER D 149 -8.49 -25.33 5.34
C SER D 149 -7.19 -25.73 4.67
N SER D 150 -6.20 -24.85 4.70
CA SER D 150 -5.06 -24.98 3.79
C SER D 150 -3.87 -25.64 4.48
N ILE D 151 -2.82 -25.86 3.69
CA ILE D 151 -1.61 -26.57 4.10
C ILE D 151 -2.07 -27.95 4.73
N MET D 152 -1.92 -28.32 6.02
CA MET D 152 -1.53 -27.55 7.21
C MET D 152 -0.39 -28.22 7.97
N MET D 153 0.61 -27.40 8.33
CA MET D 153 1.74 -27.75 9.19
C MET D 153 2.36 -29.11 8.87
N LEU D 154 2.62 -29.91 9.91
CA LEU D 154 3.42 -31.13 9.80
C LEU D 154 4.75 -30.79 9.15
N THR D 155 5.02 -31.33 7.96
CA THR D 155 6.22 -31.10 7.16
C THR D 155 7.48 -31.68 7.81
N SER D 156 7.39 -32.21 9.02
CA SER D 156 8.50 -32.88 9.67
C SER D 156 8.31 -34.40 9.68
N ASP D 157 7.26 -34.89 10.36
CA ASP D 157 6.95 -36.32 10.31
C ASP D 157 6.64 -36.77 8.90
N GLN D 158 6.05 -35.90 8.08
CA GLN D 158 5.85 -36.16 6.66
C GLN D 158 7.00 -35.65 5.80
N LYS D 159 8.05 -35.11 6.42
CA LYS D 159 9.28 -34.69 5.74
C LYS D 159 9.08 -33.44 4.90
N PRO D 160 10.18 -32.71 4.58
CA PRO D 160 11.58 -33.02 4.91
C PRO D 160 12.07 -32.48 6.24
N ASP D 161 13.31 -32.84 6.58
CA ASP D 161 14.02 -32.31 7.74
C ASP D 161 15.51 -32.39 7.45
N VAL D 162 16.26 -31.38 7.89
CA VAL D 162 17.69 -31.28 7.62
C VAL D 162 18.40 -30.90 8.91
N MET D 163 19.50 -31.60 9.22
CA MET D 163 20.21 -31.39 10.47
C MET D 163 21.02 -30.10 10.41
N TYR D 164 20.83 -29.25 11.42
CA TYR D 164 21.54 -27.97 11.47
C TYR D 164 22.95 -28.13 12.01
N ALA D 165 23.22 -29.22 12.73
CA ALA D 165 24.48 -29.36 13.46
C ALA D 165 25.69 -29.37 12.55
N ASP D 166 25.49 -29.51 11.23
CA ASP D 166 26.62 -29.49 10.31
C ASP D 166 27.27 -28.11 10.26
N ILE D 167 26.46 -27.06 10.22
CA ILE D 167 26.94 -25.68 10.07
C ILE D 167 26.99 -25.03 11.46
N GLY D 168 28.21 -24.76 11.91
CA GLY D 168 28.40 -24.12 13.20
C GLY D 168 28.83 -22.67 13.10
N GLY D 169 29.01 -22.16 11.88
CA GLY D 169 29.43 -20.78 11.71
C GLY D 169 28.38 -19.76 12.12
N MET D 170 27.13 -20.18 12.26
CA MET D 170 26.02 -19.30 12.59
C MET D 170 25.73 -19.26 14.09
N ASP D 171 26.61 -19.84 14.91
CA ASP D 171 26.36 -19.92 16.35
C ASP D 171 25.93 -18.59 16.95
N ILE D 172 26.67 -17.52 16.66
CA ILE D 172 26.28 -16.22 17.20
C ILE D 172 24.98 -15.71 16.57
N GLN D 173 24.68 -16.13 15.35
CA GLN D 173 23.38 -15.83 14.76
C GLN D 173 22.28 -16.69 15.37
N LYS D 174 22.63 -17.89 15.86
CA LYS D 174 21.67 -18.72 16.58
C LYS D 174 21.49 -18.27 18.02
N GLN D 175 22.38 -17.42 18.54
CA GLN D 175 22.28 -16.99 19.93
C GLN D 175 20.94 -16.33 20.21
N GLU D 176 20.45 -15.52 19.26
CA GLU D 176 19.09 -15.00 19.33
C GLU D 176 18.09 -16.16 19.37
N VAL D 177 18.05 -16.94 18.29
CA VAL D 177 17.12 -18.07 18.17
C VAL D 177 17.23 -19.00 19.36
N ARG D 178 18.42 -19.11 19.94
CA ARG D 178 18.59 -19.90 21.17
C ARG D 178 17.65 -19.41 22.26
N GLU D 179 17.81 -18.16 22.70
CA GLU D 179 16.97 -17.61 23.76
C GLU D 179 15.59 -17.17 23.28
N ALA D 180 15.40 -16.99 21.97
CA ALA D 180 14.15 -16.43 21.46
C ALA D 180 13.15 -17.49 20.98
N VAL D 181 13.45 -18.78 21.15
CA VAL D 181 12.54 -19.80 20.64
C VAL D 181 12.15 -20.79 21.74
N GLU D 182 13.11 -21.59 22.21
CA GLU D 182 12.81 -22.69 23.12
C GLU D 182 12.09 -22.24 24.38
N LEU D 183 12.73 -21.42 25.21
CA LEU D 183 12.08 -20.96 26.44
C LEU D 183 10.84 -20.10 26.19
N PRO D 184 10.79 -19.21 25.19
CA PRO D 184 9.51 -18.51 24.92
C PRO D 184 8.34 -19.45 24.71
N LEU D 185 8.54 -20.57 24.03
CA LEU D 185 7.45 -21.53 23.83
C LEU D 185 7.20 -22.36 25.09
N THR D 186 8.26 -22.93 25.66
CA THR D 186 8.09 -23.87 26.76
C THR D 186 7.83 -23.19 28.10
N HIS D 187 8.11 -21.90 28.22
CA HIS D 187 7.77 -21.17 29.44
C HIS D 187 7.08 -19.87 29.07
N PHE D 188 5.79 -19.76 29.40
CA PHE D 188 5.13 -18.46 29.48
C PHE D 188 5.17 -17.89 30.90
N GLU D 189 5.52 -18.73 31.88
CA GLU D 189 5.47 -18.32 33.28
C GLU D 189 6.69 -17.50 33.67
N LEU D 190 7.86 -17.87 33.13
CA LEU D 190 9.08 -17.14 33.44
C LEU D 190 8.98 -15.67 33.03
N TYR D 191 8.15 -15.36 32.05
CA TYR D 191 7.98 -13.97 31.63
C TYR D 191 7.11 -13.18 32.59
N LYS D 192 6.34 -13.85 33.45
CA LYS D 192 5.71 -13.13 34.56
C LYS D 192 6.72 -12.86 35.67
N GLN D 193 7.67 -13.77 35.86
CA GLN D 193 8.64 -13.67 36.95
C GLN D 193 9.70 -12.61 36.69
N ILE D 194 10.19 -12.51 35.45
CA ILE D 194 11.27 -11.59 35.14
C ILE D 194 10.79 -10.15 35.08
N GLY D 195 9.51 -9.93 34.79
CA GLY D 195 8.99 -8.60 34.59
C GLY D 195 9.18 -8.05 33.20
N ILE D 196 9.63 -8.86 32.25
CA ILE D 196 9.81 -8.46 30.87
C ILE D 196 8.90 -9.32 30.00
N ASP D 197 8.22 -8.68 29.05
CA ASP D 197 7.28 -9.39 28.17
C ASP D 197 8.03 -10.02 27.01
N PRO D 198 7.71 -11.26 26.63
CA PRO D 198 8.39 -11.89 25.50
C PRO D 198 8.03 -11.19 24.20
N PRO D 199 9.03 -10.84 23.39
CA PRO D 199 8.74 -10.22 22.10
C PRO D 199 8.36 -11.26 21.06
N ARG D 200 7.56 -10.82 20.10
CA ARG D 200 7.32 -11.60 18.89
C ARG D 200 8.30 -11.24 17.78
N GLY D 201 9.18 -10.27 18.01
CA GLY D 201 10.08 -9.85 16.97
C GLY D 201 11.17 -10.86 16.68
N VAL D 202 11.27 -11.25 15.41
CA VAL D 202 12.43 -11.97 14.87
C VAL D 202 12.61 -11.51 13.44
N LEU D 203 13.86 -11.33 13.02
CA LEU D 203 14.16 -10.90 11.66
C LEU D 203 15.20 -11.84 11.05
N MET D 204 15.27 -11.82 9.73
CA MET D 204 16.37 -12.41 8.97
C MET D 204 16.60 -11.56 7.73
N TYR D 205 17.79 -11.68 7.14
CA TYR D 205 18.22 -10.71 6.16
C TYR D 205 19.55 -11.17 5.57
N GLY D 206 19.91 -10.58 4.42
CA GLY D 206 21.20 -10.79 3.83
C GLY D 206 21.32 -11.72 2.61
N PRO D 207 20.28 -12.52 2.28
CA PRO D 207 20.63 -13.59 1.32
C PRO D 207 20.89 -13.13 -0.11
N PRO D 208 21.88 -13.74 -0.77
CA PRO D 208 22.90 -14.63 -0.19
C PRO D 208 24.01 -13.84 0.52
N GLY D 209 24.66 -14.42 1.53
CA GLY D 209 24.45 -15.80 1.97
C GLY D 209 23.11 -16.02 2.66
N CYS D 210 22.48 -17.14 2.32
CA CYS D 210 21.06 -17.31 2.66
C CYS D 210 20.86 -17.69 4.13
N GLY D 211 21.22 -18.91 4.51
CA GLY D 211 20.80 -19.38 5.82
C GLY D 211 19.28 -19.43 5.84
N LYS D 212 18.69 -18.67 6.76
CA LYS D 212 17.26 -18.35 6.70
C LYS D 212 16.36 -19.58 6.65
N THR D 213 15.66 -19.76 5.53
CA THR D 213 14.64 -20.80 5.40
C THR D 213 15.15 -22.16 5.89
N MET D 214 16.40 -22.49 5.57
CA MET D 214 16.96 -23.76 6.03
C MET D 214 17.21 -23.74 7.54
N LEU D 215 17.51 -22.57 8.11
CA LEU D 215 17.62 -22.46 9.55
C LEU D 215 16.27 -22.59 10.23
N ALA D 216 15.18 -22.25 9.52
CA ALA D 216 13.84 -22.49 10.05
C ALA D 216 13.50 -23.97 10.02
N LYS D 217 14.13 -24.74 9.14
CA LYS D 217 13.94 -26.19 9.13
C LYS D 217 14.59 -26.84 10.34
N ALA D 218 15.60 -26.17 10.92
CA ALA D 218 16.39 -26.72 12.01
C ALA D 218 15.54 -27.08 13.23
N VAL D 219 14.96 -26.07 13.89
CA VAL D 219 14.27 -26.28 15.15
C VAL D 219 13.08 -27.22 15.01
N ALA D 220 12.67 -27.54 13.78
CA ALA D 220 11.66 -28.57 13.57
C ALA D 220 12.13 -29.95 14.03
N HIS D 221 13.44 -30.14 14.24
CA HIS D 221 13.92 -31.38 14.81
C HIS D 221 13.35 -31.60 16.21
N HIS D 222 13.57 -30.64 17.10
CA HIS D 222 13.31 -30.79 18.52
C HIS D 222 11.93 -30.25 18.91
N THR D 223 11.73 -28.94 18.80
CA THR D 223 10.44 -28.36 19.15
C THR D 223 9.37 -28.87 18.19
N THR D 224 8.31 -29.43 18.75
CA THR D 224 7.22 -30.00 17.97
C THR D 224 6.08 -28.99 17.94
N ALA D 225 5.84 -28.41 16.76
CA ALA D 225 4.82 -27.40 16.58
C ALA D 225 4.47 -27.33 15.10
N ALA D 226 3.59 -26.40 14.76
CA ALA D 226 3.26 -26.17 13.37
C ALA D 226 4.47 -25.61 12.63
N PHE D 227 4.60 -25.96 11.35
CA PHE D 227 5.54 -25.29 10.46
C PHE D 227 4.83 -25.10 9.12
N ILE D 228 4.65 -23.85 8.73
CA ILE D 228 3.88 -23.49 7.54
C ILE D 228 4.81 -22.80 6.56
N ARG D 229 4.97 -23.37 5.37
CA ARG D 229 5.69 -22.69 4.31
C ARG D 229 4.74 -21.70 3.65
N VAL D 230 5.06 -20.41 3.75
CA VAL D 230 4.21 -19.36 3.21
C VAL D 230 5.09 -18.20 2.76
N VAL D 231 4.70 -17.61 1.63
CA VAL D 231 5.38 -16.46 1.05
C VAL D 231 4.38 -15.31 1.04
N GLY D 232 4.74 -14.19 0.41
CA GLY D 232 3.75 -13.16 0.16
C GLY D 232 2.89 -13.42 -1.06
N SER D 233 3.45 -14.05 -2.09
CA SER D 233 2.78 -14.17 -3.37
C SER D 233 2.07 -15.51 -3.61
N GLU D 234 2.23 -16.50 -2.73
CA GLU D 234 1.55 -17.77 -2.97
C GLU D 234 0.10 -17.73 -2.53
N PHE D 235 -0.21 -16.94 -1.51
CA PHE D 235 -1.57 -16.81 -1.03
C PHE D 235 -2.34 -15.68 -1.72
N VAL D 236 -1.72 -15.01 -2.69
CA VAL D 236 -2.48 -14.13 -3.57
C VAL D 236 -3.54 -14.95 -4.29
N GLN D 237 -4.74 -14.39 -4.40
CA GLN D 237 -5.87 -15.12 -4.95
C GLN D 237 -6.51 -14.29 -6.06
N LYS D 238 -7.54 -14.87 -6.68
CA LYS D 238 -8.41 -14.14 -7.58
C LYS D 238 -9.53 -13.42 -6.85
N TYR D 239 -9.75 -13.75 -5.58
CA TYR D 239 -10.76 -13.11 -4.74
C TYR D 239 -10.09 -12.56 -3.50
N LEU D 240 -10.57 -11.39 -3.05
CA LEU D 240 -9.88 -10.67 -1.98
C LEU D 240 -10.13 -11.31 -0.62
N GLY D 241 -11.32 -11.86 -0.41
CA GLY D 241 -11.72 -12.33 0.91
C GLY D 241 -11.01 -13.59 1.38
N GLU D 242 -10.23 -14.24 0.52
CA GLU D 242 -9.56 -15.48 0.92
C GLU D 242 -8.44 -15.24 1.92
N GLY D 243 -7.95 -14.01 2.02
CA GLY D 243 -6.89 -13.69 2.95
C GLY D 243 -7.24 -14.03 4.39
N PRO D 244 -8.33 -13.49 4.92
CA PRO D 244 -8.77 -13.92 6.25
C PRO D 244 -9.33 -15.33 6.24
N ARG D 245 -9.83 -15.81 5.10
CA ARG D 245 -10.10 -17.24 4.98
C ARG D 245 -8.82 -18.05 5.12
N MET D 246 -7.66 -17.40 5.00
CA MET D 246 -6.38 -17.99 5.36
C MET D 246 -5.83 -17.39 6.65
N VAL D 247 -5.47 -16.10 6.64
CA VAL D 247 -4.69 -15.53 7.74
C VAL D 247 -5.52 -15.43 9.02
N ARG D 248 -6.81 -15.08 8.91
CA ARG D 248 -7.65 -15.12 10.10
C ARG D 248 -7.86 -16.57 10.54
N ASP D 249 -7.95 -17.49 9.59
CA ASP D 249 -7.95 -18.90 9.93
C ASP D 249 -6.57 -19.36 10.37
N VAL D 250 -5.51 -18.79 9.77
CA VAL D 250 -4.14 -19.10 10.20
C VAL D 250 -3.97 -18.84 11.68
N PHE D 251 -4.52 -17.72 12.17
CA PHE D 251 -4.42 -17.43 13.60
C PHE D 251 -5.28 -18.37 14.43
N ARG D 252 -6.54 -18.55 14.03
CA ARG D 252 -7.42 -19.44 14.77
C ARG D 252 -7.02 -20.90 14.62
N LEU D 253 -6.32 -21.27 13.55
CA LEU D 253 -5.79 -22.63 13.48
C LEU D 253 -4.50 -22.78 14.28
N ALA D 254 -3.75 -21.69 14.46
CA ALA D 254 -2.51 -21.76 15.22
C ALA D 254 -2.79 -21.83 16.71
N LYS D 255 -3.42 -20.79 17.26
CA LYS D 255 -3.64 -20.74 18.70
C LYS D 255 -4.52 -21.88 19.20
N GLU D 256 -5.41 -22.40 18.34
CA GLU D 256 -6.24 -23.53 18.75
C GLU D 256 -5.48 -24.85 18.66
N ASN D 257 -4.59 -24.99 17.69
CA ASN D 257 -3.69 -26.14 17.61
C ASN D 257 -2.40 -25.89 18.36
N ALA D 258 -2.28 -24.75 19.05
CA ALA D 258 -1.10 -24.41 19.83
C ALA D 258 -0.80 -25.47 20.89
N PRO D 259 0.47 -25.65 21.26
CA PRO D 259 1.68 -24.95 20.80
C PRO D 259 1.96 -25.10 19.29
N ALA D 260 2.18 -23.96 18.63
CA ALA D 260 2.38 -23.93 17.19
C ALA D 260 3.25 -22.74 16.83
N ILE D 261 3.94 -22.86 15.69
CA ILE D 261 4.82 -21.83 15.18
C ILE D 261 4.54 -21.65 13.70
N ILE D 262 4.72 -20.43 13.20
CA ILE D 262 4.53 -20.13 11.80
C ILE D 262 5.64 -19.21 11.32
N PHE D 263 6.33 -19.61 10.25
CA PHE D 263 7.31 -18.78 9.57
C PHE D 263 6.79 -18.43 8.19
N ILE D 264 6.77 -17.13 7.88
CA ILE D 264 6.42 -16.67 6.54
C ILE D 264 7.73 -16.43 5.80
N ASP D 265 8.00 -17.27 4.79
CA ASP D 265 9.23 -17.13 4.03
C ASP D 265 9.10 -15.98 3.04
N GLU D 266 10.03 -15.02 3.12
CA GLU D 266 10.05 -13.85 2.25
C GLU D 266 8.74 -13.06 2.37
N ILE D 267 8.59 -12.42 3.53
CA ILE D 267 7.42 -11.58 3.78
C ILE D 267 7.46 -10.29 2.98
N ASP D 268 8.58 -9.98 2.33
CA ASP D 268 8.78 -8.69 1.69
C ASP D 268 7.90 -8.48 0.46
N ALA D 269 7.21 -9.52 -0.01
CA ALA D 269 6.40 -9.38 -1.22
C ALA D 269 5.18 -8.51 -0.98
N ILE D 270 4.64 -8.50 0.26
CA ILE D 270 3.41 -7.79 0.56
C ILE D 270 3.65 -6.40 1.11
N ALA D 271 4.90 -5.94 1.21
CA ALA D 271 5.20 -4.64 1.79
C ALA D 271 5.23 -3.52 0.75
N THR D 272 4.93 -3.81 -0.51
CA THR D 272 5.03 -2.81 -1.55
C THR D 272 4.00 -1.71 -1.36
N LYS D 273 4.42 -0.46 -1.59
CA LYS D 273 3.52 0.69 -1.55
C LYS D 273 2.86 0.84 -2.92
N ARG D 274 1.53 0.88 -2.94
CA ARG D 274 0.82 0.94 -4.21
C ARG D 274 -0.56 1.55 -3.98
N PHE D 275 -1.18 1.99 -5.08
CA PHE D 275 -2.42 2.76 -5.06
C PHE D 275 -3.54 2.09 -5.83
N ASP D 276 -3.35 1.83 -7.13
CA ASP D 276 -4.45 1.56 -8.05
C ASP D 276 -5.40 0.47 -7.53
N ALA D 277 -6.70 0.69 -7.76
CA ALA D 277 -7.76 -0.15 -7.22
C ALA D 277 -7.75 -1.57 -7.77
N GLN D 278 -7.00 -1.84 -8.86
CA GLN D 278 -6.77 -3.23 -9.24
C GLN D 278 -6.01 -3.96 -8.14
N THR D 279 -5.01 -3.29 -7.56
CA THR D 279 -4.42 -3.72 -6.29
C THR D 279 -5.32 -3.45 -5.10
N GLY D 280 -6.49 -2.82 -5.31
CA GLY D 280 -7.43 -2.65 -4.22
C GLY D 280 -7.75 -3.96 -3.52
N ALA D 281 -7.74 -5.06 -4.26
CA ALA D 281 -7.75 -6.38 -3.62
C ALA D 281 -6.47 -6.60 -2.82
N ASP D 282 -5.31 -6.31 -3.44
CA ASP D 282 -4.05 -6.37 -2.71
C ASP D 282 -4.00 -5.32 -1.61
N ARG D 283 -4.51 -4.12 -1.89
CA ARG D 283 -4.73 -3.16 -0.81
C ARG D 283 -5.57 -3.79 0.29
N GLU D 284 -6.54 -4.61 -0.09
CA GLU D 284 -7.30 -5.34 0.91
C GLU D 284 -6.49 -6.49 1.49
N VAL D 285 -5.59 -7.11 0.71
CA VAL D 285 -4.73 -8.12 1.30
C VAL D 285 -3.60 -7.51 2.10
N GLN D 286 -3.23 -6.25 1.82
CA GLN D 286 -2.42 -5.52 2.78
C GLN D 286 -3.28 -4.80 3.83
N ARG D 287 -4.59 -4.72 3.61
CA ARG D 287 -5.51 -4.56 4.72
C ARG D 287 -5.74 -5.89 5.43
N ILE D 288 -5.63 -7.00 4.71
CA ILE D 288 -5.55 -8.32 5.35
C ILE D 288 -4.24 -8.45 6.10
N LEU D 289 -3.13 -8.03 5.47
CA LEU D 289 -1.88 -7.87 6.21
C LEU D 289 -2.08 -6.95 7.40
N LEU D 290 -2.91 -5.92 7.24
CA LEU D 290 -3.34 -5.11 8.37
C LEU D 290 -4.32 -5.88 9.25
N GLU D 291 -5.24 -6.63 8.64
CA GLU D 291 -6.18 -7.44 9.41
C GLU D 291 -5.46 -8.57 10.14
N LEU D 292 -4.42 -9.14 9.51
CA LEU D 292 -3.59 -10.08 10.26
C LEU D 292 -2.65 -9.35 11.20
N LEU D 293 -2.25 -8.12 10.86
CA LEU D 293 -1.56 -7.27 11.83
C LEU D 293 -2.45 -7.00 13.02
N ASN D 294 -3.73 -6.74 12.76
CA ASN D 294 -4.73 -6.52 13.80
C ASN D 294 -4.86 -7.73 14.72
N GLN D 295 -5.29 -8.86 14.18
CA GLN D 295 -5.71 -10.00 14.98
C GLN D 295 -4.57 -10.93 15.39
N MET D 296 -3.32 -10.63 15.01
CA MET D 296 -2.21 -11.41 15.55
C MET D 296 -1.85 -10.99 16.96
N ASP D 297 -2.14 -9.73 17.32
CA ASP D 297 -1.87 -9.26 18.68
C ASP D 297 -2.79 -9.91 19.70
N GLY D 298 -3.82 -10.63 19.26
CA GLY D 298 -4.60 -11.46 20.17
C GLY D 298 -3.81 -12.58 20.78
N PHE D 299 -2.64 -12.90 20.21
CA PHE D 299 -1.75 -13.87 20.83
C PHE D 299 -1.32 -13.43 22.22
N ASP D 300 -1.28 -12.12 22.46
CA ASP D 300 -0.97 -11.61 23.79
C ASP D 300 -2.15 -11.82 24.71
N GLN D 301 -1.92 -12.53 25.82
CA GLN D 301 -0.60 -13.06 26.14
C GLN D 301 -0.59 -14.58 26.06
N ASN D 302 0.55 -15.17 26.43
CA ASN D 302 0.74 -16.61 26.49
C ASN D 302 0.62 -17.29 25.13
N VAL D 303 -0.29 -18.25 25.04
CA VAL D 303 -0.34 -19.23 23.95
C VAL D 303 -1.03 -18.67 22.69
N ASN D 304 -0.39 -18.73 21.51
CA ASN D 304 1.04 -19.02 21.31
C ASN D 304 1.44 -18.44 19.95
N VAL D 305 2.74 -18.20 19.77
CA VAL D 305 3.32 -17.93 18.45
C VAL D 305 4.82 -17.76 18.56
N LYS D 306 5.52 -17.93 17.45
CA LYS D 306 6.85 -17.37 17.22
C LYS D 306 6.77 -16.66 15.89
N VAL D 307 6.86 -15.33 15.91
CA VAL D 307 6.81 -14.56 14.68
C VAL D 307 8.24 -14.38 14.22
N ILE D 308 8.61 -15.08 13.15
CA ILE D 308 9.96 -15.09 12.63
C ILE D 308 9.90 -14.62 11.18
N MET D 309 10.81 -13.74 10.81
CA MET D 309 10.66 -12.96 9.59
C MET D 309 11.96 -12.95 8.82
N ALA D 310 11.86 -12.83 7.50
CA ALA D 310 13.02 -12.79 6.65
C ALA D 310 12.74 -11.92 5.43
N THR D 311 13.74 -11.14 5.05
CA THR D 311 13.68 -10.36 3.82
C THR D 311 15.10 -10.16 3.30
N ASN D 312 15.26 -10.20 1.98
CA ASN D 312 16.56 -9.85 1.40
C ASN D 312 16.71 -8.36 1.19
N ARG D 313 15.62 -7.60 1.25
CA ARG D 313 15.65 -6.15 1.11
C ARG D 313 14.67 -5.55 2.11
N ALA D 314 15.14 -4.56 2.88
CA ALA D 314 14.35 -3.95 3.94
C ALA D 314 13.64 -2.68 3.52
N ASP D 315 13.68 -2.33 2.23
CA ASP D 315 13.18 -1.05 1.74
C ASP D 315 11.72 -0.78 2.09
N THR D 316 10.80 -1.56 1.53
CA THR D 316 9.38 -1.23 1.56
C THR D 316 8.67 -1.70 2.82
N LEU D 317 9.38 -2.32 3.77
CA LEU D 317 8.73 -2.76 5.00
C LEU D 317 8.18 -1.56 5.75
N ASP D 318 6.88 -1.62 6.06
CA ASP D 318 6.18 -0.50 6.66
C ASP D 318 6.57 -0.33 8.12
N PRO D 319 6.46 0.90 8.65
CA PRO D 319 6.76 1.10 10.07
C PRO D 319 5.88 0.28 10.99
N ALA D 320 4.61 0.08 10.63
CA ALA D 320 3.72 -0.75 11.43
C ALA D 320 4.07 -2.23 11.36
N LEU D 321 4.89 -2.64 10.38
CA LEU D 321 5.37 -4.02 10.36
C LEU D 321 6.53 -4.22 11.33
N LEU D 322 7.37 -3.19 11.50
CA LEU D 322 8.43 -3.18 12.50
C LEU D 322 7.97 -2.60 13.82
N ARG D 323 6.67 -2.35 13.97
CA ARG D 323 6.03 -1.67 15.10
C ARG D 323 6.48 -2.25 16.44
N PRO D 324 6.65 -1.41 17.46
CA PRO D 324 6.93 -1.94 18.80
C PRO D 324 5.88 -2.95 19.21
N GLY D 325 6.34 -4.11 19.67
CA GLY D 325 5.44 -5.23 19.89
C GLY D 325 5.20 -6.09 18.68
N ARG D 326 5.96 -5.86 17.60
CA ARG D 326 5.87 -6.70 16.40
C ARG D 326 7.23 -7.25 16.03
N LEU D 327 8.15 -6.39 15.63
CA LEU D 327 9.56 -6.77 15.50
C LEU D 327 10.34 -5.97 16.54
N ASP D 328 10.69 -6.63 17.64
CA ASP D 328 11.59 -6.08 18.64
C ASP D 328 13.00 -6.65 18.56
N ARG D 329 13.23 -7.62 17.68
CA ARG D 329 14.52 -8.30 17.57
C ARG D 329 14.88 -8.43 16.10
N LYS D 330 16.08 -7.97 15.75
CA LYS D 330 16.54 -7.97 14.37
C LYS D 330 17.77 -8.86 14.24
N ILE D 331 17.67 -9.87 13.39
CA ILE D 331 18.83 -10.67 12.97
C ILE D 331 19.18 -10.25 11.54
N GLU D 332 20.45 -10.01 11.31
CA GLU D 332 20.98 -9.71 9.99
C GLU D 332 21.84 -10.89 9.54
N PHE D 333 22.51 -10.74 8.40
CA PHE D 333 23.40 -11.80 7.97
C PHE D 333 24.82 -11.46 8.37
N PRO D 334 25.38 -12.08 9.40
CA PRO D 334 26.82 -11.94 9.66
C PRO D 334 27.60 -12.71 8.60
N LEU D 335 28.63 -12.07 8.09
CA LEU D 335 29.39 -12.76 7.06
C LEU D 335 30.26 -13.85 7.68
N PRO D 336 30.30 -15.03 7.07
CA PRO D 336 31.24 -16.06 7.54
C PRO D 336 32.67 -15.56 7.50
N ASP D 337 33.48 -15.99 8.47
CA ASP D 337 34.83 -15.50 8.63
C ASP D 337 35.71 -16.65 9.10
N ARG D 338 36.93 -16.31 9.52
CA ARG D 338 37.99 -17.31 9.72
C ARG D 338 37.51 -18.52 10.52
N ARG D 339 36.84 -18.27 11.64
CA ARG D 339 36.16 -19.35 12.35
C ARG D 339 35.16 -20.05 11.43
N GLN D 340 34.15 -19.29 10.97
CA GLN D 340 33.10 -19.85 10.12
C GLN D 340 33.69 -20.49 8.85
N LYS D 341 34.70 -19.84 8.26
CA LYS D 341 35.39 -20.44 7.12
C LYS D 341 35.95 -21.81 7.50
N ARG D 342 36.87 -21.84 8.46
CA ARG D 342 37.42 -23.11 8.94
C ARG D 342 36.31 -24.07 9.37
N LEU D 343 35.19 -23.54 9.88
CA LEU D 343 34.04 -24.38 10.13
C LEU D 343 33.40 -24.84 8.82
N ILE D 344 33.17 -23.91 7.90
CA ILE D 344 32.63 -24.30 6.60
C ILE D 344 33.66 -25.04 5.76
N PHE D 345 34.95 -24.92 6.10
CA PHE D 345 35.95 -25.76 5.47
C PHE D 345 35.87 -27.19 6.00
N SER D 346 35.68 -27.34 7.31
CA SER D 346 35.69 -28.68 7.92
C SER D 346 34.36 -29.39 7.74
N THR D 347 33.24 -28.66 7.79
CA THR D 347 31.94 -29.31 7.79
C THR D 347 31.62 -29.97 6.46
N ILE D 348 32.14 -29.42 5.35
CA ILE D 348 31.83 -29.98 4.04
C ILE D 348 32.69 -31.21 3.75
N THR D 349 33.98 -31.12 4.05
CA THR D 349 34.93 -32.17 3.68
C THR D 349 34.96 -33.33 4.65
N SER D 350 34.37 -33.17 5.84
CA SER D 350 34.26 -34.29 6.77
C SER D 350 33.29 -35.36 6.28
N LYS D 351 32.49 -35.06 5.25
CA LYS D 351 31.57 -36.03 4.67
C LYS D 351 32.17 -36.63 3.40
N MET D 352 32.39 -35.79 2.39
CA MET D 352 32.98 -36.24 1.15
C MET D 352 34.44 -36.63 1.35
N ASN D 353 34.97 -37.40 0.40
CA ASN D 353 36.33 -37.91 0.50
C ASN D 353 37.33 -36.78 0.66
N LEU D 354 38.18 -36.88 1.69
CA LEU D 354 39.17 -35.87 2.01
C LEU D 354 40.57 -36.48 1.92
N SER D 355 41.56 -35.62 1.74
CA SER D 355 42.94 -36.05 1.54
C SER D 355 43.87 -35.43 2.57
N GLU D 356 45.02 -36.08 2.75
CA GLU D 356 46.15 -35.44 3.41
C GLU D 356 46.68 -34.28 2.58
N GLU D 357 46.41 -34.28 1.27
CA GLU D 357 46.76 -33.17 0.39
C GLU D 357 46.05 -31.88 0.80
N VAL D 358 44.95 -31.98 1.55
CA VAL D 358 44.07 -30.84 1.78
C VAL D 358 44.54 -30.10 3.03
N ASP D 359 45.06 -28.90 2.83
CA ASP D 359 45.32 -27.94 3.91
C ASP D 359 44.45 -26.74 3.64
N LEU D 360 43.45 -26.52 4.50
CA LEU D 360 42.49 -25.45 4.30
C LEU D 360 42.86 -24.17 5.05
N GLU D 361 43.97 -24.18 5.78
CA GLU D 361 44.42 -22.97 6.46
C GLU D 361 45.00 -21.96 5.48
N ASP D 362 45.47 -22.43 4.31
CA ASP D 362 45.87 -21.50 3.26
C ASP D 362 44.66 -20.80 2.66
N TYR D 363 43.51 -21.47 2.66
CA TYR D 363 42.29 -20.94 2.07
C TYR D 363 41.43 -20.17 3.06
N VAL D 364 41.77 -20.19 4.35
CA VAL D 364 41.16 -19.24 5.29
C VAL D 364 41.72 -17.84 5.11
N ALA D 365 42.71 -17.68 4.21
CA ALA D 365 43.31 -16.40 3.90
C ALA D 365 43.12 -16.02 2.43
N ARG D 366 43.67 -16.82 1.51
CA ARG D 366 43.72 -16.43 0.11
C ARG D 366 42.33 -16.17 -0.50
N PRO D 367 41.40 -17.13 -0.52
CA PRO D 367 40.05 -16.80 -0.99
C PRO D 367 39.27 -15.92 -0.02
N ASP D 368 39.60 -15.97 1.27
CA ASP D 368 38.87 -15.22 2.28
C ASP D 368 39.01 -13.70 2.11
N LYS D 369 39.94 -13.25 1.27
CA LYS D 369 40.13 -11.82 1.05
C LYS D 369 38.93 -11.19 0.36
N ILE D 370 38.06 -11.97 -0.27
CA ILE D 370 36.91 -11.44 -0.99
C ILE D 370 35.62 -12.03 -0.40
N SER D 371 35.46 -13.35 -0.52
CA SER D 371 34.26 -14.02 -0.03
C SER D 371 34.37 -14.36 1.46
N GLY D 372 33.28 -14.22 2.20
CA GLY D 372 31.99 -13.87 1.62
C GLY D 372 31.20 -15.08 1.15
N ALA D 373 30.49 -14.90 0.04
CA ALA D 373 29.70 -15.94 -0.62
C ALA D 373 28.63 -16.51 0.37
N ASP D 374 28.09 -17.76 0.36
CA ASP D 374 27.99 -18.81 -0.70
C ASP D 374 29.15 -19.83 -0.71
N ILE D 375 30.09 -19.68 0.22
CA ILE D 375 31.20 -20.62 0.33
C ILE D 375 30.69 -22.06 0.45
N ASN D 376 29.53 -22.26 1.09
CA ASN D 376 29.00 -23.62 1.23
C ASN D 376 28.85 -24.31 -0.11
N SER D 377 28.25 -23.62 -1.08
CA SER D 377 28.19 -24.16 -2.43
C SER D 377 29.57 -24.20 -3.06
N ILE D 378 30.39 -23.17 -2.83
CA ILE D 378 31.78 -23.20 -3.28
C ILE D 378 32.51 -24.39 -2.67
N CYS D 379 32.20 -24.71 -1.42
CA CYS D 379 32.69 -25.94 -0.83
C CYS D 379 32.18 -27.17 -1.57
N GLN D 380 30.95 -27.11 -2.07
CA GLN D 380 30.42 -28.16 -2.93
C GLN D 380 30.91 -28.04 -4.37
N GLU D 381 31.29 -26.84 -4.81
CA GLU D 381 31.74 -26.67 -6.19
C GLU D 381 32.98 -27.51 -6.48
N SER D 382 34.00 -27.42 -5.62
CA SER D 382 35.17 -28.26 -5.79
C SER D 382 34.82 -29.74 -5.63
N GLY D 383 33.80 -30.06 -4.83
CA GLY D 383 33.28 -31.41 -4.82
C GLY D 383 32.61 -31.77 -6.14
N MET D 384 31.87 -30.83 -6.71
CA MET D 384 31.30 -31.01 -8.04
C MET D 384 32.37 -31.09 -9.13
N LEU D 385 33.59 -30.68 -8.82
CA LEU D 385 34.71 -30.80 -9.74
C LEU D 385 35.34 -32.19 -9.73
N ALA D 386 34.95 -33.04 -8.78
CA ALA D 386 35.40 -34.43 -8.80
C ALA D 386 34.65 -35.25 -9.84
N VAL D 387 33.46 -34.81 -10.25
CA VAL D 387 32.70 -35.50 -11.29
C VAL D 387 33.32 -35.35 -12.66
N ARG D 388 34.25 -34.39 -12.82
CA ARG D 388 35.06 -34.32 -14.03
C ARG D 388 35.80 -35.63 -14.29
N GLU D 389 36.03 -36.40 -13.24
CA GLU D 389 36.65 -37.72 -13.31
C GLU D 389 35.60 -38.68 -12.68
N ASN D 390 35.75 -40.01 -12.54
CA ASN D 390 36.95 -40.87 -12.59
C ASN D 390 37.89 -40.52 -11.43
N ARG D 391 37.30 -39.97 -10.37
CA ARG D 391 38.02 -39.43 -9.23
C ARG D 391 37.47 -40.02 -7.94
N TYR D 392 38.33 -40.05 -6.93
CA TYR D 392 37.94 -40.44 -5.57
C TYR D 392 38.01 -39.27 -4.61
N ILE D 393 39.20 -38.72 -4.39
CA ILE D 393 39.39 -37.56 -3.51
C ILE D 393 39.75 -36.36 -4.38
N VAL D 394 39.09 -35.23 -4.12
CA VAL D 394 39.27 -34.05 -4.95
C VAL D 394 40.68 -33.48 -4.76
N LEU D 395 41.26 -32.97 -5.85
CA LEU D 395 42.61 -32.46 -5.86
C LEU D 395 42.65 -31.00 -5.39
N ALA D 396 43.85 -30.44 -5.33
CA ALA D 396 44.02 -29.04 -4.98
C ALA D 396 43.76 -28.13 -6.18
N LYS D 397 44.12 -28.57 -7.38
CA LYS D 397 43.81 -27.80 -8.58
C LYS D 397 42.32 -27.60 -8.78
N ASP D 398 41.50 -28.49 -8.21
CA ASP D 398 40.06 -28.27 -8.20
C ASP D 398 39.65 -27.29 -7.11
N PHE D 399 40.38 -27.28 -5.98
CA PHE D 399 40.15 -26.28 -4.95
C PHE D 399 40.30 -24.88 -5.53
N GLU D 400 41.41 -24.63 -6.22
CA GLU D 400 41.64 -23.34 -6.84
C GLU D 400 40.70 -23.12 -8.02
N LYS D 401 40.36 -24.18 -8.76
CA LYS D 401 39.42 -24.04 -9.87
C LYS D 401 38.06 -23.57 -9.36
N ALA D 402 37.65 -24.03 -8.18
CA ALA D 402 36.44 -23.50 -7.57
C ALA D 402 36.61 -22.03 -7.21
N TYR D 403 37.83 -21.65 -6.81
CA TYR D 403 38.09 -20.25 -6.49
C TYR D 403 38.29 -19.42 -7.75
N LYS D 404 38.83 -20.02 -8.82
CA LYS D 404 39.03 -19.28 -10.06
C LYS D 404 37.74 -19.16 -10.86
N THR D 405 36.77 -20.06 -10.63
CA THR D 405 35.48 -19.91 -11.29
C THR D 405 34.62 -18.86 -10.59
N VAL D 406 34.63 -18.85 -9.26
CA VAL D 406 33.89 -17.87 -8.49
C VAL D 406 34.73 -17.31 -7.35
N ILE D 407 34.96 -16.00 -7.34
CA ILE D 407 34.48 -15.09 -8.36
C ILE D 407 35.54 -14.00 -8.60
N LYS D 408 35.24 -13.08 -9.51
CA LYS D 408 36.11 -11.95 -9.84
C LYS D 408 35.30 -10.66 -9.55
N LYS D 409 35.88 -9.46 -9.64
CA LYS D 409 37.27 -9.16 -9.97
C LYS D 409 37.78 -7.95 -9.17
N ASP D 410 39.10 -7.80 -9.13
CA ASP D 410 39.72 -6.50 -8.91
C ASP D 410 40.28 -6.08 -10.27
N GLU D 411 39.76 -5.04 -10.94
CA GLU D 411 38.84 -3.99 -10.45
C GLU D 411 39.44 -3.22 -9.27
N GLN D 412 40.46 -2.39 -9.52
CA GLN D 412 40.95 -1.99 -10.84
C GLN D 412 42.21 -1.14 -10.67
N GLU D 413 42.92 -0.87 -11.76
CA GLU D 413 43.86 0.24 -11.77
C GLU D 413 43.15 1.55 -11.43
N HIS D 414 41.84 1.60 -11.69
CA HIS D 414 40.98 2.65 -11.16
C HIS D 414 41.08 2.77 -9.65
N GLU D 415 41.36 1.66 -8.97
CA GLU D 415 41.58 1.65 -7.53
C GLU D 415 43.06 1.67 -7.15
N PHE D 416 43.97 1.62 -8.12
CA PHE D 416 45.40 1.59 -7.81
C PHE D 416 45.88 2.94 -7.29
N TYR D 417 45.56 4.02 -8.02
CA TYR D 417 45.76 5.37 -7.48
C TYR D 417 44.75 5.67 -6.38
N LYS D 418 43.77 4.79 -6.17
CA LYS D 418 42.80 4.88 -5.09
C LYS D 418 41.92 6.13 -5.21
N THR E 51 -28.03 -46.58 -40.47
CA THR E 51 -29.36 -46.44 -39.87
C THR E 51 -29.33 -46.84 -38.40
N LYS E 52 -28.71 -47.98 -38.11
CA LYS E 52 -28.58 -48.44 -36.72
C LYS E 52 -27.54 -47.64 -35.97
N GLN E 53 -26.43 -47.29 -36.62
CA GLN E 53 -25.41 -46.49 -35.96
C GLN E 53 -25.89 -45.08 -35.66
N TYR E 54 -26.79 -44.54 -36.49
CA TYR E 54 -27.37 -43.24 -36.20
C TYR E 54 -28.23 -43.30 -34.94
N GLU E 55 -29.03 -44.35 -34.80
CA GLU E 55 -29.79 -44.55 -33.57
C GLU E 55 -28.87 -44.76 -32.38
N LYS E 56 -27.70 -45.38 -32.60
CA LYS E 56 -26.73 -45.51 -31.52
C LYS E 56 -26.24 -44.14 -31.06
N SER E 57 -25.99 -43.23 -31.99
CA SER E 57 -25.67 -41.85 -31.62
C SER E 57 -26.87 -41.15 -31.01
N GLU E 58 -28.09 -41.57 -31.36
CA GLU E 58 -29.27 -41.08 -30.68
C GLU E 58 -29.33 -41.60 -29.25
N ASN E 59 -29.08 -42.91 -29.08
CA ASN E 59 -28.99 -43.46 -27.73
C ASN E 59 -27.79 -42.91 -26.99
N ASP E 60 -26.72 -42.58 -27.70
CA ASP E 60 -25.65 -41.79 -27.10
C ASP E 60 -26.22 -40.49 -26.54
N LEU E 61 -27.05 -39.80 -27.32
CA LEU E 61 -27.63 -38.55 -26.86
C LEU E 61 -28.68 -38.80 -25.77
N LYS E 62 -29.18 -40.02 -25.65
CA LYS E 62 -30.08 -40.33 -24.55
C LYS E 62 -29.33 -40.40 -23.23
N ALA E 63 -28.00 -40.45 -23.27
CA ALA E 63 -27.21 -40.37 -22.03
C ALA E 63 -26.78 -38.94 -21.71
N LEU E 64 -26.95 -38.01 -22.66
CA LEU E 64 -26.34 -36.70 -22.53
C LEU E 64 -27.25 -35.67 -21.89
N GLN E 65 -28.54 -35.98 -21.73
CA GLN E 65 -29.42 -35.04 -21.06
C GLN E 65 -29.05 -34.94 -19.58
N SER E 66 -28.45 -35.98 -19.02
CA SER E 66 -27.93 -35.91 -17.67
C SER E 66 -26.86 -34.82 -17.58
N VAL E 67 -27.03 -33.93 -16.61
CA VAL E 67 -26.16 -32.76 -16.50
C VAL E 67 -24.80 -33.19 -15.96
N GLY E 68 -23.77 -32.47 -16.36
CA GLY E 68 -22.45 -32.72 -15.84
C GLY E 68 -22.30 -32.16 -14.43
N GLN E 69 -21.56 -32.89 -13.60
CA GLN E 69 -21.37 -32.48 -12.22
C GLN E 69 -20.45 -31.27 -12.14
N ILE E 70 -20.23 -30.82 -10.92
CA ILE E 70 -19.37 -29.68 -10.63
C ILE E 70 -18.03 -30.18 -10.13
N VAL E 71 -16.94 -29.61 -10.64
CA VAL E 71 -15.63 -29.97 -10.13
C VAL E 71 -15.51 -29.52 -8.68
N GLY E 72 -14.65 -30.21 -7.94
CA GLY E 72 -14.44 -29.88 -6.55
C GLY E 72 -13.07 -30.30 -6.08
N GLU E 73 -12.64 -29.67 -5.01
CA GLU E 73 -11.44 -30.07 -4.29
C GLU E 73 -11.85 -30.38 -2.86
N VAL E 74 -11.79 -31.65 -2.47
CA VAL E 74 -12.01 -31.97 -1.06
C VAL E 74 -10.91 -31.30 -0.27
N LEU E 75 -11.29 -30.46 0.69
CA LEU E 75 -10.31 -29.75 1.49
C LEU E 75 -9.90 -30.59 2.69
N LYS E 76 -10.83 -30.81 3.62
CA LYS E 76 -10.66 -31.74 4.73
C LYS E 76 -12.02 -32.35 5.02
N GLN E 77 -12.14 -33.05 6.16
CA GLN E 77 -13.38 -33.71 6.51
C GLN E 77 -13.74 -33.41 7.96
N LEU E 78 -14.99 -33.71 8.31
CA LEU E 78 -15.48 -33.52 9.67
C LEU E 78 -16.03 -34.83 10.21
N THR E 79 -17.09 -35.34 9.59
CA THR E 79 -17.65 -36.64 9.90
C THR E 79 -17.90 -37.39 8.60
N GLU E 80 -18.45 -38.61 8.69
CA GLU E 80 -18.69 -39.41 7.49
C GLU E 80 -19.78 -38.81 6.60
N GLU E 81 -20.63 -37.94 7.13
CA GLU E 81 -21.58 -37.20 6.31
C GLU E 81 -21.14 -35.77 6.01
N LYS E 82 -19.99 -35.32 6.53
CA LYS E 82 -19.58 -33.93 6.42
C LYS E 82 -18.11 -33.86 6.05
N PHE E 83 -17.81 -33.26 4.90
CA PHE E 83 -16.45 -33.14 4.40
C PHE E 83 -16.23 -31.73 3.88
N ILE E 84 -15.15 -31.09 4.33
CA ILE E 84 -14.89 -29.71 3.91
C ILE E 84 -14.54 -29.72 2.42
N VAL E 85 -15.30 -28.98 1.63
CA VAL E 85 -15.10 -28.88 0.19
C VAL E 85 -15.39 -27.44 -0.21
N LYS E 86 -14.73 -26.99 -1.27
CA LYS E 86 -14.91 -25.64 -1.79
C LYS E 86 -15.10 -25.69 -3.30
N ALA E 87 -15.96 -24.78 -3.78
CA ALA E 87 -16.08 -24.59 -5.22
C ALA E 87 -14.86 -23.81 -5.73
N THR E 88 -14.63 -23.93 -7.04
CA THR E 88 -13.54 -23.18 -7.66
C THR E 88 -13.73 -21.67 -7.53
N ASN E 89 -14.96 -21.22 -7.28
CA ASN E 89 -15.26 -19.81 -7.08
C ASN E 89 -15.26 -19.38 -5.63
N GLY E 90 -14.91 -20.28 -4.70
CA GLY E 90 -14.67 -19.90 -3.33
C GLY E 90 -15.65 -20.27 -2.23
N PRO E 91 -16.93 -20.57 -2.53
CA PRO E 91 -17.80 -21.01 -1.43
C PRO E 91 -17.40 -22.38 -0.91
N ARG E 92 -17.34 -22.50 0.42
CA ARG E 92 -16.96 -23.74 1.08
C ARG E 92 -18.21 -24.46 1.58
N TYR E 93 -18.22 -25.78 1.41
CA TYR E 93 -19.38 -26.59 1.74
C TYR E 93 -18.95 -27.82 2.54
N VAL E 94 -19.94 -28.47 3.15
CA VAL E 94 -19.78 -29.80 3.71
C VAL E 94 -20.97 -30.64 3.26
N VAL E 95 -20.69 -31.75 2.58
CA VAL E 95 -21.72 -32.58 1.96
C VAL E 95 -21.49 -34.03 2.36
N GLY E 96 -22.42 -34.89 1.94
CA GLY E 96 -22.24 -36.32 2.11
C GLY E 96 -21.65 -36.97 0.88
N CYS E 97 -21.07 -38.15 1.07
CA CYS E 97 -20.47 -38.88 -0.03
C CYS E 97 -21.49 -39.77 -0.70
N ARG E 98 -21.06 -40.45 -1.76
CA ARG E 98 -21.82 -41.57 -2.27
C ARG E 98 -21.47 -42.81 -1.46
N ARG E 99 -22.13 -43.93 -1.76
CA ARG E 99 -22.01 -45.11 -0.92
C ARG E 99 -20.95 -46.09 -1.38
N GLN E 100 -20.34 -45.89 -2.55
CA GLN E 100 -19.29 -46.80 -2.99
C GLN E 100 -17.94 -46.47 -2.38
N LEU E 101 -17.68 -45.19 -2.09
CA LEU E 101 -16.34 -44.75 -1.74
C LEU E 101 -16.01 -45.00 -0.28
N ASP E 102 -14.72 -45.12 -0.01
CA ASP E 102 -14.15 -44.94 1.32
C ASP E 102 -13.32 -43.66 1.31
N LYS E 103 -13.21 -43.01 2.47
CA LYS E 103 -12.43 -41.79 2.52
C LYS E 103 -10.95 -42.02 2.20
N SER E 104 -10.50 -43.29 2.21
CA SER E 104 -9.18 -43.59 1.70
C SER E 104 -9.10 -43.38 0.19
N LYS E 105 -10.24 -43.43 -0.49
CA LYS E 105 -10.31 -43.08 -1.90
C LYS E 105 -10.45 -41.59 -2.12
N LEU E 106 -10.64 -40.80 -1.04
CA LEU E 106 -10.76 -39.36 -1.13
C LEU E 106 -9.50 -38.68 -0.58
N LYS E 107 -9.32 -38.69 0.75
CA LYS E 107 -8.27 -37.97 1.48
C LYS E 107 -8.51 -36.47 1.44
N PRO E 108 -8.02 -35.72 2.43
CA PRO E 108 -8.09 -34.27 2.36
C PRO E 108 -7.14 -33.71 1.31
N GLY E 109 -7.49 -32.54 0.79
CA GLY E 109 -6.71 -31.93 -0.27
C GLY E 109 -6.72 -32.74 -1.54
N THR E 110 -7.92 -33.09 -2.01
CA THR E 110 -8.09 -33.98 -3.14
C THR E 110 -9.03 -33.37 -4.16
N ARG E 111 -8.61 -33.36 -5.43
CA ARG E 111 -9.47 -32.92 -6.52
C ARG E 111 -10.58 -33.94 -6.73
N VAL E 112 -11.83 -33.47 -6.72
CA VAL E 112 -12.99 -34.35 -6.74
C VAL E 112 -14.11 -33.72 -7.55
N ALA E 113 -15.32 -34.29 -7.44
CA ALA E 113 -16.51 -33.72 -8.06
C ALA E 113 -17.67 -33.86 -7.09
N LEU E 114 -18.68 -33.00 -7.27
CA LEU E 114 -19.87 -33.00 -6.43
C LEU E 114 -21.11 -33.02 -7.31
N ASP E 115 -22.23 -33.38 -6.70
CA ASP E 115 -23.51 -33.35 -7.40
C ASP E 115 -23.91 -31.91 -7.70
N MET E 116 -24.83 -31.74 -8.64
CA MET E 116 -25.30 -30.41 -9.02
C MET E 116 -26.43 -29.91 -8.14
N THR E 117 -27.04 -30.76 -7.32
CA THR E 117 -28.10 -30.33 -6.40
C THR E 117 -27.74 -30.70 -4.97
N THR E 118 -27.74 -31.99 -4.66
CA THR E 118 -27.33 -32.45 -3.34
C THR E 118 -25.87 -32.10 -3.07
N LEU E 119 -25.08 -31.85 -4.11
CA LEU E 119 -23.66 -31.56 -4.03
C LEU E 119 -22.87 -32.70 -3.38
N THR E 120 -23.41 -33.90 -3.44
CA THR E 120 -22.78 -35.03 -2.77
C THR E 120 -21.50 -35.45 -3.48
N ILE E 121 -20.55 -35.98 -2.71
CA ILE E 121 -19.31 -36.47 -3.29
C ILE E 121 -19.61 -37.74 -4.08
N MET E 122 -19.28 -37.71 -5.38
CA MET E 122 -19.56 -38.86 -6.25
C MET E 122 -18.30 -39.33 -6.94
N ARG E 123 -17.79 -38.62 -7.94
CA ARG E 123 -16.62 -39.04 -8.71
C ARG E 123 -15.53 -37.99 -8.56
N TYR E 124 -14.42 -38.19 -9.27
CA TYR E 124 -13.18 -37.51 -8.93
C TYR E 124 -12.11 -37.88 -9.94
N LEU E 125 -11.06 -37.06 -9.99
CA LEU E 125 -9.79 -37.43 -10.58
C LEU E 125 -8.70 -36.75 -9.76
N PRO E 126 -7.57 -37.41 -9.51
CA PRO E 126 -6.56 -36.79 -8.64
C PRO E 126 -5.82 -35.62 -9.29
N ARG E 127 -5.52 -35.70 -10.58
CA ARG E 127 -4.59 -34.78 -11.23
C ARG E 127 -5.13 -34.29 -12.56
N GLU E 128 -5.05 -32.98 -12.77
CA GLU E 128 -5.39 -32.36 -14.04
C GLU E 128 -4.68 -31.01 -14.13
N VAL E 129 -4.53 -30.53 -15.37
CA VAL E 129 -4.08 -29.17 -15.63
C VAL E 129 -4.06 -28.94 -17.14
N ASP E 130 -4.18 -27.68 -17.57
CA ASP E 130 -4.09 -27.30 -18.97
C ASP E 130 -2.66 -27.25 -19.53
N PRO E 131 -1.76 -26.42 -18.97
CA PRO E 131 -0.56 -26.02 -19.72
C PRO E 131 0.49 -27.12 -19.89
N LEU E 132 0.55 -28.10 -18.99
CA LEU E 132 1.70 -28.98 -18.86
C LEU E 132 2.15 -29.61 -20.18
N VAL E 133 1.35 -30.52 -20.74
CA VAL E 133 1.77 -31.28 -21.90
C VAL E 133 1.94 -30.38 -23.12
N TYR E 134 1.26 -29.24 -23.16
CA TYR E 134 1.31 -28.35 -24.31
C TYR E 134 2.57 -27.50 -24.33
N ASN E 135 3.40 -27.58 -23.30
CA ASN E 135 4.75 -27.04 -23.31
C ASN E 135 5.77 -28.06 -23.82
N MET E 136 5.34 -29.30 -24.03
CA MET E 136 6.26 -30.39 -24.38
C MET E 136 6.59 -30.43 -25.86
N SER E 137 5.66 -30.01 -26.72
CA SER E 137 5.61 -30.49 -28.09
C SER E 137 6.59 -29.83 -29.04
N HIS E 138 7.39 -28.86 -28.59
CA HIS E 138 8.38 -28.28 -29.47
C HIS E 138 9.50 -29.28 -29.75
N GLU E 139 9.78 -29.52 -31.02
CA GLU E 139 10.75 -30.53 -31.44
C GLU E 139 11.84 -29.88 -32.27
N ASP E 140 13.09 -30.24 -31.95
CA ASP E 140 14.29 -29.80 -32.66
C ASP E 140 14.85 -30.93 -33.50
N PRO E 141 15.11 -30.72 -34.79
CA PRO E 141 15.82 -31.74 -35.55
C PRO E 141 17.20 -31.96 -34.96
N GLY E 142 17.51 -33.22 -34.65
CA GLY E 142 18.71 -33.54 -33.89
C GLY E 142 18.47 -33.38 -32.39
N ASN E 143 19.14 -34.11 -31.49
CA ASN E 143 20.19 -35.11 -31.77
C ASN E 143 21.38 -34.57 -32.57
N VAL E 144 21.54 -35.06 -33.80
CA VAL E 144 22.74 -34.82 -34.61
C VAL E 144 23.04 -33.33 -34.73
N SER E 145 22.04 -32.48 -34.45
CA SER E 145 22.31 -31.06 -34.24
C SER E 145 23.33 -30.82 -33.14
N TYR E 146 23.52 -31.81 -32.26
CA TYR E 146 24.65 -31.83 -31.34
C TYR E 146 25.96 -31.51 -32.07
N SER E 147 26.31 -32.35 -33.03
CA SER E 147 27.50 -32.11 -33.85
C SER E 147 27.33 -30.94 -34.81
N GLU E 148 26.12 -30.42 -34.98
CA GLU E 148 25.84 -29.33 -35.90
C GLU E 148 25.87 -27.95 -35.24
N ILE E 149 26.28 -27.87 -33.97
CA ILE E 149 26.50 -26.57 -33.34
C ILE E 149 27.94 -26.11 -33.42
N GLY E 150 28.82 -26.88 -34.06
CA GLY E 150 30.22 -26.54 -34.11
C GLY E 150 30.85 -26.59 -32.74
N GLY E 151 31.45 -25.48 -32.31
CA GLY E 151 31.95 -25.37 -30.96
C GLY E 151 30.81 -25.36 -29.95
N LEU E 152 31.14 -25.54 -28.67
CA LEU E 152 32.51 -25.72 -28.23
C LEU E 152 32.58 -26.87 -27.22
N SER E 153 33.71 -27.56 -27.19
CA SER E 153 33.83 -28.82 -26.44
C SER E 153 33.40 -28.67 -24.99
N GLU E 154 34.14 -27.87 -24.22
CA GLU E 154 33.81 -27.72 -22.80
C GLU E 154 32.46 -27.06 -22.57
N GLN E 155 31.88 -26.41 -23.58
CA GLN E 155 30.46 -26.09 -23.52
C GLN E 155 29.61 -27.31 -23.86
N ILE E 156 29.95 -27.98 -24.96
CA ILE E 156 29.27 -29.22 -25.35
C ILE E 156 29.43 -30.29 -24.26
N ARG E 157 30.67 -30.71 -24.03
CA ARG E 157 30.92 -31.93 -23.25
C ARG E 157 30.55 -31.75 -21.78
N GLU E 158 30.84 -30.60 -21.19
CA GLU E 158 30.60 -30.43 -19.76
C GLU E 158 29.11 -30.48 -19.45
N LEU E 159 28.27 -29.87 -20.29
CA LEU E 159 26.83 -29.89 -20.05
C LEU E 159 26.28 -31.31 -20.09
N ARG E 160 26.96 -32.22 -20.79
CA ARG E 160 26.59 -33.63 -20.70
C ARG E 160 26.87 -34.17 -19.31
N GLU E 161 28.05 -33.85 -18.76
CA GLU E 161 28.38 -34.26 -17.40
C GLU E 161 27.54 -33.52 -16.37
N VAL E 162 27.08 -32.31 -16.71
CA VAL E 162 26.25 -31.54 -15.78
C VAL E 162 24.82 -32.08 -15.71
N ILE E 163 24.32 -32.68 -16.79
CA ILE E 163 22.92 -33.07 -16.87
C ILE E 163 22.77 -34.58 -16.97
N GLU E 164 23.33 -35.16 -18.04
CA GLU E 164 23.15 -36.59 -18.33
C GLU E 164 23.54 -37.48 -17.14
N LEU E 165 24.82 -37.44 -16.75
CA LEU E 165 25.29 -38.32 -15.69
C LEU E 165 24.51 -38.19 -14.38
N PRO E 166 24.06 -37.01 -13.95
CA PRO E 166 23.14 -36.96 -12.80
C PRO E 166 21.94 -37.90 -12.92
N LEU E 167 21.32 -37.97 -14.10
CA LEU E 167 20.21 -38.87 -14.34
C LEU E 167 20.61 -40.33 -14.14
N THR E 168 21.50 -40.83 -14.99
CA THR E 168 21.74 -42.27 -15.09
C THR E 168 22.43 -42.81 -13.84
N ASN E 169 23.48 -42.12 -13.37
CA ASN E 169 24.32 -42.62 -12.28
C ASN E 169 24.40 -41.59 -11.16
N PRO E 170 23.37 -41.49 -10.32
CA PRO E 170 23.53 -40.75 -9.06
C PRO E 170 24.45 -41.43 -8.07
N GLU E 171 24.76 -42.72 -8.28
CA GLU E 171 25.71 -43.40 -7.42
C GLU E 171 27.09 -42.79 -7.54
N LEU E 172 27.50 -42.41 -8.75
CA LEU E 172 28.77 -41.73 -8.94
C LEU E 172 28.81 -40.38 -8.24
N PHE E 173 27.65 -39.80 -7.90
CA PHE E 173 27.63 -38.64 -7.02
C PHE E 173 27.84 -39.04 -5.56
N GLN E 174 27.18 -40.11 -5.12
CA GLN E 174 27.33 -40.58 -3.75
C GLN E 174 28.58 -41.43 -3.55
N ARG E 175 29.18 -41.92 -4.64
CA ARG E 175 30.48 -42.58 -4.52
C ARG E 175 31.52 -41.62 -3.99
N VAL E 176 31.60 -40.42 -4.58
CA VAL E 176 32.43 -39.36 -4.02
C VAL E 176 31.73 -38.69 -2.85
N GLY E 177 30.40 -38.61 -2.89
CA GLY E 177 29.62 -37.93 -1.87
C GLY E 177 29.13 -36.55 -2.26
N ILE E 178 29.29 -36.16 -3.52
CA ILE E 178 28.93 -34.81 -3.96
C ILE E 178 27.42 -34.73 -4.20
N ILE E 179 26.84 -33.60 -3.83
CA ILE E 179 25.41 -33.38 -4.05
C ILE E 179 25.15 -33.24 -5.55
N PRO E 180 24.05 -33.77 -6.07
CA PRO E 180 23.76 -33.62 -7.50
C PRO E 180 23.41 -32.18 -7.84
N PRO E 181 24.01 -31.62 -8.89
CA PRO E 181 23.50 -30.35 -9.43
C PRO E 181 22.10 -30.55 -9.99
N LYS E 182 21.18 -29.69 -9.55
CA LYS E 182 19.78 -29.77 -9.96
C LYS E 182 19.43 -28.86 -11.12
N GLY E 183 20.40 -28.11 -11.65
CA GLY E 183 20.10 -27.19 -12.72
C GLY E 183 21.35 -26.75 -13.46
N CYS E 184 21.17 -25.79 -14.36
CA CYS E 184 22.25 -25.26 -15.17
C CYS E 184 21.88 -23.86 -15.65
N LEU E 185 22.90 -23.12 -16.07
CA LEU E 185 22.73 -21.73 -16.50
C LEU E 185 23.59 -21.47 -17.72
N LEU E 186 23.00 -20.90 -18.76
CA LEU E 186 23.75 -20.29 -19.84
C LEU E 186 23.68 -18.76 -19.73
N TYR E 187 24.45 -18.09 -20.57
CA TYR E 187 24.38 -16.63 -20.69
C TYR E 187 25.20 -16.22 -21.92
N GLY E 188 25.30 -14.92 -22.15
CA GLY E 188 25.75 -14.39 -23.42
C GLY E 188 25.39 -12.92 -23.53
N PRO E 189 25.17 -12.43 -24.77
CA PRO E 189 25.48 -13.15 -26.01
C PRO E 189 26.76 -12.77 -26.77
N PRO E 190 27.95 -12.91 -26.19
CA PRO E 190 29.15 -13.05 -27.03
C PRO E 190 29.07 -14.37 -27.80
N GLY E 191 29.30 -14.31 -29.10
CA GLY E 191 28.90 -15.47 -29.87
C GLY E 191 27.38 -15.61 -29.79
N THR E 192 26.93 -16.85 -29.86
CA THR E 192 25.51 -17.19 -29.80
C THR E 192 25.32 -18.70 -29.88
N GLY E 193 24.07 -19.15 -29.79
CA GLY E 193 23.75 -20.56 -29.69
C GLY E 193 23.21 -21.01 -28.35
N LYS E 194 22.99 -20.08 -27.41
CA LYS E 194 22.41 -20.45 -26.12
C LYS E 194 21.05 -21.10 -26.28
N THR E 195 20.24 -20.64 -27.23
CA THR E 195 18.90 -21.17 -27.41
C THR E 195 18.88 -22.48 -28.19
N LEU E 196 19.73 -22.61 -29.22
CA LEU E 196 19.74 -23.82 -30.02
C LEU E 196 20.41 -24.97 -29.30
N LEU E 197 21.56 -24.72 -28.67
CA LEU E 197 22.24 -25.76 -27.90
C LEU E 197 21.28 -26.36 -26.87
N ALA E 198 20.49 -25.53 -26.21
CA ALA E 198 19.38 -26.02 -25.41
C ALA E 198 18.46 -26.84 -26.31
N ARG E 199 17.85 -26.19 -27.30
CA ARG E 199 16.90 -26.85 -28.19
C ARG E 199 17.46 -28.16 -28.73
N ALA E 200 18.75 -28.18 -29.07
CA ALA E 200 19.36 -29.40 -29.59
C ALA E 200 19.42 -30.48 -28.52
N VAL E 201 19.91 -30.15 -27.32
CA VAL E 201 20.09 -31.14 -26.27
C VAL E 201 18.76 -31.75 -25.85
N ALA E 202 17.67 -30.98 -25.94
CA ALA E 202 16.35 -31.49 -25.57
C ALA E 202 16.01 -32.75 -26.34
N SER E 203 16.04 -32.67 -27.67
CA SER E 203 15.79 -33.86 -28.49
C SER E 203 17.01 -34.76 -28.56
N GLN E 204 18.18 -34.28 -28.13
CA GLN E 204 19.37 -35.12 -28.06
C GLN E 204 19.38 -35.98 -26.81
N LEU E 205 19.41 -35.35 -25.64
CA LEU E 205 19.46 -36.07 -24.37
C LEU E 205 18.27 -37.01 -24.19
N ASP E 206 17.16 -36.75 -24.88
CA ASP E 206 15.96 -37.61 -24.86
C ASP E 206 15.44 -37.65 -23.42
N CYS E 207 15.14 -38.83 -22.86
CA CYS E 207 14.53 -38.98 -21.53
C CYS E 207 13.25 -38.14 -21.50
N ASN E 208 13.00 -37.38 -20.45
CA ASN E 208 11.84 -36.51 -20.36
C ASN E 208 12.29 -35.07 -20.20
N PHE E 209 11.74 -34.17 -21.00
CA PHE E 209 12.04 -32.75 -20.93
C PHE E 209 10.80 -31.95 -21.26
N LEU E 210 10.63 -30.83 -20.55
CA LEU E 210 9.51 -29.93 -20.77
C LEU E 210 10.02 -28.50 -20.86
N LYS E 211 9.77 -27.86 -22.01
CA LYS E 211 10.19 -26.49 -22.22
C LYS E 211 9.23 -25.52 -21.54
N VAL E 212 9.78 -24.44 -20.99
CA VAL E 212 8.97 -23.39 -20.37
C VAL E 212 8.99 -22.18 -21.31
N VAL E 213 7.85 -21.89 -21.92
CA VAL E 213 7.71 -20.66 -22.70
C VAL E 213 7.64 -19.50 -21.73
N SER E 214 8.54 -18.53 -21.90
CA SER E 214 8.73 -17.47 -20.92
C SER E 214 7.70 -16.35 -21.03
N SER E 215 6.88 -16.33 -22.08
CA SER E 215 6.07 -15.15 -22.40
C SER E 215 4.80 -15.05 -21.55
N SER E 216 3.86 -15.97 -21.76
CA SER E 216 2.48 -15.83 -21.33
C SER E 216 2.28 -15.83 -19.81
N ILE E 217 3.34 -16.05 -19.01
CA ILE E 217 3.19 -16.21 -17.55
C ILE E 217 2.44 -15.03 -16.93
N VAL E 218 2.63 -13.82 -17.47
CA VAL E 218 2.07 -12.62 -16.84
C VAL E 218 0.57 -12.73 -16.61
N ASP E 219 -0.14 -13.46 -17.47
CA ASP E 219 -1.52 -13.90 -17.24
C ASP E 219 -2.50 -12.74 -17.13
N LYS E 220 -2.16 -11.57 -17.70
CA LYS E 220 -3.05 -10.42 -17.69
C LYS E 220 -3.55 -10.10 -16.29
N TYR E 221 -4.86 -10.20 -16.10
CA TYR E 221 -5.48 -10.03 -14.79
C TYR E 221 -4.91 -11.04 -13.79
N ILE E 222 -4.60 -10.56 -12.59
CA ILE E 222 -4.20 -11.42 -11.48
C ILE E 222 -2.98 -12.25 -11.87
N GLY E 223 -1.81 -11.61 -11.87
CA GLY E 223 -0.57 -12.18 -12.35
C GLY E 223 0.07 -13.16 -11.38
N GLU E 224 -0.75 -13.74 -10.51
CA GLU E 224 -0.35 -14.66 -9.45
C GLU E 224 0.31 -15.93 -9.98
N SER E 225 0.40 -16.06 -11.31
CA SER E 225 0.70 -17.32 -11.99
C SER E 225 2.03 -17.95 -11.58
N ALA E 226 2.81 -17.28 -10.72
CA ALA E 226 3.92 -17.98 -10.08
C ALA E 226 3.47 -19.30 -9.46
N ARG E 227 2.21 -19.37 -9.02
CA ARG E 227 1.61 -20.65 -8.61
C ARG E 227 1.73 -21.69 -9.70
N LEU E 228 1.59 -21.28 -10.97
CA LEU E 228 1.67 -22.23 -12.07
C LEU E 228 3.01 -22.93 -12.14
N ILE E 229 4.07 -22.30 -11.64
CA ILE E 229 5.36 -22.97 -11.58
C ILE E 229 5.29 -24.16 -10.62
N ARG E 230 4.66 -23.98 -9.46
CA ARG E 230 4.36 -25.12 -8.59
C ARG E 230 3.41 -26.09 -9.30
N GLU E 231 2.37 -25.54 -9.94
CA GLU E 231 1.46 -26.35 -10.73
C GLU E 231 2.21 -27.12 -11.82
N MET E 232 3.28 -26.52 -12.36
CA MET E 232 4.17 -27.24 -13.25
C MET E 232 5.15 -28.12 -12.48
N PHE E 233 5.66 -27.63 -11.34
CA PHE E 233 6.58 -28.43 -10.54
C PHE E 233 5.88 -29.67 -9.98
N ASN E 234 4.58 -29.59 -9.74
CA ASN E 234 3.86 -30.74 -9.18
C ASN E 234 3.92 -31.93 -10.12
N TYR E 235 3.70 -31.70 -11.42
CA TYR E 235 3.90 -32.76 -12.39
C TYR E 235 5.38 -33.03 -12.63
N ALA E 236 6.24 -32.04 -12.40
CA ALA E 236 7.67 -32.29 -12.44
C ALA E 236 8.09 -33.21 -11.31
N ARG E 237 7.35 -33.19 -10.19
CA ARG E 237 7.50 -34.20 -9.14
C ARG E 237 6.75 -35.47 -9.45
N ASP E 238 5.79 -35.43 -10.39
CA ASP E 238 5.04 -36.60 -10.81
C ASP E 238 5.75 -37.31 -11.96
N HIS E 239 5.93 -36.62 -13.09
CA HIS E 239 6.60 -37.16 -14.27
C HIS E 239 8.08 -37.37 -14.07
N GLN E 240 8.63 -37.01 -12.91
CA GLN E 240 10.06 -37.11 -12.62
C GLN E 240 10.65 -38.46 -13.00
N PRO E 241 11.81 -38.45 -13.68
CA PRO E 241 12.56 -37.22 -14.01
C PRO E 241 12.01 -36.46 -15.22
N CYS E 242 12.22 -35.15 -15.22
CA CYS E 242 11.87 -34.29 -16.35
C CYS E 242 12.80 -33.08 -16.31
N ILE E 243 12.94 -32.42 -17.45
CA ILE E 243 13.91 -31.34 -17.59
C ILE E 243 13.19 -30.09 -18.07
N ILE E 244 13.75 -28.93 -17.70
CA ILE E 244 13.14 -27.64 -17.96
C ILE E 244 14.20 -26.70 -18.53
N PHE E 245 13.95 -26.16 -19.71
CA PHE E 245 14.75 -25.05 -20.24
C PHE E 245 14.00 -23.75 -19.98
N MET E 246 14.75 -22.71 -19.63
CA MET E 246 14.17 -21.38 -19.49
C MET E 246 15.03 -20.37 -20.21
N ASP E 247 14.49 -19.78 -21.26
CA ASP E 247 15.05 -18.59 -21.88
C ASP E 247 14.37 -17.37 -21.29
N GLU E 248 15.11 -16.26 -21.18
CA GLU E 248 14.59 -15.05 -20.57
C GLU E 248 14.21 -15.30 -19.11
N ILE E 249 15.21 -15.37 -18.23
CA ILE E 249 14.95 -15.23 -16.80
C ILE E 249 15.21 -13.80 -16.32
N ASP E 250 15.71 -12.91 -17.19
CA ASP E 250 16.12 -11.59 -16.76
C ASP E 250 14.95 -10.61 -16.63
N ALA E 251 14.02 -10.61 -17.60
CA ALA E 251 12.88 -9.69 -17.49
C ALA E 251 11.90 -10.17 -16.44
N ILE E 252 11.90 -11.47 -16.13
CA ILE E 252 11.22 -12.01 -14.96
C ILE E 252 12.23 -12.04 -13.82
N GLY E 253 13.40 -11.45 -14.05
CA GLY E 253 14.41 -11.30 -13.02
C GLY E 253 14.40 -9.91 -12.40
N GLY E 254 13.25 -9.23 -12.44
CA GLY E 254 13.13 -7.84 -12.03
C GLY E 254 13.76 -7.52 -10.68
N ARG E 255 14.39 -6.36 -10.60
CA ARG E 255 15.22 -6.02 -9.45
C ARG E 255 14.41 -5.53 -8.25
N ARG E 256 13.32 -4.80 -8.51
CA ARG E 256 12.67 -3.92 -7.53
C ARG E 256 13.69 -3.01 -6.86
N PHE E 257 14.74 -2.64 -7.61
CA PHE E 257 15.84 -1.82 -7.14
C PHE E 257 15.34 -0.53 -6.50
N SER E 258 14.79 0.36 -7.33
CA SER E 258 14.02 1.51 -6.84
C SER E 258 12.58 1.28 -7.30
N GLU E 259 11.71 0.93 -6.35
CA GLU E 259 10.40 0.43 -6.69
C GLU E 259 9.54 1.51 -7.33
N GLY E 260 8.68 1.09 -8.25
CA GLY E 260 7.80 2.02 -8.94
C GLY E 260 6.54 1.34 -9.43
N THR E 261 5.49 2.15 -9.61
CA THR E 261 4.20 1.81 -10.19
C THR E 261 3.65 0.46 -9.71
N SER E 262 3.11 -0.33 -10.64
CA SER E 262 2.32 -1.52 -10.32
C SER E 262 2.90 -2.78 -10.94
N ALA E 263 3.00 -2.82 -12.28
CA ALA E 263 3.41 -4.03 -12.99
C ALA E 263 4.73 -4.60 -12.49
N ASP E 264 5.54 -3.82 -11.77
CA ASP E 264 6.72 -4.38 -11.13
C ASP E 264 6.36 -5.23 -9.91
N ARG E 265 5.32 -4.84 -9.17
CA ARG E 265 4.98 -5.57 -7.95
C ARG E 265 4.58 -7.00 -8.27
N GLU E 266 3.77 -7.20 -9.31
CA GLU E 266 3.39 -8.56 -9.70
C GLU E 266 4.60 -9.37 -10.13
N ILE E 267 5.57 -8.71 -10.78
CA ILE E 267 6.83 -9.36 -11.15
C ILE E 267 7.49 -9.89 -9.88
N GLN E 268 7.95 -8.99 -9.02
CA GLN E 268 8.71 -9.37 -7.82
C GLN E 268 7.99 -10.43 -7.01
N ARG E 269 6.65 -10.38 -6.99
CA ARG E 269 5.90 -11.41 -6.30
C ARG E 269 6.01 -12.75 -7.03
N THR E 270 5.95 -12.73 -8.36
CA THR E 270 6.15 -13.97 -9.12
C THR E 270 7.55 -14.52 -8.93
N LEU E 271 8.49 -13.68 -8.51
CA LEU E 271 9.84 -14.17 -8.23
C LEU E 271 9.90 -14.89 -6.89
N MET E 272 9.13 -14.41 -5.90
CA MET E 272 9.22 -14.95 -4.55
C MET E 272 8.94 -16.45 -4.52
N GLU E 273 7.99 -16.90 -5.34
CA GLU E 273 7.70 -18.33 -5.39
C GLU E 273 8.85 -19.10 -6.03
N LEU E 274 9.35 -18.62 -7.17
CA LEU E 274 10.50 -19.25 -7.81
C LEU E 274 11.62 -19.49 -6.83
N LEU E 275 11.92 -18.49 -5.99
CA LEU E 275 12.84 -18.67 -4.87
C LEU E 275 12.36 -19.80 -3.98
N ASN E 276 11.19 -19.62 -3.35
CA ASN E 276 10.69 -20.58 -2.36
C ASN E 276 10.56 -21.98 -2.94
N GLN E 277 10.19 -22.09 -4.22
CA GLN E 277 10.13 -23.41 -4.85
C GLN E 277 11.50 -24.08 -4.84
N MET E 278 12.55 -23.31 -5.11
CA MET E 278 13.92 -23.79 -5.00
C MET E 278 14.47 -23.65 -3.57
N ASP E 279 13.77 -22.95 -2.70
CA ASP E 279 14.15 -22.75 -1.31
C ASP E 279 13.57 -23.81 -0.38
N GLY E 280 12.96 -24.85 -0.92
CA GLY E 280 12.25 -25.84 -0.12
C GLY E 280 13.12 -26.53 0.94
N PHE E 281 12.55 -27.26 1.91
CA PHE E 281 11.15 -27.72 2.07
C PHE E 281 10.75 -28.73 0.99
N ASP E 282 11.60 -28.92 -0.01
CA ASP E 282 11.34 -29.88 -1.08
C ASP E 282 12.65 -30.23 -1.75
N THR E 283 12.64 -31.36 -2.47
CA THR E 283 13.78 -31.79 -3.28
C THR E 283 13.34 -31.87 -4.73
N LEU E 284 13.86 -30.97 -5.56
CA LEU E 284 13.55 -30.90 -6.98
C LEU E 284 14.57 -31.65 -7.84
N HIS E 285 15.50 -32.37 -7.21
CA HIS E 285 16.68 -32.88 -7.90
C HIS E 285 16.36 -33.58 -9.21
N ARG E 286 15.21 -34.28 -9.28
CA ARG E 286 14.87 -34.99 -10.50
C ARG E 286 14.44 -34.06 -11.63
N VAL E 287 14.27 -32.77 -11.37
CA VAL E 287 14.07 -31.79 -12.43
C VAL E 287 15.38 -31.06 -12.66
N LYS E 288 15.68 -30.76 -13.91
CA LYS E 288 16.90 -30.06 -14.30
C LYS E 288 16.51 -28.70 -14.88
N MET E 289 16.79 -27.64 -14.15
CA MET E 289 16.41 -26.29 -14.56
C MET E 289 17.54 -25.65 -15.34
N ILE E 290 17.25 -25.32 -16.60
CA ILE E 290 18.24 -24.71 -17.49
C ILE E 290 17.82 -23.28 -17.76
N MET E 291 18.77 -22.35 -17.61
CA MET E 291 18.47 -20.93 -17.63
C MET E 291 19.42 -20.21 -18.57
N ALA E 292 18.85 -19.40 -19.46
CA ALA E 292 19.62 -18.58 -20.39
C ALA E 292 18.81 -17.35 -20.71
N THR E 293 19.50 -16.25 -21.02
CA THR E 293 18.84 -14.99 -21.34
C THR E 293 19.88 -14.05 -21.93
N ASN E 294 19.47 -12.79 -22.15
CA ASN E 294 20.37 -11.76 -22.64
C ASN E 294 21.60 -11.62 -21.74
N ARG E 295 21.41 -11.22 -20.49
CA ARG E 295 22.52 -10.97 -19.58
C ARG E 295 22.29 -11.65 -18.25
N PRO E 296 23.39 -12.12 -17.56
CA PRO E 296 23.29 -12.58 -16.18
C PRO E 296 23.63 -11.47 -15.18
N ASP E 297 22.80 -10.42 -15.15
CA ASP E 297 23.09 -9.26 -14.33
C ASP E 297 21.91 -8.88 -13.43
N THR E 298 20.78 -8.51 -14.02
CA THR E 298 19.62 -7.99 -13.31
C THR E 298 18.97 -9.01 -12.38
N LEU E 299 19.40 -10.27 -12.41
CA LEU E 299 18.68 -11.34 -11.74
C LEU E 299 18.61 -11.18 -10.22
N ASP E 300 19.36 -10.24 -9.64
CA ASP E 300 19.50 -10.03 -8.20
C ASP E 300 20.26 -11.20 -7.58
N PRO E 301 20.94 -11.01 -6.46
CA PRO E 301 21.85 -12.06 -5.96
C PRO E 301 21.15 -13.32 -5.50
N ALA E 302 19.85 -13.27 -5.20
CA ALA E 302 19.14 -14.46 -4.74
C ALA E 302 19.24 -15.57 -5.77
N LEU E 303 18.99 -15.25 -7.04
CA LEU E 303 19.14 -16.25 -8.10
C LEU E 303 20.61 -16.57 -8.34
N LEU E 304 21.47 -15.56 -8.29
CA LEU E 304 22.86 -15.68 -8.73
C LEU E 304 23.68 -16.69 -7.92
N ARG E 305 23.24 -17.07 -6.73
CA ARG E 305 23.94 -18.08 -5.97
C ARG E 305 23.64 -19.47 -6.52
N PRO E 306 24.53 -20.46 -6.27
CA PRO E 306 24.15 -21.85 -6.54
C PRO E 306 22.92 -22.27 -5.77
N GLY E 307 22.48 -23.52 -5.90
CA GLY E 307 21.05 -23.69 -5.79
C GLY E 307 20.44 -23.13 -7.06
N ARG E 308 19.69 -22.03 -6.95
CA ARG E 308 18.95 -21.48 -8.09
C ARG E 308 19.78 -21.44 -9.37
N LEU E 309 21.01 -20.92 -9.31
CA LEU E 309 21.93 -20.99 -10.45
C LEU E 309 23.04 -21.98 -10.10
N ASP E 310 22.98 -23.18 -10.69
CA ASP E 310 23.88 -24.25 -10.25
C ASP E 310 25.29 -24.06 -10.78
N ARG E 311 25.42 -23.79 -12.08
CA ARG E 311 26.73 -23.71 -12.71
C ARG E 311 26.78 -22.49 -13.63
N LYS E 312 27.99 -22.14 -14.04
CA LYS E 312 28.23 -21.03 -14.95
C LYS E 312 28.72 -21.57 -16.28
N ILE E 313 27.87 -21.46 -17.31
CA ILE E 313 28.21 -21.84 -18.67
C ILE E 313 27.76 -20.72 -19.59
N HIS E 314 28.49 -20.52 -20.67
CA HIS E 314 28.17 -19.42 -21.58
C HIS E 314 28.80 -19.71 -22.93
N ILE E 315 28.70 -18.74 -23.83
CA ILE E 315 29.30 -18.79 -25.15
C ILE E 315 30.04 -17.48 -25.38
N ASP E 316 31.16 -17.55 -26.10
CA ASP E 316 31.88 -16.39 -26.59
C ASP E 316 31.92 -16.44 -28.11
N LEU E 317 32.60 -15.46 -28.71
CA LEU E 317 32.77 -15.47 -30.15
C LEU E 317 33.52 -16.74 -30.56
N PRO E 318 32.91 -17.61 -31.38
CA PRO E 318 33.59 -18.86 -31.75
C PRO E 318 34.89 -18.59 -32.49
N ASN E 319 35.92 -19.32 -32.10
CA ASN E 319 37.23 -19.19 -32.74
C ASN E 319 37.13 -19.50 -34.23
N GLU E 320 37.99 -18.84 -35.01
CA GLU E 320 38.06 -19.12 -36.44
C GLU E 320 38.42 -20.58 -36.69
N GLN E 321 39.15 -21.20 -35.78
CA GLN E 321 39.37 -22.64 -35.85
C GLN E 321 38.07 -23.39 -35.65
N ALA E 322 37.29 -23.01 -34.64
CA ALA E 322 35.95 -23.56 -34.46
C ALA E 322 34.96 -23.04 -35.50
N ARG E 323 35.19 -21.83 -36.01
CA ARG E 323 34.37 -21.32 -37.12
C ARG E 323 34.67 -22.05 -38.42
N LEU E 324 35.89 -22.59 -38.55
CA LEU E 324 36.19 -23.46 -39.68
C LEU E 324 35.23 -24.65 -39.70
N ASP E 325 34.90 -25.18 -38.52
CA ASP E 325 33.91 -26.25 -38.43
C ASP E 325 32.49 -25.73 -38.54
N ILE E 326 32.22 -24.51 -38.08
CA ILE E 326 30.86 -23.99 -38.15
C ILE E 326 30.45 -23.77 -39.60
N LEU E 327 31.42 -23.56 -40.51
CA LEU E 327 31.08 -23.40 -41.91
C LEU E 327 30.81 -24.74 -42.58
N LYS E 328 31.46 -25.82 -42.12
CA LYS E 328 31.20 -27.15 -42.68
C LYS E 328 29.74 -27.51 -42.57
N ILE E 329 29.18 -27.37 -41.36
CA ILE E 329 27.76 -27.62 -41.15
C ILE E 329 26.90 -26.58 -41.87
N HIS E 330 27.48 -25.43 -42.23
CA HIS E 330 26.81 -24.55 -43.17
C HIS E 330 27.05 -25.00 -44.61
N ALA E 331 28.27 -25.39 -44.94
CA ALA E 331 28.63 -25.79 -46.29
C ALA E 331 28.16 -27.20 -46.64
N GLY E 332 27.73 -27.98 -45.66
CA GLY E 332 27.20 -29.29 -45.91
C GLY E 332 25.89 -29.31 -46.67
N PRO E 333 24.87 -28.62 -46.14
CA PRO E 333 23.56 -28.63 -46.82
C PRO E 333 23.55 -27.90 -48.16
N ILE E 334 24.49 -26.99 -48.41
CA ILE E 334 24.58 -26.30 -49.69
C ILE E 334 25.58 -27.03 -50.59
N THR E 335 25.15 -27.34 -51.80
CA THR E 335 26.02 -27.91 -52.81
C THR E 335 26.27 -26.89 -53.91
N LYS E 336 27.51 -26.84 -54.40
CA LYS E 336 27.95 -25.86 -55.37
C LYS E 336 28.92 -26.55 -56.31
N HIS E 337 29.59 -25.75 -57.14
CA HIS E 337 30.78 -26.25 -57.81
C HIS E 337 31.84 -26.59 -56.77
N GLY E 338 32.67 -27.57 -57.09
CA GLY E 338 33.57 -28.15 -56.11
C GLY E 338 34.71 -27.29 -55.65
N GLU E 339 34.81 -26.04 -56.11
CA GLU E 339 35.91 -25.17 -55.68
C GLU E 339 35.58 -24.58 -54.32
N ILE E 340 36.38 -24.92 -53.32
CA ILE E 340 36.20 -24.42 -51.97
C ILE E 340 37.56 -24.25 -51.30
N ASP E 341 37.74 -23.14 -50.61
CA ASP E 341 38.72 -23.02 -49.54
C ASP E 341 37.94 -22.57 -48.30
N TYR E 342 37.82 -23.45 -47.32
CA TYR E 342 37.06 -23.11 -46.12
C TYR E 342 37.74 -21.98 -45.35
N GLU E 343 39.06 -22.05 -45.21
CA GLU E 343 39.78 -21.03 -44.47
C GLU E 343 39.73 -19.67 -45.16
N ALA E 344 39.46 -19.64 -46.47
CA ALA E 344 39.30 -18.38 -47.19
C ALA E 344 38.24 -17.52 -46.52
N ILE E 345 37.00 -18.00 -46.49
CA ILE E 345 35.94 -17.29 -45.77
C ILE E 345 36.31 -17.15 -44.30
N VAL E 346 36.94 -18.17 -43.73
CA VAL E 346 37.34 -18.10 -42.32
C VAL E 346 38.39 -17.02 -42.10
N LYS E 347 39.35 -16.89 -43.02
CA LYS E 347 40.36 -15.85 -42.90
C LYS E 347 39.85 -14.49 -43.35
N LEU E 348 38.96 -14.47 -44.36
CA LEU E 348 38.36 -13.20 -44.78
C LEU E 348 37.30 -12.74 -43.78
N SER E 349 36.24 -13.52 -43.64
CA SER E 349 35.18 -13.21 -42.68
C SER E 349 35.62 -13.62 -41.28
N ASP E 350 35.68 -12.65 -40.37
CA ASP E 350 36.27 -12.86 -39.06
C ASP E 350 35.35 -12.34 -37.96
N GLY E 351 35.39 -13.03 -36.82
CA GLY E 351 34.69 -12.57 -35.63
C GLY E 351 33.17 -12.54 -35.76
N PHE E 352 32.58 -13.68 -36.09
CA PHE E 352 31.15 -13.78 -36.37
C PHE E 352 30.52 -14.82 -35.47
N ASN E 353 29.27 -15.15 -35.75
CA ASN E 353 28.54 -16.20 -35.07
C ASN E 353 28.07 -17.25 -36.06
N GLY E 354 27.71 -18.41 -35.54
CA GLY E 354 27.26 -19.51 -36.38
C GLY E 354 26.10 -19.15 -37.28
N ALA E 355 25.03 -18.61 -36.70
CA ALA E 355 23.92 -18.13 -37.50
C ALA E 355 24.33 -16.94 -38.37
N ASP E 356 25.09 -16.01 -37.80
CA ASP E 356 25.53 -14.85 -38.55
C ASP E 356 26.32 -15.28 -39.79
N LEU E 357 27.27 -16.19 -39.62
CA LEU E 357 27.96 -16.77 -40.77
C LEU E 357 26.98 -17.47 -41.71
N ARG E 358 26.31 -18.53 -41.21
CA ARG E 358 25.44 -19.36 -42.04
C ARG E 358 24.44 -18.52 -42.84
N ASN E 359 23.58 -17.79 -42.14
CA ASN E 359 22.53 -17.03 -42.81
C ASN E 359 23.10 -16.13 -43.90
N VAL E 360 24.19 -15.42 -43.60
CA VAL E 360 24.85 -14.61 -44.63
C VAL E 360 25.50 -15.50 -45.68
N CYS E 361 26.08 -16.64 -45.27
CA CYS E 361 26.60 -17.58 -46.25
C CYS E 361 25.50 -18.11 -47.16
N THR E 362 24.33 -18.43 -46.58
CA THR E 362 23.18 -18.74 -47.41
C THR E 362 22.66 -17.51 -48.14
N GLU E 363 22.69 -16.35 -47.48
CA GLU E 363 22.32 -15.11 -48.15
C GLU E 363 23.26 -14.82 -49.32
N ALA E 364 24.55 -15.11 -49.15
CA ALA E 364 25.49 -14.98 -50.26
C ALA E 364 25.09 -15.89 -51.41
N GLY E 365 24.79 -17.16 -51.11
CA GLY E 365 24.23 -18.03 -52.13
C GLY E 365 22.95 -17.49 -52.71
N MET E 366 22.12 -16.86 -51.87
CA MET E 366 20.92 -16.22 -52.37
C MET E 366 21.24 -14.93 -53.10
N PHE E 367 22.24 -14.19 -52.64
CA PHE E 367 22.70 -13.02 -53.39
C PHE E 367 23.39 -13.42 -54.68
N ALA E 368 24.07 -14.57 -54.68
CA ALA E 368 24.74 -15.02 -55.89
C ALA E 368 23.76 -15.67 -56.87
N ILE E 369 22.74 -16.36 -56.35
CA ILE E 369 21.72 -16.93 -57.22
C ILE E 369 20.79 -15.88 -57.80
N ARG E 370 20.91 -14.62 -57.35
CA ARG E 370 20.20 -13.53 -58.00
C ARG E 370 20.57 -13.43 -59.47
N ALA E 371 21.78 -13.87 -59.84
CA ALA E 371 22.23 -13.92 -61.23
C ALA E 371 21.54 -15.01 -62.03
N ASP E 372 20.68 -15.83 -61.39
CA ASP E 372 19.88 -16.94 -61.88
C ASP E 372 20.72 -18.18 -62.19
N HIS E 373 22.05 -18.11 -62.11
CA HIS E 373 22.86 -19.29 -62.27
C HIS E 373 22.78 -20.16 -61.02
N ASP E 374 22.94 -21.47 -61.20
CA ASP E 374 22.67 -22.41 -60.11
C ASP E 374 23.84 -22.52 -59.15
N PHE E 375 24.91 -23.20 -59.55
CA PHE E 375 26.04 -23.41 -58.66
C PHE E 375 26.95 -22.18 -58.65
N VAL E 376 27.48 -21.85 -57.48
CA VAL E 376 28.27 -20.65 -57.29
C VAL E 376 29.55 -21.00 -56.54
N VAL E 377 30.69 -20.61 -57.11
CA VAL E 377 31.96 -20.74 -56.42
C VAL E 377 32.05 -19.71 -55.30
N GLN E 378 33.00 -19.93 -54.38
CA GLN E 378 33.21 -19.03 -53.25
C GLN E 378 33.54 -17.60 -53.67
N GLU E 379 33.82 -17.36 -54.96
CA GLU E 379 34.10 -16.01 -55.46
C GLU E 379 33.06 -15.01 -54.97
N ASP E 380 31.80 -15.20 -55.36
CA ASP E 380 30.72 -14.36 -54.85
C ASP E 380 30.69 -14.36 -53.32
N PHE E 381 30.97 -15.52 -52.71
CA PHE E 381 30.89 -15.62 -51.26
C PHE E 381 32.06 -14.93 -50.57
N MET E 382 33.26 -15.02 -51.16
CA MET E 382 34.37 -14.22 -50.67
C MET E 382 34.13 -12.73 -50.88
N LYS E 383 33.12 -12.36 -51.66
CA LYS E 383 32.67 -10.99 -51.81
C LYS E 383 31.44 -10.71 -50.95
N ALA E 384 30.34 -11.40 -51.21
CA ALA E 384 29.08 -11.19 -50.50
C ALA E 384 29.24 -11.33 -48.99
N VAL E 385 29.54 -12.55 -48.52
CA VAL E 385 29.69 -12.78 -47.08
C VAL E 385 30.64 -11.75 -46.48
N ARG E 386 31.74 -11.46 -47.19
CA ARG E 386 32.63 -10.39 -46.80
C ARG E 386 31.88 -9.06 -46.70
N LYS E 387 31.34 -8.59 -47.82
CA LYS E 387 30.72 -7.27 -47.86
C LYS E 387 29.42 -7.22 -47.08
N VAL E 388 28.59 -8.27 -47.16
CA VAL E 388 27.29 -8.24 -46.51
C VAL E 388 27.45 -8.22 -44.99
N ALA E 389 28.34 -9.06 -44.46
CA ALA E 389 28.54 -9.08 -43.01
C ALA E 389 29.18 -7.79 -42.52
N ASP E 390 29.95 -7.10 -43.38
CA ASP E 390 30.45 -5.78 -43.03
C ASP E 390 29.30 -4.85 -42.68
N SER E 391 28.22 -4.90 -43.47
CA SER E 391 27.01 -4.18 -43.09
C SER E 391 26.40 -4.77 -41.83
N LYS E 392 26.47 -6.10 -41.69
CA LYS E 392 25.92 -6.74 -40.49
C LYS E 392 26.77 -6.44 -39.26
N LYS E 393 28.06 -6.19 -39.43
CA LYS E 393 28.92 -5.82 -38.31
C LYS E 393 28.83 -4.35 -37.96
N LEU E 394 28.11 -3.55 -38.75
CA LEU E 394 27.85 -2.17 -38.35
C LEU E 394 26.99 -2.13 -37.10
N GLU E 395 25.99 -3.01 -37.02
CA GLU E 395 25.14 -3.13 -35.84
C GLU E 395 25.66 -4.13 -34.82
N SER E 396 26.86 -4.69 -35.05
CA SER E 396 27.54 -5.44 -34.01
C SER E 396 27.93 -4.56 -32.83
N LYS E 397 27.71 -3.25 -32.94
CA LYS E 397 28.01 -2.31 -31.87
C LYS E 397 27.28 -2.69 -30.59
N LEU E 398 27.93 -2.41 -29.45
CA LEU E 398 27.28 -2.41 -28.14
C LEU E 398 26.69 -3.79 -27.81
N ASP E 399 27.30 -4.86 -28.31
CA ASP E 399 26.86 -6.22 -28.03
C ASP E 399 27.56 -6.83 -26.83
N TYR E 400 28.44 -6.09 -26.16
CA TYR E 400 29.30 -6.63 -25.12
C TYR E 400 28.70 -6.27 -23.77
N LYS E 401 28.23 -7.27 -23.04
CA LYS E 401 27.38 -7.12 -21.89
C LYS E 401 28.05 -7.65 -20.63
N PRO E 402 27.66 -7.16 -19.46
CA PRO E 402 28.31 -7.61 -18.22
C PRO E 402 28.01 -9.06 -17.90
N VAL E 403 28.86 -9.63 -17.04
CA VAL E 403 28.73 -11.02 -16.62
C VAL E 403 27.84 -11.12 -15.38
N THR F 63 -38.03 -56.44 -42.54
CA THR F 63 -37.00 -55.79 -43.34
C THR F 63 -37.41 -54.37 -43.72
N HIS F 64 -38.69 -54.05 -43.49
CA HIS F 64 -39.22 -52.73 -43.80
C HIS F 64 -39.15 -51.77 -42.62
N GLU F 65 -38.56 -52.19 -41.50
CA GLU F 65 -38.45 -51.33 -40.33
C GLU F 65 -37.28 -50.37 -40.41
N LEU F 66 -36.46 -50.43 -41.47
CA LEU F 66 -35.36 -49.48 -41.62
C LEU F 66 -35.87 -48.06 -41.84
N GLN F 67 -36.99 -47.91 -42.55
CA GLN F 67 -37.59 -46.59 -42.70
C GLN F 67 -38.23 -46.12 -41.39
N ALA F 68 -38.76 -47.05 -40.60
CA ALA F 68 -39.29 -46.68 -39.29
C ALA F 68 -38.18 -46.23 -38.35
N MET F 69 -37.04 -46.93 -38.36
CA MET F 69 -35.89 -46.46 -37.60
C MET F 69 -35.35 -45.16 -38.18
N LYS F 70 -35.47 -44.97 -39.50
CA LYS F 70 -35.12 -43.68 -40.08
C LYS F 70 -36.05 -42.58 -39.59
N ASP F 71 -37.30 -42.93 -39.29
CA ASP F 71 -38.24 -41.94 -38.75
C ASP F 71 -37.94 -41.62 -37.29
N LYS F 72 -37.52 -42.61 -36.51
CA LYS F 72 -37.21 -42.35 -35.11
C LYS F 72 -35.89 -41.63 -34.95
N ILE F 73 -34.94 -41.82 -35.88
CA ILE F 73 -33.72 -41.03 -35.85
C ILE F 73 -33.94 -39.66 -36.47
N LYS F 74 -34.99 -39.47 -37.27
CA LYS F 74 -35.34 -38.14 -37.72
C LYS F 74 -36.09 -37.36 -36.65
N GLU F 75 -36.92 -38.06 -35.87
CA GLU F 75 -37.65 -37.40 -34.79
C GLU F 75 -36.73 -37.08 -33.62
N ASN F 76 -35.82 -38.00 -33.30
CA ASN F 76 -34.89 -37.75 -32.21
C ASN F 76 -33.79 -36.79 -32.62
N SER F 77 -33.39 -36.80 -33.91
CA SER F 77 -32.46 -35.78 -34.38
C SER F 77 -33.15 -34.43 -34.57
N GLU F 78 -34.48 -34.44 -34.73
CA GLU F 78 -35.23 -33.19 -34.59
C GLU F 78 -35.14 -32.69 -33.16
N LYS F 79 -35.13 -33.61 -32.18
CA LYS F 79 -34.83 -33.22 -30.81
C LYS F 79 -33.36 -32.88 -30.65
N ILE F 80 -32.51 -33.35 -31.58
CA ILE F 80 -31.13 -32.89 -31.62
C ILE F 80 -31.06 -31.54 -32.33
N LYS F 81 -32.10 -31.19 -33.08
CA LYS F 81 -32.17 -29.85 -33.65
C LYS F 81 -32.63 -28.84 -32.61
N VAL F 82 -33.57 -29.22 -31.74
CA VAL F 82 -33.95 -28.36 -30.62
C VAL F 82 -33.00 -28.50 -29.44
N ASN F 83 -32.62 -29.72 -29.03
CA ASN F 83 -31.55 -29.92 -28.06
C ASN F 83 -30.37 -30.55 -28.78
N LYS F 84 -29.38 -29.73 -29.13
CA LYS F 84 -28.12 -30.19 -29.69
C LYS F 84 -27.08 -30.69 -28.67
N THR F 85 -26.92 -30.05 -27.50
CA THR F 85 -27.71 -28.90 -27.02
C THR F 85 -27.04 -27.58 -27.29
N LEU F 86 -27.83 -26.60 -27.73
CA LEU F 86 -27.35 -25.52 -28.58
C LEU F 86 -26.06 -24.89 -28.06
N PRO F 87 -25.15 -24.46 -28.94
CA PRO F 87 -23.82 -24.00 -28.53
C PRO F 87 -23.72 -22.80 -27.58
N TYR F 88 -24.80 -22.08 -27.28
CA TYR F 88 -24.73 -20.64 -27.02
C TYR F 88 -23.51 -20.17 -26.22
N LEU F 89 -23.41 -20.51 -24.93
CA LEU F 89 -22.33 -19.93 -24.13
C LEU F 89 -20.98 -20.48 -24.59
N VAL F 90 -20.02 -19.57 -24.78
CA VAL F 90 -18.66 -19.95 -25.16
C VAL F 90 -17.99 -20.62 -23.98
N SER F 91 -17.14 -21.61 -24.26
CA SER F 91 -16.50 -22.37 -23.20
C SER F 91 -15.13 -22.86 -23.69
N ASN F 92 -14.42 -23.51 -22.78
CA ASN F 92 -13.13 -24.14 -23.06
C ASN F 92 -13.11 -25.46 -22.32
N VAL F 93 -12.13 -26.31 -22.65
CA VAL F 93 -12.20 -27.72 -22.28
C VAL F 93 -11.05 -28.10 -21.36
N ILE F 94 -11.25 -29.22 -20.66
CA ILE F 94 -10.18 -30.03 -20.08
C ILE F 94 -10.59 -31.49 -20.26
N GLU F 95 -9.68 -32.31 -20.77
CA GLU F 95 -10.03 -33.66 -21.21
C GLU F 95 -9.31 -34.72 -20.40
N LEU F 96 -10.01 -35.81 -20.09
CA LEU F 96 -9.42 -36.96 -19.41
C LEU F 96 -10.28 -38.19 -19.70
N LEU F 97 -9.69 -39.37 -19.48
CA LEU F 97 -10.34 -40.66 -19.61
C LEU F 97 -10.45 -41.33 -18.25
N ASP F 98 -11.60 -41.92 -17.96
CA ASP F 98 -11.82 -42.56 -16.66
C ASP F 98 -12.83 -43.68 -16.79
N VAL F 99 -12.73 -44.65 -15.88
CA VAL F 99 -13.72 -45.70 -15.73
C VAL F 99 -13.71 -46.11 -14.26
N ASP F 100 -14.85 -46.58 -13.76
CA ASP F 100 -15.00 -46.82 -12.33
C ASP F 100 -15.05 -48.31 -11.99
N PRO F 101 -13.98 -48.88 -11.43
CA PRO F 101 -14.10 -50.15 -10.73
C PRO F 101 -14.59 -49.94 -9.31
N ASN F 102 -15.28 -50.94 -8.78
CA ASN F 102 -15.77 -50.89 -7.41
C ASN F 102 -15.73 -52.26 -6.72
N ASP F 103 -15.28 -52.29 -5.47
CA ASP F 103 -14.78 -51.10 -4.79
C ASP F 103 -13.26 -51.02 -4.88
N SER F 115 -21.62 -52.69 -8.23
CA SER F 115 -20.35 -53.35 -8.52
C SER F 115 -19.59 -52.63 -9.62
N GLN F 116 -18.96 -53.39 -10.51
CA GLN F 116 -18.20 -52.81 -11.60
C GLN F 116 -19.15 -52.17 -12.62
N ARG F 117 -18.80 -50.95 -13.06
CA ARG F 117 -19.58 -50.23 -14.05
C ARG F 117 -18.63 -49.62 -15.07
N LYS F 118 -19.20 -48.91 -16.04
CA LYS F 118 -18.44 -48.35 -17.14
C LYS F 118 -18.90 -46.92 -17.42
N GLY F 119 -18.09 -46.21 -18.19
CA GLY F 119 -18.38 -44.83 -18.53
C GLY F 119 -17.08 -44.07 -18.74
N LYS F 120 -17.23 -42.76 -18.86
CA LYS F 120 -16.07 -41.88 -18.99
C LYS F 120 -16.49 -40.47 -18.57
N CYS F 121 -15.51 -39.64 -18.25
CA CYS F 121 -15.77 -38.28 -17.79
C CYS F 121 -14.97 -37.26 -18.59
N ALA F 122 -15.38 -36.00 -18.47
CA ALA F 122 -14.69 -34.89 -19.10
C ALA F 122 -14.85 -33.65 -18.23
N VAL F 123 -14.00 -32.66 -18.48
CA VAL F 123 -13.98 -31.40 -17.74
C VAL F 123 -14.20 -30.27 -18.74
N ILE F 124 -14.57 -29.09 -18.23
CA ILE F 124 -14.92 -27.97 -19.08
C ILE F 124 -14.56 -26.66 -18.39
N LYS F 125 -14.38 -25.62 -19.19
CA LYS F 125 -14.32 -24.24 -18.73
C LYS F 125 -15.62 -23.54 -19.10
N THR F 126 -15.71 -22.25 -18.78
CA THR F 126 -16.91 -21.46 -19.09
C THR F 126 -16.47 -20.06 -19.50
N SER F 127 -17.46 -19.24 -19.87
CA SER F 127 -17.26 -17.81 -20.02
C SER F 127 -17.35 -17.07 -18.69
N THR F 128 -17.97 -17.69 -17.68
CA THR F 128 -18.08 -17.13 -16.35
C THR F 128 -16.94 -17.55 -15.43
N ARG F 129 -15.92 -18.23 -15.98
CA ARG F 129 -14.70 -18.71 -15.35
C ARG F 129 -14.88 -20.05 -14.64
N GLN F 130 -16.08 -20.61 -14.60
CA GLN F 130 -16.34 -21.81 -13.83
C GLN F 130 -15.79 -23.05 -14.55
N THR F 131 -15.92 -24.20 -13.90
CA THR F 131 -15.38 -25.47 -14.37
C THR F 131 -16.30 -26.59 -13.89
N TYR F 132 -16.47 -27.62 -14.71
CA TYR F 132 -17.44 -28.67 -14.41
C TYR F 132 -16.90 -30.05 -14.75
N PHE F 133 -17.47 -31.04 -14.08
CA PHE F 133 -17.03 -32.44 -14.16
C PHE F 133 -18.17 -33.25 -14.77
N LEU F 134 -17.99 -33.70 -16.02
CA LEU F 134 -19.13 -34.20 -16.76
C LEU F 134 -18.85 -35.54 -17.43
N PRO F 135 -19.84 -36.43 -17.49
CA PRO F 135 -19.69 -37.63 -18.32
C PRO F 135 -19.43 -37.26 -19.77
N VAL F 136 -18.59 -38.06 -20.43
CA VAL F 136 -17.96 -37.64 -21.69
C VAL F 136 -18.98 -37.16 -22.69
N ILE F 137 -18.63 -36.07 -23.37
CA ILE F 137 -19.44 -35.42 -24.39
C ILE F 137 -19.74 -36.38 -25.54
N GLY F 138 -20.99 -36.36 -26.00
CA GLY F 138 -21.97 -35.37 -25.57
C GLY F 138 -21.87 -33.96 -26.08
N LEU F 139 -22.01 -33.74 -27.40
CA LEU F 139 -22.46 -34.75 -28.34
C LEU F 139 -21.28 -35.37 -29.04
N VAL F 140 -20.50 -34.54 -29.74
CA VAL F 140 -19.28 -35.04 -30.33
C VAL F 140 -18.36 -35.57 -29.22
N ASP F 141 -17.46 -36.46 -29.61
CA ASP F 141 -16.79 -37.36 -28.70
C ASP F 141 -15.31 -36.96 -28.58
N ALA F 142 -14.54 -37.82 -27.93
CA ALA F 142 -13.11 -37.61 -27.74
C ALA F 142 -12.37 -37.53 -29.06
N GLU F 143 -13.08 -37.73 -30.17
CA GLU F 143 -12.49 -37.64 -31.51
C GLU F 143 -11.62 -36.40 -31.64
N LYS F 144 -12.15 -35.24 -31.29
CA LYS F 144 -11.34 -34.04 -31.16
C LYS F 144 -11.96 -33.11 -30.12
N LEU F 145 -11.14 -32.45 -29.31
CA LEU F 145 -9.69 -32.58 -29.37
C LEU F 145 -9.14 -32.57 -27.94
N LYS F 146 -7.82 -32.64 -27.80
CA LYS F 146 -7.21 -32.15 -26.57
C LYS F 146 -7.70 -30.72 -26.42
N PRO F 147 -7.91 -30.22 -25.20
CA PRO F 147 -8.80 -29.07 -25.02
C PRO F 147 -8.51 -27.87 -25.91
N GLY F 148 -9.53 -27.46 -26.66
CA GLY F 148 -9.47 -26.29 -27.49
C GLY F 148 -10.38 -25.18 -27.00
N ASP F 149 -10.72 -24.30 -27.92
CA ASP F 149 -11.65 -23.22 -27.63
C ASP F 149 -13.04 -23.55 -28.16
N LEU F 150 -13.98 -22.65 -27.87
CA LEU F 150 -15.33 -22.64 -28.45
C LEU F 150 -15.95 -24.03 -28.54
N VAL F 151 -16.31 -24.62 -27.41
CA VAL F 151 -17.03 -25.89 -27.37
C VAL F 151 -18.47 -25.60 -26.96
N GLY F 152 -19.40 -25.90 -27.83
CA GLY F 152 -20.77 -25.48 -27.65
C GLY F 152 -21.43 -26.16 -26.45
N VAL F 153 -21.99 -25.37 -25.54
CA VAL F 153 -22.69 -25.87 -24.36
C VAL F 153 -23.73 -24.84 -23.94
N ASN F 154 -24.88 -25.31 -23.45
CA ASN F 154 -25.93 -24.42 -22.92
C ASN F 154 -26.16 -24.69 -21.44
N LYS F 155 -25.77 -23.72 -20.61
CA LYS F 155 -26.21 -23.64 -19.23
C LYS F 155 -26.10 -24.97 -18.51
N ASP F 156 -27.17 -25.39 -17.83
CA ASP F 156 -27.12 -26.58 -17.00
C ASP F 156 -26.91 -27.87 -17.78
N SER F 157 -27.12 -27.87 -19.10
CA SER F 157 -26.94 -29.10 -19.87
C SER F 157 -25.50 -29.59 -19.80
N TYR F 158 -24.53 -28.68 -19.93
CA TYR F 158 -23.11 -28.98 -19.74
C TYR F 158 -22.64 -30.12 -20.65
N LEU F 159 -23.00 -30.06 -21.92
CA LEU F 159 -22.53 -31.02 -22.91
C LEU F 159 -22.01 -30.28 -24.13
N ILE F 160 -21.02 -30.88 -24.80
CA ILE F 160 -20.29 -30.22 -25.87
C ILE F 160 -20.68 -30.87 -27.19
N LEU F 161 -21.45 -30.12 -27.99
CA LEU F 161 -22.01 -30.63 -29.23
C LEU F 161 -21.02 -30.55 -30.40
N GLU F 162 -20.30 -29.44 -30.52
CA GLU F 162 -19.41 -29.21 -31.64
C GLU F 162 -18.36 -28.19 -31.20
N THR F 163 -17.19 -28.24 -31.84
CA THR F 163 -16.11 -27.31 -31.57
C THR F 163 -15.96 -26.41 -32.80
N LEU F 164 -16.31 -25.14 -32.65
CA LEU F 164 -16.33 -24.24 -33.80
C LEU F 164 -15.04 -23.42 -33.85
N PRO F 165 -14.27 -23.49 -34.95
CA PRO F 165 -13.09 -22.67 -35.19
C PRO F 165 -13.46 -21.24 -35.61
N THR F 166 -12.67 -20.21 -35.26
CA THR F 166 -11.45 -20.32 -34.45
C THR F 166 -11.07 -19.00 -33.76
N GLU F 167 -10.26 -19.14 -32.73
CA GLU F 167 -9.33 -18.10 -32.24
C GLU F 167 -10.11 -16.83 -31.84
N TYR F 168 -9.58 -15.66 -32.20
CA TYR F 168 -9.89 -14.38 -31.55
C TYR F 168 -8.96 -13.35 -32.21
N ASP F 169 -9.05 -12.05 -31.92
CA ASP F 169 -10.20 -11.32 -31.36
C ASP F 169 -10.29 -9.96 -32.05
N SER F 170 -11.43 -9.64 -32.66
CA SER F 170 -11.69 -8.30 -33.18
C SER F 170 -10.53 -7.74 -34.01
N ARG F 171 -10.02 -6.57 -33.63
CA ARG F 171 -8.84 -6.02 -34.31
C ARG F 171 -7.54 -6.58 -33.77
N VAL F 172 -7.56 -7.19 -32.58
CA VAL F 172 -6.43 -8.00 -32.15
C VAL F 172 -6.25 -9.18 -33.09
N LYS F 173 -7.35 -9.77 -33.54
CA LYS F 173 -7.33 -10.79 -34.59
C LYS F 173 -6.65 -10.25 -35.83
N ALA F 174 -7.31 -9.31 -36.51
CA ALA F 174 -6.80 -8.68 -37.71
C ALA F 174 -6.35 -7.27 -37.35
N MET F 175 -5.02 -7.06 -37.29
CA MET F 175 -4.50 -5.72 -37.06
C MET F 175 -5.00 -4.77 -38.14
N GLU F 176 -4.57 -4.98 -39.39
CA GLU F 176 -5.19 -4.35 -40.54
C GLU F 176 -5.30 -5.37 -41.66
N VAL F 177 -6.52 -5.62 -42.15
CA VAL F 177 -6.74 -6.43 -43.34
C VAL F 177 -7.29 -5.50 -44.42
N ASP F 178 -6.47 -5.26 -45.43
CA ASP F 178 -6.83 -4.37 -46.52
C ASP F 178 -6.70 -5.13 -47.83
N GLU F 179 -7.35 -4.61 -48.87
CA GLU F 179 -7.20 -5.17 -50.21
C GLU F 179 -5.72 -5.16 -50.58
N ARG F 180 -5.15 -3.96 -50.75
CA ARG F 180 -3.75 -3.72 -51.07
C ARG F 180 -3.57 -2.22 -51.26
N PRO F 181 -2.33 -1.71 -51.33
CA PRO F 181 -2.14 -0.33 -51.78
C PRO F 181 -2.71 -0.14 -53.18
N THR F 182 -3.31 1.02 -53.40
CA THR F 182 -4.04 1.27 -54.63
C THR F 182 -3.14 1.67 -55.79
N GLU F 183 -1.82 1.80 -55.57
CA GLU F 183 -0.89 2.11 -56.63
C GLU F 183 0.32 1.19 -56.51
N GLN F 184 1.13 1.17 -57.56
CA GLN F 184 2.28 0.27 -57.65
C GLN F 184 3.58 1.06 -57.56
N TYR F 185 4.63 0.38 -57.10
CA TYR F 185 5.93 1.01 -56.89
C TYR F 185 6.54 1.52 -58.20
N SER F 186 6.04 1.07 -59.35
CA SER F 186 6.60 1.50 -60.63
C SER F 186 6.49 3.00 -60.86
N ASP F 187 5.68 3.70 -60.06
CA ASP F 187 5.60 5.15 -60.18
C ASP F 187 6.82 5.83 -59.57
N ILE F 188 7.31 5.31 -58.45
CA ILE F 188 8.41 5.94 -57.73
C ILE F 188 9.70 5.21 -58.07
N GLY F 189 10.80 5.96 -58.11
CA GLY F 189 12.06 5.41 -58.54
C GLY F 189 13.23 6.11 -57.89
N GLY F 190 14.43 5.68 -58.29
CA GLY F 190 15.68 6.16 -57.76
C GLY F 190 16.18 5.36 -56.56
N LEU F 191 15.29 4.69 -55.85
CA LEU F 191 15.62 3.72 -54.82
C LEU F 191 15.60 2.29 -55.36
N ASP F 192 15.45 2.14 -56.68
CA ASP F 192 15.19 0.85 -57.31
C ASP F 192 16.15 -0.24 -56.82
N LYS F 193 17.44 -0.07 -57.09
CA LYS F 193 18.40 -1.16 -56.93
C LYS F 193 18.39 -1.75 -55.52
N GLN F 194 18.14 -0.93 -54.50
CA GLN F 194 18.09 -1.46 -53.14
C GLN F 194 16.74 -2.10 -52.82
N ILE F 195 15.64 -1.56 -53.36
CA ILE F 195 14.37 -2.25 -53.21
C ILE F 195 14.29 -3.41 -54.21
N GLN F 196 15.01 -3.30 -55.33
CA GLN F 196 15.19 -4.47 -56.19
C GLN F 196 15.83 -5.62 -55.43
N GLU F 197 16.61 -5.31 -54.39
CA GLU F 197 17.07 -6.31 -53.44
C GLU F 197 15.99 -6.67 -52.44
N LEU F 198 15.13 -5.71 -52.07
CA LEU F 198 14.12 -5.96 -51.06
C LEU F 198 12.96 -6.78 -51.63
N VAL F 199 12.48 -6.42 -52.82
CA VAL F 199 11.33 -7.12 -53.41
C VAL F 199 11.64 -8.60 -53.58
N GLU F 200 12.92 -8.97 -53.69
CA GLU F 200 13.29 -10.38 -53.67
C GLU F 200 12.80 -11.05 -52.40
N ALA F 201 13.08 -10.44 -51.24
CA ALA F 201 12.77 -11.06 -49.96
C ALA F 201 11.30 -11.41 -49.82
N ILE F 202 10.41 -10.62 -50.41
CA ILE F 202 8.99 -10.99 -50.45
C ILE F 202 8.68 -11.93 -51.60
N VAL F 203 9.29 -11.71 -52.78
CA VAL F 203 8.89 -12.46 -53.97
C VAL F 203 9.55 -13.84 -54.01
N LEU F 204 10.82 -13.94 -53.63
CA LEU F 204 11.50 -15.23 -53.73
C LEU F 204 10.85 -16.33 -52.87
N PRO F 205 10.33 -16.07 -51.66
CA PRO F 205 9.47 -17.08 -51.03
C PRO F 205 8.12 -17.21 -51.70
N MET F 206 7.61 -16.13 -52.30
CA MET F 206 6.35 -16.20 -53.05
C MET F 206 6.50 -17.08 -54.28
N ASN F 207 7.64 -17.00 -54.95
CA ASN F 207 7.90 -17.74 -56.18
C ASN F 207 9.24 -18.48 -56.15
N HIS F 208 10.34 -17.75 -56.02
CA HIS F 208 11.67 -18.23 -56.43
C HIS F 208 12.31 -19.17 -55.42
N LYS F 209 11.59 -19.56 -54.37
CA LYS F 209 12.08 -20.61 -53.47
C LYS F 209 12.48 -21.86 -54.24
N GLU F 210 11.86 -22.11 -55.41
CA GLU F 210 12.25 -23.25 -56.23
C GLU F 210 13.73 -23.19 -56.61
N LYS F 211 14.29 -21.99 -56.72
CA LYS F 211 15.72 -21.86 -57.00
C LYS F 211 16.55 -22.48 -55.88
N PHE F 212 16.08 -22.38 -54.64
CA PHE F 212 16.82 -22.94 -53.51
C PHE F 212 16.59 -24.44 -53.36
N GLU F 213 15.50 -24.97 -53.93
CA GLU F 213 15.25 -26.39 -53.84
C GLU F 213 16.35 -27.21 -54.50
N ASN F 214 17.01 -26.63 -55.52
CA ASN F 214 18.18 -27.24 -56.13
C ASN F 214 19.29 -27.44 -55.11
N LEU F 215 19.83 -26.35 -54.58
CA LEU F 215 21.04 -26.37 -53.77
C LEU F 215 20.78 -26.43 -52.27
N GLY F 216 19.52 -26.50 -51.85
CA GLY F 216 19.23 -26.60 -50.43
C GLY F 216 19.51 -25.34 -49.62
N ILE F 217 18.88 -24.23 -50.02
CA ILE F 217 18.98 -22.97 -49.30
C ILE F 217 17.61 -22.65 -48.70
N GLN F 218 17.61 -21.84 -47.64
CA GLN F 218 16.37 -21.39 -47.03
C GLN F 218 16.21 -19.90 -47.25
N PRO F 219 14.99 -19.41 -47.41
CA PRO F 219 14.78 -18.01 -47.79
C PRO F 219 15.07 -17.07 -46.63
N PRO F 220 15.33 -15.80 -46.90
CA PRO F 220 15.58 -14.84 -45.81
C PRO F 220 14.31 -14.54 -45.05
N LYS F 221 14.45 -14.50 -43.72
CA LYS F 221 13.35 -14.12 -42.83
C LYS F 221 13.50 -12.70 -42.34
N GLY F 222 14.55 -12.40 -41.58
CA GLY F 222 14.78 -11.06 -41.09
C GLY F 222 15.08 -10.05 -42.19
N VAL F 223 14.46 -8.89 -42.10
CA VAL F 223 14.72 -7.79 -43.02
C VAL F 223 14.35 -6.50 -42.30
N LEU F 224 15.00 -5.40 -42.66
CA LEU F 224 14.75 -4.12 -42.01
C LEU F 224 14.67 -3.03 -43.05
N MET F 225 13.93 -1.97 -42.71
CA MET F 225 13.70 -0.81 -43.57
C MET F 225 13.76 0.41 -42.67
N TYR F 226 14.52 1.43 -43.05
CA TYR F 226 14.72 2.54 -42.13
C TYR F 226 15.19 3.77 -42.90
N GLY F 227 15.61 4.80 -42.16
CA GLY F 227 15.95 6.09 -42.70
C GLY F 227 14.90 7.13 -42.37
N PRO F 228 15.32 8.39 -42.25
CA PRO F 228 14.38 9.46 -41.89
C PRO F 228 13.52 9.87 -43.07
N PRO F 229 12.28 10.30 -42.83
CA PRO F 229 11.37 10.73 -43.90
C PRO F 229 11.86 11.95 -44.66
N GLY F 230 11.96 11.87 -45.97
CA GLY F 230 11.77 10.64 -46.72
C GLY F 230 12.64 10.68 -47.97
N THR F 231 13.07 9.54 -48.54
CA THR F 231 12.61 8.16 -48.35
C THR F 231 11.13 7.99 -48.72
N GLY F 232 10.25 7.70 -47.77
CA GLY F 232 8.89 7.34 -48.09
C GLY F 232 8.49 5.88 -47.92
N LYS F 233 9.24 5.10 -47.14
CA LYS F 233 8.85 3.71 -46.84
C LYS F 233 7.39 3.60 -46.44
N THR F 234 6.88 4.58 -45.67
CA THR F 234 5.48 4.54 -45.23
C THR F 234 4.54 4.26 -46.39
N LEU F 235 4.73 4.95 -47.52
CA LEU F 235 4.02 4.58 -48.73
C LEU F 235 4.62 3.35 -49.39
N LEU F 236 5.95 3.26 -49.38
CA LEU F 236 6.62 2.22 -50.15
C LEU F 236 6.50 0.85 -49.48
N ALA F 237 6.76 0.78 -48.17
CA ALA F 237 6.69 -0.49 -47.47
C ALA F 237 5.30 -1.11 -47.60
N ARG F 238 4.25 -0.28 -47.69
CA ARG F 238 2.94 -0.80 -48.02
C ARG F 238 2.80 -1.03 -49.52
N ALA F 239 3.33 -0.13 -50.35
CA ALA F 239 3.17 -0.22 -51.80
C ALA F 239 3.65 -1.55 -52.36
N CYS F 240 4.58 -2.23 -51.68
CA CYS F 240 5.02 -3.54 -52.14
C CYS F 240 3.97 -4.62 -51.91
N ALA F 241 3.01 -4.38 -51.01
CA ALA F 241 1.99 -5.38 -50.74
C ALA F 241 1.04 -5.59 -51.91
N ALA F 242 0.97 -4.63 -52.84
CA ALA F 242 0.15 -4.82 -54.04
C ALA F 242 0.72 -5.93 -54.92
N GLN F 243 2.03 -6.12 -54.91
CA GLN F 243 2.68 -7.16 -55.69
C GLN F 243 2.91 -8.44 -54.90
N THR F 244 2.57 -8.45 -53.61
CA THR F 244 2.70 -9.67 -52.82
C THR F 244 1.54 -10.62 -53.09
N LYS F 245 0.33 -10.08 -53.18
CA LYS F 245 -0.91 -10.79 -53.51
C LYS F 245 -1.38 -11.65 -52.34
N ALA F 246 -0.50 -11.91 -51.38
CA ALA F 246 -0.89 -12.58 -50.15
C ALA F 246 -1.51 -11.57 -49.18
N THR F 247 -2.36 -12.08 -48.29
CA THR F 247 -3.02 -11.21 -47.32
C THR F 247 -1.99 -10.52 -46.44
N PHE F 248 -2.18 -9.21 -46.23
CA PHE F 248 -1.24 -8.38 -45.51
C PHE F 248 -1.82 -7.94 -44.18
N LEU F 249 -0.94 -7.73 -43.21
CA LEU F 249 -1.30 -7.30 -41.87
C LEU F 249 -0.35 -6.19 -41.41
N LYS F 250 -0.91 -5.11 -40.91
CA LYS F 250 -0.15 -3.93 -40.51
C LYS F 250 0.10 -3.96 -39.00
N LEU F 251 1.37 -4.07 -38.61
CA LEU F 251 1.76 -3.92 -37.22
C LEU F 251 2.55 -2.63 -37.04
N ALA F 252 2.37 -1.99 -35.90
CA ALA F 252 3.00 -0.71 -35.62
C ALA F 252 3.19 -0.57 -34.12
N GLY F 253 4.03 0.39 -33.73
CA GLY F 253 4.25 0.67 -32.33
C GLY F 253 3.01 0.84 -31.48
N PRO F 254 2.04 1.63 -31.92
CA PRO F 254 0.78 1.75 -31.15
C PRO F 254 0.10 0.41 -30.88
N GLN F 255 0.25 -0.56 -31.79
CA GLN F 255 -0.26 -1.90 -31.48
C GLN F 255 0.53 -2.54 -30.34
N LEU F 256 1.85 -2.34 -30.33
CA LEU F 256 2.68 -2.85 -29.25
C LEU F 256 2.47 -2.09 -27.94
N VAL F 257 1.84 -0.92 -27.98
CA VAL F 257 1.35 -0.29 -26.76
C VAL F 257 0.25 -1.19 -26.19
N GLN F 258 0.41 -1.58 -24.93
CA GLN F 258 -0.45 -2.60 -24.34
C GLN F 258 -1.09 -2.07 -23.08
N MET F 259 -2.44 -2.05 -23.06
CA MET F 259 -3.17 -1.77 -21.83
C MET F 259 -2.78 -2.75 -20.73
N PHE F 260 -3.06 -4.03 -20.94
CA PHE F 260 -2.68 -5.08 -20.02
C PHE F 260 -1.44 -5.82 -20.54
N ILE F 261 -1.04 -6.85 -19.80
CA ILE F 261 0.21 -7.55 -20.05
C ILE F 261 -0.08 -8.90 -20.65
N GLY F 262 0.83 -9.36 -21.51
CA GLY F 262 0.70 -10.64 -22.17
C GLY F 262 -0.12 -10.62 -23.44
N ASP F 263 -0.93 -9.58 -23.65
CA ASP F 263 -1.68 -9.44 -24.88
C ASP F 263 -0.75 -9.46 -26.08
N GLY F 264 0.12 -8.45 -26.19
CA GLY F 264 1.04 -8.38 -27.31
C GLY F 264 1.79 -9.69 -27.55
N ALA F 265 2.23 -10.34 -26.47
CA ALA F 265 2.74 -11.70 -26.55
C ALA F 265 1.68 -12.62 -27.16
N LYS F 266 0.55 -12.76 -26.48
CA LYS F 266 -0.56 -13.56 -27.00
C LYS F 266 -1.00 -13.08 -28.37
N LEU F 267 -0.94 -11.76 -28.63
CA LEU F 267 -1.21 -11.25 -29.96
C LEU F 267 -0.23 -11.82 -30.97
N VAL F 268 1.07 -11.67 -30.71
CA VAL F 268 2.08 -12.24 -31.60
C VAL F 268 1.98 -13.76 -31.64
N ARG F 269 1.66 -14.38 -30.50
CA ARG F 269 1.32 -15.81 -30.52
C ARG F 269 0.15 -16.07 -31.45
N ASP F 270 -0.85 -15.18 -31.43
CA ASP F 270 -1.99 -15.30 -32.34
C ASP F 270 -1.65 -14.75 -33.73
N ALA F 271 -0.86 -13.68 -33.79
CA ALA F 271 -0.51 -13.11 -35.10
C ALA F 271 0.19 -14.14 -35.97
N PHE F 272 1.09 -14.92 -35.38
CA PHE F 272 1.76 -15.99 -36.12
C PHE F 272 0.92 -17.27 -36.19
N ALA F 273 -0.08 -17.41 -35.32
CA ALA F 273 -1.15 -18.37 -35.59
C ALA F 273 -1.82 -17.99 -36.90
N LEU F 274 -2.48 -16.82 -36.91
CA LEU F 274 -3.14 -16.33 -38.12
C LEU F 274 -2.19 -16.16 -39.29
N ALA F 275 -0.88 -16.06 -39.04
CA ALA F 275 0.09 -16.06 -40.13
C ALA F 275 0.23 -17.46 -40.70
N LYS F 276 0.70 -18.41 -39.89
CA LYS F 276 0.81 -19.79 -40.33
C LYS F 276 -0.55 -20.37 -40.72
N GLU F 277 -1.63 -19.90 -40.10
CA GLU F 277 -2.97 -20.35 -40.48
C GLU F 277 -3.30 -19.89 -41.90
N LYS F 278 -3.05 -18.62 -42.22
CA LYS F 278 -3.30 -18.07 -43.53
C LYS F 278 -2.10 -18.15 -44.46
N ALA F 279 -1.02 -18.79 -44.02
CA ALA F 279 0.18 -18.95 -44.84
C ALA F 279 -0.14 -19.58 -46.19
N PRO F 280 0.42 -19.01 -47.27
CA PRO F 280 1.24 -17.79 -47.30
C PRO F 280 0.47 -16.49 -47.05
N SER F 281 1.05 -15.61 -46.24
CA SER F 281 0.50 -14.29 -45.98
C SER F 281 1.66 -13.30 -45.87
N ILE F 282 1.33 -12.03 -45.63
CA ILE F 282 2.33 -10.99 -45.49
C ILE F 282 2.11 -10.27 -44.17
N ILE F 283 3.19 -9.99 -43.45
CA ILE F 283 3.17 -9.18 -42.24
C ILE F 283 4.37 -8.25 -42.27
N PHE F 284 4.13 -6.97 -42.01
CA PHE F 284 5.17 -5.96 -41.91
C PHE F 284 4.89 -5.12 -40.68
N ILE F 285 5.92 -4.88 -39.87
CA ILE F 285 5.76 -4.17 -38.62
C ILE F 285 6.45 -2.82 -38.74
N ASP F 286 6.32 -2.01 -37.69
CA ASP F 286 6.87 -0.66 -37.71
C ASP F 286 7.08 -0.18 -36.28
N GLU F 287 7.68 0.99 -36.15
CA GLU F 287 8.02 1.58 -34.85
C GLU F 287 8.67 0.57 -33.92
N LEU F 288 9.62 -0.20 -34.48
CA LEU F 288 10.37 -1.14 -33.65
C LEU F 288 11.11 -0.42 -32.54
N ASP F 289 11.55 0.81 -32.79
CA ASP F 289 12.26 1.58 -31.77
C ASP F 289 11.39 1.93 -30.57
N ALA F 290 10.06 1.92 -30.73
CA ALA F 290 9.18 2.13 -29.60
C ALA F 290 9.40 1.06 -28.53
N ILE F 291 9.46 -0.20 -28.94
CA ILE F 291 9.86 -1.30 -28.06
C ILE F 291 11.32 -1.65 -28.19
N GLY F 292 12.09 -0.89 -28.99
CA GLY F 292 13.43 -1.32 -29.36
C GLY F 292 14.32 -1.60 -28.17
N THR F 293 14.46 -0.64 -27.28
CA THR F 293 15.31 -0.80 -26.12
C THR F 293 14.51 -1.34 -24.95
N LYS F 294 15.15 -2.21 -24.18
CA LYS F 294 14.62 -2.78 -22.94
C LYS F 294 14.96 -1.93 -21.74
N ARG F 295 15.44 -0.72 -21.96
CA ARG F 295 16.42 -0.03 -21.12
C ARG F 295 17.64 -0.96 -21.11
N PHE F 296 18.34 -1.07 -19.99
CA PHE F 296 19.16 -2.24 -19.71
C PHE F 296 18.91 -2.64 -18.26
N ASP F 297 19.31 -1.76 -17.35
CA ASP F 297 19.09 -1.93 -15.92
C ASP F 297 17.74 -1.36 -15.50
N SER F 298 17.13 -2.00 -14.50
CA SER F 298 15.88 -1.55 -13.89
C SER F 298 16.11 -0.19 -13.21
N GLU F 299 15.08 0.59 -12.89
CA GLU F 299 13.67 0.22 -12.85
C GLU F 299 12.74 1.39 -13.23
N LYS F 300 11.74 1.19 -14.08
CA LYS F 300 11.52 -0.01 -14.90
C LYS F 300 10.84 0.40 -16.20
N ALA F 301 10.86 -0.48 -17.19
CA ALA F 301 10.18 -0.23 -18.46
C ALA F 301 8.97 -1.15 -18.57
N GLY F 302 7.89 -0.62 -19.16
CA GLY F 302 6.71 -1.41 -19.43
C GLY F 302 6.93 -2.35 -20.60
N ASP F 303 7.52 -1.83 -21.67
CA ASP F 303 7.90 -2.65 -22.81
C ASP F 303 9.02 -3.64 -22.48
N ARG F 304 9.66 -3.50 -21.31
CA ARG F 304 10.61 -4.51 -20.87
C ARG F 304 9.96 -5.87 -20.74
N GLU F 305 8.67 -5.90 -20.38
CA GLU F 305 7.90 -7.13 -20.47
C GLU F 305 7.50 -7.42 -21.91
N VAL F 306 7.12 -6.38 -22.65
CA VAL F 306 6.72 -6.53 -24.04
C VAL F 306 7.92 -6.77 -24.96
N GLN F 307 9.14 -6.51 -24.49
CA GLN F 307 10.32 -6.94 -25.24
C GLN F 307 10.33 -8.45 -25.39
N ARG F 308 9.75 -9.17 -24.43
CA ARG F 308 9.65 -10.62 -24.51
C ARG F 308 8.72 -11.06 -25.63
N THR F 309 7.70 -10.26 -25.94
CA THR F 309 6.95 -10.48 -27.17
C THR F 309 7.89 -10.49 -28.37
N MET F 310 8.82 -9.53 -28.42
CA MET F 310 9.88 -9.57 -29.42
C MET F 310 10.83 -10.72 -29.16
N LEU F 311 11.14 -11.00 -27.89
CA LEU F 311 11.97 -12.15 -27.57
C LEU F 311 11.25 -13.45 -27.93
N GLU F 312 9.93 -13.49 -27.75
CA GLU F 312 9.17 -14.62 -28.25
C GLU F 312 9.09 -14.59 -29.77
N LEU F 313 8.87 -13.40 -30.34
CA LEU F 313 9.06 -13.21 -31.78
C LEU F 313 10.45 -13.70 -32.20
N LEU F 314 11.45 -13.47 -31.37
CA LEU F 314 12.75 -14.09 -31.57
C LEU F 314 12.69 -15.57 -31.25
N ASN F 315 12.16 -15.93 -30.08
CA ASN F 315 12.04 -17.34 -29.72
C ASN F 315 11.25 -18.13 -30.76
N GLN F 316 10.33 -17.47 -31.45
CA GLN F 316 9.64 -18.12 -32.56
C GLN F 316 10.48 -18.13 -33.83
N LEU F 317 11.37 -17.16 -34.00
CA LEU F 317 12.29 -17.12 -35.13
C LEU F 317 13.67 -17.67 -34.79
N ASP F 318 13.90 -18.06 -33.54
CA ASP F 318 15.20 -18.57 -33.12
C ASP F 318 15.03 -19.91 -32.41
N GLY F 319 14.35 -19.90 -31.26
CA GLY F 319 14.13 -21.12 -30.51
C GLY F 319 13.01 -21.99 -31.04
N PHE F 320 12.20 -21.46 -31.95
CA PHE F 320 11.10 -22.20 -32.56
C PHE F 320 11.27 -22.23 -34.07
N GLN F 321 10.96 -23.39 -34.67
CA GLN F 321 10.91 -23.47 -36.13
C GLN F 321 9.71 -22.76 -36.76
N PRO F 322 8.47 -22.89 -36.26
CA PRO F 322 7.30 -22.69 -37.13
C PRO F 322 7.19 -21.33 -37.82
N ASN F 323 7.97 -20.33 -37.41
CA ASN F 323 7.90 -19.00 -38.02
C ASN F 323 8.37 -18.97 -39.47
N THR F 324 8.83 -20.10 -40.02
CA THR F 324 9.49 -20.14 -41.33
C THR F 324 8.73 -19.38 -42.40
N GLN F 325 7.41 -19.49 -42.43
CA GLN F 325 6.62 -18.89 -43.50
C GLN F 325 6.13 -17.52 -43.09
N VAL F 326 5.44 -16.84 -44.01
CA VAL F 326 4.89 -15.51 -43.80
C VAL F 326 6.01 -14.56 -43.39
N LYS F 327 6.85 -14.18 -44.35
CA LYS F 327 8.03 -13.37 -44.06
C LYS F 327 7.62 -12.01 -43.50
N VAL F 328 8.32 -11.59 -42.46
CA VAL F 328 7.99 -10.39 -41.70
C VAL F 328 9.08 -9.34 -41.91
N ILE F 329 8.66 -8.07 -42.06
CA ILE F 329 9.56 -6.95 -42.25
C ILE F 329 9.34 -5.95 -41.13
N ALA F 330 10.36 -5.13 -40.87
CA ALA F 330 10.31 -4.15 -39.80
C ALA F 330 10.76 -2.79 -40.34
N ALA F 331 10.32 -1.74 -39.65
CA ALA F 331 10.70 -0.38 -40.04
C ALA F 331 10.70 0.54 -38.84
N THR F 332 11.53 1.58 -38.92
CA THR F 332 11.62 2.63 -37.92
C THR F 332 11.95 3.94 -38.61
N ASN F 333 11.73 5.04 -37.90
CA ASN F 333 12.28 6.32 -38.35
C ASN F 333 13.79 6.34 -38.22
N ARG F 334 14.33 5.67 -37.20
CA ARG F 334 15.78 5.55 -37.04
C ARG F 334 16.08 4.25 -36.31
N VAL F 335 17.27 3.71 -36.58
CA VAL F 335 17.73 2.44 -36.04
C VAL F 335 18.47 2.65 -34.73
N ASP F 336 18.39 3.86 -34.18
CA ASP F 336 19.31 4.39 -33.18
C ASP F 336 19.69 3.41 -32.07
N ILE F 337 18.76 3.09 -31.17
CA ILE F 337 19.06 2.23 -30.04
C ILE F 337 17.93 1.23 -29.88
N LEU F 338 18.27 -0.06 -29.91
CA LEU F 338 17.33 -1.16 -29.75
C LEU F 338 18.11 -2.33 -29.19
N ASP F 339 17.51 -3.51 -29.16
CA ASP F 339 18.28 -4.68 -28.79
C ASP F 339 19.22 -5.03 -29.94
N PRO F 340 20.54 -4.83 -29.79
CA PRO F 340 21.43 -4.99 -30.94
C PRO F 340 21.62 -6.44 -31.38
N ALA F 341 21.29 -7.41 -30.52
CA ALA F 341 21.40 -8.83 -30.83
C ALA F 341 20.49 -9.27 -31.97
N LEU F 342 19.63 -8.37 -32.48
CA LEU F 342 18.62 -8.72 -33.47
C LEU F 342 19.22 -9.20 -34.80
N LEU F 343 20.55 -9.16 -34.93
CA LEU F 343 21.18 -9.56 -36.17
C LEU F 343 21.18 -11.09 -36.31
N ARG F 344 20.51 -11.57 -37.36
CA ARG F 344 20.40 -12.98 -37.71
C ARG F 344 19.44 -13.07 -38.89
N SER F 345 19.24 -14.26 -39.48
CA SER F 345 18.15 -14.39 -40.43
C SER F 345 16.80 -14.56 -39.73
N GLY F 346 16.76 -15.26 -38.61
CA GLY F 346 15.53 -15.43 -37.87
C GLY F 346 15.01 -14.08 -37.39
N ARG F 347 15.82 -13.37 -36.61
CA ARG F 347 15.55 -11.97 -36.30
C ARG F 347 16.01 -11.14 -37.49
N LEU F 348 16.01 -9.80 -37.37
CA LEU F 348 16.21 -8.95 -38.52
C LEU F 348 17.57 -9.18 -39.17
N ASP F 349 17.59 -9.19 -40.51
CA ASP F 349 18.83 -9.43 -41.27
C ASP F 349 19.12 -8.27 -42.21
N ARG F 350 18.34 -8.08 -43.27
CA ARG F 350 18.66 -7.06 -44.26
C ARG F 350 18.62 -5.68 -43.62
N LYS F 351 19.72 -4.95 -43.73
CA LYS F 351 19.79 -3.56 -43.29
C LYS F 351 20.17 -2.72 -44.51
N ILE F 352 19.23 -1.93 -45.00
CA ILE F 352 19.42 -1.12 -46.19
C ILE F 352 19.23 0.33 -45.77
N GLU F 353 20.31 1.11 -45.78
CA GLU F 353 20.22 2.52 -45.44
C GLU F 353 19.64 3.28 -46.61
N PHE F 354 18.53 3.99 -46.37
CA PHE F 354 17.92 4.78 -47.42
C PHE F 354 18.41 6.21 -47.27
N PRO F 355 19.29 6.70 -48.14
CA PRO F 355 19.81 8.06 -47.96
C PRO F 355 18.79 9.11 -48.40
N MET F 356 19.19 10.37 -48.38
CA MET F 356 18.38 11.41 -49.00
C MET F 356 18.18 11.07 -50.47
N PRO F 357 16.95 11.14 -50.99
CA PRO F 357 16.74 10.93 -52.42
C PRO F 357 17.65 11.85 -53.23
N ASN F 358 18.22 11.31 -54.30
CA ASN F 358 19.18 12.05 -55.10
C ASN F 358 18.49 12.64 -56.33
N GLU F 359 19.26 13.42 -57.10
CA GLU F 359 18.70 14.16 -58.23
C GLU F 359 18.06 13.26 -59.26
N GLU F 360 18.51 12.00 -59.37
CA GLU F 360 17.79 11.02 -60.17
C GLU F 360 16.36 10.89 -59.70
N ALA F 361 16.17 10.46 -58.44
CA ALA F 361 14.83 10.39 -57.88
C ALA F 361 14.22 11.77 -57.70
N ARG F 362 14.99 12.72 -57.15
CA ARG F 362 14.44 14.03 -56.80
C ARG F 362 13.80 14.71 -58.00
N ALA F 363 14.40 14.58 -59.18
CA ALA F 363 13.74 15.09 -60.37
C ALA F 363 12.52 14.26 -60.73
N ARG F 364 12.61 12.94 -60.55
CA ARG F 364 11.53 12.04 -60.95
C ARG F 364 10.41 11.96 -59.92
N ILE F 365 10.72 12.07 -58.62
CA ILE F 365 9.68 11.89 -57.60
C ILE F 365 8.54 12.86 -57.82
N MET F 366 8.81 14.17 -57.73
CA MET F 366 7.77 15.16 -57.97
C MET F 366 7.28 15.09 -59.42
N GLN F 367 8.14 14.71 -60.36
CA GLN F 367 7.71 14.49 -61.73
C GLN F 367 6.57 13.47 -61.78
N ILE F 368 6.67 12.40 -60.99
CA ILE F 368 5.58 11.46 -60.86
C ILE F 368 4.51 11.95 -59.89
N HIS F 369 4.87 12.87 -58.99
CA HIS F 369 3.85 13.50 -58.15
C HIS F 369 3.14 14.62 -58.90
N SER F 370 3.82 15.29 -59.83
CA SER F 370 3.21 16.33 -60.65
C SER F 370 2.68 15.81 -61.98
N ARG F 371 2.91 14.54 -62.32
CA ARG F 371 2.28 13.97 -63.50
C ARG F 371 0.76 13.94 -63.37
N LYS F 372 0.26 14.02 -62.14
CA LYS F 372 -1.19 14.14 -61.93
C LYS F 372 -1.70 15.48 -62.43
N MET F 373 -0.84 16.50 -62.50
CA MET F 373 -1.26 17.86 -62.79
C MET F 373 -0.56 18.40 -64.02
N ASN F 374 -1.13 19.47 -64.57
CA ASN F 374 -0.64 20.05 -65.81
C ASN F 374 0.62 20.88 -65.57
N VAL F 375 1.42 21.01 -66.62
CA VAL F 375 2.68 21.72 -66.58
C VAL F 375 2.80 22.56 -67.85
N SER F 376 3.11 23.84 -67.69
CA SER F 376 3.54 24.62 -68.85
C SER F 376 4.81 23.96 -69.39
N PRO F 377 4.82 23.48 -70.64
CA PRO F 377 5.80 22.45 -71.01
C PRO F 377 7.22 22.97 -71.14
N ASP F 378 7.68 23.74 -70.15
CA ASP F 378 9.10 23.88 -69.87
C ASP F 378 9.28 23.90 -68.36
N VAL F 379 9.94 22.88 -67.81
CA VAL F 379 10.40 22.87 -66.44
C VAL F 379 11.76 22.19 -66.43
N ASN F 380 12.75 22.82 -65.79
CA ASN F 380 14.09 22.24 -65.75
C ASN F 380 14.07 20.87 -65.09
N TYR F 381 13.54 20.80 -63.86
CA TYR F 381 13.59 19.63 -62.99
C TYR F 381 15.03 19.36 -62.55
N GLU F 382 15.99 19.98 -63.23
CA GLU F 382 17.35 20.08 -62.74
C GLU F 382 17.48 21.24 -61.75
N GLU F 383 16.74 22.32 -61.99
CA GLU F 383 16.73 23.47 -61.09
C GLU F 383 16.57 23.03 -59.65
N LEU F 384 15.45 22.37 -59.34
CA LEU F 384 15.30 21.76 -58.03
C LEU F 384 16.41 20.75 -57.78
N ALA F 385 16.55 19.76 -58.67
CA ALA F 385 17.48 18.66 -58.45
C ALA F 385 18.90 19.14 -58.18
N ARG F 386 19.32 20.23 -58.82
CA ARG F 386 20.61 20.83 -58.51
C ARG F 386 20.56 21.55 -57.17
N CYS F 387 19.50 22.33 -56.93
CA CYS F 387 19.37 23.12 -55.72
C CYS F 387 18.72 22.37 -54.58
N THR F 388 18.36 21.10 -54.77
CA THR F 388 17.79 20.31 -53.67
C THR F 388 18.92 19.86 -52.76
N ASP F 389 18.89 20.32 -51.51
CA ASP F 389 19.86 19.91 -50.49
C ASP F 389 19.09 19.69 -49.20
N ASP F 390 19.20 18.48 -48.66
CA ASP F 390 18.44 18.00 -47.50
C ASP F 390 16.95 17.85 -47.81
N PHE F 391 16.50 18.23 -49.00
CA PHE F 391 15.08 18.15 -49.33
C PHE F 391 14.65 16.69 -49.37
N ASN F 392 13.63 16.35 -48.59
CA ASN F 392 13.09 15.01 -48.55
C ASN F 392 12.15 14.76 -49.72
N GLY F 393 11.99 13.48 -50.06
CA GLY F 393 11.07 13.12 -51.13
C GLY F 393 9.63 13.55 -50.87
N ALA F 394 9.27 13.71 -49.59
CA ALA F 394 7.95 14.19 -49.25
C ALA F 394 7.85 15.71 -49.38
N GLN F 395 8.93 16.42 -49.07
CA GLN F 395 8.93 17.86 -49.25
C GLN F 395 8.70 18.22 -50.71
N CYS F 396 9.27 17.44 -51.63
CA CYS F 396 9.05 17.67 -53.06
C CYS F 396 7.58 17.51 -53.42
N LYS F 397 6.85 16.64 -52.71
CA LYS F 397 5.41 16.56 -52.91
C LYS F 397 4.73 17.87 -52.53
N ALA F 398 5.19 18.50 -51.45
CA ALA F 398 4.63 19.78 -51.02
C ALA F 398 5.20 20.96 -51.79
N VAL F 399 6.32 20.78 -52.50
CA VAL F 399 6.85 21.86 -53.32
C VAL F 399 5.88 22.22 -54.43
N CYS F 400 5.30 21.21 -55.08
CA CYS F 400 4.31 21.45 -56.13
C CYS F 400 2.97 21.90 -55.57
N VAL F 401 2.74 21.75 -54.27
CA VAL F 401 1.47 22.14 -53.68
C VAL F 401 1.39 23.67 -53.57
N GLU F 402 2.27 24.26 -52.75
CA GLU F 402 2.26 25.71 -52.60
C GLU F 402 2.57 26.42 -53.92
N ALA F 403 3.39 25.81 -54.78
CA ALA F 403 3.54 26.31 -56.13
C ALA F 403 2.20 26.31 -56.85
N GLY F 404 1.43 25.23 -56.71
CA GLY F 404 0.07 25.22 -57.21
C GLY F 404 -0.91 26.04 -56.41
N MET F 405 -0.57 26.38 -55.17
CA MET F 405 -1.46 27.21 -54.36
C MET F 405 -1.42 28.66 -54.78
N ILE F 406 -0.23 29.19 -55.10
CA ILE F 406 -0.20 30.54 -55.67
C ILE F 406 -0.73 30.52 -57.09
N ALA F 407 -0.52 29.42 -57.82
CA ALA F 407 -1.18 29.26 -59.12
C ALA F 407 -2.69 29.29 -58.98
N LEU F 408 -3.20 28.74 -57.88
CA LEU F 408 -4.62 28.88 -57.55
C LEU F 408 -5.00 30.35 -57.41
N ARG F 409 -4.42 31.03 -56.42
CA ARG F 409 -4.79 32.42 -56.15
C ARG F 409 -4.31 33.38 -57.23
N ARG F 410 -3.48 32.93 -58.17
CA ARG F 410 -3.23 33.72 -59.38
C ARG F 410 -4.35 33.60 -60.40
N GLY F 411 -5.29 32.68 -60.19
CA GLY F 411 -6.27 32.38 -61.22
C GLY F 411 -5.68 31.80 -62.48
N ALA F 412 -4.50 31.20 -62.38
CA ALA F 412 -3.78 30.71 -63.55
C ALA F 412 -4.37 29.42 -64.06
N THR F 413 -4.27 29.21 -65.37
CA THR F 413 -4.75 27.99 -65.99
C THR F 413 -3.76 26.83 -65.82
N GLU F 414 -2.46 27.13 -65.82
CA GLU F 414 -1.45 26.09 -65.76
C GLU F 414 -0.27 26.60 -64.96
N LEU F 415 0.57 25.66 -64.52
CA LEU F 415 1.69 25.94 -63.64
C LEU F 415 2.97 26.11 -64.46
N THR F 416 3.75 27.14 -64.14
CA THR F 416 4.96 27.49 -64.87
C THR F 416 6.16 27.44 -63.94
N HIS F 417 7.36 27.36 -64.55
CA HIS F 417 8.58 27.17 -63.76
C HIS F 417 8.86 28.38 -62.88
N GLU F 418 8.62 29.60 -63.38
CA GLU F 418 8.76 30.78 -62.55
C GLU F 418 7.85 30.70 -61.33
N ASP F 419 6.71 30.02 -61.47
CA ASP F 419 5.87 29.70 -60.32
C ASP F 419 6.43 28.49 -59.56
N TYR F 420 6.94 27.50 -60.28
CA TYR F 420 7.60 26.36 -59.65
C TYR F 420 8.77 26.81 -58.79
N MET F 421 9.79 27.42 -59.42
CA MET F 421 11.03 27.72 -58.71
C MET F 421 10.81 28.65 -57.52
N GLU F 422 9.74 29.44 -57.53
CA GLU F 422 9.40 30.22 -56.34
C GLU F 422 9.04 29.30 -55.18
N GLY F 423 8.29 28.23 -55.46
CA GLY F 423 7.89 27.30 -54.42
C GLY F 423 9.05 26.56 -53.78
N ILE F 424 10.20 26.52 -54.45
CA ILE F 424 11.39 25.92 -53.86
C ILE F 424 11.75 26.62 -52.55
N LEU F 425 12.11 27.90 -52.65
CA LEU F 425 12.44 28.68 -51.46
C LEU F 425 11.21 29.13 -50.67
N GLU F 426 10.01 28.92 -51.21
CA GLU F 426 8.81 29.30 -50.46
C GLU F 426 8.54 28.33 -49.33
N VAL F 427 8.70 27.03 -49.57
CA VAL F 427 8.47 26.04 -48.52
C VAL F 427 9.66 25.97 -47.57
N GLN F 428 10.89 26.06 -48.08
CA GLN F 428 12.08 25.98 -47.27
C GLN F 428 13.14 26.92 -47.87
N ALA F 429 13.86 27.68 -47.04
CA ALA F 429 13.89 27.47 -45.60
C ALA F 429 13.58 28.70 -44.76
N LYS F 430 12.79 28.47 -43.69
CA LYS F 430 12.74 29.35 -42.54
C LYS F 430 12.39 30.79 -42.88
N LYS F 431 13.33 31.69 -42.63
CA LYS F 431 13.20 33.15 -42.79
C LYS F 431 11.90 33.60 -42.04
N LYS F 432 11.08 34.58 -42.43
CA LYS F 432 11.33 35.72 -43.33
C LYS F 432 12.57 36.52 -42.94
N ALA F 433 12.61 36.98 -41.69
CA ALA F 433 13.69 37.82 -41.16
C ALA F 433 13.78 39.05 -42.06
N ASN F 434 14.96 39.42 -42.56
CA ASN F 434 15.10 40.58 -43.43
C ASN F 434 16.13 40.29 -44.51
N LEU F 435 15.99 41.00 -45.62
CA LEU F 435 17.02 41.08 -46.65
C LEU F 435 17.54 42.50 -46.67
N GLN F 436 18.84 42.66 -46.40
CA GLN F 436 19.40 43.98 -46.16
C GLN F 436 20.91 43.85 -46.02
N TYR F 437 21.59 44.99 -46.14
CA TYR F 437 23.04 45.18 -46.05
C TYR F 437 23.76 44.44 -47.17
N TYR F 438 23.09 43.47 -47.80
CA TYR F 438 23.39 43.06 -49.16
C TYR F 438 22.48 43.73 -50.18
N ALA F 439 21.42 44.39 -49.71
CA ALA F 439 20.37 44.95 -50.55
C ALA F 439 19.29 45.57 -49.68
N SER G 4 26.33 12.89 -8.07
CA SER G 4 27.76 12.59 -8.12
C SER G 4 28.45 13.44 -9.18
N SER G 5 27.68 13.88 -10.16
CA SER G 5 28.20 14.70 -11.26
C SER G 5 27.59 16.09 -11.18
N ALA G 6 28.45 17.12 -11.27
CA ALA G 6 28.01 18.51 -11.25
C ALA G 6 28.45 19.16 -12.56
N GLY G 7 27.48 19.53 -13.38
CA GLY G 7 27.78 20.17 -14.65
C GLY G 7 28.49 19.27 -15.64
N PHE G 8 29.68 19.70 -16.07
CA PHE G 8 30.47 19.00 -17.09
C PHE G 8 31.32 17.88 -16.50
N ASP G 9 31.18 17.60 -15.20
CA ASP G 9 32.01 16.62 -14.51
C ASP G 9 32.13 15.31 -15.30
N ARG G 10 31.02 14.80 -15.81
CA ARG G 10 31.04 13.51 -16.50
C ARG G 10 32.00 13.53 -17.69
N HIS G 11 32.15 14.68 -18.35
CA HIS G 11 32.95 14.77 -19.57
C HIS G 11 34.40 15.18 -19.33
N ILE G 12 34.77 15.61 -18.13
CA ILE G 12 36.13 16.07 -17.85
C ILE G 12 36.67 15.31 -16.64
N THR G 13 37.89 15.68 -16.23
CA THR G 13 38.60 15.00 -15.16
C THR G 13 38.56 15.83 -13.89
N ILE G 14 37.76 15.39 -12.92
CA ILE G 14 37.82 15.85 -11.54
C ILE G 14 37.48 14.64 -10.68
N PHE G 15 37.28 14.85 -9.39
CA PHE G 15 37.07 13.75 -8.45
C PHE G 15 35.60 13.63 -8.07
N SER G 16 35.09 12.40 -8.10
CA SER G 16 33.71 12.11 -7.74
C SER G 16 33.54 12.18 -6.23
N PRO G 17 32.34 11.94 -5.70
CA PRO G 17 32.20 11.74 -4.25
C PRO G 17 33.18 10.72 -3.69
N GLU G 18 33.44 9.63 -4.41
CA GLU G 18 34.49 8.70 -4.02
C GLU G 18 35.86 9.10 -4.56
N GLY G 19 35.93 10.12 -5.40
CA GLY G 19 37.20 10.55 -5.96
C GLY G 19 37.65 9.78 -7.18
N ARG G 20 36.71 9.26 -7.97
CA ARG G 20 37.06 8.47 -9.14
C ARG G 20 37.02 9.34 -10.39
N LEU G 21 37.96 9.10 -11.30
CA LEU G 21 38.04 9.87 -12.54
C LEU G 21 37.19 9.21 -13.62
N TYR G 22 36.37 10.03 -14.29
CA TYR G 22 35.49 9.52 -15.32
C TYR G 22 36.18 9.37 -16.68
N GLN G 23 37.14 10.25 -16.99
CA GLN G 23 37.73 10.24 -18.32
C GLN G 23 38.76 9.14 -18.50
N VAL G 24 39.69 8.99 -17.56
CA VAL G 24 40.76 8.01 -17.72
C VAL G 24 40.27 6.58 -17.48
N GLU G 25 39.12 6.41 -16.83
CA GLU G 25 38.52 5.08 -16.78
C GLU G 25 37.95 4.67 -18.14
N TYR G 26 37.65 5.65 -19.00
CA TYR G 26 37.40 5.35 -20.40
C TYR G 26 38.69 5.02 -21.13
N ALA G 27 39.81 5.60 -20.70
CA ALA G 27 41.11 5.28 -21.26
C ALA G 27 41.57 3.87 -20.90
N PHE G 28 41.03 3.28 -19.82
CA PHE G 28 41.35 1.90 -19.49
C PHE G 28 40.68 0.94 -20.47
N LYS G 29 39.50 1.29 -20.95
CA LYS G 29 38.87 0.54 -22.03
C LYS G 29 39.26 1.08 -23.40
N ALA G 30 40.14 2.07 -23.47
CA ALA G 30 40.70 2.51 -24.74
C ALA G 30 41.84 1.61 -25.20
N ILE G 31 42.27 0.66 -24.38
CA ILE G 31 43.32 -0.27 -24.80
C ILE G 31 42.76 -1.36 -25.71
N ASN G 32 41.49 -1.74 -25.52
CA ASN G 32 40.95 -2.91 -26.22
C ASN G 32 40.77 -2.68 -27.72
N GLN G 33 40.95 -1.46 -28.21
CA GLN G 33 40.90 -1.23 -29.65
C GLN G 33 42.03 -1.99 -30.33
N GLY G 34 41.67 -2.80 -31.32
CA GLY G 34 42.62 -3.63 -32.03
C GLY G 34 42.82 -5.01 -31.44
N GLY G 35 42.48 -5.20 -30.16
CA GLY G 35 42.65 -6.50 -29.53
C GLY G 35 44.08 -6.95 -29.36
N LEU G 36 44.99 -6.02 -29.08
CA LEU G 36 46.40 -6.34 -28.92
C LEU G 36 46.68 -6.82 -27.51
N THR G 37 47.46 -7.90 -27.39
CA THR G 37 47.85 -8.47 -26.12
C THR G 37 49.37 -8.62 -26.08
N SER G 38 50.02 -7.88 -25.20
CA SER G 38 51.47 -7.94 -25.04
C SER G 38 51.77 -8.48 -23.64
N VAL G 39 52.58 -9.54 -23.59
CA VAL G 39 53.00 -10.14 -22.33
C VAL G 39 54.52 -10.01 -22.22
N ALA G 40 55.01 -9.81 -21.00
CA ALA G 40 56.43 -9.66 -20.75
C ALA G 40 56.85 -10.58 -19.62
N VAL G 41 57.91 -11.37 -19.86
CA VAL G 41 58.48 -12.26 -18.86
C VAL G 41 59.97 -11.96 -18.76
N ARG G 42 60.40 -11.47 -17.62
CA ARG G 42 61.80 -11.13 -17.38
C ARG G 42 62.42 -12.21 -16.50
N GLY G 43 63.43 -12.89 -17.03
CA GLY G 43 64.11 -13.94 -16.31
C GLY G 43 65.30 -13.44 -15.52
N LYS G 44 66.15 -14.38 -15.12
CA LYS G 44 67.37 -14.07 -14.39
C LYS G 44 68.27 -13.13 -15.18
N ASP G 45 68.84 -13.63 -16.27
CA ASP G 45 69.74 -12.84 -17.10
C ASP G 45 69.07 -12.24 -18.32
N CYS G 46 67.77 -12.45 -18.51
CA CYS G 46 67.12 -12.05 -19.75
C CYS G 46 65.75 -11.46 -19.46
N ALA G 47 65.19 -10.80 -20.48
CA ALA G 47 63.85 -10.24 -20.45
C ALA G 47 63.20 -10.45 -21.82
N VAL G 48 61.95 -10.92 -21.82
CA VAL G 48 61.28 -11.34 -23.04
C VAL G 48 59.99 -10.53 -23.20
N ILE G 49 59.67 -10.20 -24.46
CA ILE G 49 58.42 -9.56 -24.83
C ILE G 49 57.75 -10.42 -25.89
N VAL G 50 56.43 -10.58 -25.79
CA VAL G 50 55.67 -11.35 -26.76
C VAL G 50 54.36 -10.63 -27.06
N THR G 51 54.07 -10.45 -28.35
CA THR G 51 52.85 -9.80 -28.80
C THR G 51 52.48 -10.36 -30.17
N GLN G 52 51.18 -10.32 -30.48
CA GLN G 52 50.67 -10.80 -31.76
C GLN G 52 50.04 -9.65 -32.54
N LYS G 53 49.55 -9.97 -33.74
CA LYS G 53 48.99 -8.98 -34.65
C LYS G 53 47.77 -9.56 -35.34
N LYS G 54 47.02 -8.69 -36.01
CA LYS G 54 45.89 -9.07 -36.84
C LYS G 54 46.17 -8.66 -38.28
N VAL G 55 45.87 -9.56 -39.21
CA VAL G 55 46.16 -9.37 -40.63
C VAL G 55 44.84 -9.28 -41.39
N PRO G 56 44.46 -8.10 -41.89
CA PRO G 56 43.24 -8.03 -42.70
C PRO G 56 43.34 -8.76 -44.03
N ASP G 57 44.47 -8.66 -44.72
CA ASP G 57 44.62 -9.29 -46.03
C ASP G 57 46.11 -9.39 -46.35
N LYS G 58 46.40 -9.91 -47.55
CA LYS G 58 47.78 -10.12 -47.98
C LYS G 58 48.49 -8.83 -48.36
N LEU G 59 47.75 -7.74 -48.58
CA LEU G 59 48.38 -6.46 -48.87
C LEU G 59 49.10 -5.86 -47.67
N LEU G 60 48.91 -6.44 -46.48
CA LEU G 60 49.59 -5.95 -45.28
C LEU G 60 51.10 -6.07 -45.44
N ASP G 61 51.80 -4.96 -45.23
CA ASP G 61 53.25 -4.91 -45.43
C ASP G 61 53.98 -5.56 -44.26
N SER G 62 55.00 -6.34 -44.57
CA SER G 62 55.79 -7.00 -43.53
C SER G 62 56.73 -6.04 -42.81
N SER G 63 57.12 -4.94 -43.46
CA SER G 63 58.01 -3.97 -42.82
C SER G 63 57.27 -3.16 -41.76
N THR G 64 56.01 -2.79 -42.03
CA THR G 64 55.20 -2.06 -41.07
C THR G 64 54.49 -2.98 -40.08
N VAL G 65 54.74 -4.29 -40.15
CA VAL G 65 54.18 -5.24 -39.20
C VAL G 65 54.56 -4.87 -37.78
N THR G 66 55.84 -4.54 -37.56
CA THR G 66 56.36 -4.44 -36.20
C THR G 66 55.65 -3.37 -35.40
N HIS G 67 55.06 -3.78 -34.27
CA HIS G 67 54.51 -2.87 -33.29
C HIS G 67 55.50 -2.56 -32.18
N LEU G 68 56.64 -3.24 -32.15
CA LEU G 68 57.65 -3.02 -31.14
C LEU G 68 58.47 -1.77 -31.48
N PHE G 69 58.85 -1.03 -30.44
CA PHE G 69 59.68 0.15 -30.58
C PHE G 69 60.99 -0.07 -29.85
N LYS G 70 62.02 0.65 -30.27
CA LYS G 70 63.35 0.54 -29.69
C LYS G 70 63.81 1.91 -29.24
N ILE G 71 63.89 2.12 -27.92
CA ILE G 71 64.30 3.39 -27.35
C ILE G 71 65.71 3.72 -27.79
N THR G 72 66.69 2.94 -27.34
CA THR G 72 68.09 3.07 -27.71
C THR G 72 68.58 1.72 -28.22
N GLU G 73 69.86 1.64 -28.56
CA GLU G 73 70.42 0.37 -28.99
C GLU G 73 70.40 -0.66 -27.86
N ASN G 74 70.49 -0.21 -26.62
CA ASN G 74 70.44 -1.13 -25.48
C ASN G 74 69.01 -1.51 -25.11
N ILE G 75 68.09 -0.55 -25.12
CA ILE G 75 66.77 -0.70 -24.52
C ILE G 75 65.69 -0.51 -25.58
N GLY G 76 64.55 -1.18 -25.38
CA GLY G 76 63.46 -1.12 -26.32
C GLY G 76 62.12 -1.16 -25.62
N CYS G 77 61.07 -0.91 -26.38
CA CYS G 77 59.73 -0.68 -25.83
C CYS G 77 58.69 -1.49 -26.59
N VAL G 78 57.50 -1.57 -25.98
CA VAL G 78 56.33 -2.17 -26.60
C VAL G 78 55.11 -1.39 -26.13
N MET G 79 54.17 -1.14 -27.05
CA MET G 79 53.01 -0.32 -26.79
C MET G 79 51.73 -1.13 -26.97
N THR G 80 50.66 -0.66 -26.34
CA THR G 80 49.34 -1.26 -26.45
C THR G 80 48.29 -0.16 -26.61
N GLY G 81 47.09 -0.58 -27.00
CA GLY G 81 46.00 0.36 -27.16
C GLY G 81 45.95 0.97 -28.55
N MET G 82 45.37 2.16 -28.60
CA MET G 82 45.28 2.89 -29.87
C MET G 82 46.67 3.32 -30.31
N THR G 83 46.98 3.10 -31.59
CA THR G 83 48.31 3.39 -32.11
C THR G 83 48.54 4.89 -32.28
N ALA G 84 47.48 5.70 -32.27
CA ALA G 84 47.64 7.14 -32.43
C ALA G 84 48.41 7.74 -31.27
N ASP G 85 48.06 7.34 -30.03
CA ASP G 85 48.76 7.85 -28.86
C ASP G 85 50.11 7.17 -28.64
N SER G 86 50.27 5.95 -29.18
CA SER G 86 51.52 5.22 -28.95
C SER G 86 52.66 5.79 -29.78
N ARG G 87 52.42 6.09 -31.05
CA ARG G 87 53.48 6.59 -31.91
C ARG G 87 53.99 7.96 -31.44
N SER G 88 53.09 8.80 -30.92
CA SER G 88 53.51 10.10 -30.42
C SER G 88 54.23 9.98 -29.08
N GLN G 89 53.77 9.07 -28.23
CA GLN G 89 54.42 8.89 -26.93
C GLN G 89 55.78 8.24 -27.08
N VAL G 90 55.97 7.39 -28.10
CA VAL G 90 57.29 6.83 -28.37
C VAL G 90 58.24 7.90 -28.87
N GLN G 91 57.76 8.78 -29.77
CA GLN G 91 58.59 9.89 -30.23
C GLN G 91 58.97 10.81 -29.09
N ARG G 92 58.13 10.90 -28.07
CA ARG G 92 58.51 11.65 -26.87
C ARG G 92 59.59 10.92 -26.08
N ALA G 93 59.57 9.58 -26.10
CA ALA G 93 60.65 8.82 -25.48
C ALA G 93 61.95 8.97 -26.26
N ARG G 94 61.86 9.12 -27.59
CA ARG G 94 63.07 9.42 -28.37
C ARG G 94 63.65 10.76 -27.98
N TYR G 95 62.78 11.74 -27.71
CA TYR G 95 63.24 13.07 -27.32
C TYR G 95 63.86 13.05 -25.92
N GLU G 96 63.28 12.27 -25.00
CA GLU G 96 63.81 12.20 -23.65
C GLU G 96 65.13 11.45 -23.60
N ALA G 97 65.29 10.40 -24.41
CA ALA G 97 66.52 9.64 -24.42
C ALA G 97 67.64 10.41 -25.11
N ALA G 98 67.33 11.10 -26.21
CA ALA G 98 68.35 11.88 -26.91
C ALA G 98 68.80 13.07 -26.07
N ASN G 99 67.87 13.73 -25.38
CA ASN G 99 68.24 14.83 -24.49
C ASN G 99 68.99 14.33 -23.26
N TRP G 100 68.70 13.11 -22.81
CA TRP G 100 69.40 12.55 -21.66
C TRP G 100 70.88 12.37 -21.96
N LYS G 101 71.20 11.67 -23.05
CA LYS G 101 72.59 11.44 -23.41
C LYS G 101 73.30 12.74 -23.72
N TYR G 102 72.59 13.70 -24.30
CA TYR G 102 73.15 15.01 -24.61
C TYR G 102 73.65 15.73 -23.37
N LYS G 103 72.73 16.10 -22.48
CA LYS G 103 73.10 16.97 -21.35
C LYS G 103 73.78 16.18 -20.23
N TYR G 104 73.27 14.99 -19.90
CA TYR G 104 73.85 14.23 -18.79
C TYR G 104 75.11 13.48 -19.22
N GLY G 105 75.09 12.86 -20.39
CA GLY G 105 76.28 12.23 -20.93
C GLY G 105 76.65 10.90 -20.31
N TYR G 106 75.67 10.08 -19.92
CA TYR G 106 75.95 8.75 -19.42
C TYR G 106 74.71 7.89 -19.60
N GLU G 107 74.81 6.63 -19.19
CA GLU G 107 73.75 5.67 -19.43
C GLU G 107 72.49 6.03 -18.63
N ILE G 108 71.34 5.84 -19.26
CA ILE G 108 70.06 6.14 -18.64
C ILE G 108 69.57 4.91 -17.87
N PRO G 109 69.14 5.08 -16.62
CA PRO G 109 68.70 3.90 -15.84
C PRO G 109 67.42 3.27 -16.36
N VAL G 110 66.66 3.97 -17.21
CA VAL G 110 65.35 3.61 -17.77
C VAL G 110 64.30 3.79 -16.68
N ASP G 111 64.73 3.99 -15.43
CA ASP G 111 63.82 4.31 -14.35
C ASP G 111 63.39 5.78 -14.42
N MET G 112 64.33 6.66 -14.77
CA MET G 112 64.01 8.07 -14.86
C MET G 112 63.23 8.38 -16.13
N LEU G 113 63.44 7.59 -17.18
CA LEU G 113 62.61 7.73 -18.38
C LEU G 113 61.16 7.38 -18.08
N CYS G 114 60.94 6.31 -17.31
CA CYS G 114 59.59 5.98 -16.87
C CYS G 114 59.06 7.00 -15.87
N LYS G 115 59.92 7.73 -15.18
CA LYS G 115 59.46 8.82 -14.33
C LYS G 115 58.97 10.00 -15.15
N ARG G 116 59.65 10.28 -16.28
CA ARG G 116 59.21 11.37 -17.15
C ARG G 116 57.86 11.05 -17.77
N ILE G 117 57.73 9.86 -18.38
CA ILE G 117 56.49 9.49 -19.03
C ILE G 117 55.35 9.37 -18.01
N ALA G 118 55.65 8.93 -16.79
CA ALA G 118 54.62 8.85 -15.76
C ALA G 118 54.10 10.23 -15.40
N ASP G 119 54.98 11.23 -15.35
CA ASP G 119 54.53 12.59 -15.08
C ASP G 119 53.90 13.22 -16.31
N ILE G 120 54.35 12.86 -17.50
CA ILE G 120 53.80 13.44 -18.72
C ILE G 120 52.34 13.04 -18.89
N SER G 121 52.07 11.73 -18.84
CA SER G 121 50.69 11.25 -18.91
C SER G 121 49.86 11.75 -17.74
N GLN G 122 50.49 12.04 -16.60
CA GLN G 122 49.77 12.62 -15.47
C GLN G 122 49.46 14.09 -15.72
N VAL G 123 50.43 14.86 -16.20
CA VAL G 123 50.19 16.28 -16.47
C VAL G 123 49.10 16.45 -17.53
N TYR G 124 49.02 15.51 -18.46
CA TYR G 124 47.93 15.57 -19.45
C TYR G 124 46.62 15.07 -18.85
N THR G 125 46.70 14.26 -17.79
CA THR G 125 45.50 13.89 -17.06
C THR G 125 45.01 15.05 -16.18
N GLN G 126 45.92 15.90 -15.72
CA GLN G 126 45.59 17.08 -14.93
C GLN G 126 44.56 17.93 -15.65
N ASN G 127 44.98 18.57 -16.74
CA ASN G 127 44.12 19.46 -17.50
C ASN G 127 43.38 18.66 -18.56
N ALA G 128 42.05 18.67 -18.48
CA ALA G 128 41.21 17.85 -19.34
C ALA G 128 40.97 18.45 -20.72
N GLU G 129 41.50 19.66 -20.99
CA GLU G 129 41.30 20.29 -22.29
C GLU G 129 42.25 19.77 -23.35
N MET G 130 43.22 18.94 -22.97
CA MET G 130 44.00 18.17 -23.93
C MET G 130 43.83 16.68 -23.61
N ARG G 131 44.01 15.85 -24.63
CA ARG G 131 43.68 14.44 -24.51
C ARG G 131 44.54 13.78 -23.45
N PRO G 132 43.95 12.99 -22.54
CA PRO G 132 44.73 12.42 -21.43
C PRO G 132 45.83 11.45 -21.87
N LEU G 133 45.78 10.95 -23.10
CA LEU G 133 46.77 10.01 -23.62
C LEU G 133 46.83 8.75 -22.74
N GLY G 134 45.76 7.96 -22.86
CA GLY G 134 45.60 6.74 -22.08
C GLY G 134 46.37 5.54 -22.59
N CYS G 135 47.33 5.74 -23.50
CA CYS G 135 48.13 4.63 -24.00
C CYS G 135 49.03 4.08 -22.90
N CYS G 136 49.23 2.76 -22.92
CA CYS G 136 50.05 2.08 -21.93
C CYS G 136 51.48 1.96 -22.44
N MET G 137 52.44 2.29 -21.59
CA MET G 137 53.86 2.31 -21.95
C MET G 137 54.57 1.16 -21.23
N ILE G 138 55.17 0.27 -22.01
CA ILE G 138 55.87 -0.90 -21.48
C ILE G 138 57.26 -0.94 -22.09
N LEU G 139 58.28 -1.11 -21.24
CA LEU G 139 59.66 -1.18 -21.70
C LEU G 139 60.37 -2.36 -21.05
N ILE G 140 61.64 -2.53 -21.43
CA ILE G 140 62.58 -3.40 -20.74
C ILE G 140 63.70 -2.48 -20.23
N GLY G 141 64.75 -3.06 -19.68
CA GLY G 141 65.89 -2.26 -19.27
C GLY G 141 67.16 -3.07 -19.20
N ILE G 142 68.28 -2.39 -19.36
CA ILE G 142 69.61 -2.99 -19.22
C ILE G 142 70.47 -2.02 -18.41
N ASP G 143 70.93 -2.46 -17.26
CA ASP G 143 71.75 -1.63 -16.40
C ASP G 143 72.69 -2.50 -15.59
N GLU G 144 73.86 -1.96 -15.27
CA GLU G 144 74.88 -2.73 -14.57
C GLU G 144 74.57 -2.87 -13.09
N GLU G 145 74.97 -4.02 -12.54
CA GLU G 145 74.90 -4.32 -11.11
C GLU G 145 73.47 -4.50 -10.61
N GLN G 146 72.48 -4.12 -11.40
CA GLN G 146 71.08 -4.30 -11.04
C GLN G 146 70.47 -5.56 -11.64
N GLY G 147 71.23 -6.34 -12.40
CA GLY G 147 70.72 -7.53 -13.02
C GLY G 147 69.77 -7.21 -14.16
N PRO G 148 68.65 -7.91 -14.22
CA PRO G 148 67.63 -7.60 -15.23
C PRO G 148 66.78 -6.40 -14.82
N GLN G 149 66.27 -5.70 -15.83
CA GLN G 149 65.41 -4.55 -15.61
C GLN G 149 64.23 -4.57 -16.57
N VAL G 150 63.02 -4.47 -16.03
CA VAL G 150 61.81 -4.29 -16.82
C VAL G 150 60.92 -3.30 -16.09
N TYR G 151 60.47 -2.27 -16.81
CA TYR G 151 59.61 -1.24 -16.24
C TYR G 151 58.44 -0.96 -17.18
N LYS G 152 57.27 -0.77 -16.60
CA LYS G 152 56.05 -0.51 -17.36
C LYS G 152 55.41 0.76 -16.83
N CYS G 153 55.24 1.75 -17.69
CA CYS G 153 54.62 3.03 -17.33
C CYS G 153 53.14 2.96 -17.70
N ASP G 154 52.29 2.95 -16.69
CA ASP G 154 50.86 2.84 -16.91
C ASP G 154 50.24 4.20 -17.22
N PRO G 155 49.12 4.21 -17.94
CA PRO G 155 48.47 5.50 -18.25
C PRO G 155 47.97 6.25 -17.02
N ALA G 156 47.85 5.58 -15.87
CA ALA G 156 47.43 6.24 -14.65
C ALA G 156 48.47 7.24 -14.12
N GLY G 157 49.67 7.24 -14.68
CA GLY G 157 50.70 8.18 -14.28
C GLY G 157 51.76 7.65 -13.35
N TYR G 158 51.84 6.33 -13.15
CA TYR G 158 52.86 5.73 -12.31
C TYR G 158 53.60 4.66 -13.10
N TYR G 159 54.79 4.30 -12.62
CA TYR G 159 55.65 3.34 -13.28
C TYR G 159 55.93 2.17 -12.35
N CYS G 160 55.64 0.96 -12.83
CA CYS G 160 55.97 -0.25 -12.09
C CYS G 160 56.23 -1.38 -13.07
N GLY G 161 57.23 -2.20 -12.76
CA GLY G 161 57.51 -3.38 -13.56
C GLY G 161 58.52 -4.30 -12.88
N PHE G 162 58.46 -5.59 -13.19
CA PHE G 162 59.28 -6.59 -12.52
C PHE G 162 59.43 -7.79 -13.45
N LYS G 163 59.92 -8.90 -12.89
CA LYS G 163 60.15 -10.14 -13.64
C LYS G 163 58.94 -10.52 -14.48
N ALA G 164 57.83 -10.88 -13.84
CA ALA G 164 56.59 -11.20 -14.54
C ALA G 164 55.65 -10.01 -14.41
N THR G 165 55.46 -9.28 -15.52
CA THR G 165 54.55 -8.16 -15.55
C THR G 165 54.01 -8.02 -16.97
N ALA G 166 52.74 -7.67 -17.09
CA ALA G 166 52.12 -7.52 -18.40
C ALA G 166 50.90 -6.63 -18.27
N ALA G 167 50.46 -6.09 -19.41
CA ALA G 167 49.30 -5.22 -19.45
C ALA G 167 48.57 -5.42 -20.77
N GLY G 168 47.24 -5.35 -20.71
CA GLY G 168 46.42 -5.51 -21.89
C GLY G 168 45.06 -6.06 -21.52
N VAL G 169 44.34 -6.51 -22.55
CA VAL G 169 42.96 -6.98 -22.35
C VAL G 169 42.96 -8.33 -21.64
N LYS G 170 43.67 -9.31 -22.19
CA LYS G 170 43.62 -10.69 -21.69
C LYS G 170 44.72 -11.01 -20.69
N GLN G 171 45.55 -10.02 -20.31
CA GLN G 171 46.64 -10.28 -19.38
C GLN G 171 46.16 -10.66 -17.99
N THR G 172 44.90 -10.36 -17.66
CA THR G 172 44.37 -10.76 -16.36
C THR G 172 44.38 -12.29 -16.22
N GLU G 173 43.84 -12.99 -17.21
CA GLU G 173 43.90 -14.45 -17.22
C GLU G 173 45.34 -14.95 -17.17
N SER G 174 46.14 -14.61 -18.19
CA SER G 174 47.46 -15.20 -18.34
C SER G 174 48.35 -14.93 -17.13
N THR G 175 48.42 -13.67 -16.68
CA THR G 175 49.29 -13.35 -15.55
C THR G 175 48.79 -13.98 -14.26
N SER G 176 47.47 -14.17 -14.12
CA SER G 176 46.96 -14.90 -12.96
C SER G 176 47.45 -16.34 -12.97
N PHE G 177 47.57 -16.95 -14.14
CA PHE G 177 48.20 -18.25 -14.25
C PHE G 177 49.70 -18.16 -13.96
N LEU G 178 50.33 -17.06 -14.39
CA LEU G 178 51.76 -16.86 -14.14
C LEU G 178 52.07 -16.61 -12.67
N GLU G 179 51.05 -16.35 -11.84
CA GLU G 179 51.29 -16.18 -10.41
C GLU G 179 51.95 -17.42 -9.82
N LYS G 180 51.24 -18.56 -9.84
CA LYS G 180 51.77 -19.79 -9.29
C LYS G 180 52.69 -20.52 -10.26
N LYS G 181 52.65 -20.19 -11.55
CA LYS G 181 53.48 -20.89 -12.53
C LYS G 181 54.92 -20.39 -12.49
N VAL G 182 55.12 -19.08 -12.44
CA VAL G 182 56.46 -18.52 -12.50
C VAL G 182 57.27 -18.91 -11.27
N LYS G 183 56.74 -18.59 -10.08
CA LYS G 183 57.41 -18.90 -8.81
C LYS G 183 56.34 -19.22 -7.79
N LYS G 184 56.53 -20.16 -6.86
CA LYS G 184 57.56 -21.21 -6.75
C LYS G 184 59.07 -20.89 -6.86
N LYS G 185 59.83 -21.86 -7.36
CA LYS G 185 61.28 -21.81 -7.44
C LYS G 185 61.83 -21.62 -8.86
N PHE G 186 60.97 -21.59 -9.88
CA PHE G 186 61.41 -21.94 -11.24
C PHE G 186 62.57 -21.06 -11.71
N ASP G 187 63.65 -21.71 -12.13
CA ASP G 187 64.80 -21.03 -12.70
C ASP G 187 64.51 -20.64 -14.14
N TRP G 188 65.18 -19.58 -14.60
CA TRP G 188 64.89 -18.97 -15.88
C TRP G 188 66.13 -18.93 -16.75
N THR G 189 66.11 -19.65 -17.86
CA THR G 189 67.09 -19.56 -18.93
C THR G 189 66.47 -18.83 -20.12
N PHE G 190 67.24 -18.70 -21.19
CA PHE G 190 66.73 -18.08 -22.42
C PHE G 190 65.51 -18.83 -22.93
N GLU G 191 65.70 -20.09 -23.34
CA GLU G 191 64.59 -20.88 -23.88
C GLU G 191 63.50 -21.13 -22.85
N GLN G 192 63.82 -21.00 -21.55
CA GLN G 192 62.80 -21.19 -20.53
C GLN G 192 61.88 -19.98 -20.43
N THR G 193 62.45 -18.77 -20.51
CA THR G 193 61.64 -17.56 -20.47
C THR G 193 60.81 -17.40 -21.74
N VAL G 194 61.38 -17.77 -22.89
CA VAL G 194 60.63 -17.71 -24.14
C VAL G 194 59.54 -18.78 -24.18
N GLU G 195 59.80 -19.94 -23.57
CA GLU G 195 58.80 -21.00 -23.53
C GLU G 195 57.56 -20.55 -22.77
N THR G 196 57.75 -20.04 -21.55
CA THR G 196 56.62 -19.53 -20.78
C THR G 196 55.98 -18.32 -21.44
N ALA G 197 56.74 -17.59 -22.26
CA ALA G 197 56.15 -16.53 -23.06
C ALA G 197 55.22 -17.09 -24.12
N ILE G 198 55.48 -18.32 -24.58
CA ILE G 198 54.58 -18.98 -25.52
C ILE G 198 53.40 -19.61 -24.77
N THR G 199 53.67 -20.24 -23.63
CA THR G 199 52.60 -20.92 -22.90
C THR G 199 51.55 -19.95 -22.39
N CYS G 200 51.98 -18.78 -21.91
CA CYS G 200 51.01 -17.77 -21.48
C CYS G 200 50.16 -17.29 -22.65
N LEU G 201 50.74 -17.25 -23.86
CA LEU G 201 49.94 -16.99 -25.05
C LEU G 201 49.06 -18.20 -25.39
N SER G 202 49.52 -19.42 -25.04
CA SER G 202 48.74 -20.62 -25.28
C SER G 202 47.60 -20.79 -24.28
N THR G 203 47.57 -19.99 -23.22
CA THR G 203 46.44 -20.07 -22.28
C THR G 203 45.18 -19.50 -22.90
N VAL G 204 45.25 -18.28 -23.42
CA VAL G 204 44.07 -17.65 -24.02
C VAL G 204 43.84 -18.15 -25.44
N LEU G 205 44.90 -18.29 -26.23
CA LEU G 205 44.78 -18.60 -27.65
C LEU G 205 45.00 -20.09 -27.95
N SER G 206 46.22 -20.59 -27.71
CA SER G 206 46.58 -21.98 -28.01
C SER G 206 46.40 -22.29 -29.50
N ILE G 207 46.67 -21.30 -30.35
CA ILE G 207 46.53 -21.51 -31.79
C ILE G 207 47.75 -22.22 -32.35
N ASP G 208 48.94 -21.98 -31.79
CA ASP G 208 50.20 -22.55 -32.28
C ASP G 208 50.44 -22.18 -33.75
N PHE G 209 50.15 -20.93 -34.09
CA PHE G 209 50.33 -20.44 -35.44
C PHE G 209 51.81 -20.24 -35.76
N LYS G 210 52.10 -20.16 -37.06
CA LYS G 210 53.46 -19.97 -37.53
C LYS G 210 54.07 -18.70 -36.94
N PRO G 211 55.40 -18.63 -36.82
CA PRO G 211 56.02 -17.49 -36.11
C PRO G 211 55.80 -16.13 -36.77
N SER G 212 55.34 -16.08 -38.02
CA SER G 212 55.22 -14.79 -38.71
C SER G 212 54.25 -13.85 -38.01
N GLU G 213 53.27 -14.38 -37.28
CA GLU G 213 52.24 -13.53 -36.70
C GLU G 213 52.70 -12.83 -35.42
N ILE G 214 53.50 -13.49 -34.59
CA ILE G 214 53.89 -12.90 -33.30
C ILE G 214 54.96 -11.83 -33.53
N GLU G 215 54.93 -10.81 -32.66
CA GLU G 215 56.03 -9.87 -32.51
C GLU G 215 56.65 -10.15 -31.15
N VAL G 216 57.86 -10.72 -31.16
CA VAL G 216 58.50 -11.20 -29.93
C VAL G 216 59.89 -10.58 -29.86
N GLY G 217 60.10 -9.69 -28.89
CA GLY G 217 61.41 -9.21 -28.55
C GLY G 217 61.99 -10.01 -27.39
N VAL G 218 63.31 -10.07 -27.33
CA VAL G 218 64.00 -10.67 -26.20
C VAL G 218 65.35 -9.99 -26.04
N VAL G 219 65.76 -9.78 -24.79
CA VAL G 219 67.05 -9.17 -24.49
C VAL G 219 67.70 -9.94 -23.35
N THR G 220 68.90 -10.45 -23.58
CA THR G 220 69.71 -11.12 -22.57
C THR G 220 71.02 -10.34 -22.46
N VAL G 221 71.73 -10.53 -21.34
CA VAL G 221 72.96 -9.79 -21.11
C VAL G 221 74.12 -10.73 -21.47
N GLU G 222 74.65 -10.53 -22.66
CA GLU G 222 75.99 -10.95 -23.07
C GLU G 222 76.58 -9.77 -23.82
N ASN G 223 75.97 -9.47 -24.98
CA ASN G 223 76.07 -8.17 -25.61
C ASN G 223 74.83 -7.38 -25.21
N PRO G 224 74.96 -6.29 -24.47
CA PRO G 224 73.77 -5.61 -23.92
C PRO G 224 72.81 -5.09 -24.96
N LYS G 225 73.22 -4.96 -26.22
CA LYS G 225 72.36 -4.39 -27.25
C LYS G 225 71.19 -5.31 -27.54
N PHE G 226 69.98 -4.74 -27.52
CA PHE G 226 68.79 -5.49 -27.87
C PHE G 226 68.70 -5.64 -29.39
N ARG G 227 68.19 -6.79 -29.83
CA ARG G 227 68.11 -7.13 -31.25
C ARG G 227 66.68 -7.48 -31.62
N ILE G 228 66.22 -6.94 -32.75
CA ILE G 228 64.91 -7.32 -33.27
C ILE G 228 64.99 -8.74 -33.80
N LEU G 229 64.02 -9.57 -33.40
CA LEU G 229 64.08 -10.99 -33.70
C LEU G 229 63.63 -11.29 -35.13
N THR G 230 64.26 -12.30 -35.71
CA THR G 230 63.89 -12.80 -37.03
C THR G 230 63.07 -14.07 -36.85
N GLU G 231 62.11 -14.27 -37.75
CA GLU G 231 61.20 -15.42 -37.64
C GLU G 231 61.91 -16.75 -37.71
N ALA G 232 63.18 -16.77 -38.12
CA ALA G 232 63.91 -18.03 -38.21
C ALA G 232 64.18 -18.62 -36.83
N GLU G 233 64.70 -17.80 -35.91
CA GLU G 233 65.02 -18.31 -34.58
C GLU G 233 63.77 -18.60 -33.77
N ILE G 234 62.69 -17.87 -34.00
CA ILE G 234 61.43 -18.17 -33.33
C ILE G 234 60.86 -19.48 -33.84
N ASP G 235 60.98 -19.74 -35.15
CA ASP G 235 60.58 -21.04 -35.68
C ASP G 235 61.41 -22.17 -35.09
N ALA G 236 62.69 -21.89 -34.81
CA ALA G 236 63.53 -22.89 -34.14
C ALA G 236 63.07 -23.11 -32.71
N HIS G 237 62.56 -22.06 -32.05
CA HIS G 237 62.00 -22.21 -30.72
C HIS G 237 60.59 -22.79 -30.75
N LEU G 238 59.87 -22.65 -31.86
CA LEU G 238 58.54 -23.22 -31.97
C LEU G 238 58.59 -24.74 -32.08
N VAL G 239 59.55 -25.26 -32.87
CA VAL G 239 59.72 -26.70 -32.94
C VAL G 239 60.41 -27.23 -31.69
N ALA G 240 61.04 -26.35 -30.90
CA ALA G 240 61.67 -26.76 -29.65
C ALA G 240 60.69 -26.87 -28.50
N LEU G 241 59.53 -26.21 -28.59
CA LEU G 241 58.52 -26.24 -27.54
C LEU G 241 57.45 -27.30 -27.78
N ALA G 242 57.58 -28.09 -28.85
CA ALA G 242 56.61 -29.14 -29.17
C ALA G 242 57.18 -30.48 -28.71
N GLU G 243 56.53 -31.08 -27.73
CA GLU G 243 56.93 -32.39 -27.23
C GLU G 243 55.81 -33.40 -27.39
N GLU H 2 47.47 25.85 -27.30
CA GLU H 2 46.58 25.27 -26.30
C GLU H 2 45.44 26.24 -25.96
N ARG H 3 44.63 25.86 -24.98
CA ARG H 3 43.51 26.71 -24.58
C ARG H 3 43.97 27.82 -23.64
N GLY H 4 44.44 27.45 -22.45
CA GLY H 4 44.90 28.44 -21.49
C GLY H 4 43.80 29.20 -20.80
N TYR H 5 42.71 28.51 -20.43
CA TYR H 5 41.59 29.18 -19.76
C TYR H 5 41.97 29.61 -18.35
N SER H 6 42.46 28.68 -17.54
CA SER H 6 42.91 28.93 -16.17
C SER H 6 41.82 29.53 -15.29
N PHE H 7 40.54 29.35 -15.62
CA PHE H 7 39.50 29.89 -14.75
C PHE H 7 39.33 29.01 -13.51
N SER H 8 38.65 29.60 -12.52
CA SER H 8 38.62 29.16 -11.13
C SER H 8 37.52 28.14 -10.84
N LEU H 9 36.98 27.48 -11.86
CA LEU H 9 35.64 26.91 -11.88
C LEU H 9 35.17 26.28 -10.56
N THR H 10 36.08 25.75 -9.75
CA THR H 10 35.68 25.28 -8.43
C THR H 10 35.29 26.48 -7.57
N THR H 11 34.05 26.49 -7.09
CA THR H 11 33.47 27.68 -6.48
C THR H 11 32.91 27.34 -5.10
N PHE H 12 32.37 28.37 -4.44
CA PHE H 12 31.83 28.22 -3.10
C PHE H 12 30.48 27.51 -3.15
N SER H 13 30.29 26.57 -2.22
CA SER H 13 28.99 25.94 -2.06
C SER H 13 28.04 26.90 -1.34
N PRO H 14 26.73 26.64 -1.39
CA PRO H 14 25.80 27.46 -0.60
C PRO H 14 26.13 27.51 0.88
N SER H 15 26.83 26.51 1.41
CA SER H 15 27.29 26.54 2.79
C SER H 15 28.60 27.30 2.96
N GLY H 16 29.31 27.61 1.88
CA GLY H 16 30.53 28.37 1.92
C GLY H 16 31.79 27.56 1.69
N LYS H 17 31.69 26.23 1.73
CA LYS H 17 32.86 25.37 1.54
C LYS H 17 33.05 25.07 0.05
N LEU H 18 34.08 24.30 -0.25
CA LEU H 18 34.40 23.88 -1.62
C LEU H 18 34.06 22.40 -1.75
N VAL H 19 33.04 22.10 -2.57
CA VAL H 19 32.60 20.73 -2.75
C VAL H 19 33.69 19.88 -3.38
N GLN H 20 34.51 20.47 -4.25
CA GLN H 20 35.61 19.72 -4.86
C GLN H 20 36.65 19.32 -3.83
N ILE H 21 37.00 20.25 -2.92
CA ILE H 21 37.93 19.91 -1.85
C ILE H 21 37.30 18.89 -0.90
N GLU H 22 35.98 18.93 -0.75
CA GLU H 22 35.30 17.88 0.01
C GLU H 22 35.47 16.54 -0.67
N TYR H 23 35.44 16.51 -2.01
CA TYR H 23 35.77 15.29 -2.74
C TYR H 23 37.24 14.93 -2.59
N ALA H 24 38.09 15.93 -2.36
CA ALA H 24 39.51 15.68 -2.16
C ALA H 24 39.77 14.99 -0.83
N LEU H 25 39.19 15.52 0.25
CA LEU H 25 39.30 14.88 1.55
C LEU H 25 38.62 13.51 1.56
N ALA H 26 37.64 13.29 0.68
CA ALA H 26 37.08 11.96 0.53
C ALA H 26 38.08 11.00 -0.12
N ALA H 27 38.90 11.50 -1.04
CA ALA H 27 39.97 10.69 -1.60
C ALA H 27 41.05 10.41 -0.57
N VAL H 28 41.26 11.34 0.37
CA VAL H 28 42.19 11.09 1.46
C VAL H 28 41.59 10.11 2.47
N ALA H 29 40.29 10.27 2.76
CA ALA H 29 39.63 9.35 3.69
C ALA H 29 39.58 7.94 3.13
N GLY H 30 39.54 7.79 1.81
CA GLY H 30 39.61 6.48 1.20
C GLY H 30 41.03 6.11 0.83
N GLY H 31 42.01 6.80 1.44
CA GLY H 31 43.40 6.55 1.16
C GLY H 31 43.97 5.41 1.99
N ALA H 32 45.23 5.10 1.72
CA ALA H 32 45.90 4.01 2.40
C ALA H 32 46.24 4.40 3.83
N PRO H 33 46.22 3.45 4.76
CA PRO H 33 46.55 3.78 6.16
C PRO H 33 47.97 4.30 6.28
N SER H 34 48.10 5.45 6.95
CA SER H 34 49.40 6.09 7.13
C SER H 34 49.46 6.70 8.51
N VAL H 35 50.65 6.64 9.12
CA VAL H 35 50.85 7.15 10.46
C VAL H 35 52.30 7.58 10.62
N GLY H 36 52.52 8.53 11.52
CA GLY H 36 53.86 8.96 11.87
C GLY H 36 53.85 9.50 13.28
N ILE H 37 55.00 9.45 13.93
CA ILE H 37 55.09 9.79 15.36
C ILE H 37 56.30 10.68 15.58
N LYS H 38 56.07 11.88 16.09
CA LYS H 38 57.13 12.78 16.53
C LYS H 38 57.28 12.61 18.04
N ALA H 39 58.38 12.03 18.47
CA ALA H 39 58.67 11.87 19.90
C ALA H 39 60.17 12.01 20.14
N ALA H 40 60.53 12.85 21.11
CA ALA H 40 61.90 12.98 21.57
C ALA H 40 62.90 13.25 20.45
N ASN H 41 63.83 12.31 20.24
CA ASN H 41 64.97 12.57 19.37
C ASN H 41 64.55 12.73 17.91
N GLY H 42 63.61 11.91 17.44
CA GLY H 42 63.29 11.91 16.02
C GLY H 42 61.88 11.44 15.74
N VAL H 43 61.57 11.36 14.44
CA VAL H 43 60.24 11.01 13.95
C VAL H 43 60.33 9.69 13.22
N VAL H 44 59.26 8.89 13.32
CA VAL H 44 59.19 7.57 12.69
C VAL H 44 58.00 7.56 11.74
N LEU H 45 58.23 7.04 10.53
CA LEU H 45 57.20 6.91 9.51
C LEU H 45 57.03 5.44 9.15
N ALA H 46 55.77 5.01 8.99
CA ALA H 46 55.49 3.59 8.74
C ALA H 46 54.57 3.38 7.55
N THR H 47 53.32 3.83 7.68
CA THR H 47 52.22 3.65 6.72
C THR H 47 52.13 2.22 6.23
N GLU H 48 51.78 2.01 4.95
CA GLU H 48 51.68 0.67 4.40
C GLU H 48 51.86 0.73 2.89
N LYS H 49 52.48 -0.31 2.33
CA LYS H 49 52.48 -0.53 0.89
C LYS H 49 52.30 -2.02 0.62
N LYS H 50 51.26 -2.36 -0.14
CA LYS H 50 51.01 -3.75 -0.54
C LYS H 50 50.68 -3.79 -2.02
N GLN H 51 51.36 -4.65 -2.74
CA GLN H 51 51.13 -4.78 -4.18
C GLN H 51 49.79 -5.46 -4.45
N LYS H 52 49.28 -5.24 -5.66
CA LYS H 52 48.03 -5.88 -6.06
C LYS H 52 48.18 -7.38 -6.26
N SER H 53 49.40 -7.87 -6.41
CA SER H 53 49.67 -9.29 -6.59
C SER H 53 51.10 -9.56 -6.14
N ILE H 54 51.55 -10.81 -6.32
CA ILE H 54 52.91 -11.18 -5.95
C ILE H 54 53.94 -10.74 -6.97
N LEU H 55 53.52 -10.18 -8.11
CA LEU H 55 54.43 -9.82 -9.18
C LEU H 55 55.31 -8.61 -8.85
N TYR H 56 55.03 -7.91 -7.76
CA TYR H 56 55.74 -6.67 -7.44
C TYR H 56 56.57 -6.84 -6.17
N ASP H 57 57.64 -6.05 -6.07
CA ASP H 57 58.56 -6.11 -4.95
C ASP H 57 58.85 -4.70 -4.44
N GLU H 58 59.32 -4.62 -3.19
CA GLU H 58 59.60 -3.35 -2.55
C GLU H 58 61.00 -2.84 -2.83
N ARG H 59 61.84 -3.61 -3.52
CA ARG H 59 63.25 -3.26 -3.66
C ARG H 59 63.49 -2.12 -4.64
N SER H 60 62.51 -1.80 -5.50
CA SER H 60 62.71 -0.78 -6.52
C SER H 60 61.79 0.42 -6.29
N VAL H 61 60.50 0.29 -6.55
CA VAL H 61 59.57 1.41 -6.42
C VAL H 61 59.20 1.57 -4.95
N HIS H 62 59.29 2.80 -4.46
CA HIS H 62 59.05 3.11 -3.05
C HIS H 62 57.91 4.12 -2.94
N LYS H 63 57.04 3.91 -1.95
CA LYS H 63 56.02 4.90 -1.62
C LYS H 63 56.56 6.03 -0.76
N VAL H 64 57.73 5.84 -0.14
CA VAL H 64 58.32 6.83 0.75
C VAL H 64 59.67 7.23 0.16
N GLU H 65 59.74 8.46 -0.36
CA GLU H 65 61.00 9.03 -0.84
C GLU H 65 61.32 10.28 -0.02
N PRO H 66 62.42 10.31 0.72
CA PRO H 66 62.72 11.48 1.55
C PRO H 66 62.99 12.72 0.71
N ILE H 67 62.56 13.87 1.22
CA ILE H 67 62.74 15.13 0.51
C ILE H 67 64.20 15.56 0.55
N THR H 68 64.87 15.35 1.68
CA THR H 68 66.28 15.65 1.84
C THR H 68 66.93 14.53 2.65
N LYS H 69 68.23 14.63 2.87
CA LYS H 69 68.91 13.63 3.69
C LYS H 69 68.48 13.70 5.15
N HIS H 70 68.18 14.90 5.65
CA HIS H 70 67.70 15.08 7.01
C HIS H 70 66.18 15.20 7.10
N ILE H 71 65.48 15.17 5.97
CA ILE H 71 64.03 15.40 5.93
C ILE H 71 63.38 14.28 5.13
N GLY H 72 62.51 13.51 5.78
CA GLY H 72 61.71 12.51 5.12
C GLY H 72 60.27 12.98 4.94
N LEU H 73 59.53 12.21 4.14
CA LEU H 73 58.14 12.56 3.86
C LEU H 73 57.33 11.30 3.60
N VAL H 74 56.09 11.30 4.09
CA VAL H 74 55.08 10.30 3.75
C VAL H 74 53.82 11.04 3.34
N TYR H 75 52.76 10.28 3.05
CA TYR H 75 51.58 10.87 2.43
C TYR H 75 50.49 9.80 2.32
N SER H 76 49.32 10.25 1.87
CA SER H 76 48.22 9.38 1.49
C SER H 76 47.72 9.81 0.12
N GLY H 77 47.03 8.90 -0.55
CA GLY H 77 46.53 9.16 -1.88
C GLY H 77 47.40 8.59 -2.98
N MET H 78 47.20 9.13 -4.18
CA MET H 78 47.84 8.60 -5.37
C MET H 78 49.32 8.92 -5.41
N GLY H 79 50.10 7.98 -5.95
CA GLY H 79 51.53 8.13 -6.12
C GLY H 79 51.95 9.07 -7.24
N PRO H 80 51.29 9.00 -8.41
CA PRO H 80 51.67 9.93 -9.49
C PRO H 80 51.68 11.39 -9.08
N ASP H 81 50.64 11.86 -8.39
CA ASP H 81 50.64 13.24 -7.91
C ASP H 81 51.54 13.42 -6.70
N TYR H 82 51.86 12.34 -5.99
CA TYR H 82 52.83 12.43 -4.91
C TYR H 82 54.21 12.76 -5.44
N ARG H 83 54.66 12.04 -6.46
CA ARG H 83 55.96 12.34 -7.07
C ARG H 83 55.96 13.67 -7.80
N VAL H 84 54.79 14.20 -8.16
CA VAL H 84 54.73 15.51 -8.79
C VAL H 84 55.06 16.60 -7.76
N LEU H 85 54.38 16.57 -6.60
CA LEU H 85 54.67 17.56 -5.57
C LEU H 85 56.03 17.32 -4.93
N VAL H 86 56.52 16.07 -4.96
CA VAL H 86 57.88 15.81 -4.52
C VAL H 86 58.88 16.45 -5.48
N HIS H 87 58.62 16.33 -6.79
CA HIS H 87 59.48 16.96 -7.79
C HIS H 87 59.54 18.47 -7.59
N ARG H 88 58.38 19.09 -7.30
CA ARG H 88 58.37 20.51 -7.01
C ARG H 88 59.04 20.82 -5.68
N ALA H 89 58.95 19.88 -4.72
CA ALA H 89 59.61 20.09 -3.43
C ALA H 89 61.12 20.05 -3.57
N ARG H 90 61.64 19.15 -4.42
CA ARG H 90 63.08 19.11 -4.64
C ARG H 90 63.57 20.36 -5.34
N LYS H 91 62.83 20.83 -6.35
CA LYS H 91 63.19 22.08 -7.02
C LYS H 91 63.13 23.26 -6.06
N LEU H 92 62.04 23.37 -5.30
CA LEU H 92 61.90 24.48 -4.36
C LEU H 92 62.98 24.45 -3.29
N ALA H 93 63.52 23.27 -2.98
CA ALA H 93 64.61 23.19 -2.00
C ALA H 93 65.85 23.95 -2.46
N GLN H 94 66.05 24.09 -3.76
CA GLN H 94 67.20 24.85 -4.26
C GLN H 94 66.95 26.35 -4.20
N GLN H 95 65.71 26.78 -4.47
CA GLN H 95 65.37 28.19 -4.29
C GLN H 95 65.65 28.66 -2.88
N TYR H 96 65.51 27.76 -1.89
CA TYR H 96 65.88 28.09 -0.53
C TYR H 96 67.39 28.04 -0.34
N TYR H 97 68.04 26.99 -0.85
CA TYR H 97 69.44 26.76 -0.55
C TYR H 97 70.35 27.78 -1.21
N LEU H 98 69.91 28.42 -2.30
CA LEU H 98 70.75 29.39 -2.98
C LEU H 98 71.05 30.59 -2.08
N VAL H 99 70.03 31.11 -1.41
CA VAL H 99 70.21 32.27 -0.55
C VAL H 99 70.85 31.86 0.78
N TYR H 100 70.36 30.77 1.38
CA TYR H 100 70.78 30.39 2.72
C TYR H 100 72.13 29.69 2.73
N GLN H 101 72.38 28.83 1.75
CA GLN H 101 73.55 27.94 1.76
C GLN H 101 73.60 27.08 3.02
N GLU H 102 72.42 26.74 3.52
CA GLU H 102 72.24 25.99 4.76
C GLU H 102 71.02 25.10 4.57
N PRO H 103 70.91 23.99 5.31
CA PRO H 103 69.69 23.17 5.21
C PRO H 103 68.43 23.94 5.61
N ILE H 104 67.28 23.28 5.53
CA ILE H 104 66.00 24.00 5.59
C ILE H 104 65.21 23.54 6.79
N PRO H 105 64.50 24.45 7.47
CA PRO H 105 63.61 24.02 8.56
C PRO H 105 62.40 23.25 8.03
N THR H 106 61.82 22.46 8.93
CA THR H 106 60.64 21.67 8.58
C THR H 106 59.51 22.54 8.05
N ALA H 107 58.99 23.44 8.89
CA ALA H 107 57.85 24.26 8.51
C ALA H 107 58.14 25.16 7.30
N GLN H 108 59.41 25.40 6.99
CA GLN H 108 59.73 26.25 5.84
C GLN H 108 59.25 25.62 4.53
N LEU H 109 59.25 24.29 4.45
CA LEU H 109 58.67 23.63 3.28
C LEU H 109 57.15 23.75 3.29
N VAL H 110 56.53 23.59 4.46
CA VAL H 110 55.07 23.59 4.54
C VAL H 110 54.50 24.95 4.14
N GLN H 111 55.25 26.03 4.43
CA GLN H 111 54.77 27.36 4.08
C GLN H 111 54.68 27.54 2.57
N ARG H 112 55.76 27.23 1.86
CA ARG H 112 55.78 27.47 0.42
C ARG H 112 55.07 26.37 -0.36
N VAL H 113 55.04 25.14 0.15
CA VAL H 113 54.33 24.07 -0.55
C VAL H 113 52.83 24.31 -0.47
N ALA H 114 52.31 24.62 0.72
CA ALA H 114 50.89 24.91 0.85
C ALA H 114 50.50 26.19 0.12
N SER H 115 51.43 27.15 0.00
CA SER H 115 51.14 28.34 -0.77
C SER H 115 50.97 28.02 -2.25
N VAL H 116 51.85 27.20 -2.80
CA VAL H 116 51.68 26.74 -4.18
C VAL H 116 50.46 25.84 -4.29
N MET H 117 50.19 25.03 -3.27
CA MET H 117 49.01 24.18 -3.29
C MET H 117 47.73 25.01 -3.24
N GLN H 118 47.67 25.98 -2.32
CA GLN H 118 46.52 26.87 -2.27
C GLN H 118 46.43 27.72 -3.54
N GLU H 119 47.57 28.08 -4.12
CA GLU H 119 47.56 28.76 -5.41
C GLU H 119 46.97 27.85 -6.48
N TYR H 120 47.30 26.56 -6.45
CA TYR H 120 46.75 25.61 -7.41
C TYR H 120 45.26 25.40 -7.24
N THR H 121 44.68 25.84 -6.12
CA THR H 121 43.23 25.83 -5.98
C THR H 121 42.61 26.97 -6.79
N GLN H 122 42.96 28.21 -6.45
CA GLN H 122 42.49 29.36 -7.21
C GLN H 122 42.89 29.28 -8.68
N SER H 123 44.04 28.67 -8.96
CA SER H 123 44.47 28.51 -10.35
C SER H 123 43.55 27.56 -11.09
N GLY H 124 43.58 27.67 -12.42
CA GLY H 124 42.72 26.87 -13.27
C GLY H 124 43.13 25.41 -13.29
N GLY H 125 42.42 24.66 -14.13
CA GLY H 125 42.67 23.23 -14.24
C GLY H 125 42.17 22.46 -13.04
N VAL H 126 42.99 21.53 -12.56
CA VAL H 126 42.64 20.71 -11.41
C VAL H 126 43.14 21.35 -10.13
N ARG H 127 43.09 20.58 -9.04
CA ARG H 127 43.27 21.08 -7.68
C ARG H 127 44.37 20.27 -6.97
N PRO H 128 44.58 20.47 -5.66
CA PRO H 128 45.52 19.60 -4.91
C PRO H 128 45.25 18.10 -4.99
N PHE H 129 44.11 17.71 -5.56
CA PHE H 129 43.63 16.32 -5.72
C PHE H 129 43.46 15.69 -4.32
N GLY H 130 43.83 14.42 -4.16
CA GLY H 130 43.63 13.68 -2.93
C GLY H 130 44.90 13.36 -2.18
N VAL H 131 45.99 14.03 -2.52
CA VAL H 131 47.28 13.76 -1.88
C VAL H 131 47.44 14.69 -0.70
N SER H 132 47.43 14.12 0.50
CA SER H 132 47.66 14.84 1.75
C SER H 132 49.04 14.42 2.26
N LEU H 133 49.98 15.35 2.24
CA LEU H 133 51.37 15.04 2.51
C LEU H 133 51.72 15.21 3.99
N LEU H 134 52.56 14.32 4.49
CA LEU H 134 53.06 14.37 5.87
C LEU H 134 54.54 14.74 5.81
N ILE H 135 54.86 15.94 6.26
CA ILE H 135 56.23 16.46 6.26
C ILE H 135 56.81 16.31 7.65
N CYS H 136 58.03 15.78 7.73
CA CYS H 136 58.73 15.62 9.00
C CYS H 136 60.20 15.98 8.81
N GLY H 137 60.88 16.15 9.93
CA GLY H 137 62.29 16.50 9.90
C GLY H 137 62.76 16.87 11.29
N TRP H 138 64.06 17.16 11.38
CA TRP H 138 64.70 17.47 12.64
C TRP H 138 65.56 18.72 12.47
N ASN H 139 65.27 19.75 13.25
CA ASN H 139 66.04 20.98 13.22
C ASN H 139 65.98 21.66 14.59
N GLU H 140 67.04 22.38 14.92
CA GLU H 140 67.15 23.15 16.17
C GLU H 140 67.03 22.26 17.40
N GLY H 141 67.40 20.98 17.27
CA GLY H 141 67.37 20.05 18.37
C GLY H 141 66.02 19.41 18.65
N ARG H 142 64.93 19.99 18.16
CA ARG H 142 63.60 19.43 18.34
C ARG H 142 63.02 19.08 16.98
N PRO H 143 62.81 17.80 16.66
CA PRO H 143 62.22 17.45 15.36
C PRO H 143 60.78 17.89 15.22
N TYR H 144 60.17 17.64 14.06
CA TYR H 144 58.81 18.09 13.80
C TYR H 144 58.11 17.07 12.91
N LEU H 145 56.78 17.04 13.02
CA LEU H 145 55.94 16.25 12.13
C LEU H 145 54.75 17.11 11.73
N PHE H 146 54.61 17.38 10.43
CA PHE H 146 53.56 18.26 9.92
C PHE H 146 52.75 17.55 8.85
N GLN H 147 51.49 17.93 8.75
CA GLN H 147 50.60 17.43 7.70
C GLN H 147 49.67 18.57 7.27
N SER H 148 49.49 18.69 5.96
CA SER H 148 48.58 19.67 5.38
C SER H 148 47.43 18.92 4.69
N ASP H 149 46.51 19.69 4.14
CA ASP H 149 45.36 19.12 3.44
C ASP H 149 45.29 19.76 2.05
N PRO H 150 44.36 19.35 1.19
CA PRO H 150 44.21 20.05 -0.09
C PRO H 150 44.00 21.54 0.03
N SER H 151 43.12 21.98 0.94
CA SER H 151 42.88 23.41 1.10
C SER H 151 44.10 24.17 1.62
N GLY H 152 45.15 23.46 2.06
CA GLY H 152 46.36 24.09 2.52
C GLY H 152 46.47 24.25 4.02
N ALA H 153 45.46 23.83 4.78
CA ALA H 153 45.50 23.95 6.23
C ALA H 153 46.42 22.89 6.81
N TYR H 154 47.43 23.32 7.56
CA TYR H 154 48.40 22.43 8.16
C TYR H 154 48.38 22.59 9.67
N PHE H 155 48.68 21.51 10.38
CA PHE H 155 48.73 21.51 11.83
C PHE H 155 49.93 20.71 12.29
N ALA H 156 50.36 20.99 13.53
CA ALA H 156 51.49 20.32 14.14
C ALA H 156 51.01 19.43 15.27
N TRP H 157 51.66 18.28 15.44
CA TRP H 157 51.31 17.35 16.51
C TRP H 157 52.47 16.36 16.67
N LYS H 158 52.33 15.46 17.65
CA LYS H 158 53.28 14.38 17.81
C LYS H 158 52.99 13.23 16.85
N ALA H 159 51.72 12.82 16.76
CA ALA H 159 51.36 11.65 15.96
C ALA H 159 49.95 11.82 15.42
N THR H 160 49.69 11.13 14.32
CA THR H 160 48.36 11.14 13.69
C THR H 160 48.21 9.89 12.84
N ALA H 161 46.97 9.61 12.47
CA ALA H 161 46.65 8.55 11.52
C ALA H 161 45.98 9.16 10.29
N MET H 162 46.26 8.57 9.13
CA MET H 162 45.74 9.05 7.87
C MET H 162 45.11 7.90 7.09
N GLY H 163 44.57 8.21 5.92
CA GLY H 163 43.94 7.20 5.09
C GLY H 163 42.66 6.67 5.72
N LYS H 164 42.39 5.39 5.45
CA LYS H 164 41.21 4.74 6.00
C LYS H 164 41.37 4.50 7.49
N ASN H 165 40.26 4.58 8.21
CA ASN H 165 40.23 4.36 9.66
C ASN H 165 41.21 5.28 10.38
N TYR H 166 41.32 6.52 9.90
CA TYR H 166 42.22 7.47 10.52
C TYR H 166 41.71 7.95 11.88
N VAL H 167 40.41 7.88 12.11
CA VAL H 167 39.86 8.27 13.41
C VAL H 167 40.03 7.15 14.43
N ASN H 168 39.84 5.89 14.01
CA ASN H 168 39.93 4.77 14.94
C ASN H 168 41.38 4.55 15.37
N GLY H 169 42.31 4.58 14.41
CA GLY H 169 43.71 4.39 14.75
C GLY H 169 44.26 5.52 15.59
N LYS H 170 43.77 6.74 15.42
CA LYS H 170 44.24 7.87 16.20
C LYS H 170 43.73 7.79 17.64
N THR H 171 42.48 7.38 17.82
CA THR H 171 41.96 7.20 19.17
C THR H 171 42.71 6.11 19.92
N PHE H 172 43.27 5.14 19.19
CA PHE H 172 44.13 4.14 19.81
C PHE H 172 45.50 4.73 20.15
N LEU H 173 46.00 5.63 19.31
CA LEU H 173 47.28 6.28 19.59
C LEU H 173 47.17 7.32 20.70
N GLU H 174 45.96 7.83 20.96
CA GLU H 174 45.80 8.83 22.02
C GLU H 174 46.02 8.21 23.40
N LYS H 175 45.53 6.97 23.60
CA LYS H 175 45.72 6.31 24.88
C LYS H 175 47.12 5.71 25.01
N ARG H 176 47.71 5.27 23.89
CA ARG H 176 49.02 4.64 23.95
C ARG H 176 50.13 5.67 24.12
N TYR H 177 50.08 6.75 23.34
CA TYR H 177 51.09 7.79 23.40
C TYR H 177 50.79 8.73 24.57
N ASN H 178 51.74 8.85 25.48
CA ASN H 178 51.61 9.74 26.63
C ASN H 178 52.99 10.28 26.99
N GLU H 179 53.01 11.51 27.50
CA GLU H 179 54.26 12.21 27.81
C GLU H 179 55.14 12.25 26.57
N ASP H 180 56.31 11.63 26.63
CA ASP H 180 57.17 11.48 25.46
C ASP H 180 57.50 10.01 25.26
N LEU H 181 57.95 9.70 24.05
CA LEU H 181 58.33 8.33 23.67
C LEU H 181 59.70 8.38 23.00
N GLU H 182 60.30 7.21 22.85
CA GLU H 182 61.58 7.08 22.18
C GLU H 182 61.37 6.53 20.76
N LEU H 183 62.49 6.38 20.04
CA LEU H 183 62.40 5.85 18.68
C LEU H 183 61.93 4.40 18.68
N GLU H 184 62.44 3.59 19.62
CA GLU H 184 62.01 2.20 19.69
C GLU H 184 60.54 2.10 20.08
N ASP H 185 60.10 2.92 21.04
CA ASP H 185 58.70 2.91 21.43
C ASP H 185 57.80 3.44 20.31
N ALA H 186 58.28 4.43 19.56
CA ALA H 186 57.50 4.95 18.44
C ALA H 186 57.32 3.89 17.36
N ILE H 187 58.37 3.12 17.08
CA ILE H 187 58.24 2.03 16.12
C ILE H 187 57.33 0.94 16.67
N HIS H 188 57.37 0.70 17.98
CA HIS H 188 56.53 -0.33 18.59
C HIS H 188 55.06 -0.02 18.40
N THR H 189 54.63 1.18 18.79
CA THR H 189 53.24 1.57 18.57
C THR H 189 52.95 1.83 17.10
N ALA H 190 53.98 2.02 16.27
CA ALA H 190 53.77 2.04 14.84
C ALA H 190 53.39 0.66 14.32
N ILE H 191 53.91 -0.39 14.93
CA ILE H 191 53.44 -1.74 14.62
C ILE H 191 52.01 -1.92 15.11
N LEU H 192 51.66 -1.26 16.22
CA LEU H 192 50.29 -1.35 16.72
C LEU H 192 49.30 -0.69 15.77
N THR H 193 49.62 0.50 15.26
CA THR H 193 48.75 1.15 14.30
C THR H 193 48.85 0.52 12.92
N LEU H 194 49.95 -0.19 12.63
CA LEU H 194 50.00 -0.99 11.40
C LEU H 194 49.20 -2.26 11.53
N LYS H 195 49.12 -2.83 12.74
CA LYS H 195 48.25 -3.96 13.00
C LYS H 195 46.79 -3.57 13.11
N GLU H 196 46.49 -2.28 13.16
CA GLU H 196 45.11 -1.82 13.17
C GLU H 196 44.37 -2.24 11.90
N SER H 197 44.93 -1.87 10.74
CA SER H 197 44.34 -2.21 9.45
C SER H 197 44.95 -3.45 8.83
N PHE H 198 45.89 -4.10 9.50
CA PHE H 198 46.54 -5.31 8.98
C PHE H 198 45.51 -6.39 8.65
N GLU H 199 45.56 -7.03 7.47
CA GLU H 199 46.54 -6.87 6.37
C GLU H 199 48.00 -7.16 6.72
N GLY H 200 48.89 -6.27 6.27
CA GLY H 200 50.30 -6.60 6.14
C GLY H 200 51.26 -6.19 7.24
N GLN H 201 50.78 -6.00 8.46
CA GLN H 201 51.67 -5.62 9.55
C GLN H 201 52.62 -6.78 9.88
N MET H 202 53.72 -6.43 10.55
CA MET H 202 54.71 -7.36 11.09
C MET H 202 55.54 -8.05 10.02
N THR H 203 55.14 -7.93 8.76
CA THR H 203 55.87 -8.50 7.64
C THR H 203 56.70 -7.40 6.97
N GLU H 204 57.96 -7.71 6.68
CA GLU H 204 58.88 -6.68 6.19
C GLU H 204 58.53 -6.23 4.78
N ASP H 205 58.00 -7.12 3.94
CA ASP H 205 57.73 -6.78 2.56
C ASP H 205 56.40 -6.07 2.34
N ASN H 206 55.53 -6.03 3.36
CA ASN H 206 54.25 -5.36 3.23
C ASN H 206 54.25 -3.95 3.82
N ILE H 207 55.37 -3.49 4.37
CA ILE H 207 55.49 -2.13 4.90
C ILE H 207 56.90 -1.62 4.65
N GLU H 208 57.06 -0.30 4.78
CA GLU H 208 58.35 0.36 4.69
C GLU H 208 58.47 1.36 5.83
N VAL H 209 59.61 1.34 6.51
CA VAL H 209 59.80 2.15 7.71
C VAL H 209 60.96 3.11 7.48
N GLY H 210 60.65 4.40 7.38
CA GLY H 210 61.65 5.44 7.51
C GLY H 210 61.65 5.98 8.93
N ILE H 211 62.78 6.58 9.32
CA ILE H 211 62.92 7.18 10.64
C ILE H 211 63.73 8.47 10.53
N CYS H 212 63.19 9.55 11.08
CA CYS H 212 63.94 10.79 11.24
C CYS H 212 64.68 10.80 12.57
N ASN H 213 65.87 11.39 12.58
CA ASN H 213 66.65 11.56 13.79
C ASN H 213 67.29 12.94 13.77
N GLU H 214 67.73 13.39 14.96
CA GLU H 214 68.41 14.67 15.05
C GLU H 214 69.75 14.65 14.33
N ALA H 215 70.29 13.46 14.07
CA ALA H 215 71.49 13.31 13.24
C ALA H 215 71.17 13.27 11.76
N GLY H 216 69.92 13.47 11.38
CA GLY H 216 69.46 13.38 10.01
C GLY H 216 68.58 12.17 9.78
N PHE H 217 67.75 12.26 8.75
CA PHE H 217 66.80 11.21 8.43
C PHE H 217 67.52 9.94 8.01
N ARG H 218 67.01 8.80 8.44
CA ARG H 218 67.55 7.49 8.12
C ARG H 218 66.46 6.64 7.49
N ARG H 219 66.72 6.15 6.28
CA ARG H 219 65.79 5.26 5.59
C ARG H 219 66.38 3.86 5.61
N LEU H 220 65.74 2.97 6.35
CA LEU H 220 66.19 1.59 6.47
C LEU H 220 65.41 0.69 5.52
N THR H 221 66.10 -0.29 4.95
CA THR H 221 65.48 -1.27 4.09
C THR H 221 64.53 -2.14 4.91
N PRO H 222 63.62 -2.90 4.26
CA PRO H 222 62.74 -3.80 5.00
C PRO H 222 63.49 -4.78 5.89
N THR H 223 64.77 -5.01 5.60
CA THR H 223 65.60 -5.86 6.45
C THR H 223 65.57 -5.41 7.90
N GLU H 224 65.75 -4.10 8.13
CA GLU H 224 65.68 -3.58 9.49
C GLU H 224 64.26 -3.57 10.03
N VAL H 225 63.26 -3.54 9.15
CA VAL H 225 61.88 -3.64 9.59
C VAL H 225 61.61 -5.02 10.17
N LYS H 226 62.24 -6.04 9.60
CA LYS H 226 62.14 -7.39 10.16
C LYS H 226 63.05 -7.56 11.38
N ASP H 227 64.15 -6.81 11.44
CA ASP H 227 65.02 -6.84 12.60
C ASP H 227 64.25 -6.46 13.86
N TYR H 228 63.74 -5.23 13.91
CA TYR H 228 63.03 -4.76 15.10
C TYR H 228 61.78 -5.59 15.35
N LEU H 229 60.99 -5.85 14.30
CA LEU H 229 59.74 -6.58 14.43
C LEU H 229 59.87 -7.91 13.70
N ALA H 230 59.98 -8.99 14.46
CA ALA H 230 59.92 -10.34 13.90
C ALA H 230 58.95 -11.29 14.64
N ALA H 231 59.04 -11.58 15.96
CA ALA H 231 59.67 -10.86 17.11
C ALA H 231 59.02 -9.50 17.38
N ILE H 232 58.01 -9.14 16.58
CA ILE H 232 57.29 -7.89 16.77
C ILE H 232 56.76 -7.82 18.20
N ALA H 233 56.89 -6.65 18.81
CA ALA H 233 56.46 -6.40 20.18
C ALA H 233 57.14 -7.35 21.18
N SER I 1 32.63 25.99 -25.72
CA SER I 1 33.64 26.00 -24.66
C SER I 1 33.37 27.12 -23.66
N ARG I 2 32.26 27.82 -23.86
CA ARG I 2 31.86 28.92 -22.99
C ARG I 2 31.01 28.49 -21.81
N ARG I 3 30.53 27.25 -21.80
CA ARG I 3 29.60 26.78 -20.78
C ARG I 3 30.28 26.17 -19.57
N TYR I 4 31.61 26.10 -19.56
CA TYR I 4 32.31 25.44 -18.46
C TYR I 4 32.40 26.34 -17.23
N ASP I 5 32.69 27.62 -17.43
CA ASP I 5 32.82 28.53 -16.29
C ASP I 5 31.44 28.88 -15.73
N SER I 6 31.39 29.13 -14.43
CA SER I 6 30.15 29.41 -13.73
C SER I 6 29.81 30.90 -13.69
N ARG I 7 30.60 31.75 -14.35
CA ARG I 7 30.34 33.19 -14.43
C ARG I 7 30.26 33.82 -13.03
N THR I 8 31.29 33.57 -12.21
CA THR I 8 31.34 34.20 -10.90
C THR I 8 31.55 35.70 -11.03
N THR I 9 32.29 36.15 -12.03
CA THR I 9 32.48 37.58 -12.25
C THR I 9 31.23 38.22 -12.81
N ILE I 10 30.66 37.63 -13.86
CA ILE I 10 29.51 38.23 -14.55
C ILE I 10 28.36 38.45 -13.57
N PHE I 11 27.62 39.54 -13.77
CA PHE I 11 26.54 39.92 -12.88
C PHE I 11 25.42 38.88 -12.91
N SER I 12 24.59 38.91 -11.88
CA SER I 12 23.55 37.94 -11.62
C SER I 12 22.17 38.57 -11.75
N PRO I 13 21.14 37.75 -12.02
CA PRO I 13 19.77 38.30 -12.10
C PRO I 13 19.29 39.00 -10.84
N GLU I 14 19.98 38.83 -9.71
CA GLU I 14 19.60 39.50 -8.48
C GLU I 14 20.07 40.95 -8.40
N GLY I 15 20.79 41.43 -9.41
CA GLY I 15 21.24 42.81 -9.42
C GLY I 15 22.58 43.06 -8.77
N ARG I 16 23.31 42.02 -8.40
CA ARG I 16 24.57 42.15 -7.70
C ARG I 16 25.39 40.89 -7.95
N LEU I 17 26.68 40.98 -7.65
CA LEU I 17 27.55 39.81 -7.75
C LEU I 17 27.03 38.69 -6.86
N TYR I 18 26.80 37.53 -7.45
CA TYR I 18 26.19 36.43 -6.71
C TYR I 18 27.20 35.68 -5.84
N GLN I 19 28.45 35.59 -6.30
CA GLN I 19 29.46 34.83 -5.55
C GLN I 19 29.89 35.55 -4.28
N VAL I 20 29.70 36.87 -4.20
CA VAL I 20 30.06 37.61 -2.99
C VAL I 20 29.22 37.16 -1.80
N GLU I 21 27.96 36.78 -2.05
CA GLU I 21 27.12 36.28 -0.97
C GLU I 21 27.70 35.01 -0.36
N TYR I 22 28.02 34.02 -1.20
CA TYR I 22 28.67 32.81 -0.71
C TYR I 22 30.06 33.08 -0.18
N ALA I 23 30.71 34.17 -0.62
CA ALA I 23 31.98 34.56 -0.03
C ALA I 23 31.79 35.03 1.41
N MET I 24 30.81 35.90 1.65
CA MET I 24 30.49 36.33 3.00
C MET I 24 30.03 35.16 3.87
N GLU I 25 29.50 34.10 3.27
CA GLU I 25 29.20 32.88 4.03
C GLU I 25 30.45 32.08 4.35
N ALA I 26 31.46 32.13 3.47
CA ALA I 26 32.70 31.43 3.74
C ALA I 26 33.40 32.00 4.97
N ILE I 27 33.54 33.33 5.03
CA ILE I 27 34.06 33.97 6.23
C ILE I 27 33.05 33.87 7.36
N GLY I 28 31.76 33.81 7.04
CA GLY I 28 30.72 33.74 8.03
C GLY I 28 30.46 32.34 8.55
N HIS I 29 31.39 31.41 8.31
CA HIS I 29 31.28 30.04 8.81
C HIS I 29 32.54 29.71 9.59
N ALA I 30 32.37 29.39 10.88
CA ALA I 30 33.42 28.97 11.79
C ALA I 30 34.40 30.10 12.12
N GLY I 31 34.36 31.19 11.38
CA GLY I 31 35.18 32.35 11.71
C GLY I 31 34.64 33.04 12.96
N THR I 32 35.53 33.24 13.94
CA THR I 32 35.16 33.95 15.17
C THR I 32 36.27 34.94 15.49
N CYS I 33 35.93 36.23 15.47
CA CYS I 33 36.85 37.30 15.82
C CYS I 33 36.05 38.45 16.43
N LEU I 34 36.76 39.49 16.84
CA LEU I 34 36.15 40.68 17.42
C LEU I 34 37.20 41.78 17.48
N GLY I 35 36.85 42.90 18.09
CA GLY I 35 37.79 43.97 18.36
C GLY I 35 37.42 44.68 19.63
N ILE I 36 38.38 45.42 20.17
CA ILE I 36 38.20 46.15 21.42
C ILE I 36 38.52 47.62 21.19
N LEU I 37 37.89 48.48 21.98
CA LEU I 37 38.14 49.92 21.88
C LEU I 37 39.59 50.23 22.20
N ALA I 38 40.12 51.28 21.56
CA ALA I 38 41.51 51.66 21.71
C ALA I 38 41.60 52.92 22.57
N ASN I 39 42.09 52.77 23.79
CA ASN I 39 42.50 53.88 24.64
C ASN I 39 43.85 53.51 25.23
N ASP I 40 44.89 54.26 24.84
CA ASP I 40 46.29 54.01 25.20
C ASP I 40 46.63 52.53 25.11
N GLY I 41 46.09 51.85 24.11
CA GLY I 41 46.35 50.44 23.90
C GLY I 41 45.19 49.79 23.20
N VAL I 42 45.37 48.52 22.85
CA VAL I 42 44.33 47.73 22.19
C VAL I 42 44.65 46.26 22.40
N LEU I 43 43.63 45.41 22.25
CA LEU I 43 43.78 43.97 22.39
C LEU I 43 42.96 43.27 21.32
N LEU I 44 43.21 41.97 21.16
CA LEU I 44 42.54 41.15 20.17
C LEU I 44 42.09 39.84 20.79
N ALA I 45 41.01 39.28 20.26
CA ALA I 45 40.49 38.01 20.74
C ALA I 45 39.91 37.24 19.57
N ALA I 46 40.11 35.92 19.58
CA ALA I 46 39.61 35.04 18.55
C ALA I 46 39.33 33.67 19.16
N GLU I 47 39.02 32.70 18.32
CA GLU I 47 38.71 31.34 18.74
C GLU I 47 39.75 30.39 18.16
N ARG I 48 40.31 29.54 19.01
CA ARG I 48 41.29 28.55 18.55
C ARG I 48 40.54 27.38 17.92
N ARG I 49 40.82 27.12 16.64
CA ARG I 49 40.13 26.07 15.91
C ARG I 49 40.51 24.67 16.39
N ASN I 50 41.70 24.52 16.97
CA ASN I 50 42.21 23.20 17.31
C ASN I 50 41.54 22.69 18.59
N ILE I 51 40.83 21.57 18.47
CA ILE I 51 40.27 20.89 19.65
C ILE I 51 41.14 19.72 20.11
N HIS I 52 42.25 19.44 19.41
CA HIS I 52 43.10 18.32 19.76
C HIS I 52 44.19 18.77 20.72
N LYS I 53 44.29 18.10 21.87
CA LYS I 53 45.27 18.47 22.87
C LYS I 53 46.66 17.91 22.58
N LEU I 54 46.77 16.92 21.69
CA LEU I 54 48.06 16.35 21.35
C LEU I 54 48.88 17.25 20.44
N LEU I 55 48.29 18.31 19.90
CA LEU I 55 48.99 19.18 18.97
C LEU I 55 50.13 19.91 19.69
N ASP I 56 51.15 20.28 18.91
CA ASP I 56 52.32 20.92 19.48
C ASP I 56 52.08 22.40 19.77
N GLU I 57 51.48 23.12 18.82
CA GLU I 57 51.27 24.57 18.92
C GLU I 57 52.59 25.29 19.19
N VAL I 58 53.60 24.97 18.39
CA VAL I 58 54.91 25.62 18.51
C VAL I 58 55.05 26.85 17.62
N PHE I 59 53.98 27.23 16.92
CA PHE I 59 54.00 28.38 16.02
C PHE I 59 53.63 29.68 16.72
N PHE I 60 53.48 29.65 18.05
CA PHE I 60 53.09 30.82 18.85
C PHE I 60 51.70 31.23 18.42
N SER I 61 51.48 32.45 17.95
CA SER I 61 50.14 32.91 17.58
C SER I 61 49.57 32.04 16.47
N GLU I 62 48.31 31.64 16.63
CA GLU I 62 47.66 30.73 15.67
C GLU I 62 46.96 31.52 14.57
N LYS I 63 45.85 32.17 14.91
CA LYS I 63 45.06 32.90 13.92
C LYS I 63 45.53 34.33 13.69
N ILE I 64 46.38 34.87 14.56
CA ILE I 64 46.88 36.24 14.42
C ILE I 64 48.27 36.19 13.83
N TYR I 65 48.51 36.99 12.79
CA TYR I 65 49.80 37.06 12.13
C TYR I 65 50.29 38.49 12.13
N LYS I 66 51.61 38.66 12.17
CA LYS I 66 52.25 39.96 12.33
C LYS I 66 52.78 40.42 10.97
N LEU I 67 52.13 41.44 10.41
CA LEU I 67 52.56 41.99 9.12
C LEU I 67 53.73 42.96 9.28
N ASN I 68 53.71 43.77 10.33
CA ASN I 68 54.75 44.77 10.57
C ASN I 68 55.14 44.72 12.04
N GLU I 69 56.28 45.34 12.36
CA GLU I 69 56.77 45.32 13.73
C GLU I 69 55.78 46.01 14.67
N ASP I 70 55.30 47.19 14.31
CA ASP I 70 54.37 47.94 15.13
C ASP I 70 52.92 47.74 14.72
N MET I 71 52.64 46.97 13.67
CA MET I 71 51.29 46.80 13.17
C MET I 71 51.07 45.35 12.76
N ALA I 72 49.97 44.76 13.23
CA ALA I 72 49.59 43.41 12.84
C ALA I 72 48.13 43.39 12.38
N CYS I 73 47.60 42.21 12.10
CA CYS I 73 46.21 42.11 11.68
C CYS I 73 45.63 40.78 12.13
N SER I 74 44.37 40.82 12.55
CA SER I 74 43.60 39.59 12.75
C SER I 74 43.05 39.11 11.41
N VAL I 75 42.84 37.81 11.30
CA VAL I 75 42.37 37.20 10.06
C VAL I 75 41.29 36.17 10.37
N ALA I 76 40.33 36.06 9.46
CA ALA I 76 39.29 35.05 9.54
C ALA I 76 39.00 34.53 8.14
N GLY I 77 39.07 33.21 7.99
CA GLY I 77 38.80 32.60 6.71
C GLY I 77 39.64 31.34 6.55
N ILE I 78 39.74 30.88 5.30
CA ILE I 78 40.58 29.73 4.98
C ILE I 78 42.03 30.07 5.30
N THR I 79 42.72 29.12 5.95
CA THR I 79 44.08 29.34 6.44
C THR I 79 45.05 29.76 5.34
N SER I 80 45.33 28.84 4.41
CA SER I 80 46.35 29.12 3.40
C SER I 80 45.92 30.23 2.46
N ASP I 81 44.63 30.30 2.12
CA ASP I 81 44.14 31.41 1.30
C ASP I 81 44.34 32.74 1.99
N ALA I 82 44.30 32.74 3.33
CA ALA I 82 44.67 33.94 4.08
C ALA I 82 46.19 34.10 4.15
N ASN I 83 46.92 32.99 4.28
CA ASN I 83 48.38 33.05 4.36
C ASN I 83 48.98 33.63 3.09
N VAL I 84 48.31 33.46 1.95
CA VAL I 84 48.76 34.12 0.72
C VAL I 84 48.67 35.63 0.87
N LEU I 85 47.60 36.12 1.51
CA LEU I 85 47.45 37.55 1.70
C LEU I 85 48.34 38.07 2.84
N THR I 86 48.72 37.21 3.78
CA THR I 86 49.63 37.63 4.84
C THR I 86 50.97 38.06 4.26
N ASN I 87 51.62 37.15 3.51
CA ASN I 87 52.91 37.49 2.91
C ASN I 87 52.77 38.52 1.79
N GLU I 88 51.62 38.54 1.11
CA GLU I 88 51.41 39.53 0.06
C GLU I 88 51.34 40.93 0.65
N LEU I 89 50.44 41.16 1.61
CA LEU I 89 50.36 42.46 2.26
C LEU I 89 51.62 42.77 3.04
N ARG I 90 52.28 41.75 3.59
CA ARG I 90 53.57 41.94 4.25
C ARG I 90 54.60 42.47 3.26
N LEU I 91 54.56 41.99 2.02
CA LEU I 91 55.46 42.50 0.99
C LEU I 91 55.03 43.85 0.46
N ILE I 92 53.72 44.12 0.45
CA ILE I 92 53.23 45.45 0.07
C ILE I 92 53.64 46.48 1.13
N ALA I 93 53.51 46.13 2.41
CA ALA I 93 54.02 46.99 3.46
C ALA I 93 55.55 47.02 3.47
N GLN I 94 56.20 45.99 2.93
CA GLN I 94 57.66 45.98 2.85
C GLN I 94 58.16 46.83 1.69
N ARG I 95 57.48 46.78 0.55
CA ARG I 95 57.85 47.63 -0.56
C ARG I 95 57.56 49.11 -0.27
N TYR I 96 56.64 49.38 0.66
CA TYR I 96 56.48 50.76 1.13
C TYR I 96 57.64 51.17 2.02
N LEU I 97 58.08 50.28 2.91
CA LEU I 97 59.31 50.50 3.65
C LEU I 97 60.51 50.54 2.71
N LEU I 98 60.47 49.76 1.62
CA LEU I 98 61.50 49.84 0.60
C LEU I 98 61.47 51.18 -0.14
N GLN I 99 60.38 51.93 -0.02
CA GLN I 99 60.23 53.22 -0.71
C GLN I 99 60.66 54.37 0.19
N TYR I 100 59.92 54.61 1.26
CA TYR I 100 60.15 55.76 2.13
C TYR I 100 61.11 55.47 3.28
N GLN I 101 61.44 54.21 3.53
CA GLN I 101 62.19 53.81 4.72
C GLN I 101 61.55 54.42 5.97
N GLU I 102 60.31 53.98 6.22
CA GLU I 102 59.42 54.56 7.22
C GLU I 102 58.15 53.73 7.22
N PRO I 103 57.49 53.54 8.37
CA PRO I 103 56.32 52.64 8.41
C PRO I 103 55.17 53.12 7.54
N ILE I 104 54.12 52.32 7.46
CA ILE I 104 53.04 52.51 6.50
C ILE I 104 51.76 52.86 7.27
N PRO I 105 51.17 54.02 7.05
CA PRO I 105 49.82 54.28 7.58
C PRO I 105 48.83 53.27 7.00
N CYS I 106 47.96 52.76 7.87
CA CYS I 106 47.09 51.66 7.48
C CYS I 106 46.09 52.04 6.41
N GLU I 107 45.73 53.33 6.33
CA GLU I 107 44.70 53.79 5.39
C GLU I 107 44.99 53.37 3.96
N GLN I 108 46.07 53.89 3.37
CA GLN I 108 46.40 53.55 2.00
C GLN I 108 46.81 52.09 1.84
N LEU I 109 47.22 51.44 2.93
CA LEU I 109 47.58 50.02 2.85
C LEU I 109 46.34 49.15 2.75
N VAL I 110 45.31 49.46 3.52
CA VAL I 110 44.07 48.69 3.45
C VAL I 110 43.39 48.88 2.09
N THR I 111 43.34 50.13 1.61
CA THR I 111 42.76 50.39 0.30
C THR I 111 43.54 49.71 -0.81
N ALA I 112 44.85 49.54 -0.62
CA ALA I 112 45.65 48.82 -1.61
C ALA I 112 45.27 47.35 -1.64
N LEU I 113 45.09 46.74 -0.45
CA LEU I 113 44.65 45.35 -0.40
C LEU I 113 43.24 45.19 -0.96
N CYS I 114 42.38 46.20 -0.76
CA CYS I 114 41.04 46.16 -1.34
C CYS I 114 41.09 46.19 -2.85
N ASP I 115 42.04 46.95 -3.42
CA ASP I 115 42.22 46.93 -4.86
C ASP I 115 42.76 45.59 -5.33
N ILE I 116 43.49 44.89 -4.47
CA ILE I 116 43.94 43.54 -4.80
C ILE I 116 42.81 42.53 -4.61
N LYS I 117 41.98 42.72 -3.58
CA LYS I 117 40.89 41.80 -3.32
C LYS I 117 39.84 41.83 -4.42
N GLN I 118 39.73 42.93 -5.18
CA GLN I 118 38.77 43.01 -6.27
C GLN I 118 39.29 42.41 -7.55
N ALA I 119 40.54 41.93 -7.57
CA ALA I 119 41.10 41.37 -8.80
C ALA I 119 40.34 40.12 -9.24
N TYR I 120 40.17 39.17 -8.32
CA TYR I 120 39.44 37.95 -8.64
C TYR I 120 37.98 38.24 -8.99
N THR I 121 37.44 39.37 -8.53
CA THR I 121 36.04 39.69 -8.80
C THR I 121 35.85 40.28 -10.19
N GLN I 122 36.75 41.13 -10.65
CA GLN I 122 36.51 41.97 -11.81
C GLN I 122 36.98 41.38 -13.14
N PHE I 123 37.66 40.24 -13.13
CA PHE I 123 38.09 39.66 -14.41
C PHE I 123 38.18 38.15 -14.32
N GLY I 124 37.94 37.50 -15.46
CA GLY I 124 38.23 36.10 -15.65
C GLY I 124 37.27 35.12 -15.00
N GLY I 125 36.28 35.60 -14.27
CA GLY I 125 35.42 34.67 -13.54
C GLY I 125 36.16 33.96 -12.43
N LYS I 126 37.15 34.61 -11.84
CA LYS I 126 37.97 34.00 -10.80
C LYS I 126 37.19 33.90 -9.49
N ARG I 127 37.62 32.98 -8.65
CA ARG I 127 37.01 32.79 -7.35
C ARG I 127 37.44 33.92 -6.42
N PRO I 128 36.53 34.72 -5.89
CA PRO I 128 36.93 35.82 -5.01
C PRO I 128 37.55 35.32 -3.72
N PHE I 129 38.25 36.22 -3.04
CA PHE I 129 38.91 35.87 -1.79
C PHE I 129 37.88 35.47 -0.75
N GLY I 130 38.06 34.28 -0.18
CA GLY I 130 37.17 33.78 0.85
C GLY I 130 37.64 34.14 2.24
N VAL I 131 38.46 35.19 2.35
CA VAL I 131 39.07 35.60 3.60
C VAL I 131 38.79 37.07 3.84
N SER I 132 38.22 37.39 5.01
CA SER I 132 38.04 38.75 5.46
C SER I 132 38.78 38.91 6.79
N LEU I 133 39.65 39.91 6.86
CA LEU I 133 40.56 40.06 7.99
C LEU I 133 40.43 41.45 8.61
N LEU I 134 40.89 41.56 9.85
CA LEU I 134 40.83 42.80 10.60
C LEU I 134 42.15 43.58 10.45
N TYR I 135 42.22 44.72 11.11
CA TYR I 135 43.44 45.53 11.10
C TYR I 135 43.63 46.18 12.46
N ILE I 136 44.88 46.19 12.93
CA ILE I 136 45.27 46.87 14.16
C ILE I 136 46.66 47.47 13.95
N GLY I 137 47.01 48.41 14.81
CA GLY I 137 48.31 49.02 14.77
C GLY I 137 48.28 50.44 15.32
N TRP I 138 49.31 51.20 14.95
CA TRP I 138 49.46 52.57 15.43
C TRP I 138 50.17 53.38 14.35
N ASP I 139 49.83 54.67 14.27
CA ASP I 139 50.45 55.57 13.30
C ASP I 139 50.76 56.89 13.99
N LYS I 140 51.57 57.71 13.32
CA LYS I 140 51.96 59.02 13.85
C LYS I 140 50.80 60.00 13.90
N HIS I 141 49.74 59.76 13.14
CA HIS I 141 48.64 60.73 13.01
C HIS I 141 47.47 60.40 13.93
N TYR I 142 46.75 59.33 13.62
CA TYR I 142 45.52 58.99 14.31
C TYR I 142 45.73 58.06 15.51
N GLY I 143 46.99 57.74 15.83
CA GLY I 143 47.24 56.85 16.95
C GLY I 143 46.86 55.42 16.61
N PHE I 144 46.15 54.76 17.53
CA PHE I 144 45.73 53.39 17.31
C PHE I 144 44.68 53.33 16.22
N GLN I 145 44.92 52.53 15.19
CA GLN I 145 44.05 52.41 14.04
C GLN I 145 43.53 50.98 13.96
N LEU I 146 42.21 50.84 14.06
CA LEU I 146 41.56 49.53 14.01
C LEU I 146 40.61 49.52 12.82
N TYR I 147 40.91 48.71 11.82
CA TYR I 147 40.14 48.67 10.58
C TYR I 147 39.58 47.27 10.34
N GLN I 148 38.83 47.15 9.26
CA GLN I 148 38.10 45.92 8.93
C GLN I 148 38.06 45.79 7.41
N SER I 149 38.20 44.56 6.92
CA SER I 149 38.15 44.28 5.50
C SER I 149 36.83 43.59 5.15
N ASP I 150 36.28 43.94 3.98
CA ASP I 150 35.04 43.38 3.50
C ASP I 150 35.24 42.74 2.13
N PRO I 151 34.53 41.65 1.84
CA PRO I 151 34.65 41.04 0.50
C PRO I 151 34.15 41.94 -0.62
N SER I 152 33.25 42.87 -0.34
CA SER I 152 32.74 43.78 -1.36
C SER I 152 33.75 44.83 -1.79
N GLY I 153 34.89 44.93 -1.11
CA GLY I 153 35.91 45.90 -1.43
C GLY I 153 36.02 47.07 -0.47
N ASN I 154 35.03 47.25 0.41
CA ASN I 154 35.07 48.34 1.38
C ASN I 154 35.99 47.99 2.54
N TYR I 155 36.55 49.03 3.16
CA TYR I 155 37.18 48.90 4.47
C TYR I 155 36.14 49.36 5.49
N GLY I 156 35.63 48.42 6.27
CA GLY I 156 34.55 48.68 7.21
C GLY I 156 35.04 49.07 8.59
N GLY I 157 36.25 49.62 8.66
CA GLY I 157 36.96 49.81 9.90
C GLY I 157 36.23 50.53 11.02
N TRP I 158 36.15 49.88 12.17
CA TRP I 158 35.64 50.46 13.39
C TRP I 158 36.60 50.13 14.53
N LYS I 159 36.51 50.91 15.60
CA LYS I 159 37.28 50.58 16.81
C LYS I 159 36.68 49.40 17.56
N ALA I 160 35.45 49.00 17.25
CA ALA I 160 34.84 47.78 17.76
C ALA I 160 34.23 47.05 16.58
N THR I 161 34.71 45.85 16.30
CA THR I 161 34.34 45.11 15.10
C THR I 161 33.75 43.75 15.47
N CYS I 162 33.05 43.15 14.50
CA CYS I 162 32.40 41.86 14.68
C CYS I 162 32.68 40.98 13.47
N ILE I 163 33.02 39.72 13.73
CA ILE I 163 33.29 38.74 12.68
C ILE I 163 32.62 37.43 13.06
N GLY I 164 31.77 36.93 12.17
CA GLY I 164 31.12 35.65 12.40
C GLY I 164 29.67 35.80 12.83
N ASN I 165 28.88 34.76 12.56
CA ASN I 165 27.47 34.79 12.95
C ASN I 165 27.30 34.70 14.46
N ASN I 166 28.17 33.94 15.14
CA ASN I 166 28.07 33.84 16.58
C ASN I 166 28.46 35.14 17.27
N SER I 167 29.42 35.88 16.71
CA SER I 167 29.82 37.16 17.27
C SER I 167 28.80 38.26 16.99
N ALA I 168 27.81 38.00 16.15
CA ALA I 168 26.77 39.00 15.87
C ALA I 168 25.91 39.28 17.10
N ALA I 169 25.97 38.41 18.11
CA ALA I 169 25.23 38.67 19.34
C ALA I 169 25.98 39.63 20.24
N ALA I 170 27.28 39.81 19.98
CA ALA I 170 28.09 40.69 20.82
C ALA I 170 27.89 42.17 20.47
N VAL I 171 27.36 42.47 19.27
CA VAL I 171 27.18 43.86 18.87
C VAL I 171 26.22 44.57 19.83
N SER I 172 25.20 43.86 20.30
CA SER I 172 24.30 44.44 21.30
C SER I 172 25.01 44.64 22.62
N MET I 173 25.92 43.72 22.98
CA MET I 173 26.72 43.90 24.18
C MET I 173 27.78 44.98 24.01
N LEU I 174 28.31 45.14 22.79
CA LEU I 174 29.29 46.19 22.55
C LEU I 174 28.69 47.58 22.77
N LYS I 175 27.45 47.79 22.32
CA LYS I 175 26.78 49.07 22.52
C LYS I 175 26.13 49.18 23.90
N GLN I 176 25.94 48.06 24.61
CA GLN I 176 25.42 48.14 25.96
C GLN I 176 26.49 48.55 26.95
N ASP I 177 27.71 48.03 26.78
CA ASP I 177 28.86 48.42 27.58
C ASP I 177 29.64 49.56 26.96
N TYR I 178 29.12 50.15 25.88
CA TYR I 178 29.87 51.14 25.12
C TYR I 178 30.21 52.36 25.96
N LYS I 179 31.49 52.74 25.92
CA LYS I 179 31.96 53.98 26.52
C LYS I 179 33.20 54.42 25.74
N GLU I 180 33.72 55.59 26.07
CA GLU I 180 34.98 56.05 25.49
C GLU I 180 35.85 56.64 26.58
N GLY I 181 36.94 55.96 26.91
CA GLY I 181 38.04 56.54 27.66
C GLY I 181 37.85 57.36 28.93
N GLU I 182 37.21 56.89 30.01
CA GLU I 182 36.64 55.56 30.25
C GLU I 182 37.56 54.36 29.99
N MET I 183 37.18 53.53 29.02
CA MET I 183 37.59 52.13 28.99
C MET I 183 39.10 51.97 29.05
N THR I 184 39.54 51.24 30.07
CA THR I 184 40.91 50.75 30.21
C THR I 184 41.10 49.47 29.42
N LEU I 185 42.36 49.17 29.08
CA LEU I 185 42.68 47.87 28.51
C LEU I 185 42.15 46.72 29.37
N LYS I 186 42.20 46.88 30.70
CA LYS I 186 41.63 45.86 31.58
C LYS I 186 40.11 45.78 31.43
N SER I 187 39.45 46.94 31.28
CA SER I 187 38.00 46.93 31.07
C SER I 187 37.65 46.28 29.75
N ALA I 188 38.47 46.46 28.72
CA ALA I 188 38.24 45.79 27.44
C ALA I 188 38.54 44.30 27.53
N LEU I 189 39.43 43.90 28.45
CA LEU I 189 39.65 42.47 28.68
C LEU I 189 38.40 41.81 29.24
N ALA I 190 37.79 42.42 30.26
CA ALA I 190 36.54 41.89 30.80
C ALA I 190 35.38 42.10 29.83
N LEU I 191 35.47 43.12 28.98
CA LEU I 191 34.43 43.32 27.97
C LEU I 191 34.43 42.20 26.95
N ALA I 192 35.60 41.91 26.37
CA ALA I 192 35.70 40.82 25.40
C ALA I 192 35.52 39.46 26.04
N ILE I 193 35.84 39.31 27.33
CA ILE I 193 35.62 38.04 28.01
C ILE I 193 34.13 37.77 28.15
N LYS I 194 33.35 38.80 28.51
CA LYS I 194 31.91 38.64 28.57
C LYS I 194 31.31 38.52 27.17
N VAL I 195 32.01 39.01 26.15
CA VAL I 195 31.57 38.80 24.77
C VAL I 195 31.62 37.33 24.43
N LEU I 196 32.75 36.67 24.71
CA LEU I 196 32.84 35.23 24.50
C LEU I 196 31.91 34.46 25.41
N ASN I 197 31.70 34.94 26.64
CA ASN I 197 30.82 34.25 27.56
C ASN I 197 29.38 34.24 27.06
N LYS I 198 28.97 35.32 26.38
CA LYS I 198 27.63 35.37 25.81
C LYS I 198 27.55 34.63 24.49
N THR I 199 28.58 34.75 23.65
CA THR I 199 28.55 34.18 22.30
C THR I 199 29.01 32.72 22.28
N MET I 200 30.26 32.47 22.63
CA MET I 200 30.81 31.13 22.56
C MET I 200 30.02 30.18 23.46
N ASP I 201 29.66 29.02 22.91
CA ASP I 201 28.87 28.03 23.63
C ASP I 201 29.71 27.10 24.50
N VAL I 202 31.02 27.30 24.54
CA VAL I 202 31.88 26.45 25.36
C VAL I 202 31.53 26.63 26.82
N SER I 203 31.28 25.52 27.51
CA SER I 203 30.93 25.57 28.92
C SER I 203 32.11 26.09 29.74
N LYS I 204 31.82 27.01 30.66
CA LYS I 204 32.77 27.66 31.55
C LYS I 204 33.72 28.60 30.82
N LEU I 205 33.64 28.68 29.49
CA LEU I 205 34.53 29.52 28.68
C LEU I 205 36.00 29.15 28.90
N SER I 206 36.34 27.97 28.37
CA SER I 206 37.71 27.46 28.48
C SER I 206 38.68 28.44 27.84
N ALA I 207 39.78 28.70 28.54
CA ALA I 207 40.74 29.70 28.09
C ALA I 207 41.62 29.18 26.94
N GLU I 208 41.91 27.89 26.92
CA GLU I 208 42.82 27.33 25.93
C GLU I 208 42.17 27.08 24.57
N LYS I 209 40.84 27.19 24.48
CA LYS I 209 40.13 26.97 23.22
C LYS I 209 39.90 28.26 22.44
N VAL I 210 40.33 29.41 22.96
CA VAL I 210 40.15 30.69 22.30
C VAL I 210 41.46 31.46 22.34
N GLU I 211 41.72 32.24 21.29
CA GLU I 211 42.97 32.97 21.15
C GLU I 211 42.78 34.41 21.61
N ILE I 212 43.79 34.92 22.32
CA ILE I 212 43.78 36.29 22.85
C ILE I 212 45.14 36.92 22.57
N ALA I 213 45.13 38.16 22.10
CA ALA I 213 46.36 38.90 21.86
C ALA I 213 46.14 40.36 22.23
N THR I 214 47.24 41.06 22.50
CA THR I 214 47.18 42.46 22.91
C THR I 214 48.19 43.28 22.11
N LEU I 215 48.19 44.59 22.35
CA LEU I 215 49.13 45.50 21.74
C LEU I 215 49.33 46.69 22.67
N THR I 216 50.54 47.24 22.66
CA THR I 216 50.86 48.40 23.47
C THR I 216 51.68 49.38 22.64
N ARG I 217 51.63 50.65 23.04
CA ARG I 217 52.40 51.72 22.41
C ARG I 217 53.52 52.13 23.37
N GLU I 218 54.76 51.83 22.99
CA GLU I 218 55.93 52.17 23.79
C GLU I 218 56.95 52.87 22.90
N ASN I 219 57.73 53.76 23.51
CA ASN I 219 58.71 54.54 22.77
C ASN I 219 60.12 53.96 22.94
N GLY I 220 60.71 53.51 21.83
CA GLY I 220 60.04 53.48 20.55
C GLY I 220 59.59 52.09 20.17
N LYS I 221 59.46 51.23 21.19
CA LYS I 221 59.14 49.82 21.00
C LYS I 221 57.83 49.62 20.25
N THR I 222 56.71 49.98 20.87
CA THR I 222 55.37 49.70 20.34
C THR I 222 55.23 48.20 20.05
N VAL I 223 55.25 47.43 21.13
CA VAL I 223 55.33 45.98 21.05
C VAL I 223 53.96 45.40 20.76
N ILE I 224 53.91 44.44 19.84
CA ILE I 224 52.73 43.60 19.65
C ILE I 224 52.96 42.37 20.51
N ARG I 225 52.17 42.23 21.57
CA ARG I 225 52.48 41.29 22.64
C ARG I 225 51.64 40.02 22.51
N VAL I 226 52.32 38.89 22.33
CA VAL I 226 51.70 37.58 22.46
C VAL I 226 51.81 37.16 23.91
N LEU I 227 50.69 36.74 24.49
CA LEU I 227 50.61 36.53 25.93
C LEU I 227 50.61 35.05 26.28
N LYS I 228 51.21 34.74 27.43
CA LYS I 228 51.16 33.40 27.97
C LYS I 228 49.74 33.06 28.43
N GLN I 229 49.47 31.76 28.54
CA GLN I 229 48.14 31.32 28.96
C GLN I 229 47.89 31.53 30.45
N LYS I 230 48.92 31.90 31.20
CA LYS I 230 48.77 32.05 32.65
C LYS I 230 47.86 33.23 32.98
N GLU I 231 48.09 34.37 32.34
CA GLU I 231 47.29 35.55 32.64
C GLU I 231 45.88 35.47 32.06
N VAL I 232 45.68 34.69 31.00
CA VAL I 232 44.34 34.54 30.44
C VAL I 232 43.50 33.61 31.31
N GLU I 233 44.10 32.53 31.82
CA GLU I 233 43.43 31.67 32.78
C GLU I 233 42.87 32.49 33.94
N GLN I 234 43.76 33.16 34.69
CA GLN I 234 43.32 33.99 35.80
C GLN I 234 42.44 35.15 35.36
N LEU I 235 42.53 35.58 34.10
CA LEU I 235 41.67 36.67 33.63
C LEU I 235 40.22 36.21 33.53
N ILE I 236 39.98 35.12 32.79
CA ILE I 236 38.61 34.63 32.63
C ILE I 236 38.07 34.07 33.94
N LYS I 237 38.94 33.49 34.76
CA LYS I 237 38.49 33.04 36.09
C LYS I 237 38.12 34.23 36.95
N LYS I 238 38.94 35.28 36.96
CA LYS I 238 38.59 36.51 37.66
C LYS I 238 37.41 37.22 37.00
N HIS I 239 37.17 36.97 35.71
CA HIS I 239 36.06 37.60 35.02
C HIS I 239 34.73 37.01 35.48
N GLU I 240 34.53 35.71 35.22
CA GLU I 240 33.33 35.04 35.71
C GLU I 240 33.21 35.11 37.23
N GLU I 241 34.31 35.31 37.94
CA GLU I 241 34.22 35.58 39.37
C GLU I 241 33.61 36.96 39.63
N GLU I 242 34.01 37.96 38.84
CA GLU I 242 33.36 39.26 38.93
C GLU I 242 31.91 39.17 38.48
N GLU I 243 31.59 38.27 37.55
CA GLU I 243 30.20 38.03 37.19
C GLU I 243 29.44 37.38 38.34
N ALA I 244 30.12 36.54 39.13
CA ALA I 244 29.49 36.00 40.33
C ALA I 244 29.17 37.09 41.34
N LYS I 245 29.90 38.20 41.28
CA LYS I 245 29.56 39.38 42.06
C LYS I 245 28.59 40.31 41.33
N ALA I 246 28.35 40.08 40.04
CA ALA I 246 27.40 40.86 39.27
C ALA I 246 25.99 40.28 39.30
N GLU I 247 25.82 39.07 39.83
CA GLU I 247 24.51 38.46 39.99
C GLU I 247 23.88 38.77 41.34
N ARG I 248 24.53 39.61 42.15
CA ARG I 248 24.02 39.96 43.48
C ARG I 248 22.78 40.83 43.42
N GLU I 249 22.36 41.29 42.24
CA GLU I 249 21.18 42.13 42.13
C GLU I 249 19.91 41.43 42.58
N LYS I 250 19.93 40.10 42.67
CA LYS I 250 18.76 39.34 43.13
C LYS I 250 18.63 39.42 44.64
N SER J 1 45.24 35.66 -21.84
CA SER J 1 44.61 36.12 -20.61
C SER J 1 43.36 35.32 -20.30
N TYR J 2 42.22 36.00 -20.20
CA TYR J 2 40.94 35.38 -19.91
C TYR J 2 39.94 35.78 -20.98
N ASP J 3 39.47 34.80 -21.75
CA ASP J 3 38.55 35.04 -22.85
C ASP J 3 37.16 34.54 -22.47
N ARG J 4 36.16 35.40 -22.63
CA ARG J 4 34.76 35.11 -22.34
C ARG J 4 33.95 36.34 -22.72
N ALA J 5 32.64 36.14 -22.89
CA ALA J 5 31.73 37.21 -23.28
C ALA J 5 31.08 37.79 -22.02
N ILE J 6 31.39 39.06 -21.74
CA ILE J 6 30.78 39.77 -20.62
C ILE J 6 29.27 39.78 -20.80
N THR J 7 28.80 40.48 -21.84
CA THR J 7 27.38 40.53 -22.15
C THR J 7 27.21 40.63 -23.66
N VAL J 8 26.12 40.05 -24.15
CA VAL J 8 25.85 40.00 -25.58
C VAL J 8 24.62 40.85 -25.88
N PHE J 9 24.53 41.32 -27.12
CA PHE J 9 23.43 42.20 -27.53
C PHE J 9 22.19 41.37 -27.80
N SER J 10 21.12 41.64 -27.05
CA SER J 10 19.78 41.10 -27.13
C SER J 10 18.90 41.99 -28.01
N PRO J 11 17.99 41.39 -28.79
CA PRO J 11 17.10 42.18 -29.64
C PRO J 11 16.24 43.19 -28.89
N ASP J 12 16.12 43.07 -27.56
CA ASP J 12 15.32 44.03 -26.80
C ASP J 12 15.89 45.45 -26.86
N GLY J 13 17.11 45.63 -27.38
CA GLY J 13 17.69 46.93 -27.60
C GLY J 13 18.83 47.28 -26.67
N HIS J 14 19.04 46.52 -25.60
CA HIS J 14 20.12 46.79 -24.66
C HIS J 14 20.72 45.46 -24.21
N LEU J 15 21.88 45.56 -23.55
CA LEU J 15 22.50 44.37 -22.98
C LEU J 15 21.71 43.91 -21.75
N PHE J 16 22.21 42.85 -21.11
CA PHE J 16 21.53 42.31 -19.95
C PHE J 16 22.19 42.75 -18.65
N GLN J 17 23.36 42.17 -18.34
CA GLN J 17 24.00 42.41 -17.05
C GLN J 17 24.57 43.81 -16.89
N VAL J 18 24.54 44.64 -17.93
CA VAL J 18 25.00 46.02 -17.84
C VAL J 18 23.83 46.91 -17.47
N GLU J 19 22.81 46.98 -18.34
CA GLU J 19 21.65 47.81 -18.06
C GLU J 19 20.89 47.33 -16.83
N TYR J 20 20.97 46.04 -16.52
CA TYR J 20 20.38 45.55 -15.28
C TYR J 20 21.27 45.81 -14.08
N ALA J 21 22.56 46.06 -14.29
CA ALA J 21 23.43 46.51 -13.22
C ALA J 21 23.13 47.93 -12.78
N GLN J 22 22.28 48.65 -13.53
CA GLN J 22 21.79 49.94 -13.07
C GLN J 22 20.98 49.80 -11.79
N GLU J 23 20.44 48.60 -11.54
CA GLU J 23 19.74 48.35 -10.28
C GLU J 23 20.70 48.38 -9.10
N ALA J 24 21.96 48.02 -9.31
CA ALA J 24 22.96 48.18 -8.25
C ALA J 24 23.12 49.63 -7.85
N VAL J 25 22.95 50.55 -8.80
CA VAL J 25 22.92 51.97 -8.47
C VAL J 25 21.55 52.35 -7.92
N LYS J 26 20.48 51.71 -8.43
CA LYS J 26 19.14 52.05 -7.98
C LYS J 26 18.90 51.61 -6.54
N LYS J 27 19.54 50.52 -6.11
CA LYS J 27 19.40 50.04 -4.73
C LYS J 27 20.34 50.75 -3.76
N GLY J 28 21.17 51.66 -4.23
CA GLY J 28 22.09 52.38 -3.37
C GLY J 28 21.41 53.44 -2.53
N SER J 29 22.22 54.11 -1.72
CA SER J 29 21.72 55.18 -0.87
C SER J 29 21.35 56.40 -1.68
N THR J 30 20.51 57.25 -1.10
CA THR J 30 20.06 58.46 -1.77
C THR J 30 21.18 59.50 -1.80
N ALA J 31 21.43 60.06 -2.98
CA ALA J 31 22.44 61.10 -3.16
C ALA J 31 21.90 62.15 -4.13
N VAL J 32 22.11 63.42 -3.78
CA VAL J 32 21.63 64.55 -4.58
C VAL J 32 22.71 65.61 -4.62
N GLY J 33 22.44 66.70 -5.33
CA GLY J 33 23.34 67.82 -5.41
C GLY J 33 22.69 68.99 -6.10
N VAL J 34 23.19 70.18 -5.79
CA VAL J 34 22.69 71.42 -6.38
C VAL J 34 23.87 72.31 -6.72
N ARG J 35 23.98 72.71 -7.98
CA ARG J 35 24.96 73.71 -8.37
C ARG J 35 24.43 75.11 -8.06
N GLY J 36 25.37 76.05 -7.91
CA GLY J 36 25.00 77.43 -7.65
C GLY J 36 26.08 78.37 -8.12
N ARG J 37 25.66 79.61 -8.38
CA ARG J 37 26.61 80.64 -8.81
C ARG J 37 27.51 81.10 -7.67
N ASP J 38 27.04 80.99 -6.42
CA ASP J 38 27.84 81.38 -5.26
C ASP J 38 28.48 80.16 -4.60
N ILE J 39 27.67 79.25 -4.07
CA ILE J 39 28.15 78.05 -3.39
C ILE J 39 27.47 76.84 -3.99
N VAL J 40 28.24 75.77 -4.20
CA VAL J 40 27.72 74.49 -4.67
C VAL J 40 27.59 73.56 -3.48
N VAL J 41 26.52 72.75 -3.48
CA VAL J 41 26.20 71.88 -2.35
C VAL J 41 25.79 70.51 -2.88
N LEU J 42 25.75 69.54 -1.97
CA LEU J 42 25.34 68.18 -2.28
C LEU J 42 24.81 67.55 -0.99
N GLY J 43 24.57 66.25 -1.03
CA GLY J 43 24.09 65.55 0.15
C GLY J 43 24.05 64.06 -0.08
N VAL J 44 24.07 63.32 1.04
CA VAL J 44 23.96 61.87 1.02
C VAL J 44 23.35 61.43 2.35
N GLU J 45 22.68 60.28 2.33
CA GLU J 45 22.00 59.76 3.51
C GLU J 45 22.22 58.26 3.56
N LYS J 46 21.56 57.61 4.51
CA LYS J 46 21.65 56.16 4.71
C LYS J 46 23.10 55.73 4.96
N LYS J 47 23.74 56.41 5.91
CA LYS J 47 25.13 56.08 6.24
C LYS J 47 25.23 54.71 6.91
N SER J 48 24.19 54.29 7.62
CA SER J 48 24.14 52.98 8.29
C SER J 48 25.31 52.82 9.26
N VAL J 49 25.74 53.92 9.87
CA VAL J 49 26.86 53.86 10.81
C VAL J 49 26.38 53.29 12.15
N ALA J 50 27.33 52.73 12.89
CA ALA J 50 27.02 52.21 14.22
C ALA J 50 26.92 53.31 15.27
N LYS J 51 27.41 54.51 14.96
CA LYS J 51 27.33 55.69 15.82
C LYS J 51 28.19 55.56 17.07
N LEU J 52 28.67 54.35 17.37
CA LEU J 52 29.59 54.13 18.47
C LEU J 52 31.05 54.18 18.05
N GLN J 53 31.33 54.24 16.75
CA GLN J 53 32.70 54.18 16.26
C GLN J 53 32.98 55.34 15.30
N ASP J 54 34.15 55.34 14.67
CA ASP J 54 34.57 56.44 13.80
C ASP J 54 34.16 56.13 12.37
N GLU J 55 33.20 56.89 11.84
CA GLU J 55 32.70 56.73 10.49
C GLU J 55 33.34 57.69 9.49
N ARG J 56 34.33 58.49 9.92
CA ARG J 56 34.86 59.55 9.06
C ARG J 56 35.46 59.00 7.77
N THR J 57 35.94 57.76 7.78
CA THR J 57 36.65 57.19 6.64
C THR J 57 35.72 56.57 5.61
N VAL J 58 34.42 56.50 5.87
CA VAL J 58 33.47 55.93 4.92
C VAL J 58 32.89 57.04 4.06
N ARG J 59 33.42 58.25 4.22
CA ARG J 59 32.89 59.43 3.55
C ARG J 59 32.71 59.19 2.06
N LYS J 60 31.55 59.58 1.54
CA LYS J 60 31.16 59.30 0.16
C LYS J 60 31.57 60.40 -0.82
N ILE J 61 32.27 61.43 -0.35
CA ILE J 61 32.70 62.52 -1.21
C ILE J 61 34.18 62.76 -0.98
N CYS J 62 34.98 62.60 -2.03
CA CYS J 62 36.40 62.89 -2.02
C CYS J 62 36.69 64.06 -2.97
N ALA J 63 37.96 64.45 -3.03
CA ALA J 63 38.36 65.57 -3.86
C ALA J 63 39.64 65.21 -4.60
N LEU J 64 39.58 65.21 -5.94
CA LEU J 64 40.80 65.13 -6.74
C LEU J 64 41.62 66.40 -6.58
N ASP J 65 40.98 67.56 -6.78
CA ASP J 65 41.54 68.86 -6.47
C ASP J 65 40.58 69.56 -5.52
N ASP J 66 41.07 70.63 -4.88
CA ASP J 66 40.23 71.38 -3.96
C ASP J 66 38.98 71.92 -4.64
N ASN J 67 39.06 72.19 -5.95
CA ASN J 67 37.92 72.68 -6.72
C ASN J 67 37.07 71.55 -7.30
N VAL J 68 37.53 70.31 -7.24
CA VAL J 68 36.82 69.17 -7.82
C VAL J 68 36.26 68.32 -6.69
N CYS J 69 34.96 68.04 -6.75
CA CYS J 69 34.29 67.21 -5.76
C CYS J 69 33.67 66.01 -6.46
N MET J 70 33.85 64.83 -5.86
CA MET J 70 33.37 63.57 -6.43
C MET J 70 32.17 63.08 -5.62
N ALA J 71 31.03 62.95 -6.27
CA ALA J 71 29.81 62.41 -5.67
C ALA J 71 29.39 61.19 -6.46
N PHE J 72 29.28 60.04 -5.79
CA PHE J 72 28.98 58.78 -6.44
C PHE J 72 27.88 58.06 -5.69
N ALA J 73 27.35 57.01 -6.34
CA ALA J 73 26.40 56.11 -5.73
C ALA J 73 26.81 54.68 -6.06
N GLY J 74 26.26 53.73 -5.31
CA GLY J 74 26.58 52.33 -5.51
C GLY J 74 27.62 51.82 -4.53
N LEU J 75 28.17 50.66 -4.87
CA LEU J 75 29.13 50.00 -4.00
C LEU J 75 30.44 50.78 -3.94
N THR J 76 31.20 50.53 -2.87
CA THR J 76 32.39 51.33 -2.58
C THR J 76 33.60 50.93 -3.41
N ALA J 77 33.75 49.65 -3.73
CA ALA J 77 34.97 49.18 -4.39
C ALA J 77 35.16 49.86 -5.75
N ASP J 78 34.16 49.76 -6.62
CA ASP J 78 34.26 50.41 -7.92
C ASP J 78 34.34 51.93 -7.78
N ALA J 79 33.80 52.48 -6.69
CA ALA J 79 33.95 53.90 -6.43
C ALA J 79 35.39 54.27 -6.13
N ARG J 80 36.06 53.46 -5.31
CA ARG J 80 37.47 53.71 -5.01
C ARG J 80 38.35 53.59 -6.25
N ILE J 81 38.00 52.67 -7.16
CA ILE J 81 38.73 52.57 -8.42
C ILE J 81 38.48 53.81 -9.27
N VAL J 82 37.24 54.31 -9.27
CA VAL J 82 36.95 55.57 -9.97
C VAL J 82 37.74 56.71 -9.32
N ILE J 83 37.90 56.66 -8.00
CA ILE J 83 38.71 57.67 -7.31
C ILE J 83 40.15 57.63 -7.81
N ASN J 84 40.80 56.47 -7.67
CA ASN J 84 42.21 56.37 -8.01
C ASN J 84 42.46 56.54 -9.51
N ARG J 85 41.53 56.07 -10.34
CA ARG J 85 41.69 56.26 -11.78
C ARG J 85 41.58 57.74 -12.15
N ALA J 86 40.59 58.43 -11.58
CA ALA J 86 40.48 59.88 -11.80
C ALA J 86 41.62 60.63 -11.13
N ARG J 87 42.23 60.06 -10.09
CA ARG J 87 43.42 60.68 -9.51
C ARG J 87 44.59 60.60 -10.47
N VAL J 88 44.72 59.47 -11.18
CA VAL J 88 45.74 59.38 -12.22
C VAL J 88 45.44 60.36 -13.34
N GLU J 89 44.17 60.59 -13.64
CA GLU J 89 43.80 61.53 -14.71
C GLU J 89 44.00 62.97 -14.26
N CYS J 90 43.54 63.31 -13.05
CA CYS J 90 43.72 64.68 -12.57
C CYS J 90 45.18 65.00 -12.33
N GLN J 91 45.99 64.01 -11.97
CA GLN J 91 47.42 64.24 -11.79
C GLN J 91 48.15 64.31 -13.12
N SER J 92 47.73 63.49 -14.10
CA SER J 92 48.28 63.61 -15.45
C SER J 92 47.91 64.95 -16.07
N HIS J 93 46.68 65.40 -15.85
CA HIS J 93 46.29 66.74 -16.26
C HIS J 93 46.83 67.82 -15.32
N ARG J 94 47.42 67.43 -14.19
CA ARG J 94 48.20 68.37 -13.41
C ARG J 94 49.59 68.52 -13.98
N LEU J 95 50.22 67.41 -14.39
CA LEU J 95 51.53 67.48 -15.03
C LEU J 95 51.44 68.15 -16.40
N THR J 96 50.57 67.65 -17.26
CA THR J 96 50.35 68.24 -18.57
C THR J 96 49.20 69.23 -18.47
N VAL J 97 49.37 70.41 -19.08
CA VAL J 97 48.38 71.48 -19.00
C VAL J 97 48.14 71.82 -17.54
N GLU J 98 49.13 72.50 -16.92
CA GLU J 98 49.22 72.62 -15.46
C GLU J 98 47.93 73.09 -14.80
N ASP J 99 47.14 73.92 -15.48
CA ASP J 99 45.91 74.42 -14.89
C ASP J 99 44.98 73.26 -14.51
N PRO J 100 44.06 73.46 -13.57
CA PRO J 100 43.25 72.34 -13.06
C PRO J 100 42.37 71.71 -14.13
N VAL J 101 41.66 70.65 -13.74
CA VAL J 101 40.94 69.80 -14.69
C VAL J 101 39.56 70.39 -14.96
N THR J 102 39.23 70.55 -16.23
CA THR J 102 37.89 70.95 -16.61
C THR J 102 36.92 69.78 -16.45
N VAL J 103 35.64 70.11 -16.30
CA VAL J 103 34.65 69.06 -16.04
C VAL J 103 34.43 68.20 -17.27
N GLU J 104 34.49 68.79 -18.47
CA GLU J 104 34.32 68.00 -19.69
C GLU J 104 35.47 67.04 -19.89
N TYR J 105 36.67 67.40 -19.43
CA TYR J 105 37.83 66.54 -19.61
C TYR J 105 37.80 65.36 -18.64
N ILE J 106 37.35 65.59 -17.40
CA ILE J 106 37.29 64.51 -16.43
C ILE J 106 36.08 63.62 -16.66
N THR J 107 34.96 64.21 -17.11
CA THR J 107 33.79 63.39 -17.42
C THR J 107 34.03 62.53 -18.65
N ARG J 108 34.73 63.07 -19.65
CA ARG J 108 35.09 62.25 -20.81
C ARG J 108 35.97 61.08 -20.40
N TYR J 109 36.91 61.31 -19.48
CA TYR J 109 37.77 60.22 -19.04
C TYR J 109 36.98 59.18 -18.25
N ILE J 110 36.27 59.62 -17.21
CA ILE J 110 35.56 58.68 -16.33
C ILE J 110 34.52 57.89 -17.12
N ALA J 111 33.76 58.58 -17.97
CA ALA J 111 32.67 57.91 -18.70
C ALA J 111 33.23 57.00 -19.79
N SER J 112 34.13 57.50 -20.63
CA SER J 112 34.63 56.71 -21.74
C SER J 112 35.56 55.59 -21.28
N LEU J 113 36.29 55.79 -20.18
CA LEU J 113 37.08 54.69 -19.63
C LEU J 113 36.17 53.56 -19.18
N LYS J 114 35.08 53.89 -18.48
CA LYS J 114 34.11 52.87 -18.10
C LYS J 114 33.50 52.21 -19.33
N GLN J 115 33.28 52.99 -20.40
CA GLN J 115 32.75 52.42 -21.64
C GLN J 115 33.73 51.42 -22.24
N ARG J 116 34.98 51.86 -22.46
CA ARG J 116 36.00 50.94 -22.94
C ARG J 116 36.34 49.87 -21.90
N TYR J 117 35.98 50.10 -20.64
CA TYR J 117 36.06 49.05 -19.62
C TYR J 117 34.94 48.04 -19.77
N THR J 118 33.81 48.43 -20.38
CA THR J 118 32.76 47.49 -20.74
C THR J 118 32.98 46.83 -22.09
N GLN J 119 33.94 47.33 -22.88
CA GLN J 119 34.13 46.84 -24.24
C GLN J 119 34.98 45.58 -24.26
N SER J 120 36.24 45.68 -23.84
CA SER J 120 37.14 44.55 -23.91
C SER J 120 36.66 43.39 -23.04
N ASN J 121 36.87 42.18 -23.52
CA ASN J 121 36.45 41.00 -22.79
C ASN J 121 37.28 40.83 -21.51
N GLY J 122 36.71 40.08 -20.56
CA GLY J 122 37.37 39.89 -19.30
C GLY J 122 37.38 41.10 -18.40
N ARG J 123 36.46 42.04 -18.61
CA ARG J 123 36.34 43.23 -17.77
C ARG J 123 34.87 43.42 -17.42
N ARG J 124 34.54 43.33 -16.13
CA ARG J 124 33.14 43.47 -15.75
C ARG J 124 32.81 44.93 -15.46
N PRO J 125 31.72 45.45 -16.00
CA PRO J 125 31.38 46.86 -15.78
C PRO J 125 31.24 47.20 -14.30
N PHE J 126 31.51 48.46 -13.97
CA PHE J 126 31.29 48.92 -12.61
C PHE J 126 29.80 48.90 -12.28
N GLY J 127 29.49 48.52 -11.05
CA GLY J 127 28.11 48.50 -10.59
C GLY J 127 27.70 49.80 -9.97
N ILE J 128 28.41 50.88 -10.31
CA ILE J 128 28.24 52.18 -9.67
C ILE J 128 27.99 53.24 -10.74
N SER J 129 27.53 54.40 -10.27
CA SER J 129 27.46 55.61 -11.08
C SER J 129 28.00 56.77 -10.25
N ALA J 130 28.08 57.94 -10.86
CA ALA J 130 28.58 59.12 -10.17
C ALA J 130 28.07 60.36 -10.86
N LEU J 131 28.10 61.47 -10.13
CA LEU J 131 27.73 62.77 -10.67
C LEU J 131 28.66 63.82 -10.09
N ILE J 132 29.16 64.71 -10.96
CA ILE J 132 30.18 65.67 -10.60
C ILE J 132 29.51 66.95 -10.13
N VAL J 133 29.98 67.49 -9.00
CA VAL J 133 29.55 68.78 -8.47
C VAL J 133 30.78 69.60 -8.16
N GLY J 134 30.77 70.86 -8.57
CA GLY J 134 31.93 71.71 -8.34
C GLY J 134 31.76 73.05 -9.02
N PHE J 135 32.89 73.71 -9.28
CA PHE J 135 32.91 75.02 -9.93
C PHE J 135 33.93 75.01 -11.06
N ASP J 136 33.47 75.34 -12.26
CA ASP J 136 34.37 75.50 -13.40
C ASP J 136 35.25 76.73 -13.19
N PHE J 137 36.34 76.79 -13.96
CA PHE J 137 37.26 77.91 -13.86
C PHE J 137 36.57 79.21 -14.26
N ASP J 138 37.12 80.32 -13.76
CA ASP J 138 36.59 81.67 -14.00
C ASP J 138 35.19 81.84 -13.40
N GLY J 139 34.89 81.10 -12.34
CA GLY J 139 33.68 81.30 -11.56
C GLY J 139 32.46 80.54 -12.03
N THR J 140 32.52 79.86 -13.18
CA THR J 140 31.37 79.15 -13.68
C THR J 140 31.10 77.90 -12.84
N PRO J 141 29.82 77.49 -12.70
CA PRO J 141 29.53 76.25 -11.97
C PRO J 141 29.56 75.04 -12.87
N ARG J 142 29.37 73.85 -12.30
CA ARG J 142 29.35 72.62 -13.07
C ARG J 142 28.49 71.58 -12.37
N LEU J 143 27.75 70.80 -13.17
CA LEU J 143 27.27 69.50 -12.71
C LEU J 143 27.06 68.62 -13.93
N TYR J 144 27.30 67.32 -13.77
CA TYR J 144 27.13 66.36 -14.84
C TYR J 144 26.70 65.03 -14.23
N GLN J 145 26.60 64.01 -15.07
CA GLN J 145 26.20 62.67 -14.64
C GLN J 145 27.09 61.64 -15.32
N THR J 146 27.03 60.41 -14.80
CA THR J 146 27.71 59.27 -15.40
C THR J 146 26.75 58.11 -15.51
N ASP J 147 26.90 57.32 -16.57
CA ASP J 147 26.05 56.19 -16.86
C ASP J 147 26.88 54.91 -16.90
N PRO J 148 26.29 53.76 -16.57
CA PRO J 148 27.01 52.49 -16.77
C PRO J 148 27.52 52.29 -18.20
N SER J 149 26.88 52.92 -19.18
CA SER J 149 27.38 52.94 -20.54
C SER J 149 28.34 54.09 -20.80
N GLY J 150 28.58 54.94 -19.80
CA GLY J 150 29.54 56.02 -19.92
C GLY J 150 29.07 57.22 -20.71
N THR J 151 27.84 57.68 -20.45
CA THR J 151 27.30 58.88 -21.08
C THR J 151 27.14 59.97 -20.03
N TYR J 152 27.64 61.16 -20.33
CA TYR J 152 27.61 62.29 -19.41
C TYR J 152 26.65 63.36 -19.93
N HIS J 153 25.82 63.88 -19.02
CA HIS J 153 24.82 64.88 -19.35
C HIS J 153 24.69 65.84 -18.18
N ALA J 154 24.54 67.13 -18.48
CA ALA J 154 24.45 68.17 -17.47
C ALA J 154 23.00 68.56 -17.25
N TRP J 155 22.57 68.52 -15.98
CA TRP J 155 21.25 68.95 -15.58
C TRP J 155 21.31 70.36 -14.98
N LYS J 156 20.15 70.89 -14.62
CA LYS J 156 20.11 72.10 -13.80
C LYS J 156 20.34 71.76 -12.33
N ALA J 157 19.81 70.64 -11.87
CA ALA J 157 20.00 70.17 -10.51
C ALA J 157 20.18 68.65 -10.53
N ASN J 158 20.81 68.13 -9.48
CA ASN J 158 21.15 66.72 -9.40
C ASN J 158 20.21 66.02 -8.43
N ALA J 159 19.41 65.09 -8.96
CA ALA J 159 18.60 64.19 -8.14
C ALA J 159 18.76 62.78 -8.70
N ILE J 160 19.37 61.89 -7.93
CA ILE J 160 19.61 60.52 -8.35
C ILE J 160 19.48 59.59 -7.15
N GLY J 161 19.87 58.33 -7.34
CA GLY J 161 19.83 57.36 -6.25
C GLY J 161 18.44 56.81 -6.00
N ARG J 162 18.24 56.30 -4.79
CA ARG J 162 16.95 55.76 -4.41
C ARG J 162 15.90 56.87 -4.36
N GLY J 163 14.78 56.65 -5.04
CA GLY J 163 13.75 57.66 -5.11
C GLY J 163 14.12 58.85 -5.97
N ALA J 164 14.70 58.60 -7.15
CA ALA J 164 15.12 59.69 -8.02
C ALA J 164 13.91 60.49 -8.51
N LYS J 165 12.79 59.81 -8.76
CA LYS J 165 11.59 60.51 -9.19
C LYS J 165 10.90 61.20 -8.03
N SER J 166 11.10 60.71 -6.80
CA SER J 166 10.48 61.34 -5.63
C SER J 166 11.15 62.66 -5.31
N VAL J 167 12.48 62.70 -5.33
CA VAL J 167 13.19 63.94 -5.05
C VAL J 167 13.05 64.91 -6.20
N ARG J 168 13.04 64.41 -7.44
CA ARG J 168 12.85 65.28 -8.60
C ARG J 168 11.47 65.92 -8.58
N GLU J 169 10.46 65.20 -8.08
CA GLU J 169 9.15 65.81 -7.89
C GLU J 169 9.17 66.84 -6.77
N PHE J 170 10.04 66.64 -5.77
CA PHE J 170 10.24 67.62 -4.72
C PHE J 170 11.01 68.84 -5.19
N LEU J 171 11.70 68.75 -6.33
CA LEU J 171 12.43 69.88 -6.89
C LEU J 171 11.53 70.96 -7.44
N GLU J 172 10.20 70.75 -7.43
CA GLU J 172 9.27 71.78 -7.89
C GLU J 172 9.53 73.12 -7.21
N LYS J 173 9.92 73.09 -5.94
CA LYS J 173 10.35 74.32 -5.27
C LYS J 173 11.75 74.74 -5.66
N ASN J 174 12.58 73.81 -6.13
CA ASN J 174 13.94 74.14 -6.56
C ASN J 174 13.97 74.75 -7.96
N TYR J 175 12.91 74.57 -8.75
CA TYR J 175 12.86 75.16 -10.08
C TYR J 175 12.86 76.68 -10.04
N THR J 176 12.62 77.27 -8.87
CA THR J 176 12.63 78.72 -8.75
C THR J 176 14.02 79.28 -9.03
N ASP J 177 14.09 80.28 -9.91
CA ASP J 177 15.37 80.87 -10.26
C ASP J 177 15.98 81.66 -9.11
N GLU J 178 15.17 82.07 -8.13
CA GLU J 178 15.70 82.79 -6.98
C GLU J 178 16.61 81.92 -6.12
N ALA J 179 16.48 80.59 -6.20
CA ALA J 179 17.34 79.69 -5.45
C ALA J 179 18.62 79.39 -6.24
N ILE J 180 19.76 79.72 -5.66
CA ILE J 180 19.81 80.32 -4.33
C ILE J 180 20.45 81.71 -4.39
N GLU J 181 19.77 82.70 -3.82
CA GLU J 181 20.31 84.05 -3.79
C GLU J 181 21.42 84.20 -2.77
N THR J 182 21.47 83.34 -1.76
CA THR J 182 22.51 83.38 -0.74
C THR J 182 22.88 81.97 -0.34
N ASP J 183 24.02 81.84 0.34
CA ASP J 183 24.47 80.53 0.80
C ASP J 183 23.53 79.96 1.86
N ASP J 184 22.95 80.82 2.70
CA ASP J 184 21.99 80.36 3.69
C ASP J 184 20.74 79.81 3.03
N LEU J 185 20.33 80.37 1.89
CA LEU J 185 19.21 79.83 1.15
C LEU J 185 19.57 78.53 0.44
N THR J 186 20.83 78.38 0.05
CA THR J 186 21.28 77.13 -0.57
C THR J 186 21.28 75.99 0.44
N ILE J 187 21.79 76.24 1.65
CA ILE J 187 21.77 75.21 2.69
C ILE J 187 20.34 74.95 3.15
N LYS J 188 19.50 75.99 3.16
CA LYS J 188 18.08 75.77 3.45
C LYS J 188 17.41 74.95 2.36
N LEU J 189 17.87 75.09 1.12
CA LEU J 189 17.37 74.25 0.03
C LEU J 189 17.79 72.79 0.23
N VAL J 190 19.05 72.57 0.61
CA VAL J 190 19.49 71.21 0.92
C VAL J 190 18.82 70.71 2.19
N ILE J 191 18.49 71.61 3.12
CA ILE J 191 17.79 71.21 4.34
C ILE J 191 16.41 70.66 4.00
N LYS J 192 15.67 71.37 3.14
CA LYS J 192 14.37 70.87 2.70
C LYS J 192 14.52 69.61 1.85
N ALA J 193 15.58 69.53 1.05
CA ALA J 193 15.81 68.34 0.24
C ALA J 193 16.18 67.14 1.10
N LEU J 194 17.13 67.33 2.03
CA LEU J 194 17.54 66.23 2.89
C LEU J 194 16.43 65.80 3.84
N LEU J 195 15.57 66.74 4.26
CA LEU J 195 14.42 66.36 5.08
C LEU J 195 13.44 65.51 4.29
N GLU J 196 13.23 65.85 3.01
CA GLU J 196 12.36 65.05 2.16
C GLU J 196 13.05 63.80 1.64
N VAL J 197 14.36 63.85 1.44
CA VAL J 197 15.09 62.72 0.87
C VAL J 197 16.07 62.11 1.87
N VAL J 198 15.78 60.90 2.34
CA VAL J 198 14.53 60.22 2.04
C VAL J 198 13.93 59.70 3.33
N GLN J 199 14.58 58.68 3.89
CA GLN J 199 14.20 58.14 5.19
C GLN J 199 14.74 59.01 6.32
N SER J 200 15.97 59.50 6.16
CA SER J 200 16.61 60.44 7.09
C SER J 200 16.61 59.86 8.54
N GLY J 201 16.58 60.66 9.63
CA GLY J 201 17.09 62.01 9.73
C GLY J 201 17.65 62.38 11.09
N GLY J 202 18.45 63.45 11.11
CA GLY J 202 19.11 63.90 12.31
C GLY J 202 20.46 63.28 12.57
N LYS J 203 20.75 62.12 11.97
CA LYS J 203 22.01 61.43 12.20
C LYS J 203 22.70 61.08 10.90
N ASN J 204 22.06 60.23 10.09
CA ASN J 204 22.65 59.73 8.85
C ASN J 204 22.86 60.82 7.81
N ILE J 205 22.35 62.02 8.02
CA ILE J 205 22.51 63.09 7.05
C ILE J 205 23.99 63.50 6.98
N GLU J 206 24.55 63.48 5.78
CA GLU J 206 25.94 63.86 5.56
C GLU J 206 26.03 64.68 4.28
N LEU J 207 26.67 65.84 4.36
CA LEU J 207 26.77 66.74 3.23
C LEU J 207 27.99 67.63 3.42
N ALA J 208 28.11 68.66 2.57
CA ALA J 208 29.20 69.62 2.58
C ALA J 208 28.91 70.67 1.52
N VAL J 209 29.60 71.81 1.62
CA VAL J 209 29.38 72.93 0.72
C VAL J 209 30.73 73.54 0.34
N MET J 210 30.76 74.14 -0.85
CA MET J 210 31.94 74.84 -1.33
C MET J 210 31.51 76.09 -2.07
N ARG J 211 32.13 77.23 -1.74
CA ARG J 211 31.79 78.52 -2.34
C ARG J 211 33.02 79.09 -3.03
N ARG J 212 32.96 79.18 -4.36
CA ARG J 212 33.98 79.85 -5.18
C ARG J 212 35.33 79.19 -4.92
N ASP J 213 36.40 79.97 -4.69
CA ASP J 213 37.73 79.39 -4.50
C ASP J 213 37.92 78.80 -3.10
N GLN J 214 37.04 79.12 -2.16
CA GLN J 214 37.15 78.58 -0.81
C GLN J 214 36.96 77.07 -0.83
N SER J 215 37.85 76.36 -0.15
CA SER J 215 37.81 74.90 -0.15
C SER J 215 36.55 74.41 0.56
N LEU J 216 36.15 73.18 0.23
CA LEU J 216 34.96 72.59 0.81
C LEU J 216 35.12 72.42 2.31
N LYS J 217 34.02 72.56 3.03
CA LYS J 217 34.00 72.45 4.49
C LYS J 217 32.86 71.53 4.92
N ILE J 218 33.14 70.67 5.89
CA ILE J 218 32.17 69.75 6.45
C ILE J 218 31.82 70.25 7.84
N LEU J 219 30.59 70.72 8.02
CA LEU J 219 30.17 71.26 9.30
C LEU J 219 29.94 70.15 10.32
N ASN J 220 30.24 70.46 11.57
CA ASN J 220 30.06 69.52 12.67
C ASN J 220 28.58 69.33 12.93
N PRO J 221 28.20 68.26 13.67
CA PRO J 221 26.79 68.10 14.04
C PRO J 221 26.33 69.16 15.04
N GLU J 222 26.48 70.43 14.68
CA GLU J 222 26.05 71.55 15.50
C GLU J 222 25.21 72.50 14.67
N GLU J 223 25.82 73.11 13.66
CA GLU J 223 25.07 73.95 12.73
C GLU J 223 24.04 73.14 11.95
N ILE J 224 24.29 71.84 11.76
CA ILE J 224 23.31 70.99 11.11
C ILE J 224 22.02 70.96 11.92
N GLU J 225 22.13 70.98 13.24
CA GLU J 225 20.94 71.11 14.08
C GLU J 225 20.32 72.49 13.96
N LYS J 226 21.13 73.51 13.66
CA LYS J 226 20.60 74.86 13.48
C LYS J 226 19.82 74.97 12.19
N TYR J 227 20.37 74.44 11.09
CA TYR J 227 19.62 74.42 9.83
C TYR J 227 18.39 73.54 9.94
N VAL J 228 18.45 72.46 10.74
CA VAL J 228 17.27 71.63 10.94
C VAL J 228 16.30 72.31 11.89
N ALA J 229 16.78 73.23 12.72
CA ALA J 229 15.88 73.94 13.63
C ALA J 229 15.04 74.95 12.87
N GLU J 230 15.67 75.78 12.02
CA GLU J 230 14.93 76.78 11.27
C GLU J 230 14.09 76.16 10.16
N ILE J 231 14.50 75.00 9.64
CA ILE J 231 13.70 74.33 8.63
C ILE J 231 12.46 73.71 9.26
N GLU J 232 12.61 73.11 10.44
CA GLU J 232 11.45 72.57 11.14
C GLU J 232 10.58 73.68 11.71
N LYS J 233 11.18 74.82 12.07
CA LYS J 233 10.40 75.97 12.53
C LYS J 233 9.74 76.71 11.38
N GLU J 234 10.22 76.56 10.15
CA GLU J 234 9.58 77.21 9.02
C GLU J 234 8.18 76.68 8.78
N LYS J 235 7.94 75.40 9.11
CA LYS J 235 6.58 74.87 9.03
C LYS J 235 5.65 75.56 10.02
N GLU J 236 6.17 75.91 11.19
CA GLU J 236 5.38 76.68 12.15
C GLU J 236 5.24 78.13 11.73
N GLU J 237 6.21 78.65 10.97
CA GLU J 237 6.14 80.00 10.46
C GLU J 237 5.25 80.13 9.24
N ASN J 238 4.89 79.01 8.60
CA ASN J 238 4.04 79.03 7.42
C ASN J 238 2.56 78.94 7.75
N GLU J 239 2.20 78.84 9.02
CA GLU J 239 0.80 78.75 9.43
C GLU J 239 0.16 80.14 9.47
N TYR K 7 20.01 28.88 -26.34
CA TYR K 7 21.22 28.27 -26.86
C TYR K 7 22.26 29.32 -27.22
N ASP K 8 23.11 29.66 -26.26
CA ASP K 8 24.17 30.64 -26.45
C ASP K 8 25.45 29.91 -26.84
N ARG K 9 25.91 30.09 -28.08
CA ARG K 9 27.09 29.40 -28.59
C ARG K 9 28.07 30.41 -29.16
N GLY K 10 29.19 30.61 -28.47
CA GLY K 10 30.35 31.29 -28.99
C GLY K 10 30.20 32.77 -29.27
N VAL K 11 28.97 33.30 -29.24
CA VAL K 11 28.58 34.70 -29.47
C VAL K 11 28.95 35.14 -30.88
N ASN K 12 29.80 34.36 -31.55
CA ASN K 12 30.22 34.62 -32.92
C ASN K 12 29.48 33.77 -33.94
N THR K 13 28.58 32.89 -33.49
CA THR K 13 27.97 31.90 -34.36
C THR K 13 27.08 32.56 -35.41
N PHE K 14 27.06 31.95 -36.59
CA PHE K 14 26.21 32.42 -37.68
C PHE K 14 24.74 32.10 -37.40
N SER K 15 23.89 32.42 -38.35
CA SER K 15 22.49 32.04 -38.35
C SER K 15 22.22 31.12 -39.53
N PRO K 16 21.24 30.22 -39.42
CA PRO K 16 20.91 29.36 -40.56
C PRO K 16 20.27 30.10 -41.73
N GLU K 17 19.75 31.30 -41.53
CA GLU K 17 19.15 32.08 -42.63
C GLU K 17 20.16 32.49 -43.72
N GLY K 18 21.28 33.15 -43.40
CA GLY K 18 21.69 33.53 -42.05
C GLY K 18 22.76 34.60 -41.99
N ARG K 19 23.12 34.99 -40.77
CA ARG K 19 24.08 36.06 -40.54
C ARG K 19 24.58 35.95 -39.10
N LEU K 20 25.34 36.96 -38.68
CA LEU K 20 25.84 37.01 -37.30
C LEU K 20 24.69 37.28 -36.34
N PHE K 21 24.57 36.43 -35.32
CA PHE K 21 23.52 36.60 -34.32
C PHE K 21 23.60 37.96 -33.63
N GLN K 22 24.69 38.20 -32.91
CA GLN K 22 24.78 39.37 -32.04
C GLN K 22 24.72 40.67 -32.83
N VAL K 23 25.25 40.69 -34.04
CA VAL K 23 25.26 41.92 -34.83
C VAL K 23 23.85 42.29 -35.26
N GLU K 24 23.11 41.32 -35.82
CA GLU K 24 21.75 41.60 -36.26
C GLU K 24 20.85 42.02 -35.10
N TYR K 25 21.12 41.49 -33.90
CA TYR K 25 20.34 41.91 -32.73
C TYR K 25 20.58 43.38 -32.41
N ALA K 26 21.82 43.85 -32.60
CA ALA K 26 22.12 45.26 -32.41
C ALA K 26 21.58 46.13 -33.54
N ILE K 27 21.36 45.56 -34.72
CA ILE K 27 20.74 46.31 -35.81
C ILE K 27 19.31 46.67 -35.46
N GLU K 28 18.60 45.74 -34.80
CA GLU K 28 17.27 46.05 -34.29
C GLU K 28 17.33 47.03 -33.12
N ALA K 29 18.45 47.07 -32.40
CA ALA K 29 18.62 48.02 -31.29
C ALA K 29 18.78 49.45 -31.77
N ILE K 30 19.01 49.67 -33.06
CA ILE K 30 19.12 51.03 -33.57
C ILE K 30 17.78 51.73 -33.54
N LYS K 31 16.68 50.97 -33.51
CA LYS K 31 15.35 51.53 -33.67
C LYS K 31 14.90 52.36 -32.46
N LEU K 32 15.58 52.26 -31.33
CA LEU K 32 15.21 53.05 -30.15
C LEU K 32 16.00 54.34 -30.02
N GLY K 33 16.89 54.64 -30.96
CA GLY K 33 17.71 55.82 -30.88
C GLY K 33 16.96 57.09 -31.25
N SER K 34 17.68 58.21 -31.17
CA SER K 34 17.11 59.50 -31.54
C SER K 34 16.89 59.58 -33.04
N THR K 35 16.01 60.49 -33.44
CA THR K 35 15.70 60.69 -34.85
C THR K 35 16.57 61.81 -35.42
N ALA K 36 17.23 61.52 -36.54
CA ALA K 36 18.08 62.48 -37.23
C ALA K 36 17.93 62.29 -38.73
N ILE K 37 17.79 63.41 -39.45
CA ILE K 37 17.54 63.38 -40.89
C ILE K 37 18.53 64.31 -41.56
N GLY K 38 19.40 63.75 -42.42
CA GLY K 38 20.24 64.55 -43.27
C GLY K 38 19.64 64.75 -44.65
N ILE K 39 20.06 65.84 -45.31
CA ILE K 39 19.61 66.15 -46.66
C ILE K 39 20.80 66.65 -47.46
N GLN K 40 20.97 66.12 -48.67
CA GLN K 40 22.04 66.54 -49.56
C GLN K 40 21.53 67.61 -50.52
N THR K 41 22.22 68.74 -50.56
CA THR K 41 21.82 69.86 -51.38
C THR K 41 23.06 70.55 -51.92
N SER K 42 23.00 70.96 -53.21
CA SER K 42 24.15 71.60 -53.86
C SER K 42 24.69 72.78 -53.06
N GLU K 43 23.82 73.51 -52.36
CA GLU K 43 24.29 74.62 -51.54
C GLU K 43 24.98 74.13 -50.28
N GLY K 44 24.64 72.95 -49.79
CA GLY K 44 25.28 72.39 -48.62
C GLY K 44 24.50 71.22 -48.08
N VAL K 45 25.15 70.48 -47.20
CA VAL K 45 24.55 69.31 -46.55
C VAL K 45 24.08 69.74 -45.18
N CYS K 46 22.76 69.71 -44.97
CA CYS K 46 22.17 70.03 -43.68
C CYS K 46 21.84 68.75 -42.93
N LEU K 47 21.34 68.91 -41.70
CA LEU K 47 20.99 67.81 -40.82
C LEU K 47 20.41 68.40 -39.54
N ALA K 48 19.67 67.56 -38.81
CA ALA K 48 19.09 67.97 -37.53
C ALA K 48 18.80 66.71 -36.72
N VAL K 49 18.59 66.92 -35.42
CA VAL K 49 18.34 65.82 -34.49
C VAL K 49 17.46 66.32 -33.36
N GLU K 50 16.77 65.40 -32.70
CA GLU K 50 15.97 65.70 -31.52
C GLU K 50 16.74 65.29 -30.28
N LYS K 51 16.93 66.22 -29.35
CA LYS K 51 17.73 65.96 -28.16
C LYS K 51 17.03 65.03 -27.17
N ARG K 52 15.71 64.89 -27.26
CA ARG K 52 14.93 64.01 -26.39
C ARG K 52 15.13 64.39 -24.92
N ILE K 53 14.53 65.53 -24.57
CA ILE K 53 14.62 66.03 -23.21
C ILE K 53 13.99 65.03 -22.25
N THR K 54 14.76 64.60 -21.25
CA THR K 54 14.29 63.64 -20.26
C THR K 54 13.81 64.30 -18.98
N SER K 55 13.93 65.63 -18.85
CA SER K 55 13.59 66.35 -17.64
C SER K 55 13.79 67.85 -17.87
N PRO K 56 12.96 68.71 -17.27
CA PRO K 56 13.14 70.16 -17.47
C PRO K 56 14.48 70.68 -16.98
N LEU K 57 15.19 69.93 -16.15
CA LEU K 57 16.50 70.35 -15.67
C LEU K 57 17.58 70.25 -16.74
N MET K 58 17.29 69.66 -17.89
CA MET K 58 18.30 69.40 -18.91
C MET K 58 18.94 70.69 -19.40
N GLU K 59 20.27 70.69 -19.49
CA GLU K 59 21.04 71.80 -20.06
C GLU K 59 21.15 71.61 -21.56
N PRO K 60 20.86 72.63 -22.37
CA PRO K 60 20.77 72.42 -23.83
C PRO K 60 22.09 72.05 -24.49
N SER K 61 23.19 72.70 -24.10
CA SER K 61 24.46 72.48 -24.80
C SER K 61 25.16 71.20 -24.38
N SER K 62 24.70 70.52 -23.33
CA SER K 62 25.38 69.31 -22.88
C SER K 62 25.07 68.13 -23.79
N ILE K 63 23.88 68.08 -24.37
CA ILE K 63 23.47 66.99 -25.25
C ILE K 63 23.62 67.44 -26.70
N GLU K 64 24.50 66.77 -27.43
CA GLU K 64 24.63 66.98 -28.87
C GLU K 64 24.78 65.63 -29.54
N LYS K 65 23.93 65.37 -30.53
CA LYS K 65 23.97 64.11 -31.27
C LYS K 65 24.78 64.22 -32.56
N ILE K 66 25.30 65.40 -32.88
CA ILE K 66 26.13 65.62 -34.07
C ILE K 66 27.49 66.11 -33.63
N VAL K 67 28.54 65.54 -34.25
CA VAL K 67 29.91 65.89 -33.95
C VAL K 67 30.63 66.24 -35.25
N GLU K 68 31.79 66.86 -35.11
CA GLU K 68 32.59 67.32 -36.24
C GLU K 68 33.88 66.53 -36.28
N ILE K 69 34.06 65.72 -37.32
CA ILE K 69 35.24 64.86 -37.44
C ILE K 69 36.41 65.68 -37.99
N ASP K 70 36.35 66.00 -39.28
CA ASP K 70 37.35 66.82 -39.93
C ASP K 70 36.83 68.26 -39.99
N ALA K 71 37.54 69.11 -40.72
CA ALA K 71 37.08 70.49 -40.91
C ALA K 71 35.68 70.52 -41.49
N HIS K 72 35.51 70.02 -42.71
CA HIS K 72 34.23 70.04 -43.40
C HIS K 72 33.41 68.77 -43.20
N ILE K 73 33.89 67.82 -42.41
CA ILE K 73 33.25 66.52 -42.24
C ILE K 73 32.58 66.47 -40.87
N GLY K 74 31.26 66.23 -40.88
CA GLY K 74 30.52 66.00 -39.66
C GLY K 74 30.14 64.54 -39.48
N CYS K 75 29.51 64.26 -38.34
CA CYS K 75 29.05 62.91 -38.03
C CYS K 75 27.92 62.99 -37.01
N ALA K 76 27.15 61.91 -36.94
CA ALA K 76 26.04 61.79 -36.00
C ALA K 76 26.12 60.46 -35.28
N MET K 77 25.40 60.36 -34.17
CA MET K 77 25.41 59.18 -33.31
C MET K 77 24.01 58.61 -33.17
N SER K 78 23.94 57.34 -32.78
CA SER K 78 22.67 56.63 -32.67
C SER K 78 22.75 55.63 -31.52
N GLY K 79 21.63 55.46 -30.83
CA GLY K 79 21.56 54.45 -29.79
C GLY K 79 22.57 54.70 -28.70
N LEU K 80 23.43 53.71 -28.44
CA LEU K 80 24.51 53.89 -27.49
C LEU K 80 25.48 54.96 -27.98
N ILE K 81 26.05 55.70 -27.02
CA ILE K 81 26.77 56.94 -27.30
C ILE K 81 28.28 56.76 -27.14
N ALA K 82 28.74 56.43 -25.93
CA ALA K 82 30.15 56.53 -25.59
C ALA K 82 31.04 55.72 -26.53
N ASP K 83 30.56 54.57 -26.98
CA ASP K 83 31.34 53.77 -27.93
C ASP K 83 31.50 54.51 -29.25
N ALA K 84 30.43 55.17 -29.71
CA ALA K 84 30.53 55.98 -30.91
C ALA K 84 31.40 57.21 -30.68
N LYS K 85 31.30 57.82 -29.49
CA LYS K 85 32.11 58.98 -29.18
C LYS K 85 33.60 58.64 -29.22
N THR K 86 33.95 57.42 -28.84
CA THR K 86 35.34 56.97 -28.99
C THR K 86 35.71 56.84 -30.46
N LEU K 87 34.79 56.30 -31.28
CA LEU K 87 35.05 56.18 -32.70
C LEU K 87 35.21 57.56 -33.35
N ILE K 88 34.52 58.57 -32.81
CA ILE K 88 34.62 59.92 -33.36
C ILE K 88 36.06 60.42 -33.31
N ASP K 89 36.59 60.60 -32.10
CA ASP K 89 37.93 61.18 -31.96
C ASP K 89 39.01 60.22 -32.46
N LYS K 90 38.78 58.92 -32.38
CA LYS K 90 39.75 57.96 -32.91
C LYS K 90 39.84 58.05 -34.43
N ALA K 91 38.73 58.34 -35.10
CA ALA K 91 38.78 58.58 -36.54
C ALA K 91 39.39 59.94 -36.85
N ARG K 92 39.24 60.91 -35.94
CA ARG K 92 39.86 62.21 -36.14
C ARG K 92 41.39 62.08 -36.16
N VAL K 93 41.93 61.15 -35.38
CA VAL K 93 43.37 60.90 -35.43
C VAL K 93 43.79 60.43 -36.82
N GLU K 94 42.94 59.63 -37.46
CA GLU K 94 43.22 59.19 -38.82
C GLU K 94 43.01 60.29 -39.85
N THR K 95 42.15 61.27 -39.55
CA THR K 95 42.04 62.43 -40.42
C THR K 95 43.26 63.34 -40.31
N GLN K 96 43.85 63.43 -39.11
CA GLN K 96 45.08 64.19 -38.96
C GLN K 96 46.26 63.46 -39.58
N ASN K 97 46.29 62.14 -39.46
CA ASN K 97 47.30 61.36 -40.17
C ASN K 97 47.08 61.42 -41.68
N HIS K 98 45.85 61.67 -42.11
CA HIS K 98 45.60 61.94 -43.52
C HIS K 98 46.19 63.27 -43.93
N TRP K 99 46.08 64.29 -43.07
CA TRP K 99 46.68 65.58 -43.35
C TRP K 99 48.21 65.54 -43.24
N PHE K 100 48.76 64.55 -42.54
CA PHE K 100 50.20 64.38 -42.45
C PHE K 100 50.82 64.23 -43.84
N THR K 101 50.49 63.13 -44.53
CA THR K 101 51.10 62.85 -45.82
C THR K 101 50.46 63.65 -46.94
N TYR K 102 49.14 63.79 -46.93
CA TYR K 102 48.42 64.38 -48.06
C TYR K 102 48.23 65.89 -47.95
N ASN K 103 48.55 66.49 -46.80
CA ASN K 103 48.59 67.94 -46.62
C ASN K 103 47.23 68.61 -46.74
N GLU K 104 46.21 67.88 -47.16
CA GLU K 104 44.89 68.47 -47.40
C GLU K 104 43.85 67.76 -46.53
N THR K 105 42.61 68.23 -46.65
CA THR K 105 41.51 67.68 -45.87
C THR K 105 41.09 66.31 -46.41
N MET K 106 40.74 65.42 -45.51
CA MET K 106 40.29 64.08 -45.91
C MET K 106 38.97 64.18 -46.67
N THR K 107 38.86 63.41 -47.75
CA THR K 107 37.64 63.37 -48.53
C THR K 107 36.53 62.70 -47.72
N VAL K 108 35.29 63.13 -47.98
CA VAL K 108 34.16 62.62 -47.21
C VAL K 108 33.91 61.16 -47.50
N GLU K 109 34.22 60.70 -48.72
CA GLU K 109 34.03 59.29 -49.05
C GLU K 109 35.05 58.39 -48.34
N SER K 110 36.25 58.91 -48.10
CA SER K 110 37.29 58.14 -47.42
C SER K 110 37.03 57.95 -45.93
N VAL K 111 36.04 58.66 -45.36
CA VAL K 111 35.68 58.40 -43.98
C VAL K 111 35.10 57.00 -43.83
N THR K 112 34.53 56.45 -44.90
CA THR K 112 34.09 55.06 -44.89
C THR K 112 35.27 54.13 -44.62
N GLN K 113 36.36 54.30 -45.38
CA GLN K 113 37.55 53.49 -45.15
C GLN K 113 38.24 53.81 -43.83
N ALA K 114 37.98 55.00 -43.27
CA ALA K 114 38.59 55.38 -42.00
C ALA K 114 37.78 54.90 -40.80
N VAL K 115 36.55 54.45 -41.00
CA VAL K 115 35.69 54.02 -39.90
C VAL K 115 35.15 52.62 -40.18
N SER K 116 34.37 52.49 -41.25
CA SER K 116 33.67 51.23 -41.52
C SER K 116 34.62 50.05 -41.68
N ASN K 117 35.88 50.29 -42.04
CA ASN K 117 36.84 49.18 -42.12
C ASN K 117 37.14 48.61 -40.73
N LEU K 118 37.31 49.49 -39.75
CA LEU K 118 37.56 49.09 -38.37
C LEU K 118 36.28 48.98 -37.55
N ALA K 119 35.11 49.11 -38.18
CA ALA K 119 33.82 49.12 -37.52
C ALA K 119 33.70 47.99 -36.49
N LEU K 120 33.66 46.75 -36.94
CA LEU K 120 33.68 45.61 -36.03
C LEU K 120 34.96 44.82 -36.26
N GLN K 121 35.91 44.98 -35.35
CA GLN K 121 37.08 44.10 -35.23
C GLN K 121 36.92 43.08 -34.11
N PHE K 122 35.77 43.07 -33.43
CA PHE K 122 35.63 42.37 -32.17
C PHE K 122 35.89 40.88 -32.31
N GLY K 123 36.43 40.29 -31.24
CA GLY K 123 36.72 38.87 -31.20
C GLY K 123 36.97 38.43 -29.79
N GLU K 124 36.79 37.13 -29.55
CA GLU K 124 36.98 36.59 -28.21
C GLU K 124 38.45 36.65 -27.79
N GLU K 125 39.36 36.31 -28.69
CA GLU K 125 40.79 36.34 -28.43
C GLU K 125 41.44 37.44 -29.26
N ASP K 126 42.41 38.12 -28.66
CA ASP K 126 43.12 39.22 -29.32
C ASP K 126 42.17 40.30 -29.82
N SER K 133 35.72 44.35 -28.05
CA SER K 133 35.59 42.91 -28.04
C SER K 133 34.15 42.48 -28.26
N ARG K 134 33.24 43.46 -28.27
CA ARG K 134 31.84 43.26 -28.56
C ARG K 134 31.38 44.26 -29.62
N PRO K 135 30.39 43.90 -30.42
CA PRO K 135 29.97 44.79 -31.52
C PRO K 135 29.33 46.09 -31.03
N PHE K 136 28.86 46.91 -31.96
CA PHE K 136 28.25 48.19 -31.66
C PHE K 136 26.82 48.23 -32.17
N GLY K 137 25.99 49.05 -31.52
CA GLY K 137 24.64 49.29 -31.96
C GLY K 137 24.40 50.65 -32.57
N VAL K 138 25.44 51.40 -32.91
CA VAL K 138 25.31 52.78 -33.33
C VAL K 138 25.53 52.88 -34.84
N ALA K 139 24.64 53.58 -35.52
CA ALA K 139 24.79 53.92 -36.93
C ALA K 139 25.18 55.39 -37.06
N LEU K 140 26.08 55.68 -37.99
CA LEU K 140 26.64 57.01 -38.14
C LEU K 140 26.09 57.67 -39.40
N LEU K 141 25.87 58.99 -39.33
CA LEU K 141 25.46 59.80 -40.47
C LEU K 141 26.62 60.72 -40.82
N PHE K 142 27.26 60.47 -41.96
CA PHE K 142 28.44 61.24 -42.37
C PHE K 142 28.01 62.36 -43.29
N GLY K 143 28.11 63.60 -42.81
CA GLY K 143 27.95 64.77 -43.64
C GLY K 143 29.29 65.34 -44.06
N GLY K 144 29.26 66.16 -45.10
CA GLY K 144 30.47 66.82 -45.56
C GLY K 144 30.36 67.25 -47.00
N VAL K 145 31.37 68.00 -47.43
CA VAL K 145 31.51 68.46 -48.80
C VAL K 145 32.93 68.20 -49.25
N ASP K 146 33.11 67.34 -50.25
CA ASP K 146 34.42 67.04 -50.80
C ASP K 146 34.66 67.90 -52.04
N GLU K 147 35.74 67.61 -52.77
CA GLU K 147 36.08 68.37 -53.95
C GLU K 147 35.01 68.28 -55.03
N LYS K 148 34.15 67.27 -54.98
CA LYS K 148 33.08 67.09 -55.96
C LYS K 148 31.76 67.73 -55.55
N GLY K 149 31.73 68.46 -54.44
CA GLY K 149 30.51 69.06 -53.98
C GLY K 149 29.91 68.36 -52.78
N PRO K 150 28.67 68.67 -52.45
CA PRO K 150 28.05 68.13 -51.23
C PRO K 150 27.87 66.62 -51.31
N GLN K 151 28.13 65.96 -50.19
CA GLN K 151 27.98 64.51 -50.08
C GLN K 151 27.36 64.16 -48.74
N LEU K 152 26.30 63.36 -48.76
CA LEU K 152 25.69 62.82 -47.55
C LEU K 152 25.90 61.31 -47.53
N PHE K 153 26.51 60.83 -46.46
CA PHE K 153 26.90 59.43 -46.34
C PHE K 153 26.35 58.83 -45.05
N HIS K 154 26.13 57.52 -45.06
CA HIS K 154 25.60 56.81 -43.91
C HIS K 154 26.20 55.42 -43.86
N MET K 155 26.49 54.95 -42.65
CA MET K 155 27.03 53.62 -42.43
C MET K 155 26.27 52.93 -41.30
N ASP K 156 26.28 51.60 -41.32
CA ASP K 156 25.61 50.81 -40.31
C ASP K 156 26.63 50.36 -39.26
N PRO K 157 26.21 49.71 -38.18
CA PRO K 157 27.20 49.18 -37.23
C PRO K 157 28.06 48.05 -37.79
N SER K 158 27.53 47.27 -38.74
CA SER K 158 28.27 46.15 -39.27
C SER K 158 29.35 46.55 -40.27
N GLY K 159 29.40 47.81 -40.67
CA GLY K 159 30.40 48.29 -41.60
C GLY K 159 29.93 48.46 -43.02
N THR K 160 28.70 48.04 -43.33
CA THR K 160 28.18 48.19 -44.69
C THR K 160 27.87 49.66 -44.96
N PHE K 161 28.45 50.21 -46.03
CA PHE K 161 28.33 51.62 -46.36
C PHE K 161 27.44 51.80 -47.59
N VAL K 162 26.63 52.86 -47.56
CA VAL K 162 25.73 53.18 -48.65
C VAL K 162 25.59 54.70 -48.72
N GLN K 163 25.48 55.22 -49.94
CA GLN K 163 25.31 56.65 -50.17
C GLN K 163 23.82 56.96 -50.29
N CYS K 164 23.34 57.86 -49.43
CA CYS K 164 21.93 58.20 -49.38
C CYS K 164 21.76 59.72 -49.47
N ASP K 165 20.82 60.16 -50.31
CA ASP K 165 20.50 61.57 -50.39
C ASP K 165 19.81 62.06 -49.11
N ALA K 166 19.01 61.20 -48.48
CA ALA K 166 18.42 61.47 -47.18
C ALA K 166 18.36 60.17 -46.39
N ARG K 167 18.74 60.24 -45.12
CA ARG K 167 18.77 59.06 -44.27
C ARG K 167 18.27 59.41 -42.88
N ALA K 168 17.39 58.58 -42.33
CA ALA K 168 16.87 58.75 -40.99
C ALA K 168 17.22 57.53 -40.15
N ILE K 169 17.47 57.78 -38.87
CA ILE K 169 17.92 56.74 -37.94
C ILE K 169 17.10 56.84 -36.66
N GLY K 170 17.22 55.82 -35.81
CA GLY K 170 16.52 55.81 -34.54
C GLY K 170 15.06 55.43 -34.68
N SER K 171 14.21 56.13 -33.94
CA SER K 171 12.80 55.75 -33.85
C SER K 171 12.05 56.09 -35.13
N ALA K 172 12.02 57.38 -35.48
CA ALA K 172 11.27 57.85 -36.64
C ALA K 172 11.86 57.39 -37.96
N SER K 173 12.99 56.68 -37.94
CA SER K 173 13.73 56.32 -39.15
C SER K 173 12.84 55.82 -40.28
N GLU K 174 12.17 54.68 -40.07
CA GLU K 174 11.28 54.15 -41.10
C GLU K 174 10.15 55.12 -41.41
N GLY K 175 9.61 55.77 -40.38
CA GLY K 175 8.49 56.68 -40.59
C GLY K 175 8.91 57.99 -41.25
N ALA K 176 10.08 58.51 -40.87
CA ALA K 176 10.53 59.78 -41.43
C ALA K 176 10.91 59.62 -42.90
N GLN K 177 11.67 58.58 -43.23
CA GLN K 177 12.07 58.37 -44.63
C GLN K 177 10.86 58.07 -45.51
N SER K 178 9.89 57.32 -44.99
CA SER K 178 8.69 57.02 -45.77
C SER K 178 7.91 58.29 -46.08
N SER K 179 7.88 59.24 -45.13
CA SER K 179 7.19 60.50 -45.36
C SER K 179 8.03 61.46 -46.20
N LEU K 180 9.36 61.43 -46.02
CA LEU K 180 10.24 62.37 -46.70
C LEU K 180 10.54 61.96 -48.14
N GLN K 181 10.18 60.74 -48.54
CA GLN K 181 10.41 60.31 -49.93
C GLN K 181 9.68 61.21 -50.93
N GLU K 182 8.51 61.73 -50.54
CA GLU K 182 7.74 62.55 -51.46
C GLU K 182 8.28 63.98 -51.54
N VAL K 183 8.71 64.55 -50.41
CA VAL K 183 9.09 65.96 -50.40
C VAL K 183 10.49 66.19 -50.96
N TYR K 184 11.31 65.15 -51.11
CA TYR K 184 12.67 65.31 -51.60
C TYR K 184 12.70 65.26 -53.12
N HIS K 185 13.55 66.11 -53.71
CA HIS K 185 13.76 66.14 -55.15
C HIS K 185 15.13 66.72 -55.44
N LYS K 186 15.58 66.51 -56.67
CA LYS K 186 16.94 66.92 -57.05
C LYS K 186 17.14 68.42 -56.98
N SER K 187 16.07 69.22 -57.02
CA SER K 187 16.17 70.66 -57.01
C SER K 187 16.05 71.27 -55.60
N MET K 188 15.98 70.43 -54.56
CA MET K 188 15.86 70.93 -53.20
C MET K 188 17.04 71.82 -52.85
N THR K 189 16.74 73.03 -52.36
CA THR K 189 17.76 73.99 -51.96
C THR K 189 18.07 73.83 -50.48
N LEU K 190 18.91 74.71 -49.94
CA LEU K 190 19.33 74.60 -48.54
C LEU K 190 18.21 75.06 -47.61
N LYS K 191 17.83 76.34 -47.70
CA LYS K 191 16.78 76.87 -46.83
C LYS K 191 15.50 76.06 -46.96
N GLU K 192 15.20 75.56 -48.17
CA GLU K 192 14.03 74.72 -48.35
C GLU K 192 14.20 73.37 -47.65
N ALA K 193 15.43 72.84 -47.66
CA ALA K 193 15.67 71.56 -46.99
C ALA K 193 15.53 71.69 -45.48
N ILE K 194 15.86 72.87 -44.93
CA ILE K 194 15.79 73.05 -43.48
C ILE K 194 14.34 73.20 -43.04
N LYS K 195 13.57 74.05 -43.72
CA LYS K 195 12.20 74.31 -43.29
C LYS K 195 11.24 73.20 -43.71
N SER K 196 11.56 72.42 -44.75
CA SER K 196 10.73 71.26 -45.07
C SER K 196 11.05 70.05 -44.20
N SER K 197 12.25 70.01 -43.62
CA SER K 197 12.60 68.90 -42.73
C SER K 197 12.01 69.08 -41.34
N LEU K 198 12.01 70.32 -40.83
CA LEU K 198 11.45 70.56 -39.51
C LEU K 198 9.94 70.32 -39.45
N ILE K 199 9.27 70.31 -40.61
CA ILE K 199 7.89 69.86 -40.66
C ILE K 199 7.79 68.40 -40.24
N ILE K 200 8.70 67.57 -40.76
CA ILE K 200 8.79 66.18 -40.30
C ILE K 200 9.31 66.12 -38.87
N LEU K 201 10.26 67.00 -38.54
CA LEU K 201 10.82 67.01 -37.19
C LEU K 201 9.77 67.37 -36.16
N LYS K 202 8.95 68.40 -36.45
CA LYS K 202 7.87 68.74 -35.53
C LYS K 202 6.80 67.66 -35.49
N GLN K 203 6.72 66.80 -36.50
CA GLN K 203 5.82 65.66 -36.45
C GLN K 203 6.42 64.52 -35.64
N VAL K 204 7.74 64.34 -35.71
CA VAL K 204 8.39 63.23 -35.01
C VAL K 204 8.88 63.60 -33.63
N MET K 205 8.65 64.83 -33.17
CA MET K 205 9.01 65.23 -31.82
C MET K 205 7.79 65.18 -30.92
N GLU K 206 7.96 64.62 -29.72
CA GLU K 206 6.86 64.53 -28.77
C GLU K 206 6.64 65.84 -28.02
N GLU K 207 7.73 66.49 -27.60
CA GLU K 207 7.63 67.74 -26.86
C GLU K 207 7.34 68.90 -27.81
N LYS K 208 6.77 69.97 -27.23
CA LYS K 208 6.53 71.17 -28.01
C LYS K 208 7.85 71.79 -28.47
N LEU K 209 7.87 72.25 -29.71
CA LEU K 209 9.10 72.74 -30.31
C LEU K 209 9.64 73.96 -29.57
N ASN K 210 10.92 73.91 -29.22
CA ASN K 210 11.61 75.03 -28.59
C ASN K 210 13.06 75.01 -29.04
N ALA K 211 13.88 75.88 -28.44
CA ALA K 211 15.28 75.95 -28.83
C ALA K 211 16.07 74.77 -28.28
N THR K 212 15.61 74.16 -27.19
CA THR K 212 16.33 73.06 -26.55
C THR K 212 15.92 71.69 -27.08
N ASN K 213 14.87 71.61 -27.90
CA ASN K 213 14.42 70.31 -28.39
C ASN K 213 15.31 69.79 -29.51
N ILE K 214 15.61 70.63 -30.50
CA ILE K 214 16.32 70.20 -31.69
C ILE K 214 17.47 71.15 -31.97
N GLU K 215 18.49 70.64 -32.65
CA GLU K 215 19.63 71.42 -33.09
C GLU K 215 19.87 71.16 -34.57
N LEU K 216 20.49 72.14 -35.24
CA LEU K 216 20.77 72.06 -36.66
C LEU K 216 22.24 71.79 -36.90
N ALA K 217 22.54 71.00 -37.94
CA ALA K 217 23.90 70.70 -38.36
C ALA K 217 23.99 70.89 -39.86
N THR K 218 24.81 71.84 -40.29
CA THR K 218 24.97 72.17 -41.69
C THR K 218 26.44 72.32 -42.04
N VAL K 219 26.78 72.03 -43.29
CA VAL K 219 28.12 72.23 -43.81
C VAL K 219 28.02 72.79 -45.22
N GLN K 220 28.70 73.92 -45.46
CA GLN K 220 28.70 74.60 -46.74
C GLN K 220 30.12 74.99 -47.10
N PRO K 221 30.46 75.04 -48.40
CA PRO K 221 31.82 75.43 -48.77
C PRO K 221 32.15 76.87 -48.45
N GLY K 222 31.19 77.77 -48.58
CA GLY K 222 31.46 79.18 -48.40
C GLY K 222 31.07 79.76 -47.04
N GLN K 223 30.29 79.01 -46.27
CA GLN K 223 29.84 79.45 -44.96
C GLN K 223 30.09 78.32 -43.96
N ASN K 224 30.91 78.60 -42.95
CA ASN K 224 31.37 77.57 -42.03
C ASN K 224 32.27 78.16 -40.93
N PHE K 225 32.41 77.48 -39.79
CA PHE K 225 31.55 76.36 -39.37
C PHE K 225 30.79 76.72 -38.10
N HIS K 226 29.44 76.63 -38.05
CA HIS K 226 28.51 76.33 -39.15
C HIS K 226 28.75 75.00 -39.89
N MET K 227 28.45 73.83 -39.31
CA MET K 227 27.67 73.59 -38.08
C MET K 227 26.36 74.39 -38.03
N PHE K 228 26.20 75.17 -36.97
CA PHE K 228 25.08 76.09 -36.79
C PHE K 228 25.28 76.80 -35.45
N THR K 229 24.59 77.92 -35.28
CA THR K 229 24.68 78.73 -34.08
C THR K 229 23.30 78.88 -33.46
N LYS K 230 23.27 79.04 -32.13
CA LYS K 230 22.00 79.14 -31.45
C LYS K 230 21.39 80.53 -31.62
N GLU K 231 20.17 80.68 -31.12
CA GLU K 231 19.37 81.91 -31.20
C GLU K 231 18.99 82.25 -32.63
N GLU K 232 19.66 81.64 -33.61
CA GLU K 232 19.18 81.66 -34.99
C GLU K 232 18.15 80.58 -35.23
N LEU K 233 18.31 79.42 -34.58
CA LEU K 233 17.31 78.36 -34.68
C LEU K 233 15.95 78.84 -34.18
N GLU K 234 15.93 79.75 -33.21
CA GLU K 234 14.67 80.34 -32.78
C GLU K 234 14.07 81.23 -33.87
N GLU K 235 14.91 81.89 -34.67
CA GLU K 235 14.40 82.66 -35.80
C GLU K 235 13.76 81.75 -36.85
N VAL K 236 14.26 80.52 -36.98
CA VAL K 236 13.61 79.55 -37.85
C VAL K 236 12.37 78.94 -37.19
N ILE K 237 12.32 78.94 -35.85
CA ILE K 237 11.15 78.41 -35.17
C ILE K 237 9.93 79.30 -35.41
N LYS K 238 10.11 80.61 -35.35
CA LYS K 238 9.01 81.52 -35.68
C LYS K 238 8.65 81.50 -37.16
N ASP K 239 9.49 80.87 -38.00
CA ASP K 239 9.21 80.66 -39.41
C ASP K 239 8.54 79.32 -39.68
N ILE K 240 8.19 78.58 -38.63
CA ILE K 240 7.57 77.25 -38.74
C ILE K 240 6.44 77.20 -39.75
N ASN L 9 19.78 20.96 -30.81
CA ASN L 9 20.77 21.27 -31.84
C ASN L 9 22.15 21.52 -31.23
N GLN L 10 22.51 20.70 -30.24
CA GLN L 10 23.79 20.83 -29.56
C GLN L 10 24.97 20.34 -30.39
N TYR L 11 24.72 19.59 -31.46
CA TYR L 11 25.80 19.14 -32.33
C TYR L 11 26.26 20.22 -33.31
N ASP L 12 25.47 21.27 -33.48
CA ASP L 12 25.84 22.42 -34.31
C ASP L 12 26.54 23.51 -33.51
N ASN L 13 26.88 23.24 -32.25
CA ASN L 13 27.44 24.24 -31.35
C ASN L 13 28.56 25.04 -32.00
N ASP L 14 29.68 24.38 -32.29
CA ASP L 14 30.86 25.05 -32.81
C ASP L 14 31.34 24.37 -34.08
N VAL L 15 32.23 25.06 -34.81
CA VAL L 15 32.87 24.47 -35.97
C VAL L 15 33.73 23.29 -35.59
N THR L 16 34.14 23.21 -34.32
CA THR L 16 34.93 22.07 -33.84
C THR L 16 34.11 20.78 -33.87
N VAL L 17 32.88 20.83 -33.35
CA VAL L 17 32.05 19.64 -33.28
C VAL L 17 31.53 19.30 -34.67
N TRP L 18 31.64 18.02 -35.04
CA TRP L 18 31.15 17.54 -36.32
C TRP L 18 29.74 16.99 -36.18
N SER L 19 28.93 17.20 -37.23
CA SER L 19 27.57 16.70 -37.24
C SER L 19 27.59 15.16 -37.22
N PRO L 20 26.46 14.53 -36.84
CA PRO L 20 26.39 13.06 -36.84
C PRO L 20 26.75 12.44 -38.18
N GLN L 21 26.59 13.19 -39.26
CA GLN L 21 26.98 12.74 -40.59
C GLN L 21 28.40 13.15 -40.96
N GLY L 22 29.14 13.76 -40.04
CA GLY L 22 30.48 14.20 -40.34
C GLY L 22 30.57 15.48 -41.14
N ARG L 23 29.74 16.46 -40.82
CA ARG L 23 29.70 17.74 -41.52
C ARG L 23 29.67 18.86 -40.49
N ILE L 24 29.88 20.09 -40.99
CA ILE L 24 29.84 21.29 -40.16
C ILE L 24 28.75 22.20 -40.69
N HIS L 25 27.76 22.49 -39.85
CA HIS L 25 26.66 23.35 -40.26
C HIS L 25 27.07 24.82 -40.33
N GLN L 26 28.18 25.20 -39.71
CA GLN L 26 28.62 26.59 -39.75
C GLN L 26 29.03 27.00 -41.16
N ILE L 27 29.70 26.11 -41.89
CA ILE L 27 30.03 26.39 -43.28
C ILE L 27 28.76 26.43 -44.13
N GLU L 28 27.83 25.51 -43.88
CA GLU L 28 26.56 25.51 -44.61
C GLU L 28 25.79 26.80 -44.38
N TYR L 29 25.82 27.32 -43.15
CA TYR L 29 25.13 28.57 -42.87
C TYR L 29 25.83 29.75 -43.53
N ALA L 30 27.15 29.66 -43.72
CA ALA L 30 27.86 30.71 -44.45
C ALA L 30 27.59 30.63 -45.94
N MET L 31 27.31 29.43 -46.46
CA MET L 31 26.91 29.31 -47.86
C MET L 31 25.58 30.00 -48.12
N GLU L 32 24.73 30.12 -47.09
CA GLU L 32 23.46 30.81 -47.26
C GLU L 32 23.68 32.29 -47.59
N ALA L 33 24.49 32.97 -46.79
CA ALA L 33 24.75 34.39 -47.04
C ALA L 33 25.42 34.60 -48.39
N VAL L 34 26.18 33.62 -48.87
CA VAL L 34 26.74 33.71 -50.22
C VAL L 34 25.64 33.67 -51.26
N LYS L 35 24.66 32.78 -51.07
CA LYS L 35 23.52 32.72 -51.98
C LYS L 35 22.55 33.86 -51.77
N GLN L 36 22.52 34.47 -50.58
CA GLN L 36 21.68 35.63 -50.34
C GLN L 36 22.19 36.88 -51.04
N GLY L 37 23.41 36.87 -51.54
CA GLY L 37 23.95 38.01 -52.25
C GLY L 37 23.31 38.20 -53.61
N SER L 38 23.76 39.24 -54.29
CA SER L 38 23.22 39.56 -55.61
C SER L 38 23.71 38.57 -56.65
N ALA L 39 22.89 38.37 -57.68
CA ALA L 39 23.27 37.48 -58.77
C ALA L 39 24.38 38.12 -59.59
N THR L 40 25.50 37.43 -59.73
CA THR L 40 26.64 37.91 -60.48
C THR L 40 27.25 36.77 -61.26
N VAL L 41 27.62 37.03 -62.52
CA VAL L 41 28.12 36.01 -63.42
C VAL L 41 29.44 36.51 -63.99
N GLY L 42 30.53 35.84 -63.62
CA GLY L 42 31.80 36.02 -64.30
C GLY L 42 31.96 34.98 -65.40
N LEU L 43 32.74 35.33 -66.42
CA LEU L 43 32.92 34.43 -67.55
C LEU L 43 34.22 34.74 -68.26
N LYS L 44 34.67 33.77 -69.06
CA LYS L 44 35.91 33.92 -69.81
C LYS L 44 35.79 33.16 -71.12
N SER L 45 36.38 33.73 -72.17
CA SER L 45 36.52 33.07 -73.45
C SER L 45 37.94 32.50 -73.56
N LYS L 46 38.28 31.95 -74.74
CA LYS L 46 39.63 31.47 -74.96
C LYS L 46 40.65 32.59 -74.99
N THR L 47 40.20 33.83 -75.22
CA THR L 47 41.09 34.98 -75.34
C THR L 47 40.87 35.95 -74.19
N HIS L 48 39.71 36.57 -74.10
CA HIS L 48 39.44 37.59 -73.11
C HIS L 48 38.27 37.18 -72.21
N ALA L 49 38.21 37.80 -71.03
CA ALA L 49 37.21 37.48 -70.02
C ALA L 49 36.41 38.72 -69.66
N VAL L 50 35.15 38.49 -69.26
CA VAL L 50 34.24 39.54 -68.82
C VAL L 50 33.51 39.04 -67.59
N LEU L 51 33.23 39.94 -66.66
CA LEU L 51 32.47 39.61 -65.46
C LEU L 51 31.41 40.66 -65.20
N VAL L 52 30.20 40.21 -64.87
CA VAL L 52 29.04 41.08 -64.71
C VAL L 52 28.44 40.80 -63.34
N ALA L 53 28.05 41.86 -62.64
CA ALA L 53 27.46 41.76 -61.30
C ALA L 53 26.19 42.63 -61.25
N LEU L 54 25.56 42.63 -60.08
CA LEU L 54 24.30 43.33 -59.86
C LEU L 54 24.41 44.25 -58.66
N LYS L 55 24.15 45.53 -58.85
CA LYS L 55 24.11 46.50 -57.77
C LYS L 55 22.69 46.60 -57.21
N ARG L 56 22.59 46.72 -55.89
CA ARG L 56 21.31 46.92 -55.22
C ARG L 56 21.50 47.97 -54.12
N ALA L 57 20.40 48.29 -53.44
CA ALA L 57 20.43 49.31 -52.39
C ALA L 57 19.21 49.09 -51.49
N GLN L 58 18.98 50.01 -50.57
CA GLN L 58 17.87 49.90 -49.62
C GLN L 58 16.65 50.67 -50.13
N SER L 59 16.75 52.00 -50.15
CA SER L 59 15.64 52.85 -50.55
C SER L 59 15.86 53.37 -51.97
N GLU L 60 14.88 54.15 -52.45
CA GLU L 60 14.94 54.74 -53.79
C GLU L 60 16.16 55.64 -53.95
N LEU L 61 16.20 56.74 -53.22
CA LEU L 61 17.30 57.69 -53.34
C LEU L 61 18.64 57.14 -52.87
N ALA L 62 18.65 56.00 -52.18
CA ALA L 62 19.90 55.38 -51.78
C ALA L 62 20.66 54.88 -53.00
N ALA L 63 21.92 55.27 -53.11
CA ALA L 63 22.73 54.88 -54.25
C ALA L 63 23.02 53.38 -54.22
N HIS L 64 22.98 52.76 -55.40
CA HIS L 64 23.26 51.34 -55.49
C HIS L 64 24.72 51.06 -55.15
N GLN L 65 24.94 50.15 -54.20
CA GLN L 65 26.30 49.80 -53.78
C GLN L 65 26.99 49.02 -54.88
N LYS L 66 28.22 49.43 -55.20
CA LYS L 66 28.97 48.79 -56.28
C LYS L 66 29.50 47.44 -55.83
N LYS L 67 29.43 46.47 -56.74
CA LYS L 67 29.96 45.13 -56.51
C LYS L 67 31.36 44.98 -57.10
N ILE L 68 31.46 45.06 -58.43
CA ILE L 68 32.76 44.90 -59.09
C ILE L 68 33.66 46.07 -58.73
N LEU L 69 34.87 45.76 -58.27
CA LEU L 69 35.87 46.77 -57.94
C LEU L 69 37.24 46.27 -58.39
N HIS L 70 38.11 47.21 -58.73
CA HIS L 70 39.43 46.87 -59.25
C HIS L 70 40.34 46.39 -58.14
N VAL L 71 41.22 45.44 -58.47
CA VAL L 71 42.18 44.90 -57.52
C VAL L 71 43.58 45.00 -58.12
N ASP L 72 43.81 44.28 -59.21
CA ASP L 72 45.07 44.31 -59.94
C ASP L 72 44.78 44.61 -61.40
N ASN L 73 45.84 44.95 -62.14
CA ASN L 73 45.69 45.30 -63.55
C ASN L 73 44.96 44.21 -64.33
N HIS L 74 45.36 42.95 -64.12
CA HIS L 74 44.74 41.82 -64.79
C HIS L 74 43.67 41.12 -63.95
N ILE L 75 43.40 41.62 -62.75
CA ILE L 75 42.47 40.96 -61.83
C ILE L 75 41.25 41.84 -61.65
N GLY L 76 40.12 41.41 -62.21
CA GLY L 76 38.82 41.90 -61.81
C GLY L 76 38.16 40.91 -60.86
N ILE L 77 37.20 41.39 -60.08
CA ILE L 77 36.52 40.55 -59.10
C ILE L 77 35.07 41.02 -58.96
N SER L 78 34.19 40.07 -58.64
CA SER L 78 32.88 40.35 -58.10
C SER L 78 32.98 40.27 -56.57
N ILE L 79 31.86 40.53 -55.89
CA ILE L 79 31.83 40.48 -54.44
C ILE L 79 30.42 40.17 -53.96
N ALA L 80 30.34 39.62 -52.74
CA ALA L 80 29.12 39.30 -52.02
C ALA L 80 29.55 38.77 -50.66
N GLY L 81 28.61 38.75 -49.73
CA GLY L 81 28.94 38.52 -48.34
C GLY L 81 29.18 39.81 -47.59
N LEU L 82 29.61 39.67 -46.34
CA LEU L 82 29.81 40.84 -45.48
C LEU L 82 30.84 41.78 -46.09
N THR L 83 30.44 43.05 -46.26
CA THR L 83 31.30 44.03 -46.90
C THR L 83 32.50 44.38 -46.02
N ALA L 84 32.34 44.30 -44.69
CA ALA L 84 33.46 44.57 -43.80
C ALA L 84 34.55 43.52 -43.96
N ASP L 85 34.17 42.24 -43.95
CA ASP L 85 35.14 41.18 -44.20
C ASP L 85 35.55 41.14 -45.67
N ALA L 86 34.70 41.64 -46.57
CA ALA L 86 35.09 41.74 -47.96
C ALA L 86 36.23 42.74 -48.14
N ARG L 87 36.11 43.91 -47.50
CA ARG L 87 37.19 44.89 -47.57
C ARG L 87 38.41 44.43 -46.77
N LEU L 88 38.21 43.59 -45.75
CA LEU L 88 39.34 43.04 -45.02
C LEU L 88 40.21 42.17 -45.92
N LEU L 89 39.59 41.23 -46.63
CA LEU L 89 40.31 40.43 -47.62
C LEU L 89 40.60 41.20 -48.90
N CYS L 90 39.95 42.35 -49.11
CA CYS L 90 40.27 43.18 -50.27
C CYS L 90 41.59 43.92 -50.05
N ASN L 91 41.76 44.53 -48.88
CA ASN L 91 43.05 45.15 -48.55
C ASN L 91 44.12 44.08 -48.36
N PHE L 92 43.73 42.92 -47.82
CA PHE L 92 44.65 41.79 -47.78
C PHE L 92 45.01 41.32 -49.18
N MET L 93 44.07 41.44 -50.13
CA MET L 93 44.39 41.12 -51.53
C MET L 93 45.36 42.15 -52.10
N ARG L 94 45.26 43.41 -51.69
CA ARG L 94 46.23 44.41 -52.09
C ARG L 94 47.61 44.08 -51.54
N GLN L 95 47.66 43.57 -50.30
CA GLN L 95 48.93 43.10 -49.76
C GLN L 95 49.49 41.95 -50.59
N GLU L 96 48.63 41.10 -51.14
CA GLU L 96 49.07 40.04 -52.03
C GLU L 96 49.47 40.56 -53.39
N CYS L 97 48.82 41.64 -53.85
CA CYS L 97 49.19 42.23 -55.14
C CYS L 97 50.56 42.88 -55.08
N LEU L 98 50.86 43.57 -53.98
CA LEU L 98 52.16 44.21 -53.85
C LEU L 98 53.29 43.23 -53.58
N ASP L 99 52.97 41.96 -53.29
CA ASP L 99 54.02 40.97 -53.07
C ASP L 99 54.92 40.83 -54.29
N SER L 100 54.36 40.34 -55.40
CA SER L 100 55.16 40.13 -56.60
C SER L 100 55.42 41.41 -57.37
N ARG L 101 54.52 42.40 -57.25
CA ARG L 101 54.75 43.69 -57.88
C ARG L 101 55.96 44.41 -57.30
N PHE L 102 56.31 44.11 -56.03
CA PHE L 102 57.48 44.67 -55.39
C PHE L 102 58.71 43.80 -55.63
N VAL L 103 58.68 42.55 -55.15
CA VAL L 103 59.84 41.67 -55.28
C VAL L 103 60.14 41.39 -56.75
N PHE L 104 59.17 40.82 -57.47
CA PHE L 104 59.39 40.38 -58.85
C PHE L 104 59.05 41.42 -59.89
N ASP L 105 58.42 42.53 -59.50
CA ASP L 105 58.02 43.60 -60.42
C ASP L 105 57.09 43.09 -61.54
N ARG L 106 56.39 42.00 -61.31
CA ARG L 106 55.42 41.46 -62.25
C ARG L 106 54.28 40.86 -61.45
N PRO L 107 53.08 40.77 -62.04
CA PRO L 107 51.92 40.30 -61.26
C PRO L 107 51.98 38.82 -60.88
N LEU L 108 50.97 38.36 -60.15
CA LEU L 108 50.91 37.01 -59.61
C LEU L 108 49.91 36.16 -60.37
N PRO L 109 50.30 34.98 -60.86
CA PRO L 109 49.30 34.01 -61.31
C PRO L 109 48.31 33.72 -60.19
N VAL L 110 47.03 33.78 -60.54
CA VAL L 110 45.98 33.77 -59.51
C VAL L 110 45.73 32.38 -58.93
N SER L 111 46.14 31.32 -59.62
CA SER L 111 45.87 29.97 -59.13
C SER L 111 46.49 29.74 -57.77
N ARG L 112 47.79 29.99 -57.63
CA ARG L 112 48.46 29.81 -56.34
C ARG L 112 48.06 30.87 -55.34
N LEU L 113 47.54 32.02 -55.81
CA LEU L 113 47.16 33.08 -54.88
C LEU L 113 45.85 32.75 -54.18
N VAL L 114 44.88 32.21 -54.92
CA VAL L 114 43.62 31.78 -54.31
C VAL L 114 43.86 30.60 -53.37
N SER L 115 44.85 29.76 -53.67
CA SER L 115 45.21 28.69 -52.76
C SER L 115 45.74 29.24 -51.45
N LEU L 116 46.46 30.37 -51.50
CA LEU L 116 46.88 31.03 -50.27
C LEU L 116 45.69 31.67 -49.56
N ILE L 117 44.67 32.09 -50.31
CA ILE L 117 43.43 32.57 -49.68
C ILE L 117 42.73 31.42 -48.97
N GLY L 118 42.82 30.21 -49.53
CA GLY L 118 42.25 29.05 -48.86
C GLY L 118 42.96 28.75 -47.55
N SER L 119 44.30 28.80 -47.56
CA SER L 119 45.05 28.64 -46.32
C SER L 119 44.84 29.81 -45.37
N LYS L 120 44.50 30.99 -45.90
CA LYS L 120 44.19 32.13 -45.04
C LYS L 120 42.88 31.92 -44.30
N THR L 121 41.89 31.33 -44.97
CA THR L 121 40.58 31.06 -44.37
C THR L 121 40.54 29.71 -43.66
N GLN L 122 41.65 28.97 -43.63
CA GLN L 122 41.67 27.67 -42.97
C GLN L 122 41.75 27.82 -41.46
N ILE L 123 42.57 28.75 -40.97
CA ILE L 123 42.71 28.94 -39.53
C ILE L 123 41.40 29.34 -38.86
N PRO L 124 40.62 30.28 -39.38
CA PRO L 124 39.33 30.61 -38.73
C PRO L 124 38.35 29.45 -38.72
N THR L 125 38.52 28.44 -39.57
CA THR L 125 37.63 27.29 -39.55
C THR L 125 38.01 26.30 -38.44
N GLN L 126 39.28 26.26 -38.06
CA GLN L 126 39.76 25.21 -37.14
C GLN L 126 39.53 25.58 -35.68
N ARG L 127 40.19 26.64 -35.21
CA ARG L 127 40.21 26.94 -33.79
C ARG L 127 38.83 27.36 -33.28
N TYR L 128 38.64 27.22 -31.98
CA TYR L 128 37.39 27.59 -31.34
C TYR L 128 37.24 29.11 -31.30
N GLY L 129 35.99 29.56 -31.34
CA GLY L 129 35.68 30.97 -31.32
C GLY L 129 35.93 31.70 -32.63
N ARG L 130 36.55 31.04 -33.61
CA ARG L 130 36.83 31.64 -34.90
C ARG L 130 35.75 31.24 -35.90
N ARG L 131 35.34 32.20 -36.73
CA ARG L 131 34.24 31.99 -37.66
C ARG L 131 34.74 32.05 -39.10
N PRO L 132 34.07 31.35 -40.02
CA PRO L 132 34.39 31.53 -41.45
C PRO L 132 34.00 32.91 -41.94
N TYR L 133 34.25 33.19 -43.22
CA TYR L 133 33.96 34.49 -43.80
C TYR L 133 33.17 34.29 -45.09
N GLY L 134 31.95 34.81 -45.11
CA GLY L 134 31.16 34.76 -46.33
C GLY L 134 31.77 35.59 -47.42
N VAL L 135 32.05 34.98 -48.57
CA VAL L 135 32.78 35.62 -49.66
C VAL L 135 32.07 35.34 -50.96
N GLY L 136 31.77 36.41 -51.71
CA GLY L 136 31.15 36.28 -53.01
C GLY L 136 32.08 36.58 -54.17
N LEU L 137 33.38 36.56 -53.92
CA LEU L 137 34.36 36.90 -54.95
C LEU L 137 34.26 35.95 -56.13
N LEU L 138 34.09 36.51 -57.32
CA LEU L 138 34.31 35.81 -58.58
C LEU L 138 35.55 36.42 -59.20
N ILE L 139 36.65 35.68 -59.20
CA ILE L 139 37.97 36.23 -59.45
C ILE L 139 38.35 35.91 -60.89
N ALA L 140 38.54 36.95 -61.70
CA ALA L 140 39.15 36.83 -63.01
C ALA L 140 40.61 37.26 -62.92
N GLY L 141 41.48 36.50 -63.56
CA GLY L 141 42.90 36.82 -63.53
C GLY L 141 43.59 36.31 -64.77
N TYR L 142 44.73 36.91 -65.07
CA TYR L 142 45.50 36.59 -66.27
C TYR L 142 46.98 36.42 -65.92
N ASP L 143 47.48 35.22 -66.07
CA ASP L 143 48.90 34.97 -66.25
C ASP L 143 49.14 34.76 -67.75
N ASP L 144 50.36 34.37 -68.11
CA ASP L 144 50.68 34.18 -69.52
C ASP L 144 49.97 32.98 -70.14
N MET L 145 49.28 32.15 -69.34
CA MET L 145 48.58 30.99 -69.86
C MET L 145 47.12 31.26 -70.19
N GLY L 146 46.66 32.50 -70.07
CA GLY L 146 45.28 32.83 -70.38
C GLY L 146 44.42 33.09 -69.17
N PRO L 147 43.12 33.21 -69.38
CA PRO L 147 42.22 33.67 -68.31
C PRO L 147 41.97 32.59 -67.26
N HIS L 148 41.49 33.06 -66.10
CA HIS L 148 41.08 32.19 -65.00
C HIS L 148 39.83 32.78 -64.36
N ILE L 149 38.82 31.95 -64.15
CA ILE L 149 37.61 32.36 -63.43
C ILE L 149 37.45 31.42 -62.23
N PHE L 150 37.57 31.99 -61.04
CA PHE L 150 37.55 31.21 -59.80
C PHE L 150 36.36 31.63 -58.95
N GLN L 151 35.53 30.67 -58.58
CA GLN L 151 34.50 30.91 -57.59
C GLN L 151 35.11 30.85 -56.18
N THR L 152 34.48 31.55 -55.24
CA THR L 152 34.93 31.58 -53.86
C THR L 152 33.78 31.18 -52.94
N CYS L 153 34.12 30.41 -51.92
CA CYS L 153 33.16 29.93 -50.94
C CYS L 153 33.85 29.91 -49.58
N PRO L 154 33.07 29.94 -48.49
CA PRO L 154 33.69 29.82 -47.15
C PRO L 154 34.48 28.52 -46.98
N SER L 155 34.10 27.46 -47.70
CA SER L 155 34.89 26.24 -47.69
C SER L 155 36.16 26.37 -48.50
N ALA L 156 36.36 27.50 -49.18
CA ALA L 156 37.60 27.79 -49.92
C ALA L 156 37.84 26.78 -51.05
N ASN L 157 36.77 26.29 -51.66
CA ASN L 157 36.87 25.38 -52.81
C ASN L 157 36.61 26.20 -54.07
N TYR L 158 37.65 26.37 -54.88
CA TYR L 158 37.57 27.18 -56.08
C TYR L 158 37.56 26.29 -57.32
N PHE L 159 36.71 26.66 -58.29
CA PHE L 159 36.60 25.96 -59.56
C PHE L 159 37.09 26.89 -60.67
N ASP L 160 38.01 26.40 -61.49
CA ASP L 160 38.40 27.13 -62.69
C ASP L 160 37.43 26.79 -63.80
N CYS L 161 36.70 27.79 -64.29
CA CYS L 161 35.57 27.57 -65.17
C CYS L 161 35.58 28.61 -66.28
N ARG L 162 34.83 28.31 -67.34
CA ARG L 162 34.58 29.33 -68.35
C ARG L 162 33.56 30.35 -67.87
N ALA L 163 32.58 29.92 -67.09
CA ALA L 163 31.68 30.85 -66.40
C ALA L 163 31.05 30.14 -65.21
N MET L 164 30.59 30.94 -64.25
CA MET L 164 29.84 30.45 -63.09
C MET L 164 29.04 31.64 -62.53
N SER L 165 28.27 31.37 -61.48
CA SER L 165 27.46 32.42 -60.88
C SER L 165 27.21 32.07 -59.41
N ILE L 166 27.01 33.11 -58.60
CA ILE L 166 26.61 32.98 -57.21
C ILE L 166 25.60 34.07 -56.89
N GLY L 167 24.50 33.68 -56.25
CA GLY L 167 23.47 34.63 -55.89
C GLY L 167 22.12 33.94 -55.84
N ALA L 168 21.06 34.74 -55.98
CA ALA L 168 19.71 34.22 -56.01
C ALA L 168 19.43 33.57 -57.35
N ARG L 169 18.91 32.33 -57.31
CA ARG L 169 18.56 31.52 -58.48
C ARG L 169 19.64 31.56 -59.56
N SER L 170 20.91 31.53 -59.14
CA SER L 170 22.02 31.62 -60.08
C SER L 170 22.20 30.34 -60.89
N GLN L 171 21.52 29.25 -60.53
CA GLN L 171 21.66 28.02 -61.30
C GLN L 171 20.91 28.12 -62.63
N SER L 172 19.79 28.84 -62.64
CA SER L 172 19.04 29.01 -63.88
C SER L 172 19.88 29.73 -64.93
N ALA L 173 20.85 30.53 -64.51
CA ALA L 173 21.80 31.12 -65.45
C ALA L 173 22.68 30.05 -66.08
N ARG L 174 23.18 29.12 -65.26
CA ARG L 174 24.03 28.05 -65.78
C ARG L 174 23.28 27.16 -66.75
N THR L 175 22.00 26.88 -66.46
CA THR L 175 21.20 26.07 -67.38
C THR L 175 21.07 26.74 -68.73
N TYR L 176 20.99 28.06 -68.76
CA TYR L 176 21.01 28.81 -70.02
C TYR L 176 22.42 28.94 -70.57
N LEU L 177 23.44 28.72 -69.74
CA LEU L 177 24.83 28.90 -70.16
C LEU L 177 25.31 27.74 -71.04
N GLU L 178 25.25 26.51 -70.52
CA GLU L 178 26.00 25.37 -71.04
C GLU L 178 26.03 25.28 -72.57
N ARG L 179 24.88 25.06 -73.19
CA ARG L 179 24.86 24.93 -74.65
C ARG L 179 25.29 26.23 -75.32
N HIS L 180 25.01 27.37 -74.69
CA HIS L 180 25.45 28.66 -75.24
C HIS L 180 26.91 28.94 -74.91
N MET L 181 27.33 28.65 -73.68
CA MET L 181 28.68 28.99 -73.24
C MET L 181 29.74 28.18 -73.97
N SER L 182 29.39 27.02 -74.52
CA SER L 182 30.35 26.27 -75.33
C SER L 182 30.71 27.03 -76.60
N GLU L 183 29.77 27.79 -77.14
CA GLU L 183 30.04 28.66 -78.28
C GLU L 183 30.47 30.07 -77.87
N PHE L 184 30.39 30.39 -76.58
CA PHE L 184 30.82 31.70 -76.09
C PHE L 184 32.33 31.80 -75.90
N MET L 185 33.05 30.69 -76.01
CA MET L 185 34.51 30.76 -75.96
C MET L 185 35.09 31.36 -77.24
N GLU L 186 34.36 31.30 -78.34
CA GLU L 186 34.84 31.82 -79.62
C GLU L 186 34.67 33.33 -79.73
N CYS L 187 33.58 33.86 -79.16
CA CYS L 187 33.19 35.24 -79.41
C CYS L 187 34.15 36.24 -78.75
N ASN L 188 34.15 37.46 -79.28
CA ASN L 188 35.05 38.51 -78.82
C ASN L 188 34.40 39.29 -77.68
N LEU L 189 35.00 40.43 -77.31
CA LEU L 189 34.68 41.12 -76.07
C LEU L 189 33.21 41.54 -76.00
N ASN L 190 32.73 42.25 -77.03
CA ASN L 190 31.44 42.94 -76.93
C ASN L 190 30.31 41.96 -76.59
N GLU L 191 30.04 41.00 -77.47
CA GLU L 191 28.97 40.05 -77.19
C GLU L 191 29.26 39.21 -75.96
N LEU L 192 30.55 38.97 -75.67
CA LEU L 192 30.91 38.26 -74.44
C LEU L 192 30.49 39.04 -73.20
N VAL L 193 30.30 40.36 -73.32
CA VAL L 193 29.79 41.15 -72.20
C VAL L 193 28.30 40.90 -72.01
N LYS L 194 27.50 41.23 -73.03
CA LYS L 194 26.05 41.08 -72.93
C LYS L 194 25.62 39.63 -72.74
N HIS L 195 26.52 38.66 -72.93
CA HIS L 195 26.21 37.30 -72.51
C HIS L 195 26.14 37.21 -70.98
N GLY L 196 26.82 38.13 -70.29
CA GLY L 196 26.69 38.18 -68.84
C GLY L 196 25.30 38.61 -68.40
N LEU L 197 24.75 39.64 -69.05
CA LEU L 197 23.37 40.03 -68.76
C LEU L 197 22.37 39.06 -69.38
N ARG L 198 22.79 38.27 -70.38
CA ARG L 198 21.97 37.15 -70.83
C ARG L 198 21.83 36.08 -69.75
N ALA L 199 22.57 36.21 -68.65
CA ALA L 199 22.39 35.41 -67.45
C ALA L 199 21.65 36.19 -66.38
N LEU L 200 22.21 37.33 -65.96
CA LEU L 200 21.64 38.13 -64.88
C LEU L 200 20.15 38.41 -65.08
N ARG L 201 19.79 38.93 -66.27
CA ARG L 201 18.41 39.35 -66.47
C ARG L 201 17.42 38.19 -66.38
N GLU L 202 17.88 36.96 -66.57
CA GLU L 202 17.03 35.80 -66.29
C GLU L 202 17.01 35.49 -64.80
N THR L 203 18.14 35.65 -64.12
CA THR L 203 18.17 35.46 -62.67
C THR L 203 17.43 36.57 -61.94
N LEU L 204 17.24 37.72 -62.57
CA LEU L 204 16.43 38.78 -61.99
C LEU L 204 14.96 38.45 -62.15
N PRO L 205 14.13 38.78 -61.16
CA PRO L 205 12.68 38.60 -61.32
C PRO L 205 12.17 39.34 -62.55
N ALA L 206 11.22 38.71 -63.26
CA ALA L 206 10.79 39.21 -64.55
C ALA L 206 9.93 40.47 -64.48
N GLU L 207 9.57 40.93 -63.28
CA GLU L 207 8.67 42.06 -63.15
C GLU L 207 9.38 43.40 -63.00
N GLN L 208 10.70 43.44 -63.07
CA GLN L 208 11.40 44.71 -62.91
C GLN L 208 12.74 44.68 -63.64
N ASP L 209 13.24 45.88 -63.93
CA ASP L 209 14.55 46.08 -64.53
C ASP L 209 15.64 45.81 -63.49
N LEU L 210 16.91 45.49 -63.82
CA LEU L 210 17.62 45.62 -65.12
C LEU L 210 17.73 47.08 -65.56
N THR L 211 18.18 47.94 -64.64
CA THR L 211 18.35 49.36 -64.90
C THR L 211 19.80 49.65 -65.29
N THR L 212 20.14 50.93 -65.38
CA THR L 212 21.51 51.32 -65.71
C THR L 212 22.42 51.26 -64.49
N LYS L 213 21.93 51.71 -63.33
CA LYS L 213 22.75 51.85 -62.14
C LYS L 213 22.76 50.60 -61.26
N ASN L 214 21.96 49.59 -61.58
CA ASN L 214 21.92 48.37 -60.78
C ASN L 214 22.80 47.27 -61.33
N VAL L 215 23.52 47.52 -62.42
CA VAL L 215 24.34 46.50 -63.09
C VAL L 215 25.80 46.91 -63.01
N SER L 216 26.68 45.92 -62.88
CA SER L 216 28.13 46.13 -62.84
C SER L 216 28.78 45.37 -63.97
N ILE L 217 29.73 46.01 -64.66
CA ILE L 217 30.41 45.41 -65.80
C ILE L 217 31.90 45.67 -65.67
N GLY L 218 32.70 44.68 -66.06
CA GLY L 218 34.14 44.88 -66.19
C GLY L 218 34.69 43.92 -67.22
N ILE L 219 35.80 44.30 -67.84
CA ILE L 219 36.43 43.52 -68.90
C ILE L 219 37.93 43.52 -68.68
N VAL L 220 38.55 42.36 -68.86
CA VAL L 220 39.99 42.21 -68.68
C VAL L 220 40.48 41.13 -69.64
N GLY L 221 41.75 41.22 -70.03
CA GLY L 221 42.36 40.27 -70.93
C GLY L 221 43.85 40.17 -70.67
N LYS L 222 44.52 39.36 -71.50
CA LYS L 222 45.97 39.22 -71.37
C LYS L 222 46.67 40.51 -71.73
N ASP L 223 46.29 41.12 -72.84
CA ASP L 223 46.83 42.40 -73.28
C ASP L 223 45.97 43.59 -72.85
N LEU L 224 44.87 43.35 -72.13
CA LEU L 224 43.95 44.40 -71.71
C LEU L 224 43.99 44.55 -70.20
N GLU L 225 43.95 45.81 -69.75
CA GLU L 225 43.94 46.10 -68.32
C GLU L 225 42.52 46.27 -67.82
N PHE L 226 42.26 45.77 -66.62
CA PHE L 226 40.90 45.75 -66.09
C PHE L 226 40.43 47.15 -65.70
N THR L 227 39.15 47.41 -65.91
CA THR L 227 38.55 48.69 -65.57
C THR L 227 37.10 48.46 -65.16
N ILE L 228 36.61 49.29 -64.25
CA ILE L 228 35.22 49.22 -63.81
C ILE L 228 34.36 49.97 -64.81
N TYR L 229 33.25 49.34 -65.22
CA TYR L 229 32.34 49.91 -66.22
C TYR L 229 30.96 50.01 -65.62
N ASP L 230 30.43 51.23 -65.55
CA ASP L 230 29.09 51.48 -65.01
C ASP L 230 28.57 52.78 -65.59
N ASP L 231 27.24 52.96 -65.45
CA ASP L 231 26.54 54.15 -65.92
C ASP L 231 26.78 54.30 -67.43
N ASP L 232 27.42 55.38 -67.90
CA ASP L 232 27.57 55.60 -69.33
C ASP L 232 28.36 54.49 -70.02
N ASP L 233 29.16 53.73 -69.28
CA ASP L 233 29.89 52.61 -69.88
C ASP L 233 28.97 51.46 -70.27
N VAL L 234 27.71 51.46 -69.81
CA VAL L 234 26.77 50.39 -70.13
C VAL L 234 25.91 50.72 -71.35
N SER L 235 26.14 51.88 -71.98
CA SER L 235 25.30 52.28 -73.10
C SER L 235 25.37 51.31 -74.28
N PRO L 236 26.54 50.88 -74.76
CA PRO L 236 26.55 49.89 -75.85
C PRO L 236 26.05 48.52 -75.44
N PHE L 237 26.05 48.20 -74.14
CA PHE L 237 25.64 46.88 -73.68
C PHE L 237 24.12 46.76 -73.63
N LEU L 238 23.42 47.83 -73.25
CA LEU L 238 21.97 47.77 -73.15
C LEU L 238 21.32 47.77 -74.53
N GLU L 239 21.76 48.67 -75.41
CA GLU L 239 21.19 48.74 -76.74
C GLU L 239 21.65 47.56 -77.60
N GLY L 240 20.82 47.21 -78.58
CA GLY L 240 21.12 46.12 -79.48
C GLY L 240 20.48 44.80 -79.12
N LEU L 241 19.67 44.75 -78.07
CA LEU L 241 18.99 43.54 -77.64
C LEU L 241 17.50 43.78 -77.55
N GLU L 242 16.76 42.77 -77.11
CA GLU L 242 15.31 42.85 -76.98
C GLU L 242 14.89 42.30 -75.62
N GLU L 243 13.67 42.64 -75.23
CA GLU L 243 13.13 42.18 -73.96
C GLU L 243 12.79 40.69 -74.03
N ARG L 244 12.72 40.07 -72.86
CA ARG L 244 12.40 38.65 -72.79
C ARG L 244 10.93 38.42 -73.16
N PRO L 245 10.64 37.40 -73.97
CA PRO L 245 9.25 37.14 -74.34
C PRO L 245 8.44 36.66 -73.15
N GLN L 246 7.23 37.20 -73.00
CA GLN L 246 6.35 36.85 -71.90
C GLN L 246 5.60 35.55 -72.20
N THR M 5 25.09 14.45 -21.07
CA THR M 5 24.92 14.06 -22.46
C THR M 5 25.98 14.71 -23.35
N GLY M 6 26.05 14.27 -24.60
CA GLY M 6 27.01 14.82 -25.55
C GLY M 6 28.45 14.50 -25.21
N TYR M 7 28.77 13.22 -25.04
CA TYR M 7 30.14 12.82 -24.78
C TYR M 7 31.02 12.96 -26.01
N ASP M 8 30.44 13.13 -27.19
CA ASP M 8 31.18 13.19 -28.44
C ASP M 8 31.59 14.60 -28.85
N LEU M 9 31.14 15.62 -28.13
CA LEU M 9 31.39 17.01 -28.51
C LEU M 9 32.87 17.33 -28.60
N SER M 10 33.57 17.35 -27.46
CA SER M 10 34.97 17.75 -27.44
C SER M 10 35.88 16.60 -27.82
N ALA M 11 36.99 16.94 -28.50
CA ALA M 11 37.96 15.93 -28.89
C ALA M 11 38.86 15.53 -27.74
N SER M 12 39.04 16.40 -26.75
CA SER M 12 39.86 16.09 -25.58
C SER M 12 39.09 15.32 -24.53
N THR M 13 37.79 15.09 -24.73
CA THR M 13 36.94 14.38 -23.77
C THR M 13 36.56 13.02 -24.35
N PHE M 14 36.77 11.97 -23.56
CA PHE M 14 36.47 10.62 -24.01
C PHE M 14 34.97 10.36 -23.95
N SER M 15 34.59 9.15 -24.35
CA SER M 15 33.22 8.67 -24.33
C SER M 15 33.16 7.36 -23.57
N PRO M 16 31.97 6.94 -23.14
CA PRO M 16 31.87 5.67 -22.40
C PRO M 16 32.43 4.46 -23.12
N ASP M 17 32.57 4.53 -24.45
CA ASP M 17 33.15 3.42 -25.21
C ASP M 17 34.67 3.48 -25.28
N GLY M 18 35.28 4.57 -24.83
CA GLY M 18 36.72 4.67 -24.84
C GLY M 18 37.33 5.37 -26.04
N ARG M 19 36.55 6.15 -26.78
CA ARG M 19 37.06 6.85 -27.94
C ARG M 19 36.31 8.18 -28.07
N VAL M 20 36.53 8.88 -29.19
CA VAL M 20 35.86 10.13 -29.48
C VAL M 20 35.20 10.01 -30.84
N PHE M 21 33.92 10.36 -30.91
CA PHE M 21 33.19 10.27 -32.18
C PHE M 21 33.60 11.35 -33.17
N GLN M 22 34.27 12.40 -32.72
CA GLN M 22 34.79 13.41 -33.65
C GLN M 22 35.74 12.76 -34.65
N VAL M 23 36.53 11.80 -34.21
CA VAL M 23 37.34 11.01 -35.13
C VAL M 23 36.45 10.11 -35.98
N GLU M 24 35.43 9.51 -35.35
CA GLU M 24 34.54 8.62 -36.08
C GLU M 24 33.67 9.39 -37.07
N TYR M 25 33.21 10.60 -36.68
CA TYR M 25 32.47 11.43 -37.62
C TYR M 25 33.33 11.83 -38.81
N ALA M 26 34.63 12.02 -38.57
CA ALA M 26 35.54 12.35 -39.66
C ALA M 26 35.87 11.13 -40.51
N MET M 27 35.86 9.93 -39.92
CA MET M 27 36.15 8.71 -40.67
C MET M 27 35.10 8.49 -41.76
N LYS M 28 33.83 8.41 -41.36
CA LYS M 28 32.76 8.17 -42.33
C LYS M 28 32.51 9.38 -43.22
N ALA M 29 33.03 10.55 -42.86
CA ALA M 29 32.99 11.69 -43.78
C ALA M 29 33.91 11.46 -44.97
N VAL M 30 35.03 10.76 -44.76
CA VAL M 30 35.90 10.40 -45.88
C VAL M 30 35.24 9.33 -46.74
N GLU M 31 34.36 8.52 -46.17
CA GLU M 31 33.69 7.47 -46.93
C GLU M 31 32.83 8.04 -48.05
N ASN M 32 32.36 9.28 -47.92
CA ASN M 32 31.59 9.93 -48.97
C ASN M 32 32.46 10.40 -50.13
N SER M 33 33.77 10.45 -49.96
CA SER M 33 34.67 10.85 -51.03
C SER M 33 34.76 9.77 -52.10
N SER M 34 35.23 10.17 -53.27
CA SER M 34 35.36 9.26 -54.40
C SER M 34 36.64 8.43 -54.26
N THR M 35 36.99 7.70 -55.31
CA THR M 35 38.10 6.76 -55.24
C THR M 35 39.43 7.47 -55.02
N ALA M 36 40.14 7.05 -53.98
CA ALA M 36 41.52 7.46 -53.73
C ALA M 36 42.30 6.21 -53.35
N ILE M 37 43.32 5.87 -54.14
CA ILE M 37 43.98 4.58 -54.05
C ILE M 37 45.49 4.78 -54.17
N GLY M 38 46.21 3.67 -54.09
CA GLY M 38 47.62 3.60 -54.45
C GLY M 38 48.07 2.16 -54.54
N ILE M 39 49.08 1.89 -55.36
CA ILE M 39 49.63 0.54 -55.51
C ILE M 39 51.09 0.69 -55.92
N ARG M 40 51.94 -0.20 -55.40
CA ARG M 40 53.37 -0.12 -55.66
C ARG M 40 53.88 -1.47 -56.16
N CYS M 41 54.52 -1.45 -57.34
CA CYS M 41 55.23 -2.60 -57.87
C CYS M 41 56.72 -2.42 -57.56
N LYS M 42 57.55 -3.28 -58.14
CA LYS M 42 59.00 -3.15 -57.96
C LYS M 42 59.53 -1.90 -58.67
N ASP M 43 58.91 -1.50 -59.77
CA ASP M 43 59.42 -0.39 -60.58
C ASP M 43 58.83 0.96 -60.21
N GLY M 44 57.83 1.02 -59.35
CA GLY M 44 57.26 2.30 -58.98
C GLY M 44 55.94 2.15 -58.25
N VAL M 45 55.27 3.28 -58.08
CA VAL M 45 54.01 3.38 -57.36
C VAL M 45 52.99 4.07 -58.26
N VAL M 46 51.86 3.42 -58.49
CA VAL M 46 50.80 3.95 -59.35
C VAL M 46 49.76 4.66 -58.48
N PHE M 47 49.34 5.85 -58.92
CA PHE M 47 48.30 6.62 -58.25
C PHE M 47 47.17 6.91 -59.23
N GLY M 48 45.95 6.97 -58.68
CA GLY M 48 44.80 7.35 -59.48
C GLY M 48 43.68 7.87 -58.60
N VAL M 49 42.85 8.73 -59.20
CA VAL M 49 41.74 9.35 -58.50
C VAL M 49 40.59 9.51 -59.49
N GLU M 50 39.36 9.27 -59.02
CA GLU M 50 38.17 9.45 -59.83
C GLU M 50 37.50 10.77 -59.44
N LYS M 51 37.39 11.68 -60.41
CA LYS M 51 36.76 12.97 -60.19
C LYS M 51 35.25 12.85 -60.43
N LEU M 52 34.46 13.36 -59.48
CA LEU M 52 33.01 13.38 -59.61
C LEU M 52 32.58 14.74 -60.14
N VAL M 53 31.85 14.73 -61.25
CA VAL M 53 31.39 15.95 -61.91
C VAL M 53 29.89 16.07 -61.66
N LEU M 54 29.50 17.06 -60.85
CA LEU M 54 28.08 17.24 -60.53
C LEU M 54 27.28 17.61 -61.77
N SER M 55 27.59 18.74 -62.40
CA SER M 55 26.90 19.08 -63.64
C SER M 55 27.87 19.30 -64.81
N LYS M 56 28.46 20.49 -64.90
CA LYS M 56 29.49 20.73 -65.91
C LYS M 56 30.89 20.30 -65.41
N LEU M 57 31.32 20.67 -64.19
CA LEU M 57 30.87 21.86 -63.46
C LEU M 57 31.66 23.05 -63.97
N TYR M 58 32.89 22.77 -64.41
CA TYR M 58 33.87 23.79 -64.74
C TYR M 58 34.85 23.20 -65.76
N GLU M 59 35.93 23.93 -66.03
CA GLU M 59 36.92 23.49 -67.01
C GLU M 59 37.66 22.26 -66.51
N GLU M 60 38.24 21.51 -67.44
CA GLU M 60 38.95 20.28 -67.12
C GLU M 60 40.36 20.59 -66.61
N GLY M 61 40.75 19.90 -65.55
CA GLY M 61 42.08 20.03 -64.99
C GLY M 61 42.17 20.88 -63.74
N SER M 62 41.07 21.47 -63.29
CA SER M 62 41.09 22.36 -62.15
C SER M 62 40.92 21.59 -60.84
N ASN M 63 41.63 22.06 -59.82
CA ASN M 63 41.54 21.59 -58.43
C ASN M 63 41.37 20.08 -58.34
N LYS M 64 42.39 19.37 -58.80
CA LYS M 64 42.43 17.92 -58.68
C LYS M 64 42.96 17.51 -57.31
N ARG M 65 42.42 16.42 -56.78
CA ARG M 65 42.83 15.97 -55.46
C ARG M 65 44.26 15.44 -55.43
N LEU M 66 44.82 15.12 -56.59
CA LEU M 66 46.22 14.70 -56.65
C LEU M 66 47.13 15.88 -56.37
N PHE M 67 47.99 15.75 -55.36
CA PHE M 67 48.89 16.83 -54.98
C PHE M 67 50.32 16.34 -54.96
N ASN M 68 51.25 17.19 -54.52
CA ASN M 68 52.67 16.87 -54.57
C ASN M 68 53.37 17.44 -53.34
N VAL M 69 54.41 16.72 -52.90
CA VAL M 69 55.23 17.14 -51.77
C VAL M 69 56.65 17.48 -52.22
N ASP M 70 57.38 16.48 -52.73
CA ASP M 70 58.71 16.67 -53.29
C ASP M 70 58.77 15.96 -54.64
N ARG M 71 59.92 16.04 -55.30
CA ARG M 71 60.05 15.38 -56.60
C ARG M 71 59.86 13.88 -56.47
N HIS M 72 60.20 13.29 -55.33
CA HIS M 72 60.08 11.86 -55.11
C HIS M 72 58.81 11.46 -54.35
N VAL M 73 58.00 12.41 -53.89
CA VAL M 73 56.87 12.10 -53.03
C VAL M 73 55.68 12.99 -53.43
N GLY M 74 54.47 12.41 -53.41
CA GLY M 74 53.28 13.15 -53.77
C GLY M 74 52.08 12.71 -52.95
N MET M 75 51.01 13.49 -53.06
CA MET M 75 49.82 13.32 -52.24
C MET M 75 48.64 12.92 -53.10
N ALA M 76 47.89 11.91 -52.64
CA ALA M 76 46.57 11.59 -53.17
C ALA M 76 45.61 11.59 -51.98
N VAL M 77 44.70 12.56 -51.95
CA VAL M 77 43.95 12.86 -50.74
C VAL M 77 42.50 12.37 -50.86
N ALA M 78 41.74 12.58 -49.80
CA ALA M 78 40.32 12.25 -49.77
C ALA M 78 39.65 13.10 -48.69
N GLY M 79 38.33 13.21 -48.77
CA GLY M 79 37.60 14.00 -47.81
C GLY M 79 37.49 15.47 -48.21
N LEU M 80 37.43 16.33 -47.20
CA LEU M 80 37.31 17.77 -47.43
C LEU M 80 38.50 18.28 -48.24
N LEU M 81 38.20 19.12 -49.23
CA LEU M 81 39.24 19.53 -50.18
C LEU M 81 40.13 20.62 -49.63
N ALA M 82 39.58 21.56 -48.87
CA ALA M 82 40.37 22.67 -48.36
C ALA M 82 41.39 22.21 -47.34
N ASP M 83 40.94 21.48 -46.31
CA ASP M 83 41.87 20.95 -45.31
C ASP M 83 42.82 19.92 -45.90
N ALA M 84 42.45 19.30 -47.03
CA ALA M 84 43.40 18.46 -47.75
C ALA M 84 44.54 19.30 -48.31
N ARG M 85 44.21 20.43 -48.95
CA ARG M 85 45.24 21.36 -49.40
C ARG M 85 46.07 21.88 -48.23
N SER M 86 45.44 22.08 -47.07
CA SER M 86 46.13 22.51 -45.87
C SER M 86 47.24 21.53 -45.50
N LEU M 87 46.86 20.30 -45.15
CA LEU M 87 47.86 19.30 -44.78
C LEU M 87 48.80 18.98 -45.94
N ALA M 88 48.34 19.14 -47.18
CA ALA M 88 49.25 18.97 -48.32
C ALA M 88 50.31 20.06 -48.31
N ASP M 89 49.92 21.31 -48.07
CA ASP M 89 50.89 22.40 -48.04
C ASP M 89 51.81 22.29 -46.84
N ILE M 90 51.30 21.78 -45.70
CA ILE M 90 52.14 21.60 -44.53
C ILE M 90 53.20 20.55 -44.79
N ALA M 91 52.81 19.41 -45.36
CA ALA M 91 53.78 18.40 -45.74
C ALA M 91 54.62 18.84 -46.93
N ARG M 92 54.07 19.75 -47.76
CA ARG M 92 54.84 20.29 -48.88
C ARG M 92 56.05 21.07 -48.39
N GLU M 93 55.81 22.05 -47.51
CA GLU M 93 56.90 22.87 -46.99
C GLU M 93 57.74 22.13 -45.96
N GLU M 94 57.21 21.07 -45.36
CA GLU M 94 57.98 20.32 -44.37
C GLU M 94 59.20 19.65 -44.99
N ALA M 95 59.08 19.21 -46.25
CA ALA M 95 60.22 18.61 -46.92
C ALA M 95 61.34 19.61 -47.14
N SER M 96 61.01 20.91 -47.22
CA SER M 96 62.03 21.93 -47.35
C SER M 96 62.88 22.05 -46.09
N ASN M 97 62.33 21.70 -44.92
CA ASN M 97 63.12 21.72 -43.70
C ASN M 97 64.16 20.60 -43.70
N PHE M 98 63.74 19.39 -44.10
CA PHE M 98 64.68 18.30 -44.25
C PHE M 98 65.68 18.57 -45.37
N ARG M 99 65.24 19.27 -46.41
CA ARG M 99 66.15 19.62 -47.50
C ARG M 99 67.11 20.73 -47.09
N SER M 100 66.71 21.59 -46.14
CA SER M 100 67.59 22.66 -45.70
C SER M 100 68.63 22.16 -44.71
N ASN M 101 68.24 21.28 -43.79
CA ASN M 101 69.17 20.81 -42.77
C ASN M 101 70.12 19.74 -43.31
N PHE M 102 69.71 19.03 -44.37
CA PHE M 102 70.49 17.91 -44.88
C PHE M 102 70.78 18.08 -46.36
N GLY M 103 69.74 18.12 -47.20
CA GLY M 103 69.90 18.30 -48.62
C GLY M 103 69.59 17.09 -49.48
N TYR M 104 69.16 15.98 -48.90
CA TYR M 104 68.73 14.82 -49.66
C TYR M 104 67.25 14.56 -49.41
N ASN M 105 66.73 13.49 -50.04
CA ASN M 105 65.30 13.22 -50.00
C ASN M 105 64.86 12.83 -48.59
N ILE M 106 63.64 13.21 -48.26
CA ILE M 106 63.06 12.91 -46.95
C ILE M 106 62.47 11.50 -46.98
N PRO M 107 62.84 10.63 -46.04
CA PRO M 107 62.21 9.30 -45.98
C PRO M 107 60.71 9.43 -45.74
N LEU M 108 59.93 8.69 -46.54
CA LEU M 108 58.48 8.80 -46.47
C LEU M 108 57.93 8.18 -45.18
N LYS M 109 58.60 7.15 -44.66
CA LYS M 109 58.14 6.52 -43.43
C LYS M 109 58.17 7.50 -42.26
N HIS M 110 59.24 8.30 -42.16
CA HIS M 110 59.35 9.29 -41.10
C HIS M 110 58.78 10.64 -41.49
N LEU M 111 58.40 10.83 -42.75
CA LEU M 111 57.65 12.02 -43.13
C LEU M 111 56.20 11.92 -42.70
N ALA M 112 55.63 10.72 -42.72
CA ALA M 112 54.29 10.50 -42.21
C ALA M 112 54.21 10.72 -40.70
N ASP M 113 55.34 10.61 -40.00
CA ASP M 113 55.35 10.92 -38.58
C ASP M 113 55.02 12.38 -38.31
N ARG M 114 55.45 13.28 -39.19
CA ARG M 114 55.11 14.70 -39.05
C ARG M 114 53.61 14.91 -39.14
N VAL M 115 52.99 14.40 -40.21
CA VAL M 115 51.54 14.49 -40.34
C VAL M 115 50.85 13.74 -39.20
N ALA M 116 51.49 12.68 -38.69
CA ALA M 116 50.97 12.00 -37.52
C ALA M 116 50.99 12.92 -36.31
N MET M 117 52.04 13.74 -36.18
CA MET M 117 52.11 14.69 -35.08
C MET M 117 51.09 15.81 -35.24
N TYR M 118 50.83 16.24 -36.48
CA TYR M 118 49.87 17.32 -36.71
C TYR M 118 48.44 16.86 -36.46
N VAL M 119 48.07 15.72 -37.04
CA VAL M 119 46.69 15.24 -36.92
C VAL M 119 46.39 14.81 -35.49
N HIS M 120 47.34 14.12 -34.85
CA HIS M 120 47.12 13.68 -33.48
C HIS M 120 47.02 14.86 -32.52
N ALA M 121 47.88 15.86 -32.68
CA ALA M 121 47.81 17.04 -31.82
C ALA M 121 46.49 17.77 -31.97
N TYR M 122 45.97 17.85 -33.20
CA TYR M 122 44.67 18.46 -33.41
C TYR M 122 43.54 17.66 -32.78
N THR M 123 43.75 16.36 -32.56
CA THR M 123 42.81 15.56 -31.76
C THR M 123 43.06 15.73 -30.26
N LEU M 124 44.26 16.17 -29.87
CA LEU M 124 44.55 16.37 -28.46
C LEU M 124 43.80 17.57 -27.89
N TYR M 125 43.94 18.73 -28.54
CA TYR M 125 43.40 19.97 -27.99
C TYR M 125 41.89 20.03 -28.17
N SER M 126 41.20 20.57 -27.16
CA SER M 126 39.76 20.73 -27.23
C SER M 126 39.35 21.95 -28.04
N ALA M 127 40.21 22.97 -28.10
CA ALA M 127 39.89 24.17 -28.87
C ALA M 127 39.75 23.85 -30.35
N VAL M 128 40.77 23.24 -30.94
CA VAL M 128 40.74 22.84 -32.34
C VAL M 128 39.98 21.52 -32.46
N ARG M 129 39.86 21.02 -33.67
CA ARG M 129 39.16 19.77 -33.96
C ARG M 129 40.09 18.83 -34.70
N PRO M 130 39.66 17.59 -34.94
CA PRO M 130 40.39 16.73 -35.87
C PRO M 130 40.06 17.10 -37.31
N PHE M 131 41.01 16.83 -38.20
CA PHE M 131 40.81 17.05 -39.62
C PHE M 131 40.09 15.85 -40.23
N GLY M 132 39.12 16.14 -41.08
CA GLY M 132 38.32 15.10 -41.71
C GLY M 132 38.92 14.60 -43.00
N CYS M 133 40.23 14.78 -43.17
CA CYS M 133 40.92 14.44 -44.40
C CYS M 133 41.81 13.23 -44.19
N SER M 134 41.73 12.28 -45.12
CA SER M 134 42.67 11.19 -45.25
C SER M 134 43.42 11.35 -46.57
N PHE M 135 44.36 10.44 -46.84
CA PHE M 135 45.20 10.55 -48.03
C PHE M 135 46.09 9.32 -48.11
N MET M 136 46.78 9.20 -49.24
CA MET M 136 47.73 8.12 -49.50
C MET M 136 49.10 8.72 -49.76
N LEU M 137 50.14 8.00 -49.33
CA LEU M 137 51.52 8.42 -49.51
C LEU M 137 52.31 7.26 -50.09
N GLY M 138 52.98 7.51 -51.22
CA GLY M 138 53.78 6.49 -51.87
C GLY M 138 54.94 7.12 -52.61
N SER M 139 55.94 6.28 -52.90
CA SER M 139 57.18 6.76 -53.49
C SER M 139 58.07 5.56 -53.79
N TYR M 140 59.08 5.80 -54.64
CA TYR M 140 60.07 4.79 -54.98
C TYR M 140 61.39 5.48 -55.30
N SER M 141 62.48 4.81 -54.99
CA SER M 141 63.82 5.33 -55.28
C SER M 141 64.78 4.17 -55.41
N VAL M 142 65.92 4.44 -56.06
CA VAL M 142 66.92 3.40 -56.25
C VAL M 142 67.66 3.12 -54.95
N ASN M 143 67.85 4.13 -54.11
CA ASN M 143 68.50 3.97 -52.81
C ASN M 143 67.51 3.77 -51.68
N ASP M 144 66.20 3.78 -51.96
CA ASP M 144 65.17 3.63 -50.94
C ASP M 144 64.28 2.43 -51.21
N GLY M 145 63.55 2.42 -52.33
CA GLY M 145 62.59 1.39 -52.65
C GLY M 145 61.17 1.91 -52.54
N ALA M 146 60.23 1.01 -52.78
CA ALA M 146 58.82 1.35 -52.84
C ALA M 146 58.21 1.30 -51.44
N GLN M 147 57.68 2.43 -50.99
CA GLN M 147 56.99 2.53 -49.70
C GLN M 147 55.67 3.25 -49.90
N LEU M 148 54.56 2.55 -49.64
CA LEU M 148 53.23 3.14 -49.69
C LEU M 148 52.67 3.20 -48.29
N TYR M 149 52.02 4.32 -47.96
CA TYR M 149 51.50 4.54 -46.61
C TYR M 149 50.10 5.14 -46.68
N MET M 150 49.36 4.95 -45.60
CA MET M 150 47.95 5.35 -45.52
C MET M 150 47.71 6.02 -44.17
N ILE M 151 47.20 7.24 -44.19
CA ILE M 151 46.90 8.00 -42.99
C ILE M 151 45.44 8.42 -43.04
N ASP M 152 44.75 8.27 -41.90
CA ASP M 152 43.32 8.57 -41.81
C ASP M 152 43.10 9.68 -40.78
N PRO M 153 41.87 10.16 -40.58
CA PRO M 153 41.65 11.21 -39.58
C PRO M 153 42.07 10.83 -38.17
N SER M 154 42.19 9.54 -37.85
CA SER M 154 42.64 9.14 -36.52
C SER M 154 44.13 9.33 -36.29
N GLY M 155 44.88 9.70 -37.34
CA GLY M 155 46.31 9.87 -37.19
C GLY M 155 47.10 8.59 -37.14
N VAL M 156 46.68 7.58 -37.90
CA VAL M 156 47.36 6.29 -37.96
C VAL M 156 48.36 6.33 -39.11
N SER M 157 49.62 6.04 -38.82
CA SER M 157 50.67 5.94 -39.84
C SER M 157 50.89 4.46 -40.13
N TYR M 158 50.45 4.04 -41.31
CA TYR M 158 50.53 2.64 -41.70
C TYR M 158 50.46 2.57 -43.22
N GLY M 159 50.85 1.42 -43.77
CA GLY M 159 50.87 1.27 -45.21
C GLY M 159 50.63 -0.17 -45.64
N TYR M 160 50.22 -0.30 -46.90
CA TYR M 160 50.03 -1.58 -47.56
C TYR M 160 50.71 -1.51 -48.92
N TRP M 161 50.87 -2.69 -49.55
CA TRP M 161 51.32 -2.70 -50.94
C TRP M 161 50.28 -2.03 -51.84
N GLY M 162 49.01 -2.10 -51.48
CA GLY M 162 47.98 -1.36 -52.16
C GLY M 162 46.83 -1.09 -51.21
N CYS M 163 46.09 -0.03 -51.49
CA CYS M 163 45.00 0.39 -50.60
C CYS M 163 44.00 1.21 -51.39
N ALA M 164 42.81 1.35 -50.81
CA ALA M 164 41.72 2.11 -51.42
C ALA M 164 41.05 2.97 -50.38
N ILE M 165 40.37 4.02 -50.85
CA ILE M 165 39.57 4.91 -50.01
C ILE M 165 38.30 5.24 -50.78
N GLY M 166 37.28 5.67 -50.03
CA GLY M 166 36.02 6.10 -50.62
C GLY M 166 34.92 5.08 -50.42
N LYS M 167 33.81 5.31 -51.15
CA LYS M 167 32.63 4.46 -51.06
C LYS M 167 32.99 2.99 -51.26
N ALA M 168 33.50 2.65 -52.44
CA ALA M 168 33.98 1.30 -52.72
C ALA M 168 35.45 1.24 -52.36
N ARG M 169 35.77 0.46 -51.32
CA ARG M 169 37.13 0.40 -50.80
C ARG M 169 37.58 -1.05 -50.65
N GLN M 170 36.97 -1.78 -49.72
CA GLN M 170 37.33 -3.17 -49.52
C GLN M 170 36.97 -4.03 -50.72
N ALA M 171 35.87 -3.70 -51.41
CA ALA M 171 35.52 -4.42 -52.62
C ALA M 171 36.43 -4.04 -53.79
N ALA M 172 37.01 -2.84 -53.74
CA ALA M 172 37.88 -2.39 -54.84
C ALA M 172 39.27 -2.99 -54.72
N LYS M 173 39.78 -3.16 -53.49
CA LYS M 173 41.12 -3.66 -53.28
C LYS M 173 41.18 -5.18 -53.18
N THR M 174 40.04 -5.86 -53.14
CA THR M 174 40.00 -7.31 -53.11
C THR M 174 40.69 -7.91 -54.33
N GLU M 175 40.12 -7.67 -55.52
CA GLU M 175 40.68 -8.23 -56.75
C GLU M 175 42.05 -7.65 -57.11
N ILE M 176 42.50 -6.60 -56.40
CA ILE M 176 43.84 -6.07 -56.65
C ILE M 176 44.92 -7.08 -56.29
N GLU M 177 44.61 -8.03 -55.40
CA GLU M 177 45.58 -9.06 -55.04
C GLU M 177 46.04 -9.88 -56.24
N LYS M 178 45.25 -9.89 -57.32
CA LYS M 178 45.71 -10.54 -58.54
C LYS M 178 46.95 -9.85 -59.10
N LEU M 179 47.02 -8.52 -58.96
CA LEU M 179 48.21 -7.77 -59.33
C LEU M 179 49.27 -7.96 -58.24
N GLN M 180 50.43 -8.46 -58.63
CA GLN M 180 51.46 -8.80 -57.66
C GLN M 180 52.14 -7.54 -57.13
N MET M 181 52.71 -7.67 -55.93
CA MET M 181 53.38 -6.55 -55.27
C MET M 181 54.78 -6.31 -55.83
N LYS M 182 55.38 -7.30 -56.48
CA LYS M 182 56.74 -7.19 -56.97
C LYS M 182 56.86 -7.54 -58.45
N GLU M 183 56.53 -8.79 -58.79
CA GLU M 183 56.77 -9.30 -60.13
C GLU M 183 56.11 -8.45 -61.22
N MET M 184 55.02 -7.77 -60.88
CA MET M 184 54.35 -6.93 -61.87
C MET M 184 55.14 -5.66 -62.15
N THR M 185 54.95 -5.13 -63.35
CA THR M 185 55.59 -3.88 -63.77
C THR M 185 54.54 -2.77 -63.76
N CYS M 186 54.72 -1.80 -62.86
CA CYS M 186 53.72 -0.75 -62.66
C CYS M 186 53.43 0.04 -63.92
N ARG M 187 54.33 0.01 -64.91
CA ARG M 187 54.02 0.68 -66.18
C ARG M 187 52.81 0.05 -66.84
N ASP M 188 52.73 -1.28 -66.86
CA ASP M 188 51.55 -1.95 -67.38
C ASP M 188 50.41 -1.98 -66.37
N ILE M 189 50.73 -1.94 -65.07
CA ILE M 189 49.71 -1.94 -64.03
C ILE M 189 48.88 -0.67 -64.02
N VAL M 190 49.35 0.38 -64.71
CA VAL M 190 48.53 1.59 -64.90
C VAL M 190 47.15 1.22 -65.42
N LYS M 191 47.10 0.64 -66.62
CA LYS M 191 45.83 0.20 -67.18
C LYS M 191 45.24 -0.99 -66.42
N GLU M 192 46.06 -1.76 -65.71
CA GLU M 192 45.53 -2.88 -64.94
C GLU M 192 44.70 -2.40 -63.77
N VAL M 193 45.15 -1.35 -63.08
CA VAL M 193 44.33 -0.76 -62.03
C VAL M 193 43.22 0.09 -62.65
N ALA M 194 43.45 0.65 -63.84
CA ALA M 194 42.44 1.46 -64.49
C ALA M 194 41.19 0.65 -64.80
N LYS M 195 41.36 -0.64 -65.13
CA LYS M 195 40.20 -1.48 -65.39
C LYS M 195 39.43 -1.79 -64.11
N ILE M 196 40.12 -1.81 -62.97
CA ILE M 196 39.45 -2.06 -61.70
C ILE M 196 38.63 -0.83 -61.29
N ILE M 197 39.27 0.33 -61.26
CA ILE M 197 38.59 1.55 -60.80
C ILE M 197 37.47 1.94 -61.76
N TYR M 198 37.61 1.60 -63.05
CA TYR M 198 36.54 1.88 -63.99
C TYR M 198 35.33 1.00 -63.74
N ILE M 199 35.55 -0.28 -63.46
CA ILE M 199 34.45 -1.19 -63.17
C ILE M 199 33.92 -0.97 -61.76
N VAL M 200 34.80 -0.93 -60.77
CA VAL M 200 34.40 -0.74 -59.38
C VAL M 200 34.01 0.73 -59.20
N HIS M 201 33.55 1.09 -58.00
CA HIS M 201 33.05 2.43 -57.71
C HIS M 201 31.94 2.80 -58.71
N ASP M 202 30.81 2.13 -58.51
CA ASP M 202 29.73 2.11 -59.49
C ASP M 202 29.30 3.52 -59.89
N GLU M 203 29.32 3.78 -61.20
CA GLU M 203 28.97 5.08 -61.76
C GLU M 203 27.52 5.17 -62.21
N VAL M 204 26.72 4.12 -62.01
CA VAL M 204 25.31 4.18 -62.40
C VAL M 204 24.58 5.25 -61.61
N LYS M 205 24.99 5.48 -60.35
CA LYS M 205 24.38 6.52 -59.55
C LYS M 205 24.60 7.90 -60.18
N ASP M 206 25.87 8.27 -60.36
CA ASP M 206 26.23 9.54 -61.00
C ASP M 206 26.95 9.23 -62.31
N LYS M 207 26.30 9.52 -63.43
CA LYS M 207 26.85 9.14 -64.73
C LYS M 207 28.06 9.97 -65.10
N ALA M 208 28.12 11.23 -64.68
CA ALA M 208 29.23 12.11 -65.02
C ALA M 208 30.38 11.88 -64.07
N PHE M 209 31.55 11.56 -64.60
CA PHE M 209 32.74 11.36 -63.80
C PHE M 209 33.97 11.66 -64.65
N GLU M 210 35.15 11.54 -64.03
CA GLU M 210 36.41 11.75 -64.72
C GLU M 210 37.49 10.99 -63.97
N LEU M 211 38.58 10.69 -64.68
CA LEU M 211 39.66 9.88 -64.12
C LEU M 211 41.00 10.60 -64.30
N GLU M 212 41.82 10.55 -63.24
CA GLU M 212 43.16 11.10 -63.26
C GLU M 212 44.17 9.99 -63.00
N LEU M 213 45.41 10.24 -63.43
CA LEU M 213 46.50 9.29 -63.26
C LEU M 213 47.74 10.02 -62.77
N SER M 214 48.62 9.27 -62.10
CA SER M 214 49.95 9.75 -61.78
C SER M 214 50.83 8.54 -61.53
N TRP M 215 52.12 8.79 -61.36
CA TRP M 215 53.07 7.71 -61.11
C TRP M 215 54.36 8.28 -60.53
N VAL M 216 55.12 7.42 -59.88
CA VAL M 216 56.49 7.73 -59.47
C VAL M 216 57.26 6.41 -59.41
N GLY M 217 58.54 6.46 -59.76
CA GLY M 217 59.35 5.26 -59.75
C GLY M 217 60.64 5.46 -60.51
N GLU M 218 61.21 4.33 -60.96
CA GLU M 218 62.52 4.33 -61.59
C GLU M 218 62.47 4.80 -63.04
N LEU M 219 61.38 4.54 -63.75
CA LEU M 219 61.31 4.94 -65.15
C LEU M 219 61.43 6.45 -65.31
N THR M 220 60.93 7.22 -64.34
CA THR M 220 61.11 8.66 -64.32
C THR M 220 62.30 9.08 -63.46
N ASN M 221 63.04 8.12 -62.92
CA ASN M 221 64.22 8.37 -62.08
C ASN M 221 63.85 9.20 -60.85
N GLY M 222 63.05 8.58 -59.99
CA GLY M 222 62.65 9.20 -58.74
C GLY M 222 61.87 10.49 -58.89
N ARG M 223 61.17 10.66 -60.01
CA ARG M 223 60.38 11.85 -60.28
C ARG M 223 58.90 11.51 -60.16
N HIS M 224 58.17 12.30 -59.37
CA HIS M 224 56.75 12.13 -59.17
C HIS M 224 56.00 13.16 -60.00
N GLU M 225 55.32 12.70 -61.05
CA GLU M 225 54.46 13.56 -61.85
C GLU M 225 53.35 12.68 -62.43
N ILE M 226 52.56 13.26 -63.33
CA ILE M 226 51.44 12.56 -63.94
C ILE M 226 51.91 11.85 -65.19
N VAL M 227 51.80 10.52 -65.21
CA VAL M 227 51.98 9.80 -66.47
C VAL M 227 50.90 10.25 -67.45
N PRO M 228 51.24 10.64 -68.67
CA PRO M 228 50.28 11.38 -69.51
C PRO M 228 49.04 10.56 -69.81
N LYS M 229 47.88 11.16 -69.54
CA LYS M 229 46.60 10.59 -69.92
C LYS M 229 46.29 10.85 -71.39
N ASP M 230 46.68 12.02 -71.91
CA ASP M 230 46.46 12.34 -73.31
C ASP M 230 47.35 11.52 -74.24
N ILE M 231 48.43 10.93 -73.72
CA ILE M 231 49.33 10.10 -74.51
C ILE M 231 48.96 8.65 -74.30
N ARG M 232 48.70 7.93 -75.40
CA ARG M 232 48.38 6.51 -75.42
C ARG M 232 47.01 6.22 -74.82
N GLU M 233 46.43 7.18 -74.10
CA GLU M 233 45.09 7.06 -73.52
C GLU M 233 44.89 5.73 -72.81
N GLU M 234 45.88 5.36 -71.99
CA GLU M 234 45.92 4.02 -71.40
C GLU M 234 44.74 3.74 -70.49
N ALA M 235 44.08 4.76 -69.94
CA ALA M 235 42.96 4.57 -69.03
C ALA M 235 41.83 3.79 -69.69
N GLU M 236 41.18 4.38 -70.70
CA GLU M 236 40.04 3.75 -71.35
C GLU M 236 40.42 2.95 -72.59
N LYS M 237 41.71 2.87 -72.93
CA LYS M 237 42.11 2.03 -74.06
C LYS M 237 41.78 0.57 -73.81
N TYR M 238 41.72 0.15 -72.54
CA TYR M 238 41.41 -1.22 -72.17
C TYR M 238 40.06 -1.32 -71.47
N ALA M 239 39.88 -0.60 -70.36
CA ALA M 239 38.75 -0.80 -69.46
C ALA M 239 37.39 -0.71 -70.14
N LYS M 240 37.30 -0.10 -71.31
CA LYS M 240 36.04 -0.11 -72.04
C LYS M 240 35.60 -1.53 -72.39
N GLU M 241 36.55 -2.43 -72.61
CA GLU M 241 36.27 -3.82 -72.91
C GLU M 241 36.32 -4.71 -71.68
N SER M 242 36.65 -4.16 -70.51
CA SER M 242 36.78 -4.97 -69.30
C SER M 242 35.43 -5.31 -68.69
N LEU M 243 34.45 -4.42 -68.80
CA LEU M 243 33.13 -4.65 -68.22
C LEU M 243 32.19 -5.43 -69.13
N LYS M 244 32.64 -5.79 -70.33
CA LYS M 244 31.80 -6.53 -71.26
C LYS M 244 32.53 -7.76 -71.80
N THR N 34 96.51 20.55 -33.34
CA THR N 34 96.47 21.65 -34.29
C THR N 34 96.63 21.15 -35.72
N THR N 35 97.74 20.45 -35.97
CA THR N 35 98.01 19.89 -37.29
C THR N 35 97.20 18.61 -37.47
N ILE N 36 96.35 18.58 -38.49
CA ILE N 36 95.46 17.45 -38.75
C ILE N 36 95.54 17.09 -40.22
N MET N 37 95.23 15.83 -40.52
CA MET N 37 95.23 15.32 -41.89
C MET N 37 94.11 14.30 -42.04
N ALA N 38 93.42 14.36 -43.18
CA ALA N 38 92.33 13.44 -43.49
C ALA N 38 92.52 12.91 -44.89
N VAL N 39 92.69 11.59 -45.01
CA VAL N 39 92.92 10.92 -46.28
C VAL N 39 91.84 9.88 -46.48
N GLN N 40 91.31 9.79 -47.69
CA GLN N 40 90.29 8.82 -48.04
C GLN N 40 90.83 7.84 -49.08
N PHE N 41 90.34 6.60 -49.00
CA PHE N 41 90.73 5.56 -49.95
C PHE N 41 89.67 4.47 -49.91
N ASP N 42 89.94 3.38 -50.63
CA ASP N 42 88.99 2.27 -50.78
C ASP N 42 88.60 1.66 -49.44
N GLY N 43 89.55 1.02 -48.76
CA GLY N 43 89.25 0.27 -47.55
C GLY N 43 88.80 1.10 -46.38
N GLY N 44 88.96 2.42 -46.43
CA GLY N 44 88.58 3.26 -45.32
C GLY N 44 89.33 4.58 -45.37
N VAL N 45 89.46 5.19 -44.19
CA VAL N 45 90.17 6.46 -44.04
C VAL N 45 91.17 6.33 -42.91
N VAL N 46 92.25 7.09 -43.01
CA VAL N 46 93.26 7.19 -41.96
C VAL N 46 93.36 8.65 -41.57
N LEU N 47 92.96 8.97 -40.34
CA LEU N 47 92.99 10.34 -39.87
C LEU N 47 94.39 10.72 -39.40
N GLY N 48 94.54 11.96 -38.95
CA GLY N 48 95.80 12.44 -38.44
C GLY N 48 95.59 13.56 -37.46
N ALA N 49 96.57 13.72 -36.56
CA ALA N 49 96.49 14.68 -35.47
C ALA N 49 97.79 14.64 -34.70
N ASP N 50 98.00 15.67 -33.87
CA ASP N 50 99.12 15.76 -32.95
C ASP N 50 98.63 15.50 -31.53
N SER N 51 99.56 15.60 -30.58
CA SER N 51 99.24 15.40 -29.16
C SER N 51 99.61 16.62 -28.33
N ARG N 52 100.89 16.98 -28.27
CA ARG N 52 101.31 18.12 -27.46
C ARG N 52 100.72 19.41 -28.03
N THR N 53 100.03 20.16 -27.18
CA THR N 53 99.38 21.41 -27.55
C THR N 53 99.94 22.53 -26.69
N THR N 54 100.32 23.63 -27.32
CA THR N 54 100.94 24.76 -26.62
C THR N 54 100.12 26.02 -26.83
N THR N 55 99.95 26.78 -25.75
CA THR N 55 99.32 28.10 -25.80
C THR N 55 100.32 29.10 -25.20
N GLY N 56 100.79 30.02 -26.04
CA GLY N 56 101.87 30.90 -25.61
C GLY N 56 103.13 30.12 -25.37
N SER N 57 103.84 30.48 -24.29
CA SER N 57 105.04 29.74 -23.91
C SER N 57 104.70 28.46 -23.17
N TYR N 58 103.58 28.44 -22.44
CA TYR N 58 103.20 27.27 -21.66
C TYR N 58 102.58 26.20 -22.55
N ILE N 59 102.81 24.95 -22.16
CA ILE N 59 102.29 23.80 -22.89
C ILE N 59 100.97 23.38 -22.26
N ALA N 60 99.89 23.51 -23.02
CA ALA N 60 98.56 23.24 -22.49
C ALA N 60 98.41 21.77 -22.08
N ASN N 61 98.63 20.86 -23.03
CA ASN N 61 98.48 19.44 -22.77
C ASN N 61 99.55 18.66 -23.52
N ARG N 62 100.14 17.68 -22.84
CA ARG N 62 101.18 16.86 -23.46
C ARG N 62 100.58 15.77 -24.36
N VAL N 63 99.46 15.18 -23.96
CA VAL N 63 98.82 14.12 -24.73
C VAL N 63 97.37 14.54 -25.02
N THR N 64 97.04 14.63 -26.31
CA THR N 64 95.70 15.00 -26.73
C THR N 64 95.40 14.32 -28.05
N ASP N 65 94.14 13.92 -28.24
CA ASP N 65 93.66 13.32 -29.48
C ASP N 65 92.72 14.31 -30.15
N LYS N 66 93.12 14.83 -31.30
CA LYS N 66 92.29 15.79 -32.03
C LYS N 66 91.23 15.11 -32.88
N LEU N 67 91.20 13.78 -32.92
CA LEU N 67 90.11 13.08 -33.58
C LEU N 67 88.88 13.08 -32.67
N THR N 68 87.73 13.46 -33.24
CA THR N 68 86.53 13.68 -32.45
C THR N 68 85.62 12.45 -32.54
N PRO N 69 85.29 11.78 -31.40
CA PRO N 69 84.35 10.64 -31.41
C PRO N 69 82.88 11.07 -31.38
N ILE N 70 82.37 11.46 -32.56
CA ILE N 70 80.98 11.87 -32.68
C ILE N 70 80.09 10.63 -32.69
N HIS N 71 80.21 9.84 -33.74
CA HIS N 71 79.41 8.63 -33.93
C HIS N 71 80.34 7.46 -34.21
N ASP N 72 79.77 6.25 -34.14
CA ASP N 72 80.55 5.02 -34.34
C ASP N 72 81.41 5.10 -35.60
N ARG N 73 80.77 5.18 -36.77
CA ARG N 73 81.47 5.18 -38.04
C ARG N 73 81.87 6.58 -38.51
N ILE N 74 81.41 7.63 -37.84
CA ILE N 74 81.64 9.00 -38.30
C ILE N 74 82.55 9.70 -37.29
N PHE N 75 83.79 9.97 -37.71
CA PHE N 75 84.75 10.74 -36.95
C PHE N 75 85.12 12.01 -37.72
N CYS N 76 86.01 12.80 -37.13
CA CYS N 76 86.56 13.98 -37.79
C CYS N 76 87.79 14.42 -37.02
N CYS N 77 88.43 15.49 -37.50
CA CYS N 77 89.58 16.08 -36.86
C CYS N 77 89.30 17.55 -36.56
N ARG N 78 89.79 18.02 -35.42
CA ARG N 78 89.46 19.35 -34.91
C ARG N 78 90.71 20.20 -34.74
N SER N 79 90.49 21.51 -34.70
CA SER N 79 91.57 22.47 -34.47
C SER N 79 90.99 23.67 -33.73
N GLY N 80 91.84 24.65 -33.45
CA GLY N 80 91.41 25.82 -32.71
C GLY N 80 91.13 25.49 -31.27
N SER N 81 90.06 26.07 -30.73
CA SER N 81 89.66 25.81 -29.36
C SER N 81 88.93 24.47 -29.27
N ALA N 82 89.25 23.71 -28.22
CA ALA N 82 88.66 22.38 -28.06
C ALA N 82 87.21 22.48 -27.60
N ALA N 83 86.89 23.45 -26.74
CA ALA N 83 85.53 23.56 -26.23
C ALA N 83 84.52 23.88 -27.33
N ASP N 84 84.95 24.62 -28.35
CA ASP N 84 84.05 24.93 -29.46
C ASP N 84 83.67 23.65 -30.21
N THR N 85 84.67 22.82 -30.54
CA THR N 85 84.41 21.56 -31.21
C THR N 85 83.73 20.55 -30.29
N GLN N 86 83.89 20.68 -28.97
CA GLN N 86 83.15 19.82 -28.06
C GLN N 86 81.66 20.13 -28.09
N ALA N 87 81.31 21.42 -28.14
CA ALA N 87 79.90 21.79 -28.27
C ALA N 87 79.34 21.37 -29.62
N VAL N 88 80.16 21.40 -30.68
CA VAL N 88 79.71 20.93 -31.98
C VAL N 88 79.53 19.42 -31.96
N ALA N 89 80.47 18.70 -31.32
CA ALA N 89 80.35 17.25 -31.24
C ALA N 89 79.14 16.83 -30.43
N ASP N 90 78.86 17.52 -29.32
CA ASP N 90 77.70 17.19 -28.51
C ASP N 90 76.40 17.57 -29.22
N ALA N 91 76.44 18.63 -30.03
CA ALA N 91 75.25 19.03 -30.78
C ALA N 91 74.92 18.02 -31.87
N VAL N 92 75.94 17.52 -32.57
CA VAL N 92 75.71 16.47 -33.56
C VAL N 92 75.32 15.17 -32.87
N THR N 93 75.98 14.85 -31.75
CA THR N 93 75.58 13.67 -30.97
C THR N 93 74.11 13.76 -30.55
N TYR N 94 73.60 14.96 -30.37
CA TYR N 94 72.18 15.16 -30.08
C TYR N 94 71.34 15.01 -31.35
N GLN N 95 71.56 15.89 -32.32
CA GLN N 95 70.74 15.91 -33.54
C GLN N 95 70.89 14.63 -34.33
N LEU N 96 72.13 14.26 -34.69
CA LEU N 96 72.34 13.01 -35.42
C LEU N 96 71.98 11.80 -34.58
N GLY N 97 72.22 11.87 -33.26
CA GLY N 97 71.77 10.80 -32.39
C GLY N 97 70.26 10.63 -32.39
N PHE N 98 69.54 11.74 -32.30
CA PHE N 98 68.08 11.69 -32.45
C PHE N 98 67.67 11.35 -33.87
N HIS N 99 68.51 11.66 -34.86
CA HIS N 99 68.19 11.35 -36.25
C HIS N 99 68.41 9.88 -36.56
N SER N 100 69.55 9.33 -36.12
CA SER N 100 69.85 7.93 -36.43
C SER N 100 68.94 6.96 -35.68
N ILE N 101 68.70 7.24 -34.40
CA ILE N 101 67.83 6.35 -33.61
C ILE N 101 66.39 6.42 -34.11
N GLU N 102 65.95 7.61 -34.54
CA GLU N 102 64.62 7.73 -35.12
C GLU N 102 64.50 6.90 -36.39
N LEU N 103 65.52 6.97 -37.25
CA LEU N 103 65.51 6.15 -38.46
C LEU N 103 65.76 4.69 -38.17
N ASN N 104 66.42 4.39 -37.04
CA ASN N 104 66.85 3.04 -36.69
C ASN N 104 67.70 2.42 -37.81
N GLU N 105 68.45 3.26 -38.51
CA GLU N 105 69.28 2.86 -39.63
C GLU N 105 70.59 3.64 -39.57
N PRO N 106 71.68 3.05 -40.05
CA PRO N 106 72.97 3.75 -40.05
C PRO N 106 72.92 5.00 -40.91
N PRO N 107 73.39 6.14 -40.41
CA PRO N 107 73.36 7.37 -41.20
C PRO N 107 74.46 7.41 -42.25
N LEU N 108 74.60 8.56 -42.91
CA LEU N 108 75.60 8.76 -43.95
C LEU N 108 76.62 9.80 -43.50
N VAL N 109 77.82 9.72 -44.07
CA VAL N 109 78.88 10.68 -43.74
C VAL N 109 78.47 12.09 -44.17
N HIS N 110 77.95 12.20 -45.40
CA HIS N 110 77.52 13.51 -45.88
C HIS N 110 76.27 14.00 -45.16
N THR N 111 75.45 13.07 -44.65
CA THR N 111 74.25 13.46 -43.93
C THR N 111 74.60 14.19 -42.64
N ALA N 112 75.48 13.60 -41.84
CA ALA N 112 75.91 14.27 -40.61
C ALA N 112 76.80 15.47 -40.90
N ALA N 113 77.50 15.46 -42.04
CA ALA N 113 78.34 16.59 -42.41
C ALA N 113 77.54 17.81 -42.82
N SER N 114 76.26 17.63 -43.18
CA SER N 114 75.43 18.77 -43.57
C SER N 114 75.11 19.66 -42.38
N LEU N 115 75.12 19.11 -41.16
CA LEU N 115 74.83 19.90 -39.97
C LEU N 115 76.01 20.79 -39.58
N PHE N 116 77.23 20.42 -39.96
CA PHE N 116 78.38 21.26 -39.66
C PHE N 116 78.29 22.59 -40.40
N LYS N 117 77.72 22.57 -41.61
CA LYS N 117 77.51 23.83 -42.33
C LYS N 117 76.43 24.67 -41.64
N GLU N 118 75.42 24.02 -41.07
CA GLU N 118 74.36 24.76 -40.38
C GLU N 118 74.90 25.43 -39.12
N MET N 119 75.74 24.74 -38.36
CA MET N 119 76.26 25.30 -37.12
C MET N 119 77.32 26.35 -37.39
N CYS N 120 78.29 26.02 -38.25
CA CYS N 120 79.43 26.92 -38.46
C CYS N 120 79.03 28.17 -39.22
N TYR N 121 78.39 28.02 -40.38
CA TYR N 121 78.05 29.16 -41.21
C TYR N 121 77.16 30.16 -40.49
N ARG N 122 76.33 29.70 -39.56
CA ARG N 122 75.52 30.60 -38.76
C ARG N 122 76.33 31.26 -37.65
N TYR N 123 77.19 30.48 -37.00
CA TYR N 123 78.02 30.94 -35.89
C TYR N 123 79.40 31.40 -36.30
N ARG N 124 79.67 31.51 -37.62
CA ARG N 124 81.02 31.78 -38.11
C ARG N 124 81.65 33.03 -37.51
N GLU N 125 80.85 33.93 -36.95
CA GLU N 125 81.38 35.12 -36.29
C GLU N 125 81.76 34.87 -34.84
N ASP N 126 81.64 33.64 -34.35
CA ASP N 126 81.86 33.33 -32.94
C ASP N 126 83.14 32.53 -32.74
N LEU N 127 83.21 31.30 -33.24
CA LEU N 127 84.23 30.34 -32.86
C LEU N 127 85.17 30.04 -34.04
N MET N 128 86.11 29.15 -33.79
CA MET N 128 87.06 28.66 -34.79
C MET N 128 86.74 27.22 -35.10
N ALA N 129 86.50 26.91 -36.38
CA ALA N 129 86.10 25.57 -36.82
C ALA N 129 87.21 24.98 -37.68
N GLY N 130 87.89 23.97 -37.14
CA GLY N 130 88.87 23.21 -37.91
C GLY N 130 88.37 21.83 -38.29
N ILE N 131 87.06 21.66 -38.24
CA ILE N 131 86.47 20.33 -38.43
C ILE N 131 86.60 19.89 -39.89
N ILE N 132 87.16 18.71 -40.09
CA ILE N 132 87.18 18.05 -41.39
C ILE N 132 86.65 16.64 -41.18
N ILE N 133 85.49 16.35 -41.77
CA ILE N 133 84.81 15.08 -41.54
C ILE N 133 85.50 13.98 -42.33
N ALA N 134 85.94 12.94 -41.64
CA ALA N 134 86.55 11.78 -42.28
C ALA N 134 86.05 10.52 -41.59
N GLY N 135 85.53 9.58 -42.38
CA GLY N 135 85.02 8.34 -41.82
C GLY N 135 84.54 7.42 -42.94
N TRP N 136 84.47 6.14 -42.59
CA TRP N 136 83.99 5.13 -43.52
C TRP N 136 82.48 4.97 -43.42
N ASP N 137 81.84 4.76 -44.55
CA ASP N 137 80.39 4.63 -44.61
C ASP N 137 80.00 3.30 -45.23
N PRO N 138 78.94 2.66 -44.74
CA PRO N 138 78.51 1.37 -45.33
C PRO N 138 78.09 1.46 -46.77
N GLN N 139 77.78 2.66 -47.28
CA GLN N 139 77.30 2.81 -48.65
C GLN N 139 78.41 3.28 -49.58
N GLU N 140 78.87 4.52 -49.39
CA GLU N 140 79.85 5.12 -50.28
C GLU N 140 81.29 4.96 -49.80
N GLY N 141 81.50 4.34 -48.64
CA GLY N 141 82.85 4.12 -48.16
C GLY N 141 83.44 5.38 -47.52
N GLY N 142 84.76 5.52 -47.68
CA GLY N 142 85.44 6.66 -47.08
C GLY N 142 85.13 7.95 -47.83
N GLN N 143 84.87 9.01 -47.06
CA GLN N 143 84.59 10.33 -47.60
C GLN N 143 85.30 11.37 -46.77
N VAL N 144 85.59 12.51 -47.39
CA VAL N 144 86.27 13.63 -46.75
C VAL N 144 85.51 14.91 -47.06
N TYR N 145 85.15 15.65 -46.02
CA TYR N 145 84.46 16.94 -46.16
C TYR N 145 85.13 17.94 -45.23
N SER N 146 85.59 19.05 -45.79
CA SER N 146 86.31 20.08 -45.04
C SER N 146 85.34 21.17 -44.61
N VAL N 147 85.39 21.55 -43.34
CA VAL N 147 84.57 22.65 -42.82
C VAL N 147 85.48 23.63 -42.11
N PRO N 148 86.03 24.62 -42.81
CA PRO N 148 86.87 25.63 -42.14
C PRO N 148 86.04 26.63 -41.34
N MET N 149 86.71 27.68 -40.85
CA MET N 149 86.01 28.69 -40.06
C MET N 149 84.90 29.39 -40.84
N GLY N 150 84.96 29.38 -42.16
CA GLY N 150 83.91 30.01 -42.94
C GLY N 150 82.61 29.23 -42.98
N GLY N 151 82.69 27.91 -42.91
CA GLY N 151 81.52 27.06 -42.93
C GLY N 151 81.26 26.33 -44.22
N MET N 152 82.13 26.50 -45.23
CA MET N 152 81.94 25.81 -46.49
C MET N 152 82.18 24.31 -46.34
N MET N 153 81.62 23.54 -47.26
CA MET N 153 81.81 22.09 -47.29
C MET N 153 82.04 21.64 -48.72
N VAL N 154 83.15 20.94 -48.96
CA VAL N 154 83.47 20.42 -50.27
C VAL N 154 84.26 19.13 -50.09
N ARG N 155 84.10 18.21 -51.03
CA ARG N 155 84.76 16.91 -50.98
C ARG N 155 85.91 16.86 -51.97
N GLN N 156 87.08 16.45 -51.49
CA GLN N 156 88.25 16.23 -52.33
C GLN N 156 88.92 14.94 -51.91
N SER N 157 90.04 14.62 -52.55
CA SER N 157 90.76 13.38 -52.27
C SER N 157 91.49 13.40 -50.93
N PHE N 158 91.62 14.57 -50.30
CA PHE N 158 92.34 14.72 -49.04
C PHE N 158 92.20 16.17 -48.59
N ALA N 159 92.51 16.41 -47.33
CA ALA N 159 92.44 17.75 -46.75
C ALA N 159 93.53 17.90 -45.69
N ILE N 160 94.11 19.09 -45.64
CA ILE N 160 95.18 19.37 -44.68
C ILE N 160 94.63 20.25 -43.56
N GLY N 161 95.50 20.58 -42.60
CA GLY N 161 95.10 21.43 -41.50
C GLY N 161 96.27 21.76 -40.61
N GLY N 162 96.10 22.83 -39.84
CA GLY N 162 97.13 23.28 -38.92
C GLY N 162 98.09 24.28 -39.54
N SER N 163 98.94 24.84 -38.70
CA SER N 163 99.92 25.82 -39.12
C SER N 163 101.28 25.21 -39.46
N GLY N 164 101.44 23.91 -39.27
CA GLY N 164 102.68 23.23 -39.61
C GLY N 164 102.81 22.82 -41.06
N SER N 165 101.95 23.34 -41.93
CA SER N 165 101.94 22.99 -43.35
C SER N 165 102.76 23.94 -44.20
N SER N 166 103.45 24.90 -43.59
CA SER N 166 104.17 25.94 -44.31
C SER N 166 105.10 25.39 -45.39
N TYR N 167 106.16 24.69 -44.98
CA TYR N 167 107.14 24.18 -45.94
C TYR N 167 106.76 22.82 -46.52
N ILE N 168 105.79 22.12 -45.93
CA ILE N 168 105.46 20.77 -46.36
C ILE N 168 104.32 20.81 -47.39
N TYR N 169 103.90 22.01 -47.78
CA TYR N 169 102.85 22.18 -48.77
C TYR N 169 103.14 21.37 -50.03
N GLY N 170 104.17 21.77 -50.78
CA GLY N 170 104.52 21.00 -51.96
C GLY N 170 105.18 19.68 -51.63
N TYR N 171 105.73 19.54 -50.43
CA TYR N 171 106.40 18.30 -50.05
C TYR N 171 105.39 17.16 -49.91
N VAL N 172 104.38 17.33 -49.07
CA VAL N 172 103.43 16.25 -48.81
C VAL N 172 102.32 16.15 -49.85
N ASP N 173 102.03 17.22 -50.60
CA ASP N 173 100.97 17.16 -51.59
C ASP N 173 101.45 16.50 -52.87
N ALA N 174 102.67 16.82 -53.32
CA ALA N 174 103.23 16.16 -54.50
C ALA N 174 103.56 14.71 -54.21
N THR N 175 103.83 14.37 -52.94
CA THR N 175 104.07 12.98 -52.57
C THR N 175 102.77 12.17 -52.60
N TYR N 176 101.62 12.83 -52.43
CA TYR N 176 100.35 12.14 -52.45
C TYR N 176 100.09 11.51 -53.81
N ARG N 177 99.63 10.26 -53.80
CA ARG N 177 99.39 9.50 -55.01
C ARG N 177 98.00 8.89 -54.97
N GLU N 178 97.31 8.95 -56.11
CA GLU N 178 95.96 8.41 -56.20
C GLU N 178 95.99 6.89 -56.15
N GLY N 179 95.00 6.31 -55.46
CA GLY N 179 94.90 4.86 -55.37
C GLY N 179 95.62 4.24 -54.19
N MET N 180 95.86 4.98 -53.12
CA MET N 180 96.57 4.45 -51.97
C MET N 180 95.75 3.40 -51.24
N THR N 181 96.44 2.42 -50.68
CA THR N 181 95.82 1.45 -49.79
C THR N 181 95.96 1.94 -48.34
N LYS N 182 95.62 1.08 -47.38
CA LYS N 182 95.74 1.48 -45.98
C LYS N 182 97.19 1.58 -45.55
N GLU N 183 98.01 0.59 -45.94
CA GLU N 183 99.41 0.59 -45.55
C GLU N 183 100.17 1.76 -46.17
N GLU N 184 99.81 2.13 -47.41
CA GLU N 184 100.46 3.26 -48.05
C GLU N 184 100.07 4.58 -47.39
N CYS N 185 98.87 4.65 -46.82
CA CYS N 185 98.49 5.84 -46.06
C CYS N 185 99.17 5.86 -44.69
N LEU N 186 99.47 4.68 -44.14
CA LEU N 186 100.26 4.63 -42.91
C LEU N 186 101.67 5.18 -43.15
N GLN N 187 102.27 4.82 -44.28
CA GLN N 187 103.57 5.38 -44.65
C GLN N 187 103.44 6.85 -45.00
N PHE N 188 102.30 7.25 -45.57
CA PHE N 188 102.07 8.64 -45.94
C PHE N 188 102.01 9.53 -44.70
N THR N 189 101.15 9.17 -43.74
CA THR N 189 100.97 9.98 -42.55
C THR N 189 102.10 9.82 -41.54
N ALA N 190 102.93 8.78 -41.68
CA ALA N 190 104.06 8.57 -40.80
C ALA N 190 105.01 9.77 -40.81
N ASN N 191 105.66 10.00 -41.95
CA ASN N 191 106.61 11.10 -42.08
C ASN N 191 105.92 12.46 -42.20
N ALA N 192 104.64 12.49 -42.55
CA ALA N 192 103.96 13.76 -42.74
C ALA N 192 103.77 14.49 -41.41
N LEU N 193 103.20 13.80 -40.42
CA LEU N 193 102.94 14.44 -39.14
C LEU N 193 104.22 14.63 -38.33
N ALA N 194 105.14 13.67 -38.39
CA ALA N 194 106.36 13.74 -37.59
C ALA N 194 107.23 14.92 -38.02
N LEU N 195 107.42 15.09 -39.34
CA LEU N 195 108.25 16.19 -39.81
C LEU N 195 107.54 17.53 -39.70
N ALA N 196 106.21 17.54 -39.78
CA ALA N 196 105.47 18.79 -39.59
C ALA N 196 105.54 19.25 -38.14
N MET N 197 105.44 18.30 -37.19
CA MET N 197 105.59 18.65 -35.78
C MET N 197 107.02 19.01 -35.44
N GLU N 198 108.00 18.49 -36.20
CA GLU N 198 109.40 18.87 -36.02
C GLU N 198 109.71 20.22 -36.64
N ARG N 199 108.85 20.72 -37.53
CA ARG N 199 109.09 21.98 -38.22
C ARG N 199 108.88 23.17 -37.31
N ASP N 200 107.64 23.39 -36.87
CA ASP N 200 107.29 24.51 -36.02
C ASP N 200 106.80 24.00 -34.67
N GLY N 201 106.99 24.82 -33.64
CA GLY N 201 106.60 24.46 -32.29
C GLY N 201 105.11 24.48 -32.01
N SER N 202 104.28 24.79 -33.02
CA SER N 202 102.84 24.80 -32.82
C SER N 202 102.27 23.40 -32.63
N SER N 203 102.96 22.37 -33.10
CA SER N 203 102.50 20.99 -32.95
C SER N 203 103.67 20.11 -32.56
N GLY N 204 103.41 19.12 -31.73
CA GLY N 204 104.45 18.22 -31.29
C GLY N 204 103.88 17.05 -30.51
N GLY N 205 104.77 16.35 -29.82
CA GLY N 205 104.36 15.21 -29.01
C GLY N 205 104.42 13.88 -29.73
N VAL N 206 103.58 12.94 -29.30
CA VAL N 206 103.55 11.59 -29.85
C VAL N 206 102.40 11.48 -30.83
N ILE N 207 102.60 10.71 -31.90
CA ILE N 207 101.58 10.55 -32.92
C ILE N 207 100.55 9.52 -32.45
N ARG N 208 99.28 9.91 -32.47
CA ARG N 208 98.18 9.01 -32.12
C ARG N 208 97.14 9.11 -33.23
N LEU N 209 96.92 7.99 -33.93
CA LEU N 209 96.05 7.96 -35.10
C LEU N 209 94.88 7.00 -34.86
N ALA N 210 94.01 6.93 -35.87
CA ALA N 210 92.87 6.02 -35.86
C ALA N 210 92.63 5.52 -37.28
N ALA N 211 92.39 4.22 -37.41
CA ALA N 211 92.15 3.58 -38.70
C ALA N 211 90.70 3.11 -38.76
N ILE N 212 89.91 3.75 -39.62
CA ILE N 212 88.50 3.42 -39.79
C ILE N 212 88.36 2.55 -41.04
N ALA N 213 87.59 1.47 -40.91
CA ALA N 213 87.38 0.54 -42.02
C ALA N 213 86.03 -0.13 -41.83
N GLU N 214 85.77 -1.15 -42.66
CA GLU N 214 84.52 -1.89 -42.57
C GLU N 214 84.45 -2.71 -41.30
N SER N 215 85.60 -3.09 -40.74
CA SER N 215 85.65 -3.91 -39.54
C SER N 215 85.55 -3.10 -38.25
N GLY N 216 85.38 -1.78 -38.36
CA GLY N 216 85.31 -0.91 -37.20
C GLY N 216 86.55 -0.05 -37.05
N VAL N 217 86.40 0.98 -36.21
CA VAL N 217 87.48 1.93 -36.00
C VAL N 217 88.58 1.28 -35.17
N GLU N 218 89.83 1.43 -35.62
CA GLU N 218 90.99 0.91 -34.93
C GLU N 218 91.94 2.09 -34.65
N ARG N 219 92.13 2.38 -33.36
CA ARG N 219 92.97 3.49 -32.94
C ARG N 219 94.36 2.97 -32.57
N GLN N 220 95.39 3.61 -33.13
CA GLN N 220 96.77 3.21 -32.93
C GLN N 220 97.58 4.35 -32.35
N VAL N 221 98.56 4.02 -31.52
CA VAL N 221 99.48 4.98 -30.93
C VAL N 221 100.90 4.48 -31.19
N LEU N 222 101.64 5.20 -32.02
CA LEU N 222 103.01 4.82 -32.35
C LEU N 222 103.79 6.08 -32.69
N LEU N 223 105.12 5.94 -32.65
CA LEU N 223 106.02 7.04 -32.98
C LEU N 223 107.18 6.49 -33.81
N GLY N 224 107.63 7.29 -34.78
CA GLY N 224 108.72 6.89 -35.64
C GLY N 224 108.85 7.75 -36.89
N THR O 43 97.48 31.70 -4.54
CA THR O 43 96.35 31.05 -5.18
C THR O 43 96.84 30.04 -6.21
N THR O 44 97.08 28.80 -5.78
CA THR O 44 97.54 27.74 -6.65
C THR O 44 96.86 26.43 -6.26
N ILE O 45 96.30 25.73 -7.24
CA ILE O 45 95.65 24.45 -7.03
C ILE O 45 96.26 23.44 -7.98
N ALA O 46 96.60 22.26 -7.46
CA ALA O 46 97.19 21.20 -8.27
C ALA O 46 96.94 19.87 -7.58
N GLY O 47 97.08 18.79 -8.36
CA GLY O 47 96.86 17.47 -7.83
C GLY O 47 97.31 16.41 -8.81
N VAL O 48 97.28 15.16 -8.35
CA VAL O 48 97.70 14.02 -9.17
C VAL O 48 96.82 12.83 -8.82
N VAL O 49 96.52 12.02 -9.83
CA VAL O 49 95.70 10.83 -9.67
C VAL O 49 96.62 9.63 -9.52
N TYR O 50 96.63 9.01 -8.35
CA TYR O 50 97.44 7.83 -8.12
C TYR O 50 96.65 6.59 -8.54
N LYS O 51 97.17 5.40 -8.21
CA LYS O 51 96.59 4.15 -8.71
C LYS O 51 95.17 3.97 -8.22
N ASP O 52 94.97 4.01 -6.91
CA ASP O 52 93.67 3.67 -6.32
C ASP O 52 92.77 4.87 -6.05
N GLY O 53 93.22 6.08 -6.36
CA GLY O 53 92.40 7.25 -6.10
C GLY O 53 93.03 8.51 -6.63
N ILE O 54 92.54 9.64 -6.12
CA ILE O 54 92.97 10.96 -6.55
C ILE O 54 93.41 11.76 -5.32
N VAL O 55 94.52 12.47 -5.44
CA VAL O 55 95.01 13.36 -4.40
C VAL O 55 95.16 14.76 -5.00
N LEU O 56 94.58 15.75 -4.34
CA LEU O 56 94.64 17.13 -4.79
C LEU O 56 95.16 18.01 -3.66
N GLY O 57 95.58 19.22 -4.02
CA GLY O 57 96.12 20.15 -3.03
C GLY O 57 95.90 21.58 -3.43
N ALA O 58 95.94 22.45 -2.42
CA ALA O 58 95.76 23.88 -2.61
C ALA O 58 96.37 24.61 -1.43
N ASP O 59 96.62 25.91 -1.62
CA ASP O 59 97.09 26.76 -0.54
C ASP O 59 95.95 27.64 -0.03
N THR O 60 96.24 28.36 1.05
CA THR O 60 95.28 29.29 1.64
C THR O 60 95.56 30.75 1.29
N ARG O 61 96.61 31.04 0.55
CA ARG O 61 97.04 32.42 0.37
C ARG O 61 96.27 33.09 -0.77
N ALA O 62 95.50 34.12 -0.42
CA ALA O 62 94.87 35.00 -1.41
C ALA O 62 95.08 36.44 -0.96
N THR O 63 95.84 37.20 -1.74
CA THR O 63 96.17 38.58 -1.40
C THR O 63 96.26 39.38 -2.69
N GLU O 64 96.67 40.65 -2.55
CA GLU O 64 96.91 41.54 -3.68
C GLU O 64 98.23 42.26 -3.46
N GLY O 65 99.18 42.04 -4.37
CA GLY O 65 100.48 42.67 -4.22
C GLY O 65 101.30 42.02 -3.12
N MET O 66 102.32 42.75 -2.67
CA MET O 66 103.21 42.28 -1.62
C MET O 66 102.63 42.47 -0.23
N VAL O 67 101.53 43.22 -0.09
CA VAL O 67 100.94 43.45 1.22
C VAL O 67 100.25 42.18 1.69
N VAL O 68 100.54 41.77 2.93
CA VAL O 68 99.92 40.59 3.51
C VAL O 68 98.53 40.96 4.00
N ALA O 69 97.51 40.27 3.50
CA ALA O 69 96.14 40.55 3.86
C ALA O 69 95.46 39.35 4.49
N ASP O 70 95.11 38.36 3.67
CA ASP O 70 94.41 37.15 4.13
C ASP O 70 95.32 35.95 3.93
N LYS O 71 95.83 35.39 5.02
CA LYS O 71 96.63 34.18 4.95
C LYS O 71 95.77 32.91 4.91
N ASN O 72 94.53 32.97 5.37
CA ASN O 72 93.69 31.79 5.51
C ASN O 72 92.50 31.90 4.56
N CYS O 73 92.48 31.07 3.52
CA CYS O 73 91.37 30.98 2.60
C CYS O 73 91.20 29.54 2.15
N SER O 74 89.97 29.06 2.09
CA SER O 74 89.67 27.70 1.69
C SER O 74 89.20 27.70 0.24
N LYS O 75 90.04 27.20 -0.65
CA LYS O 75 89.70 27.09 -2.07
C LYS O 75 89.19 25.71 -2.46
N ILE O 76 89.16 24.77 -1.51
CA ILE O 76 88.60 23.44 -1.77
C ILE O 76 87.15 23.43 -1.32
N HIS O 77 86.24 23.23 -2.27
CA HIS O 77 84.82 23.35 -2.02
C HIS O 77 84.12 22.01 -2.20
N PHE O 78 82.98 21.85 -1.54
CA PHE O 78 82.26 20.59 -1.54
C PHE O 78 81.42 20.43 -2.80
N ILE O 79 81.32 19.19 -3.26
CA ILE O 79 80.53 18.83 -4.43
C ILE O 79 79.54 17.73 -4.03
N SER O 80 80.07 16.61 -3.56
CA SER O 80 79.33 15.39 -3.28
C SER O 80 80.29 14.39 -2.63
N PRO O 81 79.82 13.29 -2.06
CA PRO O 81 80.75 12.34 -1.42
C PRO O 81 81.84 11.84 -2.33
N ASN O 82 81.59 11.68 -3.63
CA ASN O 82 82.57 11.14 -4.55
C ASN O 82 83.43 12.21 -5.23
N ILE O 83 83.07 13.48 -5.13
CA ILE O 83 83.72 14.53 -5.90
C ILE O 83 84.00 15.73 -5.01
N TYR O 84 85.15 16.36 -5.20
CA TYR O 84 85.49 17.64 -4.60
C TYR O 84 85.79 18.64 -5.72
N CYS O 85 86.10 19.87 -5.32
CA CYS O 85 86.40 20.93 -6.28
C CYS O 85 87.42 21.89 -5.67
N CYS O 86 88.32 22.40 -6.51
CA CYS O 86 89.34 23.35 -6.10
C CYS O 86 89.13 24.65 -6.85
N GLY O 87 88.99 25.74 -6.10
CA GLY O 87 88.74 27.03 -6.70
C GLY O 87 90.01 27.82 -6.97
N ALA O 88 89.91 28.74 -7.92
CA ALA O 88 91.01 29.64 -8.27
C ALA O 88 90.44 30.81 -9.06
N GLY O 89 91.31 31.74 -9.44
CA GLY O 89 90.87 32.91 -10.17
C GLY O 89 89.97 33.77 -9.29
N THR O 90 88.77 34.06 -9.79
CA THR O 90 87.78 34.78 -9.01
C THR O 90 87.10 33.83 -8.04
N ALA O 91 87.19 34.15 -6.74
CA ALA O 91 86.67 33.24 -5.73
C ALA O 91 85.14 33.23 -5.71
N ALA O 92 84.53 34.42 -5.69
CA ALA O 92 83.07 34.50 -5.53
C ALA O 92 82.35 33.90 -6.72
N ASP O 93 82.83 34.16 -7.94
CA ASP O 93 82.14 33.66 -9.12
C ASP O 93 82.25 32.15 -9.24
N THR O 94 83.43 31.60 -8.95
CA THR O 94 83.60 30.14 -8.99
C THR O 94 82.87 29.46 -7.84
N ASP O 95 82.64 30.16 -6.73
CA ASP O 95 81.85 29.58 -5.64
C ASP O 95 80.37 29.50 -6.01
N MET O 96 79.85 30.54 -6.67
CA MET O 96 78.46 30.48 -7.13
C MET O 96 78.30 29.45 -8.25
N THR O 97 79.37 29.20 -9.01
CA THR O 97 79.32 28.16 -10.03
C THR O 97 79.34 26.76 -9.42
N THR O 98 80.20 26.55 -8.42
CA THR O 98 80.24 25.25 -7.76
C THR O 98 79.03 25.02 -6.86
N GLN O 99 78.31 26.08 -6.49
CA GLN O 99 77.05 25.91 -5.77
C GLN O 99 75.93 25.51 -6.71
N LEU O 100 75.96 25.97 -7.96
CA LEU O 100 74.98 25.52 -8.94
C LEU O 100 75.26 24.10 -9.40
N ILE O 101 76.54 23.74 -9.51
CA ILE O 101 76.89 22.37 -9.87
C ILE O 101 76.56 21.42 -8.74
N SER O 102 76.88 21.81 -7.50
CA SER O 102 76.46 21.03 -6.35
C SER O 102 74.94 21.01 -6.23
N SER O 103 74.27 22.04 -6.74
CA SER O 103 72.81 22.05 -6.76
C SER O 103 72.26 20.99 -7.70
N ASN O 104 72.79 20.95 -8.94
CA ASN O 104 72.31 19.98 -9.92
C ASN O 104 72.62 18.56 -9.48
N LEU O 105 73.83 18.34 -8.94
CA LEU O 105 74.19 17.01 -8.47
C LEU O 105 73.46 16.63 -7.18
N GLU O 106 72.98 17.61 -6.41
CA GLU O 106 72.23 17.28 -5.20
C GLU O 106 70.84 16.77 -5.54
N LEU O 107 70.14 17.45 -6.45
CA LEU O 107 68.78 17.04 -6.81
C LEU O 107 68.79 15.78 -7.65
N HIS O 108 69.78 15.62 -8.52
CA HIS O 108 69.81 14.46 -9.41
C HIS O 108 70.21 13.20 -8.66
N SER O 109 71.27 13.28 -7.84
CA SER O 109 71.69 12.12 -7.07
C SER O 109 70.62 11.72 -6.05
N LEU O 110 69.90 12.70 -5.49
CA LEU O 110 68.83 12.37 -4.54
C LEU O 110 67.64 11.74 -5.26
N SER O 111 67.37 12.18 -6.49
CA SER O 111 66.28 11.57 -7.25
C SER O 111 66.67 10.20 -7.78
N THR O 112 67.92 10.05 -8.23
CA THR O 112 68.38 8.75 -8.73
C THR O 112 68.74 7.79 -7.60
N GLY O 113 69.20 8.32 -6.47
CA GLY O 113 69.61 7.45 -5.37
C GLY O 113 70.89 6.69 -5.62
N ARG O 114 71.68 7.11 -6.60
CA ARG O 114 72.92 6.44 -6.97
C ARG O 114 74.04 7.47 -7.07
N LEU O 115 75.27 6.97 -7.15
CA LEU O 115 76.44 7.84 -7.23
C LEU O 115 76.65 8.30 -8.67
N PRO O 116 76.51 9.60 -8.93
CA PRO O 116 76.61 10.08 -10.32
C PRO O 116 78.04 10.09 -10.82
N ARG O 117 78.17 10.09 -12.14
CA ARG O 117 79.47 10.20 -12.79
C ARG O 117 79.96 11.64 -12.79
N VAL O 118 81.29 11.78 -12.86
CA VAL O 118 81.88 13.12 -12.88
C VAL O 118 81.53 13.85 -14.17
N VAL O 119 81.33 13.12 -15.27
CA VAL O 119 81.04 13.76 -16.55
C VAL O 119 79.64 14.37 -16.58
N THR O 120 78.76 13.98 -15.66
CA THR O 120 77.43 14.58 -15.62
C THR O 120 77.52 16.06 -15.26
N ALA O 121 78.31 16.40 -14.24
CA ALA O 121 78.52 17.80 -13.91
C ALA O 121 79.49 18.49 -14.86
N ASN O 122 80.40 17.72 -15.46
CA ASN O 122 81.37 18.31 -16.40
C ASN O 122 80.67 18.82 -17.65
N ARG O 123 79.61 18.15 -18.10
CA ARG O 123 78.90 18.60 -19.29
C ARG O 123 78.19 19.93 -19.03
N MET O 124 77.55 20.07 -17.86
CA MET O 124 76.92 21.34 -17.53
C MET O 124 77.97 22.40 -17.20
N LEU O 125 79.10 22.01 -16.63
CA LEU O 125 80.19 22.94 -16.40
C LEU O 125 80.74 23.49 -17.71
N LYS O 126 81.03 22.60 -18.66
CA LYS O 126 81.55 23.03 -19.95
C LYS O 126 80.50 23.71 -20.81
N GLN O 127 79.21 23.47 -20.54
CA GLN O 127 78.17 24.12 -21.32
C GLN O 127 77.91 25.54 -20.83
N MET O 128 77.89 25.74 -19.51
CA MET O 128 77.59 27.07 -18.97
C MET O 128 78.75 28.04 -19.21
N LEU O 129 79.98 27.60 -18.97
CA LEU O 129 81.13 28.47 -19.19
C LEU O 129 81.37 28.74 -20.67
N PHE O 130 80.95 27.82 -21.54
CA PHE O 130 81.09 28.04 -22.97
C PHE O 130 80.09 29.06 -23.48
N ARG O 131 78.94 29.19 -22.82
CA ARG O 131 77.95 30.17 -23.24
C ARG O 131 78.45 31.59 -23.04
N TYR O 132 79.28 31.82 -22.02
CA TYR O 132 79.87 33.14 -21.79
C TYR O 132 81.15 33.35 -22.59
N GLN O 133 81.72 32.30 -23.16
CA GLN O 133 82.94 32.40 -23.98
C GLN O 133 84.10 33.01 -23.20
N GLY O 134 84.14 32.78 -21.89
CA GLY O 134 85.24 33.26 -21.07
C GLY O 134 85.02 34.61 -20.42
N TYR O 135 83.77 35.08 -20.32
CA TYR O 135 83.52 36.34 -19.62
C TYR O 135 83.85 36.23 -18.14
N ILE O 136 83.38 35.17 -17.50
CA ILE O 136 83.68 34.91 -16.10
C ILE O 136 84.89 33.99 -16.03
N GLY O 137 85.99 34.51 -15.47
CA GLY O 137 87.20 33.72 -15.34
C GLY O 137 86.99 32.56 -14.39
N ALA O 138 87.25 31.34 -14.87
CA ALA O 138 87.04 30.13 -14.08
C ALA O 138 88.24 29.23 -14.25
N ALA O 139 88.93 28.94 -13.15
CA ALA O 139 90.02 27.97 -13.11
C ALA O 139 89.73 27.00 -11.98
N LEU O 140 89.45 25.75 -12.32
CA LEU O 140 89.03 24.76 -11.33
C LEU O 140 89.69 23.43 -11.63
N VAL O 141 89.68 22.55 -10.63
CA VAL O 141 90.16 21.19 -10.75
C VAL O 141 88.98 20.27 -10.47
N LEU O 142 88.52 19.55 -11.50
CA LEU O 142 87.37 18.66 -11.40
C LEU O 142 87.86 17.23 -11.36
N GLY O 143 87.70 16.56 -10.22
CA GLY O 143 88.14 15.20 -10.07
C GLY O 143 87.33 14.47 -9.03
N GLY O 144 87.31 13.15 -9.15
CA GLY O 144 86.56 12.33 -8.21
C GLY O 144 86.70 10.86 -8.58
N VAL O 145 86.39 10.02 -7.60
CA VAL O 145 86.50 8.57 -7.76
C VAL O 145 85.11 7.98 -7.61
N ASP O 146 84.59 7.43 -8.71
CA ASP O 146 83.31 6.75 -8.73
C ASP O 146 83.52 5.24 -8.80
N VAL O 147 82.42 4.50 -8.92
CA VAL O 147 82.52 3.06 -9.10
C VAL O 147 83.27 2.72 -10.38
N THR O 148 83.18 3.59 -11.39
CA THR O 148 83.92 3.40 -12.63
C THR O 148 85.41 3.70 -12.48
N GLY O 149 85.84 4.20 -11.32
CA GLY O 149 87.22 4.55 -11.11
C GLY O 149 87.44 6.05 -11.09
N PRO O 150 88.69 6.48 -10.97
CA PRO O 150 88.97 7.91 -10.88
C PRO O 150 88.81 8.61 -12.22
N HIS O 151 88.41 9.88 -12.14
CA HIS O 151 88.24 10.72 -13.31
C HIS O 151 88.82 12.09 -13.01
N LEU O 152 89.49 12.68 -14.01
CA LEU O 152 90.07 14.01 -13.87
C LEU O 152 89.79 14.82 -15.13
N TYR O 153 89.38 16.07 -14.94
CA TYR O 153 89.10 16.97 -16.05
C TYR O 153 89.57 18.38 -15.68
N SER O 154 90.23 19.03 -16.64
CA SER O 154 90.72 20.38 -16.44
C SER O 154 89.66 21.38 -16.89
N ILE O 155 89.33 22.33 -16.00
CA ILE O 155 88.28 23.31 -16.26
C ILE O 155 88.94 24.62 -16.70
N TYR O 156 88.52 25.12 -17.86
CA TYR O 156 88.97 26.37 -18.42
C TYR O 156 87.78 27.31 -18.61
N PRO O 157 88.03 28.62 -18.70
CA PRO O 157 86.90 29.55 -18.90
C PRO O 157 86.12 29.28 -20.17
N HIS O 158 86.76 28.73 -21.21
CA HIS O 158 86.04 28.36 -22.42
C HIS O 158 85.30 27.03 -22.30
N GLY O 159 85.71 26.17 -21.37
CA GLY O 159 85.06 24.90 -21.16
C GLY O 159 85.77 23.69 -21.72
N SER O 160 86.97 23.85 -22.26
CA SER O 160 87.70 22.71 -22.81
C SER O 160 88.22 21.83 -21.67
N THR O 161 87.89 20.55 -21.72
CA THR O 161 88.24 19.61 -20.67
C THR O 161 88.94 18.41 -21.28
N ASP O 162 90.09 18.04 -20.71
CA ASP O 162 90.85 16.88 -21.11
C ASP O 162 91.21 16.05 -19.88
N LYS O 163 91.31 14.73 -20.08
CA LYS O 163 91.61 13.82 -18.99
C LYS O 163 93.11 13.56 -18.93
N LEU O 164 93.69 13.81 -17.76
CA LEU O 164 95.12 13.65 -17.52
C LEU O 164 95.31 12.99 -16.16
N PRO O 165 96.47 12.37 -15.93
CA PRO O 165 96.76 11.88 -14.57
C PRO O 165 96.97 12.98 -13.56
N TYR O 166 97.41 14.16 -14.00
CA TYR O 166 97.65 15.28 -13.11
C TYR O 166 97.40 16.58 -13.85
N VAL O 167 96.93 17.59 -13.13
CA VAL O 167 96.66 18.91 -13.68
C VAL O 167 97.14 19.97 -12.70
N THR O 168 97.54 21.12 -13.24
CA THR O 168 97.98 22.26 -12.43
C THR O 168 97.27 23.50 -12.92
N MET O 169 96.58 24.18 -12.00
CA MET O 169 95.83 25.39 -12.31
C MET O 169 96.32 26.55 -11.46
N GLY O 170 96.15 27.76 -11.97
CA GLY O 170 96.59 28.96 -11.29
C GLY O 170 97.91 29.47 -11.83
N SER O 171 98.39 30.55 -11.20
CA SER O 171 99.65 31.15 -11.59
C SER O 171 100.86 30.36 -11.12
N GLY O 172 100.68 29.43 -10.17
CA GLY O 172 101.78 28.60 -9.71
C GLY O 172 101.83 27.27 -10.44
N SER O 173 101.22 27.21 -11.62
CA SER O 173 101.17 25.99 -12.40
C SER O 173 102.46 25.72 -13.17
N LEU O 174 103.41 26.66 -13.17
CA LEU O 174 104.65 26.46 -13.91
C LEU O 174 105.57 25.50 -13.17
N ALA O 175 106.03 25.89 -11.98
CA ALA O 175 106.93 25.03 -11.22
C ALA O 175 106.25 23.73 -10.79
N ALA O 176 104.94 23.77 -10.56
CA ALA O 176 104.22 22.55 -10.19
C ALA O 176 104.20 21.55 -11.34
N MET O 177 103.92 22.03 -12.55
CA MET O 177 103.99 21.16 -13.72
C MET O 177 105.40 20.66 -13.98
N ALA O 178 106.41 21.49 -13.70
CA ALA O 178 107.79 21.09 -13.91
C ALA O 178 108.19 19.97 -12.94
N VAL O 179 107.83 20.13 -11.66
CA VAL O 179 108.12 19.08 -10.68
C VAL O 179 107.35 17.81 -11.01
N PHE O 180 106.07 17.95 -11.37
CA PHE O 180 105.26 16.82 -11.79
C PHE O 180 105.88 16.12 -12.99
N GLU O 181 105.90 16.80 -14.14
CA GLU O 181 106.35 16.18 -15.39
C GLU O 181 107.72 15.51 -15.24
N ASP O 182 108.60 16.09 -14.43
CA ASP O 182 109.93 15.52 -14.26
C ASP O 182 109.91 14.30 -13.34
N LYS O 183 109.26 14.40 -12.19
CA LYS O 183 109.34 13.39 -11.15
C LYS O 183 108.17 12.40 -11.14
N PHE O 184 107.20 12.56 -12.03
CA PHE O 184 106.01 11.71 -11.97
C PHE O 184 106.24 10.37 -12.66
N ARG O 185 105.80 9.30 -12.02
CA ARG O 185 105.72 7.97 -12.59
C ARG O 185 104.30 7.43 -12.40
N PRO O 186 103.79 6.68 -13.35
CA PRO O 186 102.38 6.26 -13.29
C PRO O 186 102.13 5.17 -12.26
N ASP O 187 100.88 5.13 -11.80
CA ASP O 187 100.39 4.07 -10.90
C ASP O 187 101.13 4.05 -9.57
N MET O 188 101.39 5.23 -9.02
CA MET O 188 101.95 5.32 -7.68
C MET O 188 100.88 5.04 -6.63
N GLU O 189 101.34 4.69 -5.43
CA GLU O 189 100.43 4.42 -4.31
C GLU O 189 99.93 5.74 -3.72
N GLU O 190 99.18 5.65 -2.63
CA GLU O 190 98.60 6.84 -2.02
C GLU O 190 99.62 7.61 -1.20
N GLU O 191 100.51 6.91 -0.51
CA GLU O 191 101.49 7.60 0.34
C GLU O 191 102.51 8.37 -0.49
N GLU O 192 103.00 7.75 -1.57
CA GLU O 192 103.94 8.45 -2.44
C GLU O 192 103.28 9.61 -3.15
N ALA O 193 101.97 9.50 -3.43
CA ALA O 193 101.25 10.62 -4.03
C ALA O 193 101.12 11.77 -3.05
N LYS O 194 100.97 11.47 -1.75
CA LYS O 194 100.92 12.52 -0.74
C LYS O 194 102.25 13.25 -0.66
N ASN O 195 103.36 12.51 -0.78
CA ASN O 195 104.68 13.14 -0.76
C ASN O 195 104.90 13.97 -2.03
N LEU O 196 104.40 13.50 -3.16
CA LEU O 196 104.54 14.26 -4.40
C LEU O 196 103.71 15.53 -4.37
N VAL O 197 102.48 15.46 -3.87
CA VAL O 197 101.63 16.65 -3.78
C VAL O 197 102.18 17.62 -2.76
N SER O 198 102.68 17.11 -1.64
CA SER O 198 103.23 17.99 -0.60
C SER O 198 104.46 18.73 -1.10
N GLU O 199 105.34 18.03 -1.81
CA GLU O 199 106.56 18.68 -2.31
C GLU O 199 106.27 19.58 -3.50
N ALA O 200 105.28 19.23 -4.33
CA ALA O 200 104.97 20.06 -5.49
C ALA O 200 104.32 21.38 -5.07
N ILE O 201 103.36 21.31 -4.14
CA ILE O 201 102.70 22.52 -3.67
C ILE O 201 103.67 23.39 -2.89
N ALA O 202 104.50 22.77 -2.05
CA ALA O 202 105.51 23.53 -1.31
C ALA O 202 106.57 24.11 -2.22
N ALA O 203 106.79 23.53 -3.39
CA ALA O 203 107.75 24.10 -4.34
C ALA O 203 107.18 25.33 -5.03
N GLY O 204 105.91 25.28 -5.43
CA GLY O 204 105.26 26.43 -6.02
C GLY O 204 105.02 27.58 -5.08
N ILE O 205 105.12 27.35 -3.78
CA ILE O 205 104.99 28.43 -2.79
C ILE O 205 106.04 29.51 -3.06
N PHE O 206 107.32 29.14 -2.96
CA PHE O 206 108.38 30.13 -3.13
C PHE O 206 108.39 30.71 -4.54
N ASN O 207 108.21 29.87 -5.55
CA ASN O 207 108.20 30.33 -6.94
C ASN O 207 107.11 31.37 -7.17
N ASP O 208 105.85 30.96 -7.06
CA ASP O 208 104.74 31.85 -7.33
C ASP O 208 104.67 32.97 -6.31
N LEU O 209 104.14 34.12 -6.74
CA LEU O 209 104.05 35.28 -5.85
C LEU O 209 102.91 35.13 -4.85
N GLY O 210 101.77 34.60 -5.28
CA GLY O 210 100.60 34.53 -4.43
C GLY O 210 100.33 33.17 -3.82
N SER O 211 101.36 32.31 -3.75
CA SER O 211 101.23 30.98 -3.19
C SER O 211 101.99 30.91 -1.87
N GLY O 212 101.36 30.31 -0.86
CA GLY O 212 102.00 30.20 0.44
C GLY O 212 100.98 29.99 1.54
N SER O 213 101.38 30.37 2.75
CA SER O 213 100.58 30.27 3.98
C SER O 213 100.28 28.79 4.22
N ASN O 214 99.06 28.41 4.55
CA ASN O 214 98.76 27.02 4.87
C ASN O 214 98.71 26.16 3.62
N ILE O 215 98.86 24.85 3.82
CA ILE O 215 98.76 23.87 2.75
C ILE O 215 97.49 23.05 3.00
N ASP O 216 96.70 22.85 1.96
CA ASP O 216 95.48 22.05 2.03
C ASP O 216 95.65 20.77 1.24
N LEU O 217 95.12 19.67 1.79
CA LEU O 217 95.20 18.37 1.16
C LEU O 217 93.81 17.87 0.83
N CYS O 218 93.66 17.30 -0.37
CA CYS O 218 92.39 16.73 -0.82
C CYS O 218 92.66 15.32 -1.36
N VAL O 219 92.09 14.32 -0.70
CA VAL O 219 92.26 12.93 -1.07
C VAL O 219 90.88 12.34 -1.36
N ILE O 220 90.70 11.80 -2.56
CA ILE O 220 89.43 11.24 -2.99
C ILE O 220 89.65 9.79 -3.38
N SER O 221 88.81 8.89 -2.87
CA SER O 221 88.87 7.49 -3.21
C SER O 221 87.46 6.91 -3.15
N LYS O 222 87.35 5.62 -3.47
CA LYS O 222 86.04 4.97 -3.48
C LYS O 222 85.54 4.69 -2.06
N ASN O 223 86.40 4.09 -1.24
CA ASN O 223 86.03 3.71 0.13
C ASN O 223 86.36 4.77 1.16
N LYS O 224 87.01 5.87 0.77
CA LYS O 224 87.44 6.87 1.73
C LYS O 224 87.43 8.25 1.07
N LEU O 225 87.05 9.26 1.84
CA LEU O 225 87.07 10.65 1.39
C LEU O 225 87.77 11.48 2.46
N ASP O 226 88.90 12.08 2.11
CA ASP O 226 89.72 12.82 3.08
C ASP O 226 89.92 14.26 2.61
N PHE O 227 89.44 15.20 3.41
CA PHE O 227 89.76 16.61 3.28
C PHE O 227 90.56 17.01 4.50
N LEU O 228 91.85 17.27 4.32
CA LEU O 228 92.77 17.53 5.42
C LEU O 228 93.22 18.99 5.36
N ARG O 229 92.74 19.80 6.29
CA ARG O 229 93.16 21.19 6.39
C ARG O 229 93.31 21.59 7.85
N PRO O 230 94.36 22.38 8.17
CA PRO O 230 95.51 22.70 7.31
C PRO O 230 96.59 21.62 7.36
N TYR O 231 97.74 21.87 6.75
CA TYR O 231 98.84 20.89 6.75
C TYR O 231 100.11 21.49 7.31
N THR O 232 100.76 22.41 6.59
CA THR O 232 102.03 22.97 7.02
C THR O 232 102.09 24.43 6.60
N VAL O 233 102.68 25.27 7.44
CA VAL O 233 102.77 26.70 7.18
C VAL O 233 104.22 27.12 7.10
N PRO O 234 104.88 27.00 5.94
CA PRO O 234 106.29 27.40 5.87
C PRO O 234 106.52 28.89 6.04
N ASN O 235 105.65 29.73 5.49
CA ASN O 235 105.83 31.18 5.55
C ASN O 235 105.09 31.75 6.75
N LYS O 236 105.80 32.58 7.52
CA LYS O 236 105.24 33.24 8.69
C LYS O 236 105.76 34.67 8.75
N LYS O 237 105.40 35.38 9.81
CA LYS O 237 105.90 36.72 10.08
C LYS O 237 106.34 36.80 11.52
N GLY O 238 107.53 37.33 11.75
CA GLY O 238 108.14 37.31 13.06
C GLY O 238 107.44 38.20 14.07
N THR O 239 107.99 38.20 15.28
CA THR O 239 107.44 38.98 16.38
C THR O 239 107.69 40.47 16.15
N ARG O 240 106.91 41.28 16.86
CA ARG O 240 107.02 42.73 16.75
C ARG O 240 108.40 43.20 17.19
N LEU O 241 108.86 44.30 16.58
CA LEU O 241 110.17 44.85 16.92
C LEU O 241 110.12 45.61 18.24
N GLY O 242 109.01 46.26 18.53
CA GLY O 242 108.85 46.99 19.79
C GLY O 242 107.39 47.01 20.19
N ARG O 243 107.13 47.54 21.38
CA ARG O 243 105.79 47.58 21.95
C ARG O 243 105.23 48.99 21.80
N TYR O 244 104.27 49.14 20.89
CA TYR O 244 103.49 50.37 20.73
C TYR O 244 102.18 50.32 21.50
N ARG O 245 101.97 49.29 22.32
CA ARG O 245 100.69 49.02 22.97
C ARG O 245 100.15 50.27 23.65
N CYS O 246 98.89 50.58 23.38
CA CYS O 246 98.27 51.82 23.82
C CYS O 246 97.86 51.75 25.29
N GLU O 247 97.79 52.92 25.92
CA GLU O 247 97.31 53.05 27.29
C GLU O 247 96.34 54.22 27.34
N LYS O 248 95.60 54.30 28.45
CA LYS O 248 94.59 55.34 28.60
C LYS O 248 95.25 56.70 28.85
N GLY O 249 94.51 57.76 28.54
CA GLY O 249 94.94 59.12 28.77
C GLY O 249 95.43 59.84 27.53
N THR O 250 95.84 59.11 26.50
CA THR O 250 96.26 59.71 25.24
C THR O 250 95.16 59.75 24.20
N THR O 251 93.98 59.22 24.51
CA THR O 251 92.85 59.17 23.57
C THR O 251 91.72 60.00 24.12
N ALA O 252 91.28 60.99 23.35
CA ALA O 252 90.18 61.87 23.74
C ALA O 252 88.88 61.33 23.16
N VAL O 253 87.91 61.08 24.03
CA VAL O 253 86.60 60.55 23.63
C VAL O 253 85.57 61.67 23.73
N LEU O 254 84.82 61.87 22.64
CA LEU O 254 83.80 62.91 22.62
C LEU O 254 82.54 62.45 23.34
N THR O 255 81.85 61.45 22.79
CA THR O 255 80.61 60.94 23.36
C THR O 255 80.69 59.43 23.46
N GLU O 256 80.41 58.90 24.65
CA GLU O 256 80.37 57.46 24.89
C GLU O 256 78.92 57.07 25.19
N LYS O 257 78.32 56.33 24.28
CA LYS O 257 76.92 55.93 24.41
C LYS O 257 76.82 54.50 24.93
N ILE O 258 75.87 54.28 25.83
CA ILE O 258 75.63 52.97 26.43
C ILE O 258 74.23 52.53 26.03
N THR O 259 74.11 51.32 25.48
CA THR O 259 72.84 50.76 25.04
C THR O 259 72.66 49.39 25.65
N PRO O 260 72.03 49.31 26.83
CA PRO O 260 71.80 48.01 27.46
C PRO O 260 70.83 47.16 26.64
N LEU O 261 71.07 45.86 26.61
CA LEU O 261 70.24 44.92 25.89
C LEU O 261 69.35 44.15 26.86
N GLU O 262 68.55 43.24 26.31
CA GLU O 262 67.63 42.41 27.08
C GLU O 262 66.68 43.25 27.93
N SER P 1 89.57 55.66 -10.29
CA SER P 1 88.53 54.71 -9.89
C SER P 1 87.42 55.41 -9.13
N ILE P 2 86.24 54.78 -9.09
CA ILE P 2 85.11 55.37 -8.38
C ILE P 2 85.31 55.27 -6.88
N MET P 3 86.08 54.27 -6.42
CA MET P 3 86.36 54.11 -4.99
C MET P 3 87.18 55.26 -4.42
N SER P 4 87.77 56.11 -5.26
CA SER P 4 88.52 57.26 -4.81
C SER P 4 87.66 58.51 -4.67
N TYR P 5 86.38 58.43 -5.00
CA TYR P 5 85.49 59.59 -4.88
C TYR P 5 85.00 59.73 -3.45
N ASN P 6 84.13 58.82 -3.01
CA ASN P 6 83.68 58.83 -1.62
C ASN P 6 84.74 58.24 -0.69
N GLY P 7 85.37 57.13 -1.09
CA GLY P 7 86.40 56.54 -0.26
C GLY P 7 85.82 55.93 1.00
N GLY P 8 86.50 56.18 2.11
CA GLY P 8 86.07 55.67 3.39
C GLY P 8 86.72 54.35 3.74
N ALA P 9 86.94 54.14 5.04
CA ALA P 9 87.55 52.92 5.54
C ALA P 9 86.74 52.42 6.74
N VAL P 10 86.20 51.21 6.62
CA VAL P 10 85.46 50.58 7.71
C VAL P 10 86.37 49.57 8.37
N MET P 11 86.74 49.86 9.62
CA MET P 11 87.65 49.01 10.40
C MET P 11 86.84 48.27 11.45
N ALA P 12 86.71 46.96 11.29
CA ALA P 12 86.02 46.10 12.25
C ALA P 12 87.07 45.26 12.96
N MET P 13 87.28 45.51 14.24
CA MET P 13 88.30 44.84 15.03
C MET P 13 87.61 44.02 16.12
N LYS P 14 87.72 42.70 16.03
CA LYS P 14 87.09 41.81 16.99
C LYS P 14 87.95 41.67 18.23
N GLY P 15 87.30 41.66 19.39
CA GLY P 15 87.96 41.47 20.67
C GLY P 15 87.97 40.02 21.09
N LYS P 16 87.96 39.79 22.40
CA LYS P 16 87.98 38.42 22.92
C LYS P 16 86.61 37.76 22.79
N ASN P 17 85.65 38.20 23.60
CA ASN P 17 84.28 37.70 23.53
C ASN P 17 83.35 38.61 22.75
N CYS P 18 83.85 39.74 22.24
CA CYS P 18 83.02 40.74 21.59
C CYS P 18 83.64 41.15 20.26
N VAL P 19 82.84 41.85 19.45
CA VAL P 19 83.26 42.34 18.15
C VAL P 19 82.99 43.83 18.09
N ALA P 20 83.98 44.59 17.59
CA ALA P 20 83.87 46.03 17.45
C ALA P 20 84.02 46.42 15.99
N ILE P 21 83.51 47.61 15.66
CA ILE P 21 83.58 48.14 14.30
C ILE P 21 83.68 49.66 14.40
N ALA P 22 84.45 50.25 13.50
CA ALA P 22 84.68 51.69 13.49
C ALA P 22 84.74 52.21 12.07
N ALA P 23 84.32 53.45 11.88
CA ALA P 23 84.35 54.11 10.58
C ALA P 23 84.55 55.60 10.78
N ASP P 24 84.95 56.27 9.71
CA ASP P 24 85.19 57.70 9.76
C ASP P 24 83.88 58.47 9.69
N ARG P 25 83.86 59.63 10.36
CA ARG P 25 82.66 60.47 10.37
C ARG P 25 82.51 61.30 9.10
N ARG P 26 83.63 61.69 8.48
CA ARG P 26 83.57 62.62 7.37
C ARG P 26 82.88 62.00 6.16
N PHE P 27 81.93 62.75 5.59
CA PHE P 27 81.29 62.40 4.33
C PHE P 27 81.40 63.61 3.41
N GLY P 28 82.15 63.48 2.34
CA GLY P 28 82.40 64.59 1.46
C GLY P 28 82.94 64.17 0.13
N ILE P 29 83.39 65.15 -0.65
CA ILE P 29 83.89 64.95 -2.01
C ILE P 29 85.37 65.30 -2.01
N GLN P 30 86.22 64.28 -2.17
CA GLN P 30 87.67 64.43 -2.30
C GLN P 30 88.19 65.16 -1.05
N ALA P 31 88.99 66.21 -1.20
CA ALA P 31 89.52 66.95 -0.06
C ALA P 31 88.63 68.11 0.36
N GLN P 32 87.55 68.36 -0.37
CA GLN P 32 86.62 69.44 -0.02
C GLN P 32 85.68 68.96 1.08
N MET P 33 85.68 69.65 2.21
CA MET P 33 84.87 69.24 3.35
C MET P 33 83.40 69.54 3.11
N VAL P 34 82.54 68.62 3.55
CA VAL P 34 81.09 68.82 3.47
C VAL P 34 80.50 68.73 4.86
N THR P 35 80.38 67.51 5.38
CA THR P 35 79.82 67.30 6.71
C THR P 35 80.35 66.01 7.31
N THR P 36 80.39 65.96 8.63
CA THR P 36 80.81 64.79 9.38
C THR P 36 79.65 63.95 9.90
N ASP P 37 78.41 64.33 9.57
CA ASP P 37 77.25 63.72 10.23
C ASP P 37 76.95 62.32 9.69
N PHE P 38 77.11 62.10 8.39
CA PHE P 38 76.70 60.84 7.80
C PHE P 38 77.55 59.69 8.34
N GLN P 39 76.86 58.66 8.85
CA GLN P 39 77.51 57.49 9.42
C GLN P 39 77.46 56.35 8.42
N LYS P 40 78.63 55.82 8.06
CA LYS P 40 78.72 54.74 7.08
C LYS P 40 78.38 53.37 7.66
N ILE P 41 78.20 53.27 8.97
CA ILE P 41 77.78 52.04 9.62
C ILE P 41 76.30 52.12 9.94
N PHE P 42 75.56 51.07 9.61
CA PHE P 42 74.13 51.10 9.90
C PHE P 42 73.73 49.89 10.74
N PRO P 43 72.85 50.08 11.72
CA PRO P 43 72.33 48.94 12.48
C PRO P 43 71.37 48.12 11.63
N MET P 44 71.53 46.79 11.69
CA MET P 44 70.68 45.87 10.95
C MET P 44 70.26 44.74 11.89
N GLY P 45 68.96 44.61 12.12
CA GLY P 45 68.49 43.56 13.00
C GLY P 45 68.80 43.87 14.46
N ASP P 46 68.87 42.80 15.24
CA ASP P 46 69.15 42.89 16.68
C ASP P 46 70.57 42.44 16.96
N ARG P 47 71.32 43.29 17.69
CA ARG P 47 72.68 42.99 18.11
C ARG P 47 73.61 42.72 16.92
N LEU P 48 73.36 43.37 15.79
CA LEU P 48 74.18 43.21 14.61
C LEU P 48 74.26 44.54 13.86
N TYR P 49 75.46 44.87 13.39
CA TYR P 49 75.69 46.05 12.57
C TYR P 49 76.32 45.63 11.24
N ILE P 50 76.50 46.59 10.35
CA ILE P 50 77.25 46.38 9.12
C ILE P 50 77.97 47.67 8.77
N GLY P 51 79.24 47.55 8.39
CA GLY P 51 79.99 48.66 7.83
C GLY P 51 79.96 48.62 6.32
N LEU P 52 80.08 49.80 5.71
CA LEU P 52 80.09 49.92 4.25
C LEU P 52 81.05 51.02 3.85
N ALA P 53 81.87 50.75 2.84
CA ALA P 53 82.84 51.71 2.31
C ALA P 53 82.77 51.69 0.79
N GLY P 54 82.45 52.83 0.19
CA GLY P 54 82.33 52.91 -1.25
C GLY P 54 81.38 54.02 -1.65
N LEU P 55 80.81 53.87 -2.84
CA LEU P 55 79.84 54.83 -3.33
C LEU P 55 78.65 54.89 -2.38
N ALA P 56 78.29 56.11 -1.97
CA ALA P 56 77.23 56.28 -0.98
C ALA P 56 75.89 55.79 -1.49
N THR P 57 75.69 55.79 -2.80
CA THR P 57 74.47 55.23 -3.37
C THR P 57 74.37 53.74 -3.09
N ASP P 58 75.44 53.00 -3.41
CA ASP P 58 75.45 51.56 -3.14
C ASP P 58 75.49 51.28 -1.64
N VAL P 59 76.08 52.18 -0.86
CA VAL P 59 76.08 52.01 0.60
C VAL P 59 74.65 52.06 1.13
N GLN P 60 73.90 53.10 0.75
CA GLN P 60 72.51 53.18 1.17
C GLN P 60 71.65 52.15 0.44
N THR P 61 72.07 51.71 -0.74
CA THR P 61 71.33 50.67 -1.44
C THR P 61 71.39 49.34 -0.69
N VAL P 62 72.58 48.98 -0.22
CA VAL P 62 72.70 47.79 0.62
C VAL P 62 71.93 47.98 1.92
N ALA P 63 71.91 49.20 2.45
CA ALA P 63 71.18 49.46 3.69
C ALA P 63 69.68 49.22 3.51
N GLN P 64 69.13 49.70 2.40
CA GLN P 64 67.69 49.54 2.17
C GLN P 64 67.35 48.15 1.66
N ARG P 65 68.23 47.53 0.87
CA ARG P 65 67.93 46.22 0.32
C ARG P 65 68.15 45.11 1.35
N LEU P 66 69.17 45.25 2.20
CA LEU P 66 69.33 44.30 3.29
C LEU P 66 68.18 44.42 4.28
N LYS P 67 67.70 45.64 4.52
CA LYS P 67 66.53 45.83 5.35
C LYS P 67 65.31 45.17 4.73
N PHE P 68 65.19 45.23 3.40
CA PHE P 68 64.14 44.52 2.70
C PHE P 68 64.18 43.03 3.01
N ARG P 69 65.27 42.37 2.64
CA ARG P 69 65.37 40.91 2.81
C ARG P 69 65.32 40.52 4.28
N LEU P 70 65.97 41.30 5.16
CA LEU P 70 66.00 40.94 6.57
C LEU P 70 64.62 41.06 7.21
N ASN P 71 63.86 42.08 6.83
CA ASN P 71 62.50 42.20 7.35
C ASN P 71 61.63 41.05 6.88
N LEU P 72 61.76 40.65 5.61
CA LEU P 72 61.03 39.49 5.13
C LEU P 72 61.44 38.23 5.88
N TYR P 73 62.72 38.13 6.24
CA TYR P 73 63.20 36.96 6.96
C TYR P 73 62.66 36.94 8.39
N GLU P 74 62.73 38.08 9.08
CA GLU P 74 62.29 38.12 10.48
C GLU P 74 60.76 38.10 10.60
N LEU P 75 60.05 38.66 9.61
CA LEU P 75 58.60 38.66 9.66
C LEU P 75 57.99 37.31 9.27
N LYS P 76 58.71 36.49 8.51
CA LYS P 76 58.24 35.14 8.20
C LYS P 76 58.39 34.27 9.43
N GLU P 77 59.63 34.03 9.84
CA GLU P 77 59.92 33.33 11.09
C GLU P 77 60.64 34.29 12.04
N GLY P 78 60.18 34.30 13.29
CA GLY P 78 60.73 35.21 14.29
C GLY P 78 62.15 34.93 14.72
N ARG P 79 62.78 33.90 14.18
CA ARG P 79 64.16 33.59 14.53
C ARG P 79 65.09 34.69 14.03
N GLN P 80 66.09 35.03 14.84
CA GLN P 80 67.09 36.00 14.43
C GLN P 80 68.04 35.36 13.42
N ILE P 81 68.47 36.16 12.44
CA ILE P 81 69.28 35.64 11.34
C ILE P 81 70.67 35.30 11.86
N LYS P 82 71.24 34.20 11.36
CA LYS P 82 72.61 33.86 11.69
C LYS P 82 73.57 34.60 10.77
N PRO P 83 74.76 34.96 11.27
CA PRO P 83 75.69 35.74 10.44
C PRO P 83 76.15 35.02 9.19
N TYR P 84 76.23 33.69 9.22
CA TYR P 84 76.64 32.94 8.04
C TYR P 84 75.60 33.05 6.93
N THR P 85 74.33 32.89 7.28
CA THR P 85 73.27 33.11 6.29
C THR P 85 73.23 34.55 5.82
N LEU P 86 73.58 35.50 6.70
CA LEU P 86 73.63 36.90 6.30
C LEU P 86 74.71 37.14 5.26
N MET P 87 75.89 36.54 5.44
CA MET P 87 76.98 36.71 4.48
C MET P 87 76.61 36.10 3.13
N SER P 88 76.00 34.91 3.15
CA SER P 88 75.54 34.30 1.90
C SER P 88 74.43 35.12 1.27
N MET P 89 73.66 35.85 2.08
CA MET P 89 72.64 36.73 1.54
C MET P 89 73.26 37.99 0.93
N VAL P 90 74.35 38.48 1.51
CA VAL P 90 75.03 39.64 0.95
C VAL P 90 75.75 39.27 -0.34
N ALA P 91 76.51 38.16 -0.32
CA ALA P 91 77.19 37.71 -1.52
C ALA P 91 76.21 37.32 -2.62
N ASN P 92 74.97 36.96 -2.27
CA ASN P 92 73.96 36.66 -3.29
C ASN P 92 73.59 37.93 -4.05
N LEU P 93 73.25 38.99 -3.34
CA LEU P 93 72.82 40.22 -3.98
C LEU P 93 73.94 40.85 -4.80
N LEU P 94 75.17 40.79 -4.29
CA LEU P 94 76.29 41.37 -5.02
C LEU P 94 76.63 40.57 -6.27
N TYR P 95 76.32 39.27 -6.27
CA TYR P 95 76.54 38.44 -7.45
C TYR P 95 75.38 38.47 -8.43
N GLU P 96 74.23 39.02 -8.04
CA GLU P 96 73.07 39.06 -8.92
C GLU P 96 73.38 39.80 -10.22
N LYS P 97 74.25 40.80 -10.17
CA LYS P 97 74.71 41.49 -11.37
C LYS P 97 76.19 41.15 -11.56
N ARG P 98 76.48 40.31 -12.54
CA ARG P 98 77.88 40.00 -12.86
C ARG P 98 78.50 41.10 -13.72
N PHE P 99 77.81 41.52 -14.78
CA PHE P 99 78.28 42.57 -15.65
C PHE P 99 77.77 43.95 -15.25
N GLY P 100 76.83 44.02 -14.30
CA GLY P 100 76.35 45.27 -13.79
C GLY P 100 76.77 45.64 -12.37
N PRO P 101 77.88 45.08 -11.87
CA PRO P 101 78.07 45.06 -10.41
C PRO P 101 78.25 46.46 -9.83
N TYR P 102 77.70 46.65 -8.64
CA TYR P 102 77.81 47.92 -7.94
C TYR P 102 79.19 48.04 -7.31
N TYR P 103 79.45 49.17 -6.66
CA TYR P 103 80.72 49.46 -6.00
C TYR P 103 80.50 49.58 -4.50
N THR P 104 80.98 48.59 -3.75
CA THR P 104 80.84 48.61 -2.30
C THR P 104 81.89 47.70 -1.69
N GLU P 105 82.16 47.90 -0.41
CA GLU P 105 83.06 47.06 0.37
C GLU P 105 82.37 46.70 1.67
N PRO P 106 81.42 45.77 1.64
CA PRO P 106 80.63 45.47 2.84
C PRO P 106 81.48 44.81 3.91
N VAL P 107 81.33 45.30 5.15
CA VAL P 107 81.99 44.73 6.32
C VAL P 107 80.93 44.53 7.39
N ILE P 108 80.69 43.27 7.76
CA ILE P 108 79.63 42.91 8.69
C ILE P 108 80.27 42.57 10.03
N ALA P 109 79.86 43.30 11.07
CA ALA P 109 80.27 43.04 12.44
C ALA P 109 79.02 42.74 13.26
N GLY P 110 78.88 41.49 13.71
CA GLY P 110 77.68 41.09 14.42
C GLY P 110 77.97 39.98 15.40
N LEU P 111 76.95 39.65 16.19
CA LEU P 111 77.03 38.63 17.21
C LEU P 111 76.30 37.37 16.75
N ASP P 112 76.32 36.35 17.59
CA ASP P 112 75.54 35.14 17.36
C ASP P 112 74.16 35.29 17.98
N PRO P 113 73.08 35.02 17.24
CA PRO P 113 71.75 35.09 17.87
C PRO P 113 71.57 34.08 18.99
N LYS P 114 72.15 32.88 18.85
CA LYS P 114 71.98 31.85 19.86
C LYS P 114 72.93 32.04 21.04
N THR P 115 74.18 32.39 20.78
CA THR P 115 75.20 32.45 21.83
C THR P 115 76.01 33.74 21.78
N PHE P 116 77.07 33.81 22.58
CA PHE P 116 77.89 35.01 22.67
C PHE P 116 78.94 35.11 21.56
N LYS P 117 78.98 34.15 20.65
CA LYS P 117 80.01 34.14 19.61
C LYS P 117 79.90 35.38 18.73
N PRO P 118 80.98 36.13 18.54
CA PRO P 118 80.96 37.26 17.61
C PRO P 118 81.18 36.79 16.18
N PHE P 119 81.14 37.75 15.25
CA PHE P 119 81.32 37.45 13.84
C PHE P 119 81.94 38.64 13.13
N ILE P 120 82.80 38.35 12.15
CA ILE P 120 83.42 39.36 11.30
C ILE P 120 83.57 38.81 9.90
N CYS P 121 83.23 39.63 8.90
CA CYS P 121 83.49 39.28 7.51
C CYS P 121 83.65 40.55 6.70
N SER P 122 84.48 40.47 5.66
CA SER P 122 84.68 41.57 4.72
C SER P 122 84.64 41.00 3.31
N LEU P 123 83.73 41.49 2.49
CA LEU P 123 83.55 41.00 1.12
C LEU P 123 83.83 42.13 0.13
N ASP P 124 84.17 41.74 -1.09
CA ASP P 124 84.41 42.70 -2.16
C ASP P 124 83.08 43.08 -2.80
N LEU P 125 83.13 43.82 -3.91
CA LEU P 125 81.90 44.19 -4.61
C LEU P 125 81.26 42.99 -5.30
N ILE P 126 82.03 41.92 -5.57
CA ILE P 126 81.47 40.70 -6.13
C ILE P 126 81.08 39.68 -5.07
N GLY P 127 81.22 40.03 -3.79
CA GLY P 127 80.84 39.14 -2.72
C GLY P 127 81.80 38.00 -2.46
N CYS P 128 83.09 38.31 -2.36
CA CYS P 128 84.10 37.29 -2.05
C CYS P 128 84.11 37.05 -0.54
N PRO P 129 83.68 35.88 -0.08
CA PRO P 129 83.56 35.66 1.37
C PRO P 129 84.92 35.43 2.02
N MET P 130 85.08 36.00 3.22
CA MET P 130 86.23 35.71 4.07
C MET P 130 85.72 35.55 5.50
N VAL P 131 85.93 34.38 6.08
CA VAL P 131 85.47 34.09 7.44
C VAL P 131 86.69 33.77 8.30
N THR P 132 86.99 34.66 9.24
CA THR P 132 88.08 34.49 10.19
C THR P 132 87.64 35.01 11.55
N ASP P 133 88.40 34.66 12.58
CA ASP P 133 88.15 35.13 13.93
C ASP P 133 89.01 36.33 14.32
N ASP P 134 89.84 36.84 13.41
CA ASP P 134 90.81 37.86 13.79
C ASP P 134 90.29 39.28 13.58
N PHE P 135 90.25 39.74 12.33
CA PHE P 135 89.75 41.09 12.04
C PHE P 135 89.39 41.17 10.56
N VAL P 136 88.58 42.16 10.24
CA VAL P 136 88.20 42.45 8.86
C VAL P 136 88.21 43.96 8.66
N VAL P 137 88.88 44.42 7.60
CA VAL P 137 88.94 45.84 7.28
C VAL P 137 88.81 46.01 5.76
N SER P 138 88.14 47.08 5.37
CA SER P 138 88.05 47.47 3.96
C SER P 138 88.16 48.99 3.88
N GLY P 139 89.07 49.48 3.04
CA GLY P 139 89.28 50.90 2.95
C GLY P 139 90.32 51.24 1.90
N THR P 140 90.86 52.46 2.02
CA THR P 140 91.78 52.98 1.02
C THR P 140 93.21 52.47 1.26
N CYS P 141 93.80 52.82 2.39
CA CYS P 141 95.22 52.53 2.62
C CYS P 141 95.41 51.05 2.92
N ALA P 142 96.22 50.38 2.11
CA ALA P 142 96.50 48.96 2.33
C ALA P 142 97.58 48.76 3.38
N GLU P 143 98.64 49.57 3.33
CA GLU P 143 99.76 49.38 4.26
C GLU P 143 99.36 49.75 5.69
N GLN P 144 98.55 50.81 5.84
CA GLN P 144 98.28 51.35 7.17
C GLN P 144 97.29 50.50 7.95
N MET P 145 96.19 50.09 7.31
CA MET P 145 95.15 49.33 7.99
C MET P 145 95.70 48.02 8.56
N TYR P 146 96.11 47.10 7.69
CA TYR P 146 96.65 45.83 8.15
C TYR P 146 97.99 45.99 8.86
N GLY P 147 98.72 47.07 8.58
CA GLY P 147 100.00 47.28 9.25
C GLY P 147 99.84 47.58 10.73
N MET P 148 98.83 48.36 11.09
CA MET P 148 98.58 48.64 12.50
C MET P 148 98.05 47.41 13.23
N CYS P 149 97.33 46.54 12.52
CA CYS P 149 96.86 45.29 13.14
C CYS P 149 98.02 44.35 13.40
N GLU P 150 99.01 44.32 12.50
CA GLU P 150 100.18 43.48 12.71
C GLU P 150 101.06 44.04 13.83
N SER P 151 101.16 45.36 13.93
CA SER P 151 102.01 45.99 14.92
C SER P 151 101.36 46.08 16.30
N LEU P 152 100.04 45.94 16.38
CA LEU P 152 99.34 46.13 17.65
C LEU P 152 98.41 44.97 17.98
N TRP P 153 97.40 44.75 17.13
CA TRP P 153 96.31 43.84 17.45
C TRP P 153 96.80 42.45 17.83
N GLU P 154 96.17 41.87 18.83
CA GLU P 154 96.42 40.52 19.31
C GLU P 154 95.10 39.73 19.32
N PRO P 155 95.17 38.39 19.26
CA PRO P 155 93.92 37.61 19.23
C PRO P 155 93.04 37.82 20.44
N ASN P 156 93.62 37.82 21.65
CA ASN P 156 92.86 37.97 22.89
C ASN P 156 93.08 39.39 23.41
N MET P 157 92.03 40.20 23.39
CA MET P 157 92.10 41.59 23.81
C MET P 157 90.83 41.96 24.58
N ASP P 158 91.00 42.77 25.61
CA ASP P 158 89.88 43.30 26.37
C ASP P 158 89.34 44.56 25.71
N PRO P 159 88.07 44.91 25.98
CA PRO P 159 87.50 46.12 25.34
C PRO P 159 88.26 47.39 25.67
N ASP P 160 88.95 47.45 26.81
CA ASP P 160 89.74 48.63 27.15
C ASP P 160 90.87 48.83 26.15
N HIS P 161 91.72 47.82 25.98
CA HIS P 161 92.78 47.89 24.99
C HIS P 161 92.25 47.73 23.56
N LEU P 162 91.03 47.22 23.39
CA LEU P 162 90.44 47.14 22.06
C LEU P 162 90.13 48.52 21.50
N PHE P 163 89.54 49.39 22.32
CA PHE P 163 89.22 50.74 21.87
C PHE P 163 90.47 51.60 21.77
N GLU P 164 91.43 51.40 22.67
CA GLU P 164 92.67 52.18 22.64
C GLU P 164 93.52 51.79 21.43
N THR P 165 93.57 50.49 21.10
CA THR P 165 94.32 50.07 19.92
C THR P 165 93.67 50.56 18.65
N ILE P 166 92.34 50.41 18.53
CA ILE P 166 91.66 50.85 17.32
C ILE P 166 91.67 52.38 17.23
N SER P 167 91.76 53.08 18.36
CA SER P 167 91.94 54.52 18.36
C SER P 167 93.21 54.90 17.62
N GLN P 168 94.36 54.51 18.17
CA GLN P 168 95.64 54.79 17.51
C GLN P 168 95.71 54.14 16.14
N ALA P 169 94.97 53.06 15.92
CA ALA P 169 94.84 52.51 14.58
C ALA P 169 94.18 53.53 13.64
N MET P 170 93.00 54.02 14.02
CA MET P 170 92.33 55.03 13.23
C MET P 170 93.06 56.37 13.25
N LEU P 171 94.09 56.51 14.08
CA LEU P 171 94.90 57.73 14.12
C LEU P 171 96.12 57.62 13.20
N ASN P 172 97.03 56.70 13.49
CA ASN P 172 98.25 56.57 12.71
C ASN P 172 98.01 56.02 11.31
N ALA P 173 96.80 55.57 10.99
CA ALA P 173 96.48 55.05 9.67
C ALA P 173 95.56 55.99 8.89
N VAL P 174 94.35 56.24 9.39
CA VAL P 174 93.38 57.04 8.66
C VAL P 174 93.89 58.45 8.42
N ASP P 175 94.61 59.02 9.38
CA ASP P 175 95.15 60.36 9.22
C ASP P 175 96.25 60.43 8.16
N ARG P 176 96.75 59.29 7.69
CA ARG P 176 97.76 59.30 6.63
C ARG P 176 97.15 59.75 5.30
N ASP P 177 95.97 59.23 4.98
CA ASP P 177 95.27 59.60 3.76
C ASP P 177 94.18 60.63 4.07
N ALA P 178 94.14 61.69 3.27
CA ALA P 178 93.25 62.82 3.54
C ALA P 178 91.79 62.55 3.20
N VAL P 179 91.49 61.46 2.50
CA VAL P 179 90.11 61.19 2.09
C VAL P 179 89.23 60.76 3.24
N SER P 180 89.81 60.40 4.39
CA SER P 180 89.06 59.98 5.56
C SER P 180 89.60 60.70 6.78
N GLY P 181 88.70 61.18 7.63
CA GLY P 181 89.10 61.96 8.78
C GLY P 181 87.92 62.65 9.44
N MET P 182 88.20 63.76 10.12
CA MET P 182 87.18 64.61 10.71
C MET P 182 86.35 63.86 11.75
N GLY P 183 86.99 62.98 12.49
CA GLY P 183 86.34 62.22 13.54
C GLY P 183 86.11 60.77 13.13
N VAL P 184 86.00 59.91 14.15
CA VAL P 184 85.78 58.48 13.96
C VAL P 184 84.72 58.02 14.94
N ILE P 185 83.76 57.26 14.43
CA ILE P 185 82.69 56.67 15.25
C ILE P 185 83.01 55.20 15.46
N VAL P 186 82.87 54.72 16.68
CA VAL P 186 83.21 53.35 17.06
C VAL P 186 81.97 52.69 17.64
N HIS P 187 81.69 51.46 17.20
CA HIS P 187 80.59 50.66 17.70
C HIS P 187 81.13 49.32 18.18
N ILE P 188 80.98 49.05 19.47
CA ILE P 188 81.40 47.79 20.07
C ILE P 188 80.17 47.12 20.66
N ILE P 189 79.89 45.89 20.22
CA ILE P 189 78.70 45.17 20.63
C ILE P 189 79.12 43.85 21.27
N GLU P 190 78.30 43.41 22.23
CA GLU P 190 78.52 42.12 22.89
C GLU P 190 77.17 41.66 23.45
N LYS P 191 77.11 40.37 23.81
CA LYS P 191 75.87 39.80 24.32
C LYS P 191 75.36 40.56 25.53
N ASP P 192 76.27 41.02 26.39
CA ASP P 192 75.91 41.80 27.58
C ASP P 192 75.15 43.07 27.20
N LYS P 193 75.84 44.03 26.58
CA LYS P 193 75.23 45.30 26.23
C LYS P 193 76.01 45.94 25.08
N ILE P 194 75.39 46.91 24.44
CA ILE P 194 75.97 47.62 23.31
C ILE P 194 76.57 48.93 23.79
N THR P 195 77.77 49.23 23.31
CA THR P 195 78.48 50.46 23.66
C THR P 195 78.90 51.18 22.38
N THR P 196 78.81 52.51 22.41
CA THR P 196 79.16 53.33 21.26
C THR P 196 80.06 54.49 21.72
N ARG P 197 81.19 54.66 21.04
CA ARG P 197 82.12 55.74 21.34
C ARG P 197 82.48 56.48 20.07
N THR P 198 83.00 57.69 20.24
CA THR P 198 83.38 58.55 19.12
C THR P 198 84.78 59.12 19.36
N LEU P 199 85.36 59.66 18.29
CA LEU P 199 86.69 60.26 18.33
C LEU P 199 86.64 61.60 17.61
N LYS P 200 87.81 62.25 17.50
CA LYS P 200 87.91 63.57 16.90
C LYS P 200 89.22 63.67 16.13
N ALA P 201 89.17 64.36 14.99
CA ALA P 201 90.34 64.65 14.16
C ALA P 201 90.39 66.16 13.91
N ARG P 202 91.36 66.56 13.09
CA ARG P 202 91.52 67.98 12.76
C ARG P 202 90.38 68.46 11.88
N MET P 203 89.97 69.72 12.10
CA MET P 203 88.83 70.31 11.43
C MET P 203 89.19 71.08 10.17
N ASP P 204 90.45 71.07 9.76
CA ASP P 204 90.90 71.82 8.59
C ASP P 204 90.21 71.33 7.31
N MET Q 1 77.17 74.38 -11.38
CA MET Q 1 77.85 75.53 -11.97
C MET Q 1 77.72 76.76 -11.06
N GLU Q 2 76.53 76.98 -10.53
CA GLU Q 2 76.25 78.10 -9.64
C GLU Q 2 75.86 77.59 -8.27
N TYR Q 3 76.07 78.45 -7.27
CA TYR Q 3 75.84 78.11 -5.87
C TYR Q 3 74.59 78.80 -5.35
N LEU Q 4 73.77 78.05 -4.61
CA LEU Q 4 72.61 78.57 -3.92
C LEU Q 4 72.82 78.43 -2.43
N ILE Q 5 72.42 79.46 -1.68
CA ILE Q 5 72.75 79.52 -0.25
C ILE Q 5 71.95 78.46 0.51
N GLY Q 6 72.60 77.86 1.50
CA GLY Q 6 72.01 76.79 2.28
C GLY Q 6 71.62 77.17 3.70
N ILE Q 7 71.45 78.47 3.97
CA ILE Q 7 71.25 78.95 5.35
C ILE Q 7 70.12 78.19 6.02
N GLN Q 8 70.39 77.65 7.20
CA GLN Q 8 69.42 76.90 7.99
C GLN Q 8 69.24 77.58 9.33
N GLY Q 9 68.06 78.13 9.57
CA GLY Q 9 67.74 78.72 10.86
C GLY Q 9 66.99 77.74 11.73
N PRO Q 10 67.03 77.97 13.06
CA PRO Q 10 66.26 77.08 13.96
C PRO Q 10 64.77 77.13 13.71
N ASP Q 11 64.20 78.33 13.62
CA ASP Q 11 62.77 78.46 13.31
C ASP Q 11 62.50 78.39 11.81
N TYR Q 12 63.32 79.04 11.01
CA TYR Q 12 63.04 79.27 9.60
C TYR Q 12 63.90 78.36 8.71
N VAL Q 13 63.66 78.46 7.40
CA VAL Q 13 64.47 77.84 6.36
C VAL Q 13 64.65 78.87 5.26
N LEU Q 14 65.89 79.19 4.92
CA LEU Q 14 66.18 80.27 3.99
C LEU Q 14 67.13 79.78 2.90
N VAL Q 15 66.77 80.05 1.65
CA VAL Q 15 67.61 79.73 0.50
C VAL Q 15 67.60 80.93 -0.45
N ALA Q 16 68.35 80.82 -1.54
CA ALA Q 16 68.42 81.85 -2.56
C ALA Q 16 68.63 81.19 -3.91
N SER Q 17 68.23 81.88 -4.96
CA SER Q 17 68.35 81.35 -6.32
C SER Q 17 68.72 82.47 -7.29
N ASP Q 18 69.66 82.18 -8.18
CA ASP Q 18 70.01 83.08 -9.27
C ASP Q 18 69.07 82.83 -10.44
N ARG Q 19 68.49 83.89 -10.98
CA ARG Q 19 67.42 83.78 -11.97
C ARG Q 19 67.92 83.84 -13.40
N VAL Q 20 69.23 83.91 -13.62
CA VAL Q 20 69.76 84.10 -14.97
C VAL Q 20 69.77 82.77 -15.72
N ALA Q 21 69.03 82.70 -16.83
CA ALA Q 21 69.04 81.55 -17.72
C ALA Q 21 69.94 81.74 -18.92
N ALA Q 22 70.66 82.86 -19.00
CA ALA Q 22 71.43 83.18 -20.19
C ALA Q 22 72.54 82.18 -20.42
N SER Q 23 72.96 82.06 -21.68
CA SER Q 23 74.01 81.15 -22.09
C SER Q 23 75.21 81.93 -22.62
N ASN Q 24 76.39 81.32 -22.52
CA ASN Q 24 77.65 81.94 -22.91
C ASN Q 24 77.85 83.27 -22.19
N ILE Q 25 78.38 84.27 -22.91
CA ILE Q 25 78.63 85.58 -22.32
C ILE Q 25 77.54 86.60 -22.64
N VAL Q 26 76.55 86.23 -23.46
CA VAL Q 26 75.53 87.17 -23.88
C VAL Q 26 74.47 87.31 -22.80
N GLN Q 27 73.83 88.48 -22.76
CA GLN Q 27 72.77 88.78 -21.80
C GLN Q 27 71.43 88.57 -22.50
N MET Q 28 70.68 87.56 -22.06
CA MET Q 28 69.43 87.20 -22.72
C MET Q 28 68.24 87.23 -21.77
N LYS Q 29 68.11 86.24 -20.87
CA LYS Q 29 66.93 86.11 -20.03
C LYS Q 29 67.38 86.00 -18.57
N ASP Q 30 67.09 87.04 -17.78
CA ASP Q 30 67.46 87.07 -16.37
C ASP Q 30 66.31 86.73 -15.41
N ASP Q 31 65.10 86.51 -15.91
CA ASP Q 31 63.94 86.34 -15.02
C ASP Q 31 63.54 84.89 -14.81
N HIS Q 32 64.27 83.92 -15.37
CA HIS Q 32 63.91 82.52 -15.22
C HIS Q 32 63.97 82.09 -13.75
N ASP Q 33 62.87 81.52 -13.27
CA ASP Q 33 62.77 81.10 -11.87
C ASP Q 33 63.40 79.73 -11.69
N LYS Q 34 64.38 79.65 -10.78
CA LYS Q 34 65.04 78.39 -10.45
C LYS Q 34 64.43 77.70 -9.23
N MET Q 35 63.41 78.29 -8.61
CA MET Q 35 62.79 77.74 -7.42
C MET Q 35 61.44 77.13 -7.79
N PHE Q 36 61.22 75.88 -7.39
CA PHE Q 36 59.98 75.16 -7.65
C PHE Q 36 59.24 75.01 -6.34
N LYS Q 37 58.07 75.63 -6.24
CA LYS Q 37 57.24 75.53 -5.05
C LYS Q 37 56.32 74.32 -5.18
N MET Q 38 56.41 73.40 -4.21
CA MET Q 38 55.62 72.18 -4.25
C MET Q 38 54.41 72.27 -3.33
N SER Q 39 54.65 72.16 -2.03
CA SER Q 39 53.59 72.27 -1.04
C SER Q 39 53.97 73.28 0.03
N GLU Q 40 53.13 73.44 1.06
CA GLU Q 40 53.38 74.46 2.06
C GLU Q 40 54.58 74.13 2.93
N LYS Q 41 54.81 72.85 3.22
CA LYS Q 41 55.91 72.43 4.09
C LYS Q 41 57.14 71.96 3.33
N ILE Q 42 57.11 71.95 1.99
CA ILE Q 42 58.21 71.39 1.20
C ILE Q 42 58.46 72.28 -0.01
N LEU Q 43 59.72 72.63 -0.25
CA LEU Q 43 60.15 73.32 -1.45
C LEU Q 43 60.87 72.35 -2.38
N LEU Q 44 61.31 72.87 -3.54
CA LEU Q 44 62.07 72.09 -4.51
C LEU Q 44 63.12 72.97 -5.16
N LEU Q 45 64.33 72.46 -5.28
CA LEU Q 45 65.43 73.13 -5.95
C LEU Q 45 66.08 72.14 -6.92
N CYS Q 46 66.11 72.50 -8.20
CA CYS Q 46 66.68 71.62 -9.20
C CYS Q 46 67.48 72.43 -10.21
N VAL Q 47 68.74 72.04 -10.40
CA VAL Q 47 69.63 72.62 -11.41
C VAL Q 47 70.50 71.49 -11.96
N GLY Q 48 70.79 71.55 -13.25
CA GLY Q 48 71.53 70.49 -13.91
C GLY Q 48 71.29 70.53 -15.41
N GLU Q 49 71.43 69.37 -16.03
CA GLU Q 49 71.07 69.23 -17.44
C GLU Q 49 69.63 69.69 -17.64
N ALA Q 50 69.41 70.41 -18.74
CA ALA Q 50 68.16 71.14 -18.94
C ALA Q 50 66.93 70.25 -18.78
N GLY Q 51 66.79 69.26 -19.67
CA GLY Q 51 65.59 68.44 -19.66
C GLY Q 51 65.39 67.67 -18.37
N ASP Q 52 66.49 67.31 -17.70
CA ASP Q 52 66.37 66.54 -16.47
C ASP Q 52 65.76 67.38 -15.35
N THR Q 53 66.07 68.67 -15.32
CA THR Q 53 65.56 69.56 -14.26
C THR Q 53 64.04 69.55 -14.22
N VAL Q 54 63.40 70.01 -15.30
CA VAL Q 54 61.95 70.17 -15.31
C VAL Q 54 61.24 68.84 -15.13
N GLN Q 55 61.86 67.74 -15.58
CA GLN Q 55 61.22 66.43 -15.43
C GLN Q 55 61.13 66.01 -13.97
N PHE Q 56 62.19 66.25 -13.19
CA PHE Q 56 62.12 65.98 -11.76
C PHE Q 56 61.11 66.90 -11.08
N ALA Q 57 60.87 68.08 -11.65
CA ALA Q 57 59.85 68.96 -11.10
C ALA Q 57 58.45 68.40 -11.36
N GLU Q 58 58.24 67.84 -12.55
CA GLU Q 58 56.92 67.29 -12.88
C GLU Q 58 56.64 66.02 -12.10
N TYR Q 59 57.64 65.14 -11.99
CA TYR Q 59 57.40 63.83 -11.39
C TYR Q 59 57.27 63.93 -9.87
N ILE Q 60 58.16 64.66 -9.22
CA ILE Q 60 58.15 64.70 -7.76
C ILE Q 60 56.98 65.52 -7.24
N GLN Q 61 56.69 66.66 -7.88
CA GLN Q 61 55.57 67.49 -7.45
C GLN Q 61 54.25 66.73 -7.52
N LYS Q 62 53.96 66.15 -8.68
CA LYS Q 62 52.68 65.48 -8.88
C LYS Q 62 52.57 64.18 -8.09
N ASN Q 63 53.69 63.55 -7.74
CA ASN Q 63 53.64 62.39 -6.87
C ASN Q 63 53.44 62.79 -5.42
N VAL Q 64 54.05 63.90 -4.99
CA VAL Q 64 53.79 64.41 -3.65
C VAL Q 64 52.37 64.94 -3.55
N GLN Q 65 51.88 65.61 -4.60
CA GLN Q 65 50.48 66.02 -4.64
C GLN Q 65 49.55 64.82 -4.67
N LEU Q 66 50.00 63.70 -5.26
CA LEU Q 66 49.21 62.49 -5.24
C LEU Q 66 49.07 61.95 -3.83
N TYR Q 67 50.19 61.80 -3.12
CA TYR Q 67 50.14 61.36 -1.73
C TYR Q 67 49.42 62.38 -0.84
N LYS Q 68 49.48 63.66 -1.23
CA LYS Q 68 48.83 64.70 -0.42
C LYS Q 68 47.33 64.48 -0.31
N MET Q 69 46.66 64.35 -1.45
CA MET Q 69 45.21 64.19 -1.47
C MET Q 69 44.76 62.74 -1.30
N ARG Q 70 45.66 61.77 -1.42
CA ARG Q 70 45.30 60.38 -1.13
C ARG Q 70 45.08 60.18 0.36
N ASN Q 71 46.06 60.54 1.19
CA ASN Q 71 45.97 60.37 2.62
C ASN Q 71 45.40 61.58 3.34
N GLY Q 72 45.23 62.71 2.65
CA GLY Q 72 44.68 63.91 3.24
C GLY Q 72 45.69 64.83 3.89
N TYR Q 73 46.88 64.34 4.21
CA TYR Q 73 47.92 65.14 4.83
C TYR Q 73 49.14 65.22 3.91
N GLU Q 74 50.16 65.92 4.37
CA GLU Q 74 51.36 66.21 3.57
C GLU Q 74 52.53 65.35 4.03
N LEU Q 75 53.37 64.99 3.07
CA LEU Q 75 54.59 64.24 3.37
C LEU Q 75 55.57 65.09 4.18
N SER Q 76 56.43 64.41 4.93
CA SER Q 76 57.49 65.07 5.65
C SER Q 76 58.71 65.24 4.76
N PRO Q 77 59.56 66.23 5.04
CA PRO Q 77 60.78 66.40 4.23
C PRO Q 77 61.70 65.19 4.26
N THR Q 78 61.64 64.36 5.30
CA THR Q 78 62.45 63.16 5.34
C THR Q 78 61.97 62.13 4.34
N ALA Q 79 60.65 61.87 4.32
CA ALA Q 79 60.10 60.92 3.36
C ALA Q 79 60.19 61.45 1.94
N ALA Q 80 60.23 62.78 1.76
CA ALA Q 80 60.35 63.35 0.43
C ALA Q 80 61.77 63.23 -0.11
N ALA Q 81 62.77 63.43 0.77
CA ALA Q 81 64.16 63.34 0.33
C ALA Q 81 64.53 61.90 -0.01
N ASN Q 82 64.03 60.93 0.76
CA ASN Q 82 64.34 59.54 0.48
C ASN Q 82 63.52 59.01 -0.69
N PHE Q 83 62.35 59.59 -0.95
CA PHE Q 83 61.59 59.22 -2.14
C PHE Q 83 62.31 59.66 -3.41
N THR Q 84 62.96 60.83 -3.36
CA THR Q 84 63.72 61.30 -4.51
C THR Q 84 64.99 60.50 -4.72
N ARG Q 85 65.49 59.82 -3.68
CA ARG Q 85 66.65 58.95 -3.87
C ARG Q 85 66.31 57.79 -4.79
N ARG Q 86 65.06 57.30 -4.76
CA ARG Q 86 64.63 56.28 -5.71
C ARG Q 86 64.65 56.82 -7.13
N ASN Q 87 64.18 58.05 -7.32
CA ASN Q 87 64.28 58.69 -8.63
C ASN Q 87 65.73 58.99 -8.98
N LEU Q 88 66.57 59.28 -7.98
CA LEU Q 88 67.99 59.45 -8.23
C LEU Q 88 68.67 58.10 -8.48
N ALA Q 89 68.10 57.01 -7.94
CA ALA Q 89 68.61 55.68 -8.29
C ALA Q 89 68.28 55.33 -9.73
N ASP Q 90 67.06 55.65 -10.18
CA ASP Q 90 66.74 55.50 -11.59
C ASP Q 90 67.52 56.50 -12.44
N CYS Q 91 67.93 57.62 -11.84
CA CYS Q 91 68.79 58.56 -12.53
C CYS Q 91 70.18 57.97 -12.79
N LEU Q 92 70.75 57.32 -11.78
CA LEU Q 92 72.09 56.74 -11.88
C LEU Q 92 72.17 55.72 -13.00
N ARG Q 93 71.50 54.59 -12.85
CA ARG Q 93 71.55 53.51 -13.82
C ARG Q 93 70.25 53.49 -14.62
N SER Q 94 70.32 53.90 -15.89
CA SER Q 94 69.19 53.84 -16.80
C SER Q 94 69.71 53.90 -18.22
N ARG Q 95 68.86 53.49 -19.16
CA ARG Q 95 69.20 53.62 -20.57
C ARG Q 95 69.38 55.07 -20.98
N THR Q 96 68.59 55.98 -20.39
CA THR Q 96 68.71 57.42 -20.62
C THR Q 96 68.88 58.07 -19.25
N PRO Q 97 70.11 58.25 -18.78
CA PRO Q 97 70.31 58.80 -17.43
C PRO Q 97 70.00 60.28 -17.33
N TYR Q 98 70.10 60.82 -16.12
CA TYR Q 98 69.83 62.23 -15.85
C TYR Q 98 71.04 62.85 -15.16
N HIS Q 99 71.08 64.18 -15.18
CA HIS Q 99 72.15 64.95 -14.53
C HIS Q 99 71.52 66.12 -13.80
N VAL Q 100 71.71 66.16 -12.47
CA VAL Q 100 71.16 67.22 -11.64
C VAL Q 100 72.23 67.68 -10.67
N ASN Q 101 71.90 68.74 -9.91
CA ASN Q 101 72.81 69.32 -8.92
C ASN Q 101 72.10 69.53 -7.59
N LEU Q 102 71.06 70.35 -7.58
CA LEU Q 102 70.50 70.90 -6.36
C LEU Q 102 69.78 69.84 -5.53
N LEU Q 103 69.18 70.29 -4.44
CA LEU Q 103 68.73 69.43 -3.36
C LEU Q 103 67.30 69.81 -2.99
N LEU Q 104 66.80 69.21 -1.91
CA LEU Q 104 65.46 69.44 -1.40
C LEU Q 104 65.51 70.23 -0.11
N ALA Q 105 64.47 71.04 0.12
CA ALA Q 105 64.33 71.81 1.34
C ALA Q 105 62.87 71.83 1.74
N GLY Q 106 62.63 71.93 3.05
CA GLY Q 106 61.27 71.96 3.54
C GLY Q 106 61.22 72.09 5.05
N TYR Q 107 60.00 72.16 5.56
CA TYR Q 107 59.72 72.29 6.98
C TYR Q 107 58.86 71.12 7.45
N ASP Q 108 58.99 70.77 8.72
CA ASP Q 108 58.25 69.66 9.31
C ASP Q 108 57.56 70.13 10.58
N GLU Q 109 56.38 69.56 10.87
CA GLU Q 109 55.63 69.93 12.06
C GLU Q 109 56.29 69.44 13.34
N HIS Q 110 57.27 68.54 13.25
CA HIS Q 110 57.97 68.02 14.42
C HIS Q 110 59.46 68.31 14.34
N GLU Q 111 60.17 67.74 13.35
CA GLU Q 111 61.60 67.98 13.19
C GLU Q 111 61.92 69.42 12.81
N GLY Q 112 60.93 70.22 12.44
CA GLY Q 112 61.15 71.60 12.10
C GLY Q 112 61.91 71.78 10.81
N PRO Q 113 62.98 72.60 10.86
CA PRO Q 113 63.75 72.88 9.64
C PRO Q 113 64.50 71.65 9.16
N ALA Q 114 64.44 71.41 7.86
CA ALA Q 114 65.17 70.30 7.25
C ALA Q 114 65.75 70.76 5.92
N LEU Q 115 67.05 70.57 5.75
CA LEU Q 115 67.73 70.87 4.49
C LEU Q 115 68.62 69.69 4.14
N TYR Q 116 68.32 69.03 3.03
CA TYR Q 116 69.08 67.87 2.59
C TYR Q 116 70.05 68.28 1.47
N TYR Q 117 70.80 67.30 0.98
CA TYR Q 117 71.76 67.51 -0.10
C TYR Q 117 71.61 66.39 -1.11
N MET Q 118 71.43 66.75 -2.37
CA MET Q 118 71.25 65.78 -3.45
C MET Q 118 72.37 65.96 -4.48
N ASP Q 119 72.60 64.89 -5.24
CA ASP Q 119 73.63 64.89 -6.27
C ASP Q 119 73.23 63.89 -7.34
N TYR Q 120 73.78 64.09 -8.55
CA TYR Q 120 73.49 63.16 -9.63
C TYR Q 120 74.04 61.76 -9.37
N LEU Q 121 74.89 61.60 -8.36
CA LEU Q 121 75.35 60.30 -7.92
C LEU Q 121 74.46 59.69 -6.84
N ALA Q 122 73.35 60.36 -6.50
CA ALA Q 122 72.31 59.91 -5.58
C ALA Q 122 72.74 59.94 -4.12
N ALA Q 123 73.98 60.31 -3.82
CA ALA Q 123 74.46 60.33 -2.43
C ALA Q 123 73.63 61.32 -1.62
N LEU Q 124 73.09 60.85 -0.50
CA LEU Q 124 72.28 61.68 0.38
C LEU Q 124 73.15 62.35 1.45
N ALA Q 125 72.79 63.59 1.79
CA ALA Q 125 73.43 64.28 2.89
C ALA Q 125 72.43 65.26 3.50
N LYS Q 126 72.55 65.45 4.81
CA LYS Q 126 71.72 66.39 5.56
C LYS Q 126 72.65 67.31 6.33
N ALA Q 127 72.66 68.59 5.95
CA ALA Q 127 73.64 69.52 6.47
C ALA Q 127 73.01 70.89 6.68
N PRO Q 128 73.53 71.68 7.64
CA PRO Q 128 72.99 73.04 7.84
C PRO Q 128 73.28 73.98 6.68
N PHE Q 129 74.20 73.64 5.78
CA PHE Q 129 74.48 74.44 4.59
C PHE Q 129 74.85 73.49 3.45
N ALA Q 130 74.84 74.03 2.24
CA ALA Q 130 75.10 73.25 1.04
C ALA Q 130 76.43 73.69 0.41
N ALA Q 131 76.81 73.00 -0.66
CA ALA Q 131 78.05 73.30 -1.39
C ALA Q 131 77.79 73.20 -2.87
N HIS Q 132 78.05 74.30 -3.59
CA HIS Q 132 77.88 74.36 -5.04
C HIS Q 132 78.70 75.53 -5.55
N GLY Q 133 78.66 75.75 -6.86
CA GLY Q 133 79.28 76.91 -7.47
C GLY Q 133 80.80 76.89 -7.47
N TYR Q 134 81.40 77.86 -8.14
CA TYR Q 134 82.85 77.98 -8.22
C TYR Q 134 83.43 78.93 -7.19
N GLY Q 135 82.58 79.60 -6.40
CA GLY Q 135 83.05 80.55 -5.41
C GLY Q 135 83.04 80.01 -4.00
N ALA Q 136 83.00 78.68 -3.88
CA ALA Q 136 82.94 78.06 -2.56
C ALA Q 136 84.26 78.15 -1.81
N PHE Q 137 85.37 78.40 -2.50
CA PHE Q 137 86.66 78.47 -1.83
C PHE Q 137 86.82 79.73 -0.99
N LEU Q 138 86.02 80.76 -1.24
CA LEU Q 138 85.94 81.89 -0.34
C LEU Q 138 84.84 81.73 0.71
N THR Q 139 83.99 80.71 0.57
CA THR Q 139 82.96 80.43 1.57
C THR Q 139 83.47 79.56 2.71
N LEU Q 140 84.65 78.93 2.55
CA LEU Q 140 85.27 78.26 3.70
C LEU Q 140 85.83 79.26 4.70
N SER Q 141 85.85 80.54 4.34
CA SER Q 141 86.25 81.62 5.25
C SER Q 141 85.05 82.48 5.64
N ILE Q 142 84.39 83.12 4.68
CA ILE Q 142 83.24 83.96 5.00
C ILE Q 142 82.11 83.11 5.57
N LEU Q 143 81.68 82.09 4.82
CA LEU Q 143 80.52 81.30 5.23
C LEU Q 143 80.85 80.28 6.30
N ASP Q 144 81.93 79.51 6.11
CA ASP Q 144 82.20 78.38 7.00
C ASP Q 144 82.87 78.82 8.30
N ARG Q 145 83.85 79.71 8.23
CA ARG Q 145 84.56 80.11 9.44
C ARG Q 145 83.65 80.94 10.36
N TYR Q 146 82.82 81.80 9.78
CA TYR Q 146 81.84 82.56 10.54
C TYR Q 146 80.45 82.04 10.18
N TYR Q 147 79.85 81.29 11.09
CA TYR Q 147 78.46 80.88 10.95
C TYR Q 147 77.87 80.65 12.34
N THR Q 148 76.62 81.06 12.52
CA THR Q 148 75.89 80.79 13.75
C THR Q 148 74.67 79.93 13.44
N PRO Q 149 74.59 78.69 13.93
CA PRO Q 149 73.40 77.89 13.66
C PRO Q 149 72.15 78.41 14.34
N THR Q 150 72.29 79.13 15.46
CA THR Q 150 71.15 79.63 16.21
C THR Q 150 70.77 81.06 15.86
N ILE Q 151 71.45 81.67 14.89
CA ILE Q 151 71.14 83.06 14.55
C ILE Q 151 69.83 83.14 13.78
N SER Q 152 69.22 84.32 13.82
CA SER Q 152 67.96 84.56 13.12
C SER Q 152 68.24 84.90 11.66
N ARG Q 153 67.20 85.33 10.94
CA ARG Q 153 67.33 85.61 9.52
C ARG Q 153 67.99 86.95 9.22
N GLU Q 154 68.02 87.87 10.19
CA GLU Q 154 68.58 89.19 9.93
C GLU Q 154 70.07 89.10 9.60
N ARG Q 155 70.86 88.46 10.48
CA ARG Q 155 72.28 88.28 10.20
C ARG Q 155 72.52 87.28 9.08
N ALA Q 156 71.55 86.43 8.78
CA ALA Q 156 71.70 85.50 7.66
C ALA Q 156 71.66 86.25 6.33
N VAL Q 157 70.80 87.26 6.21
CA VAL Q 157 70.76 88.07 5.00
C VAL Q 157 72.06 88.84 4.84
N GLU Q 158 72.61 89.36 5.94
CA GLU Q 158 73.88 90.06 5.89
C GLU Q 158 75.00 89.10 5.48
N LEU Q 159 74.95 87.87 5.96
CA LEU Q 159 75.91 86.85 5.51
C LEU Q 159 75.75 86.56 4.03
N LEU Q 160 74.51 86.61 3.53
CA LEU Q 160 74.29 86.47 2.10
C LEU Q 160 74.89 87.65 1.33
N ARG Q 161 74.90 88.84 1.93
CA ARG Q 161 75.53 89.99 1.29
C ARG Q 161 77.04 89.80 1.20
N LYS Q 162 77.66 89.33 2.28
CA LYS Q 162 79.10 89.11 2.28
C LYS Q 162 79.52 88.09 1.23
N CYS Q 163 78.67 87.10 0.97
CA CYS Q 163 78.96 86.13 -0.08
C CYS Q 163 78.78 86.75 -1.46
N LEU Q 164 77.68 87.48 -1.65
CA LEU Q 164 77.38 88.08 -2.96
C LEU Q 164 78.45 89.08 -3.38
N GLU Q 165 79.08 89.76 -2.42
CA GLU Q 165 80.17 90.68 -2.71
C GLU Q 165 81.29 89.99 -3.47
N GLU Q 166 81.93 89.00 -2.83
CA GLU Q 166 83.08 88.31 -3.41
C GLU Q 166 82.68 87.23 -4.41
N LEU Q 167 81.39 86.95 -4.60
CA LEU Q 167 80.98 85.99 -5.61
C LEU Q 167 81.44 86.41 -7.00
N GLN Q 168 81.40 87.71 -7.29
CA GLN Q 168 81.87 88.24 -8.55
C GLN Q 168 83.16 89.01 -8.30
N LYS Q 169 84.28 88.45 -8.75
CA LYS Q 169 85.57 89.12 -8.64
C LYS Q 169 86.30 89.06 -9.98
N ARG Q 170 86.73 87.87 -10.38
CA ARG Q 170 87.35 87.65 -11.67
C ARG Q 170 86.37 87.15 -12.72
N PHE Q 171 85.10 87.00 -12.36
CA PHE Q 171 84.09 86.50 -13.28
C PHE Q 171 83.54 87.65 -14.12
N ILE Q 172 83.53 87.46 -15.45
CA ILE Q 172 82.99 88.47 -16.35
C ILE Q 172 81.51 88.27 -16.62
N LEU Q 173 80.87 87.30 -15.96
CA LEU Q 173 79.45 87.05 -16.17
C LEU Q 173 78.62 88.16 -15.52
N ASN Q 174 77.30 88.01 -15.61
CA ASN Q 174 76.39 89.04 -15.12
C ASN Q 174 75.78 88.65 -13.78
N LEU Q 175 74.84 87.70 -13.81
CA LEU Q 175 74.10 87.26 -12.63
C LEU Q 175 73.54 88.42 -11.79
N PRO Q 176 72.81 89.35 -12.42
CA PRO Q 176 72.29 90.49 -11.63
C PRO Q 176 71.14 90.12 -10.71
N THR Q 177 70.35 89.11 -11.05
CA THR Q 177 69.09 88.82 -10.36
C THR Q 177 69.25 87.63 -9.43
N PHE Q 178 68.87 87.81 -8.17
CA PHE Q 178 68.89 86.75 -7.16
C PHE Q 178 67.54 86.73 -6.46
N SER Q 179 66.82 85.63 -6.58
CA SER Q 179 65.52 85.47 -5.96
C SER Q 179 65.64 84.64 -4.68
N VAL Q 180 64.84 85.00 -3.68
CA VAL Q 180 64.94 84.40 -2.35
C VAL Q 180 63.54 84.06 -1.87
N ARG Q 181 63.35 82.80 -1.47
CA ARG Q 181 62.16 82.37 -0.74
C ARG Q 181 62.53 82.05 0.70
N ILE Q 182 61.60 82.34 1.62
CA ILE Q 182 61.82 82.11 3.04
C ILE Q 182 60.73 81.18 3.54
N ILE Q 183 61.11 80.16 4.28
CA ILE Q 183 60.19 79.19 4.88
C ILE Q 183 60.17 79.41 6.38
N ASP Q 184 58.97 79.51 6.95
CA ASP Q 184 58.81 79.57 8.39
C ASP Q 184 57.82 78.50 8.84
N LYS Q 185 57.43 78.52 10.11
CA LYS Q 185 56.43 77.57 10.60
C LYS Q 185 55.11 77.69 9.86
N ASN Q 186 54.86 78.81 9.19
CA ASN Q 186 53.63 79.03 8.44
C ASN Q 186 53.77 78.69 6.96
N GLY Q 187 54.91 78.20 6.52
CA GLY Q 187 55.10 77.82 5.13
C GLY Q 187 55.96 78.80 4.36
N ILE Q 188 55.96 78.61 3.04
CA ILE Q 188 56.82 79.39 2.15
C ILE Q 188 56.34 80.84 2.10
N HIS Q 189 57.28 81.78 2.20
CA HIS Q 189 57.04 83.19 1.97
C HIS Q 189 58.12 83.71 1.01
N ASP Q 190 57.84 84.86 0.42
CA ASP Q 190 58.70 85.44 -0.62
C ASP Q 190 59.48 86.63 -0.07
N LEU Q 191 60.70 86.79 -0.58
CA LEU Q 191 61.55 87.93 -0.29
C LEU Q 191 61.91 88.65 -1.58
N ASP Q 192 62.38 89.88 -1.45
CA ASP Q 192 62.61 90.74 -2.60
C ASP Q 192 63.70 90.18 -3.51
N ASN Q 193 63.61 90.54 -4.80
CA ASN Q 193 64.59 90.14 -5.78
C ASN Q 193 65.84 91.01 -5.64
N ILE Q 194 66.99 90.35 -5.46
CA ILE Q 194 68.25 91.04 -5.24
C ILE Q 194 68.84 91.44 -6.58
N SER Q 195 69.17 92.72 -6.73
CA SER Q 195 69.76 93.25 -7.96
C SER Q 195 70.89 94.19 -7.58
N PHE Q 196 72.08 93.92 -8.11
CA PHE Q 196 73.26 94.73 -7.83
C PHE Q 196 73.61 95.58 -9.04
N PRO Q 197 73.74 96.89 -8.89
CA PRO Q 197 74.15 97.74 -10.01
C PRO Q 197 75.59 97.48 -10.41
N LYS Q 198 75.93 97.93 -11.62
CA LYS Q 198 77.26 97.72 -12.17
C LYS Q 198 78.29 98.63 -11.49
N GLN Q 199 78.18 99.93 -11.72
CA GLN Q 199 79.12 100.89 -11.13
C GLN Q 199 78.50 102.28 -11.05
N THR R 59 71.68 83.02 -41.49
CA THR R 59 71.19 81.90 -40.71
C THR R 59 70.98 82.32 -39.25
N THR R 60 70.24 83.40 -39.06
CA THR R 60 69.97 83.92 -37.72
C THR R 60 68.58 84.53 -37.70
N THR R 61 67.86 84.30 -36.61
CA THR R 61 66.51 84.85 -36.42
C THR R 61 66.47 85.64 -35.11
N LEU R 62 65.32 86.25 -34.86
CA LEU R 62 65.06 86.93 -33.59
C LEU R 62 63.56 86.94 -33.34
N ALA R 63 63.18 86.86 -32.07
CA ALA R 63 61.78 86.92 -31.67
C ALA R 63 61.66 87.70 -30.38
N PHE R 64 60.74 88.66 -30.35
CA PHE R 64 60.50 89.44 -29.14
C PHE R 64 59.05 89.94 -29.15
N LYS R 65 58.52 90.15 -27.96
CA LYS R 65 57.18 90.70 -27.79
C LYS R 65 57.28 92.11 -27.22
N PHE R 66 56.30 92.94 -27.58
CA PHE R 66 56.31 94.35 -27.21
C PHE R 66 54.88 94.80 -26.96
N ARG R 67 54.68 96.11 -26.90
CA ARG R 67 53.39 96.69 -26.50
C ARG R 67 52.21 96.02 -27.19
N HIS R 68 52.35 95.70 -28.48
CA HIS R 68 51.31 95.00 -29.22
C HIS R 68 51.90 93.78 -29.90
N GLY R 69 51.48 92.59 -29.46
CA GLY R 69 51.85 91.36 -30.13
C GLY R 69 53.34 91.02 -30.06
N VAL R 70 53.72 90.06 -30.91
CA VAL R 70 55.06 89.53 -30.97
C VAL R 70 55.61 89.73 -32.37
N ILE R 71 56.94 89.82 -32.48
CA ILE R 71 57.63 90.02 -33.75
C ILE R 71 58.39 88.74 -34.10
N VAL R 72 58.23 88.29 -35.33
CA VAL R 72 58.93 87.11 -35.85
C VAL R 72 59.77 87.55 -37.04
N ALA R 73 61.09 87.43 -36.91
CA ALA R 73 62.01 87.81 -37.96
C ALA R 73 62.92 86.64 -38.31
N ALA R 74 63.32 86.59 -39.58
CA ALA R 74 64.18 85.51 -40.06
C ALA R 74 64.90 85.97 -41.32
N ASP R 75 65.98 85.27 -41.65
CA ASP R 75 66.73 85.50 -42.88
C ASP R 75 66.63 84.26 -43.76
N SER R 76 66.71 84.48 -45.08
CA SER R 76 66.42 83.45 -46.06
C SER R 76 67.65 82.69 -46.55
N ARG R 77 68.84 82.97 -46.01
CA ARG R 77 70.06 82.32 -46.47
C ARG R 77 70.45 81.23 -45.48
N ALA R 78 70.27 79.98 -45.89
CA ALA R 78 70.74 78.82 -45.14
C ALA R 78 71.30 77.81 -46.12
N THR R 79 72.57 77.45 -45.94
CA THR R 79 73.24 76.52 -46.84
C THR R 79 74.12 75.59 -46.02
N ALA R 80 74.84 74.72 -46.72
CA ALA R 80 75.83 73.82 -46.11
C ALA R 80 77.21 74.38 -46.43
N GLY R 81 77.89 74.88 -45.41
CA GLY R 81 79.18 75.51 -45.62
C GLY R 81 79.03 76.89 -46.22
N ALA R 82 80.11 77.36 -46.86
CA ALA R 82 80.14 78.66 -47.50
C ALA R 82 79.64 78.61 -48.94
N TYR R 83 79.25 77.43 -49.44
CA TYR R 83 78.78 77.31 -50.80
C TYR R 83 77.37 77.87 -50.93
N ILE R 84 77.15 78.71 -51.94
CA ILE R 84 75.83 79.29 -52.18
C ILE R 84 74.95 78.24 -52.84
N ALA R 85 73.83 77.93 -52.19
CA ALA R 85 72.95 76.87 -52.69
C ALA R 85 71.51 77.34 -52.83
N SER R 86 70.84 77.60 -51.70
CA SER R 86 69.42 77.94 -51.70
C SER R 86 69.23 79.27 -50.99
N GLN R 87 68.76 80.28 -51.73
CA GLN R 87 68.43 81.57 -51.16
C GLN R 87 66.96 81.69 -50.78
N THR R 88 66.15 80.68 -51.08
CA THR R 88 64.71 80.70 -50.82
C THR R 88 64.32 80.05 -49.51
N VAL R 89 65.30 79.63 -48.69
CA VAL R 89 65.00 78.93 -47.45
C VAL R 89 64.14 79.81 -46.56
N LYS R 90 63.01 79.27 -46.10
CA LYS R 90 62.08 79.98 -45.24
C LYS R 90 62.07 79.30 -43.88
N LYS R 91 62.58 80.00 -42.86
CA LYS R 91 62.61 79.44 -41.52
C LYS R 91 61.26 79.53 -40.83
N VAL R 92 60.51 80.61 -41.09
CA VAL R 92 59.19 80.76 -40.48
C VAL R 92 58.23 79.79 -41.16
N ILE R 93 57.58 78.95 -40.35
CA ILE R 93 56.66 77.92 -40.84
C ILE R 93 55.32 78.12 -40.15
N GLU R 94 54.25 78.09 -40.93
CA GLU R 94 52.90 78.25 -40.38
C GLU R 94 52.41 76.93 -39.79
N ILE R 95 51.89 76.98 -38.57
CA ILE R 95 51.32 75.82 -37.91
C ILE R 95 49.81 75.92 -37.97
N ASN R 96 49.26 76.92 -37.30
CA ASN R 96 47.85 77.27 -37.34
C ASN R 96 47.71 78.71 -37.85
N PRO R 97 46.54 79.08 -38.38
CA PRO R 97 46.36 80.47 -38.85
C PRO R 97 46.62 81.51 -37.78
N TYR R 98 46.46 81.18 -36.50
CA TYR R 98 46.76 82.09 -35.41
C TYR R 98 48.13 81.85 -34.78
N LEU R 99 48.92 80.90 -35.30
CA LEU R 99 50.21 80.56 -34.74
C LEU R 99 51.30 80.66 -35.79
N LEU R 100 52.55 80.72 -35.32
CA LEU R 100 53.72 80.75 -36.20
C LEU R 100 54.86 79.99 -35.56
N GLY R 101 55.59 79.22 -36.37
CA GLY R 101 56.76 78.49 -35.92
C GLY R 101 58.06 79.11 -36.42
N THR R 102 59.15 78.51 -35.96
CA THR R 102 60.50 78.92 -36.35
C THR R 102 61.28 77.70 -36.78
N MET R 103 62.54 77.92 -37.18
CA MET R 103 63.42 76.85 -37.62
C MET R 103 64.80 77.07 -37.02
N ALA R 104 65.31 76.06 -36.30
CA ALA R 104 66.65 76.12 -35.72
C ALA R 104 67.22 74.72 -35.65
N GLY R 105 68.52 74.61 -35.88
CA GLY R 105 69.16 73.31 -35.90
C GLY R 105 68.72 72.52 -37.11
N GLY R 106 68.20 71.31 -36.88
CA GLY R 106 67.69 70.49 -37.95
C GLY R 106 66.44 71.07 -38.58
N ALA R 107 66.45 71.23 -39.91
CA ALA R 107 65.31 71.83 -40.58
C ALA R 107 64.13 70.87 -40.63
N ALA R 108 64.38 69.60 -40.98
CA ALA R 108 63.30 68.63 -41.05
C ALA R 108 62.74 68.30 -39.67
N ASP R 109 63.59 68.32 -38.64
CA ASP R 109 63.09 68.12 -37.28
C ASP R 109 62.12 69.22 -36.89
N CYS R 110 62.45 70.47 -37.21
CA CYS R 110 61.52 71.57 -36.97
C CYS R 110 60.22 71.37 -37.74
N SER R 111 60.32 70.90 -38.99
CA SER R 111 59.12 70.70 -39.80
C SER R 111 58.27 69.55 -39.26
N PHE R 112 58.90 68.41 -38.98
CA PHE R 112 58.14 67.24 -38.53
C PHE R 112 57.51 67.47 -37.17
N TRP R 113 58.31 67.90 -36.19
CA TRP R 113 57.78 68.11 -34.85
C TRP R 113 56.74 69.22 -34.80
N GLU R 114 56.71 70.11 -35.79
CA GLU R 114 55.61 71.06 -35.91
C GLU R 114 54.36 70.40 -36.48
N ARG R 115 54.53 69.37 -37.32
CA ARG R 115 53.38 68.60 -37.78
C ARG R 115 52.76 67.83 -36.62
N LEU R 116 53.59 67.26 -35.75
CA LEU R 116 53.08 66.61 -34.54
C LEU R 116 52.53 67.64 -33.57
N LEU R 117 53.14 68.83 -33.50
CA LEU R 117 52.58 69.89 -32.67
C LEU R 117 51.21 70.31 -33.17
N ALA R 118 51.07 70.50 -34.49
CA ALA R 118 49.76 70.79 -35.07
C ALA R 118 48.81 69.61 -34.92
N ARG R 119 49.34 68.38 -34.88
CA ARG R 119 48.51 67.20 -34.67
C ARG R 119 47.84 67.25 -33.30
N GLN R 120 48.63 67.37 -32.23
CA GLN R 120 48.09 67.36 -30.89
C GLN R 120 47.23 68.58 -30.61
N CYS R 121 47.59 69.73 -31.22
CA CYS R 121 46.79 70.93 -31.02
C CYS R 121 45.43 70.82 -31.69
N ARG R 122 45.41 70.34 -32.94
CA ARG R 122 44.14 70.22 -33.66
C ARG R 122 43.27 69.11 -33.08
N ILE R 123 43.87 67.99 -32.69
CA ILE R 123 43.11 66.91 -32.07
C ILE R 123 42.49 67.38 -30.76
N TYR R 124 43.28 68.05 -29.91
CA TYR R 124 42.73 68.65 -28.70
C TYR R 124 41.71 69.73 -29.04
N GLU R 125 41.93 70.47 -30.13
CA GLU R 125 40.94 71.44 -30.59
C GLU R 125 39.65 70.76 -31.01
N LEU R 126 39.70 69.48 -31.38
CA LEU R 126 38.50 68.70 -31.65
C LEU R 126 37.99 67.96 -30.42
N ARG R 127 38.75 67.95 -29.32
CA ARG R 127 38.30 67.30 -28.10
C ARG R 127 37.39 68.24 -27.30
N ASN R 128 37.96 69.30 -26.73
CA ASN R 128 37.21 70.25 -25.93
C ASN R 128 36.66 71.42 -26.76
N LYS R 129 36.90 71.42 -28.07
CA LYS R 129 36.44 72.50 -28.96
C LYS R 129 36.94 73.86 -28.50
N GLU R 130 38.21 73.90 -28.07
CA GLU R 130 38.81 75.12 -27.57
C GLU R 130 40.30 75.11 -27.92
N ARG R 131 40.82 76.30 -28.27
CA ARG R 131 42.23 76.42 -28.58
C ARG R 131 43.06 76.27 -27.30
N ILE R 132 44.01 75.35 -27.33
CA ILE R 132 44.86 75.09 -26.17
C ILE R 132 45.87 76.21 -26.02
N SER R 133 46.31 76.44 -24.78
CA SER R 133 47.32 77.45 -24.52
C SER R 133 48.65 77.05 -25.15
N VAL R 134 49.40 78.06 -25.61
CA VAL R 134 50.70 77.80 -26.21
C VAL R 134 51.67 77.22 -25.20
N ALA R 135 51.48 77.55 -23.92
CA ALA R 135 52.31 76.98 -22.87
C ALA R 135 52.14 75.47 -22.80
N ALA R 136 50.89 75.01 -22.68
CA ALA R 136 50.60 73.58 -22.65
C ALA R 136 50.77 72.92 -24.01
N ALA R 137 50.93 73.71 -25.08
CA ALA R 137 51.12 73.13 -26.41
C ALA R 137 52.54 72.59 -26.58
N SER R 138 53.52 73.48 -26.50
CA SER R 138 54.92 73.09 -26.67
C SER R 138 55.54 72.51 -25.42
N LYS R 139 54.79 72.47 -24.30
CA LYS R 139 55.26 71.83 -23.08
C LYS R 139 55.61 70.36 -23.33
N LEU R 140 54.60 69.57 -23.69
CA LEU R 140 54.84 68.17 -24.00
C LEU R 140 55.72 68.02 -25.25
N LEU R 141 55.66 68.98 -26.16
CA LEU R 141 56.55 68.94 -27.32
C LEU R 141 58.01 69.02 -26.90
N ALA R 142 58.30 69.78 -25.83
CA ALA R 142 59.67 69.87 -25.34
C ALA R 142 60.13 68.52 -24.79
N ASN R 143 59.24 67.81 -24.10
CA ASN R 143 59.61 66.53 -23.51
C ASN R 143 59.67 65.43 -24.57
N MET R 144 58.74 65.45 -25.54
CA MET R 144 58.73 64.42 -26.56
C MET R 144 59.97 64.49 -27.45
N VAL R 145 60.41 65.71 -27.77
CA VAL R 145 61.66 65.86 -28.52
C VAL R 145 62.85 65.54 -27.62
N TYR R 146 62.75 65.81 -26.32
CA TYR R 146 63.86 65.55 -25.42
C TYR R 146 64.13 64.07 -25.24
N GLN R 147 63.13 63.22 -25.46
CA GLN R 147 63.32 61.79 -25.31
C GLN R 147 64.32 61.22 -26.30
N TYR R 148 64.59 61.93 -27.40
CA TYR R 148 65.55 61.52 -28.41
C TYR R 148 66.93 62.11 -28.20
N LYS R 149 67.15 62.83 -27.09
CA LYS R 149 68.45 63.43 -26.81
C LYS R 149 69.54 62.37 -26.82
N GLY R 150 70.68 62.72 -27.42
CA GLY R 150 71.80 61.82 -27.56
C GLY R 150 71.82 61.04 -28.86
N MET R 151 70.73 61.05 -29.62
CA MET R 151 70.65 60.34 -30.89
C MET R 151 70.99 61.21 -32.08
N GLY R 152 71.36 62.47 -31.86
CA GLY R 152 71.75 63.37 -32.92
C GLY R 152 70.74 64.45 -33.25
N LEU R 153 69.54 64.40 -32.67
CA LEU R 153 68.52 65.39 -32.98
C LEU R 153 68.75 66.66 -32.16
N SER R 154 68.75 67.81 -32.85
CA SER R 154 68.93 69.11 -32.22
C SER R 154 67.86 70.05 -32.74
N MET R 155 67.00 70.52 -31.84
CA MET R 155 65.90 71.41 -32.19
C MET R 155 65.94 72.63 -31.27
N GLY R 156 66.26 73.79 -31.83
CA GLY R 156 66.35 75.02 -31.06
C GLY R 156 65.22 75.99 -31.33
N THR R 157 64.11 75.48 -31.87
CA THR R 157 63.06 76.33 -32.41
C THR R 157 62.40 77.17 -31.30
N MET R 158 61.80 78.28 -31.73
CA MET R 158 61.01 79.14 -30.86
C MET R 158 59.55 79.08 -31.29
N ILE R 159 58.65 79.06 -30.31
CA ILE R 159 57.21 78.97 -30.55
C ILE R 159 56.63 80.37 -30.38
N CYS R 160 55.98 80.86 -31.43
CA CYS R 160 55.39 82.19 -31.43
C CYS R 160 53.87 82.09 -31.58
N GLY R 161 53.18 83.08 -31.05
CA GLY R 161 51.73 83.10 -31.11
C GLY R 161 51.16 84.00 -30.04
N TRP R 162 49.86 83.84 -29.80
CA TRP R 162 49.14 84.62 -28.82
C TRP R 162 48.48 83.69 -27.82
N ASP R 163 48.49 84.10 -26.54
CA ASP R 163 47.87 83.36 -25.46
C ASP R 163 46.65 84.12 -24.95
N LYS R 164 45.65 83.38 -24.48
CA LYS R 164 44.42 83.99 -23.98
C LYS R 164 44.67 84.89 -22.78
N ARG R 165 45.74 84.65 -22.02
CA ARG R 165 46.07 85.48 -20.88
C ARG R 165 46.83 86.75 -21.27
N GLY R 166 47.39 86.79 -22.48
CA GLY R 166 48.11 87.95 -22.94
C GLY R 166 49.23 87.58 -23.91
N PRO R 167 50.11 88.53 -24.20
CA PRO R 167 51.24 88.25 -25.08
C PRO R 167 52.20 87.27 -24.44
N GLY R 168 52.79 86.42 -25.30
CA GLY R 168 53.73 85.42 -24.81
C GLY R 168 54.66 84.97 -25.90
N LEU R 169 55.82 84.46 -25.47
CA LEU R 169 56.83 83.91 -26.36
C LEU R 169 57.48 82.72 -25.67
N TYR R 170 57.73 81.66 -26.43
CA TYR R 170 58.26 80.41 -25.88
C TYR R 170 59.47 79.96 -26.68
N TYR R 171 60.50 79.52 -25.97
CA TYR R 171 61.77 79.11 -26.55
C TYR R 171 62.07 77.69 -26.11
N VAL R 172 62.10 76.77 -27.07
CA VAL R 172 62.26 75.34 -26.80
C VAL R 172 63.60 74.87 -27.35
N ASP R 173 64.29 74.05 -26.57
CA ASP R 173 65.56 73.45 -26.96
C ASP R 173 65.48 71.93 -26.86
N SER R 174 66.20 71.25 -27.75
CA SER R 174 66.31 69.80 -27.65
C SER R 174 67.07 69.36 -26.41
N GLU R 175 67.94 70.22 -25.88
CA GLU R 175 68.62 69.92 -24.62
C GLU R 175 67.66 69.91 -23.44
N GLY R 176 66.42 70.39 -23.63
CA GLY R 176 65.45 70.44 -22.56
C GLY R 176 65.19 71.80 -21.97
N ASN R 177 65.74 72.86 -22.55
CA ASN R 177 65.47 74.22 -22.07
C ASN R 177 64.18 74.74 -22.70
N ARG R 178 63.18 75.02 -21.85
CA ARG R 178 61.94 75.63 -22.29
C ARG R 178 61.62 76.78 -21.34
N ILE R 179 61.60 78.00 -21.87
CA ILE R 179 61.45 79.20 -21.05
C ILE R 179 60.55 80.19 -21.80
N SER R 180 59.72 80.89 -21.05
CA SER R 180 58.86 81.94 -21.59
C SER R 180 59.38 83.29 -21.14
N GLY R 181 59.78 84.12 -22.10
CA GLY R 181 60.36 85.41 -21.79
C GLY R 181 60.11 86.40 -22.91
N ALA R 182 60.64 87.61 -22.72
CA ALA R 182 60.36 88.69 -23.65
C ALA R 182 61.08 88.50 -24.98
N THR R 183 62.40 88.31 -24.93
CA THR R 183 63.22 88.32 -26.14
C THR R 183 63.98 87.00 -26.28
N PHE R 184 64.02 86.48 -27.51
CA PHE R 184 64.78 85.29 -27.84
C PHE R 184 65.26 85.38 -29.28
N SER R 185 66.47 84.89 -29.52
CA SER R 185 67.03 84.85 -30.86
C SER R 185 67.95 83.65 -31.00
N VAL R 186 67.92 83.01 -32.17
CA VAL R 186 68.73 81.83 -32.45
C VAL R 186 69.41 82.02 -33.80
N GLY R 187 70.71 81.79 -33.84
CA GLY R 187 71.45 81.87 -35.09
C GLY R 187 72.90 82.21 -34.83
N SER R 188 73.66 82.29 -35.92
CA SER R 188 75.07 82.65 -35.85
C SER R 188 75.27 84.15 -35.64
N GLY R 189 74.40 84.97 -36.22
CA GLY R 189 74.48 86.41 -36.05
C GLY R 189 73.79 86.89 -34.80
N SER R 190 73.55 85.97 -33.86
CA SER R 190 72.84 86.32 -32.63
C SER R 190 73.61 87.35 -31.82
N VAL R 191 74.95 87.35 -31.91
CA VAL R 191 75.74 88.35 -31.19
C VAL R 191 75.44 89.75 -31.71
N TYR R 192 75.22 89.88 -33.02
CA TYR R 192 74.81 91.15 -33.58
C TYR R 192 73.33 91.41 -33.36
N ALA R 193 72.50 90.37 -33.52
CA ALA R 193 71.07 90.49 -33.23
C ALA R 193 70.83 90.94 -31.79
N TYR R 194 71.26 90.13 -30.82
CA TYR R 194 71.10 90.49 -29.42
C TYR R 194 71.80 91.80 -29.09
N GLY R 195 73.05 91.95 -29.54
CA GLY R 195 73.88 93.03 -29.05
C GLY R 195 73.40 94.41 -29.46
N VAL R 196 73.25 94.64 -30.76
CA VAL R 196 72.89 95.96 -31.23
C VAL R 196 71.43 96.29 -30.96
N MET R 197 70.57 95.29 -30.82
CA MET R 197 69.17 95.55 -30.49
C MET R 197 69.01 95.90 -29.02
N ASP R 198 69.58 95.09 -28.14
CA ASP R 198 69.41 95.30 -26.70
C ASP R 198 69.98 96.64 -26.25
N ARG R 199 70.95 97.18 -26.98
CA ARG R 199 71.44 98.52 -26.68
C ARG R 199 70.35 99.56 -26.86
N GLY R 200 69.56 99.43 -27.92
CA GLY R 200 68.43 100.30 -28.16
C GLY R 200 67.06 99.70 -27.98
N TYR R 201 66.95 98.53 -27.35
CA TYR R 201 65.66 97.86 -27.23
C TYR R 201 64.83 98.46 -26.10
N SER R 202 63.51 98.48 -26.31
CA SER R 202 62.58 98.90 -25.28
C SER R 202 61.26 98.18 -25.49
N TYR R 203 60.57 97.90 -24.38
CA TYR R 203 59.29 97.22 -24.46
C TYR R 203 58.16 98.16 -24.90
N ASP R 204 58.39 99.46 -24.85
CA ASP R 204 57.36 100.46 -25.16
C ASP R 204 57.33 100.83 -26.63
N LEU R 205 58.12 100.18 -27.47
CA LEU R 205 58.17 100.52 -28.89
C LEU R 205 56.83 100.25 -29.56
N GLU R 206 56.60 100.95 -30.68
CA GLU R 206 55.36 100.84 -31.43
C GLU R 206 55.48 99.68 -32.43
N VAL R 207 54.48 99.53 -33.29
CA VAL R 207 54.50 98.48 -34.29
C VAL R 207 55.46 98.83 -35.43
N GLU R 208 55.39 100.07 -35.91
CA GLU R 208 56.31 100.51 -36.96
C GLU R 208 57.74 100.57 -36.45
N GLN R 209 57.92 100.98 -35.20
CA GLN R 209 59.25 100.98 -34.60
C GLN R 209 59.77 99.56 -34.39
N ALA R 210 58.88 98.60 -34.16
CA ALA R 210 59.29 97.21 -34.05
C ALA R 210 59.80 96.68 -35.39
N TYR R 211 59.15 97.09 -36.48
CA TYR R 211 59.64 96.71 -37.81
C TYR R 211 60.99 97.34 -38.10
N ASP R 212 61.19 98.58 -37.68
CA ASP R 212 62.44 99.27 -37.95
C ASP R 212 63.60 98.65 -37.17
N LEU R 213 63.38 98.33 -35.89
CA LEU R 213 64.44 97.74 -35.10
C LEU R 213 64.70 96.29 -35.49
N ALA R 214 63.65 95.55 -35.87
CA ALA R 214 63.84 94.19 -36.35
C ALA R 214 64.59 94.16 -37.68
N ARG R 215 64.18 95.03 -38.61
CA ARG R 215 64.90 95.12 -39.88
C ARG R 215 66.33 95.61 -39.68
N ARG R 216 66.55 96.47 -38.69
CA ARG R 216 67.91 96.94 -38.41
C ARG R 216 68.76 95.82 -37.79
N ALA R 217 68.20 95.11 -36.81
CA ALA R 217 68.94 94.03 -36.18
C ALA R 217 69.22 92.89 -37.16
N ILE R 218 68.28 92.62 -38.06
CA ILE R 218 68.51 91.61 -39.08
C ILE R 218 69.56 92.10 -40.08
N TYR R 219 69.49 93.37 -40.47
CA TYR R 219 70.47 93.91 -41.41
C TYR R 219 71.87 93.90 -40.79
N GLN R 220 71.99 94.24 -39.51
CA GLN R 220 73.28 94.16 -38.85
C GLN R 220 73.78 92.72 -38.76
N ALA R 221 72.86 91.75 -38.71
CA ALA R 221 73.25 90.35 -38.71
C ALA R 221 73.66 89.88 -40.12
N THR R 222 73.19 90.55 -41.16
CA THR R 222 73.55 90.22 -42.53
C THR R 222 74.75 91.00 -43.05
N TYR R 223 75.30 91.90 -42.24
CA TYR R 223 76.40 92.76 -42.71
C TYR R 223 77.74 92.03 -42.60
N ARG R 224 78.24 91.87 -41.37
CA ARG R 224 79.54 91.24 -41.18
C ARG R 224 79.43 89.71 -41.24
N ASP R 225 78.40 89.15 -40.63
CA ASP R 225 78.26 87.70 -40.59
C ASP R 225 77.96 87.15 -41.97
N ALA R 226 78.74 86.16 -42.40
CA ALA R 226 78.60 85.58 -43.73
C ALA R 226 77.51 84.53 -43.82
N TYR R 227 76.96 84.08 -42.70
CA TYR R 227 75.91 83.08 -42.71
C TYR R 227 74.52 83.66 -42.94
N SER R 228 74.40 84.98 -43.01
CA SER R 228 73.12 85.65 -43.17
C SER R 228 73.08 86.39 -44.50
N GLY R 229 71.91 86.41 -45.13
CA GLY R 229 71.77 87.04 -46.42
C GLY R 229 70.44 86.70 -47.06
N GLY R 230 70.41 86.78 -48.39
CA GLY R 230 69.19 86.46 -49.11
C GLY R 230 68.12 87.50 -48.88
N ALA R 231 66.95 87.05 -48.43
CA ALA R 231 65.82 87.92 -48.17
C ALA R 231 65.48 87.93 -46.69
N VAL R 232 64.86 89.03 -46.25
CA VAL R 232 64.49 89.22 -44.85
C VAL R 232 63.04 88.80 -44.68
N ASN R 233 62.81 87.79 -43.85
CA ASN R 233 61.47 87.31 -43.52
C ASN R 233 61.06 87.96 -42.20
N LEU R 234 60.06 88.83 -42.24
CA LEU R 234 59.59 89.55 -41.06
C LEU R 234 58.07 89.44 -40.98
N TYR R 235 57.58 88.79 -39.93
CA TYR R 235 56.16 88.64 -39.70
C TYR R 235 55.83 89.15 -38.30
N HIS R 236 54.57 89.55 -38.11
CA HIS R 236 54.10 90.11 -36.85
C HIS R 236 52.95 89.29 -36.31
N VAL R 237 52.88 89.18 -34.99
CA VAL R 237 51.82 88.44 -34.30
C VAL R 237 50.90 89.44 -33.63
N ARG R 238 49.60 89.15 -33.66
CA ARG R 238 48.59 90.00 -33.04
C ARG R 238 47.58 89.12 -32.30
N GLU R 239 46.75 89.77 -31.50
CA GLU R 239 45.80 89.06 -30.65
C GLU R 239 44.84 88.20 -31.48
N ASP R 240 44.16 88.81 -32.45
CA ASP R 240 43.23 88.06 -33.28
C ASP R 240 43.97 87.03 -34.12
N GLY R 241 45.18 87.36 -34.56
CA GLY R 241 46.01 86.44 -35.32
C GLY R 241 47.27 87.11 -35.83
N TRP R 242 48.27 86.33 -36.21
CA TRP R 242 49.51 86.91 -36.70
C TRP R 242 49.29 87.53 -38.07
N ILE R 243 49.90 88.70 -38.28
CA ILE R 243 49.73 89.49 -39.49
C ILE R 243 50.98 89.35 -40.34
N ARG R 244 50.83 88.81 -41.54
CA ARG R 244 51.92 88.77 -42.49
C ARG R 244 52.28 90.17 -42.94
N VAL R 245 53.56 90.53 -42.84
CA VAL R 245 53.97 91.90 -43.07
C VAL R 245 54.59 92.06 -44.45
N SER R 246 55.84 91.61 -44.61
CA SER R 246 56.54 91.80 -45.86
C SER R 246 57.70 90.82 -45.96
N SER R 247 58.17 90.61 -47.19
CA SER R 247 59.39 89.88 -47.46
C SER R 247 60.26 90.73 -48.37
N ASP R 248 61.42 91.15 -47.85
CA ASP R 248 62.29 92.08 -48.56
C ASP R 248 63.69 91.49 -48.71
N ASN R 249 64.36 91.89 -49.78
CA ASN R 249 65.72 91.44 -50.04
C ASN R 249 66.71 92.21 -49.18
N VAL R 250 67.83 91.55 -48.84
CA VAL R 250 68.85 92.19 -48.02
C VAL R 250 69.54 93.30 -48.81
N ALA R 251 69.82 93.07 -50.09
CA ALA R 251 70.47 94.09 -50.91
C ALA R 251 69.59 95.31 -51.09
N ASP R 252 68.27 95.12 -51.17
CA ASP R 252 67.37 96.27 -51.28
C ASP R 252 67.34 97.08 -49.98
N LEU R 253 67.28 96.40 -48.84
CA LEU R 253 67.34 97.10 -47.55
C LEU R 253 68.72 97.68 -47.29
N HIS R 254 69.75 97.20 -47.97
CA HIS R 254 71.06 97.82 -47.88
C HIS R 254 71.04 99.22 -48.47
N GLU R 255 70.35 99.40 -49.61
CA GLU R 255 70.16 100.72 -50.18
C GLU R 255 69.31 101.61 -49.28
N LYS R 256 68.54 101.02 -48.37
CA LYS R 256 67.74 101.80 -47.43
C LYS R 256 68.59 102.37 -46.31
N TYR R 257 69.18 101.49 -45.50
CA TYR R 257 69.96 101.93 -44.34
C TYR R 257 71.23 102.67 -44.77
N SER R 258 72.03 102.05 -45.63
CA SER R 258 73.29 102.66 -46.03
C SER R 258 73.07 103.85 -46.95
N GLY R 259 72.22 103.68 -47.96
CA GLY R 259 71.93 104.75 -48.90
C GLY R 259 72.05 104.33 -50.35
N ARG S 28 84.76 49.06 -40.91
CA ARG S 28 84.17 47.89 -41.53
C ARG S 28 83.39 48.26 -42.79
N PHE S 29 82.35 47.47 -43.07
CA PHE S 29 81.50 47.75 -44.23
C PHE S 29 80.79 49.08 -44.07
N SER S 30 80.90 49.93 -45.09
CA SER S 30 80.29 51.24 -45.07
C SER S 30 79.02 51.21 -45.90
N PRO S 31 77.83 51.28 -45.29
CA PRO S 31 76.59 51.26 -46.09
C PRO S 31 76.38 52.52 -46.91
N TYR S 32 77.05 53.62 -46.57
CA TYR S 32 76.92 54.87 -47.32
C TYR S 32 78.02 54.95 -48.36
N VAL S 33 77.64 54.90 -49.64
CA VAL S 33 78.58 55.02 -50.74
C VAL S 33 77.87 55.71 -51.89
N PHE S 34 78.60 56.56 -52.60
CA PHE S 34 78.04 57.37 -53.68
C PHE S 34 78.21 56.63 -55.00
N ASN S 35 77.10 56.25 -55.62
CA ASN S 35 77.11 55.53 -56.89
C ASN S 35 77.09 56.45 -58.11
N GLY S 36 76.93 57.76 -57.91
CA GLY S 36 76.89 58.71 -59.01
C GLY S 36 75.48 59.18 -59.32
N GLY S 37 75.39 59.93 -60.40
CA GLY S 37 74.13 60.49 -60.85
C GLY S 37 74.07 61.99 -60.63
N THR S 38 73.23 62.65 -61.43
CA THR S 38 73.05 64.09 -61.37
C THR S 38 71.61 64.40 -61.74
N ILE S 39 71.03 65.40 -61.08
CA ILE S 39 69.64 65.80 -61.29
C ILE S 39 69.62 67.25 -61.73
N LEU S 40 68.85 67.54 -62.78
CA LEU S 40 68.56 68.91 -63.19
C LEU S 40 67.09 69.00 -63.54
N ALA S 41 66.38 69.92 -62.89
CA ALA S 41 64.95 70.09 -63.10
C ALA S 41 64.63 71.57 -63.20
N ILE S 42 63.97 71.96 -64.29
CA ILE S 42 63.55 73.34 -64.53
C ILE S 42 62.03 73.35 -64.69
N ALA S 43 61.36 74.21 -63.94
CA ALA S 43 59.90 74.29 -63.94
C ALA S 43 59.47 75.43 -64.84
N GLY S 44 58.79 75.10 -65.95
CA GLY S 44 58.26 76.10 -66.84
C GLY S 44 56.89 76.59 -66.40
N GLU S 45 56.35 77.53 -67.18
CA GLU S 45 55.03 78.09 -66.90
C GLU S 45 53.97 76.99 -66.88
N ASP S 46 53.63 76.45 -68.05
CA ASP S 46 52.69 75.34 -68.16
C ASP S 46 53.36 73.99 -68.28
N PHE S 47 54.69 73.94 -68.25
CA PHE S 47 55.44 72.71 -68.50
C PHE S 47 56.48 72.52 -67.40
N ALA S 48 57.26 71.45 -67.54
CA ALA S 48 58.38 71.17 -66.66
C ALA S 48 59.44 70.42 -67.44
N ILE S 49 60.71 70.72 -67.14
CA ILE S 49 61.85 70.11 -67.83
C ILE S 49 62.72 69.46 -66.76
N VAL S 50 62.84 68.13 -66.82
CA VAL S 50 63.66 67.36 -65.90
C VAL S 50 64.72 66.62 -66.69
N ALA S 51 65.96 66.62 -66.18
CA ALA S 51 67.07 65.98 -66.86
C ALA S 51 67.96 65.28 -65.84
N SER S 52 68.50 64.13 -66.23
CA SER S 52 69.41 63.38 -65.39
C SER S 52 70.39 62.61 -66.27
N ASP S 53 71.60 62.41 -65.75
CA ASP S 53 72.63 61.70 -66.49
C ASP S 53 72.43 60.19 -66.36
N THR S 54 72.65 59.48 -67.47
CA THR S 54 72.51 58.03 -67.50
C THR S 54 73.79 57.31 -67.09
N ARG S 55 74.88 58.04 -66.81
CA ARG S 55 76.14 57.41 -66.47
C ARG S 55 76.12 56.96 -65.02
N LEU S 56 76.34 55.67 -64.80
CA LEU S 56 76.51 55.10 -63.46
C LEU S 56 78.01 54.88 -63.24
N SER S 57 78.61 55.69 -62.38
CA SER S 57 80.04 55.68 -62.18
C SER S 57 80.35 55.66 -60.68
N GLU S 58 81.01 54.59 -60.24
CA GLU S 58 81.50 54.48 -58.87
C GLU S 58 83.01 54.25 -58.96
N GLY S 59 83.78 55.22 -58.49
CA GLY S 59 85.23 55.09 -58.57
C GLY S 59 85.73 55.33 -59.98
N PHE S 60 86.70 54.53 -60.39
CA PHE S 60 87.32 54.65 -61.71
C PHE S 60 86.63 53.83 -62.77
N SER S 61 85.61 53.05 -62.42
CA SER S 61 84.95 52.15 -63.35
C SER S 61 83.56 52.68 -63.72
N ILE S 62 83.19 52.51 -64.98
CA ILE S 62 81.87 52.86 -65.47
C ILE S 62 81.07 51.57 -65.58
N HIS S 63 80.01 51.45 -64.79
CA HIS S 63 79.23 50.22 -64.75
C HIS S 63 78.35 50.10 -65.98
N THR S 64 77.35 50.96 -66.10
CA THR S 64 76.47 50.98 -67.27
C THR S 64 76.35 52.41 -67.79
N ARG S 65 76.34 52.54 -69.12
CA ARG S 65 76.27 53.87 -69.72
C ARG S 65 74.84 54.40 -69.81
N ASP S 66 73.84 53.53 -69.65
CA ASP S 66 72.45 53.97 -69.58
C ASP S 66 71.88 53.56 -68.22
N SER S 67 71.67 54.53 -67.35
CA SER S 67 71.05 54.29 -66.05
C SER S 67 70.20 55.51 -65.69
N PRO S 68 69.01 55.62 -66.28
CA PRO S 68 68.17 56.80 -66.01
C PRO S 68 67.70 56.83 -64.57
N LYS S 69 67.88 57.99 -63.92
CA LYS S 69 67.43 58.19 -62.55
C LYS S 69 66.07 58.86 -62.46
N CYS S 70 65.47 59.22 -63.59
CA CYS S 70 64.17 59.88 -63.63
C CYS S 70 63.12 58.86 -64.05
N TYR S 71 62.25 58.50 -63.11
CA TYR S 71 61.15 57.58 -63.37
C TYR S 71 59.83 58.29 -63.09
N LYS S 72 58.78 57.85 -63.78
CA LYS S 72 57.47 58.47 -63.68
C LYS S 72 56.64 57.73 -62.63
N LEU S 73 56.35 58.40 -61.52
CA LEU S 73 55.44 57.84 -60.52
C LEU S 73 54.05 57.65 -61.12
N THR S 74 53.50 58.72 -61.69
CA THR S 74 52.26 58.68 -62.47
C THR S 74 52.54 59.29 -63.83
N ASP S 75 51.49 59.41 -64.65
CA ASP S 75 51.64 60.02 -65.97
C ASP S 75 51.91 61.51 -65.88
N LYS S 76 51.49 62.17 -64.80
CA LYS S 76 51.67 63.60 -64.62
C LYS S 76 52.87 63.97 -63.78
N THR S 77 53.66 63.00 -63.32
CA THR S 77 54.74 63.27 -62.38
C THR S 77 55.96 62.41 -62.70
N VAL S 78 57.14 63.02 -62.65
CA VAL S 78 58.42 62.33 -62.83
C VAL S 78 59.36 62.80 -61.73
N ILE S 79 59.94 61.85 -60.99
CA ILE S 79 60.81 62.14 -59.86
C ILE S 79 62.24 61.78 -60.24
N GLY S 80 63.20 62.58 -59.76
CA GLY S 80 64.60 62.30 -59.98
C GLY S 80 65.21 61.51 -58.84
N CYS S 81 66.44 61.05 -59.07
CA CYS S 81 67.16 60.22 -58.11
C CYS S 81 68.64 60.55 -58.12
N SER S 82 69.27 60.48 -56.95
CA SER S 82 70.69 60.74 -56.82
C SER S 82 71.20 60.03 -55.58
N GLY S 83 72.53 59.88 -55.50
CA GLY S 83 73.13 59.16 -54.39
C GLY S 83 73.20 57.67 -54.62
N PHE S 84 73.04 56.89 -53.55
CA PHE S 84 73.11 55.44 -53.65
C PHE S 84 72.07 54.91 -54.65
N HIS S 85 72.43 53.85 -55.36
CA HIS S 85 71.59 53.32 -56.42
C HIS S 85 70.39 52.55 -55.88
N GLY S 86 70.64 51.46 -55.16
CA GLY S 86 69.55 50.64 -54.66
C GLY S 86 68.58 51.40 -53.77
N ASP S 87 69.06 52.42 -53.07
CA ASP S 87 68.17 53.22 -52.23
C ASP S 87 67.17 54.01 -53.07
N CYS S 88 67.61 54.48 -54.24
CA CYS S 88 66.71 55.22 -55.13
C CYS S 88 65.69 54.29 -55.78
N LEU S 89 66.12 53.09 -56.17
CA LEU S 89 65.18 52.13 -56.75
C LEU S 89 64.18 51.65 -55.70
N THR S 90 64.64 51.40 -54.49
CA THR S 90 63.72 51.01 -53.41
C THR S 90 62.73 52.11 -53.09
N LEU S 91 63.22 53.35 -52.97
CA LEU S 91 62.34 54.46 -52.64
C LEU S 91 61.34 54.74 -53.74
N THR S 92 61.77 54.61 -55.00
CA THR S 92 60.85 54.81 -56.12
C THR S 92 59.76 53.75 -56.14
N LYS S 93 60.11 52.51 -55.83
CA LYS S 93 59.11 51.44 -55.82
C LYS S 93 58.19 51.54 -54.62
N ILE S 94 58.68 52.05 -53.48
CA ILE S 94 57.83 52.20 -52.31
C ILE S 94 56.81 53.31 -52.54
N ILE S 95 57.23 54.41 -53.16
CA ILE S 95 56.31 55.51 -53.46
C ILE S 95 55.21 55.03 -54.41
N GLU S 96 55.61 54.31 -55.46
CA GLU S 96 54.62 53.79 -56.40
C GLU S 96 53.77 52.69 -55.77
N ALA S 97 54.29 52.00 -54.76
CA ALA S 97 53.50 50.99 -54.07
C ALA S 97 52.38 51.62 -53.25
N ARG S 98 52.61 52.82 -52.70
CA ARG S 98 51.58 53.52 -51.95
C ARG S 98 50.61 54.26 -52.85
N LEU S 99 50.95 54.45 -54.13
CA LEU S 99 50.03 55.11 -55.05
C LEU S 99 48.80 54.26 -55.30
N LYS S 100 48.98 52.94 -55.43
CA LYS S 100 47.83 52.07 -55.63
C LYS S 100 46.98 51.96 -54.38
N MET S 101 47.59 52.12 -53.20
CA MET S 101 46.81 52.14 -51.96
C MET S 101 45.89 53.37 -51.93
N TYR S 102 46.44 54.54 -52.25
CA TYR S 102 45.62 55.74 -52.34
C TYR S 102 44.67 55.67 -53.52
N LYS S 103 45.06 54.96 -54.58
CA LYS S 103 44.18 54.80 -55.74
C LYS S 103 42.97 53.94 -55.40
N HIS S 104 43.19 52.81 -54.72
CA HIS S 104 42.09 51.96 -54.31
C HIS S 104 41.33 52.52 -53.11
N SER S 105 41.80 53.60 -52.51
CA SER S 105 41.11 54.22 -51.37
C SER S 105 40.15 55.31 -51.84
N ASN S 106 40.69 56.41 -52.37
CA ASN S 106 39.90 57.56 -52.78
C ASN S 106 39.53 57.54 -54.26
N ASN S 107 39.88 56.47 -54.99
CA ASN S 107 39.57 56.33 -56.41
C ASN S 107 40.21 57.42 -57.26
N LYS S 108 41.39 57.89 -56.83
CA LYS S 108 42.14 58.89 -57.58
C LYS S 108 43.60 58.78 -57.20
N ALA S 109 44.46 59.39 -58.01
CA ALA S 109 45.88 59.37 -57.77
C ALA S 109 46.27 60.45 -56.76
N MET S 110 47.55 60.49 -56.39
CA MET S 110 48.05 61.43 -55.41
C MET S 110 48.50 62.72 -56.06
N THR S 111 48.25 63.83 -55.38
CA THR S 111 48.71 65.13 -55.85
C THR S 111 50.22 65.26 -55.62
N THR S 112 50.83 66.19 -56.37
CA THR S 112 52.28 66.37 -56.30
C THR S 112 52.71 66.78 -54.89
N GLY S 113 51.97 67.70 -54.26
CA GLY S 113 52.32 68.13 -52.92
C GLY S 113 52.16 67.02 -51.90
N ALA S 114 51.19 66.13 -52.13
CA ALA S 114 51.00 65.00 -51.21
C ALA S 114 52.15 64.00 -51.32
N ILE S 115 52.70 63.84 -52.52
CA ILE S 115 53.83 62.93 -52.70
C ILE S 115 55.07 63.49 -52.02
N ALA S 116 55.26 64.82 -52.06
CA ALA S 116 56.42 65.43 -51.44
C ALA S 116 56.35 65.33 -49.92
N ALA S 117 55.16 65.53 -49.34
CA ALA S 117 55.02 65.45 -47.89
C ALA S 117 55.10 64.01 -47.41
N MET S 118 54.46 63.08 -48.13
CA MET S 118 54.54 61.67 -47.75
C MET S 118 55.98 61.16 -47.85
N LEU S 119 56.71 61.62 -48.88
CA LEU S 119 58.13 61.25 -48.98
C LEU S 119 58.93 61.79 -47.81
N SER S 120 58.60 63.00 -47.35
CA SER S 120 59.29 63.56 -46.19
C SER S 120 59.02 62.73 -44.93
N THR S 121 57.79 62.23 -44.79
CA THR S 121 57.49 61.37 -43.66
C THR S 121 58.17 60.02 -43.78
N ILE S 122 58.33 59.53 -45.01
CA ILE S 122 59.06 58.28 -45.21
C ILE S 122 60.53 58.47 -44.88
N LEU S 123 61.09 59.63 -45.22
CA LEU S 123 62.50 59.90 -44.91
C LEU S 123 62.73 60.14 -43.44
N TYR S 124 61.72 60.64 -42.71
CA TYR S 124 61.87 60.84 -41.27
C TYR S 124 61.71 59.54 -40.48
N SER S 125 60.98 58.56 -41.02
CA SER S 125 60.85 57.28 -40.34
C SER S 125 62.20 56.61 -40.15
N ARG S 126 63.15 56.90 -41.03
CA ARG S 126 64.51 56.37 -40.96
C ARG S 126 65.47 57.32 -40.26
N ARG S 127 64.98 58.41 -39.66
CA ARG S 127 65.85 59.47 -39.15
C ARG S 127 66.97 58.94 -38.26
N PHE S 128 66.76 57.81 -37.60
CA PHE S 128 67.83 57.20 -36.81
C PHE S 128 69.01 56.82 -37.70
N PHE S 129 68.75 56.01 -38.73
CA PHE S 129 69.77 55.60 -39.70
C PHE S 129 69.14 55.68 -41.09
N PRO S 130 69.16 56.86 -41.71
CA PRO S 130 68.43 57.06 -42.96
C PRO S 130 69.27 56.72 -44.18
N TYR S 131 68.64 56.84 -45.35
CA TYR S 131 69.33 56.70 -46.62
C TYR S 131 70.17 57.95 -46.90
N TYR S 132 71.14 57.81 -47.80
CA TYR S 132 71.81 58.95 -48.39
C TYR S 132 71.26 59.07 -49.82
N VAL S 133 70.37 60.04 -50.03
CA VAL S 133 69.61 60.17 -51.27
C VAL S 133 69.27 61.64 -51.46
N TYR S 134 69.23 62.07 -52.72
CA TYR S 134 68.74 63.39 -53.08
C TYR S 134 67.78 63.25 -54.25
N ASN S 135 66.56 63.77 -54.08
CA ASN S 135 65.52 63.64 -55.09
C ASN S 135 64.96 65.02 -55.44
N ILE S 136 64.37 65.10 -56.62
CA ILE S 136 63.62 66.28 -57.06
C ILE S 136 62.34 65.79 -57.72
N ILE S 137 61.20 66.19 -57.18
CA ILE S 137 59.89 65.81 -57.73
C ILE S 137 59.43 66.88 -58.69
N GLY S 138 58.93 66.45 -59.85
CA GLY S 138 58.45 67.39 -60.85
C GLY S 138 57.36 66.77 -61.71
N GLY S 139 56.57 67.63 -62.31
CA GLY S 139 55.48 67.19 -63.16
C GLY S 139 54.36 68.22 -63.16
N LEU S 140 53.17 67.74 -63.52
CA LEU S 140 51.99 68.60 -63.61
C LEU S 140 51.34 68.72 -62.24
N ASP S 141 51.19 69.96 -61.77
CA ASP S 141 50.47 70.22 -60.53
C ASP S 141 49.00 70.49 -60.85
N GLU S 142 48.25 71.01 -59.88
CA GLU S 142 46.83 71.29 -60.08
C GLU S 142 46.60 72.20 -61.28
N GLU S 143 47.44 73.22 -61.44
CA GLU S 143 47.28 74.17 -62.54
C GLU S 143 48.14 73.83 -63.75
N GLY S 144 48.93 72.75 -63.69
CA GLY S 144 49.78 72.36 -64.79
C GLY S 144 51.19 72.93 -64.74
N LYS S 145 51.51 73.76 -63.76
CA LYS S 145 52.84 74.33 -63.64
C LYS S 145 53.85 73.25 -63.22
N GLY S 146 55.12 73.52 -63.51
CA GLY S 146 56.16 72.61 -63.10
C GLY S 146 56.45 72.72 -61.61
N ALA S 147 56.98 71.63 -61.06
CA ALA S 147 57.29 71.53 -59.65
C ALA S 147 58.77 71.18 -59.48
N VAL S 148 59.44 71.87 -58.57
CA VAL S 148 60.82 71.59 -58.21
C VAL S 148 60.94 71.64 -56.69
N TYR S 149 61.32 70.53 -56.08
CA TYR S 149 61.43 70.43 -54.63
C TYR S 149 62.85 70.06 -54.24
N SER S 150 63.39 70.75 -53.23
CA SER S 150 64.71 70.47 -52.71
C SER S 150 64.59 69.46 -51.57
N PHE S 151 65.17 68.29 -51.76
CA PHE S 151 65.05 67.19 -50.80
C PHE S 151 66.38 66.92 -50.12
N ASP S 152 66.30 66.45 -48.89
CA ASP S 152 67.45 66.04 -48.09
C ASP S 152 67.09 64.76 -47.37
N PRO S 153 68.09 63.96 -46.98
CA PRO S 153 67.79 62.65 -46.36
C PRO S 153 66.94 62.72 -45.11
N VAL S 154 66.89 63.87 -44.42
CA VAL S 154 66.11 63.99 -43.19
C VAL S 154 64.64 64.32 -43.45
N GLY S 155 64.25 64.50 -44.70
CA GLY S 155 62.86 64.81 -45.03
C GLY S 155 62.43 66.24 -44.80
N SER S 156 63.23 67.19 -45.30
CA SER S 156 62.85 68.59 -45.35
C SER S 156 62.75 69.01 -46.81
N TYR S 157 61.96 70.06 -47.08
CA TYR S 157 61.67 70.41 -48.46
C TYR S 157 60.85 71.70 -48.50
N GLN S 158 60.77 72.27 -49.70
CA GLN S 158 59.91 73.40 -50.03
C GLN S 158 59.74 73.42 -51.53
N ARG S 159 58.99 74.38 -52.03
CA ARG S 159 58.76 74.52 -53.47
C ARG S 159 59.72 75.55 -54.04
N ASP S 160 60.48 75.16 -55.05
CA ASP S 160 61.44 76.03 -55.71
C ASP S 160 61.16 76.05 -57.21
N SER S 161 61.72 77.06 -57.88
CA SER S 161 61.58 77.15 -59.33
C SER S 161 62.55 76.23 -60.05
N PHE S 162 63.78 76.14 -59.55
CA PHE S 162 64.82 75.35 -60.20
C PHE S 162 65.79 74.82 -59.14
N LYS S 163 66.27 73.59 -59.35
CA LYS S 163 67.27 73.00 -58.50
C LYS S 163 68.14 72.07 -59.34
N ALA S 164 69.43 71.98 -59.00
CA ALA S 164 70.38 71.13 -59.68
C ALA S 164 71.09 70.27 -58.64
N GLY S 165 70.95 68.95 -58.77
CA GLY S 165 71.54 68.01 -57.85
C GLY S 165 72.89 67.50 -58.33
N GLY S 166 73.38 66.48 -57.62
CA GLY S 166 74.65 65.88 -57.96
C GLY S 166 75.84 66.71 -57.50
N SER S 167 77.02 66.28 -57.94
CA SER S 167 78.27 66.97 -57.61
C SER S 167 78.64 68.04 -58.61
N ALA S 168 77.91 68.16 -59.72
CA ALA S 168 78.16 69.21 -60.71
C ALA S 168 77.46 70.51 -60.38
N SER S 169 76.76 70.58 -59.24
CA SER S 169 76.00 71.76 -58.84
C SER S 169 76.87 72.97 -58.54
N ALA S 170 78.20 72.81 -58.53
CA ALA S 170 79.12 73.90 -58.22
C ALA S 170 78.85 75.14 -59.06
N MET S 171 79.07 75.05 -60.37
CA MET S 171 78.83 76.17 -61.27
C MET S 171 77.42 76.19 -61.85
N LEU S 172 76.62 75.15 -61.61
CA LEU S 172 75.27 75.12 -62.18
C LEU S 172 74.35 76.13 -61.49
N GLN S 173 74.31 76.10 -60.16
CA GLN S 173 73.41 76.99 -59.42
C GLN S 173 73.66 78.47 -59.69
N PRO S 174 74.90 78.98 -59.71
CA PRO S 174 75.08 80.40 -60.05
C PRO S 174 74.61 80.76 -61.44
N LEU S 175 74.82 79.88 -62.42
CA LEU S 175 74.35 80.17 -63.77
C LEU S 175 72.83 80.05 -63.86
N LEU S 176 72.24 79.12 -63.11
CA LEU S 176 70.77 79.04 -63.06
C LEU S 176 70.17 80.26 -62.36
N ASP S 177 70.89 80.82 -61.39
CA ASP S 177 70.46 82.09 -60.80
C ASP S 177 70.57 83.24 -61.78
N ASN S 178 71.38 83.08 -62.82
CA ASN S 178 71.54 84.13 -63.83
C ASN S 178 70.41 84.07 -64.85
N GLN S 179 70.37 83.02 -65.67
CA GLN S 179 69.36 82.92 -66.72
C GLN S 179 67.99 82.63 -66.14
N VAL S 180 67.87 81.55 -65.36
CA VAL S 180 66.56 81.14 -64.85
C VAL S 180 66.16 81.99 -63.64
N GLY S 181 67.09 82.18 -62.70
CA GLY S 181 66.77 82.91 -61.48
C GLY S 181 66.74 84.41 -61.66
N PHE S 182 67.30 84.92 -62.75
CA PHE S 182 67.35 86.35 -63.04
C PHE S 182 68.03 87.13 -61.91
N LYS S 183 69.31 86.84 -61.73
CA LYS S 183 70.16 87.54 -60.79
C LYS S 183 71.53 87.76 -61.43
N ASN S 184 72.41 88.46 -60.71
CA ASN S 184 73.78 88.70 -61.15
C ASN S 184 73.81 89.34 -62.55
N MET S 185 72.89 90.26 -62.80
CA MET S 185 72.81 90.94 -64.09
C MET S 185 72.64 92.44 -63.87
N GLN S 186 73.23 93.21 -64.76
CA GLN S 186 73.15 94.67 -64.71
C GLN S 186 71.95 95.13 -65.53
N ASN S 187 71.01 95.81 -64.87
CA ASN S 187 69.75 96.24 -65.48
C ASN S 187 69.04 95.05 -66.12
N VAL S 188 68.55 94.17 -65.25
CA VAL S 188 68.03 92.87 -65.66
C VAL S 188 66.54 92.98 -65.92
N GLU S 189 66.14 92.78 -67.18
CA GLU S 189 64.74 92.61 -67.51
C GLU S 189 64.31 91.18 -67.20
N HIS S 190 63.02 91.02 -66.93
CA HIS S 190 62.46 89.73 -66.52
C HIS S 190 61.38 89.30 -67.50
N VAL S 191 61.61 88.18 -68.16
CA VAL S 191 60.66 87.62 -69.13
C VAL S 191 60.58 86.12 -68.91
N PRO S 192 59.41 85.50 -69.01
CA PRO S 192 59.33 84.04 -68.86
C PRO S 192 60.07 83.32 -69.97
N LEU S 193 60.54 82.11 -69.66
CA LEU S 193 61.32 81.32 -70.58
C LEU S 193 60.44 80.37 -71.37
N SER S 194 60.77 80.17 -72.64
CA SER S 194 59.99 79.30 -73.51
C SER S 194 60.36 77.83 -73.25
N LEU S 195 59.72 76.94 -74.01
CA LEU S 195 59.93 75.51 -73.81
C LEU S 195 61.32 75.08 -74.30
N ASP S 196 61.66 75.40 -75.54
CA ASP S 196 62.89 74.90 -76.14
C ASP S 196 64.11 75.71 -75.72
N ARG S 197 63.92 76.93 -75.20
CA ARG S 197 65.07 77.71 -74.75
C ARG S 197 65.77 77.05 -73.57
N ALA S 198 65.00 76.61 -72.57
CA ALA S 198 65.59 75.90 -71.45
C ALA S 198 66.16 74.56 -71.88
N MET S 199 65.56 73.93 -72.90
CA MET S 199 66.10 72.69 -73.46
C MET S 199 67.54 72.88 -73.92
N ARG S 200 67.75 73.74 -74.91
CA ARG S 200 69.10 73.98 -75.42
C ARG S 200 70.03 74.56 -74.36
N LEU S 201 69.48 75.22 -73.33
CA LEU S 201 70.31 75.66 -72.21
C LEU S 201 70.86 74.47 -71.44
N VAL S 202 70.02 73.46 -71.19
CA VAL S 202 70.48 72.26 -70.51
C VAL S 202 71.56 71.55 -71.33
N LYS S 203 71.41 71.55 -72.65
CA LYS S 203 72.41 70.94 -73.51
C LYS S 203 73.73 71.70 -73.48
N ASP S 204 73.67 73.02 -73.30
CA ASP S 204 74.90 73.82 -73.30
C ASP S 204 75.61 73.77 -71.96
N VAL S 205 74.87 73.71 -70.85
CA VAL S 205 75.50 73.81 -69.54
C VAL S 205 76.22 72.52 -69.15
N PHE S 206 75.71 71.37 -69.57
CA PHE S 206 76.33 70.10 -69.21
C PHE S 206 77.60 69.81 -69.99
N ILE S 207 77.84 70.52 -71.09
CA ILE S 207 79.11 70.37 -71.80
C ILE S 207 80.24 71.03 -71.02
N SER S 208 80.00 72.22 -70.49
CA SER S 208 80.99 72.92 -69.68
C SER S 208 81.07 72.37 -68.26
N ALA S 209 80.02 71.71 -67.77
CA ALA S 209 80.01 71.12 -66.44
C ALA S 209 80.69 69.77 -66.39
N ALA S 210 80.95 69.14 -67.53
CA ALA S 210 81.61 67.85 -67.59
C ALA S 210 83.12 67.96 -67.74
N GLU S 211 83.67 69.18 -67.76
CA GLU S 211 85.11 69.35 -67.90
C GLU S 211 85.87 68.91 -66.66
N ARG S 212 85.20 68.80 -65.51
CA ARG S 212 85.84 68.42 -64.26
C ARG S 212 85.19 67.21 -63.62
N ASP S 213 83.92 67.32 -63.24
CA ASP S 213 83.23 66.21 -62.57
C ASP S 213 83.19 64.98 -63.47
N VAL S 214 83.64 63.84 -62.94
CA VAL S 214 83.66 62.61 -63.71
C VAL S 214 82.33 61.87 -63.66
N TYR S 215 81.43 62.24 -62.74
CA TYR S 215 80.13 61.57 -62.65
C TYR S 215 79.17 62.06 -63.73
N THR S 216 79.39 63.25 -64.28
CA THR S 216 78.52 63.83 -65.28
C THR S 216 79.12 63.60 -66.66
N GLY S 217 78.36 62.93 -67.53
CA GLY S 217 78.84 62.68 -68.88
C GLY S 217 78.05 61.56 -69.53
N ASP S 218 78.62 61.03 -70.60
CA ASP S 218 78.02 59.96 -71.41
C ASP S 218 76.64 60.43 -71.89
N ALA S 219 75.62 59.58 -71.84
CA ALA S 219 74.29 59.93 -72.33
C ALA S 219 73.50 60.65 -71.25
N LEU S 220 72.71 61.64 -71.66
CA LEU S 220 71.91 62.44 -70.76
C LEU S 220 70.44 62.14 -71.00
N ARG S 221 69.76 61.64 -69.97
CA ARG S 221 68.33 61.38 -70.06
C ARG S 221 67.56 62.67 -69.81
N ILE S 222 66.75 63.07 -70.78
CA ILE S 222 65.94 64.29 -70.70
C ILE S 222 64.48 63.88 -70.57
N CYS S 223 63.75 64.58 -69.71
CA CYS S 223 62.33 64.32 -69.50
C CYS S 223 61.57 65.63 -69.70
N ILE S 224 60.70 65.66 -70.71
CA ILE S 224 59.90 66.82 -71.04
C ILE S 224 58.49 66.58 -70.54
N VAL S 225 58.04 67.41 -69.59
CA VAL S 225 56.70 67.29 -69.01
C VAL S 225 55.80 68.31 -69.68
N THR S 226 54.72 67.82 -70.29
CA THR S 226 53.73 68.67 -70.95
C THR S 226 52.35 68.38 -70.37
N LYS S 227 51.42 69.29 -70.65
CA LYS S 227 50.06 69.14 -70.12
C LYS S 227 49.40 67.87 -70.64
N GLU S 228 49.68 67.49 -71.89
CA GLU S 228 49.09 66.28 -72.44
C GLU S 228 49.78 65.03 -71.91
N GLY S 229 51.11 65.03 -71.89
CA GLY S 229 51.85 63.89 -71.42
C GLY S 229 53.28 64.27 -71.11
N ILE S 230 54.09 63.25 -70.82
CA ILE S 230 55.50 63.44 -70.48
C ILE S 230 56.33 62.67 -71.50
N ARG S 231 57.35 63.33 -72.04
CA ARG S 231 58.22 62.78 -73.07
C ARG S 231 59.64 62.63 -72.55
N GLU S 232 60.37 61.72 -73.16
CA GLU S 232 61.75 61.43 -72.78
C GLU S 232 62.63 61.40 -74.02
N GLU S 233 63.87 61.87 -73.87
CA GLU S 233 64.84 61.89 -74.96
C GLU S 233 66.22 61.61 -74.37
N THR S 234 67.23 61.54 -75.24
CA THR S 234 68.59 61.24 -74.82
C THR S 234 69.59 62.03 -75.65
N VAL S 235 70.58 62.60 -74.98
CA VAL S 235 71.69 63.30 -75.62
C VAL S 235 72.99 62.70 -75.08
N SER S 236 73.92 62.41 -75.99
CA SER S 236 75.13 61.66 -75.66
C SER S 236 76.37 62.53 -75.73
N LEU S 237 77.37 62.16 -74.93
CA LEU S 237 78.66 62.82 -74.89
C LEU S 237 79.76 61.81 -75.18
N ARG S 238 80.96 62.32 -75.48
CA ARG S 238 82.08 61.46 -75.82
C ARG S 238 82.42 60.51 -74.68
N LYS S 239 82.73 59.27 -75.03
CA LYS S 239 82.99 58.21 -74.05
C LYS S 239 84.47 58.02 -73.76
N ASP S 240 85.36 58.78 -74.40
CA ASP S 240 86.79 58.59 -74.20
C ASP S 240 87.22 58.99 -72.79
N THR T 45 79.53 39.18 -45.77
CA THR T 45 80.03 38.81 -44.46
C THR T 45 81.06 39.82 -43.97
N GLN T 46 80.88 40.31 -42.74
CA GLN T 46 81.81 41.26 -42.17
C GLN T 46 83.18 40.65 -41.91
N ASN T 47 83.28 39.33 -41.85
CA ASN T 47 84.55 38.63 -41.63
C ASN T 47 84.64 37.48 -42.62
N PRO T 48 84.97 37.77 -43.88
CA PRO T 48 85.08 36.69 -44.87
C PRO T 48 86.32 35.85 -44.65
N MET T 49 86.25 34.60 -45.11
CA MET T 49 87.36 33.66 -44.96
C MET T 49 87.87 33.18 -46.31
N VAL T 50 87.10 32.36 -47.03
CA VAL T 50 87.55 31.81 -48.31
C VAL T 50 87.69 32.94 -49.32
N THR T 51 88.72 32.85 -50.16
CA THR T 51 89.03 33.87 -51.15
C THR T 51 88.63 33.36 -52.53
N GLY T 52 87.80 34.14 -53.23
CA GLY T 52 87.40 33.85 -54.58
C GLY T 52 88.05 34.77 -55.58
N THR T 53 87.43 34.87 -56.76
CA THR T 53 87.91 35.74 -57.82
C THR T 53 86.74 36.17 -58.68
N SER T 54 87.03 36.98 -59.69
CA SER T 54 86.02 37.64 -60.49
C SER T 54 85.23 36.64 -61.34
N VAL T 55 84.04 37.07 -61.76
CA VAL T 55 83.18 36.32 -62.67
C VAL T 55 82.94 37.19 -63.90
N LEU T 56 83.09 36.60 -65.08
CA LEU T 56 82.95 37.31 -66.34
C LEU T 56 81.79 36.75 -67.14
N GLY T 57 81.19 37.61 -67.95
CA GLY T 57 80.09 37.19 -68.80
C GLY T 57 79.74 38.25 -69.81
N VAL T 58 79.11 37.81 -70.90
CA VAL T 58 78.68 38.70 -71.98
C VAL T 58 77.48 38.07 -72.67
N LYS T 59 76.58 38.93 -73.15
CA LYS T 59 75.42 38.46 -73.89
C LYS T 59 75.79 38.13 -75.33
N PHE T 60 75.01 37.23 -75.92
CA PHE T 60 75.15 36.88 -77.33
C PHE T 60 73.83 36.27 -77.80
N GLU T 61 73.80 35.90 -79.08
CA GLU T 61 72.59 35.34 -79.68
C GLU T 61 72.49 33.85 -79.35
N GLY T 62 71.38 33.47 -78.70
CA GLY T 62 71.14 32.09 -78.32
C GLY T 62 71.33 31.80 -76.85
N GLY T 63 72.02 32.67 -76.12
CA GLY T 63 72.21 32.45 -74.70
C GLY T 63 73.19 33.46 -74.13
N VAL T 64 73.61 33.19 -72.89
CA VAL T 64 74.54 34.03 -72.16
C VAL T 64 75.62 33.15 -71.56
N VAL T 65 76.88 33.52 -71.79
CA VAL T 65 78.03 32.77 -71.29
C VAL T 65 78.48 33.40 -69.98
N ILE T 66 78.84 32.56 -69.01
CA ILE T 66 79.36 32.99 -67.72
C ILE T 66 80.72 32.34 -67.54
N ALA T 67 81.75 33.16 -67.37
CA ALA T 67 83.14 32.70 -67.29
C ALA T 67 83.66 32.88 -65.88
N ALA T 68 84.00 31.78 -65.22
CA ALA T 68 84.65 31.81 -63.91
C ALA T 68 85.54 30.58 -63.80
N ASP T 69 86.28 30.49 -62.71
CA ASP T 69 87.17 29.37 -62.46
C ASP T 69 86.61 28.46 -61.38
N MET T 70 87.31 27.36 -61.13
CA MET T 70 86.98 26.41 -60.08
C MET T 70 87.81 26.61 -58.81
N LEU T 71 88.64 27.65 -58.75
CA LEU T 71 89.60 27.81 -57.66
C LEU T 71 88.89 27.89 -56.32
N GLY T 72 89.27 26.99 -55.40
CA GLY T 72 88.71 26.96 -54.06
C GLY T 72 89.67 27.35 -52.96
N SER T 73 90.79 27.98 -53.32
CA SER T 73 91.89 28.13 -52.38
C SER T 73 91.56 29.16 -51.31
N TYR T 74 92.50 29.33 -50.37
CA TYR T 74 92.35 30.22 -49.23
C TYR T 74 93.64 30.97 -49.03
N GLY T 75 93.57 32.29 -49.04
CA GLY T 75 94.76 33.11 -48.84
C GLY T 75 95.56 33.31 -50.11
N SER T 76 96.80 33.76 -49.93
CA SER T 76 97.71 34.03 -51.03
C SER T 76 97.96 32.78 -51.87
N LEU T 77 98.59 31.77 -51.29
CA LEU T 77 98.91 30.54 -52.02
C LEU T 77 97.63 29.74 -52.26
N ALA T 78 97.78 28.58 -52.90
CA ALA T 78 96.65 27.76 -53.31
C ALA T 78 96.47 26.62 -52.32
N ARG T 79 95.42 26.70 -51.50
CA ARG T 79 95.08 25.61 -50.60
C ARG T 79 94.28 24.52 -51.32
N PHE T 80 93.26 24.92 -52.08
CA PHE T 80 92.41 24.00 -52.82
C PHE T 80 92.23 24.53 -54.23
N ARG T 81 92.57 23.70 -55.22
CA ARG T 81 92.53 24.14 -56.61
C ARG T 81 91.19 23.89 -57.30
N ASN T 82 90.30 23.09 -56.71
CA ASN T 82 89.06 22.70 -57.39
C ASN T 82 87.88 22.77 -56.44
N ILE T 83 86.91 23.63 -56.75
CA ILE T 83 85.56 23.58 -56.18
C ILE T 83 84.58 23.90 -57.30
N SER T 84 83.30 24.04 -56.97
CA SER T 84 82.28 24.46 -57.92
C SER T 84 81.77 25.84 -57.53
N ARG T 85 82.16 26.85 -58.32
CA ARG T 85 81.81 28.24 -58.03
C ARG T 85 80.60 28.74 -58.81
N ILE T 86 80.01 27.91 -59.67
CA ILE T 86 78.92 28.33 -60.55
C ILE T 86 77.70 27.48 -60.24
N MET T 87 76.55 28.15 -60.07
CA MET T 87 75.28 27.49 -59.82
C MET T 87 74.45 27.49 -61.10
N ARG T 88 74.13 26.30 -61.60
CA ARG T 88 73.28 26.13 -62.76
C ARG T 88 71.94 25.59 -62.29
N VAL T 89 70.90 26.40 -62.40
CA VAL T 89 69.55 26.03 -61.96
C VAL T 89 68.74 25.67 -63.20
N ASN T 90 68.50 24.37 -63.38
CA ASN T 90 67.75 23.78 -64.50
C ASN T 90 68.13 24.43 -65.82
N ASN T 91 67.13 24.75 -66.65
CA ASN T 91 67.35 25.44 -67.92
C ASN T 91 67.07 26.93 -67.86
N SER T 92 66.59 27.46 -66.73
CA SER T 92 66.10 28.83 -66.70
C SER T 92 67.24 29.84 -66.63
N THR T 93 68.19 29.64 -65.70
CA THR T 93 69.20 30.65 -65.44
C THR T 93 70.45 30.00 -64.86
N MET T 94 71.46 30.82 -64.59
CA MET T 94 72.72 30.38 -64.02
C MET T 94 73.33 31.55 -63.25
N LEU T 95 74.17 31.22 -62.27
CA LEU T 95 74.75 32.24 -61.42
C LEU T 95 76.18 31.85 -61.02
N GLY T 96 77.07 32.84 -61.00
CA GLY T 96 78.41 32.65 -60.49
C GLY T 96 78.55 33.24 -59.09
N ALA T 97 79.73 33.04 -58.51
CA ALA T 97 79.98 33.49 -57.14
C ALA T 97 81.45 33.85 -56.98
N SER T 98 81.80 34.33 -55.79
CA SER T 98 83.16 34.74 -55.46
C SER T 98 83.27 34.87 -53.95
N GLY T 99 84.47 35.22 -53.49
CA GLY T 99 84.68 35.46 -52.07
C GLY T 99 84.48 34.20 -51.26
N ASP T 100 83.66 34.32 -50.20
CA ASP T 100 83.39 33.20 -49.32
C ASP T 100 82.46 32.20 -50.01
N TYR T 101 82.84 30.92 -49.96
CA TYR T 101 82.03 29.89 -50.60
C TYR T 101 80.80 29.52 -49.78
N ALA T 102 80.87 29.70 -48.45
CA ALA T 102 79.75 29.32 -47.60
C ALA T 102 78.54 30.24 -47.81
N ASP T 103 78.78 31.51 -48.12
CA ASP T 103 77.67 32.42 -48.42
C ASP T 103 76.93 31.98 -49.67
N PHE T 104 77.68 31.70 -50.75
CA PHE T 104 77.06 31.19 -51.97
C PHE T 104 76.48 29.81 -51.76
N GLN T 105 77.06 29.01 -50.87
CA GLN T 105 76.54 27.68 -50.60
C GLN T 105 75.16 27.75 -49.96
N TYR T 106 74.95 28.75 -49.08
CA TYR T 106 73.62 28.94 -48.49
C TYR T 106 72.64 29.48 -49.51
N LEU T 107 73.10 30.39 -50.38
CA LEU T 107 72.23 30.92 -51.44
C LEU T 107 71.85 29.83 -52.42
N LYS T 108 72.84 29.09 -52.93
CA LYS T 108 72.56 27.99 -53.84
C LYS T 108 71.67 26.93 -53.21
N GLN T 109 71.74 26.79 -51.89
CA GLN T 109 70.91 25.80 -51.20
C GLN T 109 69.45 26.23 -51.16
N VAL T 110 69.19 27.49 -50.81
CA VAL T 110 67.82 27.96 -50.67
C VAL T 110 67.21 28.26 -52.03
N LEU T 111 68.00 28.81 -52.96
CA LEU T 111 67.48 29.16 -54.27
C LEU T 111 67.01 27.92 -55.03
N GLY T 112 67.67 26.78 -54.83
CA GLY T 112 67.21 25.56 -55.45
C GLY T 112 65.83 25.14 -54.96
N GLN T 113 65.59 25.25 -53.65
CA GLN T 113 64.28 24.92 -53.11
C GLN T 113 63.22 25.92 -53.55
N MET T 114 63.61 27.18 -53.73
CA MET T 114 62.65 28.17 -54.21
C MET T 114 62.19 27.88 -55.64
N VAL T 115 63.05 27.24 -56.44
CA VAL T 115 62.64 26.84 -57.78
C VAL T 115 61.76 25.59 -57.71
N ILE T 116 62.04 24.69 -56.76
CA ILE T 116 61.20 23.51 -56.57
C ILE T 116 59.77 23.93 -56.24
N ASP T 117 59.60 25.10 -55.62
CA ASP T 117 58.27 25.62 -55.30
C ASP T 117 57.40 25.72 -56.55
N GLU T 118 57.77 26.58 -57.49
CA GLU T 118 56.95 26.78 -58.68
C GLU T 118 56.89 25.53 -59.54
N GLU T 119 57.88 24.64 -59.44
CA GLU T 119 57.83 23.37 -60.13
C GLU T 119 56.58 22.58 -59.74
N LEU T 120 56.47 22.23 -58.46
CA LEU T 120 55.33 21.44 -58.00
C LEU T 120 54.05 22.26 -57.91
N LEU T 121 54.13 23.58 -58.01
CA LEU T 121 52.92 24.40 -58.00
C LEU T 121 52.09 24.15 -59.26
N GLY T 122 52.75 23.94 -60.40
CA GLY T 122 52.04 23.61 -61.63
C GLY T 122 51.28 24.75 -62.25
N ASP T 123 51.84 25.96 -62.23
CA ASP T 123 51.20 27.10 -62.87
C ASP T 123 51.48 27.17 -64.36
N GLY T 124 52.38 26.33 -64.88
CA GLY T 124 52.72 26.31 -66.29
C GLY T 124 53.87 27.22 -66.68
N HIS T 125 54.19 28.22 -65.87
CA HIS T 125 55.26 29.16 -66.14
C HIS T 125 56.45 28.86 -65.23
N SER T 126 57.51 29.67 -65.39
CA SER T 126 58.71 29.53 -64.58
C SER T 126 59.22 30.91 -64.22
N TYR T 127 60.04 30.97 -63.18
CA TYR T 127 60.62 32.22 -62.72
C TYR T 127 61.74 32.64 -63.67
N SER T 128 61.62 33.84 -64.23
CA SER T 128 62.62 34.34 -65.15
C SER T 128 63.90 34.71 -64.38
N PRO T 129 65.04 34.78 -65.08
CA PRO T 129 66.27 35.23 -64.40
C PRO T 129 66.14 36.64 -63.84
N ARG T 130 65.29 37.48 -64.43
CA ARG T 130 65.06 38.81 -63.88
C ARG T 130 64.31 38.74 -62.55
N ALA T 131 63.45 37.74 -62.37
CA ALA T 131 62.77 37.56 -61.08
C ALA T 131 63.77 37.21 -59.99
N ILE T 132 64.71 36.31 -60.29
CA ILE T 132 65.78 36.01 -59.33
C ILE T 132 66.68 37.23 -59.16
N HIS T 133 66.89 38.00 -60.23
CA HIS T 133 67.71 39.21 -60.13
C HIS T 133 67.07 40.23 -59.20
N SER T 134 65.76 40.46 -59.37
CA SER T 134 65.08 41.43 -58.52
C SER T 134 64.87 40.90 -57.11
N TRP T 135 64.67 39.59 -56.96
CA TRP T 135 64.56 39.00 -55.62
C TRP T 135 65.90 39.05 -54.89
N LEU T 136 66.98 38.66 -55.57
CA LEU T 136 68.30 38.73 -54.95
C LEU T 136 68.72 40.18 -54.72
N THR T 137 68.26 41.11 -55.56
CA THR T 137 68.49 42.52 -55.30
C THR T 137 67.81 42.95 -54.01
N ARG T 138 66.57 42.51 -53.80
CA ARG T 138 65.86 42.83 -52.57
C ARG T 138 66.45 42.08 -51.38
N ALA T 139 66.90 40.85 -51.61
CA ALA T 139 67.49 40.07 -50.52
C ALA T 139 68.78 40.73 -50.03
N MET T 140 69.65 41.13 -50.95
CA MET T 140 70.89 41.80 -50.58
C MET T 140 70.66 43.23 -50.11
N TYR T 141 69.58 43.87 -50.57
CA TYR T 141 69.29 45.23 -50.11
C TYR T 141 68.85 45.23 -48.66
N SER T 142 67.96 44.31 -48.28
CA SER T 142 67.60 44.16 -46.88
C SER T 142 68.71 43.52 -46.07
N ARG T 143 69.66 42.85 -46.73
CA ARG T 143 70.78 42.25 -46.02
C ARG T 143 71.82 43.30 -45.64
N ARG T 144 72.10 44.25 -46.54
CA ARG T 144 73.00 45.34 -46.21
C ARG T 144 72.36 46.35 -45.26
N SER T 145 71.02 46.43 -45.25
CA SER T 145 70.35 47.29 -44.28
C SER T 145 70.52 46.76 -42.87
N LYS T 146 70.56 45.43 -42.71
CA LYS T 146 70.85 44.79 -41.43
C LYS T 146 72.32 44.91 -41.04
N MET T 147 73.15 45.50 -41.89
CA MET T 147 74.59 45.68 -41.64
C MET T 147 75.33 44.35 -41.58
N ASN T 148 74.81 43.32 -42.24
CA ASN T 148 75.48 42.03 -42.36
C ASN T 148 75.25 41.47 -43.77
N PRO T 149 75.78 42.12 -44.79
CA PRO T 149 75.58 41.62 -46.16
C PRO T 149 76.46 40.40 -46.43
N LEU T 150 75.92 39.48 -47.22
CA LEU T 150 76.69 38.30 -47.61
C LEU T 150 77.80 38.68 -48.57
N TRP T 151 78.94 38.00 -48.44
CA TRP T 151 80.13 38.32 -49.22
C TRP T 151 80.13 37.46 -50.48
N ASN T 152 79.86 38.07 -51.62
CA ASN T 152 79.84 37.38 -52.90
C ASN T 152 79.99 38.40 -54.02
N THR T 153 80.40 37.92 -55.19
CA THR T 153 80.28 38.64 -56.45
C THR T 153 79.43 37.78 -57.36
N MET T 154 78.22 38.23 -57.66
CA MET T 154 77.20 37.41 -58.29
C MET T 154 76.81 38.02 -59.63
N VAL T 155 77.02 37.27 -60.71
CA VAL T 155 76.64 37.67 -62.05
C VAL T 155 75.54 36.72 -62.52
N ILE T 156 74.33 37.24 -62.65
CA ILE T 156 73.16 36.43 -62.98
C ILE T 156 72.99 36.39 -64.49
N GLY T 157 72.69 35.21 -65.02
CA GLY T 157 72.45 35.06 -66.45
C GLY T 157 71.54 33.88 -66.71
N GLY T 158 70.88 33.93 -67.86
CA GLY T 158 69.96 32.87 -68.23
C GLY T 158 69.24 33.23 -69.52
N TYR T 159 68.62 32.20 -70.10
CA TYR T 159 67.89 32.33 -71.36
C TYR T 159 66.43 32.02 -71.09
N ALA T 160 65.57 33.03 -71.25
CA ALA T 160 64.15 32.87 -71.02
C ALA T 160 63.39 33.86 -71.89
N ASP T 161 62.14 33.50 -72.20
CA ASP T 161 61.25 34.33 -73.03
C ASP T 161 61.86 34.62 -74.39
N GLY T 162 62.64 33.69 -74.92
CA GLY T 162 63.25 33.86 -76.22
C GLY T 162 64.29 34.94 -76.31
N GLU T 163 64.84 35.38 -75.17
CA GLU T 163 65.86 36.43 -75.15
C GLU T 163 66.98 36.02 -74.20
N SER T 164 68.15 36.59 -74.41
CA SER T 164 69.32 36.36 -73.59
C SER T 164 69.43 37.49 -72.57
N PHE T 165 69.48 37.13 -71.29
CA PHE T 165 69.52 38.10 -70.20
C PHE T 165 70.75 37.85 -69.35
N LEU T 166 71.42 38.94 -68.97
CA LEU T 166 72.57 38.89 -68.06
C LEU T 166 72.38 39.94 -66.98
N GLY T 167 72.21 39.49 -65.73
CA GLY T 167 72.04 40.37 -64.60
C GLY T 167 73.28 40.42 -63.73
N TYR T 168 73.25 41.37 -62.78
CA TYR T 168 74.34 41.52 -61.83
C TYR T 168 73.78 41.92 -60.47
N VAL T 169 74.32 41.30 -59.42
CA VAL T 169 73.98 41.64 -58.04
C VAL T 169 75.29 41.75 -57.27
N ASP T 170 75.49 42.88 -56.59
CA ASP T 170 76.72 43.16 -55.88
C ASP T 170 76.49 43.10 -54.38
N MET T 171 77.54 42.74 -53.63
CA MET T 171 77.46 42.72 -52.18
C MET T 171 77.09 44.09 -51.63
N LEU T 172 77.56 45.17 -52.25
CA LEU T 172 77.24 46.51 -51.79
C LEU T 172 75.80 46.91 -52.05
N GLY T 173 75.06 46.10 -52.82
CA GLY T 173 73.67 46.39 -53.10
C GLY T 173 73.38 47.00 -54.46
N VAL T 174 74.38 47.10 -55.33
CA VAL T 174 74.21 47.69 -56.65
C VAL T 174 73.82 46.60 -57.62
N ALA T 175 72.70 46.79 -58.31
CA ALA T 175 72.20 45.83 -59.29
C ALA T 175 71.81 46.57 -60.56
N TYR T 176 72.37 46.15 -61.69
CA TYR T 176 72.11 46.80 -62.97
C TYR T 176 72.22 45.78 -64.08
N GLU T 177 71.49 46.03 -65.17
CA GLU T 177 71.50 45.16 -66.34
C GLU T 177 72.46 45.72 -67.38
N ALA T 178 73.38 44.90 -67.84
CA ALA T 178 74.37 45.30 -68.84
C ALA T 178 74.63 44.14 -69.78
N PRO T 179 74.92 44.42 -71.05
CA PRO T 179 75.20 43.32 -71.99
C PRO T 179 76.52 42.62 -71.71
N SER T 180 77.47 43.28 -71.05
CA SER T 180 78.75 42.68 -70.71
C SER T 180 79.11 43.08 -69.29
N LEU T 181 79.56 42.12 -68.50
CA LEU T 181 79.83 42.33 -67.07
C LEU T 181 81.20 41.79 -66.72
N ALA T 182 81.96 42.58 -65.97
CA ALA T 182 83.25 42.16 -65.44
C ALA T 182 83.47 42.86 -64.10
N THR T 183 84.09 42.13 -63.17
CA THR T 183 84.27 42.61 -61.80
C THR T 183 85.72 42.40 -61.37
N GLY T 184 86.06 43.02 -60.24
CA GLY T 184 87.38 42.84 -59.66
C GLY T 184 88.49 43.28 -60.61
N TYR T 185 89.52 42.45 -60.71
CA TYR T 185 90.59 42.72 -61.67
C TYR T 185 90.10 42.58 -63.11
N GLY T 186 89.06 41.76 -63.32
CA GLY T 186 88.48 41.67 -64.64
C GLY T 186 87.84 42.97 -65.10
N ALA T 187 87.39 43.80 -64.16
CA ALA T 187 86.89 45.13 -64.50
C ALA T 187 87.99 46.03 -65.04
N TYR T 188 89.23 45.80 -64.65
CA TYR T 188 90.37 46.53 -65.18
C TYR T 188 91.05 45.81 -66.33
N LEU T 189 90.58 44.61 -66.70
CA LEU T 189 91.20 43.83 -67.76
C LEU T 189 90.19 43.46 -68.83
N ALA T 190 89.22 42.58 -68.53
CA ALA T 190 88.29 42.13 -69.56
C ALA T 190 87.20 43.14 -69.84
N GLN T 191 86.87 44.00 -68.87
CA GLN T 191 85.78 44.96 -69.07
C GLN T 191 86.05 45.94 -70.20
N PRO T 192 87.24 46.56 -70.32
CA PRO T 192 87.48 47.41 -71.51
C PRO T 192 87.42 46.63 -72.81
N LEU T 193 87.82 45.36 -72.80
CA LEU T 193 87.70 44.54 -74.00
C LEU T 193 86.24 44.23 -74.31
N LEU T 194 85.43 44.00 -73.26
CA LEU T 194 84.01 43.75 -73.47
C LEU T 194 83.31 44.97 -74.07
N ARG T 195 83.75 46.17 -73.68
CA ARG T 195 83.21 47.37 -74.30
C ARG T 195 83.63 47.50 -75.76
N GLU T 196 84.80 46.94 -76.10
CA GLU T 196 85.30 47.03 -77.46
C GLU T 196 84.63 46.02 -78.40
N VAL T 197 84.17 44.89 -77.85
CA VAL T 197 83.60 43.84 -78.69
C VAL T 197 82.24 44.28 -79.25
N LEU T 198 81.36 44.78 -78.38
CA LEU T 198 80.01 45.13 -78.78
C LEU T 198 79.95 46.31 -79.74
N GLU T 199 81.05 47.05 -79.91
CA GLU T 199 81.11 48.15 -80.85
C GLU T 199 80.79 47.68 -82.26
N LYS T 200 81.65 46.84 -82.83
CA LYS T 200 81.50 46.41 -84.22
C LYS T 200 80.41 45.34 -84.36
N GLN T 201 80.37 44.37 -83.45
CA GLN T 201 79.44 43.24 -83.55
C GLN T 201 78.67 43.12 -82.24
N PRO T 202 77.51 43.78 -82.14
CA PRO T 202 76.72 43.68 -80.90
C PRO T 202 76.26 42.27 -80.58
N VAL T 203 75.73 41.55 -81.58
CA VAL T 203 75.25 40.19 -81.39
C VAL T 203 76.37 39.22 -81.73
N LEU T 204 76.50 38.17 -80.93
CA LEU T 204 77.57 37.19 -81.09
C LEU T 204 77.00 35.79 -81.05
N SER T 205 77.85 34.83 -81.44
CA SER T 205 77.53 33.41 -81.30
C SER T 205 78.25 32.86 -80.08
N GLN T 206 78.10 31.54 -79.86
CA GLN T 206 78.75 30.92 -78.72
C GLN T 206 80.27 30.86 -78.90
N THR T 207 80.72 30.52 -80.12
CA THR T 207 82.16 30.38 -80.36
C THR T 207 82.87 31.73 -80.41
N GLU T 208 82.20 32.77 -80.89
CA GLU T 208 82.84 34.09 -80.97
C GLU T 208 83.12 34.65 -79.58
N ALA T 209 82.17 34.50 -78.66
CA ALA T 209 82.37 34.98 -77.30
C ALA T 209 83.25 34.04 -76.49
N ARG T 210 83.19 32.74 -76.75
CA ARG T 210 83.98 31.78 -75.97
C ARG T 210 85.47 31.91 -76.30
N ASP T 211 85.81 32.20 -77.56
CA ASP T 211 87.21 32.38 -77.92
C ASP T 211 87.81 33.59 -77.20
N LEU T 212 87.04 34.67 -77.07
CA LEU T 212 87.51 35.82 -76.31
C LEU T 212 87.51 35.54 -74.82
N VAL T 213 86.61 34.67 -74.35
CA VAL T 213 86.61 34.26 -72.95
C VAL T 213 87.93 33.56 -72.61
N GLU T 214 88.42 32.72 -73.53
CA GLU T 214 89.72 32.09 -73.34
C GLU T 214 90.82 33.14 -73.22
N ARG T 215 90.71 34.22 -74.01
CA ARG T 215 91.67 35.31 -73.89
C ARG T 215 91.48 36.07 -72.58
N CYS T 216 90.23 36.18 -72.10
CA CYS T 216 89.99 36.85 -70.83
C CYS T 216 90.61 36.08 -69.67
N MET T 217 90.39 34.76 -69.62
CA MET T 217 91.00 33.95 -68.58
C MET T 217 92.51 33.90 -68.73
N ARG T 218 93.01 34.04 -69.96
CA ARG T 218 94.46 34.05 -70.18
C ARG T 218 95.09 35.34 -69.65
N VAL T 219 94.41 36.47 -69.83
CA VAL T 219 94.91 37.73 -69.29
C VAL T 219 94.84 37.72 -67.77
N LEU T 220 93.81 37.09 -67.20
CA LEU T 220 93.73 36.97 -65.75
C LEU T 220 94.90 36.17 -65.19
N TYR T 221 95.41 35.20 -65.95
CA TYR T 221 96.56 34.43 -65.50
C TYR T 221 97.88 35.19 -65.72
N TYR T 222 97.92 36.08 -66.72
CA TYR T 222 99.13 36.78 -67.08
C TYR T 222 99.73 37.59 -65.94
N ARG T 223 99.06 38.67 -65.56
CA ARG T 223 99.63 39.65 -64.63
C ARG T 223 99.22 39.42 -63.17
N ASP T 224 98.37 38.44 -62.90
CA ASP T 224 97.88 38.17 -61.55
C ASP T 224 98.55 36.91 -61.03
N ALA T 225 99.42 37.06 -60.03
CA ALA T 225 100.11 35.92 -59.44
C ALA T 225 99.27 35.20 -58.39
N ARG T 226 98.20 35.81 -57.91
CA ARG T 226 97.34 35.21 -56.91
C ARG T 226 96.24 34.34 -57.52
N SER T 227 96.15 34.28 -58.85
CA SER T 227 95.11 33.51 -59.53
C SER T 227 95.73 32.24 -60.10
N TYR T 228 95.40 31.09 -59.50
CA TYR T 228 95.76 29.81 -60.06
C TYR T 228 94.84 29.50 -61.24
N ASN T 229 95.37 28.77 -62.22
CA ASN T 229 94.63 28.51 -63.45
C ASN T 229 94.06 27.10 -63.41
N ARG T 230 92.76 27.01 -63.10
CA ARG T 230 91.89 25.92 -63.48
C ARG T 230 90.52 26.55 -63.68
N PHE T 231 89.88 26.30 -64.81
CA PHE T 231 88.68 27.09 -65.11
C PHE T 231 87.74 26.30 -65.99
N GLN T 232 86.47 26.71 -65.96
CA GLN T 232 85.42 26.18 -66.79
C GLN T 232 84.78 27.32 -67.59
N ILE T 233 84.07 26.95 -68.65
CA ILE T 233 83.31 27.90 -69.45
C ILE T 233 81.85 27.48 -69.37
N ALA T 234 81.04 28.29 -68.70
CA ALA T 234 79.64 27.98 -68.46
C ALA T 234 78.76 28.85 -69.35
N THR T 235 77.78 28.24 -69.99
CA THR T 235 76.93 28.92 -70.94
C THR T 235 75.50 28.38 -70.83
N VAL T 236 74.53 29.29 -70.85
CA VAL T 236 73.11 28.94 -70.91
C VAL T 236 72.69 28.97 -72.37
N THR T 237 71.83 28.03 -72.76
CA THR T 237 71.38 27.91 -74.14
C THR T 237 69.89 27.59 -74.16
N GLU T 238 69.30 27.69 -75.35
CA GLU T 238 67.91 27.27 -75.52
C GLU T 238 67.74 25.78 -75.30
N LYS T 239 68.82 25.01 -75.34
CA LYS T 239 68.80 23.59 -75.05
C LYS T 239 69.03 23.27 -73.59
N GLY T 240 69.14 24.28 -72.74
CA GLY T 240 69.39 24.11 -71.33
C GLY T 240 70.79 24.59 -70.94
N VAL T 241 70.98 24.72 -69.63
CA VAL T 241 72.23 25.22 -69.06
C VAL T 241 73.23 24.08 -68.97
N GLU T 242 74.46 24.35 -69.38
CA GLU T 242 75.53 23.36 -69.35
C GLU T 242 76.85 24.03 -68.99
N ILE T 243 77.66 23.33 -68.20
CA ILE T 243 78.97 23.81 -67.79
C ILE T 243 80.02 22.86 -68.34
N GLU T 244 81.06 23.41 -68.95
CA GLU T 244 82.11 22.61 -69.55
C GLU T 244 83.05 22.07 -68.48
N GLY T 245 84.09 21.36 -68.92
CA GLY T 245 85.05 20.77 -68.01
C GLY T 245 86.09 21.76 -67.54
N PRO T 246 86.97 21.29 -66.56
CA PRO T 246 88.03 22.15 -65.99
C PRO T 246 89.21 22.33 -66.95
N LEU T 247 89.05 23.25 -67.89
CA LEU T 247 90.09 23.51 -68.87
C LEU T 247 91.25 24.28 -68.24
N SER T 248 92.27 24.56 -69.05
CA SER T 248 93.44 25.28 -68.61
C SER T 248 93.91 26.21 -69.72
N THR T 249 94.33 27.42 -69.34
CA THR T 249 94.79 28.41 -70.30
C THR T 249 96.22 28.11 -70.72
N GLU T 250 96.49 28.27 -72.02
CA GLU T 250 97.83 28.08 -72.57
C GLU T 250 98.43 29.46 -72.86
N THR T 251 99.42 29.85 -72.06
CA THR T 251 100.08 31.13 -72.19
C THR T 251 101.47 30.95 -72.78
N ASN T 252 102.17 32.07 -72.95
CA ASN T 252 103.55 32.07 -73.42
C ASN T 252 104.39 32.90 -72.46
N TRP T 253 105.28 32.25 -71.73
CA TRP T 253 106.20 32.92 -70.81
C TRP T 253 107.58 33.16 -71.42
N ASP T 254 107.78 32.79 -72.68
CA ASP T 254 109.09 32.93 -73.32
C ASP T 254 109.52 34.39 -73.48
N ILE T 255 108.60 35.35 -73.34
CA ILE T 255 108.97 36.75 -73.45
C ILE T 255 109.73 37.25 -72.23
N ALA T 256 109.83 36.45 -71.18
CA ALA T 256 110.57 36.86 -69.99
C ALA T 256 112.08 36.84 -70.22
N HIS T 257 112.56 36.04 -71.16
CA HIS T 257 113.99 35.99 -71.45
C HIS T 257 114.50 37.24 -72.14
N MET T 258 113.61 38.07 -72.69
CA MET T 258 114.03 39.29 -73.37
C MET T 258 114.45 40.34 -72.35
N ILE T 259 115.66 40.90 -72.55
CA ILE T 259 116.18 41.91 -71.65
C ILE T 259 116.15 43.27 -72.33
N GLY U 7 -57.79 -57.10 79.15
CA GLY U 7 -58.41 -58.24 78.51
C GLY U 7 -59.57 -58.82 79.29
N ILE U 8 -60.68 -58.08 79.33
CA ILE U 8 -61.87 -58.52 80.06
C ILE U 8 -62.70 -59.52 79.28
N ILE U 9 -62.42 -59.69 77.98
CA ILE U 9 -63.22 -60.58 77.14
C ILE U 9 -63.01 -62.04 77.52
N SER U 10 -61.98 -62.35 78.30
CA SER U 10 -61.72 -63.72 78.71
C SER U 10 -62.82 -64.27 79.60
N LEU U 11 -63.67 -63.41 80.18
CA LEU U 11 -64.78 -63.87 81.00
C LEU U 11 -65.83 -64.62 80.19
N LEU U 12 -65.87 -64.41 78.88
CA LEU U 12 -66.91 -65.04 78.06
C LEU U 12 -66.70 -66.53 77.87
N ASP U 13 -65.55 -67.07 78.28
CA ASP U 13 -65.31 -68.51 78.14
C ASP U 13 -66.22 -69.32 79.05
N GLU U 14 -66.65 -68.73 80.16
CA GLU U 14 -67.54 -69.41 81.09
C GLU U 14 -68.96 -69.42 80.53
N ASP U 15 -69.72 -70.46 80.89
CA ASP U 15 -70.96 -70.76 80.19
C ASP U 15 -72.07 -69.75 80.49
N GLU U 16 -72.38 -69.54 81.77
CA GLU U 16 -73.62 -68.85 82.13
C GLU U 16 -73.56 -67.39 81.71
N PRO U 17 -74.68 -66.83 81.22
CA PRO U 17 -74.64 -65.47 80.65
C PRO U 17 -74.42 -64.36 81.67
N GLN U 18 -74.62 -64.62 82.96
CA GLN U 18 -74.48 -63.55 83.95
C GLN U 18 -73.06 -63.01 83.99
N LEU U 19 -72.06 -63.85 83.67
CA LEU U 19 -70.70 -63.36 83.56
C LEU U 19 -70.50 -62.52 82.30
N LYS U 20 -71.33 -62.73 81.28
CA LYS U 20 -71.25 -61.90 80.07
C LYS U 20 -71.82 -60.52 80.34
N GLU U 21 -72.97 -60.46 81.02
CA GLU U 21 -73.54 -59.15 81.38
C GLU U 21 -72.62 -58.40 82.32
N PHE U 22 -71.92 -59.11 83.20
CA PHE U 22 -70.93 -58.46 84.04
C PHE U 22 -69.69 -58.06 83.25
N ALA U 23 -69.41 -58.79 82.16
CA ALA U 23 -68.28 -58.42 81.31
C ALA U 23 -68.55 -57.12 80.57
N LEU U 24 -69.71 -57.02 79.91
CA LEU U 24 -70.06 -55.78 79.23
C LEU U 24 -70.27 -54.64 80.23
N HIS U 25 -70.63 -54.96 81.47
CA HIS U 25 -70.67 -53.95 82.52
C HIS U 25 -69.29 -53.42 82.83
N LYS U 26 -68.25 -54.25 82.64
CA LYS U 26 -66.89 -53.76 82.73
C LYS U 26 -66.50 -52.98 81.48
N LEU U 27 -66.99 -53.42 80.31
CA LEU U 27 -66.66 -52.78 79.05
C LEU U 27 -67.08 -51.31 79.05
N ASN U 28 -68.39 -51.05 79.12
CA ASN U 28 -68.93 -49.73 78.83
C ASN U 28 -68.36 -48.62 79.70
N ALA U 29 -67.63 -48.95 80.76
CA ALA U 29 -67.04 -47.95 81.65
C ALA U 29 -65.57 -47.68 81.32
N VAL U 30 -64.71 -48.68 81.49
CA VAL U 30 -63.27 -48.49 81.44
C VAL U 30 -62.72 -48.69 80.03
N VAL U 31 -63.60 -48.86 79.04
CA VAL U 31 -63.19 -49.14 77.67
C VAL U 31 -62.38 -48.00 77.07
N ASN U 32 -62.34 -46.83 77.71
CA ASN U 32 -61.58 -45.70 77.20
C ASN U 32 -60.13 -46.09 76.92
N ASP U 33 -59.47 -46.71 77.91
CA ASP U 33 -58.13 -47.23 77.69
C ASP U 33 -58.14 -48.59 77.02
N PHE U 34 -59.26 -49.31 77.09
CA PHE U 34 -59.39 -50.65 76.53
C PHE U 34 -59.96 -50.65 75.12
N TRP U 35 -60.15 -49.48 74.51
CA TRP U 35 -60.69 -49.39 73.16
C TRP U 35 -59.94 -50.29 72.18
N ALA U 36 -58.62 -50.35 72.31
CA ALA U 36 -57.81 -51.22 71.46
C ALA U 36 -57.63 -52.62 72.02
N GLU U 37 -57.99 -52.84 73.30
CA GLU U 37 -57.76 -54.14 73.92
C GLU U 37 -58.67 -55.23 73.34
N ILE U 38 -59.90 -54.85 72.97
CA ILE U 38 -60.88 -55.84 72.49
C ILE U 38 -60.61 -56.27 71.05
N SER U 39 -59.63 -55.64 70.38
CA SER U 39 -59.40 -55.86 68.96
C SER U 39 -59.26 -57.34 68.61
N GLU U 40 -58.22 -57.99 69.13
CA GLU U 40 -57.96 -59.39 68.79
C GLU U 40 -59.06 -60.32 69.26
N SER U 41 -59.82 -59.93 70.29
CA SER U 41 -60.85 -60.78 70.87
C SER U 41 -62.23 -60.54 70.28
N VAL U 42 -62.35 -59.68 69.26
CA VAL U 42 -63.65 -59.46 68.61
C VAL U 42 -64.21 -60.77 68.11
N ASP U 43 -63.34 -61.68 67.66
CA ASP U 43 -63.80 -62.99 67.23
C ASP U 43 -64.48 -63.75 68.37
N LYS U 44 -64.06 -63.49 69.61
CA LYS U 44 -64.76 -64.06 70.76
C LYS U 44 -66.05 -63.32 71.06
N ILE U 45 -66.13 -62.03 70.70
CA ILE U 45 -67.38 -61.29 70.82
C ILE U 45 -68.41 -61.86 69.86
N GLU U 46 -67.96 -62.42 68.73
CA GLU U 46 -68.88 -63.04 67.78
C GLU U 46 -69.62 -64.22 68.38
N VAL U 47 -69.07 -64.85 69.42
CA VAL U 47 -69.78 -65.94 70.09
C VAL U 47 -71.07 -65.41 70.71
N LEU U 48 -71.03 -64.20 71.27
CA LEU U 48 -72.23 -63.61 71.84
C LEU U 48 -73.13 -63.02 70.75
N TYR U 49 -72.53 -62.46 69.69
CA TYR U 49 -73.33 -61.83 68.64
C TYR U 49 -74.09 -62.84 67.81
N GLU U 50 -73.58 -64.06 67.69
CA GLU U 50 -74.22 -65.11 66.90
C GLU U 50 -75.12 -66.01 67.73
N ASP U 51 -75.21 -65.81 69.04
CA ASP U 51 -76.03 -66.63 69.91
C ASP U 51 -77.38 -65.97 70.13
N GLU U 52 -78.45 -66.63 69.71
CA GLU U 52 -79.79 -66.06 69.85
C GLU U 52 -80.32 -66.21 71.27
N GLY U 53 -79.95 -67.28 71.97
CA GLY U 53 -80.39 -67.48 73.34
C GLY U 53 -79.79 -66.55 74.36
N PHE U 54 -78.90 -65.64 73.94
CA PHE U 54 -78.27 -64.67 74.81
C PHE U 54 -78.99 -63.34 74.65
N ARG U 55 -79.66 -62.91 75.73
CA ARG U 55 -80.52 -61.73 75.64
C ARG U 55 -79.75 -60.43 75.54
N SER U 56 -78.49 -60.41 75.96
CA SER U 56 -77.68 -59.20 75.94
C SER U 56 -76.82 -59.08 74.68
N ARG U 57 -77.01 -59.97 73.70
CA ARG U 57 -76.26 -59.90 72.45
C ARG U 57 -76.38 -58.51 71.80
N GLN U 58 -77.47 -57.81 72.06
CA GLN U 58 -77.60 -56.41 71.62
C GLN U 58 -76.45 -55.57 72.15
N PHE U 59 -76.35 -55.44 73.48
CA PHE U 59 -75.26 -54.67 74.07
C PHE U 59 -73.89 -55.23 73.70
N ALA U 60 -73.82 -56.54 73.42
CA ALA U 60 -72.59 -57.11 72.90
C ALA U 60 -72.23 -56.51 71.55
N ALA U 61 -73.25 -56.21 70.74
CA ALA U 61 -73.01 -55.51 69.48
C ALA U 61 -72.74 -54.03 69.69
N LEU U 62 -73.17 -53.47 70.83
CA LEU U 62 -72.82 -52.08 71.14
C LEU U 62 -71.33 -51.94 71.41
N VAL U 63 -70.79 -52.78 72.30
CA VAL U 63 -69.37 -52.70 72.64
C VAL U 63 -68.52 -53.18 71.46
N ALA U 64 -69.03 -54.14 70.68
CA ALA U 64 -68.33 -54.53 69.46
C ALA U 64 -68.33 -53.41 68.44
N SER U 65 -69.39 -52.59 68.42
CA SER U 65 -69.40 -51.42 67.57
C SER U 65 -68.51 -50.31 68.12
N LYS U 66 -68.22 -50.33 69.42
CA LYS U 66 -67.32 -49.32 70.01
C LYS U 66 -65.86 -49.64 69.68
N VAL U 67 -65.47 -50.91 69.79
CA VAL U 67 -64.10 -51.27 69.45
C VAL U 67 -63.88 -51.16 67.95
N PHE U 68 -64.90 -51.48 67.15
CA PHE U 68 -64.82 -51.24 65.71
C PHE U 68 -64.84 -49.75 65.40
N TYR U 69 -65.43 -48.94 66.27
CA TYR U 69 -65.36 -47.50 66.10
C TYR U 69 -63.94 -46.98 66.34
N HIS U 70 -63.23 -47.60 67.29
CA HIS U 70 -61.84 -47.23 67.55
C HIS U 70 -60.91 -47.80 66.49
N LEU U 71 -61.22 -49.01 65.99
CA LEU U 71 -60.39 -49.64 64.96
C LEU U 71 -60.54 -48.99 63.59
N GLY U 72 -61.54 -48.12 63.41
CA GLY U 72 -61.76 -47.48 62.14
C GLY U 72 -62.79 -48.16 61.25
N ALA U 73 -63.41 -49.24 61.70
CA ALA U 73 -64.43 -49.92 60.92
C ALA U 73 -65.74 -49.16 61.00
N PHE U 74 -66.30 -48.81 59.85
CA PHE U 74 -67.53 -48.02 59.79
C PHE U 74 -68.71 -48.89 59.35
N GLU U 75 -68.71 -49.39 58.11
CA GLU U 75 -69.82 -50.20 57.63
C GLU U 75 -70.02 -51.45 58.49
N GLU U 76 -68.93 -51.99 59.04
CA GLU U 76 -69.06 -53.12 59.96
C GLU U 76 -69.78 -52.69 61.23
N SER U 77 -69.43 -51.51 61.77
CA SER U 77 -70.15 -50.97 62.92
C SER U 77 -71.62 -50.72 62.60
N LEU U 78 -71.95 -50.43 61.34
CA LEU U 78 -73.34 -50.27 60.95
C LEU U 78 -74.06 -51.62 60.92
N ASN U 79 -73.37 -52.68 60.49
CA ASN U 79 -73.97 -54.00 60.50
C ASN U 79 -74.29 -54.46 61.93
N TYR U 80 -73.34 -54.26 62.85
CA TYR U 80 -73.60 -54.57 64.25
C TYR U 80 -74.57 -53.59 64.88
N ALA U 81 -74.69 -52.37 64.34
CA ALA U 81 -75.72 -51.46 64.80
C ALA U 81 -77.10 -51.96 64.44
N LEU U 82 -77.23 -52.66 63.31
CA LEU U 82 -78.51 -53.28 62.96
C LEU U 82 -78.82 -54.45 63.88
N GLY U 83 -77.81 -55.26 64.20
CA GLY U 83 -77.96 -56.35 65.15
C GLY U 83 -77.83 -55.96 66.60
N ALA U 84 -77.84 -54.66 66.90
CA ALA U 84 -77.72 -54.17 68.27
C ALA U 84 -79.06 -53.91 68.93
N GLY U 85 -80.17 -54.19 68.25
CA GLY U 85 -81.49 -54.14 68.84
C GLY U 85 -81.89 -52.75 69.30
N ASP U 86 -82.77 -52.72 70.30
CA ASP U 86 -83.33 -51.47 70.79
C ASP U 86 -82.39 -50.71 71.71
N LEU U 87 -81.53 -51.42 72.46
CA LEU U 87 -80.63 -50.78 73.40
C LEU U 87 -79.58 -49.91 72.74
N PHE U 88 -79.47 -49.95 71.41
CA PHE U 88 -78.49 -49.15 70.70
C PHE U 88 -79.01 -47.73 70.46
N ASN U 89 -80.10 -47.62 69.69
CA ASN U 89 -80.61 -46.32 69.26
C ASN U 89 -81.10 -45.45 70.41
N VAL U 90 -81.28 -46.01 71.61
CA VAL U 90 -81.86 -45.24 72.70
C VAL U 90 -80.85 -44.29 73.33
N ASN U 91 -79.59 -44.73 73.44
CA ASN U 91 -78.56 -43.98 74.15
C ASN U 91 -77.57 -43.38 73.14
N ASP U 92 -77.46 -42.05 73.13
CA ASP U 92 -76.46 -41.36 72.33
C ASP U 92 -75.79 -40.30 73.22
N ASN U 93 -74.49 -40.48 73.45
CA ASN U 93 -73.72 -39.53 74.24
C ASN U 93 -72.30 -39.51 73.71
N SER U 94 -71.46 -38.65 74.31
CA SER U 94 -70.16 -38.30 73.74
C SER U 94 -70.37 -37.92 72.28
N GLU U 95 -69.50 -38.34 71.38
CA GLU U 95 -69.88 -38.47 69.98
C GLU U 95 -69.70 -39.93 69.58
N TYR U 96 -70.79 -40.69 69.60
CA TYR U 96 -70.93 -41.88 68.76
C TYR U 96 -71.93 -41.67 67.63
N VAL U 97 -72.60 -40.53 67.60
CA VAL U 97 -73.81 -40.35 66.81
C VAL U 97 -73.47 -39.87 65.40
N GLU U 98 -72.84 -38.70 65.29
CA GLU U 98 -72.61 -38.07 64.00
C GLU U 98 -71.93 -39.02 63.01
N THR U 99 -71.07 -39.90 63.50
CA THR U 99 -70.40 -40.85 62.62
C THR U 99 -71.37 -41.92 62.13
N ILE U 100 -72.05 -42.60 63.06
CA ILE U 100 -72.91 -43.72 62.66
C ILE U 100 -74.12 -43.23 61.87
N ILE U 101 -74.61 -42.04 62.17
CA ILE U 101 -75.72 -41.50 61.38
C ILE U 101 -75.23 -40.96 60.04
N ALA U 102 -73.96 -40.54 59.94
CA ALA U 102 -73.39 -40.25 58.64
C ALA U 102 -73.27 -41.51 57.80
N LYS U 103 -72.74 -42.58 58.40
CA LYS U 103 -72.67 -43.87 57.70
C LYS U 103 -74.06 -44.42 57.40
N CYS U 104 -75.00 -44.29 58.33
CA CYS U 104 -76.35 -44.81 58.10
C CYS U 104 -77.06 -44.04 57.00
N ILE U 105 -77.07 -42.71 57.07
CA ILE U 105 -77.76 -41.91 56.05
C ILE U 105 -77.10 -42.10 54.69
N ASP U 106 -75.78 -42.08 54.64
CA ASP U 106 -75.04 -42.31 53.39
C ASP U 106 -75.44 -43.63 52.76
N HIS U 107 -75.19 -44.74 53.49
CA HIS U 107 -75.56 -46.05 52.96
C HIS U 107 -77.04 -46.15 52.64
N TYR U 108 -77.89 -45.48 53.44
CA TYR U 108 -79.33 -45.53 53.19
C TYR U 108 -79.69 -44.80 51.90
N THR U 109 -79.17 -43.59 51.71
CA THR U 109 -79.54 -42.81 50.52
C THR U 109 -78.93 -43.41 49.26
N LYS U 110 -77.76 -44.04 49.36
CA LYS U 110 -77.19 -44.71 48.18
C LYS U 110 -77.85 -46.06 47.94
N GLN U 111 -78.43 -46.65 48.98
CA GLN U 111 -79.27 -47.84 48.78
C GLN U 111 -80.60 -47.46 48.16
N CYS U 112 -81.16 -46.32 48.56
CA CYS U 112 -82.39 -45.84 47.94
C CYS U 112 -82.16 -45.44 46.49
N VAL U 113 -81.02 -44.79 46.21
CA VAL U 113 -80.66 -44.50 44.83
C VAL U 113 -80.42 -45.80 44.05
N GLU U 114 -79.86 -46.81 44.72
CA GLU U 114 -79.67 -48.10 44.07
C GLU U 114 -81.01 -48.72 43.69
N ASN U 115 -81.98 -48.68 44.60
CA ASN U 115 -83.30 -49.22 44.33
C ASN U 115 -84.13 -48.33 43.42
N ALA U 116 -83.74 -47.06 43.25
CA ALA U 116 -84.49 -46.14 42.39
C ALA U 116 -84.19 -46.30 40.92
N ASP U 117 -83.09 -46.99 40.57
CA ASP U 117 -82.73 -47.21 39.17
C ASP U 117 -83.27 -48.52 38.62
N LEU U 118 -83.96 -49.31 39.44
CA LEU U 118 -84.46 -50.62 39.03
C LEU U 118 -85.56 -50.56 37.97
N PRO U 119 -86.56 -49.67 38.12
CA PRO U 119 -87.04 -48.86 39.24
C PRO U 119 -87.81 -49.66 40.29
N GLU U 120 -88.46 -50.74 39.87
CA GLU U 120 -89.41 -51.47 40.71
C GLU U 120 -89.09 -52.96 40.67
N GLY U 121 -89.36 -53.62 41.79
CA GLY U 121 -89.16 -55.06 41.91
C GLY U 121 -87.72 -55.41 42.26
N GLU U 122 -87.56 -56.58 42.89
CA GLU U 122 -86.28 -57.19 43.25
C GLU U 122 -85.51 -56.37 44.28
N LYS U 123 -86.04 -55.23 44.72
CA LYS U 123 -85.32 -54.28 45.56
C LYS U 123 -84.71 -54.96 46.79
N LYS U 124 -83.51 -54.51 47.15
CA LYS U 124 -82.79 -55.10 48.26
C LYS U 124 -83.56 -54.91 49.57
N PRO U 125 -83.37 -55.81 50.53
CA PRO U 125 -84.07 -55.65 51.82
C PRO U 125 -83.53 -54.46 52.60
N ILE U 126 -84.44 -53.76 53.27
CA ILE U 126 -84.11 -52.59 54.07
C ILE U 126 -84.55 -52.87 55.51
N ASP U 127 -83.59 -52.85 56.44
CA ASP U 127 -83.90 -53.11 57.83
C ASP U 127 -84.72 -51.97 58.41
N GLN U 128 -85.65 -52.33 59.30
CA GLN U 128 -86.54 -51.35 59.90
C GLN U 128 -85.83 -50.43 60.90
N ARG U 129 -84.69 -50.84 61.43
CA ARG U 129 -83.99 -50.02 62.42
C ARG U 129 -83.19 -48.91 61.76
N LEU U 130 -82.51 -49.21 60.64
CA LEU U 130 -81.75 -48.18 59.96
C LEU U 130 -82.65 -47.09 59.39
N GLU U 131 -83.80 -47.47 58.84
CA GLU U 131 -84.82 -46.49 58.47
C GLU U 131 -85.61 -46.00 59.67
N GLY U 132 -85.56 -46.72 60.80
CA GLY U 132 -86.19 -46.24 62.01
C GLY U 132 -85.49 -45.00 62.55
N ILE U 133 -84.16 -45.04 62.64
CA ILE U 133 -83.40 -43.85 63.07
C ILE U 133 -83.38 -42.77 62.01
N VAL U 134 -83.96 -43.01 60.84
CA VAL U 134 -84.10 -41.95 59.85
C VAL U 134 -85.16 -40.96 60.29
N ASN U 135 -86.41 -41.42 60.39
CA ASN U 135 -87.50 -40.52 60.76
C ASN U 135 -87.48 -40.21 62.25
N LYS U 136 -86.90 -41.09 63.07
CA LYS U 136 -86.82 -40.84 64.51
C LYS U 136 -85.84 -39.72 64.81
N MET U 137 -84.64 -39.79 64.22
CA MET U 137 -83.70 -38.68 64.35
C MET U 137 -84.18 -37.46 63.58
N PHE U 138 -85.04 -37.66 62.57
CA PHE U 138 -85.64 -36.53 61.88
C PHE U 138 -86.64 -35.79 62.76
N GLN U 139 -87.11 -36.41 63.84
CA GLN U 139 -87.93 -35.69 64.81
C GLN U 139 -87.17 -34.51 65.41
N ARG U 140 -85.84 -34.58 65.46
CA ARG U 140 -85.05 -33.42 65.82
C ARG U 140 -85.26 -32.28 64.82
N CYS U 141 -85.38 -32.61 63.53
CA CYS U 141 -85.64 -31.60 62.52
C CYS U 141 -87.08 -31.10 62.60
N LEU U 142 -88.01 -31.98 63.00
CA LEU U 142 -89.42 -31.59 63.09
C LEU U 142 -89.70 -30.77 64.34
N ASP U 143 -89.11 -31.17 65.47
CA ASP U 143 -89.38 -30.47 66.72
C ASP U 143 -88.66 -29.13 66.80
N ASP U 144 -87.40 -29.08 66.37
CA ASP U 144 -86.64 -27.84 66.43
C ASP U 144 -87.08 -26.83 65.37
N HIS U 145 -87.96 -27.23 64.44
CA HIS U 145 -88.53 -26.34 63.43
C HIS U 145 -87.42 -25.72 62.56
N LYS U 146 -86.56 -26.56 62.02
CA LYS U 146 -85.51 -26.15 61.10
C LYS U 146 -85.87 -26.69 59.72
N TYR U 147 -86.28 -25.80 58.81
CA TYR U 147 -86.69 -26.23 57.48
C TYR U 147 -85.51 -26.47 56.55
N LYS U 148 -84.38 -25.78 56.79
CA LYS U 148 -83.23 -25.91 55.91
C LYS U 148 -82.64 -27.32 55.99
N GLN U 149 -82.43 -27.82 57.21
CA GLN U 149 -81.92 -29.18 57.35
C GLN U 149 -82.98 -30.22 57.05
N ALA U 150 -84.23 -29.94 57.41
CA ALA U 150 -85.31 -30.89 57.13
C ALA U 150 -85.45 -31.17 55.64
N ILE U 151 -85.45 -30.11 54.83
CA ILE U 151 -85.51 -30.30 53.38
C ILE U 151 -84.20 -30.86 52.86
N GLY U 152 -83.11 -30.72 53.61
CA GLY U 152 -81.84 -31.32 53.24
C GLY U 152 -81.88 -32.83 53.28
N ILE U 153 -82.26 -33.39 54.43
CA ILE U 153 -82.41 -34.84 54.54
C ILE U 153 -83.56 -35.32 53.65
N ALA U 154 -84.61 -34.52 53.51
CA ALA U 154 -85.70 -34.87 52.60
C ALA U 154 -85.20 -35.03 51.17
N LEU U 155 -84.17 -34.28 50.78
CA LEU U 155 -83.56 -34.47 49.49
C LEU U 155 -82.63 -35.69 49.48
N GLU U 156 -82.09 -36.06 50.63
CA GLU U 156 -81.17 -37.19 50.69
C GLU U 156 -81.90 -38.51 50.51
N THR U 157 -83.02 -38.69 51.21
CA THR U 157 -83.70 -39.99 51.23
C THR U 157 -84.16 -40.45 49.86
N ARG U 158 -84.34 -39.52 48.90
CA ARG U 158 -84.74 -39.84 47.54
C ARG U 158 -86.08 -40.59 47.50
N ARG U 159 -86.93 -40.37 48.50
CA ARG U 159 -88.22 -41.04 48.58
C ARG U 159 -89.31 -40.00 48.78
N LEU U 160 -90.49 -40.27 48.22
CA LEU U 160 -91.56 -39.30 48.17
C LEU U 160 -92.50 -39.35 49.37
N ASP U 161 -92.39 -40.38 50.23
CA ASP U 161 -93.32 -40.48 51.35
C ASP U 161 -92.91 -39.58 52.51
N VAL U 162 -91.73 -39.83 53.09
CA VAL U 162 -91.24 -38.98 54.17
C VAL U 162 -91.04 -37.54 53.68
N PHE U 163 -90.73 -37.36 52.39
CA PHE U 163 -90.63 -36.02 51.84
C PHE U 163 -92.00 -35.36 51.78
N GLU U 164 -93.05 -36.13 51.51
CA GLU U 164 -94.41 -35.59 51.57
C GLU U 164 -94.77 -35.17 52.98
N LYS U 165 -94.14 -35.78 53.98
CA LYS U 165 -94.33 -35.36 55.37
C LYS U 165 -93.55 -34.10 55.69
N THR U 166 -92.40 -33.90 55.04
CA THR U 166 -91.61 -32.69 55.26
C THR U 166 -92.34 -31.46 54.73
N ILE U 167 -92.92 -31.56 53.53
CA ILE U 167 -93.71 -30.45 53.00
C ILE U 167 -95.02 -30.29 53.75
N LEU U 168 -95.41 -31.29 54.53
CA LEU U 168 -96.63 -31.23 55.33
C LEU U 168 -96.38 -30.74 56.75
N GLU U 169 -95.15 -30.37 57.09
CA GLU U 169 -94.86 -29.91 58.43
C GLU U 169 -95.56 -28.57 58.70
N SER U 170 -95.72 -28.26 59.98
CA SER U 170 -96.60 -27.19 60.39
C SER U 170 -95.99 -25.81 60.06
N ASN U 171 -96.76 -24.79 60.39
CA ASN U 171 -96.44 -23.36 60.16
C ASN U 171 -96.16 -23.15 58.67
N ASP U 172 -95.21 -22.29 58.32
CA ASP U 172 -94.88 -21.94 56.94
C ASP U 172 -93.43 -21.44 56.91
N VAL U 173 -92.65 -21.63 55.85
CA VAL U 173 -92.90 -22.35 54.58
C VAL U 173 -94.15 -21.93 53.78
N PRO U 174 -94.38 -20.62 53.58
CA PRO U 174 -95.50 -20.22 52.70
C PRO U 174 -95.25 -20.56 51.25
N GLY U 175 -94.13 -20.07 50.71
CA GLY U 175 -93.72 -20.34 49.35
C GLY U 175 -92.43 -21.13 49.23
N MET U 176 -91.89 -21.61 50.35
CA MET U 176 -90.51 -22.08 50.37
C MET U 176 -90.26 -23.30 49.50
N LEU U 177 -91.29 -24.01 49.06
CA LEU U 177 -91.08 -25.13 48.15
C LEU U 177 -90.57 -24.66 46.80
N ALA U 178 -90.94 -23.45 46.39
CA ALA U 178 -90.50 -22.89 45.11
C ALA U 178 -88.99 -22.82 45.02
N TYR U 179 -88.36 -21.99 45.87
CA TYR U 179 -86.91 -21.84 45.82
C TYR U 179 -86.19 -23.08 46.35
N SER U 180 -86.88 -23.95 47.08
CA SER U 180 -86.29 -25.23 47.43
C SER U 180 -86.10 -26.09 46.19
N LEU U 181 -87.07 -26.07 45.29
CA LEU U 181 -86.90 -26.73 43.99
C LEU U 181 -85.80 -26.07 43.18
N LYS U 182 -85.57 -24.77 43.37
CA LYS U 182 -84.42 -24.11 42.77
C LYS U 182 -83.13 -24.71 43.31
N LEU U 183 -83.10 -25.01 44.62
CA LEU U 183 -81.94 -25.72 45.18
C LEU U 183 -81.85 -27.13 44.62
N CYS U 184 -82.98 -27.82 44.52
CA CYS U 184 -83.02 -29.16 43.94
C CYS U 184 -82.45 -29.15 42.52
N MET U 185 -83.12 -28.42 41.61
CA MET U 185 -82.70 -28.38 40.22
C MET U 185 -81.25 -27.94 40.08
N SER U 186 -80.75 -27.11 41.00
CA SER U 186 -79.35 -26.70 40.95
C SER U 186 -78.42 -27.89 41.18
N LEU U 187 -78.70 -28.69 42.20
CA LEU U 187 -77.89 -29.88 42.50
C LEU U 187 -78.45 -31.15 41.88
N MET U 188 -79.52 -31.05 41.10
CA MET U 188 -80.15 -32.24 40.54
C MET U 188 -79.20 -32.98 39.60
N GLN U 189 -79.25 -34.31 39.65
CA GLN U 189 -78.38 -35.15 38.82
C GLN U 189 -79.10 -35.52 37.51
N ASN U 190 -80.20 -36.27 37.61
CA ASN U 190 -80.92 -36.74 36.46
C ASN U 190 -82.40 -36.39 36.60
N LYS U 191 -83.12 -36.48 35.48
CA LYS U 191 -84.54 -36.13 35.43
C LYS U 191 -85.45 -37.28 35.84
N GLN U 192 -84.89 -38.44 36.20
CA GLN U 192 -85.69 -39.60 36.58
C GLN U 192 -86.62 -39.30 37.75
N PHE U 193 -86.06 -39.08 38.93
CA PHE U 193 -86.85 -38.79 40.12
C PHE U 193 -87.14 -37.31 40.31
N ARG U 194 -86.50 -36.44 39.53
CA ARG U 194 -86.74 -35.01 39.65
C ARG U 194 -88.21 -34.67 39.42
N ASN U 195 -88.71 -34.92 38.21
CA ASN U 195 -90.09 -34.60 37.89
C ASN U 195 -91.08 -35.38 38.74
N LYS U 196 -90.68 -36.56 39.22
CA LYS U 196 -91.56 -37.34 40.09
C LYS U 196 -91.73 -36.66 41.45
N VAL U 197 -90.69 -36.01 41.96
CA VAL U 197 -90.82 -35.22 43.17
C VAL U 197 -91.52 -33.90 42.87
N LEU U 198 -91.32 -33.34 41.69
CA LEU U 198 -91.91 -32.05 41.34
C LEU U 198 -93.42 -32.16 41.13
N ARG U 199 -93.90 -33.26 40.57
CA ARG U 199 -95.30 -33.36 40.19
C ARG U 199 -96.23 -33.34 41.40
N VAL U 200 -95.77 -33.86 42.54
CA VAL U 200 -96.62 -33.86 43.74
C VAL U 200 -96.60 -32.53 44.46
N LEU U 201 -95.58 -31.69 44.22
CA LEU U 201 -95.50 -30.42 44.93
C LEU U 201 -96.51 -29.41 44.41
N VAL U 202 -96.81 -29.45 43.10
CA VAL U 202 -97.85 -28.57 42.58
C VAL U 202 -99.23 -29.07 43.01
N LYS U 203 -99.35 -30.35 43.34
CA LYS U 203 -100.62 -30.87 43.83
C LYS U 203 -100.86 -30.44 45.28
N ILE U 204 -99.81 -30.43 46.09
CA ILE U 204 -99.95 -29.96 47.46
C ILE U 204 -100.12 -28.45 47.52
N TYR U 205 -99.72 -27.73 46.46
CA TYR U 205 -100.04 -26.31 46.37
C TYR U 205 -101.48 -26.09 45.93
N MET U 206 -102.04 -27.01 45.16
CA MET U 206 -103.47 -26.96 44.85
C MET U 206 -104.31 -27.30 46.07
N ASN U 207 -103.81 -28.19 46.94
CA ASN U 207 -104.49 -28.48 48.19
C ASN U 207 -104.26 -27.42 49.25
N LEU U 208 -103.28 -26.55 49.05
CA LEU U 208 -103.01 -25.48 49.99
C LEU U 208 -104.06 -24.37 49.86
N GLU U 209 -104.26 -23.64 50.96
CA GLU U 209 -105.33 -22.65 50.99
C GLU U 209 -105.03 -21.46 50.09
N LYS U 210 -103.76 -21.02 50.06
CA LYS U 210 -103.36 -19.89 49.23
C LYS U 210 -102.81 -20.42 47.90
N PRO U 211 -103.51 -20.23 46.79
CA PRO U 211 -102.97 -20.68 45.50
C PRO U 211 -101.83 -19.80 45.03
N ASP U 212 -100.82 -20.44 44.44
CA ASP U 212 -99.65 -19.73 43.94
C ASP U 212 -99.29 -20.30 42.57
N PHE U 213 -99.21 -19.42 41.57
CA PHE U 213 -98.98 -19.84 40.19
C PHE U 213 -97.50 -19.89 39.82
N ILE U 214 -96.60 -19.48 40.71
CA ILE U 214 -95.18 -19.56 40.38
C ILE U 214 -94.65 -20.98 40.54
N ASN U 215 -95.29 -21.80 41.38
CA ASN U 215 -94.87 -23.18 41.52
C ASN U 215 -95.35 -24.02 40.33
N VAL U 216 -96.59 -23.81 39.89
CA VAL U 216 -97.06 -24.45 38.67
C VAL U 216 -96.37 -23.87 37.45
N CYS U 217 -95.83 -22.66 37.56
CA CYS U 217 -94.97 -22.12 36.51
C CYS U 217 -93.64 -22.85 36.48
N GLN U 218 -93.10 -23.19 37.66
CA GLN U 218 -91.84 -23.91 37.72
C GLN U 218 -91.96 -25.30 37.13
N CYS U 219 -93.08 -26.00 37.43
CA CYS U 219 -93.28 -27.32 36.86
C CYS U 219 -93.63 -27.24 35.38
N LEU U 220 -94.26 -26.14 34.94
CA LEU U 220 -94.57 -25.97 33.53
C LEU U 220 -93.31 -25.91 32.69
N ILE U 221 -92.25 -25.30 33.23
CA ILE U 221 -90.97 -25.18 32.53
C ILE U 221 -89.99 -26.28 32.91
N PHE U 222 -90.35 -27.16 33.84
CA PHE U 222 -89.49 -28.24 34.28
C PHE U 222 -90.09 -29.61 33.96
N LEU U 223 -91.25 -29.94 34.53
CA LEU U 223 -91.89 -31.21 34.22
C LEU U 223 -92.20 -31.33 32.73
N ASP U 224 -92.58 -30.22 32.09
CA ASP U 224 -92.80 -30.07 30.65
C ASP U 224 -93.46 -31.28 30.00
N ASP U 225 -94.72 -31.55 30.37
CA ASP U 225 -95.50 -32.60 29.74
C ASP U 225 -96.73 -32.02 29.07
N PRO U 226 -97.16 -32.56 27.92
CA PRO U 226 -98.21 -31.89 27.15
C PRO U 226 -99.57 -31.90 27.85
N GLN U 227 -99.90 -32.96 28.58
CA GLN U 227 -101.24 -33.04 29.16
C GLN U 227 -101.39 -32.20 30.42
N ALA U 228 -100.29 -31.95 31.15
CA ALA U 228 -100.41 -31.25 32.42
C ALA U 228 -100.84 -29.80 32.24
N VAL U 229 -100.31 -29.13 31.22
CA VAL U 229 -100.70 -27.75 30.98
C VAL U 229 -102.16 -27.68 30.54
N SER U 230 -102.63 -28.71 29.84
CA SER U 230 -104.04 -28.78 29.50
C SER U 230 -104.90 -29.08 30.73
N ASP U 231 -104.31 -29.74 31.73
CA ASP U 231 -105.06 -30.05 32.95
C ASP U 231 -105.18 -28.82 33.84
N ILE U 232 -104.08 -28.09 34.00
CA ILE U 232 -104.09 -26.94 34.92
C ILE U 232 -104.92 -25.80 34.35
N LEU U 233 -104.89 -25.62 33.02
CA LEU U 233 -105.64 -24.53 32.42
C LEU U 233 -107.12 -24.88 32.29
N GLU U 234 -107.43 -26.14 32.03
CA GLU U 234 -108.82 -26.59 32.12
C GLU U 234 -109.38 -26.36 33.51
N LYS U 235 -108.54 -26.51 34.54
CA LYS U 235 -108.94 -26.13 35.88
C LYS U 235 -109.03 -24.62 36.04
N LEU U 236 -108.32 -23.84 35.21
CA LEU U 236 -108.45 -22.39 35.24
C LEU U 236 -109.74 -21.94 34.58
N VAL U 237 -110.10 -22.57 33.46
CA VAL U 237 -111.38 -22.27 32.82
C VAL U 237 -112.53 -22.77 33.69
N LYS U 238 -112.35 -23.92 34.34
CA LYS U 238 -113.36 -24.41 35.28
C LYS U 238 -113.47 -23.49 36.49
N GLU U 239 -112.33 -22.94 36.94
CA GLU U 239 -112.32 -21.99 38.05
C GLU U 239 -112.84 -20.61 37.63
N ASP U 240 -113.06 -20.38 36.34
CA ASP U 240 -113.44 -19.07 35.82
C ASP U 240 -112.41 -18.01 36.19
N ASN U 241 -111.15 -18.33 35.90
CA ASN U 241 -110.03 -17.47 36.24
C ASN U 241 -109.68 -16.59 35.03
N LEU U 242 -109.50 -15.29 35.27
CA LEU U 242 -109.16 -14.35 34.23
C LEU U 242 -107.95 -13.50 34.61
N LEU U 243 -108.09 -12.71 35.68
CA LEU U 243 -107.07 -11.72 36.03
C LEU U 243 -105.76 -12.39 36.40
N MET U 244 -105.77 -13.29 37.39
CA MET U 244 -104.53 -13.84 37.91
C MET U 244 -103.95 -14.97 37.07
N ALA U 245 -104.76 -15.60 36.20
CA ALA U 245 -104.22 -16.55 35.25
C ALA U 245 -103.44 -15.88 34.12
N TYR U 246 -103.52 -14.56 34.02
CA TYR U 246 -102.80 -13.82 32.99
C TYR U 246 -101.29 -14.04 33.11
N GLN U 247 -100.78 -14.11 34.35
CA GLN U 247 -99.36 -14.40 34.58
C GLN U 247 -98.97 -15.75 33.99
N ILE U 248 -99.51 -16.84 34.56
CA ILE U 248 -99.11 -18.19 34.18
C ILE U 248 -99.36 -18.44 32.69
N CYS U 249 -100.36 -17.77 32.11
CA CYS U 249 -100.65 -17.96 30.69
C CYS U 249 -99.53 -17.38 29.82
N PHE U 250 -99.01 -16.21 30.20
CA PHE U 250 -97.89 -15.65 29.45
C PHE U 250 -96.58 -16.38 29.73
N ASP U 251 -96.41 -16.90 30.95
CA ASP U 251 -95.28 -17.78 31.20
C ASP U 251 -95.37 -19.04 30.34
N LEU U 252 -96.59 -19.49 30.04
CA LEU U 252 -96.76 -20.60 29.12
C LEU U 252 -96.32 -20.23 27.71
N TYR U 253 -96.73 -19.06 27.23
CA TYR U 253 -96.31 -18.63 25.90
C TYR U 253 -94.81 -18.36 25.85
N GLU U 254 -94.31 -17.53 26.76
CA GLU U 254 -92.90 -17.17 26.77
C GLU U 254 -92.00 -18.39 26.95
N SER U 255 -92.10 -19.04 28.11
CA SER U 255 -91.06 -19.96 28.58
C SER U 255 -91.29 -21.42 28.18
N ALA U 256 -92.30 -21.71 27.38
CA ALA U 256 -92.58 -23.08 26.98
C ALA U 256 -92.44 -23.27 25.47
N SER U 257 -92.22 -24.51 25.08
CA SER U 257 -91.98 -24.85 23.68
C SER U 257 -93.24 -24.66 22.84
N GLN U 258 -93.04 -24.59 21.52
CA GLN U 258 -94.16 -24.40 20.62
C GLN U 258 -95.12 -25.59 20.65
N GLN U 259 -94.59 -26.81 20.65
CA GLN U 259 -95.46 -27.98 20.76
C GLN U 259 -96.21 -27.99 22.09
N PHE U 260 -95.60 -27.43 23.14
CA PHE U 260 -96.31 -27.24 24.40
C PHE U 260 -97.51 -26.31 24.22
N LEU U 261 -97.35 -25.28 23.38
CA LEU U 261 -98.48 -24.41 23.07
C LEU U 261 -99.48 -25.11 22.17
N SER U 262 -98.99 -25.93 21.23
CA SER U 262 -99.90 -26.68 20.37
C SER U 262 -100.68 -27.72 21.15
N SER U 263 -100.10 -28.26 22.23
CA SER U 263 -100.78 -29.27 23.03
C SER U 263 -101.87 -28.64 23.89
N VAL U 264 -101.58 -27.47 24.48
CA VAL U 264 -102.56 -26.86 25.37
C VAL U 264 -103.74 -26.28 24.57
N ILE U 265 -103.47 -25.78 23.37
CA ILE U 265 -104.57 -25.25 22.56
C ILE U 265 -105.38 -26.40 21.95
N GLN U 266 -104.78 -27.57 21.79
CA GLN U 266 -105.48 -28.70 21.20
C GLN U 266 -106.54 -29.25 22.15
N ASN U 267 -106.17 -29.46 23.41
CA ASN U 267 -107.12 -29.99 24.39
C ASN U 267 -108.05 -28.92 24.95
N LEU U 268 -107.68 -27.65 24.86
CA LEU U 268 -108.54 -26.59 25.36
C LEU U 268 -109.72 -26.32 24.44
N ARG U 269 -109.46 -26.16 23.15
CA ARG U 269 -110.51 -25.81 22.20
C ARG U 269 -111.46 -26.96 21.90
N THR U 270 -111.17 -28.17 22.37
CA THR U 270 -112.03 -29.31 22.15
C THR U 270 -113.29 -29.23 23.00
N ASP U 320 -114.38 -13.96 24.21
CA ASP U 320 -113.86 -13.61 25.52
C ASP U 320 -112.60 -14.41 25.84
N GLN U 321 -112.72 -15.41 26.71
CA GLN U 321 -111.57 -16.23 27.05
C GLN U 321 -111.18 -17.17 25.91
N THR U 322 -112.13 -17.50 25.03
CA THR U 322 -111.80 -18.31 23.86
C THR U 322 -110.95 -17.52 22.87
N LEU U 323 -111.25 -16.23 22.70
CA LEU U 323 -110.38 -15.38 21.90
C LEU U 323 -109.15 -14.94 22.69
N LYS U 324 -109.24 -14.93 24.02
CA LYS U 324 -108.08 -14.58 24.84
C LYS U 324 -106.97 -15.61 24.67
N MET U 325 -107.30 -16.90 24.81
CA MET U 325 -106.28 -17.93 24.66
C MET U 325 -105.65 -17.92 23.28
N ILE U 326 -106.40 -17.47 22.26
CA ILE U 326 -105.81 -17.32 20.94
C ILE U 326 -104.82 -16.16 20.91
N LYS U 327 -105.17 -15.05 21.56
CA LYS U 327 -104.28 -13.89 21.57
C LYS U 327 -103.03 -14.17 22.40
N ILE U 328 -103.16 -14.89 23.51
CA ILE U 328 -102.02 -15.11 24.39
C ILE U 328 -101.08 -16.18 23.83
N LEU U 329 -101.62 -17.20 23.16
CA LEU U 329 -100.77 -18.25 22.62
C LEU U 329 -100.11 -17.84 21.32
N SER U 330 -100.76 -16.96 20.54
CA SER U 330 -100.13 -16.45 19.32
C SER U 330 -99.09 -15.39 19.63
N GLY U 331 -99.26 -14.66 20.73
CA GLY U 331 -98.30 -13.64 21.11
C GLY U 331 -98.25 -12.44 20.19
N GLU U 332 -99.39 -12.08 19.58
CA GLU U 332 -99.42 -10.93 18.67
C GLU U 332 -99.35 -9.62 19.45
N MET U 333 -100.05 -9.54 20.59
CA MET U 333 -100.00 -8.33 21.39
C MET U 333 -98.59 -8.05 21.89
N ALA U 334 -97.81 -9.10 22.15
CA ALA U 334 -96.42 -8.89 22.56
C ALA U 334 -95.59 -8.32 21.42
N ILE U 335 -95.93 -8.64 20.18
CA ILE U 335 -95.19 -8.11 19.04
C ILE U 335 -95.55 -6.64 18.80
N GLU U 336 -96.82 -6.29 18.98
CA GLU U 336 -97.24 -4.90 18.74
C GLU U 336 -96.70 -3.98 19.84
N LEU U 337 -96.74 -4.41 21.10
CA LEU U 337 -96.17 -3.60 22.16
C LEU U 337 -94.65 -3.53 22.05
N HIS U 338 -94.02 -4.59 21.56
CA HIS U 338 -92.59 -4.55 21.31
C HIS U 338 -92.25 -3.59 20.18
N LEU U 339 -93.08 -3.58 19.13
CA LEU U 339 -92.90 -2.62 18.04
C LEU U 339 -93.03 -1.19 18.53
N GLN U 340 -94.07 -0.92 19.32
CA GLN U 340 -94.24 0.43 19.86
C GLN U 340 -93.15 0.77 20.86
N PHE U 341 -92.66 -0.24 21.59
CA PHE U 341 -91.54 -0.02 22.52
C PHE U 341 -90.27 0.34 21.78
N LEU U 342 -90.05 -0.27 20.61
CA LEU U 342 -88.82 -0.03 19.87
C LEU U 342 -88.85 1.28 19.10
N ILE U 343 -90.01 1.71 18.61
CA ILE U 343 -90.07 2.93 17.84
C ILE U 343 -90.08 4.16 18.75
N ARG U 344 -90.74 4.07 19.91
CA ARG U 344 -90.83 5.22 20.81
C ARG U 344 -89.54 5.42 21.60
N ASN U 345 -88.99 4.34 22.17
CA ASN U 345 -87.86 4.41 23.08
C ASN U 345 -86.51 4.25 22.40
N ASN U 346 -86.48 4.20 21.06
CA ASN U 346 -85.25 3.93 20.34
C ASN U 346 -84.19 4.98 20.67
N ASN U 347 -83.02 4.52 21.10
CA ASN U 347 -81.86 5.37 21.34
C ASN U 347 -80.73 4.86 20.45
N THR U 348 -80.34 5.65 19.46
CA THR U 348 -79.28 5.28 18.53
C THR U 348 -78.42 6.50 18.24
N ASP U 349 -77.24 6.23 17.66
CA ASP U 349 -76.31 7.28 17.25
C ASP U 349 -75.89 7.02 15.82
N LEU U 350 -76.23 7.95 14.92
CA LEU U 350 -75.91 7.78 13.51
C LEU U 350 -74.47 8.14 13.20
N MET U 351 -73.80 8.91 14.07
CA MET U 351 -72.44 9.36 13.80
C MET U 351 -71.50 8.18 13.59
N ILE U 352 -71.61 7.15 14.43
CA ILE U 352 -70.76 5.98 14.28
C ILE U 352 -71.09 5.25 12.98
N LEU U 353 -72.37 5.21 12.61
CA LEU U 353 -72.75 4.56 11.36
C LEU U 353 -72.22 5.32 10.15
N LYS U 354 -72.06 6.64 10.27
CA LYS U 354 -71.49 7.42 9.18
C LYS U 354 -69.97 7.26 9.11
N ASN U 355 -69.31 7.15 10.27
CA ASN U 355 -67.87 6.96 10.27
C ASN U 355 -67.48 5.59 9.70
N THR U 356 -68.34 4.59 9.86
CA THR U 356 -68.12 3.31 9.20
C THR U 356 -68.57 3.34 7.75
N LYS U 357 -69.58 4.15 7.44
CA LYS U 357 -70.05 4.29 6.06
C LYS U 357 -68.94 4.75 5.13
N ASP U 358 -68.42 5.96 5.37
CA ASP U 358 -67.49 6.60 4.44
C ASP U 358 -66.16 5.87 4.31
N ALA U 359 -65.91 4.84 5.12
CA ALA U 359 -64.70 4.04 4.97
C ALA U 359 -64.64 3.41 3.58
N VAL U 360 -65.71 2.74 3.18
CA VAL U 360 -65.88 2.17 1.84
C VAL U 360 -64.71 1.25 1.50
N ARG U 361 -64.46 0.26 2.36
CA ARG U 361 -63.49 -0.79 2.06
C ARG U 361 -64.18 -1.92 1.32
N ASN U 362 -63.54 -2.38 0.23
CA ASN U 362 -64.18 -3.29 -0.71
C ASN U 362 -64.22 -4.73 -0.20
N SER U 363 -63.55 -5.06 0.90
CA SER U 363 -63.44 -6.42 1.38
C SER U 363 -64.19 -6.58 2.70
N VAL U 364 -65.08 -7.57 2.73
CA VAL U 364 -65.70 -8.08 3.96
C VAL U 364 -66.61 -7.04 4.61
N CYS U 365 -66.52 -5.79 4.17
CA CYS U 365 -67.37 -4.74 4.71
C CYS U 365 -68.80 -4.83 4.21
N HIS U 366 -69.06 -5.66 3.21
CA HIS U 366 -70.40 -5.79 2.65
C HIS U 366 -71.43 -6.13 3.72
N THR U 367 -71.17 -7.18 4.49
CA THR U 367 -72.09 -7.56 5.56
C THR U 367 -71.89 -6.70 6.81
N ALA U 368 -70.71 -6.10 6.97
CA ALA U 368 -70.31 -5.45 8.21
C ALA U 368 -71.30 -4.38 8.69
N THR U 369 -71.41 -3.28 7.95
CA THR U 369 -72.20 -2.14 8.42
C THR U 369 -73.68 -2.49 8.49
N VAL U 370 -74.19 -3.22 7.49
CA VAL U 370 -75.63 -3.51 7.46
C VAL U 370 -76.04 -4.44 8.60
N ILE U 371 -75.20 -5.40 8.97
CA ILE U 371 -75.58 -6.30 10.05
C ILE U 371 -75.42 -5.62 11.40
N ALA U 372 -74.54 -4.62 11.48
CA ALA U 372 -74.33 -3.92 12.75
C ALA U 372 -75.48 -2.96 13.03
N ASN U 373 -75.87 -2.15 12.06
CA ASN U 373 -76.97 -1.24 12.25
C ASN U 373 -78.32 -1.93 12.21
N SER U 374 -78.39 -3.13 11.62
CA SER U 374 -79.60 -3.93 11.71
C SER U 374 -79.83 -4.46 13.11
N PHE U 375 -78.76 -4.61 13.91
CA PHE U 375 -78.91 -5.05 15.29
C PHE U 375 -79.49 -3.94 16.15
N MET U 376 -78.76 -2.82 16.24
CA MET U 376 -79.18 -1.72 17.11
C MET U 376 -80.56 -1.19 16.75
N HIS U 377 -80.95 -1.24 15.47
CA HIS U 377 -82.20 -0.68 15.02
C HIS U 377 -83.34 -1.70 14.94
N CYS U 378 -83.13 -2.92 15.42
CA CYS U 378 -84.10 -4.00 15.24
C CYS U 378 -85.51 -3.57 15.62
N GLY U 379 -86.46 -3.81 14.71
CA GLY U 379 -87.86 -3.58 14.98
C GLY U 379 -88.35 -2.16 14.82
N THR U 380 -87.52 -1.26 14.28
CA THR U 380 -87.94 0.15 14.19
C THR U 380 -88.85 0.42 12.99
N THR U 381 -88.63 -0.28 11.86
CA THR U 381 -89.43 -0.14 10.65
C THR U 381 -89.26 1.24 10.02
N SER U 382 -88.51 2.11 10.68
CA SER U 382 -88.31 3.50 10.29
C SER U 382 -87.11 3.72 9.37
N ASP U 383 -86.50 2.64 8.88
CA ASP U 383 -85.12 2.67 8.39
C ASP U 383 -84.84 3.80 7.41
N GLN U 384 -83.83 4.59 7.74
CA GLN U 384 -83.26 5.61 6.87
C GLN U 384 -81.97 5.15 6.18
N PHE U 385 -81.57 3.88 6.38
CA PHE U 385 -80.22 3.46 6.03
C PHE U 385 -79.94 3.64 4.54
N LEU U 386 -80.80 3.11 3.68
CA LEU U 386 -80.58 3.28 2.25
C LEU U 386 -80.61 4.75 1.83
N ARG U 387 -81.20 5.62 2.65
CA ARG U 387 -81.18 7.05 2.37
C ARG U 387 -79.87 7.69 2.81
N ASP U 388 -79.35 7.32 3.98
CA ASP U 388 -78.14 7.96 4.49
C ASP U 388 -76.89 7.41 3.82
N ASN U 389 -76.82 6.10 3.62
CA ASN U 389 -75.72 5.46 2.90
C ASN U 389 -76.23 4.97 1.55
N LEU U 390 -75.58 5.39 0.48
CA LEU U 390 -76.01 5.07 -0.88
C LEU U 390 -74.87 4.46 -1.68
N GLU U 391 -73.81 5.25 -1.90
CA GLU U 391 -72.66 4.76 -2.68
C GLU U 391 -72.07 3.50 -2.06
N TRP U 392 -72.13 3.38 -0.73
CA TRP U 392 -71.69 2.15 -0.09
C TRP U 392 -72.56 0.97 -0.53
N LEU U 393 -73.87 1.18 -0.65
CA LEU U 393 -74.76 0.13 -1.12
C LEU U 393 -74.64 -0.09 -2.62
N ALA U 394 -74.23 0.94 -3.37
CA ALA U 394 -73.96 0.75 -4.79
C ALA U 394 -72.71 -0.09 -5.01
N ARG U 395 -71.81 -0.13 -4.03
CA ARG U 395 -70.63 -0.98 -4.09
C ARG U 395 -70.98 -2.46 -3.93
N ALA U 396 -72.20 -2.75 -3.49
CA ALA U 396 -72.59 -4.13 -3.20
C ALA U 396 -72.55 -5.00 -4.45
N THR U 397 -72.04 -6.21 -4.30
CA THR U 397 -72.01 -7.19 -5.37
C THR U 397 -71.99 -8.59 -4.78
N ASN U 398 -72.49 -9.55 -5.56
CA ASN U 398 -72.53 -10.96 -5.19
C ASN U 398 -73.39 -11.11 -3.93
N TRP U 399 -72.87 -11.69 -2.85
CA TRP U 399 -73.68 -11.90 -1.64
C TRP U 399 -73.95 -10.61 -0.89
N ALA U 400 -73.36 -9.49 -1.30
CA ALA U 400 -73.59 -8.23 -0.60
C ALA U 400 -75.06 -7.80 -0.68
N LYS U 401 -75.68 -7.96 -1.86
CA LYS U 401 -77.09 -7.61 -2.00
C LYS U 401 -77.99 -8.63 -1.30
N PHE U 402 -77.53 -9.87 -1.14
CA PHE U 402 -78.21 -10.81 -0.25
C PHE U 402 -78.32 -10.22 1.16
N THR U 403 -77.17 -9.97 1.78
CA THR U 403 -77.15 -9.40 3.13
C THR U 403 -77.83 -8.04 3.17
N ALA U 404 -77.71 -7.26 2.10
CA ALA U 404 -78.32 -5.93 2.08
C ALA U 404 -79.83 -6.01 2.25
N THR U 405 -80.49 -6.84 1.45
CA THR U 405 -81.92 -7.06 1.61
C THR U 405 -82.23 -8.00 2.77
N ALA U 406 -81.24 -8.72 3.30
CA ALA U 406 -81.45 -9.53 4.49
C ALA U 406 -81.54 -8.67 5.74
N SER U 407 -80.76 -7.60 5.80
CA SER U 407 -80.90 -6.65 6.89
C SER U 407 -82.27 -6.00 6.89
N LEU U 408 -82.88 -5.86 5.71
CA LEU U 408 -84.25 -5.35 5.62
C LEU U 408 -85.20 -6.13 6.50
N GLY U 409 -84.96 -7.44 6.65
CA GLY U 409 -85.79 -8.24 7.54
C GLY U 409 -85.34 -8.24 8.98
N VAL U 410 -84.05 -8.01 9.22
CA VAL U 410 -83.56 -7.96 10.60
C VAL U 410 -84.08 -6.71 11.31
N ILE U 411 -84.05 -5.57 10.63
CA ILE U 411 -84.54 -4.34 11.23
C ILE U 411 -86.06 -4.32 11.27
N HIS U 412 -86.72 -5.07 10.39
CA HIS U 412 -88.17 -5.18 10.38
C HIS U 412 -88.66 -6.34 11.22
N LYS U 413 -87.78 -7.01 11.97
CA LYS U 413 -88.16 -8.12 12.83
C LYS U 413 -89.32 -7.72 13.74
N GLY U 414 -90.31 -8.61 13.84
CA GLY U 414 -91.59 -8.24 14.37
C GLY U 414 -92.45 -7.64 13.28
N HIS U 415 -93.49 -6.90 13.69
CA HIS U 415 -94.35 -6.19 12.76
C HIS U 415 -94.92 -7.13 11.71
N GLU U 416 -95.56 -8.20 12.21
CA GLU U 416 -95.96 -9.33 11.37
C GLU U 416 -96.91 -8.91 10.26
N LYS U 417 -97.69 -7.84 10.47
CA LYS U 417 -98.76 -7.51 9.53
C LYS U 417 -98.24 -6.89 8.23
N GLU U 418 -97.68 -5.69 8.31
CA GLU U 418 -97.31 -4.92 7.13
C GLU U 418 -95.91 -5.28 6.60
N ALA U 419 -95.22 -6.22 7.23
CA ALA U 419 -93.85 -6.53 6.82
C ALA U 419 -93.78 -7.01 5.37
N LEU U 420 -94.85 -7.63 4.86
CA LEU U 420 -94.83 -8.13 3.49
C LEU U 420 -95.04 -7.01 2.47
N GLN U 421 -96.04 -6.16 2.68
CA GLN U 421 -96.37 -5.13 1.70
C GLN U 421 -95.51 -3.88 1.83
N LEU U 422 -94.88 -3.65 2.99
CA LEU U 422 -94.06 -2.46 3.15
C LEU U 422 -92.73 -2.56 2.40
N MET U 423 -92.30 -3.78 2.05
CA MET U 423 -91.04 -4.00 1.36
C MET U 423 -91.16 -3.96 -0.15
N ALA U 424 -92.34 -3.61 -0.69
CA ALA U 424 -92.60 -3.70 -2.13
C ALA U 424 -91.50 -3.06 -2.96
N THR U 425 -90.91 -1.95 -2.47
CA THR U 425 -89.79 -1.34 -3.17
C THR U 425 -88.55 -2.22 -3.10
N TYR U 426 -88.29 -2.82 -1.94
CA TYR U 426 -87.13 -3.67 -1.71
C TYR U 426 -87.44 -5.15 -1.93
N LEU U 427 -88.63 -5.47 -2.44
CA LEU U 427 -89.08 -6.83 -2.67
C LEU U 427 -88.07 -7.62 -3.51
N PRO U 428 -87.99 -8.95 -3.31
CA PRO U 428 -86.94 -9.73 -3.97
C PRO U 428 -87.11 -9.83 -5.49
N LYS U 429 -86.80 -8.76 -6.19
CA LYS U 429 -86.73 -8.77 -7.64
C LYS U 429 -85.40 -9.38 -8.06
N ASP U 430 -85.33 -10.35 -8.99
CA ASP U 430 -86.39 -10.89 -9.87
C ASP U 430 -86.91 -9.86 -10.88
N THR U 431 -86.07 -8.89 -11.22
CA THR U 431 -86.20 -8.14 -12.47
C THR U 431 -85.29 -8.68 -13.56
N SER U 432 -84.48 -9.70 -13.24
CA SER U 432 -83.52 -10.41 -14.08
C SER U 432 -82.45 -9.55 -14.77
N PRO U 433 -81.79 -8.59 -14.09
CA PRO U 433 -80.39 -8.30 -14.42
C PRO U 433 -79.52 -9.02 -13.41
N GLY U 434 -79.41 -10.34 -13.52
CA GLY U 434 -79.43 -11.16 -12.34
C GLY U 434 -78.48 -10.82 -11.21
N SER U 435 -79.10 -10.44 -10.10
CA SER U 435 -78.50 -10.30 -8.78
C SER U 435 -78.81 -11.50 -7.90
N ALA U 436 -79.30 -12.59 -8.49
CA ALA U 436 -80.29 -13.51 -7.92
C ALA U 436 -80.07 -13.88 -6.46
N TYR U 437 -78.84 -13.77 -5.96
CA TYR U 437 -78.65 -13.79 -4.51
C TYR U 437 -79.47 -12.68 -3.85
N GLN U 438 -79.79 -11.60 -4.58
CA GLN U 438 -80.74 -10.60 -4.11
C GLN U 438 -82.08 -11.22 -3.79
N GLU U 439 -82.75 -11.77 -4.80
CA GLU U 439 -84.09 -12.33 -4.59
C GLU U 439 -84.08 -13.54 -3.66
N GLY U 440 -82.92 -14.15 -3.44
CA GLY U 440 -82.81 -15.20 -2.44
C GLY U 440 -82.78 -14.62 -1.03
N GLY U 441 -82.06 -13.50 -0.87
CA GLY U 441 -82.01 -12.83 0.42
C GLY U 441 -83.29 -12.13 0.81
N GLY U 442 -84.12 -11.78 -0.18
CA GLY U 442 -85.41 -11.18 0.15
C GLY U 442 -86.31 -12.13 0.90
N LEU U 443 -86.42 -13.36 0.42
CA LEU U 443 -87.17 -14.38 1.16
C LEU U 443 -86.45 -14.76 2.45
N TYR U 444 -85.14 -14.57 2.51
CA TYR U 444 -84.42 -14.74 3.76
C TYR U 444 -84.86 -13.69 4.77
N ALA U 445 -85.05 -12.45 4.31
CA ALA U 445 -85.56 -11.40 5.20
C ALA U 445 -86.96 -11.72 5.68
N LEU U 446 -87.81 -12.25 4.81
CA LEU U 446 -89.15 -12.64 5.22
C LEU U 446 -89.15 -13.83 6.15
N GLY U 447 -88.06 -14.61 6.18
CA GLY U 447 -87.95 -15.73 7.09
C GLY U 447 -87.46 -15.34 8.46
N LEU U 448 -86.66 -14.28 8.52
CA LEU U 448 -86.16 -13.79 9.81
C LEU U 448 -87.28 -13.20 10.66
N ILE U 449 -88.27 -12.58 10.01
CA ILE U 449 -89.41 -12.01 10.74
C ILE U 449 -90.39 -13.10 11.14
N HIS U 450 -90.58 -14.10 10.28
CA HIS U 450 -91.61 -15.12 10.45
C HIS U 450 -91.13 -16.30 11.27
N ALA U 451 -89.95 -16.23 11.88
CA ALA U 451 -89.47 -17.29 12.75
C ALA U 451 -90.40 -17.44 13.96
N ASN U 452 -90.32 -18.61 14.60
CA ASN U 452 -91.24 -19.00 15.67
C ASN U 452 -92.64 -19.04 15.06
N HIS U 453 -93.58 -18.23 15.53
CA HIS U 453 -94.93 -18.25 14.97
C HIS U 453 -94.92 -17.65 13.56
N GLY U 454 -96.07 -17.67 12.91
CA GLY U 454 -96.11 -17.30 11.51
C GLY U 454 -97.52 -17.35 10.95
N GLY U 455 -97.59 -17.47 9.63
CA GLY U 455 -98.86 -17.41 8.95
C GLY U 455 -98.73 -17.87 7.52
N ASP U 456 -99.73 -17.51 6.71
CA ASP U 456 -99.78 -17.93 5.31
C ASP U 456 -98.56 -17.46 4.51
N ILE U 457 -97.76 -16.53 5.03
CA ILE U 457 -96.55 -16.12 4.35
C ILE U 457 -95.59 -17.30 4.22
N ILE U 458 -95.68 -18.28 5.12
CA ILE U 458 -94.86 -19.48 5.02
C ILE U 458 -95.14 -20.20 3.69
N ASP U 459 -96.42 -20.39 3.38
CA ASP U 459 -96.77 -20.99 2.08
C ASP U 459 -96.50 -20.03 0.94
N TYR U 460 -96.51 -18.71 1.21
CA TYR U 460 -96.15 -17.75 0.18
C TYR U 460 -94.70 -17.92 -0.24
N LEU U 461 -93.81 -18.21 0.70
CA LEU U 461 -92.43 -18.53 0.38
C LEU U 461 -92.30 -19.94 -0.20
N LEU U 462 -93.19 -20.85 0.21
CA LEU U 462 -93.13 -22.22 -0.30
C LEU U 462 -93.47 -22.27 -1.79
N ASN U 463 -94.48 -21.50 -2.21
CA ASN U 463 -94.84 -21.46 -3.62
C ASN U 463 -93.71 -20.85 -4.45
N GLN U 464 -93.10 -19.78 -3.94
CA GLN U 464 -91.96 -19.17 -4.64
C GLN U 464 -90.75 -20.08 -4.64
N LEU U 465 -90.65 -21.02 -3.69
CA LEU U 465 -89.63 -22.05 -3.77
C LEU U 465 -89.90 -23.03 -4.91
N LYS U 466 -91.18 -23.29 -5.19
CA LYS U 466 -91.56 -24.12 -6.33
C LYS U 466 -91.67 -23.32 -7.62
N ASN U 467 -91.39 -22.02 -7.57
CA ASN U 467 -91.44 -21.18 -8.76
C ASN U 467 -90.13 -20.42 -8.94
N ALA U 468 -90.09 -19.52 -9.92
CA ALA U 468 -88.93 -18.68 -10.23
C ALA U 468 -87.74 -19.60 -10.57
N SER U 469 -86.54 -19.28 -10.11
CA SER U 469 -85.32 -19.99 -10.49
C SER U 469 -84.81 -20.85 -9.34
N ASN U 470 -83.69 -21.53 -9.61
CA ASN U 470 -83.00 -22.36 -8.63
C ASN U 470 -81.51 -22.30 -8.93
N ASP U 471 -80.64 -22.47 -7.93
CA ASP U 471 -81.03 -22.72 -6.54
C ASP U 471 -81.08 -21.45 -5.72
N ILE U 472 -80.87 -20.31 -6.40
CA ILE U 472 -80.76 -19.02 -5.73
C ILE U 472 -81.95 -18.72 -4.82
N VAL U 473 -83.14 -19.21 -5.15
CA VAL U 473 -84.28 -19.00 -4.26
C VAL U 473 -84.14 -19.82 -2.99
N ARG U 474 -83.61 -21.05 -3.09
CA ARG U 474 -83.57 -21.94 -1.95
C ARG U 474 -82.64 -21.42 -0.84
N HIS U 475 -81.66 -20.59 -1.20
CA HIS U 475 -80.67 -20.12 -0.23
C HIS U 475 -81.33 -19.47 0.98
N GLY U 476 -82.00 -18.35 0.76
CA GLY U 476 -82.71 -17.70 1.85
C GLY U 476 -84.17 -18.07 1.90
N GLY U 477 -84.70 -18.58 0.80
CA GLY U 477 -86.10 -18.96 0.76
C GLY U 477 -86.40 -20.19 1.61
N SER U 478 -85.65 -21.28 1.38
CA SER U 478 -85.84 -22.47 2.20
C SER U 478 -85.44 -22.20 3.66
N LEU U 479 -84.42 -21.38 3.87
CA LEU U 479 -84.14 -20.87 5.21
C LEU U 479 -85.35 -20.16 5.80
N GLY U 480 -86.06 -19.37 4.99
CA GLY U 480 -87.30 -18.78 5.45
C GLY U 480 -88.38 -19.81 5.71
N LEU U 481 -88.44 -20.85 4.88
CA LEU U 481 -89.45 -21.89 5.05
C LEU U 481 -89.17 -22.72 6.30
N GLY U 482 -87.91 -23.04 6.55
CA GLY U 482 -87.57 -23.82 7.72
C GLY U 482 -87.53 -23.03 9.02
N LEU U 483 -87.09 -21.78 8.96
CA LEU U 483 -87.01 -20.97 10.17
C LEU U 483 -88.39 -20.57 10.66
N ALA U 484 -89.35 -20.37 9.75
CA ALA U 484 -90.70 -20.03 10.15
C ALA U 484 -91.44 -21.22 10.75
N ALA U 485 -91.11 -22.43 10.31
CA ALA U 485 -91.68 -23.65 10.85
C ALA U 485 -90.86 -24.22 12.00
N MET U 486 -89.83 -23.51 12.44
CA MET U 486 -88.97 -23.98 13.53
C MET U 486 -89.78 -24.29 14.78
N GLY U 487 -89.59 -25.49 15.32
CA GLY U 487 -90.28 -25.91 16.52
C GLY U 487 -91.74 -26.28 16.32
N THR U 488 -92.27 -26.14 15.12
CA THR U 488 -93.67 -26.47 14.85
C THR U 488 -93.88 -27.91 14.42
N ALA U 489 -92.80 -28.66 14.17
CA ALA U 489 -92.88 -30.06 13.73
C ALA U 489 -93.73 -30.18 12.46
N ARG U 490 -93.40 -29.37 11.46
CA ARG U 490 -94.13 -29.38 10.20
C ARG U 490 -93.80 -30.64 9.42
N GLN U 491 -94.81 -31.20 8.77
CA GLN U 491 -94.68 -32.49 8.08
C GLN U 491 -94.31 -32.31 6.60
N ASP U 492 -95.19 -31.67 5.82
CA ASP U 492 -94.97 -31.54 4.38
C ASP U 492 -93.62 -30.92 4.06
N VAL U 493 -93.10 -30.06 4.96
CA VAL U 493 -91.80 -29.44 4.70
C VAL U 493 -90.71 -30.48 4.61
N TYR U 494 -90.82 -31.58 5.37
CA TYR U 494 -89.82 -32.64 5.30
C TYR U 494 -89.86 -33.35 3.95
N ASP U 495 -91.06 -33.49 3.37
CA ASP U 495 -91.19 -34.15 2.08
C ASP U 495 -90.72 -33.24 0.95
N LEU U 496 -91.37 -32.08 0.79
CA LEU U 496 -91.02 -31.17 -0.30
C LEU U 496 -89.57 -30.68 -0.20
N LEU U 497 -88.94 -30.79 0.97
CA LEU U 497 -87.51 -30.51 1.06
C LEU U 497 -86.65 -31.69 0.67
N LYS U 498 -87.21 -32.91 0.61
CA LYS U 498 -86.45 -34.04 0.09
C LYS U 498 -86.34 -33.97 -1.43
N THR U 499 -87.46 -33.70 -2.11
CA THR U 499 -87.41 -33.50 -3.54
C THR U 499 -86.74 -32.18 -3.91
N ASN U 500 -86.69 -31.23 -2.98
CA ASN U 500 -85.89 -30.03 -3.17
C ASN U 500 -84.41 -30.30 -2.90
N LEU U 501 -84.12 -31.19 -1.95
CA LEU U 501 -82.74 -31.58 -1.67
C LEU U 501 -82.09 -32.30 -2.84
N TYR U 502 -82.89 -32.92 -3.71
CA TYR U 502 -82.37 -33.71 -4.82
C TYR U 502 -82.05 -32.88 -6.05
N GLN U 503 -82.22 -31.56 -5.99
CA GLN U 503 -81.86 -30.72 -7.13
C GLN U 503 -80.37 -30.66 -7.37
N ASP U 504 -79.56 -31.16 -6.44
CA ASP U 504 -78.12 -31.40 -6.64
C ASP U 504 -77.38 -30.10 -6.99
N ASP U 505 -77.23 -29.26 -5.96
CA ASP U 505 -76.36 -28.09 -6.04
C ASP U 505 -75.61 -27.98 -4.73
N ALA U 506 -74.71 -26.98 -4.65
CA ALA U 506 -73.76 -26.86 -3.55
C ALA U 506 -74.17 -25.82 -2.52
N VAL U 507 -74.21 -24.55 -2.92
CA VAL U 507 -74.51 -23.46 -1.98
C VAL U 507 -75.88 -23.66 -1.33
N THR U 508 -76.80 -24.32 -2.02
CA THR U 508 -78.08 -24.66 -1.42
C THR U 508 -77.95 -25.77 -0.38
N GLY U 509 -76.75 -26.33 -0.20
CA GLY U 509 -76.58 -27.38 0.79
C GLY U 509 -76.91 -26.92 2.19
N GLU U 510 -76.35 -25.78 2.60
CA GLU U 510 -76.65 -25.23 3.93
C GLU U 510 -78.10 -24.79 4.03
N ALA U 511 -78.71 -24.40 2.91
CA ALA U 511 -80.10 -23.96 2.87
C ALA U 511 -81.04 -25.03 3.40
N ALA U 512 -81.13 -26.16 2.68
CA ALA U 512 -82.07 -27.22 3.09
C ALA U 512 -81.62 -27.91 4.37
N GLY U 513 -80.33 -27.84 4.69
CA GLY U 513 -79.85 -28.48 5.91
C GLY U 513 -80.32 -27.78 7.17
N LEU U 514 -80.13 -26.46 7.22
CA LEU U 514 -80.61 -25.69 8.36
C LEU U 514 -82.13 -25.65 8.41
N ALA U 515 -82.79 -25.67 7.26
CA ALA U 515 -84.25 -25.64 7.23
C ALA U 515 -84.83 -26.95 7.78
N LEU U 516 -84.33 -28.09 7.31
CA LEU U 516 -84.82 -29.37 7.79
C LEU U 516 -84.45 -29.59 9.25
N GLY U 517 -83.36 -28.99 9.71
CA GLY U 517 -82.98 -29.12 11.10
C GLY U 517 -83.81 -28.27 12.03
N LEU U 518 -84.33 -27.14 11.54
CA LEU U 518 -85.15 -26.26 12.35
C LEU U 518 -86.58 -26.79 12.48
N VAL U 519 -87.13 -27.34 11.41
CA VAL U 519 -88.51 -27.82 11.46
C VAL U 519 -88.63 -29.05 12.35
N MET U 520 -87.57 -29.84 12.46
CA MET U 520 -87.56 -31.06 13.26
C MET U 520 -87.02 -30.84 14.66
N LEU U 521 -86.75 -29.59 15.04
CA LEU U 521 -86.19 -29.28 16.35
C LEU U 521 -87.02 -29.90 17.47
N GLY U 522 -86.34 -30.63 18.36
CA GLY U 522 -86.98 -31.27 19.49
C GLY U 522 -87.78 -32.50 19.17
N SER U 523 -87.96 -32.85 17.89
CA SER U 523 -88.78 -33.99 17.52
C SER U 523 -88.06 -35.33 17.66
N LYS U 524 -86.72 -35.31 17.63
CA LYS U 524 -85.88 -36.51 17.70
C LYS U 524 -86.42 -37.63 16.80
N ASN U 525 -86.68 -37.27 15.55
CA ASN U 525 -87.30 -38.18 14.60
C ASN U 525 -86.28 -39.24 14.16
N ALA U 526 -86.72 -40.13 13.28
CA ALA U 526 -85.91 -41.23 12.79
C ALA U 526 -85.58 -41.10 11.31
N GLN U 527 -86.59 -41.13 10.44
CA GLN U 527 -86.35 -41.09 9.00
C GLN U 527 -85.74 -39.78 8.55
N ALA U 528 -85.90 -38.70 9.33
CA ALA U 528 -85.31 -37.42 8.96
C ALA U 528 -83.79 -37.48 9.04
N ILE U 529 -83.26 -37.94 10.18
CA ILE U 529 -81.81 -38.08 10.31
C ILE U 529 -81.31 -39.21 9.41
N GLU U 530 -82.13 -40.25 9.19
CA GLU U 530 -81.73 -41.34 8.32
C GLU U 530 -81.54 -40.87 6.88
N ASP U 531 -82.43 -39.99 6.40
CA ASP U 531 -82.29 -39.48 5.04
C ASP U 531 -81.20 -38.43 4.95
N MET U 532 -81.00 -37.64 6.01
CA MET U 532 -79.92 -36.66 5.99
C MET U 532 -78.55 -37.35 6.01
N VAL U 533 -78.42 -38.44 6.77
CA VAL U 533 -77.17 -39.19 6.76
C VAL U 533 -77.05 -40.09 5.53
N GLY U 534 -78.15 -40.30 4.80
CA GLY U 534 -78.11 -41.10 3.60
C GLY U 534 -77.82 -40.30 2.34
N TYR U 535 -78.08 -39.00 2.39
CA TYR U 535 -77.78 -38.11 1.28
C TYR U 535 -76.36 -37.57 1.31
N ALA U 536 -75.66 -37.71 2.44
CA ALA U 536 -74.32 -37.16 2.60
C ALA U 536 -73.25 -37.94 1.86
N GLN U 537 -73.58 -39.10 1.29
CA GLN U 537 -72.57 -39.92 0.62
C GLN U 537 -72.38 -39.48 -0.84
N GLU U 538 -73.42 -39.63 -1.66
CA GLU U 538 -73.31 -39.35 -3.09
C GLU U 538 -73.07 -37.88 -3.40
N THR U 539 -73.25 -36.98 -2.44
CA THR U 539 -73.06 -35.57 -2.69
C THR U 539 -71.57 -35.21 -2.61
N GLN U 540 -71.15 -34.31 -3.49
CA GLN U 540 -69.76 -33.87 -3.57
C GLN U 540 -69.51 -32.57 -2.84
N HIS U 541 -70.52 -31.99 -2.21
CA HIS U 541 -70.42 -30.66 -1.59
C HIS U 541 -70.17 -30.79 -0.10
N GLU U 542 -69.34 -29.90 0.43
CA GLU U 542 -69.12 -29.82 1.88
C GLU U 542 -70.10 -28.89 2.57
N LYS U 543 -70.82 -28.05 1.82
CA LYS U 543 -71.82 -27.18 2.42
C LYS U 543 -73.09 -27.94 2.77
N ILE U 544 -73.46 -28.92 1.95
CA ILE U 544 -74.55 -29.81 2.32
C ILE U 544 -74.16 -30.67 3.51
N LEU U 545 -72.86 -30.95 3.68
CA LEU U 545 -72.40 -31.66 4.85
C LEU U 545 -72.51 -30.80 6.10
N ARG U 546 -72.21 -29.50 5.99
CA ARG U 546 -72.30 -28.61 7.14
C ARG U 546 -73.73 -28.23 7.46
N GLY U 547 -74.54 -27.98 6.43
CA GLY U 547 -75.96 -27.72 6.65
C GLY U 547 -76.65 -28.91 7.30
N LEU U 548 -76.35 -30.12 6.82
CA LEU U 548 -76.89 -31.32 7.47
C LEU U 548 -76.20 -31.62 8.79
N ALA U 549 -74.97 -31.13 8.98
CA ALA U 549 -74.30 -31.26 10.27
C ALA U 549 -75.08 -30.54 11.36
N VAL U 550 -75.32 -29.25 11.17
CA VAL U 550 -76.17 -28.50 12.09
C VAL U 550 -77.61 -28.98 12.01
N GLY U 551 -78.01 -29.54 10.87
CA GLY U 551 -79.38 -30.05 10.75
C GLY U 551 -79.64 -31.21 11.69
N ILE U 552 -78.78 -32.24 11.64
CA ILE U 552 -78.94 -33.36 12.56
C ILE U 552 -78.47 -32.99 13.96
N ALA U 553 -77.78 -31.87 14.12
CA ALA U 553 -77.47 -31.37 15.45
C ALA U 553 -78.64 -30.62 16.07
N LEU U 554 -79.39 -29.88 15.24
CA LEU U 554 -80.49 -29.06 15.75
C LEU U 554 -81.73 -29.90 16.03
N VAL U 555 -81.87 -31.06 15.38
CA VAL U 555 -83.05 -31.89 15.60
C VAL U 555 -83.09 -32.43 17.02
N MET U 556 -81.94 -32.57 17.66
CA MET U 556 -81.84 -33.07 19.03
C MET U 556 -81.48 -31.91 19.95
N TYR U 557 -82.38 -31.58 20.87
CA TYR U 557 -82.19 -30.50 21.82
C TYR U 557 -82.65 -30.95 23.20
N GLY U 558 -81.77 -30.85 24.19
CA GLY U 558 -82.10 -31.25 25.54
C GLY U 558 -82.31 -32.74 25.71
N ARG U 559 -81.67 -33.55 24.86
CA ARG U 559 -81.85 -35.00 24.93
C ARG U 559 -81.00 -35.64 26.02
N MET U 560 -79.93 -34.97 26.47
CA MET U 560 -79.04 -35.46 27.53
C MET U 560 -78.48 -36.80 27.08
N GLU U 561 -78.68 -37.89 27.83
CA GLU U 561 -78.12 -39.20 27.48
C GLU U 561 -78.90 -39.91 26.38
N GLU U 562 -80.08 -39.41 26.02
CA GLU U 562 -80.88 -40.08 24.98
C GLU U 562 -80.22 -39.98 23.62
N ALA U 563 -79.49 -38.90 23.36
CA ALA U 563 -78.81 -38.70 22.09
C ALA U 563 -77.44 -39.35 22.03
N ASP U 564 -76.89 -39.78 23.17
CA ASP U 564 -75.54 -40.31 23.20
C ASP U 564 -75.37 -41.57 22.35
N ALA U 565 -76.47 -42.25 22.03
CA ALA U 565 -76.37 -43.40 21.13
C ALA U 565 -75.90 -42.97 19.74
N LEU U 566 -76.45 -41.87 19.23
CA LEU U 566 -75.98 -41.33 17.96
C LEU U 566 -74.69 -40.54 18.12
N ILE U 567 -74.52 -39.85 19.25
CA ILE U 567 -73.30 -39.08 19.49
C ILE U 567 -72.07 -39.99 19.45
N GLU U 568 -72.20 -41.23 19.92
CA GLU U 568 -71.08 -42.17 19.85
C GLU U 568 -70.70 -42.46 18.40
N SER U 569 -71.70 -42.60 17.52
CA SER U 569 -71.40 -42.89 16.12
C SER U 569 -70.83 -41.67 15.41
N LEU U 570 -71.34 -40.48 15.74
CA LEU U 570 -70.86 -39.27 15.08
C LEU U 570 -69.44 -38.92 15.52
N CYS U 571 -69.11 -39.16 16.79
CA CYS U 571 -67.78 -38.83 17.28
C CYS U 571 -66.76 -39.88 16.87
N ARG U 572 -67.15 -41.15 16.87
CA ARG U 572 -66.22 -42.21 16.48
C ARG U 572 -65.85 -42.16 15.01
N ASP U 573 -66.71 -41.58 14.17
CA ASP U 573 -66.44 -41.52 12.74
C ASP U 573 -65.24 -40.61 12.47
N LYS U 574 -64.55 -40.91 11.37
CA LYS U 574 -63.35 -40.20 10.98
C LYS U 574 -63.64 -38.92 10.19
N ASP U 575 -64.90 -38.63 9.91
CA ASP U 575 -65.25 -37.43 9.17
C ASP U 575 -65.20 -36.21 10.08
N PRO U 576 -64.32 -35.24 9.82
CA PRO U 576 -64.25 -34.07 10.71
C PRO U 576 -65.52 -33.24 10.72
N ILE U 577 -66.22 -33.15 9.59
CA ILE U 577 -67.46 -32.39 9.54
C ILE U 577 -68.53 -33.08 10.37
N LEU U 578 -68.57 -34.42 10.31
CA LEU U 578 -69.54 -35.15 11.11
C LEU U 578 -69.18 -35.16 12.59
N ARG U 579 -67.89 -35.07 12.91
CA ARG U 579 -67.50 -34.89 14.30
C ARG U 579 -67.95 -33.54 14.83
N ARG U 580 -67.72 -32.47 14.04
CA ARG U 580 -68.24 -31.15 14.40
C ARG U 580 -69.76 -31.18 14.48
N SER U 581 -70.40 -32.03 13.68
CA SER U 581 -71.85 -32.21 13.80
C SER U 581 -72.22 -32.74 15.16
N GLY U 582 -71.51 -33.79 15.63
CA GLY U 582 -71.73 -34.31 16.95
C GLY U 582 -71.40 -33.35 18.07
N MET U 583 -70.55 -32.35 17.79
CA MET U 583 -70.25 -31.35 18.80
C MET U 583 -71.42 -30.42 19.03
N TYR U 584 -72.03 -29.92 17.95
CA TYR U 584 -73.24 -29.12 18.09
C TYR U 584 -74.41 -29.98 18.57
N THR U 585 -74.41 -31.26 18.23
CA THR U 585 -75.49 -32.15 18.68
C THR U 585 -75.38 -32.41 20.18
N VAL U 586 -74.18 -32.71 20.67
CA VAL U 586 -74.01 -32.94 22.10
C VAL U 586 -74.15 -31.63 22.88
N ALA U 587 -73.91 -30.49 22.22
CA ALA U 587 -74.07 -29.21 22.89
C ALA U 587 -75.55 -28.90 23.13
N MET U 588 -76.37 -29.00 22.08
CA MET U 588 -77.79 -28.70 22.22
C MET U 588 -78.50 -29.73 23.08
N ALA U 589 -78.00 -30.97 23.11
CA ALA U 589 -78.62 -31.99 23.95
C ALA U 589 -78.29 -31.78 25.41
N TYR U 590 -77.07 -31.33 25.71
CA TYR U 590 -76.62 -31.08 27.07
C TYR U 590 -76.79 -29.63 27.49
N CYS U 591 -77.39 -28.79 26.66
CA CYS U 591 -77.63 -27.39 27.01
C CYS U 591 -78.36 -27.28 28.34
N GLY U 592 -77.81 -26.47 29.24
CA GLY U 592 -78.37 -26.29 30.56
C GLY U 592 -77.83 -27.23 31.62
N SER U 593 -77.23 -28.34 31.23
CA SER U 593 -76.71 -29.32 32.16
C SER U 593 -75.19 -29.24 32.25
N GLY U 594 -74.67 -29.39 33.46
CA GLY U 594 -73.23 -29.38 33.68
C GLY U 594 -72.66 -30.77 33.87
N ASN U 595 -73.37 -31.79 33.38
CA ASN U 595 -72.92 -33.17 33.55
C ASN U 595 -71.57 -33.37 32.88
N ASN U 596 -70.75 -34.22 33.51
CA ASN U 596 -69.41 -34.51 33.00
C ASN U 596 -69.40 -35.64 31.98
N LYS U 597 -70.54 -36.25 31.67
CA LYS U 597 -70.57 -37.26 30.62
C LYS U 597 -70.34 -36.63 29.25
N ALA U 598 -70.89 -35.44 29.02
CA ALA U 598 -70.60 -34.73 27.78
C ALA U 598 -69.13 -34.34 27.69
N ILE U 599 -68.57 -33.77 28.77
CA ILE U 599 -67.20 -33.29 28.73
C ILE U 599 -66.20 -34.43 28.57
N ARG U 600 -66.64 -35.68 28.73
CA ARG U 600 -65.75 -36.81 28.45
C ARG U 600 -65.28 -36.80 27.00
N ARG U 601 -66.20 -37.04 26.07
CA ARG U 601 -65.84 -37.09 24.65
C ARG U 601 -65.71 -35.70 24.03
N LEU U 602 -66.55 -34.75 24.46
CA LEU U 602 -66.47 -33.39 23.93
C LEU U 602 -65.08 -32.81 24.14
N LEU U 603 -64.56 -32.96 25.35
CA LEU U 603 -63.24 -32.41 25.65
C LEU U 603 -62.13 -33.31 25.13
N HIS U 604 -62.41 -34.61 24.98
CA HIS U 604 -61.42 -35.53 24.43
C HIS U 604 -61.09 -35.20 22.98
N VAL U 605 -62.13 -35.04 22.16
CA VAL U 605 -61.91 -34.61 20.78
C VAL U 605 -61.39 -33.17 20.73
N ALA U 606 -61.56 -32.41 21.82
CA ALA U 606 -60.94 -31.10 21.92
C ALA U 606 -59.46 -31.19 22.27
N VAL U 607 -58.94 -32.38 22.54
CA VAL U 607 -57.55 -32.57 22.90
C VAL U 607 -56.79 -33.25 21.77
N SER U 608 -57.14 -34.49 21.46
CA SER U 608 -56.34 -35.35 20.61
C SER U 608 -56.63 -35.19 19.12
N ASP U 609 -57.57 -34.34 18.73
CA ASP U 609 -57.90 -34.21 17.33
C ASP U 609 -56.89 -33.31 16.61
N VAL U 610 -56.66 -33.60 15.33
CA VAL U 610 -55.66 -32.89 14.54
C VAL U 610 -56.27 -31.77 13.69
N ASN U 611 -57.59 -31.59 13.72
CA ASN U 611 -58.26 -30.58 12.91
C ASN U 611 -58.72 -29.45 13.82
N ASP U 612 -58.21 -28.25 13.57
CA ASP U 612 -58.44 -27.13 14.49
C ASP U 612 -59.87 -26.60 14.42
N ASP U 613 -60.53 -26.75 13.27
CA ASP U 613 -61.88 -26.19 13.12
C ASP U 613 -62.88 -26.91 14.01
N VAL U 614 -62.93 -28.23 13.93
CA VAL U 614 -63.83 -28.99 14.79
C VAL U 614 -63.41 -28.87 16.26
N ARG U 615 -62.11 -28.76 16.52
CA ARG U 615 -61.65 -28.47 17.87
C ARG U 615 -62.18 -27.13 18.35
N ARG U 616 -62.28 -26.14 17.45
CA ARG U 616 -62.85 -24.86 17.80
C ARG U 616 -64.32 -25.00 18.18
N ALA U 617 -65.09 -25.72 17.35
CA ALA U 617 -66.48 -25.98 17.67
C ALA U 617 -66.63 -26.86 18.90
N ALA U 618 -65.57 -27.61 19.26
CA ALA U 618 -65.61 -28.41 20.48
C ALA U 618 -65.50 -27.54 21.72
N VAL U 619 -64.58 -26.56 21.72
CA VAL U 619 -64.43 -25.67 22.86
C VAL U 619 -65.47 -24.57 22.91
N GLU U 620 -66.22 -24.38 21.82
CA GLU U 620 -67.34 -23.43 21.83
C GLU U 620 -68.56 -23.98 22.55
N SER U 621 -68.72 -25.31 22.59
CA SER U 621 -69.86 -25.91 23.28
C SER U 621 -69.85 -25.66 24.78
N LEU U 622 -68.71 -25.21 25.34
CA LEU U 622 -68.69 -24.84 26.75
C LEU U 622 -69.66 -23.70 27.03
N GLY U 623 -69.88 -22.81 26.07
CA GLY U 623 -70.88 -21.77 26.25
C GLY U 623 -72.30 -22.27 26.12
N PHE U 624 -72.51 -23.34 25.38
CA PHE U 624 -73.86 -23.87 25.21
C PHE U 624 -74.30 -24.70 26.41
N ILE U 625 -73.45 -25.62 26.86
CA ILE U 625 -73.86 -26.54 27.93
C ILE U 625 -73.70 -25.90 29.30
N LEU U 626 -72.66 -25.10 29.53
CA LEU U 626 -72.32 -24.57 30.84
C LEU U 626 -72.89 -23.18 31.11
N PHE U 627 -73.72 -22.64 30.20
CA PHE U 627 -74.22 -21.28 30.33
C PHE U 627 -74.98 -21.06 31.64
N ARG U 628 -75.46 -22.12 32.28
CA ARG U 628 -76.13 -21.98 33.56
C ARG U 628 -75.16 -21.61 34.67
N THR U 629 -73.90 -22.01 34.56
CA THR U 629 -72.86 -21.70 35.54
C THR U 629 -71.68 -21.03 34.83
N PRO U 630 -71.84 -19.77 34.43
CA PRO U 630 -70.76 -19.10 33.67
C PRO U 630 -69.52 -18.80 34.49
N GLU U 631 -69.62 -18.82 35.83
CA GLU U 631 -68.51 -18.35 36.65
C GLU U 631 -67.28 -19.25 36.55
N GLN U 632 -67.48 -20.56 36.41
CA GLN U 632 -66.35 -21.48 36.40
C GLN U 632 -65.62 -21.52 35.06
N CYS U 633 -66.28 -21.10 33.98
CA CYS U 633 -65.64 -21.17 32.66
C CYS U 633 -64.36 -20.36 32.57
N PRO U 634 -64.28 -19.10 33.01
CA PRO U 634 -62.99 -18.39 32.95
C PRO U 634 -61.88 -19.08 33.72
N SER U 635 -62.22 -19.84 34.76
CA SER U 635 -61.18 -20.52 35.53
C SER U 635 -60.66 -21.76 34.82
N VAL U 636 -61.56 -22.58 34.26
CA VAL U 636 -61.13 -23.82 33.62
C VAL U 636 -60.56 -23.56 32.23
N VAL U 637 -61.05 -22.54 31.53
CA VAL U 637 -60.57 -22.20 30.20
C VAL U 637 -59.45 -21.15 30.26
N SER U 638 -59.00 -20.81 31.47
CA SER U 638 -57.95 -19.79 31.64
C SER U 638 -56.75 -20.05 30.74
N LEU U 639 -56.05 -21.17 30.98
CA LEU U 639 -54.90 -21.50 30.15
C LEU U 639 -55.31 -21.83 28.72
N LEU U 640 -56.51 -22.36 28.52
CA LEU U 640 -56.93 -22.83 27.21
C LEU U 640 -57.04 -21.71 26.19
N SER U 641 -56.98 -20.45 26.62
CA SER U 641 -56.87 -19.31 25.71
C SER U 641 -55.43 -18.92 25.43
N GLU U 642 -54.46 -19.61 26.02
CA GLU U 642 -53.05 -19.38 25.78
C GLU U 642 -52.46 -20.34 24.74
N SER U 643 -53.28 -21.19 24.14
CA SER U 643 -52.80 -22.23 23.24
C SER U 643 -52.12 -21.63 22.01
N TYR U 644 -51.26 -22.45 21.38
CA TYR U 644 -50.48 -21.97 20.24
C TYR U 644 -51.36 -21.68 19.03
N ASN U 645 -52.36 -22.53 18.78
CA ASN U 645 -53.12 -22.21 17.59
C ASN U 645 -54.21 -21.19 17.91
N PRO U 646 -54.41 -20.20 17.04
CA PRO U 646 -55.46 -19.21 17.28
C PRO U 646 -56.87 -19.77 17.23
N HIS U 647 -57.06 -20.95 16.66
CA HIS U 647 -58.40 -21.54 16.58
C HIS U 647 -58.94 -21.87 17.97
N VAL U 648 -58.13 -22.48 18.82
CA VAL U 648 -58.56 -22.79 20.18
C VAL U 648 -58.74 -21.50 20.98
N ARG U 649 -57.83 -20.54 20.82
CA ARG U 649 -57.98 -19.25 21.49
C ARG U 649 -59.23 -18.52 21.01
N TYR U 650 -59.64 -18.76 19.76
CA TYR U 650 -60.82 -18.10 19.21
C TYR U 650 -62.09 -18.72 19.79
N GLY U 651 -62.31 -20.00 19.53
CA GLY U 651 -63.51 -20.66 20.04
C GLY U 651 -63.66 -20.57 21.54
N ALA U 652 -62.53 -20.56 22.27
CA ALA U 652 -62.61 -20.39 23.71
C ALA U 652 -63.01 -18.97 24.08
N ALA U 653 -62.55 -17.98 23.31
CA ALA U 653 -62.99 -16.61 23.53
C ALA U 653 -64.47 -16.45 23.26
N MET U 654 -64.98 -17.13 22.23
CA MET U 654 -66.42 -17.15 22.00
C MET U 654 -67.15 -17.89 23.10
N ALA U 655 -66.53 -18.94 23.66
CA ALA U 655 -67.15 -19.67 24.75
C ALA U 655 -67.32 -18.78 25.99
N LEU U 656 -66.25 -18.10 26.39
CA LEU U 656 -66.34 -17.20 27.54
C LEU U 656 -67.27 -16.03 27.24
N GLY U 657 -67.37 -15.62 25.98
CA GLY U 657 -68.24 -14.49 25.65
C GLY U 657 -69.72 -14.85 25.75
N ILE U 658 -70.12 -15.96 25.14
CA ILE U 658 -71.53 -16.33 25.12
C ILE U 658 -71.99 -16.93 26.44
N CYS U 659 -71.08 -17.51 27.23
CA CYS U 659 -71.47 -18.13 28.49
C CYS U 659 -71.73 -17.08 29.57
N CYS U 660 -70.81 -16.12 29.71
CA CYS U 660 -70.92 -15.08 30.71
C CYS U 660 -71.67 -13.85 30.22
N ALA U 661 -72.21 -13.89 29.01
CA ALA U 661 -72.88 -12.72 28.43
C ALA U 661 -73.97 -12.18 29.35
N GLY U 662 -74.77 -13.07 29.93
CA GLY U 662 -75.82 -12.65 30.85
C GLY U 662 -75.34 -12.22 32.21
N THR U 663 -74.03 -12.16 32.44
CA THR U 663 -73.47 -11.78 33.73
C THR U 663 -72.54 -10.59 33.56
N GLY U 664 -72.29 -9.91 34.68
CA GLY U 664 -71.40 -8.75 34.69
C GLY U 664 -70.02 -9.08 35.23
N ASN U 665 -69.65 -10.36 35.16
CA ASN U 665 -68.38 -10.81 35.72
C ASN U 665 -67.20 -10.10 35.04
N LYS U 666 -66.30 -9.56 35.87
CA LYS U 666 -65.12 -8.87 35.37
C LYS U 666 -63.99 -9.82 35.01
N GLU U 667 -64.04 -11.07 35.48
CA GLU U 667 -62.97 -12.02 35.19
C GLU U 667 -62.89 -12.36 33.72
N ALA U 668 -64.05 -12.52 33.07
CA ALA U 668 -64.07 -12.81 31.63
C ALA U 668 -63.49 -11.64 30.84
N ILE U 669 -63.80 -10.41 31.25
CA ILE U 669 -63.22 -9.23 30.61
C ILE U 669 -61.72 -9.18 30.84
N ASN U 670 -61.26 -9.64 32.00
CA ASN U 670 -59.82 -9.67 32.28
C ASN U 670 -59.11 -10.64 31.36
N LEU U 671 -59.69 -11.82 31.14
CA LEU U 671 -59.06 -12.81 30.27
C LEU U 671 -59.16 -12.41 28.80
N LEU U 672 -60.19 -11.64 28.44
CA LEU U 672 -60.32 -11.16 27.06
C LEU U 672 -59.44 -9.96 26.76
N GLU U 673 -58.79 -9.37 27.76
CA GLU U 673 -57.90 -8.26 27.50
C GLU U 673 -56.68 -8.67 26.68
N PRO U 674 -55.94 -9.75 27.04
CA PRO U 674 -54.84 -10.17 26.15
C PRO U 674 -55.31 -10.77 24.83
N MET U 675 -56.58 -11.16 24.72
CA MET U 675 -57.06 -11.78 23.50
C MET U 675 -57.07 -10.78 22.34
N THR U 676 -57.49 -9.54 22.60
CA THR U 676 -57.43 -8.50 21.58
C THR U 676 -56.01 -8.00 21.34
N ASN U 677 -55.04 -8.43 22.14
CA ASN U 677 -53.64 -8.10 21.94
C ASN U 677 -52.89 -9.20 21.19
N ASP U 678 -53.56 -10.29 20.84
CA ASP U 678 -52.89 -11.40 20.18
C ASP U 678 -52.50 -11.01 18.75
N PRO U 679 -51.35 -11.47 18.26
CA PRO U 679 -50.93 -11.09 16.90
C PRO U 679 -51.88 -11.56 15.80
N VAL U 680 -52.56 -12.70 15.99
CA VAL U 680 -53.44 -13.21 14.95
C VAL U 680 -54.68 -12.31 14.86
N ASN U 681 -55.25 -12.23 13.66
CA ASN U 681 -56.33 -11.29 13.39
C ASN U 681 -57.66 -11.76 13.96
N TYR U 682 -58.17 -12.90 13.48
CA TYR U 682 -59.55 -13.30 13.83
C TYR U 682 -59.70 -13.64 15.31
N VAL U 683 -58.61 -13.90 16.02
CA VAL U 683 -58.72 -14.09 17.47
C VAL U 683 -58.96 -12.75 18.16
N ARG U 684 -58.40 -11.66 17.60
CA ARG U 684 -58.78 -10.33 18.07
C ARG U 684 -60.21 -10.03 17.68
N GLN U 685 -60.63 -10.46 16.50
CA GLN U 685 -62.01 -10.25 16.05
C GLN U 685 -62.99 -10.92 17.00
N GLY U 686 -62.80 -12.22 17.24
CA GLY U 686 -63.63 -12.89 18.22
C GLY U 686 -63.50 -12.32 19.62
N ALA U 687 -62.35 -11.71 19.92
CA ALA U 687 -62.22 -10.98 21.17
C ALA U 687 -63.06 -9.72 21.17
N LEU U 688 -63.27 -9.11 20.01
CA LEU U 688 -64.11 -7.92 19.92
C LEU U 688 -65.59 -8.29 20.04
N ILE U 689 -66.00 -9.37 19.37
CA ILE U 689 -67.40 -9.79 19.43
C ILE U 689 -67.75 -10.27 20.83
N ALA U 690 -66.89 -11.11 21.41
CA ALA U 690 -67.17 -11.65 22.74
C ALA U 690 -67.12 -10.54 23.80
N SER U 691 -66.23 -9.56 23.64
CA SER U 691 -66.19 -8.45 24.58
C SER U 691 -67.42 -7.58 24.49
N ALA U 692 -68.06 -7.54 23.32
CA ALA U 692 -69.35 -6.88 23.21
C ALA U 692 -70.49 -7.75 23.75
N LEU U 693 -70.29 -9.06 23.81
CA LEU U 693 -71.29 -9.95 24.40
C LEU U 693 -71.28 -9.88 25.92
N ILE U 694 -70.12 -9.61 26.53
CA ILE U 694 -70.07 -9.51 27.99
C ILE U 694 -70.60 -8.16 28.46
N MET U 695 -70.53 -7.13 27.61
CA MET U 695 -70.94 -5.78 27.98
C MET U 695 -72.38 -5.45 27.59
N ILE U 696 -73.14 -6.44 27.10
CA ILE U 696 -74.48 -6.20 26.56
C ILE U 696 -75.35 -5.49 27.59
N GLN U 697 -75.93 -4.35 27.18
CA GLN U 697 -76.80 -3.52 28.01
C GLN U 697 -76.08 -2.94 29.22
N GLN U 698 -74.82 -3.32 29.42
CA GLN U 698 -74.05 -2.86 30.56
C GLN U 698 -73.33 -1.57 30.20
N THR U 699 -73.58 -0.51 30.98
CA THR U 699 -73.03 0.80 30.71
C THR U 699 -71.70 0.98 31.42
N GLU U 700 -71.18 2.21 31.42
CA GLU U 700 -69.87 2.47 32.00
C GLU U 700 -69.83 2.19 33.50
N ILE U 701 -70.95 2.43 34.20
CA ILE U 701 -70.98 2.19 35.63
C ILE U 701 -70.88 0.70 35.97
N THR U 702 -71.17 -0.17 35.00
CA THR U 702 -71.04 -1.61 35.23
C THR U 702 -69.57 -2.01 35.24
N CYS U 703 -68.90 -1.90 34.10
CA CYS U 703 -67.47 -2.16 33.99
C CYS U 703 -66.78 -0.98 33.34
N PRO U 704 -65.57 -0.63 33.79
CA PRO U 704 -64.88 0.54 33.23
C PRO U 704 -64.46 0.38 31.78
N LYS U 705 -64.46 -0.84 31.26
CA LYS U 705 -63.93 -1.12 29.93
C LYS U 705 -64.93 -0.86 28.81
N VAL U 706 -66.14 -0.40 29.13
CA VAL U 706 -67.16 -0.13 28.13
C VAL U 706 -66.65 0.89 27.12
N ASN U 707 -66.43 2.12 27.55
CA ASN U 707 -65.98 3.17 26.64
C ASN U 707 -64.58 2.90 26.12
N GLN U 708 -63.75 2.20 26.89
CA GLN U 708 -62.42 1.84 26.42
C GLN U 708 -62.49 0.93 25.20
N PHE U 709 -63.43 -0.03 25.22
CA PHE U 709 -63.62 -0.89 24.06
C PHE U 709 -64.42 -0.21 22.96
N ARG U 710 -65.38 0.66 23.33
CA ARG U 710 -66.13 1.39 22.32
C ARG U 710 -65.23 2.27 21.47
N GLN U 711 -64.33 3.01 22.11
CA GLN U 711 -63.37 3.80 21.34
C GLN U 711 -62.36 2.91 20.63
N LEU U 712 -62.11 1.71 21.16
CA LEU U 712 -61.20 0.78 20.50
C LEU U 712 -61.83 0.20 19.24
N TYR U 713 -63.16 0.17 19.18
CA TYR U 713 -63.83 -0.35 17.99
C TYR U 713 -63.71 0.62 16.83
N SER U 714 -64.25 1.83 17.00
CA SER U 714 -64.11 2.87 15.97
C SER U 714 -62.65 3.13 15.63
N LYS U 715 -61.74 2.90 16.57
CA LYS U 715 -60.32 3.15 16.31
C LYS U 715 -59.77 2.18 15.27
N VAL U 716 -60.00 0.88 15.48
CA VAL U 716 -59.40 -0.12 14.60
C VAL U 716 -60.11 -0.16 13.25
N ILE U 717 -61.39 0.21 13.18
CA ILE U 717 -62.06 0.22 11.90
C ILE U 717 -61.72 1.47 11.10
N ASN U 718 -61.49 2.61 11.78
CA ASN U 718 -61.01 3.80 11.10
C ASN U 718 -59.52 3.75 10.80
N ASP U 719 -58.81 2.77 11.32
CA ASP U 719 -57.39 2.58 11.05
C ASP U 719 -57.24 1.57 9.92
N LYS U 720 -56.73 2.04 8.78
CA LYS U 720 -56.57 1.17 7.62
C LYS U 720 -55.45 0.16 7.79
N HIS U 721 -54.49 0.42 8.69
CA HIS U 721 -53.37 -0.48 8.86
C HIS U 721 -53.80 -1.82 9.45
N ASP U 722 -54.86 -1.84 10.24
CA ASP U 722 -55.33 -3.08 10.83
C ASP U 722 -55.98 -3.97 9.77
N ASP U 723 -56.03 -5.27 10.06
CA ASP U 723 -56.60 -6.23 9.13
C ASP U 723 -58.10 -6.03 9.00
N VAL U 724 -58.61 -6.31 7.81
CA VAL U 724 -60.04 -6.20 7.55
C VAL U 724 -60.81 -7.25 8.34
N MET U 725 -60.27 -8.46 8.42
CA MET U 725 -60.89 -9.52 9.22
C MET U 725 -61.08 -9.08 10.66
N ALA U 726 -59.98 -8.78 11.35
CA ALA U 726 -60.06 -8.40 12.76
C ALA U 726 -60.95 -7.19 12.99
N LYS U 727 -60.98 -6.24 12.05
CA LYS U 727 -61.82 -5.06 12.21
C LYS U 727 -63.28 -5.32 11.85
N PHE U 728 -63.60 -6.48 11.26
CA PHE U 728 -64.99 -6.82 11.01
C PHE U 728 -65.75 -7.00 12.31
N GLY U 729 -65.13 -7.64 13.30
CA GLY U 729 -65.73 -7.78 14.62
C GLY U 729 -65.79 -6.51 15.43
N ALA U 730 -65.18 -5.43 14.93
CA ALA U 730 -65.27 -4.14 15.61
C ALA U 730 -66.64 -3.51 15.39
N ILE U 731 -66.97 -3.21 14.13
CA ILE U 731 -68.30 -2.70 13.80
C ILE U 731 -69.36 -3.71 14.22
N LEU U 732 -69.05 -5.01 14.13
CA LEU U 732 -69.96 -6.03 14.63
C LEU U 732 -70.18 -5.86 16.14
N ALA U 733 -69.10 -5.56 16.87
CA ALA U 733 -69.24 -5.31 18.31
C ALA U 733 -70.08 -4.08 18.58
N GLN U 734 -69.99 -3.06 17.72
CA GLN U 734 -70.85 -1.90 17.86
C GLN U 734 -72.32 -2.26 17.65
N GLY U 735 -72.59 -3.27 16.82
CA GLY U 735 -73.96 -3.72 16.67
C GLY U 735 -74.42 -4.56 17.85
N ILE U 736 -73.54 -5.41 18.37
CA ILE U 736 -73.85 -6.21 19.56
C ILE U 736 -74.20 -5.29 20.73
N LEU U 737 -73.25 -4.48 21.16
CA LEU U 737 -73.43 -3.65 22.34
C LEU U 737 -74.64 -2.73 22.21
N ASP U 738 -74.93 -2.22 21.01
CA ASP U 738 -76.03 -1.32 20.79
C ASP U 738 -77.31 -2.03 20.36
N ALA U 739 -77.31 -3.36 20.31
CA ALA U 739 -78.41 -4.12 19.70
C ALA U 739 -79.76 -3.72 20.29
N GLY U 740 -80.74 -3.55 19.40
CA GLY U 740 -82.05 -3.10 19.81
C GLY U 740 -82.08 -1.70 20.37
N GLY U 741 -81.17 -0.84 19.94
CA GLY U 741 -81.06 0.49 20.51
C GLY U 741 -80.71 0.48 21.98
N HIS U 742 -79.93 -0.50 22.41
CA HIS U 742 -79.55 -0.76 23.80
C HIS U 742 -80.74 -1.21 24.65
N ASN U 743 -81.95 -1.24 24.09
CA ASN U 743 -83.13 -1.61 24.86
C ASN U 743 -83.26 -3.11 25.04
N VAL U 744 -82.76 -3.91 24.10
CA VAL U 744 -82.89 -5.36 24.15
C VAL U 744 -81.50 -5.98 24.15
N THR U 745 -81.44 -7.25 24.54
CA THR U 745 -80.19 -7.99 24.60
C THR U 745 -80.48 -9.46 24.35
N ILE U 746 -79.43 -10.27 24.45
CA ILE U 746 -79.55 -11.72 24.31
C ILE U 746 -79.68 -12.33 25.70
N SER U 747 -80.64 -13.25 25.85
CA SER U 747 -80.83 -13.98 27.10
C SER U 747 -80.99 -15.46 26.78
N LEU U 748 -80.04 -16.27 27.23
CA LEU U 748 -80.10 -17.70 27.06
C LEU U 748 -80.76 -18.42 28.23
N GLN U 749 -81.00 -17.72 29.35
CA GLN U 749 -81.56 -18.31 30.54
C GLN U 749 -82.67 -17.43 31.07
N SER U 750 -83.89 -17.96 31.09
CA SER U 750 -85.02 -17.25 31.67
C SER U 750 -84.95 -17.29 33.19
N ARG U 751 -85.66 -16.35 33.82
CA ARG U 751 -85.71 -16.32 35.28
C ARG U 751 -86.40 -17.56 35.83
N THR U 752 -87.36 -18.12 35.09
CA THR U 752 -88.08 -19.30 35.56
C THR U 752 -87.18 -20.52 35.72
N GLY U 753 -86.04 -20.54 35.02
CA GLY U 753 -85.14 -21.68 35.06
C GLY U 753 -85.12 -22.52 33.80
N HIS U 754 -85.87 -22.15 32.77
CA HIS U 754 -85.87 -22.86 31.50
C HIS U 754 -85.04 -22.11 30.47
N THR U 755 -84.32 -22.86 29.65
CA THR U 755 -83.47 -22.27 28.62
C THR U 755 -84.31 -21.78 27.44
N HIS U 756 -83.81 -20.73 26.79
CA HIS U 756 -84.52 -20.12 25.67
C HIS U 756 -84.02 -20.76 24.38
N MET U 757 -84.91 -21.49 23.70
CA MET U 757 -84.47 -22.24 22.52
C MET U 757 -84.06 -21.36 21.35
N PRO U 758 -84.84 -20.33 20.93
CA PRO U 758 -84.43 -19.59 19.73
C PRO U 758 -83.18 -18.76 19.93
N SER U 759 -82.86 -18.38 21.17
CA SER U 759 -81.63 -17.62 21.41
C SER U 759 -80.41 -18.52 21.32
N VAL U 760 -80.48 -19.70 21.92
CA VAL U 760 -79.38 -20.66 21.82
C VAL U 760 -79.22 -21.13 20.39
N VAL U 761 -80.33 -21.51 19.75
CA VAL U 761 -80.28 -21.90 18.34
C VAL U 761 -79.76 -20.76 17.49
N GLY U 762 -80.15 -19.52 17.83
CA GLY U 762 -79.68 -18.37 17.06
C GLY U 762 -78.19 -18.17 17.16
N VAL U 763 -77.63 -18.30 18.35
CA VAL U 763 -76.20 -18.02 18.54
C VAL U 763 -75.33 -19.19 18.07
N LEU U 764 -75.84 -20.43 18.15
CA LEU U 764 -75.02 -21.56 17.75
C LEU U 764 -74.90 -21.65 16.23
N VAL U 765 -75.93 -21.24 15.51
CA VAL U 765 -75.82 -21.14 14.06
C VAL U 765 -75.03 -19.88 13.69
N PHE U 766 -75.04 -18.87 14.57
CA PHE U 766 -74.28 -17.65 14.37
C PHE U 766 -72.79 -17.83 14.68
N THR U 767 -72.40 -18.98 15.26
CA THR U 767 -71.03 -19.20 15.69
C THR U 767 -70.03 -18.85 14.58
N GLN U 768 -70.07 -19.58 13.47
CA GLN U 768 -69.17 -19.34 12.35
C GLN U 768 -69.93 -18.56 11.27
N PHE U 769 -69.59 -17.29 11.12
CA PHE U 769 -70.17 -16.45 10.08
C PHE U 769 -69.36 -16.46 8.80
N TRP U 770 -68.14 -17.02 8.82
CA TRP U 770 -67.28 -16.96 7.64
C TRP U 770 -67.83 -17.82 6.52
N PHE U 771 -68.19 -19.08 6.84
CA PHE U 771 -68.69 -19.99 5.80
C PHE U 771 -69.94 -19.44 5.14
N TRP U 772 -70.90 -18.97 5.94
CA TRP U 772 -72.14 -18.40 5.44
C TRP U 772 -72.33 -17.04 6.10
N PHE U 773 -72.24 -15.97 5.30
CA PHE U 773 -72.38 -14.61 5.79
C PHE U 773 -73.77 -14.33 6.36
N PRO U 774 -74.87 -14.75 5.72
CA PRO U 774 -76.21 -14.47 6.28
C PRO U 774 -76.43 -15.05 7.67
N LEU U 775 -75.60 -15.97 8.13
CA LEU U 775 -75.74 -16.48 9.50
C LEU U 775 -75.65 -15.37 10.54
N SER U 776 -75.04 -14.23 10.19
CA SER U 776 -75.01 -13.10 11.10
C SER U 776 -76.39 -12.52 11.36
N HIS U 777 -77.35 -12.76 10.46
CA HIS U 777 -78.71 -12.28 10.66
C HIS U 777 -79.48 -13.13 11.66
N PHE U 778 -79.08 -14.39 11.83
CA PHE U 778 -79.79 -15.29 12.74
C PHE U 778 -79.65 -14.88 14.20
N LEU U 779 -78.66 -14.04 14.52
CA LEU U 779 -78.50 -13.58 15.90
C LEU U 779 -79.63 -12.63 16.33
N SER U 780 -80.41 -12.11 15.38
CA SER U 780 -81.55 -11.27 15.73
C SER U 780 -82.58 -12.05 16.55
N LEU U 781 -82.69 -13.36 16.30
CA LEU U 781 -83.58 -14.19 17.11
C LEU U 781 -83.11 -14.27 18.55
N ALA U 782 -81.80 -14.21 18.78
CA ALA U 782 -81.28 -14.26 20.15
C ALA U 782 -81.60 -13.00 20.93
N TYR U 783 -81.93 -11.90 20.25
CA TYR U 783 -82.29 -10.68 20.95
C TYR U 783 -83.65 -10.80 21.61
N THR U 784 -83.71 -10.55 22.91
CA THR U 784 -84.95 -10.59 23.66
C THR U 784 -85.18 -9.24 24.34
N PRO U 785 -86.42 -8.76 24.38
CA PRO U 785 -86.67 -7.45 25.00
C PRO U 785 -86.55 -7.52 26.52
N THR U 786 -85.90 -6.50 27.08
CA THR U 786 -85.86 -6.30 28.52
C THR U 786 -86.58 -4.99 28.82
N CYS U 787 -87.76 -5.09 29.42
CA CYS U 787 -88.57 -3.91 29.68
C CYS U 787 -89.56 -4.22 30.79
N VAL U 788 -90.11 -3.17 31.39
CA VAL U 788 -91.15 -3.26 32.40
C VAL U 788 -92.45 -2.81 31.75
N ILE U 789 -93.41 -3.72 31.64
CA ILE U 789 -94.66 -3.48 30.95
C ILE U 789 -95.76 -3.30 31.99
N GLY U 790 -96.34 -2.11 32.03
CA GLY U 790 -97.35 -1.79 33.02
C GLY U 790 -98.78 -2.02 32.58
N LEU U 791 -98.96 -2.89 31.57
CA LEU U 791 -100.30 -3.18 31.08
C LEU U 791 -101.13 -3.84 32.17
N ASN U 792 -102.30 -3.26 32.45
CA ASN U 792 -103.16 -3.82 33.50
C ASN U 792 -103.83 -5.11 33.03
N LYS U 793 -104.45 -5.08 31.85
CA LYS U 793 -105.13 -6.23 31.25
C LYS U 793 -105.68 -5.79 29.90
N ASP U 794 -105.94 -6.77 29.04
CA ASP U 794 -106.52 -6.61 27.72
C ASP U 794 -105.89 -5.46 26.92
N LEU U 795 -106.72 -4.68 26.24
CA LEU U 795 -106.21 -3.56 25.45
C LEU U 795 -105.99 -2.31 26.29
N LYS U 796 -106.70 -2.17 27.41
CA LYS U 796 -106.66 -0.94 28.18
C LYS U 796 -105.28 -0.67 28.73
N MET U 797 -104.82 0.57 28.61
CA MET U 797 -103.48 0.97 29.04
C MET U 797 -103.56 1.96 30.19
N PRO U 798 -103.19 1.56 31.41
CA PRO U 798 -103.18 2.51 32.53
C PRO U 798 -101.96 3.41 32.49
N LYS U 799 -102.06 4.51 33.24
CA LYS U 799 -100.95 5.45 33.43
C LYS U 799 -100.41 5.27 34.83
N VAL U 800 -99.20 4.71 34.94
CA VAL U 800 -98.60 4.36 36.21
C VAL U 800 -97.10 4.67 36.16
N GLN U 801 -96.60 5.35 37.19
CA GLN U 801 -95.18 5.59 37.36
C GLN U 801 -94.78 5.12 38.76
N TYR U 802 -93.68 4.37 38.84
CA TYR U 802 -93.20 3.83 40.10
C TYR U 802 -91.74 4.21 40.31
N LYS U 803 -91.29 4.07 41.55
CA LYS U 803 -89.99 4.56 41.99
C LYS U 803 -88.93 3.48 41.96
N SER U 804 -87.71 3.87 41.62
CA SER U 804 -86.53 3.02 41.71
C SER U 804 -85.50 3.69 42.61
N ASN U 805 -84.83 2.89 43.43
CA ASN U 805 -83.92 3.41 44.44
C ASN U 805 -82.50 3.65 43.93
N CYS U 806 -82.17 3.19 42.73
CA CYS U 806 -80.81 3.37 42.23
C CYS U 806 -80.56 4.81 41.80
N LYS U 807 -79.29 5.19 41.79
CA LYS U 807 -78.89 6.52 41.38
C LYS U 807 -79.06 6.69 39.88
N PRO U 808 -79.18 7.94 39.41
CA PRO U 808 -79.32 8.15 37.95
C PRO U 808 -78.11 7.73 37.16
N SER U 809 -76.94 7.55 37.79
CA SER U 809 -75.77 7.05 37.08
C SER U 809 -76.02 5.65 36.51
N THR U 810 -76.77 4.82 37.23
CA THR U 810 -77.16 3.52 36.71
C THR U 810 -78.22 3.63 35.63
N PHE U 811 -79.02 4.70 35.64
CA PHE U 811 -80.08 4.89 34.65
C PHE U 811 -79.56 5.43 33.33
N ALA U 812 -78.31 5.90 33.28
CA ALA U 812 -77.75 6.44 32.05
C ALA U 812 -77.58 5.33 31.02
N TYR U 813 -78.13 5.55 29.83
CA TYR U 813 -78.09 4.57 28.75
C TYR U 813 -77.60 5.26 27.48
N PRO U 814 -76.27 5.36 27.28
CA PRO U 814 -75.69 5.99 26.10
C PRO U 814 -75.89 5.17 24.82
N THR U 836 -81.55 8.21 43.42
CA THR U 836 -82.35 9.41 43.20
C THR U 836 -83.72 9.28 43.85
N ALA U 837 -84.54 10.32 43.70
CA ALA U 837 -85.89 10.33 44.26
C ALA U 837 -86.72 9.19 43.72
N LYS U 838 -87.08 9.25 42.44
CA LYS U 838 -87.86 8.19 41.81
C LYS U 838 -87.55 8.14 40.32
N ALA U 839 -87.61 6.95 39.76
CA ALA U 839 -87.45 6.76 38.33
C ALA U 839 -88.75 7.07 37.60
N LYS U 840 -88.63 7.48 36.34
CA LYS U 840 -89.78 7.74 35.48
C LYS U 840 -89.83 6.66 34.41
N LYS U 841 -90.84 5.80 34.50
CA LYS U 841 -90.99 4.69 33.57
C LYS U 841 -92.46 4.57 33.15
N LYS U 842 -92.67 3.82 32.07
CA LYS U 842 -94.01 3.54 31.58
C LYS U 842 -94.73 2.63 32.58
N GLU U 843 -96.05 2.77 32.84
CA GLU U 843 -97.08 3.49 32.08
C GLU U 843 -97.24 2.93 30.67
N LYS U 844 -97.71 1.68 30.60
CA LYS U 844 -97.98 1.03 29.33
C LYS U 844 -99.48 1.03 29.04
N ASN U 880 -96.43 1.42 24.75
CA ASN U 880 -94.97 1.28 24.77
C ASN U 880 -94.43 1.25 26.19
N PRO U 881 -93.82 0.13 26.58
CA PRO U 881 -93.18 0.06 27.90
C PRO U 881 -91.85 0.82 27.94
N ALA U 882 -91.12 0.69 29.05
CA ALA U 882 -89.85 1.36 29.24
C ALA U 882 -88.74 0.34 29.49
N ARG U 883 -87.55 0.64 29.00
CA ARG U 883 -86.41 -0.25 29.17
C ARG U 883 -85.97 -0.30 30.63
N VAL U 884 -85.36 -1.44 31.00
CA VAL U 884 -84.88 -1.63 32.36
C VAL U 884 -83.72 -2.61 32.31
N MET U 885 -82.80 -2.47 33.31
CA MET U 885 -81.63 -3.32 33.53
C MET U 885 -81.99 -4.46 34.49
N PRO U 886 -81.50 -5.68 34.22
CA PRO U 886 -81.78 -6.79 35.14
C PRO U 886 -81.31 -6.54 36.56
N ALA U 887 -80.28 -5.72 36.76
CA ALA U 887 -79.81 -5.40 38.09
C ALA U 887 -80.68 -4.35 38.78
N GLN U 888 -81.45 -3.58 38.02
CA GLN U 888 -82.34 -2.56 38.57
C GLN U 888 -83.74 -3.08 38.86
N LEU U 889 -84.01 -4.36 38.58
CA LEU U 889 -85.34 -4.91 38.79
C LEU U 889 -85.59 -5.25 40.26
N LYS U 890 -84.55 -5.54 41.03
CA LYS U 890 -84.73 -5.87 42.43
C LYS U 890 -84.92 -4.62 43.29
N VAL U 891 -84.35 -3.49 42.88
CA VAL U 891 -84.43 -2.28 43.69
C VAL U 891 -85.74 -1.53 43.51
N LEU U 892 -86.46 -1.76 42.41
CA LEU U 892 -87.69 -1.03 42.15
C LEU U 892 -88.84 -1.59 42.99
N THR U 893 -89.80 -0.71 43.30
CA THR U 893 -90.93 -1.04 44.15
C THR U 893 -92.22 -0.62 43.47
N MET U 894 -93.27 -1.41 43.65
CA MET U 894 -94.57 -1.08 43.08
C MET U 894 -95.09 0.22 43.69
N PRO U 895 -95.86 1.01 42.92
CA PRO U 895 -96.34 2.29 43.44
C PRO U 895 -97.32 2.09 44.58
N GLU U 896 -97.10 2.82 45.68
CA GLU U 896 -97.97 2.70 46.84
C GLU U 896 -99.24 3.54 46.70
N THR U 897 -99.12 4.76 46.20
CA THR U 897 -100.24 5.70 46.16
C THR U 897 -100.96 5.72 44.83
N CYS U 898 -100.51 4.94 43.85
CA CYS U 898 -101.17 4.93 42.54
C CYS U 898 -102.46 4.13 42.59
N ARG U 899 -103.38 4.46 41.69
CA ARG U 899 -104.66 3.77 41.65
C ARG U 899 -104.49 2.32 41.21
N TYR U 900 -103.55 2.05 40.32
CA TYR U 900 -103.31 0.71 39.80
C TYR U 900 -102.09 0.12 40.49
N GLN U 901 -102.30 -0.98 41.22
CA GLN U 901 -101.23 -1.67 41.92
C GLN U 901 -101.23 -3.15 41.54
N PRO U 902 -100.05 -3.75 41.38
CA PRO U 902 -100.00 -5.16 40.98
C PRO U 902 -100.46 -6.08 42.11
N PHE U 903 -101.26 -7.08 41.74
CA PHE U 903 -101.70 -8.07 42.72
C PHE U 903 -100.58 -9.04 43.07
N LYS U 904 -99.73 -9.39 42.09
CA LYS U 904 -98.58 -10.26 42.21
C LYS U 904 -97.34 -9.46 42.58
N PRO U 905 -96.50 -9.96 43.49
CA PRO U 905 -95.27 -9.25 43.84
C PRO U 905 -94.39 -9.02 42.61
N LEU U 906 -93.94 -7.78 42.45
CA LEU U 906 -93.14 -7.38 41.30
C LEU U 906 -91.67 -7.64 41.58
N SER U 907 -91.03 -8.43 40.72
CA SER U 907 -89.62 -8.75 40.87
C SER U 907 -88.86 -8.47 39.57
N ILE U 908 -89.16 -9.22 38.53
CA ILE U 908 -88.50 -9.07 37.24
C ILE U 908 -89.34 -8.16 36.35
N GLY U 909 -88.86 -7.87 35.15
CA GLY U 909 -89.57 -7.06 34.19
C GLY U 909 -90.53 -7.87 33.35
N GLY U 910 -90.75 -7.40 32.12
CA GLY U 910 -91.70 -8.04 31.24
C GLY U 910 -93.10 -7.56 31.48
N ILE U 911 -94.06 -8.33 30.97
CA ILE U 911 -95.47 -8.00 31.09
C ILE U 911 -96.06 -8.73 32.29
N ILE U 912 -96.71 -7.98 33.18
CA ILE U 912 -97.26 -8.51 34.41
C ILE U 912 -98.64 -7.89 34.64
N ILE U 913 -99.38 -8.50 35.56
CA ILE U 913 -100.73 -8.02 35.88
C ILE U 913 -100.64 -6.75 36.72
N LEU U 914 -101.58 -5.84 36.48
CA LEU U 914 -101.71 -4.61 37.25
C LEU U 914 -103.17 -4.45 37.63
N LYS U 915 -103.46 -4.49 38.93
CA LYS U 915 -104.82 -4.50 39.43
C LYS U 915 -105.26 -3.09 39.81
N ASP U 916 -106.50 -2.75 39.48
CA ASP U 916 -107.05 -1.46 39.83
C ASP U 916 -107.49 -1.45 41.29
N THR U 917 -107.00 -0.48 42.04
CA THR U 917 -107.31 -0.37 43.46
C THR U 917 -108.05 0.94 43.75
N PRO V 17 -25.28 -1.99 97.08
CA PRO V 17 -26.69 -1.57 97.01
C PRO V 17 -27.02 -0.58 95.89
N PRO V 18 -26.21 0.48 95.67
CA PRO V 18 -26.54 1.38 94.56
C PRO V 18 -26.39 0.72 93.19
N GLY V 19 -25.43 -0.17 93.04
CA GLY V 19 -25.27 -0.86 91.77
C GLY V 19 -26.43 -1.79 91.48
N GLY V 20 -26.76 -2.67 92.44
CA GLY V 20 -27.88 -3.57 92.27
C GLY V 20 -29.23 -2.87 92.22
N GLY V 21 -29.33 -1.69 92.80
CA GLY V 21 -30.56 -0.92 92.77
C GLY V 21 -30.77 -0.21 91.44
N GLU V 22 -29.69 0.25 90.83
CA GLU V 22 -29.76 0.93 89.54
C GLU V 22 -29.69 -0.03 88.36
N GLN V 23 -29.36 -1.30 88.59
CA GLN V 23 -29.38 -2.31 87.53
C GLN V 23 -30.73 -3.00 87.40
N GLU V 24 -31.69 -2.68 88.27
CA GLU V 24 -33.05 -3.16 88.14
C GLU V 24 -33.80 -2.53 86.95
N PRO V 25 -33.68 -1.23 86.70
CA PRO V 25 -34.43 -0.61 85.58
C PRO V 25 -34.06 -1.15 84.21
N PRO V 26 -32.79 -1.45 83.90
CA PRO V 26 -32.43 -1.81 82.51
C PRO V 26 -33.16 -3.05 81.97
N PRO V 27 -33.28 -4.14 82.73
CA PRO V 27 -33.84 -5.39 82.14
C PRO V 27 -35.27 -5.24 81.64
N PRO V 28 -36.20 -4.67 82.41
CA PRO V 28 -37.63 -4.74 82.03
C PRO V 28 -37.93 -4.21 80.63
N PRO V 29 -37.35 -3.08 80.20
CA PRO V 29 -37.71 -2.56 78.86
C PRO V 29 -37.64 -3.57 77.73
N ALA V 30 -36.73 -4.55 77.78
CA ALA V 30 -36.69 -5.54 76.70
C ALA V 30 -37.93 -6.41 76.69
N PRO V 31 -38.36 -7.04 77.80
CA PRO V 31 -39.70 -7.65 77.80
C PRO V 31 -40.83 -6.65 77.58
N GLN V 32 -40.66 -5.40 78.01
CA GLN V 32 -41.69 -4.40 77.78
C GLN V 32 -41.92 -4.15 76.30
N ASP V 33 -40.98 -4.54 75.44
CA ASP V 33 -41.11 -4.31 74.01
C ASP V 33 -41.43 -5.60 73.26
N VAL V 34 -40.51 -6.56 73.29
CA VAL V 34 -40.69 -7.76 72.48
C VAL V 34 -41.83 -8.62 73.02
N GLU V 35 -41.90 -8.80 74.33
CA GLU V 35 -42.99 -9.59 74.91
C GLU V 35 -44.33 -8.90 74.71
N MET V 36 -44.33 -7.58 74.60
CA MET V 36 -45.57 -6.86 74.30
C MET V 36 -45.98 -7.06 72.84
N LYS V 37 -45.04 -6.88 71.92
CA LYS V 37 -45.33 -6.93 70.49
C LYS V 37 -45.27 -8.33 69.90
N GLU V 38 -44.88 -9.34 70.67
CA GLU V 38 -44.85 -10.70 70.13
C GLU V 38 -46.27 -11.22 69.89
N GLU V 39 -47.11 -11.19 70.91
CA GLU V 39 -48.50 -11.58 70.71
C GLU V 39 -49.35 -10.45 70.16
N ALA V 40 -48.83 -9.22 70.12
CA ALA V 40 -49.55 -8.12 69.49
C ALA V 40 -49.42 -8.17 67.98
N ALA V 41 -48.19 -8.37 67.48
CA ALA V 41 -47.98 -8.42 66.04
C ALA V 41 -48.37 -9.79 65.47
N THR V 42 -48.01 -10.87 66.16
CA THR V 42 -48.36 -12.20 65.69
C THR V 42 -49.84 -12.51 65.94
N GLY V 43 -50.31 -12.27 67.17
CA GLY V 43 -51.71 -12.52 67.47
C GLY V 43 -52.63 -11.55 66.77
N GLY V 44 -52.34 -10.25 66.88
CA GLY V 44 -53.12 -9.25 66.17
C GLY V 44 -52.99 -9.37 64.67
N GLY V 45 -51.83 -9.81 64.19
CA GLY V 45 -51.68 -10.07 62.77
C GLY V 45 -52.43 -11.31 62.34
N SER V 46 -52.46 -12.35 63.19
CA SER V 46 -53.25 -13.53 62.91
C SER V 46 -54.74 -13.22 62.86
N THR V 47 -55.18 -12.15 63.52
CA THR V 47 -56.57 -11.73 63.42
C THR V 47 -56.90 -11.34 61.98
N GLY V 48 -56.08 -10.48 61.37
CA GLY V 48 -56.27 -10.16 59.97
C GLY V 48 -56.01 -11.35 59.06
N GLU V 49 -55.10 -12.24 59.47
CA GLU V 49 -54.86 -13.46 58.70
C GLU V 49 -56.03 -14.43 58.81
N ALA V 50 -56.78 -14.38 59.91
CA ALA V 50 -57.95 -15.23 60.09
C ALA V 50 -59.23 -14.64 59.51
N ASP V 51 -59.22 -13.35 59.16
CA ASP V 51 -60.39 -12.76 58.51
C ASP V 51 -60.53 -13.26 57.08
N GLY V 52 -59.42 -13.31 56.35
CA GLY V 52 -59.41 -13.92 55.03
C GLY V 52 -58.01 -14.42 54.73
N LYS V 53 -57.93 -15.43 53.86
CA LYS V 53 -56.68 -16.12 53.50
C LYS V 53 -55.79 -16.35 54.74
N THR V 54 -56.11 -17.27 55.66
CA THR V 54 -57.09 -18.38 55.62
C THR V 54 -56.96 -19.27 54.38
N ALA V 55 -55.76 -19.31 53.81
CA ALA V 55 -55.33 -20.39 52.94
C ALA V 55 -53.90 -20.73 53.37
N ALA V 56 -53.66 -21.92 53.92
CA ALA V 56 -54.63 -23.01 53.97
C ALA V 56 -55.84 -22.92 54.93
N ALA V 57 -55.76 -22.58 56.24
CA ALA V 57 -54.65 -22.17 57.13
C ALA V 57 -53.76 -21.02 56.67
N ALA V 58 -52.47 -21.12 56.98
CA ALA V 58 -51.44 -20.15 56.60
C ALA V 58 -51.92 -18.68 56.62
N ALA V 59 -52.18 -18.06 57.78
CA ALA V 59 -51.82 -18.47 59.16
C ALA V 59 -50.35 -18.85 59.30
N GLU V 60 -49.48 -18.06 58.67
CA GLU V 60 -48.04 -18.21 58.90
C GLU V 60 -47.65 -17.71 60.29
N HIS V 61 -48.50 -16.92 60.94
CA HIS V 61 -48.26 -16.50 62.31
C HIS V 61 -48.42 -17.65 63.30
N SER V 62 -48.98 -18.78 62.89
CA SER V 62 -48.99 -19.96 63.75
C SER V 62 -47.59 -20.55 63.89
N GLN V 63 -46.87 -20.67 62.77
CA GLN V 63 -45.48 -21.09 62.84
C GLN V 63 -44.61 -19.99 63.42
N ARG V 64 -44.99 -18.73 63.20
CA ARG V 64 -44.28 -17.63 63.85
C ARG V 64 -44.55 -17.63 65.36
N GLU V 65 -45.75 -18.08 65.76
CA GLU V 65 -46.02 -18.28 67.17
C GLU V 65 -45.13 -19.38 67.74
N LEU V 66 -44.88 -20.43 66.95
CA LEU V 66 -43.94 -21.46 67.37
C LEU V 66 -42.55 -20.88 67.58
N ASP V 67 -42.16 -19.93 66.71
CA ASP V 67 -40.85 -19.30 66.87
C ASP V 67 -40.81 -18.42 68.11
N THR V 68 -41.92 -17.76 68.45
CA THR V 68 -41.94 -16.92 69.64
C THR V 68 -42.01 -17.74 70.91
N VAL V 69 -42.80 -18.83 70.91
CA VAL V 69 -42.88 -19.68 72.09
C VAL V 69 -41.54 -20.36 72.34
N THR V 70 -40.92 -20.90 71.30
CA THR V 70 -39.59 -21.48 71.45
C THR V 70 -38.54 -20.43 71.77
N LEU V 71 -38.78 -19.17 71.40
CA LEU V 71 -37.87 -18.10 71.81
C LEU V 71 -38.01 -17.84 73.31
N GLU V 72 -39.24 -17.81 73.82
CA GLU V 72 -39.45 -17.58 75.24
C GLU V 72 -38.95 -18.75 76.09
N ASP V 73 -39.01 -19.98 75.54
CA ASP V 73 -38.62 -21.16 76.30
C ASP V 73 -37.15 -21.13 76.72
N ILE V 74 -36.34 -20.25 76.15
CA ILE V 74 -34.95 -20.08 76.57
C ILE V 74 -34.85 -18.82 77.41
N LYS V 75 -35.11 -17.68 76.79
CA LYS V 75 -35.03 -16.38 77.45
C LYS V 75 -36.04 -15.43 76.82
N GLU V 76 -36.70 -14.58 77.62
CA GLU V 76 -36.62 -14.56 79.07
C GLU V 76 -37.81 -15.28 79.72
N HIS V 77 -38.62 -15.92 78.90
CA HIS V 77 -40.01 -16.32 79.22
C HIS V 77 -40.77 -15.04 79.54
N VAL V 78 -41.67 -15.08 80.53
CA VAL V 78 -42.31 -13.87 81.05
C VAL V 78 -42.30 -13.94 82.57
N LYS V 79 -43.03 -14.90 83.12
CA LYS V 79 -43.10 -15.15 84.56
C LYS V 79 -42.34 -16.43 84.86
N GLN V 80 -41.58 -16.56 85.97
CA GLN V 80 -41.38 -15.61 87.08
C GLN V 80 -42.77 -15.27 87.73
N LEU V 81 -43.15 -14.10 88.29
CA LEU V 81 -42.42 -12.92 88.82
C LEU V 81 -41.68 -11.98 87.87
N GLU V 82 -40.40 -11.73 88.17
CA GLU V 82 -39.48 -10.81 87.52
C GLU V 82 -39.76 -9.36 87.94
N LYS V 83 -40.92 -9.07 88.54
CA LYS V 83 -41.26 -7.74 89.04
C LYS V 83 -41.17 -6.69 87.93
N ALA V 84 -41.47 -7.09 86.71
CA ALA V 84 -41.45 -6.19 85.57
C ALA V 84 -42.79 -6.28 84.84
N VAL V 85 -43.58 -5.21 84.92
CA VAL V 85 -44.84 -5.05 84.19
C VAL V 85 -45.68 -6.33 84.24
N SER V 86 -46.25 -6.62 85.40
CA SER V 86 -47.18 -7.73 85.50
C SER V 86 -48.58 -7.36 85.04
N GLY V 87 -48.78 -6.11 84.60
CA GLY V 87 -50.01 -5.67 83.98
C GLY V 87 -50.21 -6.12 82.55
N LYS V 88 -49.28 -6.92 82.02
CA LYS V 88 -49.47 -7.50 80.69
C LYS V 88 -50.53 -8.59 80.69
N GLU V 89 -50.79 -9.21 81.85
CA GLU V 89 -51.87 -10.20 81.93
C GLU V 89 -53.24 -9.58 81.69
N PRO V 90 -53.68 -8.54 82.41
CA PRO V 90 -54.99 -7.96 82.12
C PRO V 90 -55.05 -7.21 80.79
N ARG V 91 -53.91 -6.84 80.21
CA ARG V 91 -53.86 -6.06 78.98
C ARG V 91 -54.63 -6.74 77.85
N PHE V 92 -54.13 -7.88 77.38
CA PHE V 92 -54.75 -8.56 76.25
C PHE V 92 -55.95 -9.40 76.66
N VAL V 93 -56.06 -9.77 77.93
CA VAL V 93 -57.11 -10.71 78.32
C VAL V 93 -58.46 -10.00 78.47
N LEU V 94 -58.45 -8.69 78.69
CA LEU V 94 -59.67 -7.90 78.77
C LEU V 94 -59.96 -7.27 77.41
N ARG V 95 -60.98 -6.41 77.38
CA ARG V 95 -61.24 -5.43 76.32
C ARG V 95 -61.08 -6.04 74.93
N ALA V 96 -62.06 -6.88 74.57
CA ALA V 96 -62.15 -7.37 73.20
C ALA V 96 -62.12 -6.18 72.21
N LEU V 97 -62.97 -5.14 72.37
CA LEU V 97 -64.30 -5.14 72.98
C LEU V 97 -65.20 -4.20 72.19
N ARG V 98 -66.29 -4.69 71.61
CA ARG V 98 -66.57 -6.11 71.50
C ARG V 98 -66.56 -6.49 70.02
N MET V 99 -67.47 -5.90 69.25
CA MET V 99 -67.46 -6.04 67.80
C MET V 99 -66.25 -5.30 67.23
N LEU V 100 -65.84 -5.71 66.02
CA LEU V 100 -64.61 -5.23 65.41
C LEU V 100 -64.45 -3.71 65.41
N PRO V 101 -65.44 -2.90 65.00
CA PRO V 101 -65.24 -1.44 65.09
C PRO V 101 -65.08 -0.96 66.52
N SER V 102 -65.67 -1.65 67.49
CA SER V 102 -65.44 -1.30 68.89
C SER V 102 -64.11 -1.83 69.39
N THR V 103 -63.60 -2.91 68.80
CA THR V 103 -62.28 -3.41 69.18
C THR V 103 -61.18 -2.41 68.84
N SER V 104 -61.39 -1.60 67.79
CA SER V 104 -60.39 -0.61 67.41
C SER V 104 -60.16 0.40 68.53
N ARG V 105 -61.22 0.74 69.26
CA ARG V 105 -61.05 1.59 70.43
C ARG V 105 -60.20 0.90 71.49
N ARG V 106 -60.38 -0.41 71.66
CA ARG V 106 -59.56 -1.16 72.61
C ARG V 106 -58.15 -1.35 72.09
N LEU V 107 -57.97 -1.38 70.76
CA LEU V 107 -56.62 -1.37 70.20
C LEU V 107 -55.89 -0.09 70.57
N ASN V 108 -56.63 1.01 70.74
CA ASN V 108 -56.06 2.22 71.31
C ASN V 108 -55.93 2.16 72.82
N HIS V 109 -56.75 1.34 73.48
CA HIS V 109 -56.66 1.20 74.93
C HIS V 109 -55.40 0.47 75.38
N TYR V 110 -54.83 -0.38 74.52
CA TYR V 110 -53.53 -0.96 74.84
C TYR V 110 -52.47 0.13 74.93
N VAL V 111 -52.56 1.13 74.05
CA VAL V 111 -51.66 2.28 74.13
C VAL V 111 -52.01 3.15 75.34
N LEU V 112 -53.30 3.22 75.68
CA LEU V 112 -53.71 3.95 76.87
C LEU V 112 -53.10 3.33 78.13
N TYR V 113 -53.15 2.00 78.22
CA TYR V 113 -52.50 1.33 79.34
C TYR V 113 -50.98 1.38 79.25
N LYS V 114 -50.43 1.56 78.04
CA LYS V 114 -49.00 1.81 77.92
C LYS V 114 -48.62 3.13 78.56
N ALA V 115 -49.50 4.13 78.45
CA ALA V 115 -49.25 5.41 79.12
C ALA V 115 -49.51 5.32 80.61
N VAL V 116 -50.56 4.60 81.00
CA VAL V 116 -50.83 4.38 82.42
C VAL V 116 -49.68 3.62 83.08
N GLN V 117 -49.17 2.60 82.39
CA GLN V 117 -48.00 1.89 82.89
C GLN V 117 -46.74 2.75 82.80
N GLY V 118 -46.71 3.72 81.91
CA GLY V 118 -45.58 4.63 81.83
C GLY V 118 -45.60 5.76 82.83
N PHE V 119 -46.66 5.86 83.64
CA PHE V 119 -46.79 6.90 84.65
C PHE V 119 -46.61 6.34 86.06
N PHE V 120 -47.51 5.45 86.49
CA PHE V 120 -47.51 4.93 87.85
C PHE V 120 -46.66 3.66 87.93
N THR V 121 -46.78 2.93 89.04
CA THR V 121 -45.95 1.75 89.30
C THR V 121 -46.14 0.66 88.24
N SER V 122 -47.21 0.73 87.45
CA SER V 122 -47.49 -0.18 86.34
C SER V 122 -47.74 -1.61 86.80
N ASN V 123 -48.14 -1.81 88.06
CA ASN V 123 -48.59 -3.11 88.57
C ASN V 123 -47.56 -4.21 88.26
N ASN V 124 -46.33 -3.98 88.71
CA ASN V 124 -45.24 -4.90 88.44
C ASN V 124 -45.41 -6.27 89.09
N ALA V 125 -46.40 -6.43 89.98
CA ALA V 125 -46.65 -7.70 90.65
C ALA V 125 -48.13 -8.04 90.56
N THR V 126 -48.43 -9.26 90.11
CA THR V 126 -49.81 -9.74 90.01
C THR V 126 -50.07 -10.82 91.05
N ARG V 127 -49.45 -12.00 90.91
CA ARG V 127 -49.62 -13.10 91.85
C ARG V 127 -51.09 -13.48 92.03
N ASP V 128 -51.61 -13.32 93.25
CA ASP V 128 -52.99 -13.70 93.54
C ASP V 128 -54.01 -12.92 92.74
N PHE V 129 -53.61 -11.83 92.06
CA PHE V 129 -54.51 -11.10 91.19
C PHE V 129 -54.83 -11.85 89.90
N LEU V 130 -54.21 -13.02 89.68
CA LEU V 130 -54.54 -13.82 88.50
C LEU V 130 -55.97 -14.35 88.55
N LEU V 131 -56.54 -14.48 89.75
CA LEU V 131 -57.90 -15.00 89.86
C LEU V 131 -58.93 -14.09 89.19
N PRO V 132 -59.01 -12.79 89.49
CA PRO V 132 -59.89 -11.95 88.68
C PRO V 132 -59.41 -11.80 87.25
N PHE V 133 -58.10 -11.68 87.05
CA PHE V 133 -57.55 -11.50 85.70
C PHE V 133 -57.97 -12.62 84.76
N LEU V 134 -57.57 -13.86 85.08
CA LEU V 134 -57.89 -14.99 84.21
C LEU V 134 -59.38 -15.15 83.96
N GLU V 135 -60.22 -14.65 84.87
CA GLU V 135 -61.67 -14.70 84.69
C GLU V 135 -62.23 -13.44 84.06
N GLU V 136 -61.39 -12.44 83.78
CA GLU V 136 -61.86 -11.23 83.11
C GLU V 136 -62.35 -11.47 81.68
N PRO V 137 -61.71 -12.32 80.86
CA PRO V 137 -62.30 -12.59 79.53
C PRO V 137 -63.69 -13.19 79.60
N MET V 138 -63.99 -13.95 80.66
CA MET V 138 -65.35 -14.42 80.87
C MET V 138 -66.26 -13.32 81.40
N ASP V 139 -65.69 -12.24 81.93
CA ASP V 139 -66.49 -11.09 82.32
C ASP V 139 -66.85 -10.20 81.12
N THR V 140 -66.02 -10.22 80.08
CA THR V 140 -66.28 -9.40 78.90
C THR V 140 -67.53 -9.89 78.18
N GLU V 141 -67.57 -11.16 77.81
CA GLU V 141 -68.72 -11.78 77.16
C GLU V 141 -69.13 -11.08 75.86
N ALA V 142 -68.35 -11.23 74.80
CA ALA V 142 -67.16 -12.06 74.74
C ALA V 142 -66.19 -11.46 73.74
N ASP V 143 -65.16 -12.22 73.35
CA ASP V 143 -64.18 -11.75 72.36
C ASP V 143 -64.84 -11.26 71.05
N LEU V 144 -65.82 -11.97 70.47
CA LEU V 144 -66.14 -13.37 70.73
C LEU V 144 -65.58 -14.27 69.64
N GLN V 145 -64.96 -13.65 68.63
CA GLN V 145 -64.68 -14.35 67.38
C GLN V 145 -63.58 -15.40 67.55
N PHE V 146 -62.43 -15.00 68.05
CA PHE V 146 -61.24 -15.85 68.04
C PHE V 146 -61.03 -16.46 69.42
N ARG V 147 -61.29 -17.75 69.54
CA ARG V 147 -60.93 -18.51 70.73
C ARG V 147 -59.41 -18.66 70.90
N PRO V 148 -58.62 -18.86 69.83
CA PRO V 148 -57.16 -18.91 70.03
C PRO V 148 -56.59 -17.65 70.65
N ARG V 149 -57.16 -16.47 70.37
CA ARG V 149 -56.66 -15.26 70.99
C ARG V 149 -56.98 -15.22 72.48
N THR V 150 -58.14 -15.73 72.88
CA THR V 150 -58.49 -15.77 74.30
C THR V 150 -57.65 -16.83 75.02
N GLY V 151 -57.49 -18.00 74.41
CA GLY V 151 -56.67 -19.03 75.01
C GLY V 151 -55.20 -18.66 75.07
N LYS V 152 -54.70 -17.95 74.07
CA LYS V 152 -53.29 -17.55 74.06
C LYS V 152 -53.03 -16.40 75.02
N ALA V 153 -53.96 -15.45 75.14
CA ALA V 153 -53.76 -14.31 76.03
C ALA V 153 -53.70 -14.76 77.49
N ALA V 154 -54.45 -15.82 77.83
CA ALA V 154 -54.37 -16.37 79.18
C ALA V 154 -53.18 -17.29 79.37
N SER V 155 -52.84 -18.09 78.35
CA SER V 155 -51.81 -19.11 78.51
C SER V 155 -50.40 -18.52 78.41
N THR V 156 -50.19 -17.56 77.51
CA THR V 156 -48.86 -16.97 77.33
C THR V 156 -48.23 -16.46 78.62
N PRO V 157 -48.95 -15.87 79.58
CA PRO V 157 -48.33 -15.68 80.90
C PRO V 157 -48.07 -16.99 81.64
N LEU V 158 -49.03 -17.93 81.58
CA LEU V 158 -48.98 -19.11 82.44
C LEU V 158 -48.07 -20.19 81.89
N LEU V 159 -48.03 -20.38 80.57
CA LEU V 159 -47.25 -21.51 80.03
C LEU V 159 -45.76 -21.37 80.29
N PRO V 160 -45.10 -20.24 79.99
CA PRO V 160 -43.71 -20.08 80.41
C PRO V 160 -43.53 -20.03 81.91
N GLU V 161 -44.61 -19.77 82.67
CA GLU V 161 -44.52 -19.74 84.12
C GLU V 161 -44.37 -21.13 84.72
N VAL V 162 -44.76 -22.19 84.00
CA VAL V 162 -44.59 -23.55 84.48
C VAL V 162 -43.12 -23.89 84.67
N GLU V 163 -42.22 -23.20 83.97
CA GLU V 163 -40.79 -23.43 84.11
C GLU V 163 -40.22 -22.91 85.43
N ALA V 164 -41.03 -22.24 86.26
CA ALA V 164 -40.54 -21.75 87.54
C ALA V 164 -40.47 -22.87 88.58
N TYR V 165 -41.46 -23.76 88.57
CA TYR V 165 -41.51 -24.91 89.48
C TYR V 165 -41.52 -24.46 90.94
N LEU V 166 -42.38 -23.49 91.25
CA LEU V 166 -42.55 -23.06 92.64
C LEU V 166 -43.43 -24.02 93.43
N GLN V 167 -44.37 -24.69 92.76
CA GLN V 167 -45.20 -25.74 93.34
C GLN V 167 -46.05 -25.24 94.52
N LEU V 168 -46.37 -23.95 94.58
CA LEU V 168 -47.22 -23.43 95.64
C LEU V 168 -48.28 -22.50 95.03
N LEU V 169 -49.53 -22.94 95.10
CA LEU V 169 -50.72 -22.11 94.86
C LEU V 169 -50.86 -21.64 93.42
N VAL V 170 -49.79 -21.70 92.63
CA VAL V 170 -49.86 -21.36 91.22
C VAL V 170 -49.99 -22.59 90.32
N VAL V 171 -49.94 -23.78 90.90
CA VAL V 171 -50.14 -25.00 90.11
C VAL V 171 -51.62 -25.13 89.73
N ILE V 172 -52.51 -24.79 90.66
CA ILE V 172 -53.94 -24.78 90.35
C ILE V 172 -54.28 -23.67 89.35
N PHE V 173 -53.43 -22.64 89.25
CA PHE V 173 -53.63 -21.62 88.22
C PHE V 173 -53.27 -22.18 86.85
N MET V 174 -52.23 -23.00 86.77
CA MET V 174 -51.96 -23.75 85.55
C MET V 174 -53.12 -24.68 85.22
N MET V 175 -53.74 -25.27 86.25
CA MET V 175 -54.93 -26.08 86.05
C MET V 175 -56.10 -25.24 85.54
N ASN V 176 -56.17 -23.97 85.93
CA ASN V 176 -57.20 -23.09 85.40
C ASN V 176 -56.97 -22.82 83.91
N SER V 177 -55.71 -22.69 83.50
CA SER V 177 -55.42 -22.61 82.08
C SER V 177 -55.76 -23.91 81.37
N LYS V 178 -55.68 -25.04 82.08
CA LYS V 178 -56.12 -26.30 81.52
C LYS V 178 -57.64 -26.35 81.38
N ARG V 179 -58.37 -25.72 82.30
CA ARG V 179 -59.82 -25.63 82.18
C ARG V 179 -60.21 -24.68 81.06
N TYR V 180 -59.49 -23.57 80.90
CA TYR V 180 -59.71 -22.69 79.77
C TYR V 180 -59.42 -23.41 78.46
N LYS V 181 -58.39 -24.27 78.45
CA LYS V 181 -58.11 -25.10 77.28
C LYS V 181 -59.17 -26.19 77.10
N GLU V 182 -59.84 -26.61 78.17
CA GLU V 182 -60.97 -27.52 78.02
C GLU V 182 -62.18 -26.81 77.40
N ALA V 183 -62.38 -25.53 77.74
CA ALA V 183 -63.35 -24.72 77.00
C ALA V 183 -62.89 -24.56 75.55
N GLN V 184 -61.58 -24.50 75.33
CA GLN V 184 -61.06 -24.58 73.97
C GLN V 184 -61.28 -25.96 73.36
N LYS V 185 -61.36 -27.00 74.20
CA LYS V 185 -61.59 -28.35 73.69
C LYS V 185 -63.06 -28.57 73.32
N ILE V 186 -63.99 -28.02 74.12
CA ILE V 186 -65.39 -28.12 73.77
C ILE V 186 -65.68 -27.34 72.50
N SER V 187 -65.13 -26.12 72.40
CA SER V 187 -65.21 -25.39 71.15
C SER V 187 -64.42 -26.08 70.03
N ASP V 188 -63.47 -26.95 70.40
CA ASP V 188 -62.82 -27.81 69.41
C ASP V 188 -63.69 -28.98 69.00
N ASP V 189 -64.78 -29.23 69.72
CA ASP V 189 -65.75 -30.25 69.36
C ASP V 189 -67.01 -29.72 68.67
N LEU V 190 -67.14 -28.40 68.49
CA LEU V 190 -68.39 -27.84 68.01
C LEU V 190 -68.24 -27.06 66.70
N MET V 191 -67.71 -25.84 66.78
CA MET V 191 -67.45 -25.03 65.60
C MET V 191 -65.95 -25.04 65.34
N GLN V 192 -65.46 -25.28 64.11
CA GLN V 192 -66.08 -25.10 62.79
C GLN V 192 -66.55 -23.62 62.69
N LYS V 193 -67.56 -23.24 61.91
CA LYS V 193 -67.90 -23.82 60.61
C LYS V 193 -67.00 -23.29 59.49
N ILE V 194 -66.79 -24.09 58.44
CA ILE V 194 -67.10 -25.52 58.48
C ILE V 194 -66.00 -26.62 58.60
N SER V 195 -64.68 -26.45 58.36
CA SER V 195 -63.79 -25.29 58.12
C SER V 195 -63.55 -24.32 59.27
N THR V 196 -62.78 -24.79 60.26
CA THR V 196 -62.05 -23.91 61.17
C THR V 196 -60.64 -23.78 60.63
N GLN V 197 -60.22 -22.56 60.32
CA GLN V 197 -58.82 -22.33 59.98
C GLN V 197 -57.97 -21.93 61.19
N ASN V 198 -58.60 -21.67 62.33
CA ASN V 198 -57.88 -21.39 63.56
C ASN V 198 -57.64 -22.62 64.42
N ARG V 199 -58.25 -23.76 64.09
CA ARG V 199 -58.07 -24.96 64.90
C ARG V 199 -56.73 -25.63 64.67
N ARG V 200 -56.07 -25.38 63.53
CA ARG V 200 -54.71 -25.84 63.37
C ARG V 200 -53.77 -25.12 64.33
N ALA V 201 -53.94 -23.81 64.48
CA ALA V 201 -53.22 -23.09 65.53
C ALA V 201 -53.66 -23.55 66.91
N LEU V 202 -54.93 -23.96 67.03
CA LEU V 202 -55.37 -24.58 68.28
C LEU V 202 -54.72 -25.94 68.49
N ASP V 203 -54.48 -26.69 67.40
CA ASP V 203 -53.72 -27.93 67.54
C ASP V 203 -52.31 -27.65 68.02
N LEU V 204 -51.65 -26.64 67.45
CA LEU V 204 -50.32 -26.21 67.87
C LEU V 204 -50.30 -25.82 69.34
N VAL V 205 -51.06 -24.78 69.70
CA VAL V 205 -51.00 -24.23 71.05
C VAL V 205 -51.43 -25.26 72.09
N ALA V 206 -52.48 -26.04 71.79
CA ALA V 206 -52.97 -26.99 72.78
C ALA V 206 -52.00 -28.14 72.97
N ALA V 207 -51.34 -28.59 71.91
CA ALA V 207 -50.30 -29.62 72.05
C ALA V 207 -49.24 -29.17 73.03
N LYS V 208 -48.88 -27.88 72.99
CA LYS V 208 -47.96 -27.32 73.97
C LYS V 208 -48.48 -27.52 75.38
N CYS V 209 -49.63 -26.93 75.71
CA CYS V 209 -50.17 -27.08 77.05
C CYS V 209 -50.74 -28.47 77.32
N TYR V 210 -50.88 -29.33 76.31
CA TYR V 210 -51.06 -30.74 76.62
C TYR V 210 -49.76 -31.37 77.11
N TYR V 211 -48.61 -30.86 76.66
CA TYR V 211 -47.36 -31.26 77.29
C TYR V 211 -47.16 -30.54 78.62
N TYR V 212 -47.79 -29.38 78.80
CA TYR V 212 -47.84 -28.78 80.12
C TYR V 212 -48.83 -29.51 81.03
N HIS V 213 -49.86 -30.12 80.45
CA HIS V 213 -50.64 -31.12 81.18
C HIS V 213 -49.73 -32.22 81.71
N ALA V 214 -48.83 -32.70 80.85
CA ALA V 214 -47.91 -33.76 81.26
C ALA V 214 -47.00 -33.29 82.38
N ARG V 215 -46.38 -32.12 82.21
CA ARG V 215 -45.44 -31.63 83.22
C ARG V 215 -46.14 -31.37 84.55
N VAL V 216 -47.27 -30.65 84.52
CA VAL V 216 -47.95 -30.27 85.76
C VAL V 216 -48.47 -31.50 86.48
N TYR V 217 -49.00 -32.48 85.74
CA TYR V 217 -49.46 -33.71 86.37
C TYR V 217 -48.28 -34.53 86.88
N GLU V 218 -47.17 -34.55 86.14
CA GLU V 218 -45.98 -35.27 86.58
C GLU V 218 -45.34 -34.66 87.82
N PHE V 219 -45.80 -33.49 88.27
CA PHE V 219 -45.27 -32.91 89.50
C PHE V 219 -45.54 -33.83 90.69
N LEU V 220 -46.61 -34.61 90.65
CA LEU V 220 -46.96 -35.53 91.72
C LEU V 220 -46.86 -36.98 91.28
N ASP V 221 -47.64 -37.40 90.30
CA ASP V 221 -47.65 -38.80 89.86
C ASP V 221 -48.13 -38.86 88.42
N LYS V 222 -48.41 -40.05 87.94
CA LYS V 222 -48.86 -40.23 86.56
C LYS V 222 -50.22 -39.58 86.35
N LEU V 223 -50.49 -39.24 85.08
CA LEU V 223 -51.64 -38.45 84.68
C LEU V 223 -52.86 -39.29 84.32
N ASP V 224 -52.86 -40.58 84.67
CA ASP V 224 -53.76 -41.59 84.09
C ASP V 224 -55.19 -41.11 83.88
N VAL V 225 -55.71 -40.29 84.79
CA VAL V 225 -57.01 -39.66 84.57
C VAL V 225 -57.02 -38.89 83.25
N VAL V 226 -55.88 -38.28 82.89
CA VAL V 226 -55.77 -37.59 81.61
C VAL V 226 -55.44 -38.53 80.47
N ARG V 227 -55.21 -39.81 80.73
CA ARG V 227 -55.07 -40.77 79.64
C ARG V 227 -56.43 -41.08 79.02
N SER V 228 -57.46 -41.25 79.85
CA SER V 228 -58.82 -41.36 79.34
C SER V 228 -59.29 -40.02 78.78
N PHE V 229 -58.79 -38.91 79.35
CA PHE V 229 -59.14 -37.60 78.82
C PHE V 229 -58.42 -37.33 77.51
N LEU V 230 -57.17 -37.76 77.39
CA LEU V 230 -56.48 -37.67 76.11
C LEU V 230 -57.14 -38.54 75.06
N HIS V 231 -57.49 -39.78 75.42
CA HIS V 231 -58.25 -40.63 74.51
C HIS V 231 -59.60 -40.02 74.15
N ALA V 232 -60.19 -39.24 75.06
CA ALA V 232 -61.41 -38.54 74.74
C ALA V 232 -61.15 -37.44 73.71
N ARG V 233 -60.04 -36.70 73.88
CA ARG V 233 -59.68 -35.66 72.93
C ARG V 233 -59.14 -36.24 71.63
N LEU V 234 -58.32 -37.29 71.74
CA LEU V 234 -57.73 -37.88 70.54
C LEU V 234 -58.79 -38.53 69.66
N ARG V 235 -59.80 -39.15 70.28
CA ARG V 235 -60.85 -39.81 69.50
C ARG V 235 -61.89 -38.82 69.00
N THR V 236 -62.16 -37.75 69.73
CA THR V 236 -63.13 -36.75 69.27
C THR V 236 -62.58 -35.90 68.13
N ALA V 237 -61.26 -35.85 67.96
CA ALA V 237 -60.68 -35.21 66.79
C ALA V 237 -60.78 -36.09 65.55
N THR V 238 -61.24 -37.32 65.70
CA THR V 238 -61.40 -38.24 64.59
C THR V 238 -62.77 -38.05 63.94
N LEU V 239 -62.82 -37.98 62.62
CA LEU V 239 -61.62 -37.97 61.78
C LEU V 239 -61.24 -36.55 61.34
N ARG V 240 -62.09 -35.58 61.70
CA ARG V 240 -62.01 -34.24 61.15
C ARG V 240 -60.65 -33.56 61.34
N HIS V 241 -60.34 -33.16 62.57
CA HIS V 241 -59.19 -32.32 62.84
C HIS V 241 -57.95 -33.12 63.23
N ASP V 242 -57.99 -34.44 63.08
CA ASP V 242 -56.82 -35.28 63.34
C ASP V 242 -55.57 -34.76 62.66
N ALA V 243 -55.72 -34.13 61.49
CA ALA V 243 -54.55 -33.64 60.76
C ALA V 243 -53.76 -32.68 61.63
N ASP V 244 -52.50 -33.03 61.88
CA ASP V 244 -51.56 -32.31 62.74
C ASP V 244 -52.02 -32.32 64.20
N GLY V 245 -53.29 -32.64 64.43
CA GLY V 245 -53.81 -32.85 65.77
C GLY V 245 -53.51 -34.23 66.31
N GLN V 246 -53.76 -35.25 65.48
CA GLN V 246 -53.59 -36.64 65.91
C GLN V 246 -52.11 -36.97 66.09
N ALA V 247 -51.24 -36.38 65.29
CA ALA V 247 -49.81 -36.65 65.41
C ALA V 247 -49.28 -36.19 66.76
N THR V 248 -49.59 -34.96 67.15
CA THR V 248 -49.09 -34.44 68.43
C THR V 248 -49.75 -35.15 69.61
N LEU V 249 -51.05 -35.44 69.50
CA LEU V 249 -51.73 -36.15 70.58
C LEU V 249 -51.26 -37.60 70.69
N LEU V 250 -50.84 -38.20 69.57
CA LEU V 250 -50.32 -39.56 69.64
C LEU V 250 -48.95 -39.59 70.31
N ASN V 251 -48.14 -38.56 70.11
CA ASN V 251 -46.89 -38.45 70.86
C ASN V 251 -47.16 -38.17 72.32
N LEU V 252 -48.15 -37.31 72.62
CA LEU V 252 -48.60 -37.13 73.99
C LEU V 252 -49.07 -38.44 74.60
N LEU V 253 -49.79 -39.25 73.82
CA LEU V 253 -50.11 -40.61 74.24
C LEU V 253 -48.85 -41.44 74.41
N LEU V 254 -48.05 -41.57 73.35
CA LEU V 254 -46.97 -42.54 73.32
C LEU V 254 -45.91 -42.26 74.39
N ARG V 255 -45.56 -40.99 74.60
CA ARG V 255 -44.50 -40.62 75.53
C ARG V 255 -44.75 -41.19 76.93
N ASN V 256 -45.82 -40.74 77.57
CA ASN V 256 -46.10 -41.18 78.93
C ASN V 256 -46.68 -42.59 78.98
N TYR V 257 -47.35 -43.03 77.91
CA TYR V 257 -47.76 -44.42 77.84
C TYR V 257 -46.56 -45.35 77.66
N LEU V 258 -45.46 -44.84 77.11
CA LEU V 258 -44.23 -45.62 77.14
C LEU V 258 -43.67 -45.67 78.55
N HIS V 259 -43.96 -44.66 79.38
CA HIS V 259 -43.55 -44.64 80.78
C HIS V 259 -44.46 -45.51 81.65
N TYR V 260 -45.71 -45.71 81.23
CA TYR V 260 -46.68 -46.44 82.04
C TYR V 260 -47.39 -47.48 81.17
N SER V 261 -47.31 -48.74 81.60
CA SER V 261 -47.93 -49.87 80.90
C SER V 261 -49.44 -49.64 80.73
N LEU V 262 -50.06 -50.19 79.68
CA LEU V 262 -49.49 -51.19 78.76
C LEU V 262 -50.21 -51.13 77.40
N TYR V 263 -49.91 -52.11 76.54
CA TYR V 263 -50.66 -52.48 75.33
C TYR V 263 -50.46 -51.50 74.19
N ASP V 264 -49.71 -50.41 74.39
CA ASP V 264 -49.56 -49.40 73.35
C ASP V 264 -48.93 -49.97 72.07
N GLN V 265 -48.20 -51.08 72.19
CA GLN V 265 -47.62 -51.70 71.01
C GLN V 265 -48.70 -52.18 70.05
N ALA V 266 -49.71 -52.87 70.59
CA ALA V 266 -50.84 -53.30 69.76
C ALA V 266 -51.89 -52.21 69.62
N GLU V 267 -51.83 -51.16 70.44
CA GLU V 267 -52.81 -50.08 70.34
C GLU V 267 -52.54 -49.22 69.10
N LYS V 268 -51.27 -48.89 68.85
CA LYS V 268 -50.94 -48.09 67.68
C LYS V 268 -51.15 -48.85 66.38
N LEU V 269 -51.17 -50.18 66.42
CA LEU V 269 -51.54 -50.96 65.25
C LEU V 269 -52.92 -50.57 64.74
N VAL V 270 -53.95 -50.78 65.56
CA VAL V 270 -55.30 -50.42 65.16
C VAL V 270 -55.52 -48.91 65.12
N SER V 271 -54.63 -48.13 65.74
CA SER V 271 -54.75 -46.68 65.67
C SER V 271 -54.44 -46.17 64.26
N LYS V 272 -53.35 -46.65 63.67
CA LYS V 272 -53.02 -46.37 62.28
C LYS V 272 -54.11 -46.96 61.38
N SER V 273 -54.51 -46.34 60.26
CA SER V 273 -53.99 -45.08 59.66
C SER V 273 -52.50 -45.06 59.38
N VAL V 274 -51.87 -43.89 59.61
CA VAL V 274 -50.42 -43.77 59.53
C VAL V 274 -49.85 -43.03 60.76
N PHE V 275 -50.21 -41.76 61.04
CA PHE V 275 -51.30 -40.99 60.41
C PHE V 275 -50.79 -39.80 59.59
N PRO V 276 -51.15 -39.75 58.29
CA PRO V 276 -50.74 -38.68 57.38
C PRO V 276 -51.58 -37.42 57.53
N GLU V 277 -51.08 -36.26 57.11
CA GLU V 277 -49.69 -36.07 56.68
C GLU V 277 -48.81 -35.84 57.90
N GLN V 278 -47.52 -36.15 57.79
CA GLN V 278 -46.61 -35.99 58.92
C GLN V 278 -46.42 -34.50 59.22
N ALA V 279 -46.75 -34.10 60.44
CA ALA V 279 -46.63 -32.71 60.85
C ALA V 279 -46.39 -32.60 62.36
N ASN V 280 -45.55 -31.67 62.78
CA ASN V 280 -44.81 -30.78 61.90
C ASN V 280 -43.32 -31.11 61.88
N ASN V 281 -42.80 -31.45 60.70
CA ASN V 281 -41.37 -31.69 60.52
C ASN V 281 -40.88 -32.77 61.48
N ASN V 282 -40.00 -32.38 62.42
CA ASN V 282 -39.39 -33.31 63.36
C ASN V 282 -40.40 -34.07 64.21
N GLU V 283 -41.67 -33.63 64.25
CA GLU V 283 -42.67 -34.33 65.03
C GLU V 283 -42.78 -35.79 64.62
N TRP V 284 -42.73 -36.08 63.33
CA TRP V 284 -42.82 -37.46 62.87
C TRP V 284 -41.53 -38.22 63.15
N ALA V 285 -40.39 -37.54 63.15
CA ALA V 285 -39.13 -38.21 63.46
C ALA V 285 -39.09 -38.62 64.93
N ARG V 286 -39.45 -37.71 65.84
CA ARG V 286 -39.50 -38.05 67.24
C ARG V 286 -40.57 -39.10 67.52
N TYR V 287 -41.67 -39.08 66.75
CA TYR V 287 -42.66 -40.14 66.84
C TYR V 287 -42.06 -41.48 66.45
N LEU V 288 -41.21 -41.48 65.43
CA LEU V 288 -40.51 -42.69 65.03
C LEU V 288 -39.39 -43.07 65.99
N TYR V 289 -39.02 -42.18 66.93
CA TYR V 289 -38.19 -42.59 68.05
C TYR V 289 -39.03 -43.23 69.16
N TYR V 290 -40.18 -42.62 69.48
CA TYR V 290 -41.11 -43.16 70.46
C TYR V 290 -41.60 -44.53 70.04
N THR V 291 -42.34 -44.58 68.92
CA THR V 291 -42.70 -45.87 68.34
C THR V 291 -41.49 -46.65 67.85
N GLY V 292 -40.33 -46.00 67.73
CA GLY V 292 -39.11 -46.74 67.44
C GLY V 292 -38.72 -47.67 68.57
N ARG V 293 -38.80 -47.18 69.81
CA ARG V 293 -38.61 -48.06 70.96
C ARG V 293 -39.71 -49.11 71.03
N ILE V 294 -40.93 -48.73 70.64
CA ILE V 294 -42.05 -49.66 70.53
C ILE V 294 -41.70 -50.77 69.55
N LYS V 295 -41.47 -50.42 68.28
CA LYS V 295 -41.16 -51.43 67.28
C LYS V 295 -39.83 -52.12 67.57
N ALA V 296 -39.00 -51.53 68.44
CA ALA V 296 -37.83 -52.24 68.91
C ALA V 296 -38.16 -53.26 70.01
N ILE V 297 -39.35 -53.15 70.62
CA ILE V 297 -39.74 -54.13 71.63
C ILE V 297 -40.20 -55.42 70.98
N GLN V 298 -40.59 -55.39 69.71
CA GLN V 298 -40.83 -56.60 68.92
C GLN V 298 -39.55 -57.23 68.42
N LEU V 299 -38.43 -56.52 68.50
CA LEU V 299 -37.07 -57.01 68.28
C LEU V 299 -36.75 -57.30 66.81
N GLU V 300 -37.66 -57.08 65.87
CA GLU V 300 -37.28 -57.19 64.47
C GLU V 300 -36.31 -56.06 64.16
N TYR V 301 -35.10 -56.41 63.74
CA TYR V 301 -33.99 -55.46 63.76
C TYR V 301 -33.86 -54.66 62.47
N SER V 302 -34.50 -55.07 61.39
CA SER V 302 -34.46 -54.26 60.17
C SER V 302 -35.40 -53.07 60.28
N GLU V 303 -36.62 -53.32 60.77
CA GLU V 303 -37.55 -52.21 60.99
C GLU V 303 -37.13 -51.36 62.19
N ALA V 304 -36.47 -51.97 63.18
CA ALA V 304 -36.05 -51.21 64.35
C ALA V 304 -34.84 -50.32 64.04
N ARG V 305 -33.89 -50.83 63.25
CA ARG V 305 -32.74 -50.00 62.90
C ARG V 305 -33.14 -48.92 61.90
N ARG V 306 -34.16 -49.16 61.08
CA ARG V 306 -34.59 -48.14 60.13
C ARG V 306 -35.46 -47.09 60.79
N THR V 307 -36.23 -47.45 61.83
CA THR V 307 -37.03 -46.46 62.53
C THR V 307 -36.21 -45.67 63.54
N MET V 308 -35.15 -46.26 64.09
CA MET V 308 -34.29 -45.54 65.03
C MET V 308 -33.37 -44.58 64.27
N THR V 309 -32.80 -45.05 63.16
CA THR V 309 -31.95 -44.17 62.35
C THR V 309 -32.76 -43.04 61.75
N ASN V 310 -33.94 -43.34 61.20
CA ASN V 310 -34.80 -42.31 60.64
C ASN V 310 -35.34 -41.37 61.71
N ALA V 311 -35.32 -41.77 62.97
CA ALA V 311 -35.73 -40.87 64.04
C ALA V 311 -34.69 -39.77 64.25
N LEU V 312 -33.42 -40.15 64.35
CA LEU V 312 -32.36 -39.18 64.59
C LEU V 312 -32.00 -38.41 63.32
N ARG V 313 -31.86 -39.12 62.19
CA ARG V 313 -31.41 -38.49 60.96
C ARG V 313 -32.39 -37.45 60.44
N LYS V 314 -33.67 -37.55 60.82
CA LYS V 314 -34.70 -36.66 60.33
C LYS V 314 -34.91 -35.45 61.25
N ALA V 315 -34.08 -35.29 62.27
CA ALA V 315 -34.27 -34.21 63.24
C ALA V 315 -33.17 -33.17 63.14
N PRO V 316 -33.41 -32.00 62.54
CA PRO V 316 -32.66 -30.76 62.74
C PRO V 316 -33.37 -29.87 63.77
N GLN V 317 -32.81 -28.70 64.09
CA GLN V 317 -31.39 -28.42 64.01
C GLN V 317 -30.80 -28.48 65.42
N HIS V 318 -31.69 -28.74 66.39
CA HIS V 318 -31.50 -28.48 67.83
C HIS V 318 -31.00 -27.02 67.97
N THR V 319 -30.25 -26.61 68.99
CA THR V 319 -30.32 -27.04 70.40
C THR V 319 -31.71 -26.60 70.89
N ALA V 320 -32.28 -27.16 71.97
CA ALA V 320 -31.62 -27.89 73.05
C ALA V 320 -32.50 -29.03 73.57
N VAL V 321 -31.94 -30.00 74.31
CA VAL V 321 -30.49 -30.17 74.50
C VAL V 321 -30.04 -31.63 74.32
N GLY V 322 -30.41 -32.49 75.27
CA GLY V 322 -29.84 -33.83 75.35
C GLY V 322 -30.74 -34.97 74.91
N PHE V 323 -32.03 -34.70 74.68
CA PHE V 323 -32.90 -35.78 74.23
C PHE V 323 -32.68 -36.11 72.76
N LYS V 324 -32.29 -35.12 71.95
CA LYS V 324 -31.80 -35.41 70.61
C LYS V 324 -30.50 -36.21 70.65
N GLN V 325 -29.77 -36.14 71.77
CA GLN V 325 -28.65 -37.05 71.98
C GLN V 325 -29.12 -38.39 72.52
N THR V 326 -30.31 -38.44 73.11
CA THR V 326 -30.82 -39.69 73.66
C THR V 326 -31.33 -40.63 72.56
N VAL V 327 -31.95 -40.06 71.52
CA VAL V 327 -32.40 -40.88 70.40
C VAL V 327 -31.21 -41.53 69.72
N HIS V 328 -30.07 -40.83 69.68
CA HIS V 328 -28.85 -41.43 69.14
C HIS V 328 -28.30 -42.49 70.09
N LYS V 329 -28.44 -42.28 71.40
CA LYS V 329 -28.02 -43.28 72.38
C LYS V 329 -28.73 -44.61 72.14
N LEU V 330 -30.05 -44.62 72.27
CA LEU V 330 -30.84 -45.83 72.10
C LEU V 330 -30.92 -46.30 70.66
N LEU V 331 -30.39 -45.52 69.71
CA LEU V 331 -30.49 -45.90 68.30
C LEU V 331 -29.75 -47.19 68.01
N ILE V 332 -28.51 -47.29 68.46
CA ILE V 332 -27.62 -48.38 68.04
C ILE V 332 -27.80 -49.58 68.95
N VAL V 333 -28.76 -49.48 69.88
CA VAL V 333 -29.09 -50.61 70.73
C VAL V 333 -29.49 -51.82 69.88
N VAL V 334 -30.37 -51.60 68.90
CA VAL V 334 -30.75 -52.69 68.01
C VAL V 334 -29.58 -53.08 67.11
N GLU V 335 -28.64 -52.16 66.89
CA GLU V 335 -27.43 -52.51 66.16
C GLU V 335 -26.49 -53.36 67.00
N LEU V 336 -26.53 -53.20 68.33
CA LEU V 336 -25.81 -54.10 69.21
C LEU V 336 -26.39 -55.50 69.15
N LEU V 337 -27.72 -55.60 69.06
CA LEU V 337 -28.39 -56.88 68.92
C LEU V 337 -28.27 -57.46 67.51
N LEU V 338 -27.78 -56.68 66.54
CA LEU V 338 -27.53 -57.19 65.21
C LEU V 338 -26.29 -58.07 65.16
N GLY V 339 -25.31 -57.80 66.03
CA GLY V 339 -24.06 -58.55 66.06
C GLY V 339 -22.87 -57.81 65.52
N GLU V 340 -23.07 -56.68 64.84
CA GLU V 340 -21.96 -55.90 64.29
C GLU V 340 -22.24 -54.43 64.55
N ILE V 341 -21.30 -53.75 65.20
CA ILE V 341 -21.43 -52.32 65.49
C ILE V 341 -20.07 -51.66 65.34
N PRO V 342 -20.00 -50.46 64.77
CA PRO V 342 -18.75 -49.70 64.79
C PRO V 342 -18.49 -49.05 66.14
N ASP V 343 -17.24 -48.65 66.35
CA ASP V 343 -16.85 -47.93 67.55
C ASP V 343 -17.25 -46.47 67.40
N ARG V 344 -18.10 -45.99 68.30
CA ARG V 344 -18.74 -44.68 68.18
C ARG V 344 -18.00 -43.57 68.93
N LEU V 345 -16.81 -43.86 69.47
CA LEU V 345 -16.08 -42.84 70.23
C LEU V 345 -15.75 -41.60 69.40
N GLN V 346 -15.81 -41.69 68.07
CA GLN V 346 -15.57 -40.53 67.23
C GLN V 346 -16.81 -39.66 67.04
N PHE V 347 -17.99 -40.14 67.44
CA PHE V 347 -19.23 -39.39 67.35
C PHE V 347 -19.59 -38.67 68.64
N ARG V 348 -18.74 -38.73 69.66
CA ARG V 348 -19.05 -38.15 70.95
C ARG V 348 -19.06 -36.63 70.88
N GLN V 349 -20.10 -36.03 71.46
CA GLN V 349 -20.22 -34.58 71.56
C GLN V 349 -19.69 -34.14 72.93
N PRO V 350 -19.61 -32.84 73.23
CA PRO V 350 -19.21 -32.45 74.59
C PRO V 350 -20.25 -32.81 75.65
N SER V 351 -21.50 -33.01 75.27
CA SER V 351 -22.56 -33.39 76.18
C SER V 351 -22.86 -34.88 76.11
N LEU V 352 -23.27 -35.36 74.93
CA LEU V 352 -23.63 -36.76 74.74
C LEU V 352 -22.55 -37.72 75.25
N LYS V 353 -21.28 -37.32 75.16
CA LYS V 353 -20.19 -38.13 75.72
C LYS V 353 -20.42 -38.40 77.21
N ARG V 354 -20.43 -37.33 78.01
CA ARG V 354 -20.57 -37.47 79.46
C ARG V 354 -21.86 -38.18 79.86
N SER V 355 -22.86 -38.19 78.99
CA SER V 355 -24.11 -38.88 79.30
C SER V 355 -24.00 -40.39 79.09
N LEU V 356 -23.37 -40.82 77.99
CA LEU V 356 -23.33 -42.22 77.62
C LEU V 356 -22.07 -42.95 78.10
N MET V 357 -21.22 -42.30 78.91
CA MET V 357 -19.91 -42.83 79.27
C MET V 357 -19.91 -44.32 79.61
N PRO V 358 -20.89 -44.83 80.37
CA PRO V 358 -20.98 -46.29 80.49
C PRO V 358 -21.35 -46.98 79.19
N TYR V 359 -22.26 -46.39 78.40
CA TYR V 359 -22.68 -47.02 77.15
C TYR V 359 -21.53 -47.14 76.16
N PHE V 360 -20.49 -46.32 76.32
CA PHE V 360 -19.29 -46.44 75.50
C PHE V 360 -18.67 -47.83 75.64
N LEU V 361 -18.21 -48.17 76.85
CA LEU V 361 -17.62 -49.48 77.07
C LEU V 361 -18.61 -50.61 76.83
N LEU V 362 -19.91 -50.32 76.87
CA LEU V 362 -20.92 -51.32 76.54
C LEU V 362 -20.80 -51.74 75.07
N THR V 363 -20.90 -50.78 74.15
CA THR V 363 -20.79 -51.12 72.74
C THR V 363 -19.38 -51.56 72.37
N GLN V 364 -18.39 -51.16 73.16
CA GLN V 364 -17.04 -51.72 72.98
C GLN V 364 -17.00 -53.18 73.39
N ALA V 365 -17.76 -53.55 74.42
CA ALA V 365 -17.88 -54.96 74.80
C ALA V 365 -18.74 -55.74 73.81
N VAL V 366 -19.62 -55.05 73.07
CA VAL V 366 -20.41 -55.73 72.05
C VAL V 366 -19.55 -56.05 70.83
N ARG V 367 -18.62 -55.15 70.48
CA ARG V 367 -17.71 -55.44 69.38
C ARG V 367 -16.83 -56.64 69.69
N THR V 368 -16.28 -56.70 70.89
CA THR V 368 -15.44 -57.83 71.28
C THR V 368 -16.30 -59.06 71.53
N GLY V 369 -15.69 -60.23 71.33
CA GLY V 369 -16.39 -61.49 71.51
C GLY V 369 -16.12 -62.12 72.86
N ASN V 370 -15.59 -61.34 73.79
CA ASN V 370 -15.29 -61.85 75.12
C ASN V 370 -16.51 -61.78 76.02
N LEU V 371 -16.74 -62.85 76.77
CA LEU V 371 -17.89 -62.92 77.67
C LEU V 371 -17.66 -62.11 78.94
N ALA V 372 -16.49 -62.29 79.56
CA ALA V 372 -16.20 -61.58 80.81
C ALA V 372 -16.11 -60.08 80.59
N LYS V 373 -15.68 -59.66 79.40
CA LYS V 373 -15.66 -58.24 79.09
C LYS V 373 -17.07 -57.65 79.06
N PHE V 374 -18.03 -58.41 78.54
CA PHE V 374 -19.41 -57.94 78.47
C PHE V 374 -20.11 -58.07 79.81
N ASN V 375 -19.84 -59.15 80.55
CA ASN V 375 -20.51 -59.36 81.84
C ASN V 375 -20.03 -58.35 82.88
N GLN V 376 -18.73 -58.01 82.86
CA GLN V 376 -18.23 -56.99 83.78
C GLN V 376 -18.83 -55.63 83.46
N VAL V 377 -19.10 -55.37 82.19
CA VAL V 377 -19.79 -54.13 81.80
C VAL V 377 -21.20 -54.11 82.40
N LEU V 378 -21.88 -55.25 82.40
CA LEU V 378 -23.21 -55.32 82.98
C LEU V 378 -23.18 -55.06 84.48
N ASP V 379 -22.25 -55.71 85.19
CA ASP V 379 -22.21 -55.57 86.64
C ASP V 379 -21.82 -54.16 87.07
N GLN V 380 -20.91 -53.53 86.34
CA GLN V 380 -20.45 -52.19 86.72
C GLN V 380 -21.44 -51.12 86.28
N PHE V 381 -21.95 -51.22 85.06
CA PHE V 381 -22.80 -50.18 84.47
C PHE V 381 -24.29 -50.43 84.70
N GLY V 382 -24.65 -51.46 85.48
CA GLY V 382 -26.05 -51.72 85.74
C GLY V 382 -26.80 -50.53 86.30
N GLU V 383 -26.10 -49.63 86.99
CA GLU V 383 -26.74 -48.42 87.50
C GLU V 383 -27.16 -47.50 86.34
N LYS V 384 -26.27 -47.33 85.36
CA LYS V 384 -26.63 -46.54 84.18
C LYS V 384 -27.70 -47.24 83.36
N PHE V 385 -27.71 -48.58 83.37
CA PHE V 385 -28.78 -49.30 82.70
C PHE V 385 -30.13 -49.01 83.35
N GLN V 386 -30.13 -48.79 84.67
CA GLN V 386 -31.35 -48.35 85.33
C GLN V 386 -31.74 -46.93 84.94
N ALA V 387 -30.75 -46.09 84.62
CA ALA V 387 -31.05 -44.72 84.23
C ALA V 387 -31.63 -44.66 82.82
N ASP V 388 -31.12 -45.51 81.92
CA ASP V 388 -31.64 -45.52 80.55
C ASP V 388 -32.98 -46.25 80.47
N GLY V 389 -33.11 -47.38 81.16
CA GLY V 389 -34.32 -48.17 81.17
C GLY V 389 -34.25 -49.44 80.38
N THR V 390 -33.19 -49.62 79.57
CA THR V 390 -33.03 -50.83 78.77
C THR V 390 -32.22 -51.86 79.55
N TYR V 391 -32.84 -53.00 79.84
CA TYR V 391 -32.22 -54.04 80.64
C TYR V 391 -32.27 -55.41 79.97
N THR V 392 -33.49 -55.89 79.71
CA THR V 392 -33.71 -57.30 79.38
C THR V 392 -32.78 -57.83 78.29
N LEU V 393 -32.40 -56.98 77.33
CA LEU V 393 -31.53 -57.44 76.25
C LEU V 393 -30.07 -57.59 76.67
N ILE V 394 -29.70 -57.14 77.88
CA ILE V 394 -28.29 -57.20 78.27
C ILE V 394 -27.88 -58.62 78.63
N ILE V 395 -28.81 -59.42 79.16
CA ILE V 395 -28.47 -60.79 79.51
C ILE V 395 -28.55 -61.71 78.29
N ARG V 396 -29.49 -61.45 77.37
CA ARG V 396 -29.61 -62.29 76.19
C ARG V 396 -28.54 -62.00 75.15
N LEU V 397 -27.86 -60.85 75.26
CA LEU V 397 -26.77 -60.55 74.34
C LEU V 397 -25.64 -61.56 74.44
N ARG V 398 -25.60 -62.34 75.53
CA ARG V 398 -24.68 -63.47 75.61
C ARG V 398 -24.88 -64.44 74.46
N HIS V 399 -26.12 -64.55 73.95
CA HIS V 399 -26.35 -65.35 72.75
C HIS V 399 -25.80 -64.65 71.51
N ASN V 400 -25.79 -63.32 71.50
CA ASN V 400 -25.10 -62.60 70.44
C ASN V 400 -23.58 -62.77 70.55
N VAL V 401 -23.08 -63.04 71.76
CA VAL V 401 -21.65 -63.29 71.92
C VAL V 401 -21.30 -64.70 71.44
N ILE V 402 -22.21 -65.67 71.60
CA ILE V 402 -21.92 -67.02 71.13
C ILE V 402 -22.07 -67.11 69.62
N LYS V 403 -22.96 -66.31 69.03
CA LYS V 403 -23.14 -66.31 67.58
C LYS V 403 -22.09 -65.45 66.88
N THR V 404 -21.78 -64.28 67.43
CA THR V 404 -20.67 -63.50 66.88
C THR V 404 -19.33 -64.14 67.23
N GLY V 405 -19.24 -64.80 68.40
CA GLY V 405 -18.03 -65.52 68.74
C GLY V 405 -17.76 -66.67 67.80
N VAL V 406 -18.80 -67.40 67.40
CA VAL V 406 -18.61 -68.48 66.45
C VAL V 406 -18.44 -67.94 65.04
N ARG V 407 -19.13 -66.84 64.71
CA ARG V 407 -18.88 -66.18 63.44
C ARG V 407 -17.44 -65.72 63.35
N MET V 408 -16.91 -65.20 64.45
CA MET V 408 -15.51 -64.81 64.50
C MET V 408 -14.60 -66.00 64.20
N ILE V 409 -14.57 -66.97 65.11
CA ILE V 409 -13.56 -68.03 65.07
C ILE V 409 -13.70 -68.91 63.83
N SER V 410 -14.94 -69.28 63.48
CA SER V 410 -15.16 -70.17 62.35
C SER V 410 -14.54 -69.60 61.07
N LEU V 411 -15.06 -68.46 60.61
CA LEU V 411 -14.46 -67.78 59.47
C LEU V 411 -12.98 -67.52 59.70
N SER V 412 -12.59 -67.19 60.94
CA SER V 412 -11.20 -66.99 61.31
C SER V 412 -10.35 -68.24 61.08
N TYR V 413 -10.62 -69.30 61.85
CA TYR V 413 -9.73 -70.46 61.90
C TYR V 413 -9.91 -71.38 60.70
N SER V 414 -8.79 -71.96 60.25
CA SER V 414 -8.80 -72.99 59.21
C SER V 414 -9.64 -74.18 59.62
N ARG V 415 -9.13 -74.97 60.56
CA ARG V 415 -9.89 -76.04 61.18
C ARG V 415 -9.63 -75.98 62.69
N ILE V 416 -10.68 -75.72 63.46
CA ILE V 416 -10.57 -75.48 64.89
C ILE V 416 -11.19 -76.65 65.63
N SER V 417 -10.48 -77.19 66.60
CA SER V 417 -11.02 -78.27 67.41
C SER V 417 -12.07 -77.72 68.37
N LEU V 418 -13.07 -78.56 68.66
CA LEU V 418 -14.13 -78.13 69.57
C LEU V 418 -13.61 -77.94 70.99
N ALA V 419 -12.45 -78.49 71.32
CA ALA V 419 -11.84 -78.25 72.63
C ALA V 419 -11.12 -76.91 72.68
N ASP V 420 -10.52 -76.47 71.57
CA ASP V 420 -9.79 -75.22 71.56
C ASP V 420 -10.72 -74.02 71.49
N ILE V 421 -11.79 -74.12 70.69
CA ILE V 421 -12.79 -73.06 70.63
C ILE V 421 -13.69 -73.04 71.86
N ALA V 422 -13.63 -74.10 72.68
CA ALA V 422 -14.49 -74.19 73.86
C ALA V 422 -14.17 -73.12 74.89
N GLN V 423 -13.02 -72.45 74.80
CA GLN V 423 -12.69 -71.39 75.74
C GLN V 423 -13.54 -70.16 75.49
N LYS V 424 -13.60 -69.68 74.25
CA LYS V 424 -14.39 -68.51 73.94
C LYS V 424 -15.88 -68.82 73.81
N LEU V 425 -16.24 -70.04 73.41
CA LEU V 425 -17.64 -70.44 73.40
C LEU V 425 -18.09 -71.07 74.71
N GLN V 426 -17.19 -71.15 75.69
CA GLN V 426 -17.45 -71.38 77.11
C GLN V 426 -18.04 -72.76 77.40
N LEU V 427 -18.56 -73.44 76.40
CA LEU V 427 -18.93 -74.84 76.57
C LEU V 427 -18.42 -75.66 75.39
N ASP V 428 -19.09 -75.50 74.23
CA ASP V 428 -18.68 -76.10 72.97
C ASP V 428 -18.28 -77.56 73.11
N SER V 429 -19.17 -78.35 73.71
CA SER V 429 -18.93 -79.77 73.94
C SER V 429 -18.87 -80.50 72.60
N PRO V 430 -18.55 -81.80 72.57
CA PRO V 430 -18.58 -82.53 71.30
C PRO V 430 -19.97 -82.68 70.70
N GLU V 431 -21.03 -82.46 71.48
CA GLU V 431 -22.40 -82.58 70.99
C GLU V 431 -22.90 -81.26 70.41
N ASP V 432 -23.00 -80.23 71.25
CA ASP V 432 -23.56 -78.94 70.82
C ASP V 432 -22.73 -78.27 69.73
N ALA V 433 -21.51 -78.74 69.47
CA ALA V 433 -20.70 -78.16 68.40
C ALA V 433 -21.40 -78.24 67.06
N GLU V 434 -22.24 -79.26 66.86
CA GLU V 434 -23.02 -79.35 65.62
C GLU V 434 -24.04 -78.23 65.52
N PHE V 435 -24.77 -77.99 66.61
CA PHE V 435 -25.87 -77.04 66.58
C PHE V 435 -25.40 -75.59 66.51
N ILE V 436 -24.25 -75.29 67.12
CA ILE V 436 -23.76 -73.91 67.14
C ILE V 436 -23.65 -73.37 65.71
N VAL V 437 -23.03 -74.14 64.83
CA VAL V 437 -22.89 -73.71 63.44
C VAL V 437 -24.18 -73.98 62.67
N ALA V 438 -24.81 -75.13 62.90
CA ALA V 438 -26.00 -75.48 62.13
C ALA V 438 -27.14 -74.50 62.39
N LYS V 439 -27.45 -74.24 63.66
CA LYS V 439 -28.47 -73.26 63.98
C LYS V 439 -28.02 -71.83 63.73
N ALA V 440 -26.74 -71.62 63.43
CA ALA V 440 -26.29 -70.32 62.94
C ALA V 440 -26.63 -70.16 61.46
N ILE V 441 -26.60 -71.27 60.71
CA ILE V 441 -27.08 -71.22 59.33
C ILE V 441 -28.57 -70.93 59.29
N ARG V 442 -29.32 -71.43 60.28
CA ARG V 442 -30.72 -71.06 60.41
C ARG V 442 -30.87 -69.56 60.59
N ASP V 443 -29.91 -68.92 61.26
CA ASP V 443 -29.86 -67.47 61.38
C ASP V 443 -29.01 -66.82 60.30
N GLY V 444 -28.45 -67.61 59.38
CA GLY V 444 -27.66 -67.06 58.30
C GLY V 444 -26.35 -66.44 58.74
N VAL V 445 -25.51 -67.22 59.43
CA VAL V 445 -24.26 -66.70 59.96
C VAL V 445 -23.07 -67.21 59.16
N ILE V 446 -22.74 -68.48 59.31
CA ILE V 446 -21.54 -69.05 58.69
C ILE V 446 -21.88 -70.39 58.04
N GLU V 447 -21.21 -70.68 56.94
CA GLU V 447 -21.43 -71.89 56.16
C GLU V 447 -20.52 -73.05 56.58
N ALA V 448 -19.75 -72.87 57.66
CA ALA V 448 -18.73 -73.84 58.04
C ALA V 448 -19.29 -75.25 58.17
N SER V 449 -18.58 -76.20 57.57
CA SER V 449 -18.92 -77.62 57.61
C SER V 449 -18.04 -78.33 58.63
N ILE V 450 -18.63 -79.25 59.39
CA ILE V 450 -17.91 -79.94 60.46
C ILE V 450 -18.21 -81.43 60.37
N ASN V 451 -17.15 -82.23 60.23
CA ASN V 451 -17.23 -83.68 60.35
C ASN V 451 -16.78 -84.03 61.77
N HIS V 452 -17.70 -84.52 62.58
CA HIS V 452 -17.47 -84.68 64.02
C HIS V 452 -16.96 -86.09 64.31
N GLU V 453 -15.71 -86.17 64.77
CA GLU V 453 -15.17 -87.40 65.33
C GLU V 453 -14.52 -87.08 66.67
N LYS V 454 -13.44 -86.31 66.64
CA LYS V 454 -12.79 -85.82 67.86
C LYS V 454 -13.47 -84.63 68.55
N GLY V 455 -13.99 -83.63 67.82
CA GLY V 455 -13.81 -83.40 66.41
C GLY V 455 -13.00 -82.16 66.06
N TYR V 456 -13.21 -81.65 64.85
CA TYR V 456 -12.59 -80.41 64.39
C TYR V 456 -13.54 -79.71 63.44
N VAL V 457 -13.56 -78.38 63.50
CA VAL V 457 -14.48 -77.56 62.72
C VAL V 457 -13.69 -76.96 61.55
N GLN V 458 -13.95 -77.43 60.33
CA GLN V 458 -13.27 -76.97 59.13
C GLN V 458 -14.17 -76.01 58.37
N SER V 459 -13.82 -74.72 58.39
CA SER V 459 -14.67 -73.69 57.82
C SER V 459 -14.18 -73.32 56.42
N LYS V 460 -15.02 -73.59 55.41
CA LYS V 460 -14.78 -73.08 54.06
C LYS V 460 -15.95 -72.18 53.66
N GLU V 461 -15.79 -71.53 52.51
CA GLU V 461 -16.87 -70.74 51.93
C GLU V 461 -16.76 -70.79 50.41
N MET V 462 -17.87 -71.10 49.74
CA MET V 462 -18.03 -70.78 48.32
C MET V 462 -19.40 -70.14 48.12
N ILE V 463 -19.41 -68.83 47.83
CA ILE V 463 -20.62 -68.14 47.39
C ILE V 463 -20.22 -67.10 46.34
N ASP V 464 -20.86 -67.15 45.18
CA ASP V 464 -20.84 -66.04 44.24
C ASP V 464 -22.28 -65.87 43.75
N ILE V 465 -22.93 -64.77 44.16
CA ILE V 465 -24.33 -64.56 43.82
C ILE V 465 -24.81 -63.19 44.26
N TYR V 466 -26.07 -62.87 43.95
CA TYR V 466 -26.88 -61.78 44.50
C TYR V 466 -26.15 -60.44 44.33
N SER V 467 -26.23 -59.55 45.32
CA SER V 467 -25.77 -58.17 45.21
C SER V 467 -26.40 -57.46 44.01
N THR V 468 -27.58 -57.92 43.59
CA THR V 468 -28.13 -57.45 42.32
C THR V 468 -29.60 -57.05 42.38
N ARG V 469 -30.48 -58.04 42.57
CA ARG V 469 -31.85 -57.92 42.07
C ARG V 469 -32.66 -56.93 42.90
N GLU V 470 -32.88 -57.23 44.17
CA GLU V 470 -33.68 -56.34 45.01
C GLU V 470 -33.15 -54.91 45.06
N PRO V 471 -31.83 -54.65 45.15
CA PRO V 471 -31.40 -53.24 45.19
C PRO V 471 -31.79 -52.42 43.98
N GLN V 472 -31.59 -52.94 42.77
CA GLN V 472 -31.85 -52.13 41.58
C GLN V 472 -33.34 -52.05 41.25
N LEU V 473 -34.07 -53.15 41.46
CA LEU V 473 -35.50 -53.13 41.17
C LEU V 473 -36.26 -52.27 42.18
N ALA V 474 -35.80 -52.23 43.43
CA ALA V 474 -36.41 -51.33 44.40
C ALA V 474 -36.02 -49.88 44.11
N PHE V 475 -34.77 -49.65 43.69
CA PHE V 475 -34.35 -48.30 43.34
C PHE V 475 -35.25 -47.69 42.27
N HIS V 476 -35.85 -48.52 41.42
CA HIS V 476 -36.82 -48.01 40.44
C HIS V 476 -38.01 -47.38 41.15
N GLN V 477 -38.68 -48.14 42.02
CA GLN V 477 -39.81 -47.58 42.75
C GLN V 477 -39.36 -46.52 43.75
N ARG V 478 -38.17 -46.68 44.33
CA ARG V 478 -37.63 -45.66 45.23
C ARG V 478 -37.57 -44.30 44.53
N ILE V 479 -36.77 -44.22 43.46
CA ILE V 479 -36.56 -42.94 42.78
C ILE V 479 -37.87 -42.40 42.21
N SER V 480 -38.66 -43.28 41.59
CA SER V 480 -39.89 -42.83 40.92
C SER V 480 -40.91 -42.31 41.94
N PHE V 481 -41.15 -43.08 43.01
CA PHE V 481 -42.08 -42.64 44.03
C PHE V 481 -41.59 -41.38 44.73
N CYS V 482 -40.27 -41.27 44.91
CA CYS V 482 -39.70 -40.02 45.43
C CYS V 482 -40.04 -38.84 44.52
N LEU V 483 -39.56 -38.86 43.28
CA LEU V 483 -39.80 -37.75 42.36
C LEU V 483 -41.28 -37.48 42.17
N ASP V 484 -42.13 -38.50 42.33
CA ASP V 484 -43.57 -38.27 42.32
C ASP V 484 -44.00 -37.42 43.51
N ILE V 485 -43.45 -37.71 44.71
CA ILE V 485 -43.74 -36.89 45.88
C ILE V 485 -43.19 -35.49 45.68
N HIS V 486 -41.97 -35.37 45.18
CA HIS V 486 -41.40 -34.06 44.89
C HIS V 486 -42.22 -33.32 43.85
N ASN V 487 -42.87 -34.04 42.94
CA ASN V 487 -43.90 -33.43 42.12
C ASN V 487 -45.07 -32.95 42.98
N MET V 488 -45.62 -33.82 43.83
CA MET V 488 -46.76 -33.44 44.66
C MET V 488 -46.43 -32.21 45.52
N SER V 489 -45.15 -32.00 45.80
CA SER V 489 -44.74 -30.81 46.56
C SER V 489 -44.64 -29.59 45.66
N VAL V 490 -43.72 -29.62 44.69
CA VAL V 490 -43.45 -28.45 43.86
C VAL V 490 -44.69 -28.02 43.09
N LYS V 491 -45.38 -28.99 42.48
CA LYS V 491 -46.58 -28.65 41.71
C LYS V 491 -47.61 -27.94 42.57
N ALA V 492 -47.69 -28.27 43.86
CA ALA V 492 -48.68 -27.70 44.77
C ALA V 492 -48.19 -26.47 45.53
N MET V 493 -46.90 -26.12 45.42
CA MET V 493 -46.36 -24.99 46.15
C MET V 493 -46.38 -23.70 45.35
N ARG V 494 -46.94 -23.72 44.15
CA ARG V 494 -46.91 -22.59 43.23
C ARG V 494 -48.11 -21.65 43.38
N PHE V 495 -48.96 -21.86 44.39
CA PHE V 495 -50.05 -20.93 44.66
C PHE V 495 -49.64 -19.46 44.61
N PRO V 496 -48.51 -19.03 45.22
CA PRO V 496 -48.13 -17.63 45.03
C PRO V 496 -47.73 -17.30 43.59
N LYS W 221 12.89 -67.90 -25.10
CA LYS W 221 12.31 -68.41 -23.87
C LYS W 221 13.40 -68.84 -22.89
N LEU W 222 14.60 -68.27 -23.05
CA LEU W 222 15.70 -68.60 -22.15
C LEU W 222 15.49 -67.98 -20.77
N LYS W 223 14.84 -66.82 -20.71
CA LYS W 223 14.55 -66.19 -19.42
C LYS W 223 13.57 -67.05 -18.62
N LEU W 224 12.66 -67.74 -19.30
CA LEU W 224 11.80 -68.69 -18.61
C LEU W 224 12.57 -69.90 -18.12
N LYS W 225 13.66 -70.26 -18.82
CA LYS W 225 14.52 -71.34 -18.38
C LYS W 225 15.43 -70.94 -17.23
N TYR W 226 15.70 -69.63 -17.06
CA TYR W 226 16.47 -69.17 -15.91
C TYR W 226 15.71 -69.42 -14.61
N TYR W 227 14.39 -69.55 -14.67
CA TYR W 227 13.63 -69.90 -13.48
C TYR W 227 14.08 -71.26 -12.93
N ASN W 228 14.37 -72.21 -13.82
CA ASN W 228 14.91 -73.50 -13.38
C ASN W 228 16.27 -73.36 -12.73
N LEU W 229 16.99 -72.26 -13.00
CA LEU W 229 18.23 -72.00 -12.28
C LEU W 229 17.95 -71.37 -10.91
N MET W 230 16.92 -70.52 -10.82
CA MET W 230 16.63 -69.83 -9.58
C MET W 230 15.87 -70.71 -8.59
N ILE W 231 15.20 -71.77 -9.05
CA ILE W 231 14.54 -72.67 -8.12
C ILE W 231 15.55 -73.36 -7.21
N GLN W 232 16.80 -73.51 -7.68
CA GLN W 232 17.83 -74.04 -6.82
C GLN W 232 18.13 -73.10 -5.67
N LEU W 233 18.06 -71.79 -5.91
CA LEU W 233 18.34 -70.82 -4.85
C LEU W 233 17.18 -70.69 -3.88
N ASP W 234 15.94 -70.68 -4.38
CA ASP W 234 14.78 -70.50 -3.50
C ASP W 234 14.51 -71.75 -2.67
N GLN W 235 14.76 -72.92 -3.25
CA GLN W 235 14.52 -74.19 -2.56
C GLN W 235 15.71 -74.61 -1.70
N HIS W 236 16.84 -73.92 -1.81
CA HIS W 236 18.09 -74.43 -1.24
C HIS W 236 18.02 -74.56 0.27
N GLU W 237 17.71 -73.47 0.97
CA GLU W 237 17.85 -73.53 2.42
C GLU W 237 16.53 -73.36 3.18
N GLY W 238 16.01 -72.14 3.28
CA GLY W 238 14.97 -71.84 4.24
C GLY W 238 13.55 -71.63 3.76
N SER W 239 13.34 -71.51 2.45
CA SER W 239 12.05 -71.10 1.91
C SER W 239 11.38 -72.26 1.19
N TYR W 240 10.34 -72.82 1.81
CA TYR W 240 9.41 -73.70 1.12
C TYR W 240 8.20 -72.95 0.56
N LEU W 241 7.99 -71.70 0.98
CA LEU W 241 6.88 -70.90 0.47
C LEU W 241 7.20 -70.26 -0.88
N SER W 242 8.47 -69.88 -1.11
CA SER W 242 8.83 -69.21 -2.34
C SER W 242 8.70 -70.10 -3.56
N ILE W 243 8.71 -71.43 -3.38
CA ILE W 243 8.57 -72.35 -4.50
C ILE W 243 7.13 -72.54 -4.93
N CYS W 244 6.17 -71.99 -4.17
CA CYS W 244 4.74 -72.17 -4.49
C CYS W 244 4.41 -71.67 -5.89
N LYS W 245 4.48 -70.35 -6.09
CA LYS W 245 4.14 -69.79 -7.38
C LYS W 245 5.27 -69.91 -8.39
N HIS W 246 6.51 -70.08 -7.95
CA HIS W 246 7.62 -70.15 -8.87
C HIS W 246 7.73 -71.52 -9.54
N TYR W 247 7.36 -72.60 -8.83
CA TYR W 247 7.26 -73.89 -9.49
C TYR W 247 6.11 -73.94 -10.48
N ARG W 248 5.14 -73.03 -10.35
CA ARG W 248 4.14 -72.85 -11.39
C ARG W 248 4.66 -71.98 -12.53
N ALA W 249 5.72 -71.19 -12.28
CA ALA W 249 6.34 -70.42 -13.34
C ALA W 249 7.23 -71.30 -14.21
N ILE W 250 7.95 -72.23 -13.60
CA ILE W 250 8.72 -73.19 -14.39
C ILE W 250 7.79 -74.18 -15.09
N TYR W 251 6.55 -74.29 -14.63
CA TYR W 251 5.58 -75.19 -15.26
C TYR W 251 5.12 -74.66 -16.62
N ASP W 252 5.35 -73.37 -16.91
CA ASP W 252 4.95 -72.81 -18.20
C ASP W 252 5.87 -73.24 -19.33
N THR W 253 7.11 -73.66 -19.02
CA THR W 253 7.99 -74.14 -20.08
C THR W 253 7.50 -75.47 -20.67
N PRO W 254 7.10 -76.47 -19.89
CA PRO W 254 6.50 -77.66 -20.51
C PRO W 254 5.20 -77.39 -21.26
N CYS W 255 4.56 -76.25 -21.02
CA CYS W 255 3.35 -75.92 -21.77
C CYS W 255 3.66 -75.70 -23.25
N ILE W 256 4.81 -75.08 -23.55
CA ILE W 256 5.24 -74.93 -24.94
C ILE W 256 5.75 -76.26 -25.48
N GLN W 257 6.40 -77.05 -24.63
CA GLN W 257 6.85 -78.39 -24.98
C GLN W 257 5.64 -79.27 -25.31
N ALA W 258 5.71 -80.25 -26.22
CA ALA W 258 6.87 -80.77 -26.96
C ALA W 258 7.94 -81.40 -26.06
N GLU W 259 7.48 -82.07 -25.00
CA GLU W 259 8.33 -82.91 -24.16
C GLU W 259 7.44 -83.91 -23.44
N SER W 260 8.06 -85.00 -22.99
CA SER W 260 7.34 -86.07 -22.31
C SER W 260 7.83 -86.28 -20.89
N GLU W 261 9.09 -86.70 -20.70
CA GLU W 261 9.59 -87.01 -19.37
C GLU W 261 9.66 -85.75 -18.51
N LYS W 262 10.23 -84.67 -19.03
CA LYS W 262 10.32 -83.44 -18.27
C LYS W 262 8.93 -82.85 -18.00
N TRP W 263 7.99 -83.05 -18.93
CA TRP W 263 6.63 -82.56 -18.71
C TRP W 263 5.95 -83.33 -17.58
N GLN W 264 6.00 -84.67 -17.65
CA GLN W 264 5.34 -85.48 -16.64
C GLN W 264 5.99 -85.32 -15.28
N GLN W 265 7.32 -85.22 -15.25
CA GLN W 265 8.01 -85.00 -13.98
C GLN W 265 7.79 -83.59 -13.46
N ALA W 266 7.40 -82.65 -14.33
CA ALA W 266 7.03 -81.32 -13.86
C ALA W 266 5.66 -81.34 -13.20
N LEU W 267 4.76 -82.20 -13.69
CA LEU W 267 3.44 -82.33 -13.07
C LEU W 267 3.55 -82.86 -11.66
N LYS W 268 4.39 -83.88 -11.44
CA LYS W 268 4.49 -84.47 -10.12
C LYS W 268 5.31 -83.58 -9.18
N SER W 269 6.42 -83.02 -9.67
CA SER W 269 7.23 -82.15 -8.82
C SER W 269 6.46 -80.91 -8.39
N VAL W 270 5.57 -80.40 -9.23
CA VAL W 270 4.77 -79.24 -8.85
C VAL W 270 3.57 -79.62 -7.99
N VAL W 271 3.13 -80.88 -8.03
CA VAL W 271 2.02 -81.29 -7.18
C VAL W 271 2.46 -81.91 -5.87
N LEU W 272 3.75 -82.24 -5.71
CA LEU W 272 4.23 -82.93 -4.53
C LEU W 272 4.89 -82.02 -3.50
N TYR W 273 5.02 -80.72 -3.77
CA TYR W 273 5.63 -79.82 -2.80
C TYR W 273 4.60 -79.20 -1.86
N VAL W 274 3.34 -79.61 -1.95
CA VAL W 274 2.30 -79.05 -1.08
C VAL W 274 2.63 -79.33 0.38
N ILE W 275 3.21 -80.50 0.66
CA ILE W 275 3.58 -80.84 2.03
C ILE W 275 4.72 -79.96 2.52
N LEU W 276 5.60 -79.53 1.61
CA LEU W 276 6.77 -78.75 1.99
C LEU W 276 6.37 -77.43 2.64
N ALA W 277 5.47 -76.68 1.99
CA ALA W 277 5.11 -75.36 2.50
C ALA W 277 4.20 -75.49 3.72
N PRO W 278 4.36 -74.61 4.70
CA PRO W 278 3.46 -74.63 5.86
C PRO W 278 2.03 -74.28 5.47
N PHE W 279 1.11 -74.63 6.36
CA PHE W 279 -0.31 -74.39 6.10
C PHE W 279 -0.60 -72.90 6.14
N ASP W 280 -1.29 -72.41 5.10
CA ASP W 280 -1.65 -71.00 5.01
C ASP W 280 -2.89 -70.89 4.12
N ASN W 281 -3.56 -69.75 4.24
CA ASN W 281 -4.76 -69.53 3.43
C ASN W 281 -4.44 -69.54 1.94
N GLU W 282 -3.25 -69.09 1.57
CA GLU W 282 -2.84 -69.11 0.16
C GLU W 282 -2.62 -70.52 -0.35
N GLN W 283 -2.31 -71.48 0.53
CA GLN W 283 -2.02 -72.84 0.08
C GLN W 283 -3.27 -73.59 -0.34
N SER W 284 -4.44 -73.15 0.11
CA SER W 284 -5.70 -73.82 -0.22
C SER W 284 -6.09 -73.55 -1.66
N ASP W 285 -6.36 -72.27 -1.99
CA ASP W 285 -6.70 -71.92 -3.36
C ASP W 285 -5.53 -72.19 -4.31
N LEU W 286 -4.30 -72.29 -3.80
CA LEU W 286 -3.18 -72.64 -4.64
C LEU W 286 -3.35 -74.03 -5.24
N VAL W 287 -3.53 -75.05 -4.39
CA VAL W 287 -3.75 -76.40 -4.87
C VAL W 287 -5.11 -76.56 -5.53
N HIS W 288 -6.02 -75.61 -5.31
CA HIS W 288 -7.29 -75.62 -6.02
C HIS W 288 -7.16 -75.10 -7.44
N ARG W 289 -6.17 -74.24 -7.72
CA ARG W 289 -5.93 -73.81 -9.09
C ARG W 289 -5.42 -74.96 -9.94
N ILE W 290 -4.50 -75.76 -9.40
CA ILE W 290 -3.97 -76.90 -10.16
C ILE W 290 -4.92 -78.10 -10.13
N SER W 291 -5.86 -78.14 -9.19
CA SER W 291 -6.81 -79.24 -9.11
C SER W 291 -7.86 -79.10 -10.21
N GLY W 292 -8.18 -80.23 -10.84
CA GLY W 292 -9.17 -80.28 -11.90
C GLY W 292 -8.58 -80.45 -13.29
N ASP W 293 -7.26 -80.35 -13.44
CA ASP W 293 -6.65 -80.52 -14.75
C ASP W 293 -6.72 -81.99 -15.18
N LYS W 294 -6.94 -82.17 -16.49
CA LYS W 294 -7.10 -83.52 -17.03
C LYS W 294 -5.78 -84.31 -17.04
N LYS W 295 -4.65 -83.63 -17.08
CA LYS W 295 -3.36 -84.31 -17.11
C LYS W 295 -2.88 -84.75 -15.73
N LEU W 296 -3.42 -84.15 -14.65
CA LEU W 296 -2.84 -84.32 -13.34
C LEU W 296 -3.26 -85.64 -12.67
N GLU W 297 -4.52 -86.04 -12.84
CA GLU W 297 -5.04 -87.18 -12.08
C GLU W 297 -4.49 -88.52 -12.56
N GLU W 298 -3.70 -88.55 -13.63
CA GLU W 298 -3.19 -89.81 -14.17
C GLU W 298 -2.30 -90.57 -13.20
N ILE W 299 -1.84 -89.94 -12.12
CA ILE W 299 -0.90 -90.54 -11.18
C ILE W 299 -1.65 -90.94 -9.93
N PRO W 300 -1.57 -92.20 -9.49
CA PRO W 300 -2.24 -92.59 -8.23
C PRO W 300 -1.69 -91.86 -7.02
N LYS W 301 -0.44 -91.38 -7.06
CA LYS W 301 0.09 -90.59 -5.95
C LYS W 301 -0.66 -89.28 -5.80
N TYR W 302 -1.17 -88.72 -6.90
CA TYR W 302 -2.05 -87.56 -6.81
C TYR W 302 -3.39 -87.92 -6.20
N LYS W 303 -3.86 -89.14 -6.43
CA LYS W 303 -5.11 -89.59 -5.81
C LYS W 303 -4.97 -89.70 -4.30
N ASP W 304 -3.81 -90.15 -3.81
CA ASP W 304 -3.58 -90.21 -2.37
C ASP W 304 -3.32 -88.82 -1.80
N LEU W 305 -2.54 -88.01 -2.52
CA LEU W 305 -2.29 -86.64 -2.06
C LEU W 305 -3.58 -85.84 -1.99
N LEU W 306 -4.48 -86.04 -2.95
CA LEU W 306 -5.78 -85.38 -2.88
C LEU W 306 -6.68 -86.01 -1.83
N LYS W 307 -6.55 -87.32 -1.60
CA LYS W 307 -7.42 -88.00 -0.64
C LYS W 307 -7.20 -87.47 0.77
N LEU W 308 -5.95 -87.22 1.15
CA LEU W 308 -5.66 -86.72 2.48
C LEU W 308 -6.11 -85.27 2.65
N PHE W 309 -6.02 -84.47 1.59
CA PHE W 309 -6.35 -83.05 1.70
C PHE W 309 -7.85 -82.82 1.79
N THR W 310 -8.61 -83.43 0.89
CA THR W 310 -10.07 -83.23 0.89
C THR W 310 -10.72 -84.11 1.96
N THR W 311 -11.70 -83.53 2.65
CA THR W 311 -12.52 -84.20 3.65
C THR W 311 -11.70 -84.63 4.87
N MET W 312 -10.37 -84.56 4.79
CA MET W 312 -9.50 -84.89 5.92
C MET W 312 -9.78 -86.30 6.43
N GLU W 313 -10.39 -86.38 7.63
CA GLU W 313 -10.57 -87.61 8.40
C GLU W 313 -9.25 -88.17 8.87
N LEU W 314 -9.06 -89.48 8.73
CA LEU W 314 -7.89 -90.14 9.29
C LEU W 314 -7.44 -91.25 8.36
N MET W 315 -6.12 -91.38 8.22
CA MET W 315 -5.50 -92.50 7.53
C MET W 315 -4.22 -92.85 8.25
N ARG W 316 -3.94 -94.15 8.34
CA ARG W 316 -2.76 -94.61 9.08
C ARG W 316 -1.49 -94.05 8.45
N TRP W 317 -0.60 -93.50 9.28
CA TRP W 317 0.61 -92.89 8.77
C TRP W 317 1.51 -93.92 8.09
N SER W 318 1.43 -95.19 8.51
CA SER W 318 2.20 -96.23 7.84
C SER W 318 1.74 -96.41 6.40
N THR W 319 0.44 -96.27 6.15
CA THR W 319 -0.06 -96.32 4.77
C THR W 319 0.44 -95.12 3.97
N LEU W 320 0.55 -93.96 4.62
CA LEU W 320 1.16 -92.80 3.97
C LEU W 320 2.63 -93.06 3.65
N VAL W 321 3.32 -93.82 4.51
CA VAL W 321 4.69 -94.21 4.22
C VAL W 321 4.72 -95.20 3.06
N GLU W 322 3.70 -96.06 2.95
CA GLU W 322 3.63 -97.00 1.85
C GLU W 322 3.52 -96.29 0.51
N ASP W 323 2.63 -95.30 0.42
CA ASP W 323 2.44 -94.58 -0.83
C ASP W 323 3.60 -93.64 -1.11
N TYR W 324 4.20 -93.05 -0.09
CA TYR W 324 5.33 -92.16 -0.25
C TYR W 324 6.68 -92.86 -0.14
N GLY W 325 6.68 -94.16 0.17
CA GLY W 325 7.92 -94.92 0.17
C GLY W 325 8.14 -95.65 -1.15
N MET W 326 7.05 -95.81 -1.91
CA MET W 326 7.16 -96.42 -3.23
C MET W 326 7.54 -95.42 -4.31
N GLU W 327 7.43 -94.11 -4.02
CA GLU W 327 7.82 -93.10 -5.00
C GLU W 327 9.31 -93.15 -5.32
N LEU W 328 10.13 -93.69 -4.40
CA LEU W 328 11.53 -93.93 -4.73
C LEU W 328 11.66 -95.01 -5.79
N ARG W 329 10.90 -96.09 -5.65
CA ARG W 329 10.88 -97.14 -6.67
C ARG W 329 10.03 -96.75 -7.87
N LYS W 330 9.01 -95.92 -7.66
CA LYS W 330 8.16 -95.48 -8.74
C LYS W 330 8.93 -94.62 -9.74
N GLY W 331 8.43 -94.57 -10.97
CA GLY W 331 9.10 -93.85 -12.04
C GLY W 331 9.74 -94.80 -13.05
N SER W 332 9.94 -94.40 -14.31
CA SER W 332 9.63 -93.09 -14.91
C SER W 332 10.30 -91.90 -14.22
N LEU W 333 9.50 -90.94 -13.75
CA LEU W 333 10.05 -89.69 -13.24
C LEU W 333 10.74 -89.92 -11.91
N GLU W 334 12.02 -89.56 -11.84
CA GLU W 334 12.80 -89.58 -10.61
C GLU W 334 12.94 -88.19 -9.98
N SER W 335 12.41 -87.15 -10.62
CA SER W 335 12.64 -85.77 -10.18
C SER W 335 12.04 -85.46 -8.82
N PRO W 336 10.84 -85.96 -8.46
CA PRO W 336 10.35 -85.67 -7.10
C PRO W 336 11.21 -86.30 -6.02
N ALA W 337 11.69 -87.53 -6.25
CA ALA W 337 12.61 -88.16 -5.30
C ALA W 337 13.97 -87.46 -5.28
N THR W 338 14.31 -86.73 -6.34
CA THR W 338 15.57 -85.99 -6.37
C THR W 338 15.47 -84.70 -5.55
N ASP W 339 14.32 -84.02 -5.62
CA ASP W 339 14.15 -82.79 -4.87
C ASP W 339 13.87 -83.06 -3.40
N VAL W 340 13.09 -84.11 -3.11
CA VAL W 340 12.71 -84.42 -1.73
C VAL W 340 13.77 -85.31 -1.10
N PHE W 341 13.84 -86.56 -1.55
CA PHE W 341 14.73 -87.55 -0.95
C PHE W 341 16.10 -87.62 -1.63
N GLY W 342 16.37 -86.76 -2.62
CA GLY W 342 17.67 -86.76 -3.25
C GLY W 342 18.80 -86.38 -2.30
N SER W 343 18.51 -85.50 -1.34
CA SER W 343 19.47 -85.12 -0.32
C SER W 343 19.10 -85.78 1.00
N THR W 344 20.11 -86.25 1.73
CA THR W 344 19.86 -86.95 2.98
C THR W 344 19.35 -85.99 4.05
N GLU W 345 20.03 -84.86 4.25
CA GLU W 345 19.61 -83.92 5.28
C GLU W 345 18.30 -83.23 4.89
N GLU W 346 18.14 -82.90 3.61
CA GLU W 346 16.89 -82.29 3.17
C GLU W 346 15.75 -83.29 3.18
N GLY W 347 16.03 -84.55 2.86
CA GLY W 347 15.01 -85.58 2.94
C GLY W 347 14.51 -85.78 4.35
N GLU W 348 15.43 -85.84 5.31
CA GLU W 348 15.05 -85.99 6.71
C GLU W 348 14.32 -84.75 7.21
N LYS W 349 14.72 -83.57 6.73
CA LYS W 349 13.99 -82.35 7.07
C LYS W 349 12.55 -82.40 6.57
N ARG W 350 12.34 -82.99 5.39
CA ARG W 350 10.98 -83.15 4.86
C ARG W 350 10.27 -84.38 5.43
N TRP W 351 11.01 -85.29 6.08
CA TRP W 351 10.35 -86.35 6.83
C TRP W 351 9.71 -85.80 8.10
N LYS W 352 10.47 -85.02 8.88
CA LYS W 352 9.90 -84.40 10.08
C LYS W 352 8.90 -83.31 9.73
N ASP W 353 9.12 -82.62 8.60
CA ASP W 353 8.12 -81.66 8.13
C ASP W 353 6.82 -82.37 7.75
N LEU W 354 6.94 -83.51 7.06
CA LEU W 354 5.76 -84.30 6.75
C LEU W 354 5.07 -84.77 8.03
N LYS W 355 5.84 -85.16 9.04
CA LYS W 355 5.26 -85.52 10.33
C LYS W 355 4.52 -84.35 10.95
N ASN W 356 5.11 -83.15 10.88
CA ASN W 356 4.47 -81.98 11.44
C ASN W 356 3.24 -81.56 10.64
N ARG W 357 3.24 -81.81 9.32
CA ARG W 357 2.11 -81.42 8.50
C ARG W 357 0.93 -82.36 8.68
N VAL W 358 1.19 -83.66 8.84
CA VAL W 358 0.09 -84.60 9.02
C VAL W 358 -0.48 -84.52 10.43
N VAL W 359 0.36 -84.24 11.42
CA VAL W 359 -0.17 -84.09 12.78
C VAL W 359 -0.89 -82.76 12.92
N GLU W 360 -0.45 -81.73 12.22
CA GLU W 360 -1.18 -80.46 12.22
C GLU W 360 -2.48 -80.59 11.45
N HIS W 361 -2.50 -81.42 10.40
CA HIS W 361 -3.76 -81.70 9.71
C HIS W 361 -4.74 -82.42 10.64
N ASN W 362 -4.23 -83.30 11.51
CA ASN W 362 -5.09 -83.92 12.52
C ASN W 362 -5.54 -82.89 13.55
N ILE W 363 -4.61 -82.08 14.05
CA ILE W 363 -4.94 -81.06 15.03
C ILE W 363 -5.96 -80.06 14.48
N ARG W 364 -5.85 -79.71 13.20
CA ARG W 364 -6.74 -78.71 12.62
C ARG W 364 -8.21 -79.09 12.77
N ILE W 365 -8.56 -80.32 12.37
CA ILE W 365 -9.95 -80.74 12.47
C ILE W 365 -10.31 -81.04 13.93
N MET W 366 -9.40 -81.69 14.66
CA MET W 366 -9.70 -82.07 16.03
C MET W 366 -9.89 -80.85 16.93
N ALA W 367 -9.05 -79.84 16.76
CA ALA W 367 -9.14 -78.64 17.58
C ALA W 367 -10.47 -77.92 17.35
N LYS W 368 -10.93 -77.88 16.10
CA LYS W 368 -12.23 -77.27 15.82
C LYS W 368 -13.36 -78.09 16.41
N TYR W 369 -13.14 -79.39 16.61
CA TYR W 369 -14.16 -80.26 17.20
C TYR W 369 -14.06 -80.32 18.72
N TYR W 370 -13.04 -79.73 19.32
CA TYR W 370 -12.94 -79.64 20.78
C TYR W 370 -13.38 -78.24 21.19
N THR W 371 -14.11 -78.04 22.29
CA THR W 371 -14.50 -78.99 23.35
C THR W 371 -13.26 -79.62 24.02
N ARG W 372 -13.27 -80.93 24.27
CA ARG W 372 -12.23 -81.56 25.06
C ARG W 372 -11.81 -82.89 24.43
N ILE W 373 -10.71 -83.44 24.94
CA ILE W 373 -10.14 -84.69 24.47
C ILE W 373 -9.35 -85.29 25.65
N THR W 374 -8.78 -86.48 25.47
CA THR W 374 -7.93 -87.10 26.46
C THR W 374 -6.52 -87.26 25.91
N MET W 375 -5.56 -87.37 26.83
CA MET W 375 -4.15 -87.44 26.44
C MET W 375 -3.80 -88.80 25.87
N LYS W 376 -4.27 -89.87 26.51
CA LYS W 376 -3.95 -91.21 26.04
C LYS W 376 -4.60 -91.49 24.68
N ARG W 377 -5.83 -91.03 24.49
CA ARG W 377 -6.48 -91.21 23.19
C ARG W 377 -5.79 -90.40 22.11
N MET W 378 -5.24 -89.23 22.47
CA MET W 378 -4.44 -88.46 21.52
C MET W 378 -3.18 -89.20 21.12
N ALA W 379 -2.57 -89.94 22.06
CA ALA W 379 -1.35 -90.67 21.77
C ALA W 379 -1.61 -91.80 20.79
N GLN W 380 -2.70 -92.54 20.96
CA GLN W 380 -3.02 -93.64 20.07
C GLN W 380 -3.60 -93.17 18.74
N LEU W 381 -4.22 -91.99 18.70
CA LEU W 381 -4.75 -91.47 17.46
C LEU W 381 -3.66 -90.87 16.59
N LEU W 382 -2.71 -90.15 17.19
CA LEU W 382 -1.61 -89.54 16.46
C LEU W 382 -0.48 -90.53 16.17
N ASP W 383 -0.55 -91.75 16.72
CA ASP W 383 0.45 -92.78 16.48
C ASP W 383 1.85 -92.33 16.92
N LEU W 384 1.93 -91.68 18.07
CA LEU W 384 3.19 -91.21 18.61
C LEU W 384 3.08 -91.07 20.12
N SER W 385 4.24 -90.96 20.76
CA SER W 385 4.29 -90.94 22.22
C SER W 385 3.66 -89.67 22.79
N VAL W 386 3.30 -89.74 24.07
CA VAL W 386 2.65 -88.61 24.73
C VAL W 386 3.59 -87.41 24.77
N ASP W 387 4.89 -87.65 24.95
CA ASP W 387 5.83 -86.53 24.95
C ASP W 387 5.96 -85.93 23.56
N GLU W 388 5.83 -86.75 22.51
CA GLU W 388 5.79 -86.22 21.16
C GLU W 388 4.50 -85.46 20.91
N SER W 389 3.41 -85.85 21.56
CA SER W 389 2.17 -85.07 21.48
C SER W 389 2.37 -83.70 22.11
N GLU W 390 3.01 -83.64 23.28
CA GLU W 390 3.29 -82.36 23.91
C GLU W 390 4.28 -81.53 23.09
N ALA W 391 5.20 -82.19 22.39
CA ALA W 391 6.14 -81.46 21.54
C ALA W 391 5.44 -80.85 20.32
N PHE W 392 4.61 -81.65 19.65
CA PHE W 392 3.85 -81.14 18.51
C PHE W 392 2.80 -80.14 18.96
N LEU W 393 2.26 -80.30 20.17
CA LEU W 393 1.33 -79.32 20.69
C LEU W 393 2.05 -78.06 21.16
N SER W 394 3.34 -78.17 21.48
CA SER W 394 4.09 -77.00 21.91
C SER W 394 4.42 -76.08 20.73
N ASN W 395 4.99 -76.64 19.66
CA ASN W 395 5.38 -75.80 18.53
C ASN W 395 4.18 -75.37 17.69
N LEU W 396 3.03 -76.04 17.83
CA LEU W 396 1.81 -75.55 17.21
C LEU W 396 1.14 -74.44 18.02
N VAL W 397 1.24 -74.51 19.35
CA VAL W 397 0.61 -73.48 20.17
C VAL W 397 1.43 -72.21 20.23
N VAL W 398 2.74 -72.28 19.97
CA VAL W 398 3.53 -71.05 19.84
C VAL W 398 3.30 -70.40 18.49
N ASN W 399 2.78 -71.15 17.52
CA ASN W 399 2.35 -70.59 16.24
C ASN W 399 1.03 -69.86 16.34
N LYS W 400 0.37 -69.92 17.50
CA LYS W 400 -0.90 -69.25 17.80
C LYS W 400 -1.94 -69.47 16.69
N THR W 401 -1.89 -70.64 16.04
CA THR W 401 -2.95 -71.02 15.12
C THR W 401 -4.16 -71.58 15.86
N ILE W 402 -3.93 -72.28 16.98
CA ILE W 402 -4.99 -72.82 17.81
C ILE W 402 -4.59 -72.61 19.26
N PHE W 403 -5.46 -72.01 20.06
CA PHE W 403 -5.23 -71.83 21.48
C PHE W 403 -5.72 -73.08 22.21
N ALA W 404 -4.80 -73.79 22.85
CA ALA W 404 -5.08 -75.08 23.45
C ALA W 404 -5.16 -74.97 24.98
N LYS W 405 -5.50 -76.09 25.61
CA LYS W 405 -5.34 -76.27 27.05
C LYS W 405 -4.83 -77.69 27.27
N VAL W 406 -3.65 -77.83 27.85
CA VAL W 406 -2.98 -79.13 27.94
C VAL W 406 -2.49 -79.36 29.36
N ASP W 407 -3.05 -80.36 30.03
CA ASP W 407 -2.55 -80.86 31.30
C ASP W 407 -2.48 -82.38 31.23
N ARG W 408 -1.26 -82.93 31.29
CA ARG W 408 -1.09 -84.36 31.11
C ARG W 408 -1.36 -85.14 32.40
N LEU W 409 -1.19 -84.52 33.57
CA LEU W 409 -1.28 -85.27 34.81
C LEU W 409 -2.72 -85.71 35.09
N ALA W 410 -3.70 -84.86 34.80
CA ALA W 410 -5.09 -85.24 35.00
C ALA W 410 -5.65 -86.04 33.83
N GLY W 411 -4.98 -86.01 32.68
CA GLY W 411 -5.45 -86.73 31.50
C GLY W 411 -6.49 -86.00 30.67
N ILE W 412 -7.00 -84.88 31.13
CA ILE W 412 -8.01 -84.11 30.41
C ILE W 412 -7.33 -82.90 29.79
N ILE W 413 -7.25 -82.89 28.46
CA ILE W 413 -6.74 -81.75 27.70
C ILE W 413 -7.83 -81.33 26.72
N ASN W 414 -7.74 -80.07 26.27
CA ASN W 414 -8.80 -79.54 25.42
C ASN W 414 -8.24 -78.46 24.51
N PHE W 415 -8.90 -78.30 23.35
CA PHE W 415 -8.57 -77.29 22.36
C PHE W 415 -9.76 -76.35 22.18
N GLN W 416 -9.47 -75.14 21.70
CA GLN W 416 -10.47 -74.10 21.48
C GLN W 416 -11.22 -73.87 22.82
N ARG W 417 -12.53 -73.55 22.89
CA ARG W 417 -13.35 -72.83 21.91
C ARG W 417 -13.36 -71.34 22.27
N PRO W 418 -14.06 -70.50 21.47
CA PRO W 418 -14.24 -69.12 21.93
C PRO W 418 -14.81 -69.05 23.36
N LYS W 419 -14.29 -68.24 24.29
CA LYS W 419 -13.28 -67.17 24.09
C LYS W 419 -13.78 -66.13 23.09
N ASP W 420 -14.79 -65.40 23.56
CA ASP W 420 -15.61 -64.43 22.87
C ASP W 420 -15.98 -63.44 23.96
N PRO W 421 -16.84 -62.42 23.73
CA PRO W 421 -17.27 -61.63 24.89
C PRO W 421 -17.69 -62.38 26.17
N ASN W 422 -18.36 -63.54 26.16
CA ASN W 422 -19.10 -64.11 25.03
C ASN W 422 -20.58 -63.82 25.20
N ASN W 423 -20.89 -63.11 26.27
CA ASN W 423 -22.28 -62.98 26.71
C ASN W 423 -23.15 -62.21 25.72
N LEU W 424 -22.56 -61.48 24.79
CA LEU W 424 -23.31 -60.72 23.80
C LEU W 424 -23.19 -61.33 22.39
N LEU W 425 -21.99 -61.39 21.83
CA LEU W 425 -21.84 -61.90 20.47
C LEU W 425 -22.33 -63.33 20.36
N ASN W 426 -21.67 -64.26 21.06
CA ASN W 426 -21.98 -65.68 20.94
C ASN W 426 -23.43 -66.02 21.27
N ASP W 427 -23.84 -65.85 22.54
CA ASP W 427 -25.16 -66.32 22.95
C ASP W 427 -26.27 -65.54 22.26
N TRP W 428 -26.17 -64.20 22.26
CA TRP W 428 -27.24 -63.38 21.73
C TRP W 428 -27.26 -63.40 20.21
N SER W 429 -26.21 -62.88 19.58
CA SER W 429 -26.26 -62.63 18.14
C SER W 429 -26.38 -63.91 17.33
N GLN W 430 -25.86 -65.04 17.84
CA GLN W 430 -25.96 -66.30 17.11
C GLN W 430 -27.33 -66.95 17.29
N LYS W 431 -27.86 -66.95 18.51
CA LYS W 431 -29.18 -67.52 18.75
C LYS W 431 -30.24 -66.80 17.94
N LEU W 432 -30.25 -65.47 18.01
CA LEU W 432 -31.18 -64.69 17.20
C LEU W 432 -30.72 -64.59 15.74
N ASN W 433 -29.52 -65.08 15.42
CA ASN W 433 -29.18 -65.34 14.02
C ASN W 433 -29.93 -66.57 13.52
N SER W 434 -30.20 -67.53 14.40
CA SER W 434 -31.09 -68.63 14.06
C SER W 434 -32.55 -68.18 14.07
N LEU W 435 -32.88 -67.19 14.91
CA LEU W 435 -34.21 -66.59 14.85
C LEU W 435 -34.42 -65.79 13.57
N MET W 436 -33.36 -65.46 12.84
CA MET W 436 -33.53 -64.95 11.49
C MET W 436 -34.25 -65.98 10.62
N SER W 437 -33.78 -67.23 10.68
CA SER W 437 -34.45 -68.30 9.95
C SER W 437 -35.77 -68.68 10.59
N LEU W 438 -35.97 -68.35 11.87
CA LEU W 438 -37.23 -68.65 12.54
C LEU W 438 -38.31 -67.65 12.13
N VAL W 439 -37.96 -66.38 12.02
CA VAL W 439 -38.93 -65.41 11.51
C VAL W 439 -39.05 -65.48 9.99
N ASN W 440 -38.02 -65.97 9.29
CA ASN W 440 -38.12 -66.24 7.87
C ASN W 440 -38.72 -67.60 7.57
N LYS W 441 -39.06 -68.38 8.61
CA LYS W 441 -39.63 -69.71 8.44
C LYS W 441 -40.86 -69.67 7.57
N THR W 442 -41.94 -69.05 8.07
CA THR W 442 -43.19 -69.00 7.32
C THR W 442 -43.02 -68.30 5.98
N THR W 443 -42.07 -67.37 5.87
CA THR W 443 -41.87 -66.65 4.63
C THR W 443 -41.50 -67.59 3.49
N HIS W 444 -40.42 -68.36 3.68
CA HIS W 444 -40.02 -69.32 2.65
C HIS W 444 -40.79 -70.63 2.73
N LEU W 445 -41.51 -70.87 3.83
CA LEU W 445 -42.37 -72.04 3.91
C LEU W 445 -43.54 -71.94 2.94
N ILE W 446 -44.26 -70.81 2.98
CA ILE W 446 -45.40 -70.63 2.08
C ILE W 446 -44.93 -70.49 0.63
N ALA W 447 -43.70 -70.01 0.44
CA ALA W 447 -43.10 -69.94 -0.89
C ALA W 447 -43.04 -71.32 -1.53
N LYS W 448 -42.17 -72.18 -0.99
CA LYS W 448 -42.00 -73.53 -1.56
C LYS W 448 -43.30 -74.31 -1.54
N GLU W 449 -44.19 -74.00 -0.60
CA GLU W 449 -45.52 -74.61 -0.58
C GLU W 449 -46.24 -74.30 -1.89
N GLU W 450 -46.38 -73.02 -2.21
CA GLU W 450 -47.06 -72.63 -3.44
C GLU W 450 -46.32 -73.15 -4.67
N MET W 451 -45.00 -73.31 -4.57
CA MET W 451 -44.22 -73.77 -5.71
C MET W 451 -44.62 -75.18 -6.11
N ILE W 452 -44.68 -76.11 -5.14
CA ILE W 452 -45.05 -77.48 -5.46
C ILE W 452 -46.54 -77.61 -5.74
N HIS W 453 -47.36 -76.68 -5.23
CA HIS W 453 -48.80 -76.75 -5.45
C HIS W 453 -49.21 -76.25 -6.83
N ASN W 454 -48.44 -75.33 -7.41
CA ASN W 454 -48.83 -74.73 -8.67
C ASN W 454 -48.54 -75.62 -9.87
N LEU W 455 -47.37 -76.26 -9.89
CA LEU W 455 -46.91 -76.96 -11.08
C LEU W 455 -47.60 -78.31 -11.30
N GLN W 456 -48.37 -78.79 -10.34
CA GLN W 456 -49.10 -80.04 -10.52
C GLN W 456 -50.50 -79.95 -9.89
N PHE X 342 -1.63 -72.04 26.55
CA PHE X 342 -2.48 -72.99 27.25
C PHE X 342 -2.66 -72.62 28.72
N SER X 343 -3.92 -72.36 29.10
CA SER X 343 -4.25 -71.97 30.46
C SER X 343 -3.82 -73.04 31.47
N ARG X 344 -4.50 -74.19 31.48
CA ARG X 344 -4.18 -75.24 32.42
C ARG X 344 -2.99 -76.04 31.92
N VAL X 345 -1.94 -76.12 32.75
CA VAL X 345 -0.72 -76.82 32.39
C VAL X 345 -0.04 -77.34 33.65
N GLN X 346 0.65 -78.47 33.53
CA GLN X 346 1.45 -78.98 34.63
C GLN X 346 2.71 -78.13 34.81
N ILE X 347 3.19 -78.09 36.05
CA ILE X 347 4.33 -77.22 36.37
C ILE X 347 5.65 -77.84 35.94
N GLU X 348 5.74 -79.18 35.90
CA GLU X 348 7.02 -79.80 35.62
C GLU X 348 7.36 -79.74 34.13
N HIS X 349 6.38 -79.95 33.26
CA HIS X 349 6.64 -79.90 31.83
C HIS X 349 6.60 -78.49 31.26
N ILE X 350 6.00 -77.54 31.97
CA ILE X 350 6.16 -76.14 31.56
C ILE X 350 7.51 -75.62 32.01
N SER X 351 8.07 -76.19 33.08
CA SER X 351 9.45 -75.92 33.44
C SER X 351 10.42 -76.62 32.50
N SER X 352 9.96 -77.65 31.79
CA SER X 352 10.79 -78.26 30.76
C SER X 352 10.82 -77.41 29.49
N LEU X 353 9.72 -76.69 29.21
CA LEU X 353 9.72 -75.78 28.07
C LEU X 353 10.56 -74.54 28.36
N ILE X 354 10.50 -74.02 29.59
CA ILE X 354 11.31 -72.87 29.97
C ILE X 354 12.71 -73.27 30.41
N LYS X 355 12.95 -74.56 30.65
CA LYS X 355 14.25 -75.10 31.04
C LYS X 355 14.74 -74.42 32.33
N LEU X 356 14.03 -74.73 33.41
CA LEU X 356 14.34 -74.18 34.73
C LEU X 356 13.79 -75.10 35.79
N SER X 357 14.33 -74.97 37.00
CA SER X 357 13.87 -75.76 38.13
C SER X 357 12.47 -75.33 38.56
N LYS X 358 11.74 -76.26 39.17
CA LYS X 358 10.36 -75.98 39.57
C LYS X 358 10.28 -74.99 40.74
N ALA X 359 11.33 -74.88 41.54
CA ALA X 359 11.30 -74.01 42.70
C ALA X 359 11.21 -72.54 42.28
N ASP X 360 12.11 -72.10 41.39
CA ASP X 360 12.07 -70.73 40.92
C ASP X 360 11.16 -70.55 39.71
N VAL X 361 10.55 -71.63 39.19
CA VAL X 361 9.45 -71.46 38.25
C VAL X 361 8.16 -71.13 38.98
N GLU X 362 7.89 -71.82 40.10
CA GLU X 362 6.71 -71.52 40.88
C GLU X 362 6.78 -70.12 41.49
N ARG X 363 7.97 -69.71 41.95
CA ARG X 363 8.10 -68.43 42.62
C ARG X 363 8.15 -67.27 41.63
N LYS X 364 8.73 -67.48 40.44
CA LYS X 364 8.76 -66.42 39.45
C LYS X 364 7.39 -66.23 38.80
N LEU X 365 6.70 -67.34 38.48
CA LEU X 365 5.37 -67.25 37.90
C LEU X 365 4.40 -66.63 38.89
N SER X 366 4.43 -67.06 40.15
CA SER X 366 3.62 -66.42 41.17
C SER X 366 4.03 -64.96 41.37
N GLN X 367 5.30 -64.64 41.15
CA GLN X 367 5.73 -63.25 41.15
C GLN X 367 5.13 -62.49 39.97
N MET X 368 4.91 -63.17 38.85
CA MET X 368 4.23 -62.55 37.72
C MET X 368 2.75 -62.31 38.03
N ILE X 369 2.14 -63.19 38.84
CA ILE X 369 0.79 -62.91 39.32
C ILE X 369 0.80 -61.74 40.29
N LEU X 370 1.86 -61.60 41.08
CA LEU X 370 2.01 -60.44 41.95
C LEU X 370 2.06 -59.14 41.15
N ASP X 371 2.63 -59.19 39.94
CA ASP X 371 2.71 -58.01 39.09
C ASP X 371 1.41 -57.75 38.32
N LYS X 372 0.46 -58.68 38.36
CA LYS X 372 -0.84 -58.61 37.70
C LYS X 372 -0.75 -58.66 36.18
N LYS X 373 0.45 -58.63 35.60
CA LYS X 373 0.57 -58.73 34.15
C LYS X 373 0.21 -60.12 33.65
N PHE X 374 0.41 -61.14 34.49
CA PHE X 374 0.09 -62.52 34.14
C PHE X 374 -1.19 -62.92 34.88
N HIS X 375 -2.27 -63.10 34.12
CA HIS X 375 -3.55 -63.47 34.71
C HIS X 375 -3.62 -64.98 34.88
N GLY X 376 -3.82 -65.43 36.11
CA GLY X 376 -3.90 -66.84 36.40
C GLY X 376 -3.40 -67.13 37.80
N ILE X 377 -3.26 -68.42 38.09
CA ILE X 377 -2.71 -68.88 39.36
C ILE X 377 -2.20 -70.30 39.17
N LEU X 378 -1.31 -70.73 40.05
CA LEU X 378 -0.77 -72.08 40.00
C LEU X 378 -1.46 -72.95 41.06
N ASP X 379 -1.12 -74.23 41.06
CA ASP X 379 -1.60 -75.18 42.05
C ASP X 379 -0.42 -76.04 42.49
N GLN X 380 -0.06 -75.96 43.77
CA GLN X 380 1.10 -76.69 44.26
C GLN X 380 0.79 -78.16 44.55
N GLY X 381 -0.43 -78.47 44.95
CA GLY X 381 -0.78 -79.82 45.34
C GLY X 381 -0.61 -80.84 44.24
N GLU X 382 -1.28 -80.62 43.11
CA GLU X 382 -1.16 -81.51 41.96
C GLU X 382 -0.16 -80.99 40.93
N GLY X 383 0.47 -79.85 41.17
CA GLY X 383 1.41 -79.29 40.22
C GLY X 383 0.76 -78.78 38.96
N VAL X 384 -0.25 -77.91 39.11
CA VAL X 384 -1.01 -77.39 37.98
C VAL X 384 -0.90 -75.87 37.97
N LEU X 385 -1.04 -75.30 36.77
CA LEU X 385 -1.10 -73.85 36.58
C LEU X 385 -2.26 -73.55 35.65
N ILE X 386 -3.17 -72.68 36.09
CA ILE X 386 -4.40 -72.38 35.36
C ILE X 386 -4.49 -70.87 35.14
N ILE X 387 -4.93 -70.48 33.95
CA ILE X 387 -5.10 -69.07 33.58
C ILE X 387 -6.58 -68.79 33.39
N PHE X 388 -7.07 -67.74 34.05
CA PHE X 388 -8.46 -67.32 33.93
C PHE X 388 -8.53 -65.81 34.15
N ASP X 389 -9.47 -65.16 33.46
CA ASP X 389 -9.60 -63.71 33.55
C ASP X 389 -11.03 -63.29 33.33
N GLU X 390 -11.43 -62.21 34.00
CA GLU X 390 -12.71 -61.54 33.79
C GLU X 390 -12.45 -60.04 33.85
N PRO X 391 -11.89 -59.47 32.78
CA PRO X 391 -11.26 -58.14 32.88
C PRO X 391 -12.20 -57.02 33.29
N PRO X 392 -13.36 -56.84 32.66
CA PRO X 392 -14.02 -55.52 32.74
C PRO X 392 -14.53 -55.22 34.15
N VAL X 393 -14.08 -54.09 34.69
CA VAL X 393 -14.69 -53.45 35.86
C VAL X 393 -15.54 -52.25 35.48
N ASP X 394 -15.63 -51.93 34.19
CA ASP X 394 -15.99 -50.58 33.74
C ASP X 394 -17.28 -50.07 34.37
N LYS X 395 -18.28 -50.94 34.51
CA LYS X 395 -19.57 -50.48 35.03
C LYS X 395 -19.45 -50.06 36.50
N THR X 396 -18.61 -50.77 37.27
CA THR X 396 -18.40 -50.39 38.66
C THR X 396 -17.69 -49.04 38.76
N TYR X 397 -16.75 -48.78 37.84
CA TYR X 397 -16.08 -47.49 37.80
C TYR X 397 -17.08 -46.36 37.58
N GLU X 398 -17.98 -46.53 36.62
CA GLU X 398 -19.01 -45.51 36.37
C GLU X 398 -19.91 -45.33 37.58
N ALA X 399 -20.41 -46.43 38.15
CA ALA X 399 -21.23 -46.38 39.34
C ALA X 399 -20.54 -45.61 40.45
N ALA X 400 -19.37 -46.09 40.89
CA ALA X 400 -18.65 -45.45 41.99
C ALA X 400 -18.40 -43.97 41.72
N LEU X 401 -17.97 -43.63 40.50
CA LEU X 401 -17.68 -42.23 40.19
C LEU X 401 -18.89 -41.35 40.41
N GLU X 402 -20.05 -41.79 39.94
CA GLU X 402 -21.31 -41.07 40.18
C GLU X 402 -21.60 -40.95 41.67
N THR X 403 -21.88 -42.08 42.33
CA THR X 403 -22.49 -42.06 43.65
C THR X 403 -21.54 -41.50 44.72
N ILE X 404 -20.25 -41.84 44.64
CA ILE X 404 -19.30 -41.36 45.63
C ILE X 404 -19.25 -39.84 45.62
N GLN X 405 -19.28 -39.24 44.44
CA GLN X 405 -19.39 -37.79 44.35
C GLN X 405 -20.79 -37.30 44.69
N ASN X 406 -21.82 -38.09 44.37
CA ASN X 406 -23.18 -37.69 44.70
C ASN X 406 -23.38 -37.56 46.20
N MET X 407 -22.49 -38.15 47.00
CA MET X 407 -22.42 -37.82 48.42
C MET X 407 -22.24 -36.32 48.61
N SER X 408 -21.12 -35.79 48.11
CA SER X 408 -20.88 -34.35 48.14
C SER X 408 -21.98 -33.55 47.47
N LYS X 409 -22.72 -34.16 46.53
CA LYS X 409 -23.86 -33.47 45.92
C LYS X 409 -24.91 -33.12 46.98
N VAL X 410 -25.34 -34.12 47.76
CA VAL X 410 -26.32 -33.87 48.81
C VAL X 410 -25.71 -33.02 49.91
N VAL X 411 -24.38 -33.11 50.09
CA VAL X 411 -23.70 -32.20 51.00
C VAL X 411 -23.82 -30.76 50.49
N ASP X 412 -23.75 -30.57 49.18
CA ASP X 412 -23.96 -29.24 48.61
C ASP X 412 -25.41 -28.80 48.77
N SER X 413 -26.36 -29.74 48.69
CA SER X 413 -27.76 -29.40 48.93
C SER X 413 -28.04 -29.20 50.41
N LEU X 414 -27.18 -29.71 51.29
CA LEU X 414 -27.32 -29.42 52.71
C LEU X 414 -27.19 -27.93 52.99
N TYR X 415 -26.41 -27.21 52.17
CA TYR X 415 -26.24 -25.77 52.39
C TYR X 415 -27.53 -25.02 52.12
N ASN X 416 -28.16 -25.27 50.97
CA ASN X 416 -29.34 -24.49 50.58
C ASN X 416 -30.56 -24.93 51.39
N LYS X 417 -30.82 -26.23 51.46
CA LYS X 417 -32.08 -26.69 52.03
C LYS X 417 -32.08 -26.63 53.55
N ALA X 418 -30.91 -26.58 54.18
CA ALA X 418 -30.87 -26.32 55.62
C ALA X 418 -30.67 -24.85 55.94
N LYS X 419 -30.51 -24.00 54.92
CA LYS X 419 -30.44 -22.56 55.14
C LYS X 419 -31.82 -21.94 55.30
N LYS X 420 -32.82 -22.47 54.59
CA LYS X 420 -34.18 -21.98 54.74
C LYS X 420 -34.74 -22.25 56.14
N LEU X 421 -34.20 -23.24 56.84
CA LEU X 421 -34.64 -23.52 58.21
C LEU X 421 -34.10 -22.48 59.18
N THR X 422 -32.82 -22.17 59.09
CA THR X 422 -32.20 -21.18 59.96
C THR X 422 -30.92 -20.64 59.34
N PRO Y 12 18.19 -21.44 63.71
CA PRO Y 12 17.23 -20.83 64.62
C PRO Y 12 15.97 -21.68 64.81
N LYS Y 13 16.09 -22.98 64.51
CA LYS Y 13 14.96 -23.89 64.59
C LYS Y 13 15.32 -25.11 65.44
N ASN Y 14 16.32 -25.86 64.98
CA ASN Y 14 16.75 -27.08 65.68
C ASN Y 14 16.94 -26.91 67.18
N PRO Y 15 17.51 -25.81 67.70
CA PRO Y 15 17.55 -25.65 69.17
C PRO Y 15 16.16 -25.69 69.80
N ASP Y 16 15.19 -24.97 69.22
CA ASP Y 16 13.83 -25.04 69.74
C ASP Y 16 13.08 -26.26 69.23
N LEU Y 17 13.48 -26.80 68.08
CA LEU Y 17 12.85 -28.02 67.58
C LEU Y 17 13.15 -29.18 68.52
N ARG Y 18 14.37 -29.24 69.07
CA ARG Y 18 14.68 -30.24 70.08
C ARG Y 18 13.90 -30.01 71.37
N ILE Y 19 13.61 -28.75 71.71
CA ILE Y 19 12.77 -28.47 72.87
C ILE Y 19 11.39 -29.08 72.68
N ALA Y 20 10.80 -28.90 71.50
CA ALA Y 20 9.50 -29.50 71.21
C ALA Y 20 9.59 -31.03 71.19
N GLN Y 21 10.69 -31.56 70.68
CA GLN Y 21 10.92 -33.00 70.75
C GLN Y 21 11.06 -33.45 72.20
N LEU Y 22 11.64 -32.60 73.06
CA LEU Y 22 11.73 -32.91 74.48
C LEU Y 22 10.36 -32.81 75.15
N ARG Y 23 9.45 -31.99 74.61
CA ARG Y 23 8.08 -31.99 75.11
C ARG Y 23 7.40 -33.32 74.83
N PHE Y 24 7.64 -33.90 73.65
CA PHE Y 24 7.12 -35.22 73.36
C PHE Y 24 7.79 -36.28 74.21
N LEU Y 25 9.08 -36.10 74.52
CA LEU Y 25 9.78 -37.05 75.36
C LEU Y 25 9.29 -37.00 76.81
N LEU Y 26 8.87 -35.83 77.26
CA LEU Y 26 8.29 -35.72 78.61
C LEU Y 26 6.84 -36.19 78.65
N SER Y 27 6.04 -35.74 77.69
CA SER Y 27 4.59 -35.94 77.72
C SER Y 27 4.17 -37.41 77.77
N LEU Y 28 4.34 -38.14 76.64
CA LEU Y 28 3.74 -39.47 76.55
C LEU Y 28 4.40 -40.47 77.50
N PRO Y 29 5.71 -40.73 77.42
CA PRO Y 29 6.30 -41.69 78.37
C PRO Y 29 6.40 -41.10 79.77
N GLU Y 30 6.00 -41.89 80.75
CA GLU Y 30 6.11 -41.51 82.16
C GLU Y 30 7.34 -42.09 82.84
N HIS Y 31 8.16 -42.86 82.12
CA HIS Y 31 9.28 -43.57 82.72
C HIS Y 31 10.60 -42.81 82.61
N ARG Y 32 10.61 -41.64 81.96
CA ARG Y 32 11.81 -40.83 81.85
C ARG Y 32 11.67 -39.63 82.79
N GLY Y 33 12.39 -39.68 83.91
CA GLY Y 33 12.43 -38.57 84.85
C GLY Y 33 13.74 -37.83 84.97
N ASP Y 34 14.73 -38.13 84.14
CA ASP Y 34 16.07 -37.59 84.36
C ASP Y 34 16.63 -36.89 83.12
N ALA Y 35 16.83 -37.65 82.04
CA ALA Y 35 17.47 -37.08 80.85
C ALA Y 35 16.58 -36.04 80.18
N ALA Y 36 15.26 -36.26 80.20
CA ALA Y 36 14.35 -35.35 79.51
C ALA Y 36 14.31 -33.98 80.18
N VAL Y 37 14.37 -33.94 81.50
CA VAL Y 37 14.37 -32.66 82.20
C VAL Y 37 15.76 -32.03 82.18
N ARG Y 38 16.82 -32.85 82.21
CA ARG Y 38 18.19 -32.36 82.15
C ARG Y 38 18.43 -31.53 80.89
N ASP Y 39 18.35 -32.16 79.72
CA ASP Y 39 18.59 -31.44 78.47
C ASP Y 39 17.52 -30.39 78.19
N GLU Y 40 16.37 -30.46 78.86
CA GLU Y 40 15.41 -29.36 78.79
C GLU Y 40 15.99 -28.11 79.44
N LEU Y 41 16.58 -28.25 80.62
CA LEU Y 41 17.27 -27.14 81.25
C LEU Y 41 18.51 -26.73 80.47
N MET Y 42 19.20 -27.70 79.85
CA MET Y 42 20.35 -27.37 79.01
C MET Y 42 19.93 -26.52 77.82
N ALA Y 43 18.75 -26.76 77.28
CA ALA Y 43 18.19 -25.92 76.22
C ALA Y 43 17.42 -24.72 76.77
N ALA Y 44 17.09 -24.72 78.06
CA ALA Y 44 16.40 -23.58 78.65
C ALA Y 44 17.36 -22.44 78.96
N VAL Y 45 18.58 -22.77 79.41
CA VAL Y 45 19.58 -21.76 79.72
C VAL Y 45 20.08 -21.03 78.48
N ARG Y 46 19.73 -21.51 77.30
CA ARG Y 46 20.07 -20.85 76.04
C ARG Y 46 18.77 -20.46 75.32
N ASP Y 47 18.91 -19.49 74.41
CA ASP Y 47 17.81 -18.92 73.64
C ASP Y 47 16.88 -18.09 74.52
N ASN Y 48 17.05 -18.18 75.84
CA ASN Y 48 16.34 -17.35 76.81
C ASN Y 48 14.83 -17.44 76.64
N ASN Y 49 14.31 -18.66 76.65
CA ASN Y 49 12.88 -18.87 76.51
C ASN Y 49 12.15 -18.51 77.80
N MET Y 50 10.95 -17.95 77.65
CA MET Y 50 10.13 -17.56 78.80
C MET Y 50 8.80 -18.31 78.80
N ALA Y 51 7.88 -18.01 77.87
CA ALA Y 51 6.61 -18.73 77.85
C ALA Y 51 6.77 -20.23 77.63
N PRO Y 52 7.70 -20.73 76.79
CA PRO Y 52 7.85 -22.19 76.70
C PRO Y 52 8.17 -22.88 78.02
N TYR Y 53 9.04 -22.32 78.86
CA TYR Y 53 9.34 -22.99 80.12
C TYR Y 53 8.21 -22.87 81.13
N TYR Y 54 7.21 -22.02 80.88
CA TYR Y 54 6.03 -22.01 81.74
C TYR Y 54 5.17 -23.25 81.52
N GLU Y 55 4.88 -23.57 80.26
CA GLU Y 55 4.15 -24.81 79.96
C GLU Y 55 4.97 -26.03 80.38
N ALA Y 56 6.30 -25.96 80.20
CA ALA Y 56 7.16 -27.03 80.68
C ALA Y 56 7.21 -27.08 82.20
N LEU Y 57 7.02 -25.95 82.87
CA LEU Y 57 7.03 -25.95 84.33
C LEU Y 57 5.81 -26.65 84.91
N CYS Y 58 4.66 -26.53 84.24
CA CYS Y 58 3.46 -27.22 84.70
C CYS Y 58 3.51 -28.71 84.39
N LYS Y 59 4.01 -29.07 83.19
CA LYS Y 59 4.12 -30.48 82.83
C LYS Y 59 5.27 -31.15 83.58
N SER Y 60 6.46 -30.57 83.54
CA SER Y 60 7.64 -31.13 84.17
C SER Y 60 7.75 -30.59 85.60
N LEU Y 61 8.92 -30.81 86.22
CA LEU Y 61 9.12 -30.44 87.61
C LEU Y 61 9.00 -28.93 87.81
N ASP Y 62 8.55 -28.56 88.99
CA ASP Y 62 8.36 -27.17 89.41
C ASP Y 62 9.59 -26.58 90.10
N TRP Y 63 10.72 -27.30 90.07
CA TRP Y 63 11.88 -27.05 90.92
C TRP Y 63 11.37 -27.19 92.40
N GLN Y 64 11.79 -26.51 93.49
CA GLN Y 64 12.82 -25.48 93.76
C GLN Y 64 12.57 -24.08 93.17
N ILE Y 65 13.59 -23.47 92.56
CA ILE Y 65 13.60 -22.04 92.31
C ILE Y 65 14.04 -21.76 90.89
N ASP Y 66 13.30 -20.89 90.20
CA ASP Y 66 13.79 -20.21 89.00
C ASP Y 66 13.82 -18.73 89.28
N VAL Y 67 12.64 -18.09 89.29
CA VAL Y 67 12.42 -16.74 89.79
C VAL Y 67 13.43 -15.77 89.19
N ASP Y 68 14.27 -15.17 90.05
CA ASP Y 68 15.16 -14.09 89.62
C ASP Y 68 16.11 -14.50 88.51
N LEU Y 69 16.46 -15.78 88.42
CA LEU Y 69 17.34 -16.26 87.35
C LEU Y 69 16.76 -15.92 85.98
N LEU Y 70 15.63 -16.52 85.65
CA LEU Y 70 14.99 -16.25 84.36
C LEU Y 70 14.23 -14.93 84.35
N ASN Y 71 14.01 -14.31 85.50
CA ASN Y 71 13.43 -12.97 85.52
C ASN Y 71 14.47 -11.90 85.22
N LYS Y 72 15.71 -12.08 85.66
CA LYS Y 72 16.78 -11.20 85.22
C LYS Y 72 17.24 -11.52 83.80
N MET Y 73 17.08 -12.78 83.37
CA MET Y 73 17.33 -13.11 81.97
C MET Y 73 16.25 -12.55 81.06
N LYS Y 74 14.99 -12.51 81.53
CA LYS Y 74 13.95 -11.81 80.79
C LYS Y 74 14.04 -10.30 80.96
N LYS Y 75 14.73 -9.83 82.00
CA LYS Y 75 14.96 -8.40 82.17
C LYS Y 75 16.08 -7.92 81.24
N ALA Y 76 17.17 -8.69 81.16
CA ALA Y 76 18.24 -8.34 80.23
C ALA Y 76 17.79 -8.53 78.79
N ASN Y 77 17.03 -9.59 78.51
CA ASN Y 77 16.44 -9.75 77.19
C ASN Y 77 15.40 -8.68 76.90
N GLU Y 78 14.75 -8.15 77.93
CA GLU Y 78 13.89 -6.99 77.75
C GLU Y 78 14.70 -5.76 77.35
N ASP Y 79 15.91 -5.61 77.92
CA ASP Y 79 16.80 -4.56 77.47
C ASP Y 79 17.20 -4.77 76.01
N GLU Y 80 17.46 -6.01 75.63
CA GLU Y 80 17.63 -6.34 74.22
C GLU Y 80 16.32 -6.23 73.46
N LEU Y 81 15.19 -6.42 74.13
CA LEU Y 81 13.89 -6.18 73.52
C LEU Y 81 13.59 -4.68 73.44
N LYS Y 82 13.91 -3.92 74.48
CA LYS Y 82 13.65 -2.49 74.49
C LYS Y 82 14.67 -1.70 73.68
N ARG Y 83 15.85 -2.27 73.40
CA ARG Y 83 16.77 -1.59 72.49
C ARG Y 83 16.29 -1.68 71.04
N LEU Y 84 15.60 -2.76 70.69
CA LEU Y 84 15.01 -2.88 69.36
C LEU Y 84 13.69 -2.12 69.26
N ASP Y 85 12.85 -2.23 70.30
CA ASP Y 85 11.55 -1.59 70.24
C ASP Y 85 11.64 -0.08 70.42
N GLU Y 86 12.74 0.41 70.99
CA GLU Y 86 12.99 1.85 71.02
C GLU Y 86 13.88 2.30 69.87
N GLU Y 87 14.38 1.37 69.06
CA GLU Y 87 15.08 1.72 67.83
C GLU Y 87 14.14 1.85 66.64
N LEU Y 88 12.90 1.36 66.76
CA LEU Y 88 11.98 1.40 65.63
C LEU Y 88 11.49 2.82 65.36
N GLU Y 89 11.31 3.62 66.41
CA GLU Y 89 11.00 5.03 66.20
C GLU Y 89 12.24 5.85 65.85
N ASP Y 90 13.42 5.39 66.25
CA ASP Y 90 14.66 6.04 65.83
C ASP Y 90 15.06 5.63 64.42
N ALA Y 91 14.68 4.42 64.00
CA ALA Y 91 14.97 3.99 62.63
C ALA Y 91 14.01 4.61 61.64
N GLU Y 92 12.72 4.72 62.01
CA GLU Y 92 11.75 5.35 61.13
C GLU Y 92 11.95 6.86 61.02
N LYS Y 93 12.82 7.44 61.85
CA LYS Y 93 13.20 8.84 61.67
C LYS Y 93 13.86 9.03 60.31
N ASN Y 94 14.71 8.08 59.91
CA ASN Y 94 15.25 8.06 58.56
C ASN Y 94 14.27 7.34 57.64
N LEU Y 95 14.62 7.25 56.36
CA LEU Y 95 13.78 6.58 55.38
C LEU Y 95 14.63 5.70 54.48
N GLY Y 96 14.22 4.44 54.35
CA GLY Y 96 14.89 3.51 53.46
C GLY Y 96 13.92 2.43 53.03
N GLU Y 97 14.42 1.48 52.24
CA GLU Y 97 13.63 0.36 51.77
C GLU Y 97 14.00 -0.86 52.59
N SER Y 98 13.08 -1.27 53.47
CA SER Y 98 13.15 -2.51 54.25
C SER Y 98 14.34 -2.54 55.21
N GLU Y 99 15.25 -1.59 55.08
CA GLU Y 99 16.38 -1.53 55.99
C GLU Y 99 15.95 -1.15 57.41
N ILE Y 100 14.70 -0.73 57.57
CA ILE Y 100 14.11 -0.41 58.86
C ILE Y 100 13.27 -1.56 59.37
N ARG Y 101 12.21 -1.92 58.65
CA ARG Y 101 11.23 -2.88 59.13
C ARG Y 101 11.70 -4.32 59.04
N ASP Y 102 12.67 -4.64 58.17
CA ASP Y 102 13.17 -6.01 58.13
C ASP Y 102 13.92 -6.37 59.39
N ALA Y 103 14.50 -5.38 60.08
CA ALA Y 103 15.15 -5.65 61.35
C ALA Y 103 14.14 -5.95 62.43
N MET Y 104 13.01 -5.24 62.44
CA MET Y 104 12.02 -5.42 63.49
C MET Y 104 11.07 -6.58 63.21
N MET Y 105 11.00 -7.08 61.97
CA MET Y 105 10.15 -8.23 61.70
C MET Y 105 10.84 -9.53 62.11
N ALA Y 106 12.14 -9.64 61.85
CA ALA Y 106 12.86 -10.88 62.12
C ALA Y 106 13.26 -10.97 63.60
N LYS Y 107 13.70 -9.86 64.18
CA LYS Y 107 14.17 -9.90 65.56
C LYS Y 107 13.01 -9.93 66.56
N ALA Y 108 11.85 -9.38 66.20
CA ALA Y 108 10.68 -9.55 67.06
C ALA Y 108 10.17 -10.99 67.02
N GLU Y 109 10.28 -11.64 65.87
CA GLU Y 109 10.03 -13.08 65.81
C GLU Y 109 11.05 -13.87 66.60
N TYR Y 110 12.28 -13.35 66.74
CA TYR Y 110 13.20 -13.87 67.74
C TYR Y 110 12.81 -13.45 69.14
N LEU Y 111 12.23 -12.26 69.28
CA LEU Y 111 11.67 -11.86 70.57
C LEU Y 111 10.36 -12.58 70.86
N CYS Y 112 9.64 -13.02 69.81
CA CYS Y 112 8.51 -13.90 70.02
C CYS Y 112 8.92 -15.34 70.21
N ARG Y 113 10.06 -15.75 69.65
CA ARG Y 113 10.65 -17.03 70.01
C ARG Y 113 10.84 -17.16 71.51
N ILE Y 114 10.93 -16.04 72.21
CA ILE Y 114 10.94 -16.05 73.67
C ILE Y 114 9.62 -16.57 74.21
N GLY Y 115 8.50 -16.29 73.52
CA GLY Y 115 7.27 -16.96 73.88
C GLY Y 115 6.05 -16.84 73.00
N ASP Y 116 5.24 -17.88 73.05
CA ASP Y 116 3.90 -18.07 72.49
C ASP Y 116 3.83 -17.65 71.02
N LYS Y 117 2.65 -17.17 70.60
CA LYS Y 117 2.38 -16.80 69.22
C LYS Y 117 2.32 -15.29 68.97
N GLU Y 118 2.47 -14.45 69.99
CA GLU Y 118 2.02 -13.06 69.88
C GLU Y 118 2.89 -12.27 68.93
N GLY Y 119 4.16 -12.05 69.28
CA GLY Y 119 5.06 -11.36 68.37
C GLY Y 119 5.16 -12.03 67.01
N ALA Y 120 5.01 -13.36 66.98
CA ALA Y 120 5.02 -14.11 65.72
C ALA Y 120 3.90 -13.64 64.80
N LEU Y 121 2.65 -13.91 65.19
CA LEU Y 121 1.52 -13.61 64.31
C LEU Y 121 1.42 -12.12 64.01
N THR Y 122 1.78 -11.27 64.98
CA THR Y 122 1.68 -9.84 64.74
C THR Y 122 2.78 -9.34 63.82
N ALA Y 123 3.92 -10.01 63.77
CA ALA Y 123 4.96 -9.66 62.79
C ALA Y 123 4.67 -10.26 61.42
N PHE Y 124 4.02 -11.43 61.37
CA PHE Y 124 3.70 -12.05 60.08
C PHE Y 124 2.79 -11.17 59.26
N ARG Y 125 1.70 -10.69 59.88
CA ARG Y 125 0.79 -9.79 59.17
C ARG Y 125 1.37 -8.38 59.08
N LYS Y 126 2.28 -8.03 59.99
CA LYS Y 126 3.01 -6.76 59.87
C LYS Y 126 3.78 -6.69 58.57
N THR Y 127 4.77 -7.57 58.41
CA THR Y 127 5.64 -7.57 57.23
C THR Y 127 4.95 -8.07 55.98
N TYR Y 128 3.70 -8.56 56.08
CA TYR Y 128 3.00 -9.07 54.90
C TYR Y 128 2.80 -8.00 53.85
N ASP Y 129 2.74 -6.72 54.26
CA ASP Y 129 2.50 -5.61 53.35
C ASP Y 129 3.79 -4.95 52.87
N LYS Y 130 4.96 -5.46 53.26
CA LYS Y 130 6.23 -4.82 52.93
C LYS Y 130 7.06 -5.62 51.95
N THR Y 131 7.49 -6.82 52.32
CA THR Y 131 8.47 -7.58 51.55
C THR Y 131 8.01 -7.78 50.11
N VAL Y 132 8.86 -7.39 49.16
CA VAL Y 132 8.56 -7.56 47.74
C VAL Y 132 9.11 -8.87 47.18
N ALA Y 133 9.91 -9.61 47.95
CA ALA Y 133 10.51 -10.85 47.49
C ALA Y 133 9.83 -12.04 48.18
N LEU Y 134 9.72 -13.14 47.45
CA LEU Y 134 9.10 -14.35 48.00
C LEU Y 134 10.01 -15.08 48.97
N GLY Y 135 11.32 -14.84 48.90
CA GLY Y 135 12.24 -15.52 49.82
C GLY Y 135 11.98 -15.15 51.27
N HIS Y 136 11.76 -13.85 51.53
CA HIS Y 136 11.44 -13.42 52.89
C HIS Y 136 10.04 -13.84 53.28
N ARG Y 137 9.11 -13.85 52.33
CA ARG Y 137 7.76 -14.34 52.62
C ARG Y 137 7.78 -15.82 52.97
N LEU Y 138 8.62 -16.60 52.29
CA LEU Y 138 8.73 -18.01 52.62
C LEU Y 138 9.49 -18.22 53.94
N ASP Y 139 10.42 -17.33 54.27
CA ASP Y 139 11.01 -17.35 55.60
C ASP Y 139 9.95 -17.14 56.67
N ILE Y 140 9.01 -16.22 56.42
CA ILE Y 140 7.86 -16.07 57.30
C ILE Y 140 7.09 -17.38 57.38
N VAL Y 141 6.86 -18.01 56.22
CA VAL Y 141 6.19 -19.31 56.19
C VAL Y 141 6.96 -20.33 57.03
N PHE Y 142 8.29 -20.25 57.01
CA PHE Y 142 9.09 -21.14 57.85
C PHE Y 142 8.85 -20.86 59.33
N TYR Y 143 8.56 -19.60 59.68
CA TYR Y 143 8.30 -19.28 61.08
C TYR Y 143 6.95 -19.81 61.53
N LEU Y 144 5.94 -19.76 60.66
CA LEU Y 144 4.66 -20.37 61.01
C LEU Y 144 4.76 -21.88 61.07
N LEU Y 145 5.64 -22.47 60.28
CA LEU Y 145 5.78 -23.93 60.25
C LEU Y 145 6.52 -24.45 61.47
N ARG Y 146 7.52 -23.71 61.96
CA ARG Y 146 8.21 -24.14 63.17
C ARG Y 146 7.33 -23.91 64.40
N ILE Y 147 6.65 -22.76 64.47
CA ILE Y 147 5.77 -22.49 65.61
C ILE Y 147 4.53 -23.36 65.55
N GLY Y 148 4.19 -23.89 64.38
CA GLY Y 148 3.08 -24.83 64.27
C GLY Y 148 3.54 -26.24 64.58
N LEU Y 149 4.85 -26.49 64.43
CA LEU Y 149 5.41 -27.79 64.76
C LEU Y 149 5.62 -27.94 66.27
N PHE Y 150 5.92 -26.84 66.96
CA PHE Y 150 6.11 -26.92 68.40
C PHE Y 150 4.79 -27.16 69.13
N TYR Y 151 3.74 -26.45 68.73
CA TYR Y 151 2.42 -26.55 69.33
C TYR Y 151 1.52 -27.57 68.61
N MET Y 152 2.07 -28.31 67.64
CA MET Y 152 1.34 -29.30 66.84
C MET Y 152 -0.01 -28.77 66.36
N ASP Y 153 -0.03 -27.50 65.95
CA ASP Y 153 -1.22 -26.86 65.41
C ASP Y 153 -1.13 -26.89 63.89
N ASN Y 154 -2.08 -27.58 63.26
CA ASN Y 154 -2.12 -27.70 61.81
C ASN Y 154 -2.99 -26.65 61.13
N ASP Y 155 -3.56 -25.72 61.90
CA ASP Y 155 -4.47 -24.74 61.32
C ASP Y 155 -3.69 -23.69 60.52
N LEU Y 156 -2.63 -23.13 61.11
CA LEU Y 156 -1.88 -22.05 60.48
C LEU Y 156 -0.80 -22.54 59.52
N ILE Y 157 -0.51 -23.84 59.48
CA ILE Y 157 0.51 -24.35 58.57
C ILE Y 157 -0.05 -24.55 57.16
N THR Y 158 -1.36 -24.60 57.00
CA THR Y 158 -1.95 -24.71 55.67
C THR Y 158 -2.04 -23.36 54.97
N ARG Y 159 -2.38 -22.30 55.72
CA ARG Y 159 -2.65 -21.01 55.10
C ARG Y 159 -1.38 -20.35 54.58
N ASN Y 160 -0.31 -20.36 55.37
CA ASN Y 160 0.94 -19.73 54.95
C ASN Y 160 1.51 -20.43 53.72
N THR Y 161 1.39 -21.76 53.66
CA THR Y 161 1.88 -22.49 52.50
C THR Y 161 0.97 -22.31 51.28
N GLU Y 162 -0.33 -22.21 51.50
CA GLU Y 162 -1.25 -21.99 50.38
C GLU Y 162 -1.00 -20.63 49.73
N LYS Y 163 -0.68 -19.62 50.53
CA LYS Y 163 -0.35 -18.30 50.00
C LYS Y 163 1.06 -18.22 49.45
N ALA Y 164 1.98 -19.04 49.96
CA ALA Y 164 3.36 -18.99 49.49
C ALA Y 164 3.53 -19.72 48.16
N LYS Y 165 2.89 -20.87 48.00
CA LYS Y 165 3.05 -21.65 46.78
C LYS Y 165 2.60 -20.89 45.54
N SER Y 166 1.53 -20.09 45.66
CA SER Y 166 1.10 -19.28 44.53
C SER Y 166 2.19 -18.32 44.09
N LEU Y 167 2.94 -17.77 45.04
CA LEU Y 167 4.07 -16.91 44.71
C LEU Y 167 5.29 -17.71 44.30
N ILE Y 168 5.43 -18.94 44.80
CA ILE Y 168 6.57 -19.78 44.43
C ILE Y 168 6.33 -20.45 43.09
N GLU Y 169 5.10 -20.86 42.81
CA GLU Y 169 4.76 -21.55 41.57
C GLU Y 169 4.36 -20.59 40.47
N GLU Y 170 4.45 -19.28 40.68
CA GLU Y 170 4.11 -18.31 39.64
C GLU Y 170 4.86 -18.50 38.30
N GLY Y 171 6.10 -19.02 38.26
CA GLY Y 171 7.05 -19.20 39.36
C GLY Y 171 8.06 -20.29 39.11
N GLY Y 172 9.07 -20.38 39.96
CA GLY Y 172 9.94 -21.53 39.99
C GLY Y 172 10.96 -21.47 41.11
N ASP Y 173 11.42 -22.63 41.57
CA ASP Y 173 12.45 -22.72 42.60
C ASP Y 173 13.07 -24.12 42.53
N TRP Y 174 14.23 -24.26 43.17
CA TRP Y 174 14.87 -25.57 43.28
C TRP Y 174 14.94 -26.02 44.74
N ASP Y 175 15.82 -25.40 45.55
CA ASP Y 175 15.97 -25.80 46.94
C ASP Y 175 14.66 -25.68 47.72
N ARG Y 176 14.16 -24.45 47.87
CA ARG Y 176 13.02 -24.21 48.75
C ARG Y 176 11.76 -24.93 48.31
N ARG Y 177 11.64 -25.30 47.04
CA ARG Y 177 10.52 -26.14 46.63
C ARG Y 177 10.64 -27.53 47.23
N ASN Y 178 11.86 -28.08 47.26
CA ASN Y 178 12.06 -29.36 47.94
C ASN Y 178 11.85 -29.23 49.44
N ARG Y 179 12.13 -28.05 49.99
CA ARG Y 179 11.87 -27.82 51.41
C ARG Y 179 10.38 -27.89 51.71
N LEU Y 180 9.57 -27.28 50.86
CA LEU Y 180 8.11 -27.34 51.05
C LEU Y 180 7.60 -28.76 50.88
N LYS Y 181 8.22 -29.54 49.99
CA LYS Y 181 7.83 -30.94 49.84
C LYS Y 181 8.07 -31.72 51.12
N VAL Y 182 9.12 -31.35 51.86
CA VAL Y 182 9.36 -31.98 53.16
C VAL Y 182 8.33 -31.51 54.17
N TYR Y 183 7.99 -30.23 54.16
CA TYR Y 183 6.96 -29.70 55.05
C TYR Y 183 5.64 -30.42 54.83
N GLN Y 184 5.06 -30.30 53.63
CA GLN Y 184 3.80 -30.97 53.35
C GLN Y 184 3.90 -32.48 53.55
N GLY Y 185 5.09 -33.04 53.39
CA GLY Y 185 5.27 -34.45 53.72
C GLY Y 185 5.20 -34.71 55.22
N LEU Y 186 5.71 -33.77 56.02
CA LEU Y 186 5.60 -33.91 57.47
C LEU Y 186 4.18 -33.66 57.95
N TYR Y 187 3.41 -32.85 57.23
CA TYR Y 187 2.02 -32.64 57.59
C TYR Y 187 1.15 -33.82 57.16
N CYS Y 188 1.40 -34.36 55.97
CA CYS Y 188 0.67 -35.54 55.52
C CYS Y 188 0.96 -36.75 56.41
N VAL Y 189 2.17 -36.81 56.99
CA VAL Y 189 2.49 -37.88 57.93
C VAL Y 189 2.11 -37.52 59.36
N ALA Y 190 1.79 -36.25 59.64
CA ALA Y 190 1.28 -35.88 60.95
C ALA Y 190 -0.12 -36.45 61.16
N ILE Y 191 -1.02 -36.19 60.22
CA ILE Y 191 -2.28 -36.92 60.12
C ILE Y 191 -1.95 -38.20 59.36
N ARG Y 192 -2.96 -39.00 59.01
CA ARG Y 192 -2.70 -40.24 58.29
C ARG Y 192 -2.83 -39.98 56.79
N ASP Y 193 -1.69 -39.94 56.09
CA ASP Y 193 -1.65 -40.03 54.65
C ASP Y 193 -0.45 -40.91 54.30
N PHE Y 194 -0.71 -42.08 53.72
CA PHE Y 194 0.38 -43.00 53.39
C PHE Y 194 1.04 -42.66 52.05
N LYS Y 195 0.22 -42.34 51.04
CA LYS Y 195 0.76 -42.18 49.69
C LYS Y 195 1.46 -40.84 49.51
N GLN Y 196 0.87 -39.75 49.99
CA GLN Y 196 1.42 -38.42 49.77
C GLN Y 196 2.74 -38.21 50.51
N ALA Y 197 2.97 -38.94 51.61
CA ALA Y 197 4.22 -38.79 52.34
C ALA Y 197 5.40 -39.28 51.51
N ALA Y 198 5.31 -40.52 51.01
CA ALA Y 198 6.42 -41.08 50.23
C ALA Y 198 6.50 -40.46 48.84
N GLU Y 199 5.36 -40.07 48.27
CA GLU Y 199 5.36 -39.48 46.93
C GLU Y 199 6.01 -38.10 46.96
N LEU Y 200 5.75 -37.30 48.00
CA LEU Y 200 6.37 -35.99 48.12
C LEU Y 200 7.81 -36.08 48.65
N PHE Y 201 8.18 -37.19 49.27
CA PHE Y 201 9.55 -37.42 49.71
C PHE Y 201 10.41 -38.08 48.65
N LEU Y 202 9.86 -38.29 47.44
CA LEU Y 202 10.63 -38.92 46.36
C LEU Y 202 11.88 -38.14 45.99
N ASP Y 203 11.95 -36.86 46.37
CA ASP Y 203 13.17 -36.08 46.12
C ASP Y 203 14.37 -36.68 46.82
N THR Y 204 14.17 -37.22 48.03
CA THR Y 204 15.18 -37.94 48.80
C THR Y 204 16.40 -37.03 49.01
N VAL Y 205 17.58 -37.39 48.52
CA VAL Y 205 18.82 -36.72 48.92
C VAL Y 205 18.93 -35.30 48.35
N SER Y 206 18.09 -34.95 47.37
CA SER Y 206 18.19 -33.62 46.77
C SER Y 206 17.91 -32.51 47.78
N THR Y 207 17.31 -32.83 48.93
CA THR Y 207 17.10 -31.84 49.96
C THR Y 207 18.35 -31.59 50.81
N PHE Y 208 19.30 -32.52 50.79
CA PHE Y 208 20.56 -32.43 51.56
C PHE Y 208 20.20 -32.24 53.03
N THR Y 209 20.90 -31.37 53.75
CA THR Y 209 20.67 -31.15 55.18
C THR Y 209 20.46 -29.66 55.43
N SER Y 210 19.46 -29.34 56.24
CA SER Y 210 19.14 -27.96 56.55
C SER Y 210 18.71 -27.85 58.01
N TYR Y 211 18.74 -26.61 58.52
CA TYR Y 211 18.31 -26.38 59.90
C TYR Y 211 16.80 -26.56 60.05
N GLU Y 212 16.03 -26.26 59.01
CA GLU Y 212 14.59 -26.50 59.04
C GLU Y 212 14.24 -27.96 58.78
N LEU Y 213 15.13 -28.72 58.15
CA LEU Y 213 14.95 -30.14 57.91
C LEU Y 213 15.53 -30.99 59.03
N MET Y 214 16.01 -30.37 60.11
CA MET Y 214 16.63 -31.00 61.27
C MET Y 214 17.65 -32.07 60.87
N ASP Y 215 17.63 -33.21 61.54
CA ASP Y 215 18.59 -34.27 61.23
C ASP Y 215 18.21 -34.95 59.92
N TYR Y 216 19.17 -34.99 58.98
CA TYR Y 216 18.91 -35.60 57.69
C TYR Y 216 18.66 -37.11 57.81
N LYS Y 217 19.35 -37.76 58.75
CA LYS Y 217 19.13 -39.20 58.94
C LYS Y 217 17.72 -39.48 59.43
N THR Y 218 17.19 -38.60 60.29
CA THR Y 218 15.80 -38.76 60.73
C THR Y 218 14.83 -38.58 59.57
N PHE Y 219 15.13 -37.65 58.66
CA PHE Y 219 14.30 -37.49 57.47
C PHE Y 219 14.37 -38.74 56.59
N VAL Y 220 15.55 -39.35 56.49
CA VAL Y 220 15.69 -40.59 55.72
C VAL Y 220 14.84 -41.69 56.34
N THR Y 221 14.81 -41.75 57.68
CA THR Y 221 13.96 -42.73 58.35
C THR Y 221 12.49 -42.41 58.19
N TYR Y 222 12.15 -41.13 58.03
CA TYR Y 222 10.75 -40.75 57.86
C TYR Y 222 10.21 -41.22 56.53
N THR Y 223 10.99 -41.06 55.45
CA THR Y 223 10.52 -41.45 54.13
C THR Y 223 10.61 -42.96 53.91
N VAL Y 224 11.60 -43.62 54.52
CA VAL Y 224 11.76 -45.06 54.32
C VAL Y 224 10.77 -45.84 55.19
N TYR Y 225 10.32 -45.25 56.30
CA TYR Y 225 9.31 -45.91 57.11
C TYR Y 225 7.93 -45.82 56.46
N VAL Y 226 7.64 -44.70 55.80
CA VAL Y 226 6.33 -44.49 55.20
C VAL Y 226 6.22 -45.04 53.79
N SER Y 227 7.33 -45.42 53.17
CA SER Y 227 7.31 -45.95 51.81
C SER Y 227 7.01 -47.44 51.75
N MET Y 228 6.84 -48.10 52.89
CA MET Y 228 6.58 -49.54 52.92
C MET Y 228 5.10 -49.87 53.05
N ILE Y 229 4.21 -48.88 53.08
CA ILE Y 229 2.80 -49.14 53.33
C ILE Y 229 2.01 -49.07 52.03
N ALA Y 230 1.80 -47.86 51.52
CA ALA Y 230 0.96 -47.65 50.35
C ALA Y 230 1.69 -47.86 49.02
N LEU Y 231 2.99 -48.11 49.06
CA LEU Y 231 3.76 -48.34 47.84
C LEU Y 231 3.79 -49.81 47.50
N GLU Y 232 3.62 -50.12 46.22
CA GLU Y 232 3.57 -51.50 45.76
C GLU Y 232 4.94 -52.16 45.92
N ARG Y 233 4.93 -53.49 46.02
CA ARG Y 233 6.17 -54.23 46.19
C ARG Y 233 7.14 -54.04 45.04
N PRO Y 234 6.74 -54.16 43.77
CA PRO Y 234 7.67 -53.78 42.69
C PRO Y 234 8.05 -52.31 42.74
N ASP Y 235 7.13 -51.44 43.16
CA ASP Y 235 7.46 -50.03 43.31
C ASP Y 235 8.33 -49.79 44.54
N LEU Y 236 8.20 -50.64 45.56
CA LEU Y 236 9.04 -50.51 46.73
C LEU Y 236 10.51 -50.76 46.39
N ARG Y 237 10.80 -51.91 45.76
CA ARG Y 237 12.15 -52.19 45.33
C ARG Y 237 12.61 -51.26 44.21
N GLU Y 238 11.67 -50.67 43.46
CA GLU Y 238 12.06 -49.67 42.48
C GLU Y 238 12.51 -48.39 43.15
N LYS Y 239 11.94 -48.06 44.31
CA LYS Y 239 12.39 -46.88 45.04
C LYS Y 239 13.73 -47.12 45.74
N VAL Y 240 13.82 -48.18 46.54
CA VAL Y 240 15.00 -48.37 47.38
C VAL Y 240 16.16 -48.97 46.61
N ILE Y 241 15.93 -50.03 45.84
CA ILE Y 241 17.02 -50.72 45.16
C ILE Y 241 17.44 -49.97 43.91
N LYS Y 242 16.48 -49.56 43.08
CA LYS Y 242 16.82 -48.88 41.83
C LYS Y 242 17.23 -47.44 42.08
N GLY Y 243 16.80 -46.85 43.19
CA GLY Y 243 17.19 -45.49 43.51
C GLY Y 243 18.68 -45.42 43.79
N ALA Y 244 19.39 -44.56 43.05
CA ALA Y 244 20.84 -44.50 43.21
C ALA Y 244 21.24 -43.66 44.43
N GLU Y 245 20.59 -42.51 44.63
CA GLU Y 245 20.98 -41.62 45.71
C GLU Y 245 20.41 -42.06 47.07
N ILE Y 246 19.20 -42.62 47.08
CA ILE Y 246 18.58 -43.01 48.34
C ILE Y 246 19.17 -44.30 48.91
N LEU Y 247 19.80 -45.12 48.06
CA LEU Y 247 20.25 -46.43 48.50
C LEU Y 247 21.35 -46.33 49.56
N GLU Y 248 22.26 -45.37 49.44
CA GLU Y 248 23.37 -45.28 50.39
C GLU Y 248 22.89 -44.78 51.75
N VAL Y 249 22.02 -43.78 51.77
CA VAL Y 249 21.59 -43.22 53.05
C VAL Y 249 20.68 -44.19 53.80
N LEU Y 250 19.98 -45.07 53.07
CA LEU Y 250 19.25 -46.15 53.73
C LEU Y 250 20.15 -47.35 54.04
N HIS Y 251 21.32 -47.41 53.41
CA HIS Y 251 22.27 -48.48 53.70
C HIS Y 251 23.06 -48.20 54.98
N SER Y 252 23.18 -46.93 55.37
CA SER Y 252 23.94 -46.60 56.58
C SER Y 252 23.29 -47.18 57.82
N LEU Y 253 21.96 -47.22 57.85
CA LEU Y 253 21.24 -47.82 58.98
C LEU Y 253 20.80 -49.22 58.59
N PRO Y 254 21.39 -50.28 59.13
CA PRO Y 254 20.97 -51.63 58.77
C PRO Y 254 19.58 -51.99 59.28
N ALA Y 255 19.05 -51.24 60.25
CA ALA Y 255 17.75 -51.59 60.83
C ALA Y 255 16.65 -51.58 59.77
N VAL Y 256 16.49 -50.46 59.06
CA VAL Y 256 15.42 -50.38 58.07
C VAL Y 256 15.82 -51.10 56.80
N ARG Y 257 17.11 -51.05 56.43
CA ARG Y 257 17.56 -51.75 55.24
C ARG Y 257 17.34 -53.25 55.34
N GLN Y 258 17.53 -53.82 56.55
CA GLN Y 258 17.22 -55.22 56.76
C GLN Y 258 15.74 -55.49 56.57
N TYR Y 259 14.88 -54.57 57.01
CA TYR Y 259 13.45 -54.75 56.80
C TYR Y 259 13.06 -54.61 55.32
N LEU Y 260 13.79 -53.79 54.57
CA LEU Y 260 13.48 -53.62 53.16
C LEU Y 260 13.85 -54.86 52.35
N PHE Y 261 15.08 -55.34 52.52
CA PHE Y 261 15.55 -56.46 51.71
C PHE Y 261 14.97 -57.79 52.18
N SER Y 262 14.61 -57.92 53.46
CA SER Y 262 13.96 -59.13 53.93
C SER Y 262 12.49 -59.16 53.54
N LEU Y 263 11.85 -57.99 53.44
CA LEU Y 263 10.48 -57.95 52.93
C LEU Y 263 10.41 -58.43 51.49
N TYR Y 264 11.40 -58.06 50.68
CA TYR Y 264 11.50 -58.60 49.33
C TYR Y 264 12.00 -60.04 49.35
N GLU Y 265 12.83 -60.40 50.33
CA GLU Y 265 13.29 -61.78 50.46
C GLU Y 265 12.18 -62.71 50.94
N CYS Y 266 11.09 -62.16 51.47
CA CYS Y 266 9.88 -62.86 51.88
C CYS Y 266 10.06 -63.69 53.15
N ARG Y 267 11.25 -63.74 53.73
CA ARG Y 267 11.45 -64.51 54.95
C ARG Y 267 10.64 -63.92 56.09
N TYR Y 268 9.82 -64.75 56.73
CA TYR Y 268 8.96 -64.32 57.82
C TYR Y 268 9.56 -64.54 59.20
N SER Y 269 10.75 -65.14 59.28
CA SER Y 269 11.36 -65.42 60.57
C SER Y 269 12.07 -64.21 61.17
N VAL Y 270 12.47 -63.23 60.34
CA VAL Y 270 13.10 -62.01 60.84
C VAL Y 270 12.13 -60.83 60.89
N PHE Y 271 10.88 -61.02 60.45
CA PHE Y 271 10.00 -59.87 60.23
C PHE Y 271 9.65 -59.16 61.54
N PHE Y 272 9.09 -59.88 62.51
CA PHE Y 272 8.66 -59.24 63.75
C PHE Y 272 9.80 -58.74 64.60
N GLN Y 273 11.02 -59.28 64.42
CA GLN Y 273 12.18 -58.71 65.10
C GLN Y 273 12.64 -57.42 64.43
N SER Y 274 12.71 -57.42 63.10
CA SER Y 274 13.01 -56.18 62.39
C SER Y 274 11.89 -55.16 62.55
N LEU Y 275 10.64 -55.63 62.58
CA LEU Y 275 9.52 -54.74 62.87
C LEU Y 275 9.54 -54.27 64.32
N ALA Y 276 10.12 -55.06 65.22
CA ALA Y 276 10.27 -54.61 66.61
C ALA Y 276 11.21 -53.42 66.70
N VAL Y 277 12.32 -53.45 65.96
CA VAL Y 277 13.24 -52.32 65.95
C VAL Y 277 12.61 -51.13 65.23
N VAL Y 278 11.86 -51.40 64.16
CA VAL Y 278 11.17 -50.32 63.44
C VAL Y 278 10.08 -49.73 64.30
N GLU Y 279 9.32 -50.57 65.01
CA GLU Y 279 8.25 -50.06 65.87
C GLU Y 279 8.81 -49.35 67.09
N GLN Y 280 9.93 -49.84 67.64
CA GLN Y 280 10.58 -49.15 68.75
C GLN Y 280 11.01 -47.74 68.34
N GLU Y 281 11.49 -47.59 67.11
CA GLU Y 281 11.78 -46.26 66.59
C GLU Y 281 10.49 -45.49 66.30
N MET Y 282 9.40 -46.22 66.00
CA MET Y 282 8.11 -45.57 65.74
C MET Y 282 7.49 -45.04 67.02
N LYS Y 283 7.77 -45.67 68.17
CA LYS Y 283 7.16 -45.24 69.42
C LYS Y 283 7.79 -43.96 69.96
N LYS Y 284 9.12 -43.84 69.84
CA LYS Y 284 9.84 -42.73 70.45
C LYS Y 284 9.88 -41.49 69.59
N ASP Y 285 9.27 -41.51 68.40
CA ASP Y 285 9.22 -40.35 67.53
C ASP Y 285 7.85 -39.69 67.62
N TRP Y 286 7.83 -38.36 67.58
CA TRP Y 286 6.60 -37.62 67.71
C TRP Y 286 5.71 -37.82 66.49
N LEU Y 287 4.41 -37.55 66.68
CA LEU Y 287 3.37 -37.55 65.64
C LEU Y 287 3.16 -38.93 65.02
N PHE Y 288 3.99 -39.91 65.39
CA PHE Y 288 3.82 -41.28 64.96
C PHE Y 288 3.00 -42.12 65.92
N ALA Y 289 2.56 -41.54 67.04
CA ALA Y 289 1.83 -42.33 68.04
C ALA Y 289 0.45 -42.78 67.54
N PRO Y 290 -0.38 -41.91 66.95
CA PRO Y 290 -1.70 -42.41 66.52
C PRO Y 290 -1.63 -43.36 65.33
N HIS Y 291 -0.57 -43.32 64.53
CA HIS Y 291 -0.55 -43.99 63.24
C HIS Y 291 0.09 -45.38 63.26
N TYR Y 292 0.66 -45.81 64.39
CA TYR Y 292 1.32 -47.11 64.37
C TYR Y 292 0.34 -48.26 64.51
N ARG Y 293 -0.80 -48.03 65.16
CA ARG Y 293 -1.76 -49.12 65.40
C ARG Y 293 -2.24 -49.72 64.09
N TYR Y 294 -2.57 -48.87 63.11
CA TYR Y 294 -2.89 -49.37 61.78
C TYR Y 294 -1.64 -49.76 60.99
N TYR Y 295 -0.50 -49.12 61.27
CA TYR Y 295 0.72 -49.38 60.52
C TYR Y 295 1.20 -50.81 60.71
N VAL Y 296 1.01 -51.36 61.91
CA VAL Y 296 1.51 -52.71 62.18
C VAL Y 296 0.66 -53.75 61.48
N ARG Y 297 -0.64 -53.80 61.82
CA ARG Y 297 -1.54 -54.73 61.16
C ARG Y 297 -1.55 -54.55 59.64
N GLU Y 298 -1.19 -53.36 59.16
CA GLU Y 298 -1.03 -53.18 57.72
C GLU Y 298 0.20 -53.91 57.21
N MET Y 299 1.28 -53.96 58.00
CA MET Y 299 2.44 -54.73 57.61
C MET Y 299 2.17 -56.23 57.68
N ARG Y 300 1.23 -56.64 58.55
CA ARG Y 300 0.78 -58.02 58.54
C ARG Y 300 0.15 -58.38 57.20
N ILE Y 301 -0.91 -57.64 56.82
CA ILE Y 301 -1.59 -57.89 55.56
C ILE Y 301 -0.70 -57.55 54.37
N HIS Y 302 0.35 -56.75 54.58
CA HIS Y 302 1.31 -56.48 53.51
C HIS Y 302 2.17 -57.71 53.25
N ALA Y 303 2.74 -58.29 54.30
CA ALA Y 303 3.60 -59.46 54.13
C ALA Y 303 2.79 -60.71 53.83
N TYR Y 304 1.57 -60.80 54.35
CA TYR Y 304 0.74 -61.97 54.09
C TYR Y 304 0.05 -61.90 52.73
N SER Y 305 0.01 -60.72 52.11
CA SER Y 305 -0.57 -60.61 50.77
C SER Y 305 0.28 -61.39 49.75
N GLN Y 306 1.60 -61.34 49.90
CA GLN Y 306 2.49 -62.14 49.07
C GLN Y 306 2.69 -63.55 49.60
N LEU Y 307 2.20 -63.85 50.81
CA LEU Y 307 2.26 -65.21 51.32
C LEU Y 307 1.21 -66.09 50.64
N LEU Y 308 -0.03 -65.60 50.59
CA LEU Y 308 -1.13 -66.39 50.05
C LEU Y 308 -1.16 -66.38 48.52
N GLU Y 309 -0.74 -65.28 47.89
CA GLU Y 309 -0.84 -65.14 46.44
C GLU Y 309 0.04 -66.12 45.67
N SER Y 310 0.90 -66.87 46.37
CA SER Y 310 1.78 -67.82 45.68
C SER Y 310 0.98 -68.87 44.92
N TYR Y 311 0.07 -69.55 45.60
CA TYR Y 311 -0.73 -70.61 44.99
C TYR Y 311 -2.17 -70.47 45.44
N ARG Y 312 -3.11 -70.77 44.54
CA ARG Y 312 -4.52 -70.78 44.91
C ARG Y 312 -4.77 -71.76 46.06
N SER Y 313 -4.51 -73.05 45.82
CA SER Y 313 -4.61 -74.07 46.85
C SER Y 313 -3.19 -74.37 47.34
N LEU Y 314 -2.90 -73.98 48.58
CA LEU Y 314 -1.56 -74.12 49.15
C LEU Y 314 -1.60 -75.15 50.26
N THR Y 315 -0.59 -76.02 50.28
CA THR Y 315 -0.43 -77.01 51.33
C THR Y 315 0.36 -76.42 52.49
N LEU Y 316 -0.26 -76.35 53.67
CA LEU Y 316 0.40 -75.74 54.83
C LEU Y 316 1.61 -76.54 55.29
N GLY Y 317 1.72 -77.80 54.88
CA GLY Y 317 2.96 -78.53 55.12
C GLY Y 317 4.14 -77.92 54.40
N TYR Y 318 3.94 -77.45 53.16
CA TYR Y 318 5.00 -76.74 52.45
C TYR Y 318 5.32 -75.41 53.11
N MET Y 319 4.31 -74.73 53.67
CA MET Y 319 4.56 -73.52 54.45
C MET Y 319 5.41 -73.82 55.67
N ALA Y 320 5.11 -74.91 56.37
CA ALA Y 320 5.81 -75.28 57.59
C ALA Y 320 7.22 -75.80 57.34
N GLU Y 321 7.62 -75.99 56.08
CA GLU Y 321 8.95 -76.51 55.75
C GLU Y 321 10.05 -75.70 56.43
N ALA Y 322 10.25 -74.46 55.99
CA ALA Y 322 11.11 -73.53 56.71
C ALA Y 322 10.23 -72.39 57.22
N PHE Y 323 9.90 -72.44 58.52
CA PHE Y 323 9.27 -71.36 59.26
C PHE Y 323 10.01 -71.19 60.59
N GLY Y 324 10.00 -72.24 61.39
CA GLY Y 324 10.61 -72.22 62.71
C GLY Y 324 9.89 -71.48 63.83
N VAL Y 325 8.64 -71.81 64.11
CA VAL Y 325 7.92 -72.94 63.51
C VAL Y 325 6.52 -72.50 63.11
N GLY Y 326 6.08 -72.91 61.93
CA GLY Y 326 4.79 -72.50 61.41
C GLY Y 326 3.71 -73.56 61.33
N VAL Y 327 3.91 -74.73 61.94
CA VAL Y 327 2.90 -75.80 61.89
C VAL Y 327 1.58 -75.31 62.47
N GLU Y 328 1.54 -75.11 63.78
CA GLU Y 328 0.34 -74.64 64.46
C GLU Y 328 0.34 -73.14 64.70
N PHE Y 329 1.44 -72.45 64.38
CA PHE Y 329 1.50 -71.02 64.64
C PHE Y 329 0.73 -70.21 63.59
N ILE Y 330 0.96 -70.51 62.31
CA ILE Y 330 0.24 -69.79 61.26
C ILE Y 330 -1.26 -70.04 61.33
N ASP Y 331 -1.68 -71.11 62.01
CA ASP Y 331 -3.10 -71.38 62.16
C ASP Y 331 -3.76 -70.32 63.03
N GLN Y 332 -3.25 -70.11 64.24
CA GLN Y 332 -3.83 -69.12 65.14
C GLN Y 332 -3.45 -67.70 64.74
N GLU Y 333 -2.23 -67.50 64.25
CA GLU Y 333 -1.75 -66.21 63.81
C GLU Y 333 -2.62 -65.65 62.68
N LEU Y 334 -2.60 -66.30 61.52
CA LEU Y 334 -3.34 -65.81 60.37
C LEU Y 334 -4.84 -65.75 60.65
N SER Y 335 -5.37 -66.73 61.37
CA SER Y 335 -6.79 -66.75 61.69
C SER Y 335 -7.20 -65.50 62.46
N ARG Y 336 -6.54 -65.25 63.59
CA ARG Y 336 -6.88 -64.07 64.39
C ARG Y 336 -6.69 -62.78 63.61
N PHE Y 337 -5.85 -62.79 62.58
CA PHE Y 337 -5.75 -61.66 61.67
C PHE Y 337 -6.86 -61.64 60.64
N ILE Y 338 -7.41 -62.80 60.28
CA ILE Y 338 -8.58 -62.84 59.43
C ILE Y 338 -9.81 -62.35 60.17
N ALA Y 339 -9.94 -62.71 61.46
CA ALA Y 339 -11.09 -62.29 62.24
C ALA Y 339 -11.12 -60.77 62.42
N ALA Y 340 -9.96 -60.12 62.37
CA ALA Y 340 -9.90 -58.66 62.47
C ALA Y 340 -10.19 -57.96 61.16
N GLY Y 341 -10.30 -58.70 60.06
CA GLY Y 341 -10.56 -58.12 58.76
C GLY Y 341 -9.36 -57.99 57.85
N ARG Y 342 -8.19 -58.43 58.29
CA ARG Y 342 -6.96 -58.34 57.50
C ARG Y 342 -6.77 -59.64 56.72
N LEU Y 343 -6.81 -59.55 55.39
CA LEU Y 343 -6.57 -60.67 54.50
C LEU Y 343 -7.54 -61.81 54.79
N HIS Y 344 -8.80 -61.57 54.42
CA HIS Y 344 -9.84 -62.57 54.58
C HIS Y 344 -9.65 -63.69 53.56
N CYS Y 345 -9.64 -64.92 54.04
CA CYS Y 345 -9.49 -66.08 53.17
C CYS Y 345 -10.09 -67.30 53.85
N LYS Y 346 -10.32 -68.35 53.06
CA LYS Y 346 -10.86 -69.61 53.55
C LYS Y 346 -9.78 -70.68 53.41
N ILE Y 347 -9.28 -71.17 54.54
CA ILE Y 347 -8.20 -72.13 54.60
C ILE Y 347 -8.71 -73.39 55.25
N ASP Y 348 -8.25 -74.56 54.77
CA ASP Y 348 -8.70 -75.85 55.25
C ASP Y 348 -7.53 -76.63 55.82
N LYS Y 349 -7.80 -77.41 56.86
CA LYS Y 349 -6.81 -78.24 57.52
C LYS Y 349 -7.30 -79.70 57.53
N VAL Y 350 -6.33 -80.62 57.62
CA VAL Y 350 -6.44 -82.07 57.54
C VAL Y 350 -6.83 -82.49 56.12
N ASN Y 351 -7.33 -81.52 55.34
CA ASN Y 351 -7.28 -81.59 53.89
C ASN Y 351 -6.06 -80.88 53.33
N GLU Y 352 -5.36 -80.11 54.18
CA GLU Y 352 -4.10 -79.45 53.84
C GLU Y 352 -4.27 -78.55 52.60
N ILE Y 353 -5.27 -77.67 52.66
CA ILE Y 353 -5.60 -76.78 51.56
C ILE Y 353 -5.78 -75.37 52.10
N VAL Y 354 -4.92 -74.45 51.66
CA VAL Y 354 -5.06 -73.03 51.93
C VAL Y 354 -5.56 -72.39 50.63
N GLU Y 355 -6.82 -71.95 50.62
CA GLU Y 355 -7.50 -71.57 49.39
C GLU Y 355 -7.66 -70.05 49.36
N THR Y 356 -6.97 -69.41 48.42
CA THR Y 356 -7.06 -67.98 48.17
C THR Y 356 -6.98 -67.74 46.66
N ASN Y 357 -7.84 -66.97 46.01
CA ASN Y 357 -9.00 -66.15 46.46
C ASN Y 357 -8.67 -65.18 47.62
N ARG Y 358 -9.61 -64.75 48.48
CA ARG Y 358 -10.99 -64.42 48.11
C ARG Y 358 -11.02 -63.19 47.20
N PRO Y 359 -11.44 -63.38 45.95
CA PRO Y 359 -11.44 -62.24 45.01
C PRO Y 359 -12.50 -61.21 45.33
N ASP Y 360 -13.67 -61.64 45.79
CA ASP Y 360 -14.85 -60.79 45.97
C ASP Y 360 -15.07 -59.93 44.73
N SER Y 361 -15.29 -60.61 43.61
CA SER Y 361 -15.52 -59.98 42.32
C SER Y 361 -17.00 -59.88 41.96
N LYS Y 362 -17.89 -60.34 42.83
CA LYS Y 362 -19.33 -60.31 42.57
C LYS Y 362 -20.06 -59.39 43.54
N ASN Y 363 -20.03 -59.69 44.85
CA ASN Y 363 -20.68 -58.83 45.82
C ASN Y 363 -20.10 -57.42 45.79
N TRP Y 364 -18.79 -57.30 46.03
CA TRP Y 364 -18.16 -55.99 46.11
C TRP Y 364 -18.20 -55.23 44.80
N GLN Y 365 -18.27 -55.94 43.67
CA GLN Y 365 -18.35 -55.27 42.38
C GLN Y 365 -19.61 -54.42 42.28
N TYR Y 366 -20.76 -55.00 42.65
CA TYR Y 366 -22.04 -54.32 42.61
C TYR Y 366 -22.44 -53.73 43.95
N GLN Y 367 -21.61 -53.88 44.98
CA GLN Y 367 -21.98 -53.43 46.32
C GLN Y 367 -21.96 -51.92 46.47
N GLU Y 368 -21.05 -51.23 45.76
CA GLU Y 368 -20.93 -49.79 45.91
C GLU Y 368 -22.18 -49.06 45.48
N THR Y 369 -22.94 -49.64 44.54
CA THR Y 369 -24.22 -49.05 44.16
C THR Y 369 -25.15 -48.93 45.36
N ILE Y 370 -25.52 -50.06 45.96
CA ILE Y 370 -26.47 -50.06 47.07
C ILE Y 370 -25.85 -49.45 48.32
N LYS Y 371 -24.57 -49.73 48.57
CA LYS Y 371 -23.89 -49.17 49.75
C LYS Y 371 -23.94 -47.65 49.74
N LYS Y 372 -23.25 -47.03 48.77
CA LYS Y 372 -23.31 -45.57 48.65
C LYS Y 372 -24.75 -45.08 48.47
N GLY Y 373 -25.54 -45.77 47.66
CA GLY Y 373 -26.94 -45.41 47.50
C GLY Y 373 -27.76 -45.47 48.77
N ASP Y 374 -27.33 -46.26 49.76
CA ASP Y 374 -28.05 -46.28 51.03
C ASP Y 374 -27.97 -44.92 51.73
N LEU Y 375 -26.75 -44.43 51.98
CA LEU Y 375 -26.59 -43.14 52.65
C LEU Y 375 -26.92 -41.98 51.71
N LEU Y 376 -26.66 -42.13 50.41
CA LEU Y 376 -27.03 -41.14 49.42
C LEU Y 376 -28.53 -40.88 49.48
N LEU Y 377 -29.32 -41.90 49.15
CA LEU Y 377 -30.78 -41.76 49.17
C LEU Y 377 -31.29 -41.47 50.58
N ASN Y 378 -30.55 -41.85 51.61
CA ASN Y 378 -30.91 -41.45 52.97
C ASN Y 378 -30.77 -39.94 53.13
N ARG Y 379 -29.64 -39.38 52.72
CA ARG Y 379 -29.41 -37.96 52.90
C ARG Y 379 -30.36 -37.12 52.06
N VAL Y 380 -30.82 -37.64 50.92
CA VAL Y 380 -31.86 -36.93 50.18
C VAL Y 380 -33.24 -37.20 50.76
N GLN Y 381 -33.42 -38.31 51.50
CA GLN Y 381 -34.69 -38.55 52.16
C GLN Y 381 -34.90 -37.58 53.31
N LYS Y 382 -33.82 -37.24 54.02
CA LYS Y 382 -33.89 -36.18 55.04
C LYS Y 382 -34.41 -34.89 54.43
N LEU Y 383 -33.66 -34.34 53.47
CA LEU Y 383 -34.02 -33.06 52.86
C LEU Y 383 -35.36 -33.12 52.11
N SER Y 384 -35.80 -34.32 51.73
CA SER Y 384 -37.09 -34.44 51.05
C SER Y 384 -38.25 -34.35 52.04
N ARG Y 385 -38.16 -35.08 53.15
CA ARG Y 385 -39.27 -35.15 54.10
C ARG Y 385 -39.24 -34.02 55.12
N VAL Y 386 -38.15 -33.26 55.22
CA VAL Y 386 -38.12 -32.12 56.12
C VAL Y 386 -38.96 -30.98 55.58
N ILE Y 387 -38.77 -30.63 54.30
CA ILE Y 387 -39.51 -29.56 53.68
C ILE Y 387 -40.41 -30.09 52.57
N ASN Y 388 -41.64 -29.59 52.50
CA ASN Y 388 -42.14 -28.60 53.45
C ASN Y 388 -42.97 -29.26 54.54
N MET Y 389 -42.55 -29.08 55.78
CA MET Y 389 -43.24 -29.61 56.95
C MET Y 389 -43.38 -31.14 56.89
N ALA Z 5 -30.17 -62.90 -10.33
CA ALA Z 5 -31.45 -62.44 -10.88
C ALA Z 5 -32.02 -61.29 -10.05
N VAL Z 6 -33.31 -61.35 -9.76
CA VAL Z 6 -34.00 -60.33 -8.98
C VAL Z 6 -34.16 -60.85 -7.55
N GLN Z 7 -33.62 -60.12 -6.59
CA GLN Z 7 -33.70 -60.51 -5.18
C GLN Z 7 -34.88 -59.84 -4.49
N LYS Z 8 -34.85 -58.51 -4.37
CA LYS Z 8 -35.92 -57.76 -3.73
C LYS Z 8 -36.27 -56.55 -4.59
N VAL Z 9 -37.53 -56.11 -4.47
CA VAL Z 9 -38.03 -54.97 -5.21
C VAL Z 9 -38.46 -53.89 -4.22
N VAL Z 10 -38.32 -52.63 -4.64
CA VAL Z 10 -38.73 -51.48 -3.85
C VAL Z 10 -39.97 -50.90 -4.51
N VAL Z 11 -41.12 -51.03 -3.84
CA VAL Z 11 -42.39 -50.56 -4.36
C VAL Z 11 -42.73 -49.26 -3.65
N HIS Z 12 -42.70 -48.16 -4.39
CA HIS Z 12 -43.09 -46.87 -3.84
C HIS Z 12 -44.60 -46.78 -3.72
N PRO Z 13 -45.10 -45.90 -2.86
CA PRO Z 13 -46.56 -45.67 -2.81
C PRO Z 13 -47.13 -45.11 -4.10
N LEU Z 14 -46.29 -44.58 -4.99
CA LEU Z 14 -46.80 -43.97 -6.21
C LEU Z 14 -47.30 -45.02 -7.20
N VAL Z 15 -46.57 -46.12 -7.35
CA VAL Z 15 -47.01 -47.16 -8.29
C VAL Z 15 -48.23 -47.89 -7.74
N LEU Z 16 -48.25 -48.15 -6.42
CA LEU Z 16 -49.40 -48.81 -5.83
C LEU Z 16 -50.67 -47.99 -6.04
N LEU Z 17 -50.62 -46.69 -5.74
CA LEU Z 17 -51.77 -45.83 -5.99
C LEU Z 17 -52.09 -45.77 -7.47
N SER Z 18 -51.08 -45.83 -8.33
CA SER Z 18 -51.31 -45.81 -9.77
C SER Z 18 -52.10 -47.02 -10.25
N VAL Z 19 -52.05 -48.14 -9.50
CA VAL Z 19 -52.95 -49.26 -9.80
C VAL Z 19 -54.32 -49.03 -9.15
N VAL Z 20 -54.34 -48.52 -7.92
CA VAL Z 20 -55.58 -48.44 -7.16
C VAL Z 20 -56.48 -47.35 -7.74
N ASP Z 21 -55.91 -46.24 -8.19
CA ASP Z 21 -56.74 -45.21 -8.80
C ASP Z 21 -57.30 -45.68 -10.14
N HIS Z 22 -56.60 -46.59 -10.82
CA HIS Z 22 -57.18 -47.22 -12.00
C HIS Z 22 -58.22 -48.26 -11.60
N PHE Z 23 -58.12 -48.81 -10.39
CA PHE Z 23 -59.20 -49.62 -9.85
C PHE Z 23 -60.44 -48.78 -9.56
N ASN Z 24 -60.28 -47.46 -9.42
CA ASN Z 24 -61.43 -46.56 -9.41
C ASN Z 24 -61.90 -46.25 -10.83
N ARG Z 25 -60.96 -46.17 -11.78
CA ARG Z 25 -61.28 -45.93 -13.18
C ARG Z 25 -62.23 -47.00 -13.71
N ILE Z 26 -61.78 -48.25 -13.77
CA ILE Z 26 -62.63 -49.34 -14.24
C ILE Z 26 -63.52 -49.90 -13.13
N GLY Z 27 -63.35 -49.43 -11.89
CA GLY Z 27 -64.20 -49.93 -10.81
C GLY Z 27 -65.54 -49.25 -10.75
N LYS Z 28 -65.60 -47.97 -11.15
CA LYS Z 28 -66.88 -47.30 -11.23
C LYS Z 28 -67.76 -47.90 -12.32
N VAL Z 29 -67.13 -48.39 -13.41
CA VAL Z 29 -67.85 -49.15 -14.41
C VAL Z 29 -67.83 -50.64 -14.12
N GLY Z 30 -67.02 -51.09 -13.17
CA GLY Z 30 -66.92 -52.50 -12.83
C GLY Z 30 -66.32 -53.34 -13.94
N ASN Z 31 -66.46 -54.66 -13.84
CA ASN Z 31 -67.15 -55.30 -12.73
C ASN Z 31 -66.26 -56.34 -12.07
N GLN Z 32 -66.03 -57.44 -12.80
CA GLN Z 32 -65.28 -58.59 -12.32
C GLN Z 32 -63.81 -58.44 -12.70
N LYS Z 33 -63.05 -59.53 -12.58
CA LYS Z 33 -61.66 -59.66 -13.02
C LYS Z 33 -60.77 -58.71 -12.21
N ARG Z 34 -59.86 -57.97 -12.84
CA ARG Z 34 -58.78 -57.32 -12.12
C ARG Z 34 -58.23 -56.17 -12.94
N VAL Z 35 -57.46 -55.30 -12.28
CA VAL Z 35 -56.81 -54.17 -12.92
C VAL Z 35 -55.40 -54.59 -13.32
N VAL Z 36 -55.11 -54.57 -14.61
CA VAL Z 36 -53.82 -54.97 -15.15
C VAL Z 36 -53.20 -53.79 -15.89
N GLY Z 37 -51.90 -53.58 -15.66
CA GLY Z 37 -51.18 -52.51 -16.31
C GLY Z 37 -49.72 -52.89 -16.47
N VAL Z 38 -48.97 -52.01 -17.13
CA VAL Z 38 -47.56 -52.22 -17.42
C VAL Z 38 -46.72 -51.53 -16.35
N LEU Z 39 -45.78 -52.28 -15.76
CA LEU Z 39 -44.98 -51.77 -14.66
C LEU Z 39 -43.71 -51.12 -15.20
N LEU Z 40 -43.43 -49.89 -14.73
CA LEU Z 40 -42.22 -49.17 -15.08
C LEU Z 40 -41.24 -49.29 -13.91
N GLY Z 41 -40.15 -50.03 -14.12
CA GLY Z 41 -39.15 -50.24 -13.10
C GLY Z 41 -37.90 -49.41 -13.34
N SER Z 42 -37.07 -49.38 -12.30
CA SER Z 42 -35.76 -48.73 -12.36
C SER Z 42 -34.74 -49.68 -11.74
N TRP Z 43 -33.78 -50.12 -12.55
CA TRP Z 43 -32.78 -51.09 -12.09
C TRP Z 43 -31.44 -50.37 -12.02
N GLN Z 44 -31.04 -50.00 -10.80
CA GLN Z 44 -29.69 -49.52 -10.53
C GLN Z 44 -28.73 -50.64 -10.19
N LYS Z 45 -29.23 -51.78 -9.71
CA LYS Z 45 -28.40 -52.86 -9.19
C LYS Z 45 -29.31 -54.07 -9.00
N LYS Z 46 -28.74 -55.15 -8.44
CA LYS Z 46 -29.49 -56.37 -8.18
C LYS Z 46 -30.77 -56.10 -7.40
N VAL Z 47 -30.73 -55.13 -6.50
CA VAL Z 47 -31.94 -54.67 -5.82
C VAL Z 47 -32.74 -53.81 -6.80
N LEU Z 48 -34.03 -54.13 -6.95
CA LEU Z 48 -34.88 -53.48 -7.93
C LEU Z 48 -35.66 -52.34 -7.27
N ASP Z 49 -35.85 -51.26 -8.02
CA ASP Z 49 -36.60 -50.10 -7.56
C ASP Z 49 -37.68 -49.77 -8.57
N VAL Z 50 -38.81 -49.24 -8.07
CA VAL Z 50 -39.95 -48.87 -8.89
C VAL Z 50 -40.27 -47.40 -8.63
N SER Z 51 -40.54 -46.66 -9.69
CA SER Z 51 -40.85 -45.24 -9.59
C SER Z 51 -42.24 -44.94 -10.14
N ASN Z 52 -42.47 -45.07 -11.44
CA ASN Z 52 -43.73 -44.76 -12.08
C ASN Z 52 -44.32 -46.04 -12.68
N SER Z 53 -45.49 -45.89 -13.29
CA SER Z 53 -46.13 -46.98 -14.03
C SER Z 53 -47.28 -46.39 -14.83
N PHE Z 54 -47.94 -47.24 -15.63
CA PHE Z 54 -49.13 -46.85 -16.36
C PHE Z 54 -49.98 -48.09 -16.57
N ALA Z 55 -51.30 -47.88 -16.61
CA ALA Z 55 -52.26 -48.97 -16.72
C ALA Z 55 -52.89 -48.98 -18.10
N VAL Z 56 -53.18 -50.19 -18.59
CA VAL Z 56 -53.74 -50.39 -19.92
C VAL Z 56 -55.08 -51.12 -19.76
N PRO Z 57 -56.11 -50.80 -20.55
CA PRO Z 57 -57.36 -51.56 -20.47
C PRO Z 57 -57.15 -53.02 -20.80
N PHE Z 58 -57.70 -53.90 -19.96
CA PHE Z 58 -57.52 -55.33 -20.09
C PHE Z 58 -58.81 -56.05 -19.73
N ASP Z 59 -59.14 -57.08 -20.52
CA ASP Z 59 -60.27 -57.96 -20.26
C ASP Z 59 -59.84 -59.40 -20.45
N GLU Z 60 -60.42 -60.30 -19.65
CA GLU Z 60 -60.09 -61.72 -19.69
C GLU Z 60 -61.37 -62.53 -19.63
N ASP Z 61 -61.61 -63.35 -20.64
CA ASP Z 61 -62.76 -64.23 -20.64
C ASP Z 61 -62.55 -65.40 -19.69
N ASP Z 62 -63.66 -65.98 -19.24
CA ASP Z 62 -63.64 -67.15 -18.36
C ASP Z 62 -63.88 -68.46 -19.09
N LYS Z 63 -64.05 -68.44 -20.41
CA LYS Z 63 -64.67 -69.58 -21.09
C LYS Z 63 -63.86 -70.89 -21.28
N ASP Z 64 -62.61 -70.94 -21.77
CA ASP Z 64 -61.63 -69.89 -22.13
C ASP Z 64 -61.25 -68.92 -21.02
N ASP Z 65 -60.82 -69.48 -19.89
CA ASP Z 65 -60.19 -68.69 -18.85
C ASP Z 65 -58.74 -68.36 -19.15
N SER Z 66 -58.17 -68.94 -20.22
CA SER Z 66 -56.78 -68.77 -20.59
C SER Z 66 -56.56 -67.65 -21.61
N VAL Z 67 -57.60 -66.91 -21.98
CA VAL Z 67 -57.50 -65.89 -23.02
C VAL Z 67 -57.23 -64.54 -22.36
N TRP Z 68 -56.24 -63.83 -22.88
CA TRP Z 68 -55.80 -62.55 -22.36
C TRP Z 68 -55.19 -61.74 -23.49
N PHE Z 69 -55.37 -60.42 -23.44
CA PHE Z 69 -54.72 -59.54 -24.41
C PHE Z 69 -54.52 -58.15 -23.82
N LEU Z 70 -53.51 -57.45 -24.33
CA LEU Z 70 -53.21 -56.08 -23.97
C LEU Z 70 -53.04 -55.26 -25.24
N ASP Z 71 -53.06 -53.94 -25.10
CA ASP Z 71 -52.89 -53.03 -26.21
C ASP Z 71 -51.39 -52.68 -26.32
N HIS Z 72 -50.76 -53.14 -27.40
CA HIS Z 72 -49.33 -52.89 -27.59
C HIS Z 72 -49.04 -51.47 -28.05
N ASP Z 73 -49.94 -50.89 -28.85
CA ASP Z 73 -49.78 -49.50 -29.24
C ASP Z 73 -49.79 -48.58 -28.02
N TYR Z 74 -50.60 -48.92 -27.02
CA TYR Z 74 -50.57 -48.17 -25.76
C TYR Z 74 -49.24 -48.39 -25.05
N LEU Z 75 -48.73 -49.62 -25.08
CA LEU Z 75 -47.45 -49.89 -24.44
C LEU Z 75 -46.30 -49.25 -25.21
N GLU Z 76 -46.44 -49.15 -26.54
CA GLU Z 76 -45.35 -48.64 -27.37
C GLU Z 76 -45.20 -47.13 -27.26
N ASN Z 77 -46.20 -46.38 -27.70
CA ASN Z 77 -46.05 -44.93 -27.79
C ASN Z 77 -46.06 -44.26 -26.42
N MET Z 78 -46.74 -44.85 -25.43
CA MET Z 78 -46.68 -44.28 -24.08
C MET Z 78 -45.33 -44.52 -23.44
N TYR Z 79 -44.74 -45.71 -23.66
CA TYR Z 79 -43.34 -45.88 -23.33
C TYR Z 79 -42.48 -44.86 -24.05
N GLY Z 80 -42.80 -44.58 -25.31
CA GLY Z 80 -42.17 -43.46 -26.00
C GLY Z 80 -42.50 -42.13 -25.39
N MET Z 81 -43.65 -42.02 -24.73
CA MET Z 81 -43.97 -40.79 -24.01
C MET Z 81 -43.19 -40.68 -22.71
N PHE Z 82 -43.19 -41.76 -21.92
CA PHE Z 82 -42.57 -41.69 -20.59
C PHE Z 82 -41.04 -41.77 -20.67
N LYS Z 83 -40.51 -42.50 -21.66
CA LYS Z 83 -39.06 -42.51 -21.86
C LYS Z 83 -38.59 -41.15 -22.35
N LYS Z 84 -39.40 -40.49 -23.19
CA LYS Z 84 -39.08 -39.15 -23.64
C LYS Z 84 -38.92 -38.18 -22.47
N VAL Z 85 -40.00 -37.99 -21.70
CA VAL Z 85 -39.96 -37.06 -20.57
C VAL Z 85 -38.97 -37.49 -19.52
N ASN Z 86 -38.81 -38.80 -19.29
CA ASN Z 86 -37.85 -39.32 -18.33
C ASN Z 86 -37.08 -40.45 -18.99
N ALA Z 87 -35.78 -40.25 -19.20
CA ALA Z 87 -34.94 -41.26 -19.84
C ALA Z 87 -34.53 -42.37 -18.90
N ARG Z 88 -34.68 -42.18 -17.58
CA ARG Z 88 -34.30 -43.21 -16.62
C ARG Z 88 -35.36 -44.29 -16.46
N GLU Z 89 -36.59 -44.03 -16.90
CA GLU Z 89 -37.70 -44.93 -16.65
C GLU Z 89 -37.86 -45.91 -17.81
N ARG Z 90 -38.05 -47.19 -17.49
CA ARG Z 90 -38.31 -48.22 -18.47
C ARG Z 90 -39.15 -49.31 -17.82
N ILE Z 91 -39.79 -50.13 -18.66
CA ILE Z 91 -40.71 -51.15 -18.16
C ILE Z 91 -39.91 -52.37 -17.71
N VAL Z 92 -40.08 -52.74 -16.43
CA VAL Z 92 -39.48 -53.96 -15.89
C VAL Z 92 -40.46 -55.12 -15.87
N GLY Z 93 -41.71 -54.91 -16.23
CA GLY Z 93 -42.71 -55.96 -16.17
C GLY Z 93 -44.11 -55.38 -16.18
N TRP Z 94 -45.04 -56.15 -15.62
CA TRP Z 94 -46.45 -55.77 -15.54
C TRP Z 94 -46.94 -55.99 -14.11
N TYR Z 95 -48.23 -55.76 -13.90
CA TYR Z 95 -48.83 -55.92 -12.58
C TYR Z 95 -50.31 -56.19 -12.71
N HIS Z 96 -50.88 -56.71 -11.63
CA HIS Z 96 -52.33 -56.94 -11.54
C HIS Z 96 -52.72 -56.93 -10.07
N THR Z 97 -54.02 -56.78 -9.82
CA THR Z 97 -54.53 -56.63 -8.46
C THR Z 97 -54.95 -57.96 -7.84
N GLY Z 98 -54.76 -59.08 -8.52
CA GLY Z 98 -55.03 -60.38 -7.94
C GLY Z 98 -56.50 -60.63 -7.59
N PRO Z 99 -56.78 -60.93 -6.32
CA PRO Z 99 -55.82 -61.06 -5.20
C PRO Z 99 -54.92 -62.29 -5.30
N LYS Z 100 -55.40 -63.34 -5.95
CA LYS Z 100 -54.63 -64.55 -6.19
C LYS Z 100 -54.56 -64.79 -7.68
N LEU Z 101 -53.35 -65.04 -8.19
CA LEU Z 101 -53.15 -65.16 -9.62
C LEU Z 101 -53.77 -66.45 -10.15
N HIS Z 102 -54.54 -66.33 -11.23
CA HIS Z 102 -54.97 -67.50 -11.97
C HIS Z 102 -53.85 -67.98 -12.89
N LYS Z 103 -53.91 -69.27 -13.26
CA LYS Z 103 -52.83 -69.93 -13.99
C LYS Z 103 -52.52 -69.26 -15.32
N ASN Z 104 -53.39 -68.41 -15.84
CA ASN Z 104 -53.19 -67.79 -17.14
C ASN Z 104 -52.19 -66.63 -17.12
N ASP Z 105 -51.83 -66.12 -15.94
CA ASP Z 105 -50.96 -64.95 -15.84
C ASP Z 105 -49.54 -65.20 -16.33
N ILE Z 106 -49.17 -66.45 -16.61
CA ILE Z 106 -47.81 -66.75 -17.04
C ILE Z 106 -47.55 -66.23 -18.45
N ALA Z 107 -48.48 -66.50 -19.37
CA ALA Z 107 -48.27 -66.17 -20.78
C ALA Z 107 -48.18 -64.68 -21.02
N ILE Z 108 -48.74 -63.85 -20.14
CA ILE Z 108 -48.59 -62.40 -20.27
C ILE Z 108 -47.12 -62.03 -20.16
N ASN Z 109 -46.43 -62.59 -19.18
CA ASN Z 109 -45.00 -62.34 -19.03
C ASN Z 109 -44.22 -62.92 -20.22
N GLU Z 110 -44.64 -64.09 -20.71
CA GLU Z 110 -43.94 -64.71 -21.83
C GLU Z 110 -44.07 -63.88 -23.11
N LEU Z 111 -45.13 -63.08 -23.22
CA LEU Z 111 -45.30 -62.22 -24.38
C LEU Z 111 -44.41 -60.98 -24.30
N MET Z 112 -44.28 -60.40 -23.10
CA MET Z 112 -43.49 -59.19 -22.92
C MET Z 112 -42.02 -59.48 -22.60
N LYS Z 113 -41.62 -60.75 -22.60
CA LYS Z 113 -40.20 -61.07 -22.47
C LYS Z 113 -39.38 -60.52 -23.63
N ARG Z 114 -40.03 -60.18 -24.75
CA ARG Z 114 -39.33 -59.53 -25.84
C ARG Z 114 -38.99 -58.08 -25.50
N TYR Z 115 -39.77 -57.45 -24.63
CA TYR Z 115 -39.49 -56.08 -24.23
C TYR Z 115 -38.35 -56.01 -23.22
N CYS Z 116 -38.39 -56.86 -22.20
CA CYS Z 116 -37.40 -56.87 -21.14
C CYS Z 116 -36.84 -58.27 -20.96
N PRO Z 117 -35.54 -58.40 -20.69
CA PRO Z 117 -34.97 -59.75 -20.50
C PRO Z 117 -35.66 -60.56 -19.41
N ASN Z 118 -35.95 -59.94 -18.27
CA ASN Z 118 -36.67 -60.59 -17.19
C ASN Z 118 -37.79 -59.67 -16.72
N SER Z 119 -39.04 -60.11 -16.87
CA SER Z 119 -40.20 -59.33 -16.49
C SER Z 119 -40.73 -59.85 -15.16
N VAL Z 120 -40.74 -58.99 -14.15
CA VAL Z 120 -41.26 -59.33 -12.82
C VAL Z 120 -42.69 -58.82 -12.72
N LEU Z 121 -43.62 -59.73 -12.43
CA LEU Z 121 -45.02 -59.36 -12.27
C LEU Z 121 -45.30 -59.09 -10.80
N VAL Z 122 -46.06 -58.02 -10.55
CA VAL Z 122 -46.35 -57.57 -9.20
C VAL Z 122 -47.86 -57.71 -8.97
N ILE Z 123 -48.24 -58.68 -8.13
CA ILE Z 123 -49.61 -58.71 -7.63
C ILE Z 123 -49.76 -57.60 -6.61
N ILE Z 124 -50.90 -56.89 -6.66
CA ILE Z 124 -51.18 -55.82 -5.71
C ILE Z 124 -52.53 -56.08 -5.06
N ASP Z 125 -52.88 -55.22 -4.11
CA ASP Z 125 -54.15 -55.31 -3.39
C ASP Z 125 -54.71 -53.90 -3.27
N VAL Z 126 -55.92 -53.70 -3.81
CA VAL Z 126 -56.53 -52.37 -3.79
C VAL Z 126 -57.17 -52.07 -2.43
N LYS Z 127 -57.69 -53.09 -1.75
CA LYS Z 127 -58.37 -52.90 -0.48
C LYS Z 127 -57.54 -53.52 0.64
N PRO Z 128 -56.89 -52.73 1.50
CA PRO Z 128 -56.09 -53.32 2.57
C PRO Z 128 -56.96 -54.08 3.56
N LYS Z 129 -56.60 -55.34 3.81
CA LYS Z 129 -57.26 -56.14 4.82
C LYS Z 129 -56.22 -56.87 5.68
N ASP Z 130 -55.53 -57.82 5.06
CA ASP Z 130 -54.60 -58.71 5.73
C ASP Z 130 -53.44 -59.01 4.78
N LEU Z 131 -52.33 -59.57 5.27
CA LEU Z 131 -52.02 -59.72 6.70
C LEU Z 131 -51.01 -58.68 7.17
N GLY Z 132 -50.64 -57.77 6.27
CA GLY Z 132 -49.39 -57.03 6.43
C GLY Z 132 -49.10 -56.20 5.20
N LEU Z 133 -47.81 -55.99 4.94
CA LEU Z 133 -47.38 -55.22 3.79
C LEU Z 133 -48.11 -55.72 2.53
N PRO Z 134 -48.80 -54.84 1.82
CA PRO Z 134 -49.67 -55.30 0.73
C PRO Z 134 -48.90 -55.78 -0.49
N THR Z 135 -49.65 -56.00 -1.56
CA THR Z 135 -49.19 -56.43 -2.88
C THR Z 135 -48.44 -57.76 -2.76
N GLU Z 136 -47.41 -57.92 -3.59
CA GLU Z 136 -46.64 -59.16 -3.75
C GLU Z 136 -45.70 -58.96 -4.93
N ALA Z 137 -44.67 -59.81 -5.07
CA ALA Z 137 -43.79 -59.76 -6.23
C ALA Z 137 -43.44 -61.16 -6.68
N TYR Z 138 -43.63 -61.44 -7.97
CA TYR Z 138 -43.25 -62.70 -8.59
C TYR Z 138 -42.36 -62.43 -9.80
N ILE Z 139 -41.22 -63.12 -9.85
CA ILE Z 139 -40.27 -62.99 -10.95
C ILE Z 139 -40.44 -64.17 -11.89
N SER Z 140 -40.30 -63.92 -13.19
CA SER Z 140 -40.40 -64.98 -14.19
C SER Z 140 -39.08 -65.74 -14.27
N VAL Z 141 -39.11 -67.03 -13.94
CA VAL Z 141 -37.92 -67.87 -13.93
C VAL Z 141 -38.35 -69.29 -14.28
N GLU Z 142 -37.42 -70.06 -14.85
CA GLU Z 142 -37.63 -71.47 -15.13
C GLU Z 142 -36.81 -72.28 -14.14
N GLU Z 143 -37.49 -72.92 -13.19
CA GLU Z 143 -36.84 -73.72 -12.16
C GLU Z 143 -36.83 -75.21 -12.49
N VAL Z 144 -37.45 -75.61 -13.61
CA VAL Z 144 -37.68 -77.01 -13.94
C VAL Z 144 -38.32 -77.69 -12.74
N HIS Z 145 -37.64 -78.68 -12.17
CA HIS Z 145 -38.09 -79.39 -10.97
C HIS Z 145 -37.02 -80.43 -10.63
N ASP Z 146 -37.07 -80.91 -9.39
CA ASP Z 146 -36.23 -82.04 -9.00
C ASP Z 146 -36.76 -83.35 -9.58
N ASP Z 147 -38.01 -83.37 -10.03
CA ASP Z 147 -38.62 -84.53 -10.66
C ASP Z 147 -38.31 -84.62 -12.15
N GLY Z 148 -37.53 -83.68 -12.69
CA GLY Z 148 -37.10 -83.76 -14.07
C GLY Z 148 -38.21 -83.62 -15.08
N THR Z 149 -39.34 -83.04 -14.70
CA THR Z 149 -40.43 -82.80 -15.63
C THR Z 149 -39.98 -81.83 -16.72
N PRO Z 150 -40.66 -81.83 -17.87
CA PRO Z 150 -40.37 -80.81 -18.88
C PRO Z 150 -40.52 -79.42 -18.27
N THR Z 151 -39.59 -78.53 -18.63
CA THR Z 151 -39.45 -77.27 -17.90
C THR Z 151 -40.75 -76.48 -17.91
N SER Z 152 -41.22 -76.15 -16.71
CA SER Z 152 -42.41 -75.34 -16.51
C SER Z 152 -42.06 -74.18 -15.60
N LYS Z 153 -42.87 -73.13 -15.66
CA LYS Z 153 -42.59 -71.88 -14.98
C LYS Z 153 -43.52 -71.72 -13.78
N THR Z 154 -42.96 -71.82 -12.58
CA THR Z 154 -43.65 -71.47 -11.35
C THR Z 154 -42.95 -70.25 -10.77
N PHE Z 155 -43.64 -69.11 -10.77
CA PHE Z 155 -43.01 -67.85 -10.42
C PHE Z 155 -42.52 -67.86 -8.98
N GLU Z 156 -41.26 -67.49 -8.79
CA GLU Z 156 -40.68 -67.42 -7.46
C GLU Z 156 -41.05 -66.11 -6.79
N HIS Z 157 -41.35 -66.19 -5.50
CA HIS Z 157 -41.77 -65.01 -4.75
C HIS Z 157 -40.58 -64.09 -4.49
N VAL Z 158 -40.74 -62.80 -4.81
CA VAL Z 158 -39.75 -61.78 -4.53
C VAL Z 158 -40.26 -60.94 -3.36
N THR Z 159 -39.40 -60.76 -2.36
CA THR Z 159 -39.78 -59.96 -1.20
C THR Z 159 -39.92 -58.50 -1.60
N SER Z 160 -41.04 -57.89 -1.21
CA SER Z 160 -41.35 -56.52 -1.57
C SER Z 160 -41.28 -55.62 -0.34
N GLU Z 161 -40.70 -54.44 -0.51
CA GLU Z 161 -40.59 -53.45 0.55
C GLU Z 161 -41.05 -52.09 0.03
N ILE Z 162 -41.54 -51.26 0.95
CA ILE Z 162 -42.05 -49.94 0.61
C ILE Z 162 -40.98 -48.90 0.98
N GLY Z 163 -40.71 -47.98 0.06
CA GLY Z 163 -39.74 -46.94 0.27
C GLY Z 163 -40.06 -45.73 -0.59
N ALA Z 164 -39.21 -44.71 -0.45
CA ALA Z 164 -39.36 -43.47 -1.20
C ALA Z 164 -38.00 -42.78 -1.25
N GLU Z 165 -37.96 -41.61 -1.88
CA GLU Z 165 -36.69 -40.91 -2.05
C GLU Z 165 -36.70 -39.53 -1.41
N GLU Z 166 -37.33 -38.55 -2.06
CA GLU Z 166 -37.43 -37.21 -1.49
C GLU Z 166 -38.84 -36.66 -1.56
N ALA Z 167 -39.30 -36.33 -2.78
CA ALA Z 167 -40.61 -35.71 -2.93
C ALA Z 167 -41.73 -36.68 -2.61
N GLU Z 168 -41.57 -37.95 -2.98
CA GLU Z 168 -42.54 -38.96 -2.60
C GLU Z 168 -42.61 -39.14 -1.09
N GLU Z 169 -41.55 -38.79 -0.37
CA GLU Z 169 -41.65 -38.72 1.08
C GLU Z 169 -42.43 -37.50 1.54
N VAL Z 170 -42.25 -36.37 0.85
CA VAL Z 170 -42.91 -35.13 1.26
C VAL Z 170 -44.42 -35.28 1.25
N GLY Z 171 -44.95 -35.84 0.16
CA GLY Z 171 -46.39 -35.96 0.00
C GLY Z 171 -47.07 -36.80 1.06
N VAL Z 172 -46.55 -38.01 1.29
CA VAL Z 172 -47.24 -38.94 2.18
C VAL Z 172 -46.99 -38.57 3.64
N GLU Z 173 -45.78 -38.10 3.97
CA GLU Z 173 -45.46 -37.74 5.34
C GLU Z 173 -46.33 -36.59 5.83
N HIS Z 174 -46.74 -35.70 4.95
CA HIS Z 174 -47.74 -34.70 5.33
C HIS Z 174 -49.15 -35.27 5.28
N LEU Z 175 -49.39 -36.28 4.44
CA LEU Z 175 -50.74 -36.81 4.26
C LEU Z 175 -51.18 -37.74 5.39
N LEU Z 176 -50.25 -38.22 6.23
CA LEU Z 176 -50.64 -39.12 7.31
C LEU Z 176 -51.64 -38.42 8.24
N ARG Z 177 -51.19 -37.39 8.99
CA ARG Z 177 -52.05 -36.63 9.89
C ARG Z 177 -52.94 -37.52 10.73
N ASP Z 178 -52.37 -38.62 11.23
CA ASP Z 178 -53.16 -39.65 11.89
C ASP Z 178 -52.63 -40.02 13.27
N ILE Z 179 -51.46 -40.64 13.31
CA ILE Z 179 -50.93 -41.22 14.53
C ILE Z 179 -49.64 -40.50 14.91
N LYS Z 180 -49.29 -40.59 16.20
CA LYS Z 180 -48.09 -39.95 16.71
C LYS Z 180 -46.86 -40.51 16.01
N ASP Z 181 -45.84 -39.65 15.88
CA ASP Z 181 -44.59 -40.04 15.23
C ASP Z 181 -43.38 -39.73 16.10
N THR Z 182 -42.59 -40.75 16.44
CA THR Z 182 -42.89 -42.13 16.05
C THR Z 182 -43.95 -42.83 16.94
N THR Z 183 -43.91 -42.74 18.27
CA THR Z 183 -42.83 -42.13 19.08
C THR Z 183 -41.77 -43.17 19.41
N VAL Z 184 -40.51 -42.74 19.42
CA VAL Z 184 -39.38 -43.65 19.53
C VAL Z 184 -39.23 -44.11 20.98
N GLY Z 185 -39.23 -45.42 21.20
CA GLY Z 185 -38.83 -46.02 22.43
C GLY Z 185 -39.97 -46.47 23.34
N THR Z 186 -41.15 -45.89 23.21
CA THR Z 186 -42.23 -46.24 24.14
C THR Z 186 -43.31 -47.09 23.48
N LEU Z 187 -44.18 -46.48 22.68
CA LEU Z 187 -45.27 -47.23 22.07
C LEU Z 187 -44.81 -48.00 20.84
N SER Z 188 -43.78 -47.51 20.16
CA SER Z 188 -43.35 -48.09 18.88
C SER Z 188 -43.05 -49.59 19.01
N GLN Z 189 -42.03 -49.93 19.80
CA GLN Z 189 -41.57 -51.32 19.85
C GLN Z 189 -42.65 -52.27 20.39
N ARG Z 190 -43.50 -51.80 21.30
CA ARG Z 190 -44.46 -52.71 21.92
C ARG Z 190 -45.66 -52.98 21.02
N ILE Z 191 -46.11 -51.97 20.25
CA ILE Z 191 -47.16 -52.23 19.26
C ILE Z 191 -46.63 -53.16 18.17
N THR Z 192 -45.37 -53.00 17.78
CA THR Z 192 -44.76 -53.95 16.86
C THR Z 192 -44.69 -55.34 17.47
N ASN Z 193 -44.55 -55.43 18.79
CA ASN Z 193 -44.60 -56.73 19.46
C ASN Z 193 -45.98 -57.34 19.36
N GLN Z 194 -47.03 -56.52 19.37
CA GLN Z 194 -48.38 -57.04 19.14
C GLN Z 194 -48.57 -57.45 17.68
N VAL Z 195 -48.24 -56.56 16.75
CA VAL Z 195 -48.54 -56.82 15.34
C VAL Z 195 -47.71 -57.98 14.81
N HIS Z 196 -46.38 -57.88 14.92
CA HIS Z 196 -45.53 -58.91 14.33
C HIS Z 196 -45.75 -60.26 15.03
N GLY Z 197 -46.01 -60.24 16.34
CA GLY Z 197 -46.31 -61.44 17.06
C GLY Z 197 -47.64 -62.06 16.69
N LEU Z 198 -48.71 -61.27 16.82
CA LEU Z 198 -50.06 -61.81 16.61
C LEU Z 198 -50.31 -62.10 15.13
N LYS Z 199 -49.88 -61.21 14.24
CA LYS Z 199 -49.98 -61.53 12.81
C LYS Z 199 -49.08 -62.68 12.43
N GLY Z 200 -48.04 -62.96 13.23
CA GLY Z 200 -47.28 -64.18 13.03
C GLY Z 200 -48.00 -65.41 13.54
N LEU Z 201 -48.88 -65.23 14.52
CA LEU Z 201 -49.67 -66.35 15.02
C LEU Z 201 -50.69 -66.79 13.99
N ASN Z 202 -51.50 -65.85 13.50
CA ASN Z 202 -52.57 -66.21 12.57
C ASN Z 202 -52.02 -66.50 11.17
N SER Z 203 -50.82 -65.99 10.86
CA SER Z 203 -50.16 -66.35 9.60
C SER Z 203 -49.96 -67.86 9.53
N LYS Z 204 -49.06 -68.38 10.39
CA LYS Z 204 -48.77 -69.80 10.39
C LYS Z 204 -50.00 -70.63 10.75
N LEU Z 205 -50.91 -70.11 11.58
CA LEU Z 205 -52.16 -70.80 11.86
C LEU Z 205 -52.93 -71.08 10.58
N LEU Z 206 -53.34 -70.03 9.87
CA LEU Z 206 -54.02 -70.22 8.60
C LEU Z 206 -53.15 -70.93 7.58
N ASP Z 207 -51.83 -70.72 7.64
CA ASP Z 207 -50.94 -71.43 6.74
C ASP Z 207 -50.82 -72.90 7.10
N ILE Z 208 -50.83 -73.23 8.40
CA ILE Z 208 -50.88 -74.63 8.79
C ILE Z 208 -52.28 -75.19 8.59
N ARG Z 209 -53.30 -74.32 8.61
CA ARG Z 209 -54.64 -74.75 8.24
C ARG Z 209 -54.69 -75.15 6.77
N SER Z 210 -53.95 -74.44 5.92
CA SER Z 210 -53.82 -74.85 4.53
C SER Z 210 -52.95 -76.10 4.39
N TYR Z 211 -52.00 -76.29 5.30
CA TYR Z 211 -51.15 -77.50 5.26
C TYR Z 211 -52.00 -78.75 5.43
N LEU Z 212 -52.92 -78.75 6.40
CA LEU Z 212 -53.78 -79.90 6.61
C LEU Z 212 -54.93 -79.95 5.62
N GLU Z 213 -55.47 -78.80 5.23
CA GLU Z 213 -56.59 -78.78 4.28
C GLU Z 213 -56.16 -79.30 2.92
N LYS Z 214 -54.97 -78.94 2.47
CA LYS Z 214 -54.48 -79.44 1.18
C LYS Z 214 -54.28 -80.95 1.21
N VAL Z 215 -53.88 -81.50 2.36
CA VAL Z 215 -53.79 -82.95 2.49
C VAL Z 215 -55.19 -83.57 2.55
N ALA Z 216 -56.12 -82.90 3.23
CA ALA Z 216 -57.48 -83.41 3.32
C ALA Z 216 -58.19 -83.31 1.97
N THR Z 217 -58.16 -82.13 1.36
CA THR Z 217 -58.80 -81.90 0.06
C THR Z 217 -57.81 -81.22 -0.87
N GLY Z 218 -57.88 -81.54 -2.16
CA GLY Z 218 -57.03 -80.96 -3.16
C GLY Z 218 -55.96 -81.89 -3.72
N LYS Z 219 -55.70 -83.02 -3.07
CA LYS Z 219 -54.83 -84.07 -3.59
C LYS Z 219 -55.30 -84.45 -4.99
N LEU Z 220 -54.39 -84.61 -5.96
CA LEU Z 220 -52.94 -84.59 -5.83
C LEU Z 220 -52.37 -83.15 -5.88
N PRO Z 221 -51.02 -82.98 -5.77
CA PRO Z 221 -49.88 -83.88 -5.53
C PRO Z 221 -49.84 -84.58 -4.14
N ILE Z 222 -50.06 -83.93 -2.99
CA ILE Z 222 -50.05 -82.48 -2.84
C ILE Z 222 -48.84 -81.76 -2.15
N ASN Z 223 -47.81 -82.35 -1.52
CA ASN Z 223 -47.60 -83.72 -0.97
C ASN Z 223 -47.61 -84.89 -1.93
N HIS Z 224 -46.60 -85.03 -2.79
CA HIS Z 224 -45.29 -84.36 -2.68
C HIS Z 224 -45.33 -82.95 -3.32
N GLN Z 225 -44.25 -82.16 -3.33
CA GLN Z 225 -42.86 -82.49 -3.00
C GLN Z 225 -42.37 -81.96 -1.66
N ILE Z 226 -42.29 -80.64 -1.52
CA ILE Z 226 -41.54 -79.99 -0.44
C ILE Z 226 -42.09 -80.35 0.93
N ILE Z 227 -43.26 -80.99 0.97
CA ILE Z 227 -43.95 -81.25 2.22
C ILE Z 227 -43.03 -81.97 3.22
N TYR Z 228 -42.41 -83.08 2.79
CA TYR Z 228 -41.62 -83.86 3.74
C TYR Z 228 -40.37 -83.11 4.20
N GLN Z 229 -39.74 -82.35 3.29
CA GLN Z 229 -38.51 -81.65 3.65
C GLN Z 229 -38.82 -80.38 4.43
N LEU Z 230 -39.84 -79.64 3.99
CA LEU Z 230 -40.23 -78.42 4.69
C LEU Z 230 -40.72 -78.72 6.10
N GLN Z 231 -41.53 -79.76 6.24
CA GLN Z 231 -42.06 -80.12 7.55
C GLN Z 231 -40.96 -80.64 8.46
N ASP Z 232 -39.97 -81.33 7.90
CA ASP Z 232 -38.81 -81.72 8.69
C ASP Z 232 -37.96 -80.52 9.10
N VAL Z 233 -37.90 -79.49 8.25
CA VAL Z 233 -37.25 -78.24 8.65
C VAL Z 233 -37.99 -77.62 9.83
N PHE Z 234 -39.31 -77.81 9.90
CA PHE Z 234 -40.04 -77.40 11.10
C PHE Z 234 -39.64 -78.25 12.29
N ASN Z 235 -39.28 -79.52 12.05
CA ASN Z 235 -38.84 -80.41 13.13
C ASN Z 235 -37.34 -80.33 13.36
N LEU Z 236 -36.63 -79.43 12.68
CA LEU Z 236 -35.20 -79.24 12.91
C LEU Z 236 -34.93 -78.91 14.37
N LEU Z 237 -35.53 -77.82 14.86
CA LEU Z 237 -35.29 -77.36 16.22
C LEU Z 237 -36.59 -77.43 17.03
N PRO Z 238 -36.66 -78.26 18.08
CA PRO Z 238 -37.84 -78.23 18.95
C PRO Z 238 -38.07 -76.89 19.68
N ASP Z 239 -37.08 -76.24 20.30
CA ASP Z 239 -35.76 -76.76 20.69
C ASP Z 239 -35.48 -76.32 22.12
N VAL Z 240 -35.34 -77.28 23.04
CA VAL Z 240 -35.28 -76.95 24.45
C VAL Z 240 -33.99 -77.46 25.09
N SER Z 241 -33.81 -77.18 26.37
CA SER Z 241 -32.67 -77.65 27.15
C SER Z 241 -33.05 -79.01 27.74
N LEU Z 242 -32.15 -79.74 28.44
CA LEU Z 242 -30.73 -79.44 28.67
C LEU Z 242 -29.93 -79.50 27.36
N GLN Z 243 -28.75 -78.88 27.29
CA GLN Z 243 -28.03 -78.28 28.42
C GLN Z 243 -27.67 -76.82 28.23
N GLU Z 244 -26.86 -76.55 27.20
CA GLU Z 244 -26.29 -75.21 27.01
C GLU Z 244 -27.36 -74.12 27.01
N PHE Z 245 -28.59 -74.46 26.64
CA PHE Z 245 -29.68 -73.49 26.70
C PHE Z 245 -29.98 -73.07 28.14
N VAL Z 246 -29.63 -73.89 29.13
CA VAL Z 246 -29.73 -73.46 30.52
C VAL Z 246 -28.63 -72.45 30.82
N LYS Z 247 -27.45 -72.64 30.25
CA LYS Z 247 -26.36 -71.68 30.44
C LYS Z 247 -26.71 -70.33 29.82
N ALA Z 248 -27.40 -70.35 28.68
CA ALA Z 248 -27.81 -69.11 28.04
C ALA Z 248 -28.80 -68.34 28.91
N PHE Z 249 -29.58 -69.04 29.72
CA PHE Z 249 -30.54 -68.42 30.62
C PHE Z 249 -29.89 -67.44 31.58
N TYR Z 250 -29.09 -67.94 32.53
CA TYR Z 250 -28.47 -67.05 33.50
C TYR Z 250 -27.39 -66.19 32.88
N LEU Z 251 -26.88 -66.56 31.70
CA LEU Z 251 -26.02 -65.64 30.95
C LEU Z 251 -26.83 -64.44 30.47
N LYS Z 252 -28.02 -64.69 29.92
CA LYS Z 252 -28.94 -63.60 29.61
C LYS Z 252 -29.30 -62.81 30.85
N THR Z 253 -29.45 -63.49 31.99
CA THR Z 253 -29.61 -62.78 33.26
C THR Z 253 -28.41 -61.90 33.53
N ASN Z 254 -27.20 -62.42 33.27
CA ASN Z 254 -26.00 -61.62 33.42
C ASN Z 254 -25.91 -60.50 32.40
N ASP Z 255 -26.67 -60.59 31.30
CA ASP Z 255 -26.71 -59.53 30.31
C ASP Z 255 -27.60 -58.38 30.76
N GLN Z 256 -28.72 -58.69 31.40
CA GLN Z 256 -29.63 -57.67 31.88
C GLN Z 256 -29.08 -56.95 33.11
N MET Z 257 -28.11 -57.53 33.80
CA MET Z 257 -27.40 -56.91 34.92
C MET Z 257 -26.98 -55.50 34.58
N VAL Z 258 -26.11 -55.37 33.58
CA VAL Z 258 -25.47 -54.10 33.26
C VAL Z 258 -26.51 -53.03 32.95
N VAL Z 259 -27.48 -53.37 32.10
CA VAL Z 259 -28.42 -52.37 31.61
C VAL Z 259 -29.30 -51.87 32.74
N VAL Z 260 -29.76 -52.78 33.60
CA VAL Z 260 -30.60 -52.37 34.72
C VAL Z 260 -29.77 -51.68 35.80
N TYR Z 261 -28.51 -52.08 35.94
CA TYR Z 261 -27.60 -51.32 36.81
C TYR Z 261 -27.46 -49.90 36.32
N LEU Z 262 -27.26 -49.71 35.01
CA LEU Z 262 -27.22 -48.37 34.44
C LEU Z 262 -28.55 -47.65 34.65
N ALA Z 263 -29.66 -48.40 34.57
CA ALA Z 263 -30.97 -47.81 34.82
C ALA Z 263 -31.04 -47.17 36.20
N SER Z 264 -30.58 -47.90 37.23
CA SER Z 264 -30.55 -47.33 38.58
C SER Z 264 -29.61 -46.14 38.66
N LEU Z 265 -28.58 -46.12 37.82
CA LEU Z 265 -27.66 -44.98 37.80
C LEU Z 265 -28.34 -43.74 37.24
N ILE Z 266 -29.09 -43.89 36.14
CA ILE Z 266 -29.83 -42.76 35.61
C ILE Z 266 -30.91 -42.31 36.59
N ARG Z 267 -31.50 -43.26 37.32
CA ARG Z 267 -32.49 -42.90 38.34
C ARG Z 267 -31.89 -41.98 39.39
N SER Z 268 -30.68 -42.30 39.85
CA SER Z 268 -30.03 -41.48 40.87
C SER Z 268 -29.63 -40.11 40.31
N VAL Z 269 -29.19 -40.07 39.05
CA VAL Z 269 -28.75 -38.82 38.45
C VAL Z 269 -29.95 -37.92 38.16
N VAL Z 270 -31.01 -38.50 37.60
CA VAL Z 270 -32.21 -37.72 37.25
C VAL Z 270 -32.88 -37.21 38.52
N ALA Z 271 -32.97 -38.08 39.54
CA ALA Z 271 -33.59 -37.66 40.79
C ALA Z 271 -32.75 -36.60 41.50
N LEU Z 272 -31.43 -36.78 41.50
CA LEU Z 272 -30.55 -35.79 42.12
C LEU Z 272 -30.75 -34.40 41.51
N HIS Z 273 -30.45 -34.27 40.22
CA HIS Z 273 -30.55 -32.99 39.54
C HIS Z 273 -31.94 -32.37 39.68
N ASN Z 274 -32.96 -33.05 39.14
CA ASN Z 274 -34.28 -32.46 39.07
C ASN Z 274 -34.84 -32.12 40.45
N LEU Z 275 -34.75 -33.04 41.41
CA LEU Z 275 -35.37 -32.81 42.71
C LEU Z 275 -34.67 -31.69 43.47
N ILE Z 276 -33.34 -31.69 43.47
CA ILE Z 276 -32.60 -30.66 44.20
C ILE Z 276 -32.87 -29.29 43.59
N ASN Z 277 -32.73 -29.18 42.26
CA ASN Z 277 -32.89 -27.89 41.61
C ASN Z 277 -34.33 -27.39 41.69
N ASN Z 278 -35.30 -28.29 41.60
CA ASN Z 278 -36.70 -27.87 41.66
C ASN Z 278 -37.06 -27.39 43.07
N LYS Z 279 -36.65 -28.13 44.09
CA LYS Z 279 -36.91 -27.71 45.47
C LYS Z 279 -36.19 -26.39 45.79
N ILE Z 280 -34.98 -26.19 45.27
CA ILE Z 280 -34.30 -24.92 45.42
C ILE Z 280 -35.16 -23.78 44.87
N ALA Z 281 -35.45 -23.83 43.57
CA ALA Z 281 -36.25 -22.77 42.95
C ALA Z 281 -37.65 -22.71 43.52
N ASN Z 282 -38.12 -23.80 44.13
CA ASN Z 282 -39.44 -23.78 44.77
C ASN Z 282 -39.39 -23.04 46.10
N ARG Z 283 -38.60 -23.54 47.05
CA ARG Z 283 -38.48 -22.89 48.35
C ARG Z 283 -38.03 -21.44 48.23
N ASP Z 284 -37.23 -21.12 47.23
CA ASP Z 284 -36.77 -19.74 47.05
C ASP Z 284 -37.91 -18.84 46.57
N ALA Z 285 -38.70 -19.31 45.61
CA ALA Z 285 -39.81 -18.51 45.10
C ALA Z 285 -40.86 -18.29 46.17
N GLU Z 286 -41.05 -19.26 47.06
CA GLU Z 286 -42.05 -19.12 48.11
C GLU Z 286 -41.57 -18.20 49.23
N LYS Z 287 -40.31 -18.37 49.67
CA LYS Z 287 -39.82 -17.57 50.78
C LYS Z 287 -39.56 -16.13 50.38
N LYS Z 288 -39.24 -15.89 49.10
CA LYS Z 288 -39.01 -14.52 48.65
C LYS Z 288 -40.31 -13.79 48.38
N GLU Z 289 -41.29 -14.47 47.78
CA GLU Z 289 -42.58 -13.83 47.50
C GLU Z 289 -43.43 -13.76 48.76
N GLY Z 290 -43.39 -14.80 49.59
CA GLY Z 290 -44.16 -14.81 50.82
C GLY Z 290 -43.38 -14.25 52.01
N VAL AA 4 -43.74 -90.55 -62.05
CA VAL AA 4 -43.93 -90.35 -60.62
C VAL AA 4 -45.19 -91.07 -60.08
N PRO AA 5 -46.34 -90.95 -60.75
CA PRO AA 5 -47.51 -91.72 -60.29
C PRO AA 5 -47.30 -93.22 -60.34
N GLY AA 6 -46.67 -93.73 -61.41
CA GLY AA 6 -46.43 -95.16 -61.49
C GLY AA 6 -45.47 -95.67 -60.45
N PHE AA 7 -44.65 -94.78 -59.87
CA PHE AA 7 -43.72 -95.19 -58.83
C PHE AA 7 -44.45 -95.58 -57.55
N LEU AA 8 -45.54 -94.87 -57.23
CA LEU AA 8 -46.38 -95.22 -56.10
C LEU AA 8 -47.46 -96.23 -56.47
N GLN AA 9 -47.70 -96.47 -57.77
CA GLN AA 9 -48.68 -97.48 -58.16
C GLN AA 9 -48.12 -98.88 -58.06
N GLN AA 10 -46.81 -99.05 -58.37
CA GLN AA 10 -46.20 -100.36 -58.25
C GLN AA 10 -46.07 -100.79 -56.79
N SER AA 11 -45.96 -99.83 -55.88
CA SER AA 11 -45.91 -100.10 -54.45
C SER AA 11 -47.27 -100.03 -53.78
N GLN AA 12 -48.35 -99.84 -54.56
CA GLN AA 12 -49.67 -99.67 -53.97
C GLN AA 12 -50.13 -100.92 -53.23
N ASN AA 13 -49.75 -102.09 -53.74
CA ASN AA 13 -50.16 -103.35 -53.12
C ASN AA 13 -49.08 -104.06 -52.32
N SER AA 14 -49.16 -103.92 -51.00
CA SER AA 14 -48.21 -104.57 -50.10
C SER AA 14 -48.69 -105.93 -49.62
N GLY AA 15 -49.89 -106.35 -50.02
CA GLY AA 15 -50.45 -107.60 -49.57
C GLY AA 15 -51.97 -107.57 -49.54
N PRO AA 16 -52.59 -108.57 -48.89
CA PRO AA 16 -54.05 -108.59 -48.82
C PRO AA 16 -54.58 -107.48 -47.93
N GLY AA 17 -55.61 -106.78 -48.42
CA GLY AA 17 -56.23 -105.70 -47.70
C GLY AA 17 -55.52 -104.37 -47.81
N GLN AA 18 -54.25 -104.36 -48.23
CA GLN AA 18 -53.52 -103.09 -48.35
C GLN AA 18 -54.08 -102.21 -49.47
N PRO AA 19 -54.31 -102.70 -50.69
CA PRO AA 19 -54.84 -101.81 -51.73
C PRO AA 19 -56.21 -101.23 -51.42
N ALA AA 20 -56.97 -101.86 -50.51
CA ALA AA 20 -58.27 -101.32 -50.11
C ALA AA 20 -58.13 -99.90 -49.60
N VAL AA 21 -57.41 -99.73 -48.49
CA VAL AA 21 -57.17 -98.39 -47.97
C VAL AA 21 -56.24 -97.58 -48.86
N TRP AA 22 -55.45 -98.25 -49.70
CA TRP AA 22 -54.58 -97.54 -50.63
C TRP AA 22 -55.36 -96.90 -51.78
N HIS AA 23 -56.54 -97.42 -52.10
CA HIS AA 23 -57.40 -96.71 -53.05
C HIS AA 23 -57.77 -95.33 -52.53
N ARG AA 24 -57.95 -95.20 -51.21
CA ARG AA 24 -58.16 -93.88 -50.61
C ARG AA 24 -56.85 -93.13 -50.51
N LEU AA 25 -55.74 -93.84 -50.26
CA LEU AA 25 -54.44 -93.18 -50.13
C LEU AA 25 -54.04 -92.49 -51.43
N GLU AA 26 -54.27 -93.15 -52.57
CA GLU AA 26 -53.98 -92.53 -53.85
C GLU AA 26 -54.98 -91.44 -54.21
N GLU AA 27 -56.18 -91.47 -53.64
CA GLU AA 27 -57.14 -90.39 -53.83
C GLU AA 27 -56.87 -89.20 -52.91
N LEU AA 28 -55.96 -89.35 -51.95
CA LEU AA 28 -55.63 -88.26 -51.04
C LEU AA 28 -54.69 -87.24 -51.69
N TYR AA 29 -53.73 -87.70 -52.50
CA TYR AA 29 -52.85 -86.78 -53.19
C TYR AA 29 -53.45 -86.26 -54.50
N THR AA 30 -54.51 -86.88 -55.01
CA THR AA 30 -55.22 -86.29 -56.14
C THR AA 30 -55.90 -85.00 -55.75
N LYS AA 31 -56.52 -84.97 -54.56
CA LYS AA 31 -57.02 -83.73 -53.98
C LYS AA 31 -55.88 -82.86 -53.45
N LYS AA 32 -54.65 -83.36 -53.47
CA LYS AA 32 -53.46 -82.60 -53.07
C LYS AA 32 -53.51 -82.21 -51.60
N LEU AA 33 -53.91 -83.14 -50.75
CA LEU AA 33 -53.86 -82.97 -49.30
C LEU AA 33 -52.84 -83.96 -48.76
N TRP AA 34 -51.74 -83.44 -48.22
CA TRP AA 34 -50.63 -84.26 -47.76
C TRP AA 34 -50.69 -84.59 -46.27
N HIS AA 35 -51.75 -84.19 -45.58
CA HIS AA 35 -51.84 -84.26 -44.13
C HIS AA 35 -52.63 -85.48 -43.65
N GLN AA 36 -53.91 -85.57 -44.02
CA GLN AA 36 -54.58 -86.86 -43.92
C GLN AA 36 -53.79 -87.94 -44.66
N LEU AA 37 -53.07 -87.54 -45.71
CA LEU AA 37 -52.09 -88.44 -46.32
C LEU AA 37 -50.93 -88.72 -45.38
N THR AA 38 -50.43 -87.70 -44.66
CA THR AA 38 -49.39 -87.91 -43.68
C THR AA 38 -49.82 -88.88 -42.59
N LEU AA 39 -51.03 -88.69 -42.03
CA LEU AA 39 -51.50 -89.57 -40.96
C LEU AA 39 -51.75 -91.00 -41.46
N GLN AA 40 -52.19 -91.15 -42.71
CA GLN AA 40 -52.47 -92.49 -43.23
C GLN AA 40 -51.19 -93.20 -43.65
N VAL AA 41 -50.23 -92.47 -44.23
CA VAL AA 41 -48.95 -93.06 -44.60
C VAL AA 41 -48.15 -93.41 -43.35
N LEU AA 42 -48.08 -92.47 -42.39
CA LEU AA 42 -47.42 -92.74 -41.13
C LEU AA 42 -48.05 -93.94 -40.42
N ASP AA 43 -49.36 -94.12 -40.56
CA ASP AA 43 -50.01 -95.30 -40.01
C ASP AA 43 -49.54 -96.57 -40.73
N PHE AA 44 -49.34 -96.47 -42.03
CA PHE AA 44 -48.77 -97.61 -42.77
C PHE AA 44 -47.31 -97.82 -42.42
N VAL AA 45 -46.57 -96.75 -42.16
CA VAL AA 45 -45.19 -96.88 -41.70
C VAL AA 45 -45.16 -97.45 -40.28
N GLN AA 46 -46.06 -96.98 -39.41
CA GLN AA 46 -46.18 -97.56 -38.08
C GLN AA 46 -46.67 -99.00 -38.15
N ASP AA 47 -47.45 -99.33 -39.16
CA ASP AA 47 -47.88 -100.72 -39.38
C ASP AA 47 -46.67 -101.57 -39.70
N PRO AA 48 -46.38 -102.61 -38.91
CA PRO AA 48 -45.21 -103.45 -39.18
C PRO AA 48 -45.33 -104.16 -40.52
N CYS AA 49 -44.26 -104.12 -41.30
CA CYS AA 49 -44.22 -104.72 -42.62
C CYS AA 49 -42.85 -105.38 -42.80
N PHE AA 50 -42.56 -105.79 -44.03
CA PHE AA 50 -41.30 -106.48 -44.35
C PHE AA 50 -40.01 -105.80 -43.84
N ALA AA 51 -39.81 -104.49 -44.04
CA ALA AA 51 -40.66 -103.59 -44.82
C ALA AA 51 -39.92 -103.06 -46.04
N GLN AA 52 -40.31 -103.52 -47.22
CA GLN AA 52 -39.78 -103.01 -48.47
C GLN AA 52 -40.67 -101.94 -49.10
N GLY AA 53 -41.83 -101.67 -48.51
CA GLY AA 53 -42.72 -100.64 -49.03
C GLY AA 53 -42.27 -99.25 -48.68
N ASP AA 54 -41.90 -99.04 -47.42
CA ASP AA 54 -41.46 -97.72 -46.99
C ASP AA 54 -40.08 -97.37 -47.55
N GLY AA 55 -39.24 -98.37 -47.80
CA GLY AA 55 -37.92 -98.10 -48.36
C GLY AA 55 -37.99 -97.58 -49.79
N LEU AA 56 -38.96 -98.08 -50.57
CA LEU AA 56 -39.14 -97.59 -51.92
C LEU AA 56 -39.90 -96.27 -51.94
N ILE AA 57 -40.97 -96.17 -51.15
CA ILE AA 57 -41.84 -94.99 -51.21
C ILE AA 57 -41.27 -93.80 -50.48
N LYS AA 58 -40.19 -93.97 -49.71
CA LYS AA 58 -39.58 -92.83 -49.03
C LYS AA 58 -39.01 -91.82 -50.01
N LEU AA 59 -38.69 -92.24 -51.23
CA LEU AA 59 -38.25 -91.29 -52.25
C LEU AA 59 -39.42 -90.42 -52.73
N TYR AA 60 -40.60 -91.01 -52.84
CA TYR AA 60 -41.78 -90.22 -53.19
C TYR AA 60 -42.18 -89.30 -52.04
N GLU AA 61 -42.09 -89.78 -50.80
CA GLU AA 61 -42.33 -88.91 -49.65
C GLU AA 61 -41.27 -87.81 -49.58
N ASN AA 62 -40.04 -88.12 -50.00
CA ASN AA 62 -39.03 -87.09 -50.13
C ASN AA 62 -39.40 -86.10 -51.24
N PHE AA 63 -39.91 -86.62 -52.35
CA PHE AA 63 -40.39 -85.74 -53.42
C PHE AA 63 -41.52 -84.86 -52.94
N ILE AA 64 -42.40 -85.39 -52.08
CA ILE AA 64 -43.43 -84.56 -51.47
C ILE AA 64 -42.80 -83.42 -50.69
N SER AA 65 -41.86 -83.74 -49.81
CA SER AA 65 -41.22 -82.70 -48.99
C SER AA 65 -40.49 -81.66 -49.84
N GLU AA 66 -40.06 -82.04 -51.04
CA GLU AA 66 -39.38 -81.12 -51.95
C GLU AA 66 -40.25 -79.92 -52.28
N PHE AA 67 -41.33 -80.13 -53.06
CA PHE AA 67 -42.13 -79.01 -53.51
C PHE AA 67 -43.14 -78.54 -52.45
N GLU AA 68 -43.49 -79.38 -51.48
CA GLU AA 68 -44.39 -78.94 -50.43
C GLU AA 68 -43.66 -78.10 -49.38
N HIS AA 69 -42.37 -78.36 -49.17
CA HIS AA 69 -41.43 -77.47 -48.47
C HIS AA 69 -41.80 -77.22 -47.02
N ARG AA 70 -42.93 -77.76 -46.57
CA ARG AA 70 -43.53 -77.39 -45.30
C ARG AA 70 -43.43 -78.49 -44.24
N VAL AA 71 -43.98 -79.68 -44.54
CA VAL AA 71 -44.30 -80.68 -43.52
C VAL AA 71 -43.14 -80.87 -42.56
N ASN AA 72 -43.46 -80.92 -41.26
CA ASN AA 72 -42.46 -80.91 -40.20
C ASN AA 72 -41.55 -82.13 -40.30
N PRO AA 73 -40.27 -81.99 -39.92
CA PRO AA 73 -39.37 -83.14 -39.89
C PRO AA 73 -39.75 -84.20 -38.86
N LEU AA 74 -40.64 -83.88 -37.91
CA LEU AA 74 -41.06 -84.87 -36.91
C LEU AA 74 -41.53 -86.15 -37.57
N SER AA 75 -42.45 -86.05 -38.54
CA SER AA 75 -42.90 -87.24 -39.25
C SER AA 75 -41.78 -87.87 -40.05
N LEU AA 76 -40.81 -87.07 -40.51
CA LEU AA 76 -39.67 -87.61 -41.24
C LEU AA 76 -38.73 -88.37 -40.32
N VAL AA 77 -38.68 -87.99 -39.04
CA VAL AA 77 -37.90 -88.76 -38.06
C VAL AA 77 -38.65 -90.03 -37.67
N GLU AA 78 -39.98 -89.96 -37.62
CA GLU AA 78 -40.77 -91.12 -37.24
C GLU AA 78 -40.73 -92.20 -38.33
N ILE AA 79 -40.65 -91.80 -39.59
CA ILE AA 79 -40.56 -92.79 -40.66
C ILE AA 79 -39.14 -93.32 -40.79
N ILE AA 80 -38.14 -92.47 -40.55
CA ILE AA 80 -36.74 -92.91 -40.73
C ILE AA 80 -36.32 -93.86 -39.62
N LEU AA 81 -36.96 -93.78 -38.45
CA LEU AA 81 -36.66 -94.73 -37.40
C LEU AA 81 -37.30 -96.09 -37.65
N HIS AA 82 -38.36 -96.13 -38.46
CA HIS AA 82 -38.92 -97.41 -38.89
C HIS AA 82 -38.12 -98.01 -40.04
N VAL AA 83 -37.61 -97.16 -40.93
CA VAL AA 83 -36.88 -97.67 -42.10
C VAL AA 83 -35.49 -98.14 -41.69
N VAL AA 84 -34.85 -97.45 -40.75
CA VAL AA 84 -33.49 -97.80 -40.35
C VAL AA 84 -33.44 -99.21 -39.77
N ARG AA 85 -34.53 -99.68 -39.18
CA ARG AA 85 -34.56 -101.05 -38.66
C ARG AA 85 -34.44 -102.06 -39.78
N GLN AA 86 -35.08 -101.80 -40.92
CA GLN AA 86 -34.95 -102.68 -42.07
C GLN AA 86 -33.68 -102.44 -42.87
N MET AA 87 -33.09 -101.25 -42.76
CA MET AA 87 -31.86 -100.97 -43.50
C MET AA 87 -30.66 -101.67 -42.87
N THR AA 88 -30.66 -101.83 -41.54
CA THR AA 88 -29.66 -102.59 -40.79
C THR AA 88 -28.27 -101.95 -40.85
N ASP AA 89 -28.11 -100.90 -41.65
CA ASP AA 89 -26.83 -100.20 -41.74
C ASP AA 89 -26.98 -98.80 -41.18
N PRO AA 90 -26.41 -98.49 -40.02
CA PRO AA 90 -26.56 -97.14 -39.46
C PRO AA 90 -25.81 -96.06 -40.22
N ASN AA 91 -24.75 -96.42 -40.96
CA ASN AA 91 -23.93 -95.42 -41.62
C ASN AA 91 -24.69 -94.71 -42.74
N VAL AA 92 -25.28 -95.48 -43.66
CA VAL AA 92 -26.06 -94.87 -44.73
C VAL AA 92 -27.30 -94.20 -44.15
N ALA AA 93 -27.79 -94.68 -43.01
CA ALA AA 93 -28.89 -94.02 -42.33
C ALA AA 93 -28.45 -92.69 -41.72
N LEU AA 94 -27.19 -92.59 -41.27
CA LEU AA 94 -26.70 -91.33 -40.74
C LEU AA 94 -26.47 -90.30 -41.84
N THR AA 95 -26.05 -90.75 -43.03
CA THR AA 95 -25.85 -89.83 -44.14
C THR AA 95 -27.19 -89.28 -44.64
N PHE AA 96 -28.22 -90.13 -44.66
CA PHE AA 96 -29.53 -89.68 -45.12
C PHE AA 96 -30.24 -88.85 -44.05
N LEU AA 97 -30.09 -89.24 -42.78
CA LEU AA 97 -30.76 -88.49 -41.72
C LEU AA 97 -30.14 -87.11 -41.55
N GLU AA 98 -28.81 -87.02 -41.57
CA GLU AA 98 -28.17 -85.70 -41.54
C GLU AA 98 -28.48 -84.90 -42.80
N LYS AA 99 -28.75 -85.59 -43.91
CA LYS AA 99 -29.24 -84.89 -45.10
C LYS AA 99 -30.62 -84.31 -44.84
N THR AA 100 -31.50 -85.08 -44.19
CA THR AA 100 -32.80 -84.55 -43.80
C THR AA 100 -32.70 -83.46 -42.74
N ARG AA 101 -31.60 -83.44 -41.98
CA ARG AA 101 -31.40 -82.39 -41.00
C ARG AA 101 -31.04 -81.07 -41.67
N GLU AA 102 -30.16 -81.12 -42.67
CA GLU AA 102 -29.69 -79.91 -43.34
C GLU AA 102 -30.66 -79.41 -44.41
N LYS AA 103 -31.55 -80.25 -44.90
CA LYS AA 103 -32.47 -79.87 -45.97
C LYS AA 103 -33.83 -79.40 -45.47
N VAL AA 104 -34.07 -79.44 -44.15
CA VAL AA 104 -35.35 -79.06 -43.58
C VAL AA 104 -35.13 -77.96 -42.56
N LYS AA 105 -35.93 -76.90 -42.66
CA LYS AA 105 -35.88 -75.79 -41.72
C LYS AA 105 -37.29 -75.29 -41.45
N SER AA 106 -37.57 -75.00 -40.18
CA SER AA 106 -38.90 -74.55 -39.77
C SER AA 106 -38.75 -73.74 -38.49
N SER AA 107 -39.82 -72.99 -38.16
CA SER AA 107 -39.82 -72.22 -36.93
C SER AA 107 -39.61 -73.12 -35.72
N ASP AA 108 -40.28 -74.27 -35.69
CA ASP AA 108 -39.99 -75.27 -34.68
C ASP AA 108 -38.59 -75.83 -34.90
N GLU AA 109 -37.82 -75.94 -33.81
CA GLU AA 109 -36.43 -76.35 -33.93
C GLU AA 109 -36.34 -77.80 -34.36
N ALA AA 110 -35.65 -78.05 -35.47
CA ALA AA 110 -35.43 -79.40 -35.98
C ALA AA 110 -34.13 -80.02 -35.47
N VAL AA 111 -33.31 -79.24 -34.77
CA VAL AA 111 -32.04 -79.78 -34.27
C VAL AA 111 -32.29 -80.75 -33.11
N ILE AA 112 -33.35 -80.52 -32.33
CA ILE AA 112 -33.62 -81.39 -31.19
C ILE AA 112 -34.12 -82.76 -31.64
N LEU AA 113 -34.93 -82.78 -32.70
CA LEU AA 113 -35.47 -84.05 -33.18
C LEU AA 113 -34.45 -84.80 -34.04
N CYS AA 114 -33.57 -84.07 -34.73
CA CYS AA 114 -32.56 -84.73 -35.55
C CYS AA 114 -31.42 -85.29 -34.71
N LYS AA 115 -30.96 -84.52 -33.71
CA LYS AA 115 -29.88 -85.01 -32.86
C LYS AA 115 -30.33 -86.18 -32.00
N THR AA 116 -31.60 -86.21 -31.60
CA THR AA 116 -32.11 -87.37 -30.87
C THR AA 116 -32.23 -88.58 -31.78
N ALA AA 117 -32.53 -88.35 -33.06
CA ALA AA 117 -32.55 -89.45 -34.02
C ALA AA 117 -31.15 -89.94 -34.31
N ILE AA 118 -30.17 -89.03 -34.39
CA ILE AA 118 -28.78 -89.42 -34.56
C ILE AA 118 -28.30 -90.18 -33.32
N GLY AA 119 -28.68 -89.70 -32.14
CA GLY AA 119 -28.28 -90.40 -30.92
C GLY AA 119 -28.91 -91.77 -30.78
N ALA AA 120 -30.15 -91.91 -31.27
CA ALA AA 120 -30.80 -93.22 -31.26
C ALA AA 120 -30.17 -94.17 -32.26
N LEU AA 121 -29.62 -93.64 -33.35
CA LEU AA 121 -28.94 -94.44 -34.36
C LEU AA 121 -27.44 -94.55 -34.09
N LYS AA 122 -26.95 -93.96 -33.01
CA LYS AA 122 -25.53 -93.98 -32.68
C LYS AA 122 -25.16 -95.14 -31.76
N LEU AA 123 -26.11 -96.01 -31.42
CA LEU AA 123 -25.82 -97.11 -30.51
C LEU AA 123 -24.82 -98.09 -31.10
N ASN AA 124 -24.74 -98.19 -32.42
CA ASN AA 124 -23.88 -99.15 -33.11
C ASN AA 124 -22.53 -98.57 -33.52
N ILE AA 125 -22.23 -97.33 -33.15
CA ILE AA 125 -21.02 -96.66 -33.64
C ILE AA 125 -19.66 -97.05 -32.98
N GLY AA 126 -19.57 -97.71 -31.82
CA GLY AA 126 -20.64 -98.00 -30.88
C GLY AA 126 -21.05 -96.86 -29.97
N ASP AA 127 -20.05 -96.20 -29.39
CA ASP AA 127 -20.26 -95.09 -28.47
C ASP AA 127 -18.93 -94.39 -28.25
N LEU AA 128 -18.93 -93.41 -27.34
CA LEU AA 128 -17.79 -92.79 -26.68
C LEU AA 128 -17.08 -91.73 -27.55
N GLN AA 129 -17.31 -91.67 -28.86
CA GLN AA 129 -16.55 -90.74 -29.70
C GLN AA 129 -17.24 -89.38 -29.78
N VAL AA 130 -18.31 -89.28 -30.57
CA VAL AA 130 -19.05 -88.03 -30.72
C VAL AA 130 -20.29 -87.98 -29.84
N THR AA 131 -20.52 -89.02 -29.04
CA THR AA 131 -21.75 -89.13 -28.25
C THR AA 131 -21.96 -87.92 -27.34
N LYS AA 132 -21.03 -87.70 -26.41
CA LYS AA 132 -21.22 -86.67 -25.39
C LYS AA 132 -21.41 -85.28 -26.00
N GLU AA 133 -20.85 -85.03 -27.19
CA GLU AA 133 -21.00 -83.73 -27.81
C GLU AA 133 -22.42 -83.46 -28.27
N THR AA 134 -23.00 -84.38 -29.05
CA THR AA 134 -24.36 -84.19 -29.53
C THR AA 134 -25.37 -84.38 -28.42
N ILE AA 135 -25.08 -85.28 -27.47
CA ILE AA 135 -25.98 -85.47 -26.33
C ILE AA 135 -26.02 -84.20 -25.48
N GLU AA 136 -24.89 -83.50 -25.36
CA GLU AA 136 -24.87 -82.23 -24.67
C GLU AA 136 -25.63 -81.16 -25.45
N ASP AA 137 -25.70 -81.28 -26.77
CA ASP AA 137 -26.39 -80.30 -27.59
C ASP AA 137 -27.90 -80.45 -27.55
N VAL AA 138 -28.38 -81.66 -27.22
CA VAL AA 138 -29.83 -81.89 -27.17
C VAL AA 138 -30.49 -80.96 -26.16
N GLU AA 139 -30.15 -81.12 -24.88
CA GLU AA 139 -30.81 -80.32 -23.84
C GLU AA 139 -30.44 -78.85 -23.91
N GLU AA 140 -29.32 -78.51 -24.56
CA GLU AA 140 -28.99 -77.09 -24.74
C GLU AA 140 -29.95 -76.43 -25.72
N MET AA 141 -30.31 -77.13 -26.80
CA MET AA 141 -31.31 -76.62 -27.73
C MET AA 141 -32.73 -76.86 -27.24
N LEU AA 142 -32.91 -77.75 -26.27
CA LEU AA 142 -34.23 -78.00 -25.69
C LEU AA 142 -34.63 -76.95 -24.67
N ASN AA 143 -33.67 -76.16 -24.16
CA ASN AA 143 -33.98 -75.19 -23.11
C ASN AA 143 -35.01 -74.16 -23.57
N ASN AA 144 -35.03 -73.85 -24.86
CA ASN AA 144 -36.06 -72.97 -25.42
C ASN AA 144 -36.55 -73.49 -26.77
N LEU AA 145 -37.85 -73.73 -26.90
CA LEU AA 145 -38.80 -73.67 -25.78
C LEU AA 145 -39.40 -75.06 -25.56
N PRO AA 146 -39.14 -75.67 -24.35
CA PRO AA 146 -39.56 -77.06 -24.08
C PRO AA 146 -41.06 -77.19 -23.80
N GLY AA 147 -41.87 -76.89 -24.82
CA GLY AA 147 -43.30 -77.04 -24.69
C GLY AA 147 -43.84 -78.24 -25.43
N VAL AA 148 -42.97 -78.96 -26.13
CA VAL AA 148 -43.40 -80.11 -26.92
C VAL AA 148 -43.59 -81.34 -26.03
N THR AA 149 -42.67 -81.56 -25.09
CA THR AA 149 -42.74 -82.63 -24.09
C THR AA 149 -42.44 -84.00 -24.71
N SER AA 150 -42.48 -84.08 -26.05
CA SER AA 150 -42.26 -85.35 -26.72
C SER AA 150 -40.79 -85.71 -26.83
N VAL AA 151 -39.93 -84.74 -27.13
CA VAL AA 151 -38.53 -85.03 -27.42
C VAL AA 151 -37.71 -85.27 -26.15
N HIS AA 152 -38.20 -84.84 -24.99
CA HIS AA 152 -37.41 -85.02 -23.77
C HIS AA 152 -37.27 -86.49 -23.40
N SER AA 153 -38.23 -87.32 -23.79
CA SER AA 153 -38.08 -88.76 -23.60
C SER AA 153 -36.99 -89.32 -24.51
N ARG AA 154 -36.87 -88.77 -25.73
CA ARG AA 154 -35.77 -89.16 -26.61
C ARG AA 154 -34.44 -88.69 -26.05
N PHE AA 155 -34.43 -87.54 -25.37
CA PHE AA 155 -33.22 -87.10 -24.68
C PHE AA 155 -32.82 -88.07 -23.58
N TYR AA 156 -33.82 -88.66 -22.90
CA TYR AA 156 -33.50 -89.69 -21.92
C TYR AA 156 -32.99 -90.95 -22.58
N ASP AA 157 -33.46 -91.26 -23.80
CA ASP AA 157 -33.00 -92.44 -24.51
C ASP AA 157 -31.51 -92.38 -24.80
N LEU AA 158 -31.05 -91.26 -25.37
CA LEU AA 158 -29.63 -91.13 -25.68
C LEU AA 158 -28.80 -90.88 -24.42
N SER AA 159 -29.41 -90.33 -23.37
CA SER AA 159 -28.68 -90.12 -22.13
C SER AA 159 -28.56 -91.42 -21.34
N SER AA 160 -29.59 -92.26 -21.39
CA SER AA 160 -29.50 -93.56 -20.74
C SER AA 160 -28.48 -94.46 -21.42
N LYS AA 161 -28.51 -94.51 -22.76
CA LYS AA 161 -27.49 -95.24 -23.49
C LYS AA 161 -26.11 -94.62 -23.32
N TYR AA 162 -26.05 -93.32 -23.01
CA TYR AA 162 -24.79 -92.71 -22.62
C TYR AA 162 -24.36 -93.18 -21.24
N TYR AA 163 -25.31 -93.44 -20.35
CA TYR AA 163 -24.99 -93.93 -19.01
C TYR AA 163 -24.55 -95.39 -19.00
N GLN AA 164 -24.97 -96.17 -20.00
CA GLN AA 164 -24.72 -97.62 -19.99
C GLN AA 164 -23.24 -97.97 -19.94
N THR AA 165 -22.35 -97.01 -20.20
CA THR AA 165 -20.92 -97.25 -20.02
C THR AA 165 -20.52 -97.34 -18.56
N ILE AA 166 -21.36 -96.90 -17.64
CA ILE AA 166 -21.12 -96.98 -16.20
C ILE AA 166 -19.80 -96.27 -15.82
N GLY AA 167 -19.77 -94.95 -15.88
CA GLY AA 167 -20.95 -94.15 -16.22
C GLY AA 167 -21.60 -93.36 -15.10
N ASN AA 168 -20.96 -93.33 -13.92
CA ASN AA 168 -21.40 -92.47 -12.82
C ASN AA 168 -22.83 -92.78 -12.39
N HIS AA 169 -23.01 -93.89 -11.65
CA HIS AA 169 -24.35 -94.33 -11.22
C HIS AA 169 -25.18 -93.18 -10.65
N ALA AA 170 -24.54 -92.27 -9.89
CA ALA AA 170 -25.28 -91.19 -9.25
C ALA AA 170 -26.01 -90.32 -10.26
N SER AA 171 -25.50 -90.23 -11.49
CA SER AA 171 -26.14 -89.42 -12.51
C SER AA 171 -27.34 -90.11 -13.15
N TYR AA 172 -27.40 -91.44 -13.12
CA TYR AA 172 -28.50 -92.16 -13.74
C TYR AA 172 -29.83 -91.87 -13.07
N TYR AA 173 -29.84 -91.69 -11.75
CA TYR AA 173 -31.10 -91.35 -11.08
C TYR AA 173 -31.59 -89.97 -11.49
N LYS AA 174 -30.68 -89.02 -11.72
CA LYS AA 174 -31.09 -87.71 -12.19
C LYS AA 174 -31.63 -87.77 -13.62
N ASP AA 175 -31.01 -88.56 -14.48
CA ASP AA 175 -31.50 -88.72 -15.84
C ASP AA 175 -32.82 -89.48 -15.85
N ALA AA 176 -32.90 -90.56 -15.06
CA ALA AA 176 -34.15 -91.29 -14.96
C ALA AA 176 -35.22 -90.51 -14.22
N LEU AA 177 -34.82 -89.58 -13.34
CA LEU AA 177 -35.78 -88.62 -12.81
C LEU AA 177 -36.36 -87.77 -13.93
N ARG AA 178 -35.49 -87.27 -14.82
CA ARG AA 178 -35.96 -86.51 -15.98
C ARG AA 178 -36.99 -87.29 -16.79
N PHE AA 179 -36.76 -88.59 -16.99
CA PHE AA 179 -37.75 -89.42 -17.65
C PHE AA 179 -38.96 -89.66 -16.76
N LEU AA 180 -38.73 -89.87 -15.47
CA LEU AA 180 -39.84 -90.14 -14.56
C LEU AA 180 -40.78 -88.96 -14.47
N GLY AA 181 -40.30 -87.75 -14.79
CA GLY AA 181 -41.16 -86.59 -14.84
C GLY AA 181 -41.54 -86.16 -16.24
N CYS AA 182 -40.84 -86.69 -17.26
CA CYS AA 182 -41.09 -86.26 -18.63
C CYS AA 182 -42.42 -86.79 -19.15
N VAL AA 183 -42.62 -88.10 -19.06
CA VAL AA 183 -43.82 -88.74 -19.59
C VAL AA 183 -44.95 -88.56 -18.58
N ASP AA 184 -46.11 -88.09 -19.07
CA ASP AA 184 -47.24 -87.84 -18.19
C ASP AA 184 -47.93 -89.14 -17.81
N ILE AA 185 -48.55 -89.80 -18.78
CA ILE AA 185 -49.20 -91.09 -18.58
C ILE AA 185 -48.26 -92.19 -19.04
N LYS AA 186 -48.14 -93.25 -18.24
CA LYS AA 186 -47.19 -94.32 -18.56
C LYS AA 186 -47.57 -94.99 -19.88
N ASP AA 187 -48.83 -95.40 -20.01
CA ASP AA 187 -49.40 -95.99 -21.23
C ASP AA 187 -48.51 -97.08 -21.83
N LEU AA 188 -47.82 -97.83 -20.97
CA LEU AA 188 -46.97 -98.93 -21.40
C LEU AA 188 -47.04 -100.02 -20.34
N PRO AA 189 -46.83 -101.28 -20.72
CA PRO AA 189 -46.97 -102.37 -19.73
C PRO AA 189 -46.02 -102.22 -18.55
N VAL AA 190 -46.54 -102.48 -17.36
CA VAL AA 190 -45.75 -102.39 -16.14
C VAL AA 190 -44.65 -103.44 -16.10
N SER AA 191 -44.79 -104.51 -16.90
CA SER AA 191 -43.78 -105.55 -16.93
C SER AA 191 -42.41 -105.02 -17.34
N GLU AA 192 -42.38 -103.94 -18.14
CA GLU AA 192 -41.13 -103.28 -18.45
C GLU AA 192 -40.68 -102.36 -17.33
N GLN AA 193 -41.61 -101.62 -16.73
CA GLN AA 193 -41.27 -100.63 -15.72
C GLN AA 193 -40.93 -101.24 -14.36
N GLN AA 194 -41.20 -102.53 -14.16
CA GLN AA 194 -40.83 -103.15 -12.90
C GLN AA 194 -39.33 -103.39 -12.82
N GLU AA 195 -38.72 -103.85 -13.93
CA GLU AA 195 -37.26 -103.93 -13.98
C GLU AA 195 -36.64 -102.57 -14.25
N ARG AA 196 -37.39 -101.67 -14.92
CA ARG AA 196 -36.90 -100.31 -15.16
C ARG AA 196 -36.66 -99.58 -13.84
N ALA AA 197 -37.68 -99.56 -12.98
CA ALA AA 197 -37.54 -98.99 -11.65
C ALA AA 197 -36.70 -99.88 -10.72
N PHE AA 198 -36.42 -101.12 -11.12
CA PHE AA 198 -35.55 -101.98 -10.33
C PHE AA 198 -34.09 -101.57 -10.49
N THR AA 199 -33.57 -101.66 -11.72
CA THR AA 199 -32.21 -101.20 -11.98
C THR AA 199 -32.06 -99.70 -11.70
N LEU AA 200 -33.17 -98.95 -11.74
CA LEU AA 200 -33.14 -97.56 -11.29
C LEU AA 200 -32.90 -97.49 -9.80
N GLY AA 201 -33.61 -98.33 -9.04
CA GLY AA 201 -33.36 -98.40 -7.60
C GLY AA 201 -31.97 -98.90 -7.28
N LEU AA 202 -31.40 -99.75 -8.14
CA LEU AA 202 -30.04 -100.24 -7.91
C LEU AA 202 -29.03 -99.12 -8.15
N ALA AA 203 -29.08 -98.49 -9.32
CA ALA AA 203 -28.11 -97.46 -9.65
C ALA AA 203 -28.29 -96.22 -8.78
N GLY AA 204 -29.52 -95.95 -8.33
CA GLY AA 204 -29.74 -94.82 -7.45
C GLY AA 204 -29.31 -95.07 -6.02
N LEU AA 205 -29.45 -96.31 -5.55
CA LEU AA 205 -29.05 -96.62 -4.17
C LEU AA 205 -27.55 -96.81 -4.06
N LEU AA 206 -26.92 -97.44 -5.05
CA LEU AA 206 -25.49 -97.68 -5.02
C LEU AA 206 -24.67 -96.42 -5.26
N GLY AA 207 -25.30 -95.31 -5.64
CA GLY AA 207 -24.57 -94.09 -5.88
C GLY AA 207 -23.99 -93.51 -4.59
N GLU AA 208 -22.74 -93.04 -4.69
CA GLU AA 208 -22.07 -92.49 -3.52
C GLU AA 208 -22.53 -91.07 -3.20
N GLY AA 209 -22.91 -90.30 -4.22
CA GLY AA 209 -23.35 -88.93 -3.99
C GLY AA 209 -24.64 -88.84 -3.20
N VAL AA 210 -25.48 -89.86 -3.31
CA VAL AA 210 -26.75 -89.92 -2.59
C VAL AA 210 -26.66 -91.03 -1.56
N PHE AA 211 -26.61 -90.65 -0.28
CA PHE AA 211 -26.51 -91.66 0.78
C PHE AA 211 -27.86 -92.25 1.14
N ASN AA 212 -28.92 -91.43 1.14
CA ASN AA 212 -30.25 -91.97 1.40
C ASN AA 212 -31.28 -91.52 0.35
N PHE AA 213 -31.64 -90.24 0.38
CA PHE AA 213 -32.75 -89.71 -0.41
C PHE AA 213 -33.99 -90.59 -0.31
N GLY AA 214 -34.35 -90.96 0.93
CA GLY AA 214 -35.55 -91.75 1.14
C GLY AA 214 -36.83 -91.04 0.77
N GLU AA 215 -36.79 -89.72 0.56
CA GLU AA 215 -37.98 -88.96 0.21
C GLU AA 215 -38.47 -89.35 -1.19
N LEU AA 216 -37.60 -89.24 -2.20
CA LEU AA 216 -37.96 -89.58 -3.57
C LEU AA 216 -38.15 -91.08 -3.77
N LEU AA 217 -37.77 -91.90 -2.79
CA LEU AA 217 -38.15 -93.31 -2.81
C LEU AA 217 -39.65 -93.50 -2.67
N MET AA 218 -40.33 -92.53 -2.06
CA MET AA 218 -41.77 -92.56 -1.85
C MET AA 218 -42.55 -91.85 -2.96
N HIS AA 219 -41.86 -91.41 -4.02
CA HIS AA 219 -42.50 -90.64 -5.08
C HIS AA 219 -43.73 -91.38 -5.60
N PRO AA 220 -44.87 -90.69 -5.79
CA PRO AA 220 -46.13 -91.42 -6.03
C PRO AA 220 -46.21 -92.12 -7.37
N VAL AA 221 -45.50 -91.65 -8.39
CA VAL AA 221 -45.62 -92.30 -9.69
C VAL AA 221 -44.76 -93.56 -9.75
N LEU AA 222 -43.68 -93.63 -8.99
CA LEU AA 222 -42.86 -94.83 -8.95
C LEU AA 222 -43.27 -95.82 -7.87
N GLU AA 223 -44.16 -95.44 -6.95
CA GLU AA 223 -44.56 -96.35 -5.89
C GLU AA 223 -45.45 -97.47 -6.41
N SER AA 224 -46.25 -97.20 -7.45
CA SER AA 224 -47.01 -98.26 -8.09
C SER AA 224 -46.09 -99.22 -8.82
N LEU AA 225 -44.97 -98.73 -9.36
CA LEU AA 225 -43.99 -99.61 -9.96
C LEU AA 225 -43.25 -100.42 -8.90
N ARG AA 226 -43.12 -99.89 -7.69
CA ARG AA 226 -42.50 -100.65 -6.60
C ARG AA 226 -43.46 -101.69 -6.05
N ASN AA 227 -44.77 -101.46 -6.16
CA ASN AA 227 -45.74 -102.45 -5.69
C ASN AA 227 -45.62 -103.74 -6.48
N THR AA 228 -45.36 -103.65 -7.78
CA THR AA 228 -45.15 -104.85 -8.58
C THR AA 228 -43.81 -105.51 -8.27
N ASP AA 229 -42.83 -104.72 -7.84
CA ASP AA 229 -41.54 -105.28 -7.46
C ASP AA 229 -41.66 -106.07 -6.16
N ARG AA 230 -40.70 -106.97 -5.96
CA ARG AA 230 -40.65 -107.73 -4.73
C ARG AA 230 -40.35 -106.80 -3.56
N GLN AA 231 -40.88 -107.17 -2.38
CA GLN AA 231 -40.86 -106.26 -1.23
C GLN AA 231 -39.54 -106.26 -0.48
N TRP AA 232 -38.57 -107.07 -0.89
CA TRP AA 232 -37.25 -106.98 -0.25
C TRP AA 232 -36.52 -105.70 -0.67
N LEU AA 233 -36.76 -105.25 -1.90
CA LEU AA 233 -36.16 -104.00 -2.35
C LEU AA 233 -36.80 -102.80 -1.67
N ILE AA 234 -38.12 -102.82 -1.51
CA ILE AA 234 -38.81 -101.72 -0.84
C ILE AA 234 -38.43 -101.68 0.64
N ASP AA 235 -38.30 -102.85 1.28
CA ASP AA 235 -37.95 -102.89 2.69
C ASP AA 235 -36.51 -102.45 2.92
N THR AA 236 -35.60 -102.84 2.03
CA THR AA 236 -34.22 -102.39 2.19
C THR AA 236 -34.08 -100.92 1.81
N LEU AA 237 -34.96 -100.41 0.93
CA LEU AA 237 -35.00 -98.97 0.69
C LEU AA 237 -35.54 -98.22 1.90
N TYR AA 238 -36.37 -98.87 2.73
CA TYR AA 238 -36.74 -98.29 4.01
C TYR AA 238 -35.59 -98.39 5.01
N ALA AA 239 -34.71 -99.39 4.85
CA ALA AA 239 -33.52 -99.45 5.69
C ALA AA 239 -32.56 -98.32 5.35
N PHE AA 240 -32.40 -98.00 4.07
CA PHE AA 240 -31.67 -96.82 3.66
C PHE AA 240 -32.45 -95.53 3.87
N ASN AA 241 -33.78 -95.63 4.07
CA ASN AA 241 -34.56 -94.46 4.44
C ASN AA 241 -34.38 -94.14 5.92
N SER AA 242 -34.46 -95.15 6.78
CA SER AA 242 -34.26 -94.95 8.20
C SER AA 242 -33.11 -95.82 8.72
N GLY AA 243 -33.37 -97.11 8.89
CA GLY AA 243 -32.36 -98.04 9.39
C GLY AA 243 -31.78 -97.64 10.74
N ASN AA 244 -30.45 -97.54 10.80
CA ASN AA 244 -29.58 -97.90 9.68
C ASN AA 244 -29.31 -99.40 9.64
N VAL AA 245 -29.07 -99.99 10.80
CA VAL AA 245 -28.80 -101.42 10.91
C VAL AA 245 -29.69 -102.02 12.00
N GLU AA 246 -30.63 -102.92 11.66
CA GLU AA 246 -31.01 -103.39 10.30
C GLU AA 246 -29.88 -104.02 9.48
N ARG AA 247 -29.19 -105.00 10.08
CA ARG AA 247 -28.21 -105.78 9.34
C ARG AA 247 -28.86 -106.87 8.50
N PHE AA 248 -30.10 -107.24 8.81
CA PHE AA 248 -30.78 -108.31 8.09
C PHE AA 248 -31.26 -107.84 6.72
N GLN AA 249 -31.73 -106.60 6.62
CA GLN AA 249 -32.25 -106.10 5.35
C GLN AA 249 -31.13 -105.70 4.40
N THR AA 250 -30.06 -105.09 4.92
CA THR AA 250 -28.92 -104.77 4.07
C THR AA 250 -28.23 -106.02 3.54
N LEU AA 251 -28.39 -107.16 4.23
CA LEU AA 251 -27.98 -108.43 3.66
C LEU AA 251 -29.03 -108.98 2.71
N LYS AA 252 -30.31 -108.70 2.97
CA LYS AA 252 -31.38 -109.21 2.11
C LYS AA 252 -31.29 -108.65 0.70
N THR AA 253 -30.81 -107.41 0.53
CA THR AA 253 -30.60 -106.90 -0.81
C THR AA 253 -29.43 -107.59 -1.50
N ALA AA 254 -28.54 -108.23 -0.74
CA ALA AA 254 -27.53 -109.09 -1.35
C ALA AA 254 -28.10 -110.44 -1.73
N TRP AA 255 -29.12 -110.91 -0.99
CA TRP AA 255 -29.83 -112.12 -1.41
C TRP AA 255 -30.61 -111.88 -2.70
N GLY AA 256 -31.26 -110.73 -2.81
CA GLY AA 256 -32.08 -110.42 -3.97
C GLY AA 256 -31.30 -110.04 -5.21
N GLN AA 257 -30.33 -109.14 -5.09
CA GLN AA 257 -29.54 -108.67 -6.22
C GLN AA 257 -28.09 -109.12 -6.03
N GLN AA 258 -27.68 -110.13 -6.81
CA GLN AA 258 -26.29 -110.58 -6.74
C GLN AA 258 -25.32 -109.59 -7.37
N PRO AA 259 -25.48 -109.20 -8.64
CA PRO AA 259 -24.44 -108.42 -9.30
C PRO AA 259 -24.43 -106.95 -8.89
N ASP AA 260 -23.26 -106.33 -9.09
CA ASP AA 260 -23.03 -104.90 -8.93
C ASP AA 260 -23.10 -104.46 -7.47
N LEU AA 261 -23.61 -105.31 -6.58
CA LEU AA 261 -23.65 -104.98 -5.17
C LEU AA 261 -22.33 -105.26 -4.47
N ALA AA 262 -21.55 -106.22 -4.97
CA ALA AA 262 -20.31 -106.60 -4.30
C ALA AA 262 -19.30 -105.45 -4.28
N ALA AA 263 -19.34 -104.58 -5.29
CA ALA AA 263 -18.41 -103.45 -5.33
C ALA AA 263 -18.86 -102.32 -4.41
N ASN AA 264 -20.15 -102.02 -4.39
CA ASN AA 264 -20.70 -100.90 -3.64
C ASN AA 264 -21.21 -101.30 -2.25
N GLU AA 265 -21.03 -102.56 -1.85
CA GLU AA 265 -21.55 -103.00 -0.55
C GLU AA 265 -20.91 -102.22 0.59
N ALA AA 266 -19.57 -102.13 0.60
CA ALA AA 266 -18.90 -101.38 1.65
C ALA AA 266 -19.25 -99.89 1.59
N GLN AA 267 -19.54 -99.37 0.39
CA GLN AA 267 -19.99 -97.99 0.28
C GLN AA 267 -21.35 -97.80 0.92
N LEU AA 268 -22.27 -98.77 0.73
CA LEU AA 268 -23.57 -98.69 1.37
C LEU AA 268 -23.44 -98.75 2.88
N LEU AA 269 -22.52 -99.59 3.38
CA LEU AA 269 -22.32 -99.67 4.83
C LEU AA 269 -21.82 -98.34 5.39
N ARG AA 270 -20.93 -97.67 4.66
CA ARG AA 270 -20.49 -96.34 5.09
C ARG AA 270 -21.63 -95.34 5.00
N LYS AA 271 -22.49 -95.48 3.99
CA LYS AA 271 -23.59 -94.52 3.80
C LYS AA 271 -24.63 -94.63 4.92
N ILE AA 272 -24.92 -95.84 5.38
CA ILE AA 272 -25.87 -95.98 6.48
C ILE AA 272 -25.21 -95.66 7.81
N GLN AA 273 -23.90 -95.85 7.93
CA GLN AA 273 -23.22 -95.48 9.16
C GLN AA 273 -23.20 -93.97 9.37
N LEU AA 274 -23.17 -93.19 8.29
CA LEU AA 274 -23.34 -91.75 8.37
C LEU AA 274 -24.79 -91.33 8.29
N LEU AA 275 -25.69 -92.25 7.94
CA LEU AA 275 -27.12 -91.93 7.87
C LEU AA 275 -27.76 -91.90 9.26
N CYS AA 276 -27.35 -92.82 10.14
CA CYS AA 276 -27.96 -92.88 11.46
C CYS AA 276 -27.64 -91.66 12.31
N LEU AA 277 -26.56 -90.94 12.00
CA LEU AA 277 -26.15 -89.81 12.83
C LEU AA 277 -27.18 -88.69 12.84
N MET AA 278 -27.83 -88.42 11.71
CA MET AA 278 -28.90 -87.42 11.71
C MET AA 278 -30.15 -87.93 12.41
N GLU AA 279 -30.48 -89.21 12.24
CA GLU AA 279 -31.72 -89.75 12.77
C GLU AA 279 -31.68 -90.01 14.27
N MET AA 280 -30.49 -90.18 14.85
CA MET AA 280 -30.41 -90.42 16.29
C MET AA 280 -30.68 -89.13 17.07
N THR AA 281 -30.17 -88.00 16.60
CA THR AA 281 -30.52 -86.72 17.22
C THR AA 281 -31.85 -86.16 16.76
N PHE AA 282 -32.33 -86.59 15.59
CA PHE AA 282 -33.62 -86.11 15.10
C PHE AA 282 -34.79 -86.84 15.74
N THR AA 283 -34.63 -88.13 16.03
CA THR AA 283 -35.73 -88.91 16.59
C THR AA 283 -36.04 -88.46 18.02
N ARG AA 284 -35.01 -88.26 18.84
CA ARG AA 284 -35.23 -87.78 20.20
C ARG AA 284 -35.84 -86.38 20.17
N PRO AA 285 -36.71 -86.06 21.13
CA PRO AA 285 -37.13 -84.66 21.27
C PRO AA 285 -35.94 -83.75 21.57
N ALA AA 286 -35.10 -84.15 22.52
CA ALA AA 286 -33.79 -83.54 22.75
C ALA AA 286 -33.94 -81.99 22.95
N ASN AA 287 -33.01 -81.10 22.56
CA ASN AA 287 -31.56 -81.27 22.41
C ASN AA 287 -30.80 -80.61 23.56
N HIS AA 288 -30.08 -81.35 24.42
CA HIS AA 288 -29.83 -82.80 24.41
C HIS AA 288 -29.32 -83.36 23.08
N ARG AA 289 -28.48 -82.58 22.42
CA ARG AA 289 -27.86 -82.98 21.15
C ARG AA 289 -26.50 -83.64 21.35
N GLN AA 290 -26.06 -83.81 22.59
CA GLN AA 290 -24.77 -84.41 22.88
C GLN AA 290 -24.95 -85.92 23.09
N LEU AA 291 -24.28 -86.71 22.27
CA LEU AA 291 -24.34 -88.17 22.32
C LEU AA 291 -23.06 -88.70 22.96
N THR AA 292 -22.96 -90.03 23.02
CA THR AA 292 -21.82 -90.70 23.62
C THR AA 292 -21.23 -91.71 22.63
N PHE AA 293 -20.00 -92.12 22.90
CA PHE AA 293 -19.35 -93.11 22.04
C PHE AA 293 -20.08 -94.45 22.09
N GLU AA 294 -20.67 -94.79 23.23
CA GLU AA 294 -21.37 -96.06 23.35
C GLU AA 294 -22.59 -96.11 22.44
N GLU AA 295 -23.22 -94.96 22.19
CA GLU AA 295 -24.39 -94.93 21.32
C GLU AA 295 -24.01 -95.20 19.87
N ILE AA 296 -22.95 -94.55 19.39
CA ILE AA 296 -22.55 -94.70 17.99
C ILE AA 296 -21.88 -96.06 17.78
N ALA AA 297 -20.99 -96.45 18.69
CA ALA AA 297 -20.25 -97.70 18.52
C ALA AA 297 -21.16 -98.92 18.65
N LYS AA 298 -22.22 -98.83 19.45
CA LYS AA 298 -23.15 -99.95 19.56
C LYS AA 298 -24.09 -100.02 18.37
N SER AA 299 -24.57 -98.87 17.90
CA SER AA 299 -25.47 -98.86 16.74
C SER AA 299 -24.73 -99.23 15.47
N ALA AA 300 -23.63 -98.54 15.18
CA ALA AA 300 -22.85 -98.80 13.97
C ALA AA 300 -22.00 -100.05 14.07
N LYS AA 301 -21.95 -100.70 15.24
CA LYS AA 301 -21.17 -101.91 15.52
C LYS AA 301 -19.77 -101.83 14.93
N ILE AA 302 -19.13 -100.67 15.08
CA ILE AA 302 -17.78 -100.44 14.58
C ILE AA 302 -16.89 -100.11 15.78
N THR AA 303 -15.58 -100.33 15.59
CA THR AA 303 -14.63 -100.11 16.66
C THR AA 303 -14.57 -98.62 17.03
N VAL AA 304 -14.11 -98.37 18.26
CA VAL AA 304 -14.08 -97.01 18.79
C VAL AA 304 -13.09 -96.13 18.04
N ASN AA 305 -12.11 -96.72 17.35
CA ASN AA 305 -11.15 -95.91 16.61
C ASN AA 305 -11.72 -95.41 15.29
N GLU AA 306 -12.68 -96.13 14.71
CA GLU AA 306 -13.25 -95.75 13.43
C GLU AA 306 -14.48 -94.86 13.56
N VAL AA 307 -14.97 -94.62 14.77
CA VAL AA 307 -16.11 -93.70 14.92
C VAL AA 307 -15.69 -92.28 14.61
N GLU AA 308 -14.41 -91.96 14.81
CA GLU AA 308 -13.88 -90.67 14.37
C GLU AA 308 -14.10 -90.48 12.88
N LEU AA 309 -13.52 -91.36 12.05
CA LEU AA 309 -13.74 -91.31 10.62
C LEU AA 309 -15.22 -91.32 10.28
N LEU AA 310 -16.01 -92.10 11.04
CA LEU AA 310 -17.45 -92.18 10.82
C LEU AA 310 -18.13 -90.82 10.94
N VAL AA 311 -18.08 -90.23 12.13
CA VAL AA 311 -18.84 -89.00 12.38
C VAL AA 311 -18.24 -87.83 11.63
N MET AA 312 -16.92 -87.80 11.47
CA MET AA 312 -16.29 -86.66 10.82
C MET AA 312 -16.50 -86.69 9.30
N LYS AA 313 -16.65 -87.89 8.72
CA LYS AA 313 -17.02 -87.98 7.30
C LYS AA 313 -18.42 -87.43 7.09
N ALA AA 314 -19.34 -87.70 8.02
CA ALA AA 314 -20.66 -87.09 7.95
C ALA AA 314 -20.58 -85.57 8.08
N LEU AA 315 -19.58 -85.07 8.81
CA LEU AA 315 -19.33 -83.63 8.83
C LEU AA 315 -18.88 -83.13 7.46
N SER AA 316 -18.15 -83.96 6.72
CA SER AA 316 -17.74 -83.59 5.37
C SER AA 316 -18.86 -83.78 4.36
N VAL AA 317 -19.79 -84.69 4.62
CA VAL AA 317 -20.95 -84.84 3.75
C VAL AA 317 -21.83 -83.59 3.82
N GLY AA 318 -21.93 -82.99 5.00
CA GLY AA 318 -22.72 -81.80 5.20
C GLY AA 318 -24.03 -82.01 5.93
N LEU AA 319 -24.32 -83.24 6.36
CA LEU AA 319 -25.57 -83.50 7.07
C LEU AA 319 -25.54 -83.02 8.52
N VAL AA 320 -24.36 -82.84 9.10
CA VAL AA 320 -24.24 -82.32 10.46
C VAL AA 320 -22.93 -81.54 10.56
N LYS AA 321 -22.97 -80.43 11.30
CA LYS AA 321 -21.80 -79.61 11.57
C LYS AA 321 -21.19 -79.88 12.93
N GLY AA 322 -21.70 -80.86 13.67
CA GLY AA 322 -21.38 -81.02 15.08
C GLY AA 322 -19.90 -81.30 15.34
N SER AA 323 -19.57 -81.25 16.63
CA SER AA 323 -18.21 -81.46 17.12
C SER AA 323 -18.18 -82.66 18.04
N ILE AA 324 -17.00 -83.26 18.18
CA ILE AA 324 -16.82 -84.50 18.93
C ILE AA 324 -16.01 -84.20 20.19
N ASP AA 325 -16.56 -84.57 21.35
CA ASP AA 325 -15.88 -84.42 22.62
C ASP AA 325 -15.18 -85.74 22.94
N GLU AA 326 -13.85 -85.74 22.85
CA GLU AA 326 -13.07 -86.97 22.90
C GLU AA 326 -12.53 -87.30 24.28
N VAL AA 327 -12.90 -86.54 25.31
CA VAL AA 327 -12.48 -86.88 26.67
C VAL AA 327 -13.26 -88.11 27.16
N ASP AA 328 -14.58 -87.97 27.25
CA ASP AA 328 -15.47 -89.11 27.45
C ASP AA 328 -15.82 -89.79 26.14
N LYS AA 329 -15.22 -89.34 25.03
CA LYS AA 329 -15.49 -89.84 23.68
C LYS AA 329 -16.91 -89.54 23.23
N ARG AA 330 -17.50 -88.48 23.79
CA ARG AA 330 -18.86 -88.07 23.44
C ARG AA 330 -18.88 -87.39 22.08
N VAL AA 331 -20.07 -87.35 21.48
CA VAL AA 331 -20.27 -86.72 20.18
C VAL AA 331 -21.39 -85.69 20.34
N HIS AA 332 -21.07 -84.42 20.08
CA HIS AA 332 -22.02 -83.34 20.22
C HIS AA 332 -22.51 -82.92 18.84
N MET AA 333 -23.76 -83.27 18.52
CA MET AA 333 -24.33 -82.92 17.23
C MET AA 333 -24.82 -81.47 17.21
N THR AA 334 -24.82 -80.88 16.02
CA THR AA 334 -25.39 -79.55 15.82
C THR AA 334 -26.27 -79.58 14.59
N TRP AA 335 -27.37 -78.84 14.66
CA TRP AA 335 -28.37 -78.76 13.58
C TRP AA 335 -28.84 -80.18 13.24
N VAL AA 336 -29.08 -80.49 11.97
CA VAL AA 336 -29.52 -81.81 11.52
C VAL AA 336 -29.80 -81.73 10.01
N GLN AA 337 -29.87 -82.87 9.34
CA GLN AA 337 -30.21 -82.91 7.93
C GLN AA 337 -31.65 -83.40 7.79
N PRO AA 338 -32.60 -82.55 7.42
CA PRO AA 338 -34.00 -83.00 7.32
C PRO AA 338 -34.16 -84.03 6.22
N ARG AA 339 -34.78 -85.16 6.58
CA ARG AA 339 -35.12 -86.20 5.62
C ARG AA 339 -36.49 -86.76 5.98
N VAL AA 340 -37.44 -86.67 5.04
CA VAL AA 340 -38.82 -87.14 5.21
C VAL AA 340 -39.33 -86.65 6.55
N LEU AA 341 -39.94 -87.54 7.33
CA LEU AA 341 -40.34 -87.26 8.70
C LEU AA 341 -40.80 -88.53 9.41
N ASP AA 342 -46.02 -87.33 7.24
CA ASP AA 342 -47.12 -88.08 7.83
C ASP AA 342 -48.16 -87.14 8.44
N LEU AA 343 -49.44 -87.45 8.24
CA LEU AA 343 -50.50 -86.58 8.70
C LEU AA 343 -50.48 -86.43 10.22
N GLN AA 344 -50.10 -87.47 10.95
CA GLN AA 344 -49.99 -87.35 12.40
C GLN AA 344 -48.94 -86.33 12.79
N GLN AA 345 -47.93 -86.11 11.94
CA GLN AA 345 -46.94 -85.09 12.20
C GLN AA 345 -47.45 -83.69 11.87
N ILE AA 346 -48.36 -83.57 10.89
CA ILE AA 346 -49.01 -82.29 10.65
C ILE AA 346 -49.92 -81.93 11.81
N LYS AA 347 -50.46 -82.94 12.51
CA LYS AA 347 -51.32 -82.68 13.66
C LYS AA 347 -50.51 -82.16 14.84
N GLY AA 348 -49.56 -82.97 15.32
CA GLY AA 348 -48.64 -82.50 16.35
C GLY AA 348 -47.94 -81.21 15.98
N MET AA 349 -47.76 -80.95 14.67
CA MET AA 349 -47.22 -79.67 14.24
C MET AA 349 -48.19 -78.54 14.57
N LYS AA 350 -49.49 -78.77 14.40
CA LYS AA 350 -50.47 -77.79 14.82
C LYS AA 350 -50.49 -77.63 16.34
N ASP AA 351 -50.13 -78.69 17.07
CA ASP AA 351 -50.05 -78.59 18.51
C ASP AA 351 -48.85 -77.74 18.94
N ARG AA 352 -47.69 -77.99 18.32
CA ARG AA 352 -46.52 -77.16 18.60
C ARG AA 352 -46.74 -75.73 18.13
N LEU AA 353 -47.57 -75.54 17.11
CA LEU AA 353 -47.88 -74.19 16.64
C LEU AA 353 -48.88 -73.50 17.55
N GLU AA 354 -50.09 -74.07 17.68
CA GLU AA 354 -51.15 -73.44 18.47
C GLU AA 354 -50.68 -73.14 19.90
N PHE AA 355 -49.75 -73.94 20.43
CA PHE AA 355 -49.17 -73.62 21.73
C PHE AA 355 -48.35 -72.33 21.65
N TRP AA 356 -47.54 -72.19 20.60
CA TRP AA 356 -46.88 -70.91 20.33
C TRP AA 356 -47.89 -69.80 20.07
N CYS AA 357 -49.06 -70.15 19.53
CA CYS AA 357 -50.09 -69.14 19.30
C CYS AA 357 -50.63 -68.60 20.63
N THR AA 358 -51.10 -69.50 21.51
CA THR AA 358 -51.67 -69.05 22.77
C THR AA 358 -50.60 -68.49 23.71
N ASP AA 359 -49.35 -68.93 23.58
CA ASP AA 359 -48.26 -68.33 24.33
C ASP AA 359 -48.14 -66.85 24.02
N VAL AA 360 -47.83 -66.52 22.76
CA VAL AA 360 -47.64 -65.12 22.37
C VAL AA 360 -48.92 -64.33 22.59
N LYS AA 361 -50.07 -64.91 22.25
CA LYS AA 361 -51.33 -64.21 22.43
C LYS AA 361 -51.54 -63.82 23.89
N SER AA 362 -51.47 -64.79 24.79
CA SER AA 362 -51.64 -64.52 26.22
C SER AA 362 -50.63 -63.48 26.70
N MET AA 363 -49.34 -63.79 26.61
CA MET AA 363 -48.31 -62.93 27.19
C MET AA 363 -48.34 -61.53 26.59
N GLU AA 364 -48.42 -61.42 25.26
CA GLU AA 364 -48.43 -60.10 24.63
C GLU AA 364 -49.71 -59.35 24.94
N MET AA 365 -50.84 -60.04 25.00
CA MET AA 365 -52.07 -59.38 25.44
C MET AA 365 -52.01 -59.01 26.92
N LEU AA 366 -51.12 -59.63 27.69
CA LEU AA 366 -50.89 -59.19 29.06
C LEU AA 366 -50.00 -57.96 29.10
N VAL AA 367 -49.00 -57.91 28.20
CA VAL AA 367 -48.10 -56.77 28.14
C VAL AA 367 -48.88 -55.48 27.95
N GLU AA 368 -49.56 -55.34 26.81
CA GLU AA 368 -50.30 -54.13 26.52
C GLU AA 368 -51.61 -54.03 27.30
N HIS AA 369 -51.99 -55.07 28.05
CA HIS AA 369 -53.10 -54.92 28.99
C HIS AA 369 -52.74 -53.95 30.11
N GLN AA 370 -51.46 -53.94 30.50
CA GLN AA 370 -51.02 -53.05 31.56
C GLN AA 370 -50.97 -51.60 31.07
N ALA AA 371 -50.41 -51.40 29.88
CA ALA AA 371 -50.15 -50.06 29.34
C ALA AA 371 -51.25 -49.54 28.43
N HIS AA 372 -52.36 -50.28 28.26
CA HIS AA 372 -53.44 -49.78 27.43
C HIS AA 372 -54.06 -48.52 28.01
N ASP AA 373 -54.14 -48.43 29.34
CA ASP AA 373 -54.67 -47.24 30.00
C ASP AA 373 -53.88 -46.00 29.61
N ILE AA 374 -52.58 -45.97 29.94
CA ILE AA 374 -51.74 -44.80 29.80
C ILE AA 374 -51.63 -44.30 28.37
N LEU AA 375 -52.02 -45.09 27.38
CA LEU AA 375 -51.87 -44.69 25.98
C LEU AA 375 -52.90 -43.62 25.62
N THR AA 376 -54.17 -44.00 25.61
CA THR AA 376 -55.27 -43.09 25.28
C THR AA 376 -55.13 -42.49 23.88
N MET BA 1 -69.68 -44.19 -43.80
CA MET BA 1 -69.48 -45.62 -44.04
C MET BA 1 -70.00 -46.45 -42.87
N VAL BA 2 -69.94 -47.77 -43.02
CA VAL BA 2 -70.38 -48.68 -41.98
C VAL BA 2 -69.34 -48.73 -40.87
N LEU BA 3 -69.82 -48.73 -39.62
CA LEU BA 3 -68.94 -48.77 -38.45
C LEU BA 3 -68.92 -50.19 -37.90
N GLU BA 4 -67.72 -50.76 -37.76
CA GLU BA 4 -67.52 -52.11 -37.27
C GLU BA 4 -66.03 -52.37 -37.16
N SER BA 5 -65.68 -53.43 -36.44
CA SER BA 5 -64.29 -53.87 -36.29
C SER BA 5 -64.23 -55.34 -36.70
N THR BA 6 -63.52 -55.61 -37.79
CA THR BA 6 -63.42 -56.95 -38.35
C THR BA 6 -62.15 -57.63 -37.86
N MET BA 7 -62.29 -58.82 -37.30
CA MET BA 7 -61.18 -59.61 -36.79
C MET BA 7 -61.03 -60.84 -37.68
N VAL BA 8 -59.95 -60.89 -38.45
CA VAL BA 8 -59.70 -62.01 -39.36
C VAL BA 8 -58.98 -63.11 -38.60
N CYS BA 9 -59.38 -64.35 -38.86
CA CYS BA 9 -58.79 -65.53 -38.21
C CYS BA 9 -58.19 -66.43 -39.28
N VAL BA 10 -56.86 -66.54 -39.28
CA VAL BA 10 -56.20 -67.47 -40.17
C VAL BA 10 -56.32 -68.89 -39.60
N ASP BA 11 -56.24 -69.88 -40.49
CA ASP BA 11 -56.34 -71.28 -40.10
C ASP BA 11 -54.93 -71.85 -40.05
N ASN BA 12 -54.44 -72.11 -38.84
CA ASN BA 12 -53.11 -72.64 -38.61
C ASN BA 12 -53.10 -74.15 -38.43
N SER BA 13 -54.24 -74.81 -38.59
CA SER BA 13 -54.30 -76.26 -38.42
C SER BA 13 -53.34 -76.96 -39.37
N GLU BA 14 -52.82 -78.11 -38.94
CA GLU BA 14 -51.85 -78.84 -39.73
C GLU BA 14 -52.38 -79.24 -41.10
N TYR BA 15 -53.70 -79.33 -41.26
CA TYR BA 15 -54.30 -79.67 -42.55
C TYR BA 15 -54.26 -78.53 -43.55
N MET BA 16 -53.83 -77.34 -43.13
CA MET BA 16 -53.81 -76.15 -43.98
C MET BA 16 -52.46 -75.92 -44.66
N ARG BA 17 -51.51 -76.83 -44.51
CA ARG BA 17 -50.18 -76.64 -45.07
C ARG BA 17 -50.02 -77.24 -46.46
N ASN BA 18 -51.05 -77.88 -46.99
CA ASN BA 18 -50.98 -78.53 -48.30
C ASN BA 18 -51.15 -77.51 -49.41
N GLY BA 19 -50.63 -77.87 -50.59
CA GLY BA 19 -50.66 -76.98 -51.74
C GLY BA 19 -51.82 -77.19 -52.68
N ASP BA 20 -52.92 -77.77 -52.17
CA ASP BA 20 -54.09 -77.99 -53.02
C ASP BA 20 -54.63 -76.68 -53.58
N PHE BA 21 -54.63 -75.63 -52.78
CA PHE BA 21 -54.94 -74.29 -53.26
C PHE BA 21 -53.66 -73.67 -53.79
N LEU BA 22 -53.64 -73.36 -55.09
CA LEU BA 22 -52.42 -72.96 -55.77
C LEU BA 22 -51.92 -71.58 -55.33
N PRO BA 23 -50.59 -71.44 -55.17
CA PRO BA 23 -49.62 -72.54 -55.15
C PRO BA 23 -49.65 -73.34 -53.84
N THR BA 24 -50.00 -72.67 -52.75
CA THR BA 24 -50.05 -73.27 -51.43
C THR BA 24 -51.08 -72.52 -50.60
N ARG BA 25 -51.74 -73.24 -49.68
CA ARG BA 25 -52.74 -72.60 -48.82
C ARG BA 25 -52.13 -71.49 -47.97
N LEU BA 26 -50.83 -71.56 -47.67
CA LEU BA 26 -50.18 -70.47 -46.96
C LEU BA 26 -50.29 -69.17 -47.74
N GLN BA 27 -49.89 -69.19 -49.01
CA GLN BA 27 -50.06 -68.01 -49.87
C GLN BA 27 -51.52 -67.81 -50.28
N ALA BA 28 -52.31 -68.88 -50.31
CA ALA BA 28 -53.72 -68.74 -50.67
C ALA BA 28 -54.49 -67.98 -49.59
N GLN BA 29 -54.35 -68.40 -48.33
CA GLN BA 29 -54.97 -67.64 -47.25
C GLN BA 29 -54.27 -66.32 -47.00
N GLN BA 30 -53.01 -66.19 -47.43
CA GLN BA 30 -52.34 -64.89 -47.40
C GLN BA 30 -53.04 -63.91 -48.34
N ASP BA 31 -53.33 -64.36 -49.57
CA ASP BA 31 -54.13 -63.56 -50.48
C ASP BA 31 -55.55 -63.34 -49.94
N ALA BA 32 -56.06 -64.32 -49.18
CA ALA BA 32 -57.35 -64.13 -48.52
C ALA BA 32 -57.27 -63.03 -47.46
N VAL BA 33 -56.17 -62.97 -46.71
CA VAL BA 33 -55.95 -61.85 -45.81
C VAL BA 33 -55.71 -60.58 -46.60
N ASN BA 34 -55.06 -60.69 -47.77
CA ASN BA 34 -54.86 -59.51 -48.62
C ASN BA 34 -56.19 -58.93 -49.09
N ILE BA 35 -57.12 -59.78 -49.49
CA ILE BA 35 -58.37 -59.25 -50.05
C ILE BA 35 -59.32 -58.78 -48.96
N VAL BA 36 -59.26 -59.37 -47.75
CA VAL BA 36 -60.14 -58.90 -46.69
C VAL BA 36 -59.59 -57.61 -46.07
N CYS BA 37 -58.26 -57.45 -46.01
CA CYS BA 37 -57.69 -56.24 -45.44
C CYS BA 37 -57.81 -55.07 -46.40
N HIS BA 38 -57.69 -55.34 -47.70
CA HIS BA 38 -57.82 -54.26 -48.69
C HIS BA 38 -59.28 -53.89 -48.91
N SER BA 39 -60.20 -54.84 -48.81
CA SER BA 39 -61.61 -54.51 -48.95
C SER BA 39 -62.10 -53.69 -47.76
N LYS BA 40 -61.76 -54.11 -46.54
CA LYS BA 40 -62.10 -53.32 -45.36
C LYS BA 40 -61.39 -51.97 -45.38
N THR BA 41 -60.23 -51.89 -46.04
CA THR BA 41 -59.59 -50.60 -46.24
C THR BA 41 -60.38 -49.74 -47.20
N ARG BA 42 -60.85 -50.33 -48.31
CA ARG BA 42 -61.72 -49.62 -49.24
C ARG BA 42 -63.13 -49.42 -48.68
N SER BA 43 -63.49 -50.13 -47.61
CA SER BA 43 -64.82 -49.97 -47.03
C SER BA 43 -64.86 -48.76 -46.10
N ASN BA 44 -64.18 -48.83 -44.96
CA ASN BA 44 -64.14 -47.75 -44.00
C ASN BA 44 -62.70 -47.59 -43.50
N PRO BA 45 -62.22 -46.35 -43.36
CA PRO BA 45 -60.88 -46.15 -42.79
C PRO BA 45 -60.79 -46.45 -41.30
N GLU BA 46 -61.92 -46.45 -40.58
CA GLU BA 46 -61.90 -46.65 -39.14
C GLU BA 46 -61.91 -48.12 -38.74
N ASN BA 47 -61.89 -49.04 -39.70
CA ASN BA 47 -61.90 -50.47 -39.39
C ASN BA 47 -60.49 -50.92 -39.05
N ASN BA 48 -60.34 -51.54 -37.87
CA ASN BA 48 -59.07 -52.08 -37.42
C ASN BA 48 -59.15 -53.60 -37.40
N VAL BA 49 -58.13 -54.26 -37.95
CA VAL BA 49 -58.16 -55.69 -38.19
C VAL BA 49 -56.90 -56.33 -37.62
N GLY BA 50 -57.07 -57.25 -36.68
CA GLY BA 50 -56.01 -58.10 -36.20
C GLY BA 50 -56.18 -59.54 -36.67
N LEU BA 51 -55.18 -60.37 -36.31
CA LEU BA 51 -55.18 -61.77 -36.66
C LEU BA 51 -55.13 -62.63 -35.39
N ILE BA 52 -55.62 -63.86 -35.52
CA ILE BA 52 -55.65 -64.80 -34.40
C ILE BA 52 -55.40 -66.22 -34.93
N THR BA 53 -54.54 -66.95 -34.22
CA THR BA 53 -54.25 -68.34 -34.54
C THR BA 53 -55.23 -69.25 -33.80
N LEU BA 54 -56.04 -70.01 -34.56
CA LEU BA 54 -57.09 -70.82 -33.96
C LEU BA 54 -56.55 -72.13 -33.39
N ALA BA 55 -55.66 -72.80 -34.11
CA ALA BA 55 -55.19 -74.11 -33.70
C ALA BA 55 -54.14 -74.00 -32.61
N ASN BA 56 -54.05 -75.06 -31.81
CA ASN BA 56 -53.07 -75.18 -30.70
C ASN BA 56 -53.36 -74.06 -29.72
N ASP BA 57 -52.40 -73.21 -29.37
CA ASP BA 57 -52.61 -72.11 -28.45
C ASP BA 57 -53.05 -70.88 -29.23
N CYS BA 58 -54.05 -70.18 -28.72
CA CYS BA 58 -54.61 -69.00 -29.40
C CYS BA 58 -53.93 -67.75 -28.85
N GLU BA 59 -53.17 -67.06 -29.70
CA GLU BA 59 -52.49 -65.83 -29.32
C GLU BA 59 -52.54 -64.86 -30.48
N VAL BA 60 -52.92 -63.62 -30.20
CA VAL BA 60 -52.94 -62.56 -31.20
C VAL BA 60 -51.61 -61.82 -31.13
N LEU BA 61 -50.80 -61.97 -32.17
CA LEU BA 61 -49.49 -61.33 -32.19
C LEU BA 61 -49.58 -59.86 -32.60
N THR BA 62 -50.62 -59.47 -33.34
CA THR BA 62 -50.80 -58.12 -33.82
C THR BA 62 -52.02 -57.50 -33.14
N THR BA 63 -51.77 -56.53 -32.26
CA THR BA 63 -52.87 -55.82 -31.62
C THR BA 63 -53.76 -55.17 -32.66
N LEU BA 64 -55.05 -55.08 -32.36
CA LEU BA 64 -56.02 -54.58 -33.32
C LEU BA 64 -55.63 -53.18 -33.79
N THR BA 65 -55.42 -53.05 -35.10
CA THR BA 65 -54.95 -51.82 -35.70
C THR BA 65 -55.51 -51.71 -37.11
N PRO BA 66 -55.76 -50.49 -37.60
CA PRO BA 66 -56.22 -50.35 -38.99
C PRO BA 66 -55.15 -50.72 -40.01
N ASP BA 67 -53.88 -50.63 -39.65
CA ASP BA 67 -52.80 -50.97 -40.57
C ASP BA 67 -52.59 -52.48 -40.60
N THR BA 68 -52.61 -53.05 -41.79
CA THR BA 68 -52.44 -54.49 -41.97
C THR BA 68 -50.98 -54.87 -42.24
N GLY BA 69 -50.05 -53.91 -42.17
CA GLY BA 69 -48.67 -54.21 -42.48
C GLY BA 69 -48.07 -55.27 -41.58
N ARG BA 70 -48.26 -55.12 -40.26
CA ARG BA 70 -47.74 -56.13 -39.34
C ARG BA 70 -48.49 -57.45 -39.50
N ILE BA 71 -49.75 -57.41 -39.93
CA ILE BA 71 -50.48 -58.63 -40.20
C ILE BA 71 -49.86 -59.36 -41.39
N LEU BA 72 -49.50 -58.61 -42.44
CA LEU BA 72 -48.86 -59.23 -43.60
C LEU BA 72 -47.50 -59.81 -43.24
N SER BA 73 -46.82 -59.25 -42.24
CA SER BA 73 -45.54 -59.79 -41.82
C SER BA 73 -45.72 -61.10 -41.07
N LYS BA 74 -46.80 -61.22 -40.29
CA LYS BA 74 -47.07 -62.46 -39.57
C LYS BA 74 -47.61 -63.56 -40.48
N LEU BA 75 -48.10 -63.20 -41.66
CA LEU BA 75 -48.54 -64.22 -42.61
C LEU BA 75 -47.38 -65.09 -43.08
N HIS BA 76 -46.19 -64.51 -43.22
CA HIS BA 76 -45.00 -65.28 -43.51
C HIS BA 76 -44.51 -65.98 -42.24
N THR BA 77 -43.78 -67.09 -42.45
CA THR BA 77 -43.16 -67.90 -41.41
C THR BA 77 -44.08 -68.12 -40.21
N VAL BA 78 -45.36 -68.33 -40.47
CA VAL BA 78 -46.33 -68.51 -39.39
C VAL BA 78 -46.22 -69.88 -38.72
N GLN BA 79 -45.65 -70.87 -39.43
CA GLN BA 79 -45.50 -72.24 -38.93
C GLN BA 79 -46.86 -72.80 -38.53
N PRO BA 80 -47.78 -73.07 -39.52
CA PRO BA 80 -49.15 -73.49 -39.18
C PRO BA 80 -49.27 -75.01 -38.97
N LYS BA 81 -48.64 -75.51 -37.92
CA LYS BA 81 -48.72 -76.91 -37.55
C LYS BA 81 -49.46 -77.04 -36.23
N GLY BA 82 -50.50 -77.87 -36.21
CA GLY BA 82 -51.27 -78.09 -35.00
C GLY BA 82 -52.65 -78.61 -35.32
N LYS BA 83 -53.36 -78.97 -34.25
CA LYS BA 83 -54.72 -79.49 -34.37
C LYS BA 83 -55.73 -78.36 -34.24
N ILE BA 84 -56.72 -78.36 -35.15
CA ILE BA 84 -57.70 -77.29 -35.18
C ILE BA 84 -58.50 -77.26 -33.89
N THR BA 85 -58.70 -76.06 -33.34
CA THR BA 85 -59.53 -75.86 -32.16
C THR BA 85 -60.53 -74.76 -32.48
N PHE BA 86 -61.82 -75.10 -32.38
CA PHE BA 86 -62.90 -74.22 -32.84
C PHE BA 86 -63.49 -73.39 -31.71
N CYS BA 87 -64.05 -74.04 -30.69
CA CYS BA 87 -64.82 -73.34 -29.65
C CYS BA 87 -64.07 -72.15 -29.09
N THR BA 88 -62.76 -72.28 -28.88
CA THR BA 88 -61.98 -71.17 -28.36
C THR BA 88 -61.63 -70.13 -29.43
N GLY BA 89 -61.65 -70.52 -30.70
CA GLY BA 89 -61.22 -69.61 -31.76
C GLY BA 89 -62.12 -68.42 -31.94
N ILE BA 90 -63.42 -68.58 -31.69
CA ILE BA 90 -64.34 -67.45 -31.80
C ILE BA 90 -64.28 -66.58 -30.55
N ARG BA 91 -64.18 -67.21 -29.37
CA ARG BA 91 -64.21 -66.45 -28.13
C ARG BA 91 -62.91 -65.66 -27.92
N VAL BA 92 -61.78 -66.16 -28.45
CA VAL BA 92 -60.54 -65.43 -28.31
C VAL BA 92 -60.57 -64.13 -29.11
N ALA BA 93 -61.24 -64.14 -30.27
CA ALA BA 93 -61.44 -62.91 -31.02
C ALA BA 93 -62.51 -62.05 -30.40
N HIS BA 94 -63.45 -62.66 -29.65
CA HIS BA 94 -64.45 -61.88 -28.95
C HIS BA 94 -63.83 -61.06 -27.82
N LEU BA 95 -62.84 -61.63 -27.12
CA LEU BA 95 -62.15 -60.87 -26.10
C LEU BA 95 -61.30 -59.76 -26.71
N ALA BA 96 -60.72 -60.00 -27.90
CA ALA BA 96 -60.00 -58.94 -28.59
C ALA BA 96 -60.95 -57.84 -29.07
N LEU BA 97 -62.22 -58.18 -29.28
CA LEU BA 97 -63.21 -57.19 -29.66
C LEU BA 97 -63.75 -56.41 -28.47
N LYS BA 98 -63.60 -56.92 -27.26
CA LYS BA 98 -64.00 -56.18 -26.06
C LYS BA 98 -62.91 -55.21 -25.59
N HIS BA 99 -61.73 -55.24 -26.20
CA HIS BA 99 -60.65 -54.31 -25.87
C HIS BA 99 -60.68 -53.06 -26.74
N ARG BA 100 -61.67 -52.92 -27.63
CA ARG BA 100 -61.75 -51.76 -28.49
C ARG BA 100 -62.02 -50.50 -27.67
N GLN BA 101 -61.28 -49.43 -27.97
CA GLN BA 101 -61.49 -48.16 -27.28
C GLN BA 101 -62.86 -47.58 -27.62
N GLY BA 102 -63.14 -47.39 -28.91
CA GLY BA 102 -64.44 -46.91 -29.32
C GLY BA 102 -65.48 -48.01 -29.20
N LYS BA 103 -66.64 -47.67 -28.64
CA LYS BA 103 -67.74 -48.61 -28.51
C LYS BA 103 -68.77 -48.48 -29.63
N ASN BA 104 -68.54 -47.57 -30.58
CA ASN BA 104 -69.47 -47.40 -31.70
C ASN BA 104 -69.25 -48.41 -32.81
N HIS BA 105 -68.15 -49.17 -32.78
CA HIS BA 105 -67.86 -50.17 -33.79
C HIS BA 105 -68.56 -51.48 -33.46
N LYS BA 106 -69.28 -52.03 -34.43
CA LYS BA 106 -69.93 -53.31 -34.23
C LYS BA 106 -68.91 -54.44 -34.22
N MET BA 107 -69.20 -55.48 -33.45
CA MET BA 107 -68.31 -56.63 -33.32
C MET BA 107 -68.50 -57.55 -34.52
N ARG BA 108 -67.42 -57.77 -35.27
CA ARG BA 108 -67.45 -58.60 -36.47
C ARG BA 108 -66.22 -59.49 -36.50
N ILE BA 109 -66.42 -60.76 -36.85
CA ILE BA 109 -65.35 -61.75 -36.91
C ILE BA 109 -65.46 -62.51 -38.23
N ILE BA 110 -64.34 -62.69 -38.90
CA ILE BA 110 -64.25 -63.55 -40.08
C ILE BA 110 -63.19 -64.60 -39.82
N ALA BA 111 -63.54 -65.86 -40.04
CA ALA BA 111 -62.65 -66.98 -39.75
C ALA BA 111 -62.65 -67.96 -40.91
N PHE BA 112 -61.57 -68.73 -41.00
CA PHE BA 112 -61.40 -69.75 -42.02
C PHE BA 112 -61.27 -71.10 -41.33
N VAL BA 113 -62.14 -72.04 -41.68
CA VAL BA 113 -62.08 -73.40 -41.16
C VAL BA 113 -61.73 -74.32 -42.32
N GLY BA 114 -60.49 -74.83 -42.31
CA GLY BA 114 -60.02 -75.75 -43.32
C GLY BA 114 -59.81 -77.18 -42.87
N SER BA 115 -60.30 -77.56 -41.69
CA SER BA 115 -59.98 -78.85 -41.10
C SER BA 115 -61.20 -79.42 -40.40
N PRO BA 116 -61.36 -80.74 -40.42
CA PRO BA 116 -62.44 -81.36 -39.62
C PRO BA 116 -62.20 -81.14 -38.13
N VAL BA 117 -63.25 -80.72 -37.44
CA VAL BA 117 -63.15 -80.36 -36.03
C VAL BA 117 -63.90 -81.40 -35.21
N GLU BA 118 -63.41 -81.61 -33.98
CA GLU BA 118 -64.04 -82.51 -33.02
C GLU BA 118 -65.06 -81.80 -32.14
N ASP BA 119 -65.33 -80.51 -32.40
CA ASP BA 119 -66.27 -79.75 -31.60
C ASP BA 119 -67.66 -80.36 -31.67
N ASN BA 120 -68.23 -80.64 -30.51
CA ASN BA 120 -69.56 -81.24 -30.45
C ASN BA 120 -70.63 -80.21 -30.80
N GLU BA 121 -71.80 -80.72 -31.20
CA GLU BA 121 -72.91 -79.84 -31.55
C GLU BA 121 -73.41 -79.06 -30.34
N LYS BA 122 -73.22 -79.59 -29.13
CA LYS BA 122 -73.65 -78.87 -27.94
C LYS BA 122 -72.77 -77.65 -27.68
N ASP BA 123 -71.50 -77.72 -28.08
CA ASP BA 123 -70.59 -76.60 -27.86
C ASP BA 123 -70.88 -75.46 -28.83
N LEU BA 124 -71.16 -75.78 -30.10
CA LEU BA 124 -71.45 -74.74 -31.07
C LEU BA 124 -72.82 -74.11 -30.87
N VAL BA 125 -73.77 -74.85 -30.31
CA VAL BA 125 -75.07 -74.26 -30.02
C VAL BA 125 -75.01 -73.42 -28.75
N LYS BA 126 -74.10 -73.75 -27.83
CA LYS BA 126 -73.89 -72.88 -26.68
C LYS BA 126 -73.20 -71.58 -27.08
N LEU BA 127 -72.27 -71.66 -28.04
CA LEU BA 127 -71.68 -70.44 -28.58
C LEU BA 127 -72.67 -69.69 -29.45
N ALA BA 128 -73.61 -70.40 -30.08
CA ALA BA 128 -74.62 -69.75 -30.90
C ALA BA 128 -75.54 -68.88 -30.05
N LYS BA 129 -76.06 -69.45 -28.95
CA LYS BA 129 -76.91 -68.67 -28.05
C LYS BA 129 -76.10 -67.63 -27.29
N ARG BA 130 -74.81 -67.88 -27.08
CA ARG BA 130 -73.96 -66.87 -26.44
C ARG BA 130 -73.74 -65.68 -27.36
N LEU BA 131 -73.52 -65.95 -28.66
CA LEU BA 131 -73.40 -64.85 -29.62
C LEU BA 131 -74.75 -64.17 -29.85
N LYS BA 132 -75.85 -64.89 -29.64
CA LYS BA 132 -77.16 -64.25 -29.69
C LYS BA 132 -77.30 -63.21 -28.58
N LYS BA 133 -76.79 -63.53 -27.39
CA LYS BA 133 -76.84 -62.57 -26.29
C LYS BA 133 -75.82 -61.45 -26.47
N GLU BA 134 -74.71 -61.74 -27.14
CA GLU BA 134 -73.63 -60.77 -27.33
C GLU BA 134 -73.74 -60.03 -28.67
N LYS BA 135 -74.70 -60.37 -29.51
CA LYS BA 135 -75.02 -59.68 -30.76
C LYS BA 135 -73.92 -59.83 -31.83
N VAL BA 136 -72.81 -60.49 -31.51
CA VAL BA 136 -71.69 -60.57 -32.44
C VAL BA 136 -72.11 -61.31 -33.70
N ASN BA 137 -71.82 -60.71 -34.85
CA ASN BA 137 -72.07 -61.32 -36.15
C ASN BA 137 -70.75 -61.84 -36.72
N VAL BA 138 -70.70 -63.12 -37.04
CA VAL BA 138 -69.50 -63.79 -37.52
C VAL BA 138 -69.75 -64.33 -38.92
N ASP BA 139 -68.90 -63.95 -39.87
CA ASP BA 139 -68.98 -64.42 -41.25
C ASP BA 139 -67.81 -65.36 -41.49
N ILE BA 140 -68.12 -66.66 -41.66
CA ILE BA 140 -67.10 -67.70 -41.79
C ILE BA 140 -67.02 -68.11 -43.24
N ILE BA 141 -65.80 -68.40 -43.71
CA ILE BA 141 -65.55 -68.90 -45.06
C ILE BA 141 -64.77 -70.20 -44.91
N ASN BA 142 -65.38 -71.31 -45.33
CA ASN BA 142 -64.79 -72.63 -45.14
C ASN BA 142 -63.85 -72.95 -46.30
N PHE BA 143 -62.58 -73.15 -45.98
CA PHE BA 143 -61.56 -73.60 -46.91
C PHE BA 143 -61.23 -75.07 -46.64
N GLY BA 144 -60.24 -75.58 -47.38
CA GLY BA 144 -59.67 -76.88 -47.11
C GLY BA 144 -60.63 -78.05 -47.24
N GLU BA 145 -60.15 -79.20 -46.78
CA GLU BA 145 -60.95 -80.42 -46.76
C GLU BA 145 -61.63 -80.60 -45.42
N GLU BA 146 -62.89 -81.00 -45.46
CA GLU BA 146 -63.70 -81.20 -44.27
C GLU BA 146 -64.83 -82.16 -44.64
N GLU BA 147 -65.79 -82.31 -43.73
CA GLU BA 147 -67.00 -83.07 -44.05
C GLU BA 147 -67.67 -82.50 -45.29
N VAL BA 148 -68.00 -83.38 -46.23
CA VAL BA 148 -68.58 -82.94 -47.50
C VAL BA 148 -69.90 -82.22 -47.22
N ASN BA 149 -70.01 -81.00 -47.74
CA ASN BA 149 -71.16 -80.13 -47.49
C ASN BA 149 -71.38 -79.97 -45.97
N THR BA 150 -70.46 -79.20 -45.37
CA THR BA 150 -70.39 -79.06 -43.92
C THR BA 150 -71.76 -78.71 -43.33
N GLU BA 151 -72.15 -79.49 -42.31
CA GLU BA 151 -73.47 -79.36 -41.69
C GLU BA 151 -73.38 -78.62 -40.36
N LYS BA 152 -72.64 -79.18 -39.39
CA LYS BA 152 -72.51 -78.55 -38.08
C LYS BA 152 -72.04 -77.12 -38.18
N LEU BA 153 -71.23 -76.80 -39.20
CA LEU BA 153 -70.83 -75.41 -39.42
C LEU BA 153 -71.95 -74.61 -40.08
N THR BA 154 -72.69 -75.24 -41.01
CA THR BA 154 -73.83 -74.56 -41.61
C THR BA 154 -74.93 -74.35 -40.59
N ALA BA 155 -75.20 -75.37 -39.77
CA ALA BA 155 -76.16 -75.20 -38.68
C ALA BA 155 -75.64 -74.24 -37.62
N PHE BA 156 -74.32 -74.12 -37.49
CA PHE BA 156 -73.76 -73.13 -36.58
C PHE BA 156 -74.06 -71.71 -37.06
N VAL BA 157 -73.90 -71.46 -38.36
CA VAL BA 157 -74.17 -70.14 -38.91
C VAL BA 157 -75.66 -69.86 -38.90
N ASN BA 158 -76.48 -70.85 -39.27
CA ASN BA 158 -77.93 -70.70 -39.22
C ASN BA 158 -78.40 -70.32 -37.82
N THR BA 159 -78.15 -71.21 -36.85
CA THR BA 159 -78.57 -70.96 -35.47
C THR BA 159 -77.79 -69.83 -34.80
N LEU BA 160 -76.76 -69.30 -35.44
CA LEU BA 160 -75.99 -68.21 -34.83
C LEU BA 160 -76.84 -66.96 -34.67
N ASN BA 161 -77.55 -66.57 -35.74
CA ASN BA 161 -78.34 -65.34 -35.72
C ASN BA 161 -79.68 -65.60 -36.40
N GLY BA 162 -80.61 -64.68 -36.17
CA GLY BA 162 -81.91 -64.77 -36.80
C GLY BA 162 -82.68 -63.48 -36.61
N LYS BA 163 -83.62 -63.26 -37.52
CA LYS BA 163 -84.49 -62.07 -37.50
C LYS BA 163 -83.73 -60.75 -37.39
N ASP BA 164 -83.03 -60.32 -38.43
CA ASP BA 164 -82.85 -61.09 -39.68
C ASP BA 164 -81.75 -62.17 -39.64
N GLY BA 165 -80.55 -61.90 -39.10
CA GLY BA 165 -80.12 -60.61 -38.57
C GLY BA 165 -79.28 -59.79 -39.53
N THR BA 166 -79.20 -60.27 -40.78
CA THR BA 166 -78.45 -59.63 -41.88
C THR BA 166 -77.10 -59.03 -41.45
N GLY BA 167 -76.14 -59.87 -41.09
CA GLY BA 167 -76.31 -61.32 -41.14
C GLY BA 167 -75.00 -62.09 -41.16
N SER BA 168 -75.12 -63.42 -41.09
CA SER BA 168 -73.97 -64.31 -41.10
C SER BA 168 -74.08 -65.22 -42.31
N HIS BA 169 -73.06 -65.19 -43.18
CA HIS BA 169 -73.03 -65.99 -44.39
C HIS BA 169 -71.84 -66.93 -44.36
N LEU BA 170 -72.06 -68.16 -44.82
CA LEU BA 170 -71.03 -69.19 -44.83
C LEU BA 170 -70.72 -69.55 -46.27
N VAL BA 171 -69.45 -69.49 -46.65
CA VAL BA 171 -69.00 -69.82 -47.99
C VAL BA 171 -68.12 -71.06 -47.89
N THR BA 172 -68.60 -72.17 -48.44
CA THR BA 172 -67.88 -73.44 -48.42
C THR BA 172 -67.15 -73.64 -49.74
N VAL BA 173 -65.97 -74.23 -49.66
CA VAL BA 173 -65.16 -74.49 -50.87
C VAL BA 173 -65.90 -75.49 -51.75
N PRO BA 174 -66.04 -75.23 -53.06
CA PRO BA 174 -66.75 -76.17 -53.91
C PRO BA 174 -65.91 -77.41 -54.15
N PRO BA 175 -66.54 -78.57 -54.38
CA PRO BA 175 -65.76 -79.80 -54.62
C PRO BA 175 -65.14 -79.83 -56.01
N GLY BA 176 -64.16 -78.98 -56.25
CA GLY BA 176 -63.48 -78.94 -57.52
C GLY BA 176 -62.25 -78.06 -57.47
N PRO BA 177 -61.30 -78.29 -58.38
CA PRO BA 177 -60.08 -77.47 -58.39
C PRO BA 177 -60.40 -76.03 -58.79
N SER BA 178 -59.89 -75.10 -58.00
CA SER BA 178 -60.11 -73.68 -58.26
C SER BA 178 -59.03 -72.88 -57.55
N LEU BA 179 -58.84 -71.65 -58.01
CA LEU BA 179 -57.91 -70.73 -57.37
C LEU BA 179 -58.55 -70.12 -56.12
N ALA BA 180 -57.70 -69.69 -55.19
CA ALA BA 180 -58.21 -69.06 -53.97
C ALA BA 180 -58.92 -67.75 -54.27
N ASP BA 181 -58.48 -67.06 -55.34
CA ASP BA 181 -59.13 -65.80 -55.71
C ASP BA 181 -60.55 -66.03 -56.17
N ALA BA 182 -60.81 -67.16 -56.84
CA ALA BA 182 -62.17 -67.47 -57.26
C ALA BA 182 -63.06 -67.84 -56.08
N LEU BA 183 -62.47 -68.38 -55.01
CA LEU BA 183 -63.25 -68.70 -53.82
C LEU BA 183 -63.66 -67.44 -53.07
N ILE BA 184 -62.75 -66.44 -53.00
CA ILE BA 184 -63.05 -65.19 -52.32
C ILE BA 184 -63.70 -64.16 -53.24
N SER BA 185 -63.94 -64.51 -54.52
CA SER BA 185 -64.56 -63.56 -55.43
C SER BA 185 -66.02 -63.36 -55.09
N SER BA 186 -66.71 -64.41 -54.64
CA SER BA 186 -68.11 -64.26 -54.25
C SER BA 186 -68.30 -63.41 -52.99
N PRO BA 187 -67.58 -63.66 -51.88
CA PRO BA 187 -67.86 -62.86 -50.67
C PRO BA 187 -67.53 -61.38 -50.81
N ILE BA 188 -66.53 -61.02 -51.61
CA ILE BA 188 -66.14 -59.62 -51.70
C ILE BA 188 -67.22 -58.79 -52.40
N LEU BA 189 -67.91 -59.39 -53.37
CA LEU BA 189 -69.00 -58.67 -54.04
C LEU BA 189 -70.26 -58.63 -53.18
N ALA BA 190 -70.64 -59.78 -52.62
CA ALA BA 190 -71.82 -59.87 -51.76
C ALA BA 190 -71.52 -60.83 -50.61
N GLY BA 191 -71.84 -60.42 -49.39
CA GLY BA 191 -71.60 -61.25 -48.23
C GLY BA 191 -72.49 -62.48 -48.17
N ALA CA 23 -67.00 -12.72 -14.94
CA ALA CA 23 -68.02 -11.83 -14.41
C ALA CA 23 -68.20 -12.04 -12.91
N VAL CA 24 -69.03 -13.02 -12.55
CA VAL CA 24 -69.28 -13.33 -11.14
C VAL CA 24 -68.08 -14.07 -10.57
N ASP CA 25 -67.63 -13.63 -9.39
CA ASP CA 25 -66.48 -14.22 -8.71
C ASP CA 25 -66.87 -14.64 -7.31
N THR CA 26 -66.47 -15.86 -6.94
CA THR CA 26 -66.75 -16.40 -5.62
C THR CA 26 -65.52 -17.16 -5.13
N ALA CA 27 -65.48 -17.41 -3.82
CA ALA CA 27 -64.36 -18.13 -3.22
C ALA CA 27 -64.18 -19.49 -3.89
N GLU CA 28 -62.94 -19.79 -4.28
CA GLU CA 28 -62.62 -20.98 -5.04
C GLU CA 28 -61.94 -22.03 -4.17
N GLN CA 29 -62.20 -23.29 -4.49
CA GLN CA 29 -61.61 -24.42 -3.80
C GLN CA 29 -61.20 -25.48 -4.82
N VAL CA 30 -59.98 -25.98 -4.71
CA VAL CA 30 -59.45 -26.97 -5.63
C VAL CA 30 -59.51 -28.34 -4.97
N TYR CA 31 -60.39 -29.20 -5.46
CA TYR CA 31 -60.43 -30.59 -5.00
C TYR CA 31 -59.37 -31.37 -5.74
N ILE CA 32 -58.42 -31.94 -5.01
CA ILE CA 32 -57.29 -32.63 -5.61
C ILE CA 32 -57.39 -34.11 -5.29
N SER CA 33 -56.87 -34.92 -6.21
CA SER CA 33 -56.74 -36.35 -6.01
C SER CA 33 -55.29 -36.67 -5.65
N SER CA 34 -55.11 -37.68 -4.79
CA SER CA 34 -53.77 -38.05 -4.38
C SER CA 34 -52.91 -38.44 -5.57
N LEU CA 35 -53.51 -39.03 -6.61
CA LEU CA 35 -52.75 -39.36 -7.80
C LEU CA 35 -52.23 -38.10 -8.49
N ALA CA 36 -52.99 -37.01 -8.42
CA ALA CA 36 -52.54 -35.75 -9.00
C ALA CA 36 -51.31 -35.23 -8.27
N LEU CA 37 -51.37 -35.17 -6.94
CA LEU CA 37 -50.23 -34.70 -6.16
C LEU CA 37 -49.02 -35.60 -6.34
N LEU CA 38 -49.23 -36.91 -6.49
CA LEU CA 38 -48.11 -37.83 -6.71
C LEU CA 38 -47.40 -37.50 -8.02
N LYS CA 39 -48.16 -37.36 -9.11
CA LYS CA 39 -47.54 -36.99 -10.38
C LYS CA 39 -46.92 -35.61 -10.33
N MET CA 40 -47.47 -34.71 -9.52
CA MET CA 40 -46.90 -33.38 -9.32
C MET CA 40 -45.47 -33.47 -8.82
N LEU CA 41 -45.29 -34.02 -7.61
CA LEU CA 41 -43.96 -34.05 -7.01
C LEU CA 41 -43.03 -35.05 -7.70
N LYS CA 42 -43.58 -36.08 -8.35
CA LYS CA 42 -42.75 -37.02 -9.08
C LYS CA 42 -42.16 -36.38 -10.34
N HIS CA 43 -43.00 -35.67 -11.10
CA HIS CA 43 -42.51 -34.94 -12.27
C HIS CA 43 -41.60 -33.79 -11.87
N GLY CA 44 -41.75 -33.25 -10.66
CA GLY CA 44 -40.87 -32.19 -10.22
C GLY CA 44 -39.56 -32.68 -9.63
N ARG CA 45 -39.56 -33.89 -9.06
CA ARG CA 45 -38.33 -34.42 -8.48
C ARG CA 45 -37.37 -34.96 -9.53
N ALA CA 46 -37.89 -35.50 -10.64
CA ALA CA 46 -37.04 -36.04 -11.68
C ALA CA 46 -36.31 -34.98 -12.48
N GLY CA 47 -36.71 -33.71 -12.37
CA GLY CA 47 -36.08 -32.66 -13.14
C GLY CA 47 -35.10 -31.80 -12.37
N VAL CA 48 -35.05 -31.98 -11.05
CA VAL CA 48 -34.19 -31.20 -10.17
C VAL CA 48 -32.74 -31.22 -10.66
N PRO CA 49 -32.07 -30.05 -10.70
CA PRO CA 49 -32.55 -28.69 -10.41
C PRO CA 49 -33.47 -28.10 -11.49
N MET CA 50 -33.35 -28.59 -12.72
CA MET CA 50 -33.99 -27.94 -13.86
C MET CA 50 -35.51 -27.94 -13.71
N GLU CA 51 -36.11 -26.78 -14.02
CA GLU CA 51 -37.55 -26.65 -13.95
C GLU CA 51 -38.21 -27.39 -15.12
N VAL CA 52 -39.25 -28.16 -14.80
CA VAL CA 52 -39.97 -28.93 -15.82
C VAL CA 52 -41.30 -28.26 -16.11
N MET CA 53 -42.06 -28.84 -17.05
CA MET CA 53 -43.37 -28.30 -17.44
C MET CA 53 -44.36 -29.45 -17.54
N GLY CA 54 -45.42 -29.40 -16.74
CA GLY CA 54 -46.52 -30.32 -16.83
C GLY CA 54 -47.79 -29.67 -17.34
N LEU CA 55 -48.90 -30.41 -17.19
CA LEU CA 55 -50.23 -29.90 -17.48
C LEU CA 55 -51.21 -30.49 -16.46
N MET CA 56 -52.18 -29.68 -16.06
CA MET CA 56 -53.20 -30.09 -15.11
C MET CA 56 -54.42 -30.65 -15.85
N LEU CA 57 -55.00 -31.70 -15.29
CA LEU CA 57 -56.14 -32.39 -15.88
C LEU CA 57 -57.26 -32.47 -14.84
N GLY CA 58 -58.49 -32.29 -15.30
CA GLY CA 58 -59.62 -32.28 -14.38
C GLY CA 58 -60.90 -31.86 -15.07
N GLU CA 59 -61.84 -31.36 -14.27
CA GLU CA 59 -63.14 -30.97 -14.77
C GLU CA 59 -63.60 -29.70 -14.05
N PHE CA 60 -64.24 -28.81 -14.79
CA PHE CA 60 -64.79 -27.58 -14.23
C PHE CA 60 -66.26 -27.82 -13.89
N VAL CA 61 -66.57 -27.88 -12.60
CA VAL CA 61 -67.96 -28.05 -12.18
C VAL CA 61 -68.69 -26.71 -12.18
N ASP CA 62 -68.07 -25.66 -11.67
CA ASP CA 62 -68.66 -24.34 -11.56
C ASP CA 62 -67.55 -23.34 -11.26
N ASP CA 63 -67.92 -22.09 -10.97
CA ASP CA 63 -66.93 -21.05 -10.74
C ASP CA 63 -66.31 -21.17 -9.35
N TYR CA 64 -67.12 -21.40 -8.33
CA TYR CA 64 -66.63 -21.36 -6.95
C TYR CA 64 -65.97 -22.66 -6.50
N THR CA 65 -66.08 -23.74 -7.28
CA THR CA 65 -65.39 -24.98 -6.98
C THR CA 65 -64.76 -25.55 -8.23
N VAL CA 66 -63.62 -26.20 -8.07
CA VAL CA 66 -62.87 -26.78 -9.18
C VAL CA 66 -62.15 -28.01 -8.66
N ARG CA 67 -61.90 -28.96 -9.55
CA ARG CA 67 -61.25 -30.21 -9.17
C ARG CA 67 -60.22 -30.60 -10.20
N VAL CA 68 -59.11 -31.16 -9.72
CA VAL CA 68 -58.09 -31.76 -10.57
C VAL CA 68 -58.07 -33.26 -10.24
N ILE CA 69 -58.58 -34.07 -11.17
CA ILE CA 69 -58.67 -35.51 -10.96
C ILE CA 69 -57.48 -36.28 -11.53
N ASP CA 70 -56.63 -35.64 -12.31
CA ASP CA 70 -55.48 -36.31 -12.90
C ASP CA 70 -54.41 -35.28 -13.20
N VAL CA 71 -53.16 -35.74 -13.27
CA VAL CA 71 -52.02 -34.91 -13.63
C VAL CA 71 -51.08 -35.72 -14.52
N PHE CA 72 -50.74 -35.15 -15.67
CA PHE CA 72 -49.77 -35.77 -16.58
C PHE CA 72 -48.65 -34.79 -16.87
N ALA CA 73 -47.52 -35.33 -17.29
CA ALA CA 73 -46.29 -34.56 -17.49
C ALA CA 73 -46.00 -34.40 -18.97
N MET CA 74 -45.56 -33.18 -19.35
CA MET CA 74 -45.11 -32.86 -20.70
C MET CA 74 -43.61 -33.13 -20.85
N PRO CA 75 -43.17 -33.53 -22.04
CA PRO CA 75 -41.75 -33.78 -22.24
C PRO CA 75 -40.93 -32.50 -22.25
N GLN CA 76 -39.68 -32.62 -21.83
CA GLN CA 76 -38.76 -31.49 -21.77
C GLN CA 76 -38.09 -31.29 -23.11
N SER CA 77 -38.05 -30.04 -23.58
CA SER CA 77 -37.50 -29.71 -24.88
C SER CA 77 -36.36 -28.70 -24.76
N GLY CA 78 -35.81 -28.33 -25.92
CA GLY CA 78 -34.68 -27.42 -25.95
C GLY CA 78 -35.05 -25.97 -25.73
N THR CA 79 -36.27 -25.58 -26.12
CA THR CA 79 -36.73 -24.21 -25.89
C THR CA 79 -36.91 -23.92 -24.41
N GLY CA 80 -36.78 -24.93 -23.54
CA GLY CA 80 -36.92 -24.73 -22.11
C GLY CA 80 -38.36 -24.72 -21.68
N VAL CA 81 -38.70 -23.92 -20.68
CA VAL CA 81 -40.09 -23.74 -20.25
C VAL CA 81 -40.64 -22.56 -21.05
N SER CA 82 -41.60 -22.85 -21.93
CA SER CA 82 -42.15 -21.85 -22.83
C SER CA 82 -43.53 -22.29 -23.29
N VAL CA 83 -44.29 -21.34 -23.83
CA VAL CA 83 -45.61 -21.66 -24.36
C VAL CA 83 -45.50 -22.60 -25.56
N GLU CA 84 -44.38 -22.55 -26.28
CA GLU CA 84 -44.15 -23.45 -27.41
C GLU CA 84 -43.72 -24.84 -26.97
N ALA CA 85 -43.33 -25.02 -25.71
CA ALA CA 85 -42.90 -26.34 -25.24
C ALA CA 85 -44.04 -27.35 -25.24
N VAL CA 86 -45.29 -26.91 -25.18
CA VAL CA 86 -46.42 -27.82 -25.25
C VAL CA 86 -46.52 -28.38 -26.66
N ASP CA 87 -46.49 -29.70 -26.78
CA ASP CA 87 -46.49 -30.36 -28.08
C ASP CA 87 -47.93 -30.69 -28.48
N PRO CA 88 -48.44 -30.15 -29.59
CA PRO CA 88 -49.84 -30.43 -29.96
C PRO CA 88 -50.08 -31.89 -30.31
N VAL CA 89 -49.14 -32.53 -31.02
CA VAL CA 89 -49.33 -33.94 -31.35
C VAL CA 89 -49.23 -34.81 -30.12
N PHE CA 90 -48.52 -34.35 -29.09
CA PHE CA 90 -48.52 -35.05 -27.81
C PHE CA 90 -49.89 -34.93 -27.12
N GLN CA 91 -50.53 -33.76 -27.21
CA GLN CA 91 -51.85 -33.59 -26.64
C GLN CA 91 -52.89 -34.42 -27.37
N ALA CA 92 -52.76 -34.54 -28.70
CA ALA CA 92 -53.72 -35.31 -29.48
C ALA CA 92 -53.59 -36.80 -29.18
N LYS CA 93 -52.36 -37.29 -29.05
CA LYS CA 93 -52.16 -38.71 -28.80
C LYS CA 93 -52.40 -39.06 -27.33
N MET CA 94 -52.14 -38.12 -26.42
CA MET CA 94 -52.43 -38.37 -25.01
C MET CA 94 -53.92 -38.46 -24.76
N LEU CA 95 -54.68 -37.47 -25.27
CA LEU CA 95 -56.13 -37.51 -25.12
C LEU CA 95 -56.73 -38.73 -25.82
N ASP CA 96 -56.09 -39.21 -26.89
CA ASP CA 96 -56.50 -40.47 -27.49
C ASP CA 96 -56.18 -41.63 -26.57
N MET CA 97 -55.00 -41.61 -25.94
CA MET CA 97 -54.68 -42.62 -24.93
C MET CA 97 -55.56 -42.48 -23.70
N LEU CA 98 -56.07 -41.28 -23.43
CA LEU CA 98 -57.05 -41.12 -22.36
C LEU CA 98 -58.44 -41.59 -22.79
N LYS CA 99 -58.72 -41.58 -24.09
CA LYS CA 99 -60.00 -42.10 -24.57
C LYS CA 99 -60.09 -43.61 -24.43
N GLN CA 100 -58.99 -44.31 -24.70
CA GLN CA 100 -58.94 -45.75 -24.40
C GLN CA 100 -58.75 -46.03 -22.92
N THR CA 101 -58.29 -45.04 -22.16
CA THR CA 101 -58.31 -45.13 -20.70
C THR CA 101 -59.75 -44.98 -20.20
N GLY CA 102 -59.97 -45.42 -18.96
CA GLY CA 102 -61.33 -45.45 -18.43
C GLY CA 102 -62.06 -44.12 -18.53
N ARG CA 103 -61.43 -43.06 -18.02
CA ARG CA 103 -62.07 -41.73 -17.98
C ARG CA 103 -61.31 -40.75 -18.87
N PRO CA 104 -61.87 -40.33 -20.00
CA PRO CA 104 -61.20 -39.31 -20.83
C PRO CA 104 -61.67 -37.89 -20.54
N GLU CA 105 -61.29 -37.33 -19.39
CA GLU CA 105 -61.73 -35.99 -19.05
C GLU CA 105 -60.96 -34.94 -19.84
N MET CA 106 -61.58 -33.77 -19.99
CA MET CA 106 -61.01 -32.67 -20.76
C MET CA 106 -59.93 -31.96 -19.96
N VAL CA 107 -58.98 -31.36 -20.69
CA VAL CA 107 -57.90 -30.61 -20.04
C VAL CA 107 -58.47 -29.35 -19.39
N VAL CA 108 -57.72 -28.84 -18.41
CA VAL CA 108 -58.15 -27.67 -17.64
C VAL CA 108 -57.08 -26.59 -17.62
N GLY CA 109 -55.90 -26.92 -17.07
CA GLY CA 109 -54.87 -25.92 -16.85
C GLY CA 109 -53.49 -26.53 -16.91
N TRP CA 110 -52.49 -25.70 -16.60
CA TRP CA 110 -51.09 -26.07 -16.73
C TRP CA 110 -50.39 -25.96 -15.38
N TYR CA 111 -49.24 -26.63 -15.28
CA TYR CA 111 -48.40 -26.52 -14.10
C TYR CA 111 -46.95 -26.73 -14.51
N HIS CA 112 -46.04 -26.11 -13.76
CA HIS CA 112 -44.61 -26.27 -13.96
C HIS CA 112 -43.90 -26.26 -12.62
N SER CA 113 -42.96 -27.18 -12.44
CA SER CA 113 -42.22 -27.27 -11.19
C SER CA 113 -41.09 -26.26 -11.16
N HIS CA 114 -40.69 -25.86 -9.95
CA HIS CA 114 -39.57 -24.95 -9.72
C HIS CA 114 -38.72 -25.51 -8.59
N PRO CA 115 -37.88 -26.50 -8.87
CA PRO CA 115 -37.09 -27.11 -7.80
C PRO CA 115 -35.99 -26.22 -7.25
N GLY CA 116 -35.49 -25.27 -8.04
CA GLY CA 116 -34.30 -24.53 -7.67
C GLY CA 116 -34.49 -23.29 -6.84
N PHE CA 117 -35.73 -22.82 -6.65
CA PHE CA 117 -35.98 -21.58 -5.93
C PHE CA 117 -37.38 -21.63 -5.33
N GLY CA 118 -37.87 -20.47 -4.91
CA GLY CA 118 -39.07 -20.37 -4.10
C GLY CA 118 -40.37 -20.45 -4.88
N CYS CA 119 -40.31 -21.03 -6.08
CA CYS CA 119 -41.48 -21.39 -6.89
C CYS CA 119 -42.39 -20.18 -7.13
N TRP CA 120 -41.81 -19.12 -7.68
CA TRP CA 120 -42.54 -17.93 -8.09
C TRP CA 120 -42.64 -17.86 -9.60
N LEU CA 121 -43.75 -17.31 -10.08
CA LEU CA 121 -44.00 -17.23 -11.52
C LEU CA 121 -43.03 -16.25 -12.17
N SER CA 122 -42.44 -16.68 -13.28
CA SER CA 122 -41.48 -15.86 -14.02
C SER CA 122 -42.19 -15.13 -15.16
N GLY CA 123 -41.42 -14.44 -16.01
CA GLY CA 123 -42.00 -13.74 -17.13
C GLY CA 123 -42.55 -14.67 -18.19
N VAL CA 124 -41.93 -15.84 -18.38
CA VAL CA 124 -42.44 -16.80 -19.34
C VAL CA 124 -43.70 -17.47 -18.81
N ASP CA 125 -43.85 -17.54 -17.48
CA ASP CA 125 -45.04 -18.16 -16.89
C ASP CA 125 -46.29 -17.35 -17.19
N ILE CA 126 -46.19 -16.03 -17.17
CA ILE CA 126 -47.34 -15.22 -17.57
C ILE CA 126 -47.43 -15.14 -19.09
N ASN CA 127 -46.30 -15.24 -19.80
CA ASN CA 127 -46.33 -15.22 -21.26
C ASN CA 127 -47.08 -16.42 -21.82
N THR CA 128 -47.10 -17.54 -21.10
CA THR CA 128 -47.97 -18.65 -21.45
C THR CA 128 -49.32 -18.59 -20.74
N GLN CA 129 -49.47 -17.68 -19.77
CA GLN CA 129 -50.74 -17.59 -19.05
C GLN CA 129 -51.81 -16.90 -19.87
N GLN CA 130 -51.46 -15.90 -20.68
CA GLN CA 130 -52.47 -15.28 -21.52
C GLN CA 130 -52.92 -16.22 -22.63
N SER CA 131 -52.10 -17.22 -22.96
CA SER CA 131 -52.53 -18.24 -23.91
C SER CA 131 -53.42 -19.28 -23.26
N PHE CA 132 -53.11 -19.68 -22.03
CA PHE CA 132 -53.95 -20.64 -21.33
C PHE CA 132 -55.26 -20.01 -20.88
N GLU CA 133 -55.27 -18.70 -20.60
CA GLU CA 133 -56.53 -18.04 -20.29
C GLU CA 133 -57.32 -17.71 -21.55
N ALA CA 134 -56.63 -17.56 -22.69
CA ALA CA 134 -57.30 -17.44 -23.98
C ALA CA 134 -58.13 -18.69 -24.27
N LEU CA 135 -57.45 -19.82 -24.44
CA LEU CA 135 -58.10 -21.10 -24.70
C LEU CA 135 -59.07 -21.47 -23.59
N SER CA 136 -58.55 -21.75 -22.40
CA SER CA 136 -59.36 -22.16 -21.27
C SER CA 136 -59.77 -20.97 -20.43
N GLU CA 137 -60.99 -21.02 -19.90
CA GLU CA 137 -61.52 -19.90 -19.13
C GLU CA 137 -60.69 -19.65 -17.87
N ARG CA 138 -60.42 -20.71 -17.11
CA ARG CA 138 -59.69 -20.56 -15.84
C ARG CA 138 -58.20 -20.86 -16.01
N ALA CA 139 -57.86 -22.14 -16.20
CA ALA CA 139 -56.48 -22.59 -16.37
C ALA CA 139 -55.62 -22.13 -15.19
N VAL CA 140 -55.89 -22.75 -14.04
CA VAL CA 140 -55.17 -22.43 -12.81
C VAL CA 140 -53.73 -22.93 -12.92
N ALA CA 141 -52.78 -22.08 -12.55
CA ALA CA 141 -51.36 -22.42 -12.60
C ALA CA 141 -50.90 -22.89 -11.23
N VAL CA 142 -50.24 -24.04 -11.19
CA VAL CA 142 -49.77 -24.65 -9.97
C VAL CA 142 -48.26 -24.88 -10.09
N VAL CA 143 -47.54 -24.63 -9.00
CA VAL CA 143 -46.10 -24.86 -8.93
C VAL CA 143 -45.82 -25.72 -7.70
N VAL CA 144 -44.84 -26.61 -7.80
CA VAL CA 144 -44.49 -27.51 -6.71
C VAL CA 144 -42.98 -27.63 -6.63
N ASP CA 145 -42.46 -27.72 -5.39
CA ASP CA 145 -41.03 -27.89 -5.15
C ASP CA 145 -40.81 -28.91 -4.04
N PRO CA 146 -39.85 -29.82 -4.20
CA PRO CA 146 -39.50 -30.74 -3.11
C PRO CA 146 -38.68 -30.12 -1.98
N ILE CA 147 -38.03 -28.97 -2.22
CA ILE CA 147 -36.93 -28.55 -1.35
C ILE CA 147 -37.43 -28.04 0.00
N GLN CA 148 -38.56 -27.32 -0.01
CA GLN CA 148 -38.96 -26.54 1.17
C GLN CA 148 -39.06 -27.40 2.43
N SER CA 149 -39.86 -28.46 2.38
CA SER CA 149 -40.00 -29.35 3.53
C SER CA 149 -39.87 -30.80 3.07
N VAL CA 150 -39.16 -31.60 3.85
CA VAL CA 150 -38.99 -33.01 3.50
C VAL CA 150 -40.21 -33.84 3.91
N LYS CA 151 -40.95 -33.41 4.94
CA LYS CA 151 -42.07 -34.22 5.40
C LYS CA 151 -43.38 -33.45 5.61
N GLY CA 152 -43.41 -32.56 6.59
CA GLY CA 152 -44.66 -32.12 7.18
C GLY CA 152 -45.36 -30.90 6.64
N LYS CA 153 -45.10 -30.51 5.39
CA LYS CA 153 -45.74 -29.36 4.80
C LYS CA 153 -46.32 -29.71 3.44
N VAL CA 154 -47.45 -29.07 3.10
CA VAL CA 154 -48.03 -29.22 1.77
C VAL CA 154 -47.06 -28.73 0.71
N VAL CA 155 -46.25 -27.73 1.04
CA VAL CA 155 -45.33 -27.07 0.09
C VAL CA 155 -46.14 -26.61 -1.11
N ILE CA 156 -45.81 -27.16 -2.29
CA ILE CA 156 -46.46 -26.89 -3.57
C ILE CA 156 -46.60 -25.38 -3.75
N ASP CA 157 -47.70 -24.92 -4.33
CA ASP CA 157 -48.02 -23.50 -4.51
C ASP CA 157 -49.32 -23.43 -5.30
N ALA CA 158 -49.86 -22.22 -5.44
CA ALA CA 158 -51.05 -22.00 -6.24
C ALA CA 158 -51.00 -20.60 -6.84
N PHE CA 159 -51.47 -20.48 -8.08
CA PHE CA 159 -51.49 -19.19 -8.76
C PHE CA 159 -52.67 -19.14 -9.71
N ARG CA 160 -53.27 -17.96 -9.82
CA ARG CA 160 -54.29 -17.69 -10.82
C ARG CA 160 -54.14 -16.25 -11.28
N LEU CA 161 -54.20 -16.04 -12.60
CA LEU CA 161 -53.98 -14.72 -13.18
C LEU CA 161 -55.27 -13.90 -13.10
N ILE CA 162 -55.20 -12.75 -12.43
CA ILE CA 162 -56.35 -11.86 -12.40
C ILE CA 162 -56.49 -11.16 -13.76
N ASN CA 163 -57.72 -10.79 -14.08
CA ASN CA 163 -57.99 -10.17 -15.38
C ASN CA 163 -57.59 -8.71 -15.37
N ALA CA 164 -56.71 -8.33 -16.30
CA ALA CA 164 -56.30 -6.94 -16.42
C ALA CA 164 -57.43 -6.06 -16.95
N ASN CA 165 -58.44 -6.65 -17.59
CA ASN CA 165 -59.59 -5.91 -18.06
C ASN CA 165 -60.51 -5.47 -16.92
N MET CA 166 -60.24 -5.92 -15.69
CA MET CA 166 -61.03 -5.58 -14.53
C MET CA 166 -60.57 -4.29 -13.85
N MET CA 167 -59.59 -3.59 -14.44
CA MET CA 167 -59.09 -2.36 -13.85
C MET CA 167 -60.20 -1.32 -13.66
N VAL CA 168 -61.24 -1.38 -14.49
CA VAL CA 168 -62.42 -0.53 -14.28
C VAL CA 168 -63.02 -0.80 -12.92
N LEU CA 169 -63.52 -2.02 -12.71
CA LEU CA 169 -64.17 -2.40 -11.47
C LEU CA 169 -63.12 -2.64 -10.39
N GLY CA 170 -63.56 -3.11 -9.22
CA GLY CA 170 -62.63 -3.36 -8.12
C GLY CA 170 -61.91 -4.68 -8.25
N HIS CA 171 -60.71 -4.73 -7.68
CA HIS CA 171 -59.85 -5.91 -7.72
C HIS CA 171 -59.98 -6.79 -6.50
N GLU CA 172 -60.90 -6.51 -5.58
CA GLU CA 172 -60.97 -7.19 -4.28
C GLU CA 172 -62.28 -7.93 -4.08
N PRO CA 173 -62.48 -9.07 -4.77
CA PRO CA 173 -63.39 -10.12 -4.31
C PRO CA 173 -62.56 -11.04 -3.39
N ARG CA 174 -63.04 -12.16 -2.83
CA ARG CA 174 -64.36 -12.76 -3.01
C ARG CA 174 -65.26 -12.54 -1.80
N GLN CA 175 -66.40 -13.24 -1.83
CA GLN CA 175 -67.31 -13.34 -0.69
C GLN CA 175 -67.24 -14.76 -0.15
N THR CA 176 -67.61 -14.91 1.13
CA THR CA 176 -67.26 -16.08 1.94
C THR CA 176 -65.74 -16.20 2.05
N THR CA 177 -65.18 -15.26 2.81
CA THR CA 177 -63.75 -15.04 2.94
C THR CA 177 -63.03 -16.16 3.70
N SER CA 178 -63.76 -17.16 4.18
CA SER CA 178 -63.23 -18.26 4.98
C SER CA 178 -61.92 -18.80 4.43
N ASN CA 179 -61.99 -19.44 3.26
CA ASN CA 179 -60.81 -20.02 2.66
C ASN CA 179 -59.85 -18.97 2.12
N LEU CA 180 -60.33 -17.73 1.91
CA LEU CA 180 -59.47 -16.68 1.38
C LEU CA 180 -58.50 -16.16 2.45
N GLY CA 181 -59.06 -15.57 3.52
CA GLY CA 181 -58.22 -15.06 4.59
C GLY CA 181 -57.33 -16.11 5.21
N HIS CA 182 -57.75 -17.38 5.17
CA HIS CA 182 -56.93 -18.48 5.64
C HIS CA 182 -55.90 -18.91 4.61
N LEU CA 183 -56.12 -18.59 3.34
CA LEU CA 183 -55.13 -18.93 2.30
C LEU CA 183 -54.00 -17.92 2.28
N ASN CA 184 -54.30 -16.64 2.54
CA ASN CA 184 -53.28 -15.60 2.46
C ASN CA 184 -52.14 -15.88 3.43
N LYS CA 185 -52.47 -16.15 4.69
CA LYS CA 185 -51.47 -16.52 5.69
C LYS CA 185 -50.64 -17.71 5.18
N PRO CA 186 -49.32 -17.68 5.37
CA PRO CA 186 -48.41 -16.77 6.09
C PRO CA 186 -48.35 -15.32 5.60
N SER CA 187 -48.93 -15.04 4.43
CA SER CA 187 -48.72 -13.88 3.55
C SER CA 187 -47.61 -14.21 2.56
N ILE CA 188 -47.00 -15.40 2.69
CA ILE CA 188 -46.02 -15.97 1.77
C ILE CA 188 -44.99 -14.93 1.32
N GLN CA 189 -44.12 -14.55 2.25
CA GLN CA 189 -42.88 -13.78 2.02
C GLN CA 189 -43.22 -12.43 1.40
N ALA CA 190 -42.42 -11.97 0.44
CA ALA CA 190 -42.56 -10.69 -0.22
C ALA CA 190 -42.55 -10.90 -1.72
N LEU CA 191 -41.45 -11.46 -2.23
CA LEU CA 191 -41.31 -11.71 -3.66
C LEU CA 191 -42.42 -12.60 -4.19
N ILE CA 192 -42.94 -13.52 -3.37
CA ILE CA 192 -44.09 -14.32 -3.80
C ILE CA 192 -45.36 -13.47 -3.78
N HIS CA 193 -45.63 -12.80 -2.67
CA HIS CA 193 -46.77 -11.90 -2.61
C HIS CA 193 -46.52 -10.60 -3.37
N GLY CA 194 -45.30 -10.38 -3.85
CA GLY CA 194 -45.10 -9.40 -4.91
C GLY CA 194 -45.85 -9.79 -6.18
N LEU CA 195 -46.17 -11.07 -6.33
CA LEU CA 195 -47.05 -11.52 -7.40
C LEU CA 195 -48.53 -11.39 -7.03
N ASN CA 196 -48.84 -11.14 -5.75
CA ASN CA 196 -50.23 -10.90 -5.36
C ASN CA 196 -50.82 -9.73 -6.13
N ARG CA 197 -49.99 -8.83 -6.63
CA ARG CA 197 -50.41 -7.89 -7.66
C ARG CA 197 -50.31 -8.60 -9.01
N HIS CA 198 -51.43 -8.67 -9.72
CA HIS CA 198 -51.66 -9.32 -11.01
C HIS CA 198 -51.90 -10.82 -10.88
N TYR CA 199 -51.69 -11.42 -9.72
CA TYR CA 199 -52.00 -12.84 -9.51
C TYR CA 199 -52.62 -13.01 -8.13
N TYR CA 200 -53.22 -14.19 -7.93
CA TYR CA 200 -53.73 -14.55 -6.61
C TYR CA 200 -53.72 -16.07 -6.49
N SER CA 201 -53.52 -16.55 -5.26
CA SER CA 201 -53.44 -17.97 -5.01
C SER CA 201 -54.84 -18.59 -4.98
N ILE CA 202 -54.90 -19.90 -4.78
CA ILE CA 202 -56.16 -20.62 -4.70
C ILE CA 202 -55.99 -21.74 -3.69
N THR CA 203 -57.08 -22.08 -3.01
CA THR CA 203 -57.02 -23.03 -1.91
C THR CA 203 -56.98 -24.47 -2.42
N ILE CA 204 -56.34 -25.33 -1.63
CA ILE CA 204 -56.20 -26.74 -1.95
C ILE CA 204 -56.60 -27.56 -0.73
N ASN CA 205 -57.50 -28.52 -0.93
CA ASN CA 205 -57.90 -29.44 0.11
C ASN CA 205 -57.79 -30.88 -0.40
N TYR CA 206 -57.57 -31.80 0.52
CA TYR CA 206 -57.37 -33.21 0.19
C TYR CA 206 -58.67 -33.96 0.45
N ARG CA 207 -59.27 -34.49 -0.63
CA ARG CA 207 -60.55 -35.18 -0.53
C ARG CA 207 -60.34 -36.68 -0.38
N LYS CA 208 -61.21 -37.30 0.42
CA LYS CA 208 -61.13 -38.73 0.70
C LYS CA 208 -62.35 -39.46 0.12
N ASN CA 209 -62.19 -40.64 -0.52
CA ASN CA 209 -60.95 -41.41 -0.75
C ASN CA 209 -60.17 -41.74 0.52
N GLU CA 210 -60.88 -42.19 1.56
CA GLU CA 210 -60.24 -42.50 2.83
C GLU CA 210 -59.53 -43.85 2.81
N LEU CA 211 -60.10 -44.83 2.11
CA LEU CA 211 -59.51 -46.16 2.08
C LEU CA 211 -58.12 -46.12 1.47
N GLU CA 212 -57.98 -45.48 0.30
CA GLU CA 212 -56.66 -45.37 -0.32
C GLU CA 212 -55.74 -44.48 0.50
N GLN CA 213 -56.27 -43.39 1.07
CA GLN CA 213 -55.47 -42.53 1.93
C GLN CA 213 -55.00 -43.28 3.17
N LYS CA 214 -55.80 -44.21 3.68
CA LYS CA 214 -55.41 -44.97 4.86
C LYS CA 214 -54.35 -46.02 4.54
N MET CA 215 -54.51 -46.73 3.42
CA MET CA 215 -53.50 -47.72 3.05
C MET CA 215 -52.19 -47.06 2.65
N LEU CA 216 -52.24 -45.97 1.88
CA LEU CA 216 -51.04 -45.22 1.56
C LEU CA 216 -50.45 -44.55 2.78
N LEU CA 217 -51.27 -44.25 3.79
CA LEU CA 217 -50.76 -43.81 5.07
C LEU CA 217 -49.90 -44.89 5.71
N ASN CA 218 -50.41 -46.11 5.78
CA ASN CA 218 -49.64 -47.22 6.32
C ASN CA 218 -48.48 -47.59 5.41
N LEU CA 219 -48.57 -47.26 4.12
CA LEU CA 219 -47.47 -47.54 3.20
C LEU CA 219 -46.19 -46.80 3.61
N HIS CA 220 -46.31 -45.51 3.92
CA HIS CA 220 -45.14 -44.81 4.44
C HIS CA 220 -44.90 -45.10 5.91
N LYS CA 221 -45.94 -45.48 6.66
CA LYS CA 221 -45.73 -45.92 8.03
C LYS CA 221 -44.87 -47.18 8.10
N LYS CA 222 -44.71 -47.89 6.99
CA LYS CA 222 -43.81 -49.04 6.97
C LYS CA 222 -42.39 -48.64 7.34
N SER CA 223 -42.02 -47.38 7.09
CA SER CA 223 -40.73 -46.86 7.50
C SER CA 223 -40.53 -46.96 9.00
N TRP CA 224 -41.30 -46.18 9.77
CA TRP CA 224 -41.10 -46.11 11.21
C TRP CA 224 -41.77 -47.23 11.99
N MET CA 225 -42.78 -47.89 11.43
CA MET CA 225 -43.40 -49.01 12.12
C MET CA 225 -42.58 -50.28 11.88
N GLU CA 226 -42.69 -50.86 10.69
CA GLU CA 226 -41.91 -51.99 10.21
C GLU CA 226 -42.25 -52.18 8.73
N GLY CA 227 -41.37 -52.87 8.02
CA GLY CA 227 -41.53 -53.04 6.60
C GLY CA 227 -42.81 -53.74 6.22
N LEU CA 228 -43.00 -54.94 6.77
CA LEU CA 228 -44.22 -55.70 6.56
C LEU CA 228 -45.22 -55.54 7.69
N THR CA 229 -44.91 -54.70 8.69
CA THR CA 229 -45.48 -54.69 10.04
C THR CA 229 -45.07 -55.95 10.80
N LEU CA 230 -44.28 -56.83 10.16
CA LEU CA 230 -43.73 -58.03 10.77
C LEU CA 230 -42.21 -58.05 10.65
N GLN CA 231 -41.69 -58.00 9.42
CA GLN CA 231 -40.27 -58.18 9.13
C GLN CA 231 -39.37 -57.30 10.01
N ASP CA 232 -39.49 -55.97 9.87
CA ASP CA 232 -38.45 -55.08 10.39
C ASP CA 232 -38.27 -55.21 11.90
N TYR CA 233 -39.34 -55.42 12.65
CA TYR CA 233 -39.17 -55.68 14.08
C TYR CA 233 -39.02 -57.16 14.40
N SER CA 234 -39.26 -58.06 13.43
CA SER CA 234 -38.66 -59.37 13.51
C SER CA 234 -37.20 -59.34 13.07
N GLU CA 235 -36.82 -58.32 12.29
CA GLU CA 235 -35.40 -58.00 12.14
C GLU CA 235 -34.84 -57.39 13.42
N HIS CA 236 -35.68 -56.69 14.18
CA HIS CA 236 -35.32 -56.37 15.56
C HIS CA 236 -35.32 -57.61 16.44
N CYS CA 237 -35.95 -58.69 15.98
CA CYS CA 237 -35.74 -60.00 16.58
C CYS CA 237 -34.57 -60.73 15.93
N LYS CA 238 -34.06 -60.24 14.80
CA LYS CA 238 -32.86 -60.81 14.20
C LYS CA 238 -31.61 -60.31 14.93
N HIS CA 239 -31.34 -59.01 14.87
CA HIS CA 239 -30.28 -58.42 15.67
C HIS CA 239 -30.55 -58.71 17.14
N ASN CA 240 -31.53 -58.01 17.72
CA ASN CA 240 -32.05 -58.30 19.06
C ASN CA 240 -30.93 -58.45 20.08
N GLU CA 241 -30.34 -57.31 20.45
CA GLU CA 241 -29.30 -57.18 21.48
C GLU CA 241 -27.94 -57.59 20.93
N SER CA 242 -27.83 -57.91 19.65
CA SER CA 242 -26.79 -58.78 19.10
C SER CA 242 -25.30 -58.58 19.58
N VAL CA 243 -24.46 -57.57 19.31
CA VAL CA 243 -24.35 -56.49 18.28
C VAL CA 243 -25.36 -55.34 18.40
N VAL CA 244 -26.39 -55.46 19.24
CA VAL CA 244 -27.01 -54.23 19.73
C VAL CA 244 -26.44 -53.84 21.10
N LYS CA 245 -25.64 -54.70 21.73
CA LYS CA 245 -24.91 -54.31 22.92
C LYS CA 245 -23.66 -53.50 22.59
N GLU CA 246 -23.15 -53.61 21.36
CA GLU CA 246 -22.07 -52.74 20.92
C GLU CA 246 -22.51 -51.27 20.98
N MET CA 247 -23.71 -50.97 20.49
CA MET CA 247 -24.25 -49.63 20.64
C MET CA 247 -24.70 -49.35 22.06
N LEU CA 248 -24.92 -50.38 22.87
CA LEU CA 248 -25.07 -50.18 24.30
C LEU CA 248 -23.74 -49.90 24.99
N GLU CA 249 -22.65 -50.47 24.47
CA GLU CA 249 -21.32 -50.11 24.96
C GLU CA 249 -20.96 -48.68 24.59
N LEU CA 250 -21.36 -48.23 23.40
CA LEU CA 250 -21.20 -46.82 23.06
C LEU CA 250 -22.21 -45.96 23.83
N ALA CA 251 -23.38 -46.51 24.16
CA ALA CA 251 -24.33 -45.78 25.00
C ALA CA 251 -23.82 -45.70 26.43
N LYS CA 252 -23.23 -46.78 26.94
CA LYS CA 252 -22.62 -46.72 28.26
C LYS CA 252 -21.31 -45.94 28.25
N ASN CA 253 -20.68 -45.78 27.08
CA ASN CA 253 -19.65 -44.77 26.93
C ASN CA 253 -20.24 -43.36 26.92
N TYR CA 254 -21.46 -43.20 26.38
CA TYR CA 254 -22.17 -41.95 26.57
C TYR CA 254 -22.63 -41.78 28.01
N ASN CA 255 -22.88 -42.90 28.71
CA ASN CA 255 -23.11 -42.82 30.15
C ASN CA 255 -21.90 -42.23 30.87
N LYS CA 256 -20.72 -42.82 30.65
CA LYS CA 256 -19.53 -42.34 31.34
C LYS CA 256 -19.18 -40.92 30.90
N ALA CA 257 -19.15 -40.67 29.60
CA ALA CA 257 -18.84 -39.34 29.06
C ALA CA 257 -19.78 -38.27 29.58
N VAL CA 258 -21.08 -38.40 29.27
CA VAL CA 258 -22.02 -37.33 29.59
C VAL CA 258 -22.22 -37.21 31.09
N GLU CA 259 -22.22 -38.31 31.82
CA GLU CA 259 -22.51 -38.24 33.25
C GLU CA 259 -21.29 -37.93 34.11
N GLU CA 260 -20.08 -37.98 33.55
CA GLU CA 260 -18.92 -37.50 34.31
C GLU CA 260 -18.84 -35.97 34.28
N GLU CA 261 -19.36 -35.35 33.23
CA GLU CA 261 -19.56 -33.90 33.22
C GLU CA 261 -20.92 -33.49 33.77
N ASP CA 262 -21.83 -34.45 33.96
CA ASP CA 262 -23.09 -34.17 34.64
C ASP CA 262 -22.92 -34.11 36.15
N LYS CA 263 -21.94 -34.81 36.72
CA LYS CA 263 -21.64 -34.69 38.14
C LYS CA 263 -20.81 -33.45 38.45
N MET CA 264 -20.23 -32.80 37.43
CA MET CA 264 -19.62 -31.50 37.64
C MET CA 264 -20.64 -30.37 37.64
N THR CA 265 -21.83 -30.61 37.09
CA THR CA 265 -22.84 -29.55 37.01
C THR CA 265 -23.39 -29.16 38.38
N PRO CA 266 -23.85 -30.07 39.25
CA PRO CA 266 -24.54 -29.60 40.46
C PRO CA 266 -23.62 -28.91 41.45
N GLU CA 267 -22.32 -29.25 41.46
CA GLU CA 267 -21.38 -28.52 42.29
C GLU CA 267 -21.21 -27.08 41.78
N GLN CA 268 -21.04 -26.93 40.47
CA GLN CA 268 -20.96 -25.60 39.88
C GLN CA 268 -22.22 -24.80 40.15
N LEU CA 269 -23.38 -25.46 40.17
CA LEU CA 269 -24.62 -24.78 40.50
C LEU CA 269 -24.56 -24.18 41.91
N ALA CA 270 -23.85 -24.83 42.83
CA ALA CA 270 -23.67 -24.29 44.17
C ALA CA 270 -22.66 -23.15 44.20
N ILE CA 271 -21.75 -23.09 43.24
CA ILE CA 271 -20.79 -21.99 43.20
C ILE CA 271 -21.43 -20.72 42.63
N LYS CA 272 -22.12 -20.84 41.49
CA LYS CA 272 -22.63 -19.65 40.82
C LYS CA 272 -23.97 -19.17 41.39
N ASN CA 273 -24.67 -20.02 42.14
CA ASN CA 273 -25.83 -19.59 42.92
C ASN CA 273 -26.96 -18.90 42.13
N VAL CA 274 -27.74 -19.66 41.35
CA VAL CA 274 -27.52 -21.08 41.13
C VAL CA 274 -27.65 -21.41 39.63
N GLY CA 275 -28.87 -21.30 39.10
CA GLY CA 275 -29.11 -21.63 37.70
C GLY CA 275 -28.58 -20.55 36.77
N LYS CA 276 -27.84 -20.98 35.74
CA LYS CA 276 -27.46 -20.11 34.64
C LYS CA 276 -28.39 -20.25 33.45
N GLN CA 277 -29.50 -20.99 33.59
CA GLN CA 277 -30.48 -21.26 32.53
C GLN CA 277 -29.82 -21.65 31.18
N ASP CA 278 -29.32 -22.89 30.99
CA ASP CA 278 -29.45 -24.12 31.80
C ASP CA 278 -30.92 -24.62 31.85
N PRO CA 279 -31.13 -25.92 32.07
CA PRO CA 279 -30.16 -27.02 32.23
C PRO CA 279 -29.43 -27.37 30.93
N LYS CA 280 -28.33 -28.10 31.05
CA LYS CA 280 -27.50 -28.38 29.89
C LYS CA 280 -28.13 -29.39 28.93
N ARG CA 281 -28.95 -30.30 29.45
CA ARG CA 281 -29.70 -31.24 28.61
C ARG CA 281 -28.80 -32.09 27.68
N HIS CA 282 -28.06 -33.10 28.17
CA HIS CA 282 -27.86 -33.54 29.56
C HIS CA 282 -29.12 -33.87 30.39
N LEU CA 283 -30.19 -34.25 29.70
CA LEU CA 283 -31.36 -34.85 30.33
C LEU CA 283 -31.93 -35.88 29.37
N GLU CA 284 -32.82 -36.73 29.88
CA GLU CA 284 -33.39 -37.83 29.11
C GLU CA 284 -32.28 -38.74 28.59
N GLU CA 285 -32.10 -38.80 27.27
CA GLU CA 285 -31.07 -39.63 26.66
C GLU CA 285 -31.25 -41.10 27.04
N HIS CA 286 -30.31 -41.63 27.82
CA HIS CA 286 -30.21 -43.06 28.08
C HIS CA 286 -31.48 -43.67 28.64
N VAL CA 287 -32.44 -42.87 29.08
CA VAL CA 287 -33.79 -43.38 29.30
C VAL CA 287 -34.29 -44.11 28.06
N ASP CA 288 -33.96 -43.58 26.89
CA ASP CA 288 -34.29 -44.26 25.64
C ASP CA 288 -33.50 -45.56 25.50
N VAL CA 289 -32.25 -45.56 25.98
CA VAL CA 289 -31.48 -46.81 26.02
C VAL CA 289 -32.17 -47.83 26.90
N LEU CA 290 -32.79 -47.37 28.00
CA LEU CA 290 -33.59 -48.25 28.83
C LEU CA 290 -34.91 -48.63 28.15
N MET CA 291 -35.37 -47.84 27.18
CA MET CA 291 -36.50 -48.27 26.37
C MET CA 291 -36.08 -49.37 25.40
N THR CA 292 -34.82 -49.36 24.97
CA THR CA 292 -34.29 -50.51 24.25
C THR CA 292 -34.10 -51.69 25.20
N SER CA 293 -33.92 -51.42 26.49
CA SER CA 293 -33.92 -52.50 27.48
C SER CA 293 -35.32 -53.09 27.63
N ASN CA 294 -36.36 -52.30 27.37
CA ASN CA 294 -37.71 -52.86 27.27
C ASN CA 294 -37.82 -53.76 26.05
N ILE CA 295 -37.08 -53.43 24.98
CA ILE CA 295 -36.97 -54.35 23.86
C ILE CA 295 -36.17 -55.59 24.26
N VAL CA 296 -35.23 -55.41 25.19
CA VAL CA 296 -34.45 -56.55 25.67
C VAL CA 296 -35.33 -57.52 26.45
N GLN CA 297 -36.07 -57.00 27.43
CA GLN CA 297 -36.84 -57.88 28.30
C GLN CA 297 -38.00 -58.53 27.56
N CYS CA 298 -38.75 -57.75 26.76
CA CYS CA 298 -39.88 -58.28 26.00
C CYS CA 298 -39.43 -59.35 25.01
N LEU CA 299 -38.62 -58.96 24.02
CA LEU CA 299 -38.27 -59.89 22.94
C LEU CA 299 -37.49 -61.10 23.43
N ALA CA 300 -36.74 -60.96 24.52
CA ALA CA 300 -36.08 -62.14 25.09
C ALA CA 300 -37.07 -62.99 25.89
N ALA CA 301 -38.10 -62.37 26.46
CA ALA CA 301 -39.17 -63.16 27.07
C ALA CA 301 -39.97 -63.93 26.04
N MET CA 302 -39.90 -63.51 24.77
CA MET CA 302 -40.49 -64.29 23.69
C MET CA 302 -39.75 -65.61 23.48
N LEU CA 303 -38.51 -65.73 23.96
CA LEU CA 303 -37.77 -66.97 23.77
C LEU CA 303 -38.44 -68.12 24.51
N ASP CA 304 -39.04 -67.85 25.67
CA ASP CA 304 -39.78 -68.89 26.38
C ASP CA 304 -40.96 -69.38 25.56
N THR CA 305 -41.55 -68.52 24.75
CA THR CA 305 -42.60 -68.93 23.84
C THR CA 305 -42.01 -69.58 22.57
N VAL CA 306 -40.88 -69.06 22.07
CA VAL CA 306 -40.26 -69.61 20.87
C VAL CA 306 -39.70 -71.01 21.14
N VAL CA 307 -38.93 -71.16 22.21
CA VAL CA 307 -38.19 -72.40 22.43
C VAL CA 307 -39.13 -73.54 22.83
N PHE CA 308 -40.13 -73.23 23.65
CA PHE CA 308 -41.02 -74.26 24.16
C PHE CA 308 -42.24 -74.32 23.24
N LYS CA 309 -42.36 -75.42 22.49
CA LYS CA 309 -43.47 -75.67 21.59
C LYS CA 309 -43.70 -74.53 20.60
N MET DA 93 -68.19 -62.33 107.33
CA MET DA 93 -69.17 -61.96 106.32
C MET DA 93 -68.95 -62.74 105.03
N TYR DA 94 -70.04 -63.29 104.49
CA TYR DA 94 -70.03 -64.09 103.26
C TYR DA 94 -69.06 -65.25 103.45
N GLU DA 95 -68.00 -65.37 102.66
CA GLU DA 95 -67.06 -66.48 102.70
C GLU DA 95 -67.85 -67.81 102.51
N GLN DA 96 -67.43 -68.98 103.04
CA GLN DA 96 -66.02 -69.39 103.18
C GLN DA 96 -65.33 -69.31 101.82
N LEU DA 97 -64.21 -68.61 101.77
CA LEU DA 97 -63.53 -68.31 100.51
C LEU DA 97 -62.13 -68.89 100.45
N LYS DA 98 -61.22 -68.45 101.31
CA LYS DA 98 -59.83 -68.89 101.27
C LYS DA 98 -59.59 -70.19 102.01
N GLY DA 99 -60.63 -70.80 102.57
CA GLY DA 99 -60.46 -72.06 103.29
C GLY DA 99 -59.92 -73.18 102.43
N GLU DA 100 -60.16 -73.11 101.12
CA GLU DA 100 -59.66 -74.10 100.18
C GLU DA 100 -58.33 -73.71 99.56
N TRP DA 101 -57.74 -72.58 99.96
CA TRP DA 101 -56.48 -72.14 99.37
C TRP DA 101 -55.31 -72.92 99.92
N ASN DA 102 -55.31 -73.22 101.22
CA ASN DA 102 -54.20 -73.96 101.83
C ASN DA 102 -54.23 -75.43 101.45
N ARG DA 103 -55.42 -76.02 101.30
CA ARG DA 103 -55.56 -77.42 100.94
C ARG DA 103 -55.55 -77.65 99.43
N LYS DA 104 -55.63 -76.59 98.63
CA LYS DA 104 -55.75 -76.66 97.17
C LYS DA 104 -56.98 -77.51 96.85
N SER DA 105 -56.92 -78.40 95.85
CA SER DA 105 -58.04 -79.24 95.52
C SER DA 105 -57.57 -80.65 95.18
N PRO DA 106 -58.30 -81.68 95.61
CA PRO DA 106 -57.95 -83.04 95.19
C PRO DA 106 -58.28 -83.31 93.73
N ASN DA 107 -59.29 -82.64 93.18
CA ASN DA 107 -59.71 -82.85 91.80
C ASN DA 107 -60.22 -81.52 91.24
N LEU DA 108 -60.81 -81.58 90.05
CA LEU DA 108 -61.36 -80.38 89.43
C LEU DA 108 -62.74 -80.00 89.95
N SER DA 109 -63.38 -80.86 90.74
CA SER DA 109 -64.70 -80.54 91.28
C SER DA 109 -64.62 -79.38 92.27
N LYS DA 110 -63.62 -79.40 93.15
CA LYS DA 110 -63.44 -78.27 94.07
C LYS DA 110 -63.01 -77.02 93.33
N CYS DA 111 -62.29 -77.17 92.22
CA CYS DA 111 -61.93 -76.00 91.41
C CYS DA 111 -63.16 -75.37 90.78
N GLY DA 112 -64.09 -76.20 90.30
CA GLY DA 112 -65.33 -75.67 89.76
C GLY DA 112 -66.24 -75.11 90.84
N GLU DA 113 -66.19 -75.69 92.04
CA GLU DA 113 -66.94 -75.15 93.16
C GLU DA 113 -66.38 -73.80 93.60
N GLU DA 114 -65.05 -73.68 93.60
CA GLU DA 114 -64.44 -72.37 93.86
C GLU DA 114 -64.78 -71.38 92.76
N LEU DA 115 -64.90 -71.85 91.52
CA LEU DA 115 -65.37 -70.99 90.44
C LEU DA 115 -66.80 -70.53 90.70
N GLY DA 116 -67.61 -71.36 91.36
CA GLY DA 116 -68.97 -70.98 91.70
C GLY DA 116 -69.03 -69.94 92.80
N ARG DA 117 -68.20 -70.11 93.84
CA ARG DA 117 -68.13 -69.12 94.90
C ARG DA 117 -67.51 -67.83 94.40
N LEU DA 118 -66.47 -67.94 93.56
CA LEU DA 118 -65.92 -66.76 92.90
C LEU DA 118 -66.95 -66.11 91.99
N LYS DA 119 -67.85 -66.92 91.40
CA LYS DA 119 -68.93 -66.34 90.60
C LYS DA 119 -69.89 -65.54 91.47
N LEU DA 120 -70.15 -65.99 92.70
CA LEU DA 120 -70.95 -65.20 93.62
C LEU DA 120 -70.24 -63.89 93.99
N VAL DA 121 -68.92 -63.93 94.08
CA VAL DA 121 -68.15 -62.70 94.25
C VAL DA 121 -68.31 -61.81 93.01
N LEU DA 122 -68.35 -62.43 91.83
CA LEU DA 122 -68.63 -61.68 90.62
C LEU DA 122 -70.08 -61.24 90.52
N LEU DA 123 -70.98 -61.89 91.27
CA LEU DA 123 -72.38 -61.47 91.28
C LEU DA 123 -72.60 -60.22 92.12
N GLU DA 124 -71.70 -59.92 93.05
CA GLU DA 124 -71.86 -58.76 93.91
C GLU DA 124 -70.96 -57.62 93.48
N LEU DA 125 -69.66 -57.75 93.76
CA LEU DA 125 -68.70 -56.71 93.43
C LEU DA 125 -68.25 -56.78 91.97
N ASN DA 126 -68.31 -57.96 91.38
CA ASN DA 126 -67.76 -58.27 90.05
C ASN DA 126 -66.27 -57.90 90.03
N PHE DA 127 -65.77 -57.41 88.90
CA PHE DA 127 -64.37 -56.99 88.79
C PHE DA 127 -64.17 -55.49 88.93
N LEU DA 128 -65.24 -54.69 88.81
CA LEU DA 128 -65.14 -53.24 88.63
C LEU DA 128 -66.54 -52.70 88.31
N PRO DA 129 -66.72 -51.36 88.26
CA PRO DA 129 -65.85 -50.23 88.57
C PRO DA 129 -66.05 -49.63 89.96
N THR DA 130 -65.81 -50.41 91.01
CA THR DA 130 -65.97 -49.91 92.37
C THR DA 130 -64.60 -49.42 92.86
N THR DA 131 -64.48 -48.09 93.00
CA THR DA 131 -63.22 -47.51 93.48
C THR DA 131 -63.11 -47.62 94.99
N GLY DA 132 -64.16 -47.25 95.71
CA GLY DA 132 -64.13 -47.26 97.17
C GLY DA 132 -63.45 -46.04 97.76
N THR DA 133 -63.10 -46.01 99.05
CA THR DA 133 -63.29 -47.06 100.06
C THR DA 133 -62.66 -48.41 99.68
N LYS DA 134 -61.33 -48.46 99.72
CA LYS DA 134 -60.61 -49.67 99.29
C LYS DA 134 -60.91 -50.87 100.17
N LEU DA 135 -61.65 -50.69 101.27
CA LEU DA 135 -62.11 -51.84 102.04
C LEU DA 135 -62.94 -52.79 101.19
N THR DA 136 -63.63 -52.27 100.17
CA THR DA 136 -64.30 -53.14 99.21
C THR DA 136 -63.33 -53.83 98.28
N LYS DA 137 -62.12 -53.30 98.13
CA LYS DA 137 -61.07 -53.97 97.37
C LYS DA 137 -60.27 -54.95 98.20
N GLN DA 138 -60.57 -55.06 99.50
CA GLN DA 138 -59.91 -56.07 100.33
C GLN DA 138 -60.29 -57.47 99.90
N GLN DA 139 -61.57 -57.71 99.65
CA GLN DA 139 -61.98 -58.99 99.10
C GLN DA 139 -61.56 -59.15 97.65
N LEU DA 140 -61.19 -58.07 96.96
CA LEU DA 140 -60.53 -58.21 95.66
C LEU DA 140 -59.13 -58.77 95.83
N ILE DA 141 -58.43 -58.39 96.90
CA ILE DA 141 -57.13 -58.98 97.19
C ILE DA 141 -57.29 -60.42 97.66
N LEU DA 142 -58.30 -60.67 98.49
CA LEU DA 142 -58.65 -62.04 98.84
C LEU DA 142 -59.07 -62.84 97.62
N ALA DA 143 -59.58 -62.16 96.59
CA ALA DA 143 -59.85 -62.83 95.33
C ALA DA 143 -58.58 -63.05 94.53
N ARG DA 144 -57.64 -62.09 94.60
CA ARG DA 144 -56.39 -62.24 93.87
C ARG DA 144 -55.64 -63.49 94.29
N ASP DA 145 -55.68 -63.82 95.59
CA ASP DA 145 -54.99 -65.00 96.08
C ASP DA 145 -55.56 -66.28 95.47
N ILE DA 146 -56.89 -66.43 95.54
CA ILE DA 146 -57.51 -67.63 94.98
C ILE DA 146 -57.52 -67.60 93.46
N LEU DA 147 -57.39 -66.43 92.84
CA LEU DA 147 -57.22 -66.40 91.40
C LEU DA 147 -55.79 -66.77 90.99
N GLU DA 148 -54.80 -66.46 91.82
CA GLU DA 148 -53.45 -66.94 91.57
C GLU DA 148 -53.39 -68.45 91.67
N ILE DA 149 -53.96 -69.02 92.74
CA ILE DA 149 -54.05 -70.48 92.83
C ILE DA 149 -55.05 -71.02 91.83
N GLY DA 150 -55.99 -70.18 91.37
CA GLY DA 150 -56.84 -70.57 90.26
C GLY DA 150 -56.07 -70.73 88.98
N ALA DA 151 -55.02 -69.93 88.79
CA ALA DA 151 -54.12 -70.12 87.66
C ALA DA 151 -53.25 -71.35 87.84
N GLN DA 152 -52.88 -71.67 89.09
CA GLN DA 152 -52.16 -72.91 89.35
C GLN DA 152 -53.05 -74.12 89.09
N TRP DA 153 -54.35 -73.98 89.36
CA TRP DA 153 -55.29 -75.04 89.04
C TRP DA 153 -55.61 -75.07 87.55
N SER DA 154 -55.59 -73.90 86.89
CA SER DA 154 -55.86 -73.85 85.46
C SER DA 154 -54.75 -74.51 84.67
N ILE DA 155 -53.49 -74.33 85.11
CA ILE DA 155 -52.39 -75.06 84.48
C ILE DA 155 -52.34 -76.50 84.96
N LEU DA 156 -52.90 -76.79 86.13
CA LEU DA 156 -52.99 -78.17 86.58
C LEU DA 156 -53.93 -78.98 85.71
N ARG DA 157 -54.98 -78.34 85.17
CA ARG DA 157 -55.89 -78.99 84.24
C ARG DA 157 -55.51 -78.75 82.78
N LYS DA 158 -54.41 -78.04 82.53
CA LYS DA 158 -53.83 -77.80 81.20
C LYS DA 158 -54.69 -76.91 80.32
N ASP DA 159 -55.89 -76.53 80.76
CA ASP DA 159 -56.78 -75.74 79.91
C ASP DA 159 -56.23 -74.34 79.73
N ILE DA 160 -56.00 -73.95 78.47
CA ILE DA 160 -55.44 -72.65 78.12
C ILE DA 160 -56.44 -71.52 78.39
N PRO DA 161 -57.70 -71.61 77.91
CA PRO DA 161 -58.63 -70.48 78.16
C PRO DA 161 -58.83 -70.16 79.63
N SER DA 162 -58.80 -71.17 80.49
CA SER DA 162 -58.87 -70.94 81.93
C SER DA 162 -57.73 -70.03 82.40
N PHE DA 163 -56.49 -70.49 82.23
CA PHE DA 163 -55.32 -69.72 82.66
C PHE DA 163 -55.37 -68.29 82.15
N GLU DA 164 -55.38 -68.12 80.82
CA GLU DA 164 -55.35 -66.77 80.23
C GLU DA 164 -56.50 -65.91 80.73
N ARG DA 165 -57.59 -66.53 81.20
CA ARG DA 165 -58.68 -65.76 81.79
C ARG DA 165 -58.29 -65.24 83.17
N TYR DA 166 -57.79 -66.11 84.03
CA TYR DA 166 -57.38 -65.68 85.37
C TYR DA 166 -56.11 -64.83 85.31
N MET DA 167 -55.23 -65.11 84.34
CA MET DA 167 -54.06 -64.26 84.15
C MET DA 167 -54.45 -62.86 83.70
N ALA DA 168 -55.47 -62.75 82.84
CA ALA DA 168 -55.98 -61.44 82.46
C ALA DA 168 -56.64 -60.74 83.63
N GLN DA 169 -57.25 -61.49 84.56
CA GLN DA 169 -57.80 -60.89 85.76
C GLN DA 169 -56.70 -60.34 86.66
N LEU DA 170 -55.63 -61.12 86.86
CA LEU DA 170 -54.49 -60.64 87.63
C LEU DA 170 -53.83 -59.45 86.95
N LYS DA 171 -53.71 -59.49 85.63
CA LYS DA 171 -53.19 -58.35 84.88
C LYS DA 171 -54.04 -57.11 85.13
N CYS DA 172 -55.32 -57.16 84.75
CA CYS DA 172 -56.20 -56.01 84.92
C CYS DA 172 -56.27 -55.55 86.38
N TYR DA 173 -56.07 -56.47 87.33
CA TYR DA 173 -55.97 -56.07 88.73
C TYR DA 173 -54.77 -55.16 88.95
N TYR DA 174 -53.59 -55.59 88.49
CA TYR DA 174 -52.40 -54.75 88.59
C TYR DA 174 -52.42 -53.61 87.58
N PHE DA 175 -53.22 -53.72 86.53
CA PHE DA 175 -53.40 -52.67 85.54
C PHE DA 175 -54.51 -51.70 85.91
N ASP DA 176 -55.25 -51.97 86.99
CA ASP DA 176 -56.36 -51.13 87.39
C ASP DA 176 -55.87 -49.72 87.70
N TYR DA 177 -56.76 -48.74 87.51
CA TYR DA 177 -56.43 -47.34 87.69
C TYR DA 177 -55.88 -47.04 89.09
N LYS DA 178 -56.22 -47.87 90.08
CA LYS DA 178 -55.62 -47.78 91.40
C LYS DA 178 -54.57 -48.88 91.52
N GLU DA 179 -53.30 -48.48 91.51
CA GLU DA 179 -52.21 -49.46 91.49
C GLU DA 179 -51.91 -50.03 92.87
N GLN DA 180 -52.12 -49.24 93.93
CA GLN DA 180 -51.72 -49.66 95.27
C GLN DA 180 -52.62 -50.80 95.75
N LEU DA 181 -52.01 -51.93 96.06
CA LEU DA 181 -52.70 -53.12 96.55
C LEU DA 181 -51.80 -53.81 97.55
N PRO DA 182 -52.36 -54.56 98.50
CA PRO DA 182 -51.52 -55.36 99.40
C PRO DA 182 -50.63 -56.32 98.62
N GLU DA 183 -49.38 -56.41 99.05
CA GLU DA 183 -48.39 -57.20 98.33
C GLU DA 183 -48.70 -58.69 98.46
N SER DA 184 -48.71 -59.39 97.33
CA SER DA 184 -48.94 -60.82 97.28
C SER DA 184 -47.65 -61.54 96.88
N ALA DA 185 -47.49 -62.76 97.39
CA ALA DA 185 -46.28 -63.51 97.13
C ALA DA 185 -46.11 -63.84 95.66
N TYR DA 186 -47.21 -64.20 94.99
CA TYR DA 186 -47.17 -64.57 93.58
C TYR DA 186 -47.26 -63.37 92.64
N MET DA 187 -47.39 -62.16 93.17
CA MET DA 187 -47.48 -60.97 92.32
C MET DA 187 -46.25 -60.80 91.44
N HIS DA 188 -45.07 -61.17 91.96
CA HIS DA 188 -43.84 -61.05 91.20
C HIS DA 188 -43.72 -62.15 90.15
N GLN DA 189 -43.63 -63.41 90.59
CA GLN DA 189 -43.32 -64.51 89.70
C GLN DA 189 -44.42 -64.79 88.68
N LEU DA 190 -45.65 -64.31 88.88
CA LEU DA 190 -46.66 -64.50 87.85
C LEU DA 190 -46.27 -63.82 86.55
N LEU DA 191 -45.48 -62.75 86.62
CA LEU DA 191 -44.89 -62.18 85.41
C LEU DA 191 -43.73 -63.04 84.90
N GLY DA 192 -42.81 -63.41 85.80
CA GLY DA 192 -41.60 -64.09 85.38
C GLY DA 192 -41.77 -65.54 84.98
N LEU DA 193 -42.62 -66.29 85.71
CA LEU DA 193 -42.82 -67.69 85.37
C LEU DA 193 -43.60 -67.85 84.06
N ASN DA 194 -44.65 -67.05 83.88
CA ASN DA 194 -45.27 -66.98 82.56
C ASN DA 194 -44.29 -66.48 81.51
N LEU DA 195 -43.38 -65.59 81.89
CA LEU DA 195 -42.30 -65.16 81.00
C LEU DA 195 -41.33 -66.29 80.72
N LEU DA 196 -41.08 -67.15 81.70
CA LEU DA 196 -40.22 -68.32 81.47
C LEU DA 196 -40.78 -69.18 80.36
N PHE DA 197 -42.06 -69.55 80.44
CA PHE DA 197 -42.69 -70.31 79.37
C PHE DA 197 -42.80 -69.48 78.10
N LEU DA 198 -42.91 -68.16 78.24
CA LEU DA 198 -43.12 -67.30 77.08
C LEU DA 198 -41.89 -67.27 76.18
N LEU DA 199 -40.72 -67.02 76.76
CA LEU DA 199 -39.51 -66.95 75.95
C LEU DA 199 -38.93 -68.33 75.65
N SER DA 200 -39.02 -69.27 76.58
CA SER DA 200 -38.45 -70.59 76.35
C SER DA 200 -39.21 -71.39 75.29
N GLN DA 201 -40.36 -70.92 74.85
CA GLN DA 201 -41.02 -71.44 73.66
C GLN DA 201 -40.55 -70.73 72.40
N ASN DA 202 -39.50 -69.91 72.52
CA ASN DA 202 -38.94 -69.09 71.45
C ASN DA 202 -39.95 -68.06 70.94
N ARG DA 203 -40.21 -67.10 71.83
CA ARG DA 203 -40.81 -65.82 71.47
C ARG DA 203 -39.82 -64.74 71.87
N VAL DA 204 -39.20 -64.11 70.87
CA VAL DA 204 -38.16 -63.12 71.13
C VAL DA 204 -38.73 -61.71 71.30
N ALA DA 205 -39.99 -61.50 70.92
CA ALA DA 205 -40.66 -60.21 71.04
C ALA DA 205 -41.33 -60.08 72.41
N GLU DA 206 -42.28 -60.97 72.70
CA GLU DA 206 -43.11 -60.86 73.90
C GLU DA 206 -42.32 -60.86 75.20
N PHE DA 207 -41.05 -61.24 75.18
CA PHE DA 207 -40.23 -61.08 76.39
C PHE DA 207 -40.01 -59.61 76.70
N HIS DA 208 -39.59 -58.83 75.69
CA HIS DA 208 -39.31 -57.42 75.91
C HIS DA 208 -40.57 -56.66 76.32
N THR DA 209 -41.69 -56.94 75.65
CA THR DA 209 -42.92 -56.21 75.94
C THR DA 209 -43.61 -56.70 77.21
N GLU DA 210 -43.21 -57.86 77.74
CA GLU DA 210 -43.76 -58.30 79.02
C GLU DA 210 -43.09 -57.59 80.19
N LEU DA 211 -41.79 -57.35 80.09
CA LEU DA 211 -41.04 -56.61 81.09
C LEU DA 211 -40.99 -55.12 80.80
N GLU DA 212 -41.70 -54.66 79.77
CA GLU DA 212 -41.71 -53.26 79.38
C GLU DA 212 -42.69 -52.43 80.21
N ARG DA 213 -43.38 -53.04 81.17
CA ARG DA 213 -44.25 -52.29 82.08
C ARG DA 213 -43.48 -51.14 82.70
N LEU DA 214 -42.60 -51.45 83.64
CA LEU DA 214 -41.55 -50.55 84.11
C LEU DA 214 -40.37 -51.40 84.55
N PRO DA 215 -39.13 -50.91 84.38
CA PRO DA 215 -37.98 -51.73 84.76
C PRO DA 215 -37.81 -51.88 86.26
N ALA DA 216 -38.34 -50.95 87.06
CA ALA DA 216 -38.02 -50.90 88.49
C ALA DA 216 -38.46 -52.18 89.20
N LYS DA 217 -39.70 -52.60 88.98
CA LYS DA 217 -40.21 -53.78 89.68
C LYS DA 217 -39.44 -55.05 89.31
N ASP DA 218 -38.88 -55.09 88.11
CA ASP DA 218 -38.10 -56.25 87.69
C ASP DA 218 -36.68 -56.25 88.23
N ILE DA 219 -36.14 -55.08 88.58
CA ILE DA 219 -34.74 -54.99 88.98
C ILE DA 219 -34.53 -55.40 90.43
N GLN DA 220 -35.46 -55.04 91.32
CA GLN DA 220 -35.24 -55.06 92.75
C GLN DA 220 -34.69 -56.39 93.28
N THR DA 221 -35.51 -57.44 93.29
CA THR DA 221 -35.09 -58.72 93.86
C THR DA 221 -36.04 -59.80 93.36
N ASN DA 222 -35.81 -61.02 93.84
CA ASN DA 222 -36.56 -62.20 93.42
C ASN DA 222 -36.55 -62.32 91.89
N VAL DA 223 -35.35 -62.53 91.36
CA VAL DA 223 -35.12 -62.52 89.93
C VAL DA 223 -35.09 -63.97 89.44
N TYR DA 224 -36.11 -64.34 88.67
CA TYR DA 224 -36.15 -65.60 87.93
C TYR DA 224 -35.74 -65.41 86.48
N ILE DA 225 -35.33 -64.19 86.09
CA ILE DA 225 -35.15 -63.85 84.69
C ILE DA 225 -33.94 -64.54 84.09
N LYS DA 226 -32.93 -64.85 84.89
CA LYS DA 226 -31.66 -65.34 84.34
C LYS DA 226 -31.82 -66.72 83.69
N HIS DA 227 -32.71 -67.56 84.23
CA HIS DA 227 -32.84 -68.91 83.71
C HIS DA 227 -33.43 -68.95 82.30
N PRO DA 228 -34.57 -68.32 82.00
CA PRO DA 228 -35.13 -68.46 80.64
C PRO DA 228 -34.23 -67.89 79.54
N VAL DA 229 -33.64 -66.72 79.76
CA VAL DA 229 -32.85 -66.08 78.70
C VAL DA 229 -31.64 -66.95 78.34
N SER DA 230 -30.92 -67.43 79.36
CA SER DA 230 -29.81 -68.34 79.10
C SER DA 230 -30.32 -69.67 78.57
N LEU DA 231 -31.53 -70.06 78.95
CA LEU DA 231 -32.14 -71.27 78.39
C LEU DA 231 -32.35 -71.10 76.89
N GLU DA 232 -32.83 -69.93 76.47
CA GLU DA 232 -33.01 -69.67 75.04
C GLU DA 232 -31.68 -69.68 74.31
N GLN DA 233 -30.63 -69.12 74.94
CA GLN DA 233 -29.29 -69.24 74.37
C GLN DA 233 -28.88 -70.70 74.24
N TYR DA 234 -29.36 -71.55 75.15
CA TYR DA 234 -29.14 -72.98 75.04
C TYR DA 234 -30.12 -73.68 74.11
N LEU DA 235 -31.15 -72.96 73.63
CA LEU DA 235 -32.02 -73.55 72.62
C LEU DA 235 -31.37 -73.54 71.24
N MET DA 236 -30.70 -72.44 70.90
CA MET DA 236 -29.93 -72.36 69.66
C MET DA 236 -28.49 -72.82 69.83
N GLU DA 237 -28.09 -73.22 71.04
CA GLU DA 237 -26.75 -73.75 71.29
C GLU DA 237 -26.46 -75.05 70.52
N GLY DA 238 -27.34 -76.06 70.53
CA GLY DA 238 -28.58 -76.13 71.28
C GLY DA 238 -28.50 -77.10 72.44
N SER DA 239 -29.56 -77.13 73.23
CA SER DA 239 -29.66 -78.02 74.39
C SER DA 239 -31.14 -78.36 74.59
N TYR DA 240 -31.53 -79.61 74.89
CA TYR DA 240 -30.74 -80.82 75.17
C TYR DA 240 -29.85 -80.74 76.41
N ASN DA 241 -28.53 -80.94 76.23
CA ASN DA 241 -27.61 -81.15 77.34
C ASN DA 241 -27.77 -80.17 78.49
N LYS DA 242 -27.42 -78.89 78.27
CA LYS DA 242 -27.50 -77.90 79.33
C LYS DA 242 -28.93 -77.58 79.73
N VAL DA 243 -29.89 -77.79 78.81
CA VAL DA 243 -31.30 -77.59 79.15
C VAL DA 243 -31.82 -78.77 79.97
N PHE DA 244 -31.38 -79.99 79.64
CA PHE DA 244 -31.74 -81.13 80.47
C PHE DA 244 -31.16 -80.99 81.87
N LEU DA 245 -29.95 -80.44 81.97
CA LEU DA 245 -29.41 -80.08 83.29
C LEU DA 245 -30.19 -78.93 83.90
N ALA DA 246 -30.69 -78.01 83.06
CA ALA DA 246 -31.62 -76.99 83.52
C ALA DA 246 -33.04 -77.53 83.68
N LYS DA 247 -33.33 -78.70 83.13
CA LYS DA 247 -34.60 -79.35 83.40
C LYS DA 247 -34.61 -80.03 84.76
N GLY DA 248 -33.42 -80.24 85.34
CA GLY DA 248 -33.35 -80.76 86.70
C GLY DA 248 -33.46 -79.68 87.76
N ASN DA 249 -32.99 -78.47 87.46
CA ASN DA 249 -33.08 -77.33 88.37
C ASN DA 249 -33.98 -76.28 87.72
N ILE DA 250 -35.18 -76.11 88.27
CA ILE DA 250 -36.11 -75.08 87.82
C ILE DA 250 -36.51 -74.29 89.05
N PRO DA 251 -36.79 -72.98 88.94
CA PRO DA 251 -37.18 -72.15 90.08
C PRO DA 251 -38.25 -72.72 91.06
N ALA DA 252 -39.35 -73.34 90.64
CA ALA DA 252 -39.77 -73.53 89.25
C ALA DA 252 -40.76 -72.43 88.79
N GLU DA 253 -41.93 -72.24 89.41
CA GLU DA 253 -42.49 -73.03 90.51
C GLU DA 253 -43.99 -73.16 90.34
N SER DA 254 -44.52 -74.35 90.63
CA SER DA 254 -45.93 -74.71 90.55
C SER DA 254 -46.48 -74.72 89.13
N TYR DA 255 -45.71 -74.29 88.14
CA TYR DA 255 -46.13 -74.32 86.74
C TYR DA 255 -45.44 -75.48 86.05
N THR DA 256 -46.23 -76.48 85.65
CA THR DA 256 -45.70 -77.70 85.05
C THR DA 256 -46.17 -77.88 83.61
N PHE DA 257 -47.47 -78.00 83.37
CA PHE DA 257 -47.98 -78.24 82.03
C PHE DA 257 -47.61 -77.13 81.05
N PHE DA 258 -47.15 -75.97 81.53
CA PHE DA 258 -46.56 -74.99 80.62
C PHE DA 258 -45.21 -75.48 80.10
N ILE DA 259 -44.35 -75.99 80.99
CA ILE DA 259 -43.05 -76.49 80.55
C ILE DA 259 -43.17 -77.79 79.77
N ASP DA 260 -44.32 -78.47 79.85
CA ASP DA 260 -44.54 -79.65 79.04
C ASP DA 260 -44.71 -79.28 77.57
N ILE DA 261 -45.61 -78.35 77.27
CA ILE DA 261 -45.74 -77.84 75.91
C ILE DA 261 -44.50 -77.05 75.53
N LEU DA 262 -43.84 -76.44 76.51
CA LEU DA 262 -42.55 -75.77 76.25
C LEU DA 262 -41.52 -76.77 75.75
N LEU DA 263 -41.49 -77.96 76.32
CA LEU DA 263 -40.57 -78.99 75.84
C LEU DA 263 -40.97 -79.47 74.45
N ASP DA 264 -42.26 -79.64 74.20
CA ASP DA 264 -42.72 -80.09 72.90
C ASP DA 264 -42.41 -79.06 71.82
N THR DA 265 -42.68 -77.79 72.09
CA THR DA 265 -42.35 -76.74 71.13
C THR DA 265 -40.84 -76.52 71.03
N ILE DA 266 -40.05 -77.04 71.96
CA ILE DA 266 -38.61 -77.04 71.80
C ILE DA 266 -38.17 -78.17 70.88
N ARG DA 267 -38.73 -79.37 71.07
CA ARG DA 267 -38.27 -80.54 70.31
C ARG DA 267 -38.56 -80.37 68.83
N ASP DA 268 -39.77 -79.93 68.48
CA ASP DA 268 -40.12 -79.82 67.07
C ASP DA 268 -39.40 -78.65 66.39
N GLU DA 269 -39.13 -77.58 67.14
CA GLU DA 269 -38.44 -76.44 66.56
C GLU DA 269 -36.94 -76.65 66.43
N ILE DA 270 -36.36 -77.60 67.16
CA ILE DA 270 -34.98 -77.99 66.90
C ILE DA 270 -34.88 -78.67 65.55
N ALA DA 271 -35.83 -79.57 65.26
CA ALA DA 271 -35.88 -80.21 63.95
C ALA DA 271 -36.23 -79.21 62.85
N GLY DA 272 -36.85 -78.08 63.23
CA GLY DA 272 -37.15 -77.05 62.25
C GLY DA 272 -36.02 -76.06 62.05
N CYS DA 273 -35.18 -75.88 63.07
CA CYS DA 273 -34.07 -74.94 63.01
C CYS DA 273 -32.74 -75.60 62.63
N ILE DA 274 -32.73 -76.91 62.37
CA ILE DA 274 -31.48 -77.60 62.07
C ILE DA 274 -31.23 -77.57 60.56
N GLU DA 275 -32.12 -78.17 59.78
CA GLU DA 275 -31.96 -78.28 58.34
C GLU DA 275 -33.31 -78.04 57.67
N LYS DA 276 -33.33 -77.47 56.46
CA LYS DA 276 -32.13 -77.05 55.72
C LYS DA 276 -31.58 -75.71 56.22
N ALA DA 277 -30.28 -75.48 56.08
CA ALA DA 277 -29.34 -76.43 55.47
C ALA DA 277 -28.06 -76.55 56.28
N TYR DA 278 -27.66 -77.79 56.55
CA TYR DA 278 -26.43 -78.08 57.28
C TYR DA 278 -25.66 -79.14 56.51
N GLU DA 279 -24.35 -79.21 56.76
CA GLU DA 279 -23.47 -80.05 55.98
C GLU DA 279 -23.35 -81.45 56.60
N LYS DA 280 -22.41 -82.24 56.08
CA LYS DA 280 -22.29 -83.64 56.47
C LYS DA 280 -21.79 -83.77 57.92
N ILE DA 281 -22.40 -84.71 58.65
CA ILE DA 281 -22.03 -85.03 60.02
C ILE DA 281 -22.09 -86.54 60.21
N LEU DA 282 -21.54 -87.00 61.33
CA LEU DA 282 -21.41 -88.42 61.61
C LEU DA 282 -22.62 -88.91 62.40
N PHE DA 283 -22.64 -90.22 62.69
CA PHE DA 283 -23.79 -90.83 63.34
C PHE DA 283 -23.81 -90.55 64.84
N THR DA 284 -22.79 -91.01 65.57
CA THR DA 284 -22.82 -90.96 67.03
C THR DA 284 -23.01 -89.55 67.58
N GLU DA 285 -22.70 -88.52 66.79
CA GLU DA 285 -23.04 -87.16 67.17
C GLU DA 285 -24.48 -86.78 66.83
N ALA DA 286 -25.12 -87.51 65.92
CA ALA DA 286 -26.57 -87.41 65.79
C ALA DA 286 -27.26 -88.18 66.90
N THR DA 287 -26.59 -89.21 67.43
CA THR DA 287 -26.98 -89.76 68.72
C THR DA 287 -26.79 -88.73 69.82
N ARG DA 288 -25.79 -87.84 69.67
CA ARG DA 288 -25.64 -86.71 70.56
C ARG DA 288 -26.62 -85.59 70.24
N ILE DA 289 -27.17 -85.56 69.02
CA ILE DA 289 -28.17 -84.54 68.69
C ILE DA 289 -29.41 -84.72 69.56
N LEU DA 290 -30.02 -85.91 69.51
CA LEU DA 290 -31.25 -86.18 70.25
C LEU DA 290 -31.00 -86.89 71.58
N PHE DA 291 -29.75 -87.21 71.88
CA PHE DA 291 -29.32 -87.79 73.18
C PHE DA 291 -30.11 -89.10 73.41
N PHE DA 292 -30.60 -89.33 74.63
CA PHE DA 292 -31.15 -90.63 75.05
C PHE DA 292 -30.08 -91.68 74.76
N ASN DA 293 -30.43 -92.85 74.21
CA ASN DA 293 -29.43 -93.82 73.79
C ASN DA 293 -29.64 -94.16 72.32
N THR DA 294 -30.76 -94.78 71.99
CA THR DA 294 -31.20 -94.95 70.60
C THR DA 294 -32.71 -94.76 70.57
N PRO DA 295 -33.17 -93.53 70.76
CA PRO DA 295 -34.62 -93.29 70.89
C PRO DA 295 -35.33 -93.40 69.55
N LYS DA 296 -36.64 -93.66 69.63
CA LYS DA 296 -37.47 -93.69 68.43
C LYS DA 296 -37.65 -92.31 67.83
N LYS DA 297 -37.34 -91.25 68.57
CA LYS DA 297 -37.38 -89.90 68.01
C LYS DA 297 -36.33 -89.70 66.93
N MET DA 298 -35.22 -90.44 66.98
CA MET DA 298 -34.22 -90.34 65.92
C MET DA 298 -34.72 -90.98 64.63
N THR DA 299 -35.63 -91.96 64.71
CA THR DA 299 -36.25 -92.49 63.51
C THR DA 299 -37.33 -91.57 62.99
N ASP DA 300 -38.08 -90.94 63.90
CA ASP DA 300 -39.11 -89.99 63.48
C ASP DA 300 -38.51 -88.80 62.74
N TYR DA 301 -37.36 -88.32 63.21
CA TYR DA 301 -36.74 -87.17 62.57
C TYR DA 301 -35.96 -87.55 61.31
N ALA DA 302 -35.19 -88.64 61.37
CA ALA DA 302 -34.45 -89.06 60.18
C ALA DA 302 -35.38 -89.32 58.99
N LYS DA 303 -36.63 -89.68 59.27
CA LYS DA 303 -37.65 -89.69 58.24
C LYS DA 303 -38.09 -88.28 57.89
N LYS DA 304 -38.60 -87.54 58.88
CA LYS DA 304 -39.08 -86.18 58.64
C LYS DA 304 -38.03 -85.29 58.00
N ARG DA 305 -36.77 -85.37 58.46
CA ARG DA 305 -35.72 -84.50 57.94
C ARG DA 305 -35.57 -84.64 56.43
N GLY DA 306 -34.97 -85.73 55.98
CA GLY DA 306 -34.94 -86.06 54.56
C GLY DA 306 -34.54 -84.96 53.58
N TRP DA 307 -33.38 -84.31 53.65
CA TRP DA 307 -32.10 -84.74 54.26
C TRP DA 307 -31.69 -86.13 53.75
N VAL DA 308 -31.06 -86.92 54.61
CA VAL DA 308 -30.47 -88.20 54.21
C VAL DA 308 -30.40 -89.09 55.44
N LEU DA 309 -30.56 -90.39 55.24
CA LEU DA 309 -30.16 -91.39 56.24
C LEU DA 309 -29.02 -92.19 55.64
N GLY DA 310 -27.80 -91.91 56.10
CA GLY DA 310 -26.64 -92.68 55.71
C GLY DA 310 -26.21 -93.65 56.79
N PRO DA 311 -25.45 -94.68 56.42
CA PRO DA 311 -24.81 -95.50 57.44
C PRO DA 311 -23.68 -94.73 58.12
N ASN DA 312 -23.71 -94.71 59.46
CA ASN DA 312 -22.66 -94.11 60.28
C ASN DA 312 -22.30 -92.70 59.82
N ASN DA 313 -23.27 -91.96 59.28
CA ASN DA 313 -23.03 -90.63 58.72
C ASN DA 313 -24.36 -90.06 58.25
N TYR DA 314 -24.31 -88.79 57.85
CA TYR DA 314 -25.46 -88.09 57.28
C TYR DA 314 -24.95 -87.09 56.25
N TYR DA 315 -25.78 -86.80 55.25
CA TYR DA 315 -25.40 -85.94 54.14
C TYR DA 315 -26.49 -84.91 53.87
N SER DA 316 -26.08 -83.82 53.22
CA SER DA 316 -26.98 -82.76 52.78
C SER DA 316 -27.40 -82.92 51.33
N PHE DA 317 -26.95 -83.96 50.64
CA PHE DA 317 -27.20 -84.16 49.22
C PHE DA 317 -28.70 -84.27 48.91
N ALA DA 318 -29.14 -83.82 47.74
CA ALA DA 318 -28.27 -83.22 46.73
C ALA DA 318 -28.96 -82.07 45.99
N SER DA 319 -28.30 -80.91 45.86
CA SER DA 319 -27.06 -80.62 46.59
C SER DA 319 -27.12 -79.22 47.18
N GLN DA 320 -27.15 -79.15 48.51
CA GLN DA 320 -26.94 -77.90 49.28
C GLN DA 320 -28.00 -76.76 49.40
N GLN DA 321 -29.20 -76.80 48.81
CA GLN DA 321 -29.84 -77.92 48.13
C GLN DA 321 -30.72 -77.38 47.00
N GLN DA 322 -31.02 -78.25 46.02
CA GLN DA 322 -31.88 -77.96 44.88
C GLN DA 322 -31.21 -77.06 43.86
N LYS DA 323 -30.08 -76.44 44.23
CA LYS DA 323 -29.26 -75.61 43.36
C LYS DA 323 -30.08 -74.54 42.67
N PRO DA 324 -30.49 -73.48 43.38
CA PRO DA 324 -31.17 -72.37 42.71
C PRO DA 324 -30.24 -71.71 41.70
N GLU DA 325 -30.79 -71.41 40.52
CA GLU DA 325 -29.95 -70.97 39.41
C GLU DA 325 -29.82 -69.43 39.31
N ASP DA 326 -30.89 -68.63 39.13
CA ASP DA 326 -32.30 -69.05 39.01
C ASP DA 326 -32.70 -69.14 37.54
N THR DA 327 -31.74 -68.95 36.65
CA THR DA 327 -31.92 -68.93 35.18
C THR DA 327 -32.90 -67.80 34.84
N THR DA 328 -33.82 -68.02 33.91
CA THR DA 328 -34.70 -66.97 33.40
C THR DA 328 -36.04 -66.90 34.12
N ILE DA 329 -36.24 -67.70 35.16
CA ILE DA 329 -37.45 -67.55 35.97
C ILE DA 329 -37.58 -66.12 36.53
N PRO DA 330 -36.52 -65.50 37.07
CA PRO DA 330 -36.64 -64.07 37.41
C PRO DA 330 -36.71 -63.15 36.21
N SER DA 331 -36.32 -63.61 35.01
CA SER DA 331 -36.31 -62.72 33.86
C SER DA 331 -37.72 -62.29 33.46
N THR DA 332 -38.72 -63.14 33.72
CA THR DA 332 -40.10 -62.79 33.39
C THR DA 332 -40.57 -61.63 34.26
N GLU DA 333 -40.39 -61.73 35.59
CA GLU DA 333 -40.75 -60.62 36.46
C GLU DA 333 -39.84 -59.42 36.23
N LEU DA 334 -38.61 -59.66 35.77
CA LEU DA 334 -37.74 -58.57 35.35
C LEU DA 334 -38.38 -57.80 34.19
N ALA DA 335 -38.97 -58.52 33.24
CA ALA DA 335 -39.73 -57.85 32.18
C ALA DA 335 -40.92 -57.11 32.77
N LYS DA 336 -41.68 -57.78 33.63
CA LYS DA 336 -42.85 -57.15 34.24
C LYS DA 336 -42.47 -55.93 35.06
N GLN DA 337 -41.29 -55.97 35.70
CA GLN DA 337 -40.87 -54.85 36.53
C GLN DA 337 -40.89 -53.53 35.75
N VAL DA 338 -40.29 -53.50 34.57
CA VAL DA 338 -40.26 -52.27 33.78
C VAL DA 338 -41.50 -52.12 32.92
N ILE DA 339 -42.30 -53.18 32.77
CA ILE DA 339 -43.61 -53.09 32.10
C ILE DA 339 -44.44 -52.03 32.82
N GLU DA 340 -44.72 -52.26 34.10
CA GLU DA 340 -45.46 -51.27 34.88
C GLU DA 340 -44.61 -50.10 35.32
N TYR DA 341 -43.27 -50.20 35.22
CA TYR DA 341 -42.43 -49.06 35.55
C TYR DA 341 -42.37 -48.06 34.41
N ALA DA 342 -42.25 -48.53 33.16
CA ALA DA 342 -42.43 -47.63 32.03
C ALA DA 342 -43.84 -47.08 31.99
N ARG DA 343 -44.81 -47.82 32.54
CA ARG DA 343 -46.14 -47.25 32.77
C ARG DA 343 -46.06 -46.09 33.75
N GLN DA 344 -45.24 -46.23 34.80
CA GLN DA 344 -44.99 -45.10 35.68
C GLN DA 344 -44.18 -44.01 34.98
N LEU DA 345 -43.31 -44.40 34.05
CA LEU DA 345 -42.59 -43.42 33.26
C LEU DA 345 -43.53 -42.63 32.36
N GLU DA 346 -44.57 -43.30 31.84
CA GLU DA 346 -45.58 -42.59 31.05
C GLU DA 346 -46.51 -41.77 31.93
N MET DA 347 -46.56 -42.04 33.23
CA MET DA 347 -47.38 -41.26 34.14
C MET DA 347 -46.79 -39.89 34.45
N ILE DA 348 -45.55 -39.62 34.03
CA ILE DA 348 -44.88 -38.37 34.39
C ILE DA 348 -45.27 -37.21 33.46
N VAL DA 349 -45.01 -37.24 32.15
CA VAL DA 349 -44.45 -38.37 31.39
C VAL DA 349 -42.97 -38.12 31.10
N MET EA 1 -34.67 -26.81 68.67
CA MET EA 1 -35.83 -26.51 67.82
C MET EA 1 -36.57 -25.21 68.21
N SER EA 2 -36.91 -24.96 69.48
CA SER EA 2 -36.68 -25.82 70.65
C SER EA 2 -37.90 -26.69 70.96
N GLU EA 3 -38.88 -26.65 70.06
CA GLU EA 3 -40.17 -27.27 70.28
C GLU EA 3 -40.05 -28.80 70.34
N LYS EA 4 -41.11 -29.43 70.84
CA LYS EA 4 -41.33 -30.87 70.88
C LYS EA 4 -40.37 -31.64 71.79
N LYS EA 5 -39.68 -32.64 71.23
CA LYS EA 5 -39.14 -33.73 72.06
C LYS EA 5 -37.98 -33.28 72.93
N GLN EA 6 -36.97 -32.64 72.34
CA GLN EA 6 -35.69 -32.48 73.04
C GLN EA 6 -35.76 -31.69 74.35
N PRO EA 7 -36.56 -30.64 74.52
CA PRO EA 7 -36.55 -29.91 75.81
C PRO EA 7 -36.98 -30.73 77.01
N VAL EA 8 -37.61 -31.89 76.81
CA VAL EA 8 -38.08 -32.70 77.95
C VAL EA 8 -36.92 -33.03 78.87
N ASP EA 9 -35.87 -33.67 78.33
CA ASP EA 9 -34.70 -34.00 79.12
C ASP EA 9 -33.46 -33.31 78.58
N LEU EA 56 -5.65 -58.31 69.75
CA LEU EA 56 -4.36 -58.47 69.10
C LEU EA 56 -3.52 -57.20 69.23
N ARG EA 57 -4.10 -56.18 69.86
CA ARG EA 57 -3.44 -54.90 70.12
C ARG EA 57 -2.85 -54.29 68.85
N ALA EA 58 -1.66 -53.71 68.95
CA ALA EA 58 -1.07 -53.06 67.78
C ALA EA 58 -0.45 -54.04 66.76
N GLU EA 59 0.43 -54.97 67.15
CA GLU EA 59 1.06 -55.10 68.47
C GLU EA 59 2.57 -55.20 68.29
N LEU EA 60 3.32 -54.77 69.31
CA LEU EA 60 4.78 -54.74 69.26
C LEU EA 60 5.40 -55.93 69.99
N GLU EA 61 5.19 -56.01 71.30
CA GLU EA 61 5.92 -56.97 72.12
C GLU EA 61 5.53 -58.40 71.79
N LYS EA 62 4.24 -58.70 71.76
CA LYS EA 62 3.79 -60.08 71.61
C LYS EA 62 4.24 -60.67 70.28
N HIS EA 63 4.14 -59.89 69.20
CA HIS EA 63 4.54 -60.40 67.89
C HIS EA 63 6.04 -60.69 67.85
N GLY EA 64 6.85 -59.88 68.52
CA GLY EA 64 8.26 -60.16 68.61
C GLY EA 64 8.56 -61.35 69.51
N TYR EA 65 7.69 -61.62 70.47
CA TYR EA 65 7.89 -62.74 71.39
C TYR EA 65 7.50 -64.08 70.79
N LYS EA 66 6.63 -64.09 69.78
CA LYS EA 66 6.14 -65.35 69.22
C LYS EA 66 7.27 -66.23 68.73
N MET EA 67 8.34 -65.61 68.20
CA MET EA 67 9.52 -66.36 67.77
C MET EA 67 10.13 -67.15 68.92
N GLU EA 68 10.64 -66.44 69.95
CA GLU EA 68 11.37 -67.09 71.02
C GLU EA 68 10.48 -67.91 71.95
N THR EA 69 9.16 -67.84 71.81
CA THR EA 69 8.29 -68.70 72.61
C THR EA 69 8.49 -70.16 72.23
N SER EA 70 8.39 -70.48 70.95
CA SER EA 70 8.59 -71.84 70.46
C SER EA 70 9.02 -71.84 69.00
N MET FA 1 -5.76 36.14 59.62
CA MET FA 1 -5.25 35.12 60.53
C MET FA 1 -4.01 34.44 59.97
N SER FA 2 -3.45 33.50 60.73
CA SER FA 2 -2.26 32.78 60.29
C SER FA 2 -2.57 31.67 59.30
N MET FA 3 -3.84 31.29 59.12
CA MET FA 3 -4.19 30.24 58.19
C MET FA 3 -4.12 30.71 56.74
N SER FA 4 -4.36 31.99 56.48
CA SER FA 4 -4.32 32.49 55.12
C SER FA 4 -2.90 32.53 54.58
N GLY FA 5 -1.90 32.62 55.45
CA GLY FA 5 -0.51 32.65 55.03
C GLY FA 5 0.13 31.28 55.01
N GLU FA 6 -0.68 30.23 54.97
CA GLU FA 6 -0.18 28.87 54.95
C GLU FA 6 0.39 28.51 53.59
N VAL FA 7 1.51 27.77 53.60
CA VAL FA 7 2.13 27.36 52.34
C VAL FA 7 1.27 26.34 51.61
N ALA FA 8 0.43 25.61 52.35
CA ALA FA 8 -0.42 24.60 51.73
C ALA FA 8 -1.49 25.24 50.86
N LYS FA 9 -1.71 24.65 49.69
CA LYS FA 9 -2.71 25.13 48.74
C LYS FA 9 -4.08 24.49 48.95
N GLU FA 10 -4.24 23.68 49.99
CA GLU FA 10 -5.50 22.98 50.22
C GLU FA 10 -6.66 23.95 50.38
N TRP FA 11 -7.76 23.66 49.69
CA TRP FA 11 -8.97 24.48 49.75
C TRP FA 11 -9.68 24.30 51.09
N GLN FA 12 -10.33 25.35 51.60
CA GLN FA 12 -10.40 26.65 50.94
C GLN FA 12 -10.34 27.80 51.95
N GLU FA 13 -9.94 28.97 51.49
CA GLU FA 13 -9.93 30.18 52.31
C GLU FA 13 -11.18 31.03 52.12
N LEU FA 14 -12.09 30.62 51.25
CA LEU FA 14 -13.31 31.38 50.98
C LEU FA 14 -14.41 30.96 51.96
N ASP FA 15 -15.24 31.94 52.34
CA ASP FA 15 -16.43 31.85 53.18
C ASP FA 15 -16.12 31.42 54.61
N ASP FA 16 -14.86 31.12 54.95
CA ASP FA 16 -14.52 30.73 56.31
C ASP FA 16 -14.79 31.84 57.32
N ALA FA 17 -14.85 33.10 56.87
CA ALA FA 17 -15.15 34.21 57.77
C ALA FA 17 -16.61 34.25 58.20
N GLU FA 18 -17.48 33.46 57.56
CA GLU FA 18 -18.89 33.44 57.95
C GLU FA 18 -19.09 32.67 59.25
N LYS FA 19 -18.33 31.58 59.45
CA LYS FA 19 -18.44 30.82 60.68
C LYS FA 19 -18.02 31.65 61.89
N VAL FA 20 -16.81 32.19 61.85
CA VAL FA 20 -16.29 33.05 62.91
C VAL FA 20 -16.13 34.44 62.31
N GLN FA 21 -16.96 35.39 62.78
CA GLN FA 21 -17.02 36.73 62.19
C GLN FA 21 -16.60 37.81 63.17
N ARG FA 22 -17.32 37.97 64.29
CA ARG FA 22 -17.02 39.06 65.22
C ARG FA 22 -15.66 38.88 65.88
N GLU FA 23 -15.21 37.64 66.09
CA GLU FA 23 -13.95 37.43 66.79
C GLU FA 23 -12.75 37.90 65.97
N PRO FA 24 -12.60 37.57 64.68
CA PRO FA 24 -11.46 38.10 63.92
C PRO FA 24 -11.46 39.61 63.78
N LEU FA 25 -12.59 40.28 64.04
CA LEU FA 25 -12.64 41.74 63.89
C LEU FA 25 -11.71 42.46 64.87
N LEU FA 26 -11.24 41.78 65.91
CA LEU FA 26 -10.31 42.41 66.84
C LEU FA 26 -8.94 42.64 66.23
N THR FA 27 -8.62 41.95 65.13
CA THR FA 27 -7.35 42.13 64.45
C THR FA 27 -7.49 43.22 63.38
N LEU FA 28 -6.40 43.49 62.67
CA LEU FA 28 -6.36 44.52 61.65
C LEU FA 28 -5.70 43.97 60.39
N VAL FA 29 -5.52 44.84 59.39
CA VAL FA 29 -4.88 44.46 58.15
C VAL FA 29 -3.37 44.38 58.25
N LYS FA 30 -2.81 44.78 59.40
CA LYS FA 30 -1.35 44.73 59.56
C LYS FA 30 -0.81 43.32 59.45
N GLU FA 31 -1.61 42.31 59.81
CA GLU FA 31 -1.22 40.93 59.60
C GLU FA 31 -1.48 40.46 58.17
N ILE FA 32 -2.39 41.12 57.45
CA ILE FA 32 -2.71 40.72 56.09
C ILE FA 32 -1.66 41.23 55.10
N VAL FA 33 -1.13 42.43 55.36
CA VAL FA 33 -0.23 43.05 54.37
C VAL FA 33 1.04 42.25 54.10
N PRO FA 34 1.68 41.58 55.08
CA PRO FA 34 2.89 40.84 54.72
C PRO FA 34 2.63 39.65 53.82
N TYR FA 35 1.40 39.11 53.82
CA TYR FA 35 1.09 37.96 52.98
C TYR FA 35 0.95 38.38 51.52
N ASN FA 36 0.18 39.44 51.26
CA ASN FA 36 -0.08 39.86 49.89
C ASN FA 36 1.08 40.66 49.30
N MET FA 37 1.80 41.43 50.13
CA MET FA 37 2.89 42.25 49.61
C MET FA 37 4.09 41.40 49.22
N ALA FA 38 4.50 40.49 50.10
CA ALA FA 38 5.67 39.66 49.83
C ALA FA 38 5.36 38.67 48.71
N HIS FA 39 6.26 38.61 47.72
CA HIS FA 39 6.09 37.71 46.59
C HIS FA 39 6.59 36.31 46.97
N ASN FA 40 6.47 35.38 46.03
CA ASN FA 40 6.88 33.99 46.23
C ASN FA 40 6.20 33.36 47.44
N ALA FA 41 4.92 33.69 47.62
CA ALA FA 41 4.14 33.18 48.74
C ALA FA 41 2.86 32.55 48.21
N GLU FA 42 2.35 31.57 48.95
CA GLU FA 42 1.14 30.87 48.56
C GLU FA 42 -0.09 31.67 48.97
N HIS FA 43 -1.14 31.56 48.16
CA HIS FA 43 -2.42 32.25 48.37
C HIS FA 43 -2.22 33.77 48.42
N GLU FA 44 -1.84 34.30 47.26
CA GLU FA 44 -1.70 35.75 47.11
C GLU FA 44 -3.06 36.40 46.84
N ALA FA 45 -3.67 36.07 45.69
CA ALA FA 45 -4.99 36.57 45.36
C ALA FA 45 -6.11 35.79 46.03
N CYS FA 46 -5.79 34.62 46.61
CA CYS FA 46 -6.83 33.85 47.30
C CYS FA 46 -7.24 34.50 48.60
N ASP FA 47 -6.33 35.19 49.27
CA ASP FA 47 -6.68 35.89 50.51
C ASP FA 47 -7.57 37.10 50.25
N LEU FA 48 -7.66 37.56 49.00
CA LEU FA 48 -8.53 38.68 48.67
C LEU FA 48 -10.00 38.34 48.84
N LEU FA 49 -10.35 37.05 48.80
CA LEU FA 49 -11.75 36.66 48.99
C LEU FA 49 -12.20 36.90 50.42
N MET FA 50 -11.31 36.66 51.39
CA MET FA 50 -11.61 37.02 52.78
C MET FA 50 -11.37 38.50 53.04
N GLU FA 51 -10.39 39.10 52.36
CA GLU FA 51 -10.08 40.50 52.61
C GLU FA 51 -11.12 41.44 52.02
N ILE FA 52 -11.80 41.03 50.96
CA ILE FA 52 -12.79 41.91 50.33
C ILE FA 52 -13.95 42.16 51.28
N GLU FA 53 -14.26 41.21 52.15
CA GLU FA 53 -15.35 41.41 53.12
C GLU FA 53 -14.92 42.36 54.23
N GLN FA 54 -13.65 42.28 54.65
CA GLN FA 54 -13.17 43.16 55.71
C GLN FA 54 -13.12 44.61 55.25
N VAL FA 55 -12.68 44.83 54.00
CA VAL FA 55 -12.64 46.20 53.48
C VAL FA 55 -14.01 46.67 53.05
N ASP FA 56 -14.97 45.76 52.89
CA ASP FA 56 -16.33 46.17 52.53
C ASP FA 56 -17.10 46.66 53.74
N MET FA 57 -16.96 45.98 54.88
CA MET FA 57 -17.67 46.37 56.10
C MET FA 57 -17.05 47.58 56.79
N LEU FA 58 -15.82 47.95 56.44
CA LEU FA 58 -15.16 49.11 57.03
C LEU FA 58 -15.43 50.39 56.25
N GLU FA 59 -16.26 50.34 55.21
CA GLU FA 59 -16.69 51.46 54.38
C GLU FA 59 -15.56 52.03 53.52
N LYS FA 60 -14.33 51.53 53.66
CA LYS FA 60 -13.25 52.00 52.81
C LYS FA 60 -13.49 51.57 51.36
N ASP FA 61 -13.12 52.43 50.43
CA ASP FA 61 -13.39 52.21 49.01
C ASP FA 61 -12.11 52.35 48.21
N ILE FA 62 -12.19 51.88 46.95
CA ILE FA 62 -11.11 51.81 45.97
C ILE FA 62 -10.16 50.68 46.32
N ASP FA 63 -10.23 50.21 47.57
CA ASP FA 63 -9.52 48.98 47.96
C ASP FA 63 -10.32 47.74 47.58
N GLU FA 64 -11.64 47.83 47.60
CA GLU FA 64 -12.47 46.68 47.26
C GLU FA 64 -12.40 46.36 45.77
N ASN FA 65 -12.21 47.37 44.92
CA ASN FA 65 -12.13 47.14 43.49
C ASN FA 65 -10.83 46.43 43.11
N ALA FA 66 -9.74 46.72 43.81
CA ALA FA 66 -8.46 46.09 43.49
C ALA FA 66 -8.44 44.63 43.91
N TYR FA 67 -9.12 44.30 45.02
CA TYR FA 67 -9.14 42.92 45.50
C TYR FA 67 -10.15 42.06 44.78
N ALA FA 68 -11.09 42.66 44.06
CA ALA FA 68 -12.11 41.92 43.32
C ALA FA 68 -11.73 41.67 41.87
N LYS FA 69 -10.51 42.07 41.45
CA LYS FA 69 -10.11 41.88 40.06
C LYS FA 69 -9.92 40.40 39.74
N VAL FA 70 -9.33 39.63 40.66
CA VAL FA 70 -9.08 38.22 40.40
C VAL FA 70 -10.33 37.39 40.61
N CYS FA 71 -11.13 37.73 41.62
CA CYS FA 71 -12.32 36.94 41.97
C CYS FA 71 -13.30 36.81 40.81
N LEU FA 72 -13.96 37.91 40.45
CA LEU FA 72 -14.86 37.98 39.31
C LEU FA 72 -16.10 37.10 39.47
N TYR FA 73 -16.16 36.31 40.53
CA TYR FA 73 -17.26 35.36 40.74
C TYR FA 73 -18.00 35.61 42.04
N LEU FA 74 -17.33 35.45 43.19
CA LEU FA 74 -18.00 35.59 44.48
C LEU FA 74 -18.48 37.00 44.77
N THR FA 75 -18.13 37.97 43.93
CA THR FA 75 -18.62 39.33 44.13
C THR FA 75 -20.14 39.41 44.02
N SER FA 76 -20.74 38.55 43.20
CA SER FA 76 -22.19 38.50 43.05
C SER FA 76 -22.89 38.24 44.38
N CYS FA 77 -22.71 37.05 44.93
CA CYS FA 77 -23.31 36.67 46.21
C CYS FA 77 -22.25 36.76 47.29
N VAL FA 78 -22.41 37.73 48.19
CA VAL FA 78 -21.48 37.96 49.29
C VAL FA 78 -22.27 38.32 50.53
N ASN FA 79 -21.81 37.85 51.68
CA ASN FA 79 -22.48 38.12 52.95
C ASN FA 79 -22.20 39.55 53.42
N TYR FA 80 -28.83 36.63 53.90
CA TYR FA 80 -28.21 37.83 54.45
C TYR FA 80 -29.25 38.92 54.72
N VAL FA 81 -29.05 39.67 55.78
CA VAL FA 81 -29.96 40.75 56.14
C VAL FA 81 -29.72 41.94 55.20
N PRO FA 82 -30.75 42.48 54.56
CA PRO FA 82 -30.53 43.55 53.58
C PRO FA 82 -30.10 44.88 54.18
N GLU FA 83 -30.29 45.09 55.49
CA GLU FA 83 -29.99 46.40 56.06
C GLU FA 83 -28.51 46.75 55.97
N PRO FA 84 -27.57 45.92 56.44
CA PRO FA 84 -26.15 46.25 56.19
C PRO FA 84 -25.79 46.20 54.72
N GLU FA 85 -26.54 45.45 53.91
CA GLU FA 85 -26.29 45.44 52.48
C GLU FA 85 -26.56 46.82 51.85
N ASN FA 86 -27.79 47.32 52.01
CA ASN FA 86 -28.12 48.63 51.43
C ASN FA 86 -27.44 49.77 52.15
N SER FA 87 -26.97 49.56 53.39
CA SER FA 87 -26.23 50.59 54.10
C SER FA 87 -24.81 50.71 53.54
N ALA FA 88 -24.03 49.64 53.67
CA ALA FA 88 -22.68 49.64 53.12
C ALA FA 88 -22.67 49.87 51.61
N LEU FA 89 -23.78 49.61 50.92
CA LEU FA 89 -23.85 49.86 49.48
C LEU FA 89 -23.98 51.35 49.18
N LEU FA 90 -24.88 52.04 49.89
CA LEU FA 90 -25.06 53.47 49.67
C LEU FA 90 -23.84 54.26 50.16
N ARG FA 91 -23.19 53.80 51.23
CA ARG FA 91 -21.99 54.48 51.70
C ARG FA 91 -20.81 54.23 50.77
N CYS FA 92 -20.75 53.03 50.18
CA CYS FA 92 -19.73 52.75 49.18
C CYS FA 92 -20.05 53.47 47.86
N ALA FA 93 -21.34 53.58 47.54
CA ALA FA 93 -21.76 54.32 46.35
C ALA FA 93 -21.24 55.75 46.38
N LEU FA 94 -21.67 56.52 47.38
CA LEU FA 94 -21.19 57.89 47.53
C LEU FA 94 -19.70 57.96 47.84
N GLY FA 95 -19.09 56.84 48.27
CA GLY FA 95 -17.69 56.85 48.62
C GLY FA 95 -16.76 56.49 47.49
N VAL FA 96 -17.24 55.77 46.48
CA VAL FA 96 -16.40 55.44 45.34
C VAL FA 96 -16.30 56.62 44.38
N PHE FA 97 -17.40 57.36 44.20
CA PHE FA 97 -17.39 58.47 43.26
C PHE FA 97 -16.39 59.55 43.67
N ARG FA 98 -16.26 59.81 44.96
CA ARG FA 98 -15.30 60.81 45.42
C ARG FA 98 -13.86 60.35 45.21
N LYS FA 99 -13.63 59.04 45.13
CA LYS FA 99 -12.30 58.52 44.84
C LYS FA 99 -11.91 58.65 43.38
N PHE FA 100 -12.84 59.06 42.51
CA PHE FA 100 -12.59 59.23 41.09
C PHE FA 100 -12.74 60.70 40.72
N SER FA 101 -12.07 61.09 39.63
CA SER FA 101 -12.07 62.47 39.13
C SER FA 101 -11.54 63.45 40.17
N ARG FA 102 -10.58 63.00 40.97
CA ARG FA 102 -9.94 63.83 41.99
C ARG FA 102 -8.71 64.57 41.46
N PHE FA 103 -8.34 64.33 40.20
CA PHE FA 103 -7.12 64.90 39.63
C PHE FA 103 -7.06 66.43 39.69
N PRO FA 104 -8.15 67.14 39.30
CA PRO FA 104 -9.45 66.83 38.71
C PRO FA 104 -9.42 66.73 37.18
N GLU FA 105 -10.59 66.68 36.56
CA GLU FA 105 -10.74 66.63 35.11
C GLU FA 105 -10.09 65.36 34.54
N ALA FA 106 -10.78 64.25 34.77
CA ALA FA 106 -10.39 62.93 34.28
C ALA FA 106 -8.96 62.59 34.82
N LEU FA 107 -8.05 61.85 34.16
CA LEU FA 107 -8.25 60.88 33.07
C LEU FA 107 -9.33 59.84 33.42
N ARG FA 108 -10.17 59.55 32.42
CA ARG FA 108 -11.32 58.69 32.63
C ARG FA 108 -10.89 57.24 32.86
N LEU FA 109 -11.77 56.48 33.50
CA LEU FA 109 -11.52 55.08 33.81
C LEU FA 109 -11.32 54.25 32.53
N ALA FA 110 -10.31 53.37 32.45
CA ALA FA 110 -9.29 53.03 33.47
C ALA FA 110 -9.86 52.61 34.82
N LEU FA 111 -15.14 50.02 28.45
CA LEU FA 111 -15.66 49.36 29.65
C LEU FA 111 -14.67 48.33 30.18
N MET FA 112 -13.93 48.71 31.22
CA MET FA 112 -12.95 47.82 31.81
C MET FA 112 -13.63 46.78 32.69
N LEU FA 113 -13.01 45.61 32.80
CA LEU FA 113 -13.58 44.51 33.57
C LEU FA 113 -13.50 44.72 35.08
N ASN FA 114 -12.82 45.78 35.52
CA ASN FA 114 -12.72 46.02 36.97
C ASN FA 114 -13.95 46.77 37.48
N ASP FA 115 -14.08 48.05 37.12
CA ASP FA 115 -15.18 48.86 37.63
C ASP FA 115 -16.50 48.47 36.98
N MET FA 116 -16.55 48.44 35.65
CA MET FA 116 -17.82 48.24 34.95
C MET FA 116 -18.44 46.89 35.27
N GLU FA 117 -17.63 45.84 35.37
CA GLU FA 117 -18.17 44.53 35.71
C GLU FA 117 -18.60 44.46 37.16
N LEU FA 118 -17.88 45.13 38.06
CA LEU FA 118 -18.24 45.12 39.47
C LEU FA 118 -19.50 45.95 39.74
N VAL FA 119 -19.56 47.16 39.18
CA VAL FA 119 -20.74 48.00 39.41
C VAL FA 119 -21.98 47.36 38.79
N GLU FA 120 -21.81 46.58 37.72
CA GLU FA 120 -22.95 45.90 37.12
C GLU FA 120 -23.32 44.65 37.91
N ASP FA 121 -22.32 43.92 38.42
CA ASP FA 121 -22.60 42.72 39.19
C ASP FA 121 -23.42 43.02 40.43
N ILE FA 122 -23.11 44.13 41.11
CA ILE FA 122 -23.92 44.53 42.26
C ILE FA 122 -25.20 45.23 41.79
N PHE FA 123 -25.18 45.87 40.61
CA PHE FA 123 -26.37 46.55 40.10
C PHE FA 123 -27.51 45.57 39.87
N THR FA 124 -27.21 44.31 39.58
CA THR FA 124 -28.26 43.31 39.46
C THR FA 124 -29.09 43.23 40.74
N SER FA 125 -28.42 43.02 41.88
CA SER FA 125 -29.12 43.01 43.16
C SER FA 125 -29.68 44.38 43.49
N CYS FA 126 -29.07 45.45 42.97
CA CYS FA 126 -29.61 46.79 43.17
C CYS FA 126 -30.94 46.96 42.46
N LYS FA 127 -30.98 46.63 41.17
CA LYS FA 127 -32.19 46.75 40.38
C LYS FA 127 -33.21 45.64 40.66
N ASP FA 128 -32.85 44.66 41.48
CA ASP FA 128 -33.77 43.56 41.75
C ASP FA 128 -34.92 44.00 42.65
N VAL FA 129 -34.61 44.38 43.89
CA VAL FA 129 -35.67 44.61 44.88
C VAL FA 129 -35.55 45.98 45.54
N VAL FA 130 -34.47 46.22 46.27
CA VAL FA 130 -34.44 47.32 47.23
C VAL FA 130 -33.92 48.62 46.62
N VAL FA 131 -33.97 49.69 47.43
CA VAL FA 131 -33.45 51.04 47.19
C VAL FA 131 -33.78 51.57 45.80
N GLN FA 132 -32.85 52.34 45.22
CA GLN FA 132 -33.03 53.01 43.94
C GLN FA 132 -31.83 53.93 43.69
N LYS FA 133 -31.71 54.49 42.48
CA LYS FA 133 -30.78 55.57 42.18
C LYS FA 133 -29.34 55.17 42.50
N GLN FA 134 -28.82 54.29 41.65
CA GLN FA 134 -27.49 53.73 41.84
C GLN FA 134 -26.43 54.71 41.34
N MET FA 135 -25.18 54.25 41.28
CA MET FA 135 -24.05 55.11 40.94
C MET FA 135 -24.05 55.56 39.48
N ALA FA 136 -24.94 55.04 38.65
CA ALA FA 136 -24.96 55.44 37.24
C ALA FA 136 -25.22 56.93 37.09
N PHE FA 137 -26.07 57.49 37.93
CA PHE FA 137 -26.29 58.94 37.92
C PHE FA 137 -25.17 59.68 38.64
N MET FA 138 -24.57 59.07 39.66
CA MET FA 138 -23.56 59.75 40.45
C MET FA 138 -22.21 59.78 39.74
N LEU FA 139 -21.81 58.65 39.14
CA LEU FA 139 -20.48 58.56 38.53
C LEU FA 139 -20.38 59.44 37.29
N GLY FA 140 -21.38 59.37 36.41
CA GLY FA 140 -21.37 60.11 35.16
C GLY FA 140 -20.89 59.33 33.97
N ARG FA 141 -20.37 58.13 34.17
CA ARG FA 141 -19.94 57.28 33.05
C ARG FA 141 -21.14 56.88 32.22
N HIS FA 142 -21.05 57.12 30.91
CA HIS FA 142 -22.14 56.75 30.01
C HIS FA 142 -22.17 55.26 29.70
N GLY FA 143 -21.06 54.55 29.92
CA GLY FA 143 -21.07 53.12 29.69
C GLY FA 143 -21.95 52.37 30.66
N VAL FA 144 -21.91 52.76 31.95
CA VAL FA 144 -22.79 52.14 32.93
C VAL FA 144 -24.23 52.60 32.76
N PHE FA 145 -24.43 53.74 32.08
CA PHE FA 145 -25.79 54.20 31.82
C PHE FA 145 -26.52 53.27 30.83
N LEU FA 146 -25.78 52.61 29.94
CA LEU FA 146 -26.38 51.63 29.05
C LEU FA 146 -26.91 50.44 29.85
N GLU FA 147 -26.15 49.97 30.84
CA GLU FA 147 -26.59 48.88 31.70
C GLU FA 147 -27.52 49.36 32.82
N LEU FA 148 -27.66 50.66 33.01
CA LEU FA 148 -28.56 51.18 34.03
C LEU FA 148 -30.01 50.88 33.71
N SER FA 149 -30.38 50.97 32.44
CA SER FA 149 -31.78 50.82 32.05
C SER FA 149 -32.20 49.36 32.09
N GLU FA 150 -33.49 49.15 32.40
CA GLU FA 150 -34.12 47.84 32.36
C GLU FA 150 -35.31 47.93 31.41
N ASP FA 151 -35.80 46.75 31.00
CA ASP FA 151 -36.90 46.72 30.04
C ASP FA 151 -38.12 47.40 30.62
N VAL FA 152 -38.58 48.45 29.95
CA VAL FA 152 -39.75 49.22 30.38
C VAL FA 152 -40.23 50.02 29.18
N GLU FA 153 -41.47 50.51 29.26
CA GLU FA 153 -41.94 51.45 28.26
C GLU FA 153 -41.10 52.72 28.29
N GLU FA 154 -40.56 53.10 27.13
CA GLU FA 154 -39.62 54.21 27.04
C GLU FA 154 -40.29 55.54 26.78
N TYR FA 155 -41.63 55.58 26.72
CA TYR FA 155 -42.33 56.84 26.49
C TYR FA 155 -42.12 57.81 27.66
N GLU FA 156 -41.94 57.29 28.86
CA GLU FA 156 -41.69 58.11 30.04
C GLU FA 156 -40.20 58.31 30.33
N ASP FA 157 -39.33 57.69 29.55
CA ASP FA 157 -37.89 57.80 29.75
C ASP FA 157 -37.26 58.94 28.96
N LEU FA 158 -38.06 59.74 28.26
CA LEU FA 158 -37.53 60.85 27.47
C LEU FA 158 -36.95 61.97 28.32
N THR FA 159 -37.17 61.96 29.63
CA THR FA 159 -36.64 62.97 30.53
C THR FA 159 -35.35 62.47 31.19
N GLU FA 160 -34.39 63.39 31.35
CA GLU FA 160 -33.12 63.07 31.98
C GLU FA 160 -32.71 64.23 32.87
N ILE FA 161 -31.72 63.98 33.73
CA ILE FA 161 -31.22 65.01 34.62
C ILE FA 161 -30.41 66.03 33.82
N MET FA 162 -30.67 67.32 34.08
CA MET FA 162 -30.00 68.38 33.35
C MET FA 162 -28.57 68.58 33.86
N SER FA 163 -27.67 68.91 32.96
CA SER FA 163 -26.27 69.13 33.29
C SER FA 163 -25.70 70.15 32.31
N ASN FA 164 -24.39 70.35 32.37
CA ASN FA 164 -23.73 71.31 31.48
C ASN FA 164 -23.74 70.80 30.04
N VAL FA 165 -23.59 71.74 29.11
CA VAL FA 165 -23.62 71.39 27.69
C VAL FA 165 -22.40 70.58 27.30
N GLN FA 166 -21.27 70.77 27.99
CA GLN FA 166 -20.05 70.03 27.68
C GLN FA 166 -20.28 68.53 27.87
N LEU FA 167 -20.86 68.14 29.02
CA LEU FA 167 -21.19 66.74 29.25
C LEU FA 167 -22.46 66.33 28.52
N ASN FA 168 -23.36 67.27 28.22
CA ASN FA 168 -24.57 66.93 27.48
C ASN FA 168 -24.27 66.54 26.04
N SER FA 169 -23.16 67.04 25.49
CA SER FA 169 -22.77 66.67 24.14
C SER FA 169 -22.47 65.19 24.03
N ASN FA 170 -21.57 64.68 24.89
CA ASN FA 170 -21.27 63.26 24.89
C ASN FA 170 -22.42 62.43 25.45
N PHE FA 171 -23.21 63.01 26.36
CA PHE FA 171 -24.40 62.33 26.87
C PHE FA 171 -25.34 61.96 25.72
N LEU FA 172 -25.86 62.98 25.02
CA LEU FA 172 -26.78 62.72 23.91
C LEU FA 172 -26.10 61.96 22.78
N ALA FA 173 -24.78 62.07 22.65
CA ALA FA 173 -24.07 61.35 21.59
C ALA FA 173 -24.14 59.85 21.82
N LEU FA 174 -23.72 59.38 23.01
CA LEU FA 174 -23.79 57.96 23.30
C LEU FA 174 -25.23 57.51 23.53
N ALA FA 175 -26.11 58.41 23.93
CA ALA FA 175 -27.52 58.07 24.02
C ALA FA 175 -28.15 57.88 22.65
N ARG FA 176 -27.61 58.56 21.63
CA ARG FA 176 -28.11 58.38 20.28
C ARG FA 176 -27.75 56.98 19.75
N GLU FA 177 -26.47 56.61 19.84
CA GLU FA 177 -26.07 55.28 19.40
C GLU FA 177 -26.64 54.18 20.30
N LEU FA 178 -27.12 54.53 21.49
CA LEU FA 178 -27.83 53.57 22.31
C LEU FA 178 -29.28 53.40 21.85
N ASP FA 179 -29.90 54.47 21.37
CA ASP FA 179 -31.31 54.45 20.99
C ASP FA 179 -31.53 54.12 19.52
N ILE FA 180 -30.47 53.98 18.71
CA ILE FA 180 -30.67 53.59 17.32
C ILE FA 180 -31.10 52.13 17.23
N MET FA 181 -30.63 51.29 18.15
CA MET FA 181 -31.07 49.90 18.20
C MET FA 181 -32.45 49.75 18.82
N GLU FA 182 -32.87 50.72 19.66
CA GLU FA 182 -34.16 50.76 20.33
C GLU FA 182 -35.21 51.42 19.44
N PRO FA 183 -36.46 50.95 19.53
CA PRO FA 183 -37.54 51.58 18.75
C PRO FA 183 -37.59 53.09 18.84
N LYS FA 184 -37.40 53.66 20.03
CA LYS FA 184 -37.48 55.10 20.22
C LYS FA 184 -36.10 55.73 20.10
N VAL FA 185 -36.04 56.84 19.39
CA VAL FA 185 -34.78 57.53 19.11
C VAL FA 185 -34.90 58.95 19.63
N PRO FA 186 -33.78 59.65 19.84
CA PRO FA 186 -33.86 61.07 20.21
C PRO FA 186 -34.53 61.93 19.15
N ASP FA 187 -34.65 61.44 17.92
CA ASP FA 187 -35.32 62.14 16.85
C ASP FA 187 -36.83 61.92 16.84
N ASP FA 188 -37.36 61.20 17.84
CA ASP FA 188 -38.79 60.90 17.88
C ASP FA 188 -39.65 62.14 18.04
N ILE FA 189 -39.06 63.32 18.25
CA ILE FA 189 -39.83 64.54 18.38
C ILE FA 189 -40.62 64.84 17.11
N TYR FA 190 -40.14 64.39 15.96
CA TYR FA 190 -40.92 64.47 14.73
C TYR FA 190 -42.23 63.69 14.86
N LYS FA 191 -42.12 62.36 14.93
CA LYS FA 191 -43.29 61.50 14.94
C LYS FA 191 -44.17 61.80 16.15
N THR FA 192 -43.61 61.68 17.35
CA THR FA 192 -44.35 61.96 18.58
C THR FA 192 -44.64 63.46 18.69
N HIS FA 193 -45.84 63.89 19.12
CA HIS FA 193 -47.00 63.09 19.56
C HIS FA 193 -46.76 62.04 20.67
N LEU FA 194 -46.46 62.42 21.92
CA LEU FA 194 -46.18 63.78 22.45
C LEU FA 194 -47.21 64.87 22.13
N GLU FA 195 -46.76 65.89 21.40
CA GLU FA 195 -47.45 67.13 21.05
C GLU FA 195 -47.48 68.10 22.23
N ASN FA 196 -46.97 67.72 23.40
CA ASN FA 196 -46.87 68.64 24.51
C ASN FA 196 -45.84 69.72 24.23
N ASN FA 197 -45.94 70.83 24.95
CA ASN FA 197 -45.04 71.96 24.77
C ASN FA 197 -43.60 71.65 25.16
N ARG FA 198 -43.35 70.49 25.78
CA ARG FA 198 -42.00 70.18 26.25
C ARG FA 198 -41.01 70.00 25.12
N PHE FA 199 -41.40 69.26 24.07
CA PHE FA 199 -40.47 69.02 22.97
C PHE FA 199 -40.19 70.28 22.19
N GLY FA 200 -41.15 71.21 22.13
CA GLY FA 200 -40.89 72.48 21.47
C GLY FA 200 -40.07 73.42 22.32
N GLY FA 201 -40.26 73.36 23.64
CA GLY FA 201 -39.46 74.18 24.53
C GLY FA 201 -38.00 73.76 24.56
N SER FA 202 -37.76 72.47 24.79
CA SER FA 202 -36.39 71.96 24.79
C SER FA 202 -35.78 72.03 23.39
N GLY FA 203 -36.60 71.84 22.35
CA GLY FA 203 -36.09 71.96 21.00
C GLY FA 203 -35.67 73.36 20.64
N SER FA 204 -36.34 74.37 21.20
CA SER FA 204 -35.94 75.75 20.99
C SER FA 204 -34.87 76.22 21.96
N GLN FA 205 -34.65 75.48 23.05
CA GLN FA 205 -33.63 75.82 24.04
C GLN FA 205 -32.32 75.08 23.82
N VAL FA 206 -32.24 74.21 22.81
CA VAL FA 206 -31.00 73.48 22.58
C VAL FA 206 -29.90 74.42 22.07
N ASP FA 207 -30.29 75.49 21.36
CA ASP FA 207 -29.34 76.49 20.88
C ASP FA 207 -29.24 77.69 21.81
N SER FA 208 -30.01 77.71 22.90
CA SER FA 208 -29.96 78.78 23.88
C SER FA 208 -28.59 78.85 24.55
N ALA FA 209 -28.12 80.06 24.86
CA ALA FA 209 -28.83 81.30 24.53
C ALA FA 209 -28.28 81.96 23.27
N ARG FA 210 -27.29 81.33 22.65
CA ARG FA 210 -26.60 81.93 21.51
C ARG FA 210 -27.54 82.08 20.32
N MET FA 211 -27.67 83.30 19.82
CA MET FA 211 -28.47 83.59 18.64
C MET FA 211 -27.64 83.67 17.36
N ASN FA 212 -26.32 83.52 17.45
CA ASN FA 212 -25.45 83.62 16.28
C ASN FA 212 -25.18 82.24 15.69
N LEU FA 213 -24.53 81.36 16.46
CA LEU FA 213 -24.26 80.00 16.02
C LEU FA 213 -25.53 79.18 15.84
N ALA FA 214 -26.69 79.73 16.20
CA ALA FA 214 -27.97 79.03 16.09
C ALA FA 214 -28.58 79.12 14.69
N SER FA 215 -27.89 79.75 13.74
CA SER FA 215 -28.40 79.81 12.38
C SER FA 215 -28.65 78.41 11.82
N SER FA 216 -27.76 77.47 12.12
CA SER FA 216 -27.98 76.08 11.76
C SER FA 216 -29.00 75.46 12.71
N PHE FA 217 -29.69 74.43 12.22
CA PHE FA 217 -30.72 73.68 12.94
C PHE FA 217 -31.98 74.51 13.20
N VAL FA 218 -31.98 75.80 12.86
CA VAL FA 218 -33.16 76.65 13.05
C VAL FA 218 -33.61 77.17 11.69
N ASN FA 219 -32.78 77.99 11.05
CA ASN FA 219 -33.12 78.51 9.72
C ASN FA 219 -33.25 77.36 8.72
N GLY FA 220 -32.29 76.44 8.72
CA GLY FA 220 -32.39 75.28 7.84
C GLY FA 220 -33.54 74.37 8.21
N PHE FA 221 -33.99 74.42 9.47
CA PHE FA 221 -35.12 73.60 9.90
C PHE FA 221 -36.44 74.17 9.42
N VAL FA 222 -36.60 75.50 9.47
CA VAL FA 222 -37.89 76.09 9.13
C VAL FA 222 -38.11 76.11 7.62
N ASN FA 223 -37.04 76.18 6.82
CA ASN FA 223 -37.17 76.15 5.38
C ASN FA 223 -37.21 74.74 4.80
N ALA FA 224 -36.80 73.73 5.57
CA ALA FA 224 -36.89 72.34 5.14
C ALA FA 224 -38.15 71.64 5.67
N ALA FA 225 -38.95 72.32 6.48
CA ALA FA 225 -40.15 71.74 7.07
C ALA FA 225 -41.35 72.07 6.19
N PHE FA 226 -41.95 71.04 5.61
CA PHE FA 226 -43.11 71.24 4.75
C PHE FA 226 -44.38 71.50 5.56
N GLY FA 227 -44.46 70.93 6.77
CA GLY FA 227 -45.65 71.12 7.59
C GLY FA 227 -45.59 72.40 8.40
N GLN FA 228 -46.77 72.97 8.64
CA GLN FA 228 -46.89 74.20 9.41
C GLN FA 228 -46.99 73.96 10.91
N ASP FA 229 -47.26 72.71 11.33
CA ASP FA 229 -47.38 72.42 12.75
C ASP FA 229 -46.08 72.68 13.49
N LYS FA 230 -44.94 72.34 12.86
CA LYS FA 230 -43.64 72.63 13.45
C LYS FA 230 -43.43 74.13 13.57
N LEU FA 231 -43.61 74.86 12.46
CA LEU FA 231 -43.50 76.31 12.48
C LEU FA 231 -44.60 76.96 13.31
N LEU FA 232 -45.59 76.19 13.76
CA LEU FA 232 -46.61 76.71 14.66
C LEU FA 232 -46.20 76.56 16.11
N THR FA 233 -46.03 75.31 16.57
CA THR FA 233 -45.67 75.09 17.97
C THR FA 233 -44.33 75.73 18.32
N ASP FA 234 -43.36 75.65 17.41
CA ASP FA 234 -42.07 76.26 17.68
C ASP FA 234 -42.15 77.78 17.62
N ASP FA 235 -43.14 78.33 16.93
CA ASP FA 235 -43.33 79.78 16.94
C ASP FA 235 -43.72 80.27 18.33
N GLY FA 236 -44.63 79.57 18.99
CA GLY FA 236 -44.92 79.86 20.39
C GLY FA 236 -43.77 79.55 21.31
N ASN FA 237 -42.85 78.67 20.90
CA ASN FA 237 -41.65 78.37 21.66
C ASN FA 237 -40.45 79.20 21.22
N LYS FA 238 -40.61 80.06 20.22
CA LYS FA 238 -39.53 80.90 19.73
C LYS FA 238 -39.61 82.24 20.44
N TRP FA 239 -38.63 82.52 21.29
CA TRP FA 239 -38.63 83.71 22.14
C TRP FA 239 -37.79 84.86 21.57
N LEU FA 240 -37.20 84.69 20.39
CA LEU FA 240 -36.30 85.72 19.87
C LEU FA 240 -37.08 86.96 19.49
N TYR FA 241 -36.56 88.12 19.89
CA TYR FA 241 -37.17 89.43 19.66
C TYR FA 241 -38.61 89.47 20.15
N LYS FA 242 -39.48 90.16 19.42
CA LYS FA 242 -40.90 90.18 19.75
C LYS FA 242 -41.73 90.11 18.48
N ASN FA 243 -42.49 89.03 18.32
CA ASN FA 243 -43.62 88.95 17.40
C ASN FA 243 -43.23 89.10 15.92
N LYS FA 244 -41.99 89.49 15.64
CA LYS FA 244 -41.57 89.75 14.27
C LYS FA 244 -40.87 88.56 13.63
N ASP FA 245 -40.80 87.41 14.31
CA ASP FA 245 -40.21 86.22 13.73
C ASP FA 245 -41.09 85.59 12.65
N HIS FA 246 -42.31 86.09 12.47
CA HIS FA 246 -43.22 85.54 11.47
C HIS FA 246 -42.75 85.77 10.04
N GLY FA 247 -41.77 86.65 9.82
CA GLY FA 247 -41.28 86.87 8.48
C GLY FA 247 -40.60 85.65 7.89
N MET FA 248 -39.67 85.07 8.65
CA MET FA 248 -39.01 83.84 8.21
C MET FA 248 -39.87 82.61 8.44
N LEU FA 249 -40.86 82.69 9.32
CA LEU FA 249 -41.76 81.57 9.58
C LEU FA 249 -42.87 81.56 8.53
N SER FA 250 -43.88 80.72 8.73
CA SER FA 250 -45.03 80.52 7.85
C SER FA 250 -44.65 79.85 6.53
N ALA FA 251 -43.37 79.56 6.31
CA ALA FA 251 -42.88 78.98 5.06
C ALA FA 251 -43.17 79.88 3.87
N ALA FA 252 -43.23 81.18 4.10
CA ALA FA 252 -43.41 82.16 3.02
C ALA FA 252 -42.06 82.54 2.43
N ALA FA 253 -41.24 83.26 3.21
CA ALA FA 253 -39.89 83.57 2.76
C ALA FA 253 -39.01 82.32 2.71
N SER FA 254 -39.33 81.32 3.54
CA SER FA 254 -38.62 80.05 3.47
C SER FA 254 -38.72 79.44 2.07
N LEU FA 255 -39.94 79.11 1.65
CA LEU FA 255 -40.13 78.55 0.31
C LEU FA 255 -39.73 79.55 -0.77
N GLY FA 256 -39.81 80.85 -0.48
CA GLY FA 256 -39.41 81.84 -1.47
C GLY FA 256 -37.92 81.86 -1.72
N MET FA 257 -37.12 81.69 -0.66
CA MET FA 257 -35.67 81.72 -0.81
C MET FA 257 -35.13 80.40 -1.36
N ILE FA 258 -35.67 79.27 -0.89
CA ILE FA 258 -35.18 77.98 -1.35
C ILE FA 258 -35.64 77.67 -2.77
N LEU FA 259 -36.72 78.32 -3.23
CA LEU FA 259 -37.12 78.17 -4.63
C LEU FA 259 -36.09 78.82 -5.55
N LEU FA 260 -35.68 80.05 -5.21
CA LEU FA 260 -34.62 80.70 -5.97
C LEU FA 260 -33.30 79.95 -5.83
N TRP FA 261 -33.09 79.28 -4.69
CA TRP FA 261 -31.91 78.43 -4.55
C TRP FA 261 -31.99 77.23 -5.47
N ASP FA 262 -33.19 76.70 -5.71
CA ASP FA 262 -33.34 75.63 -6.69
C ASP FA 262 -33.21 76.16 -8.10
N VAL FA 263 -33.59 77.43 -8.34
CA VAL FA 263 -33.41 78.03 -9.65
C VAL FA 263 -31.93 78.24 -9.93
N ASP FA 264 -31.15 78.58 -8.90
CA ASP FA 264 -29.72 78.74 -9.06
C ASP FA 264 -29.07 77.47 -9.62
N GLY FA 265 -29.14 76.38 -8.85
CA GLY FA 265 -28.60 75.11 -9.29
C GLY FA 265 -29.36 74.44 -10.42
N GLY FA 266 -30.43 75.06 -10.91
CA GLY FA 266 -31.20 74.50 -12.01
C GLY FA 266 -30.66 74.93 -13.37
N LEU FA 267 -31.54 75.01 -14.36
CA LEU FA 267 -32.96 74.75 -14.16
C LEU FA 267 -33.54 73.92 -15.31
N THR FA 268 -34.82 73.60 -15.23
CA THR FA 268 -35.47 72.77 -16.23
C THR FA 268 -35.90 73.59 -17.43
N GLN FA 269 -35.79 72.99 -18.61
CA GLN FA 269 -36.18 73.64 -19.84
C GLN FA 269 -37.70 73.87 -19.87
N ILE FA 270 -38.11 75.00 -20.42
CA ILE FA 270 -39.50 75.42 -20.43
C ILE FA 270 -40.02 75.56 -21.85
N ASP FA 271 -39.45 76.51 -22.61
CA ASP FA 271 -40.00 76.85 -23.91
C ASP FA 271 -39.73 75.75 -24.93
N LYS FA 272 -38.50 75.24 -24.97
CA LYS FA 272 -38.10 74.29 -26.02
C LYS FA 272 -39.00 73.07 -26.03
N TYR FA 273 -38.99 72.28 -24.95
CA TYR FA 273 -39.66 71.00 -24.97
C TYR FA 273 -41.18 71.14 -24.93
N LEU FA 274 -41.69 72.08 -24.13
CA LEU FA 274 -43.14 72.17 -23.95
C LEU FA 274 -43.83 72.78 -25.17
N TYR FA 275 -43.17 73.68 -25.89
CA TYR FA 275 -43.75 74.19 -27.12
C TYR FA 275 -43.66 73.14 -28.23
N SER FA 276 -42.62 72.32 -28.22
CA SER FA 276 -42.54 71.20 -29.16
C SER FA 276 -43.66 70.19 -28.91
N SER FA 277 -43.99 69.98 -27.64
CA SER FA 277 -45.16 69.15 -27.31
C SER FA 277 -46.45 69.89 -27.61
N GLU FA 278 -46.42 71.22 -27.59
CA GLU FA 278 -47.59 72.01 -27.96
C GLU FA 278 -47.89 71.88 -29.45
N ASP FA 279 -46.84 71.78 -30.28
CA ASP FA 279 -47.04 71.49 -31.69
C ASP FA 279 -47.60 70.09 -31.89
N TYR FA 280 -47.35 69.18 -30.95
CA TYR FA 280 -47.94 67.86 -30.93
C TYR FA 280 -49.31 67.84 -30.26
N ILE FA 281 -49.81 69.01 -29.85
CA ILE FA 281 -51.08 69.22 -29.15
C ILE FA 281 -51.20 68.20 -28.02
N LYS FA 282 -52.36 67.57 -27.86
CA LYS FA 282 -52.62 66.69 -26.73
C LYS FA 282 -52.23 65.25 -27.05
N SER FA 283 -51.56 64.61 -26.10
CA SER FA 283 -51.22 63.20 -26.24
C SER FA 283 -52.45 62.33 -25.99
N GLY FA 284 -52.41 61.13 -26.55
CA GLY FA 284 -53.50 60.18 -26.39
C GLY FA 284 -53.56 59.47 -25.06
N ALA FA 285 -52.61 59.72 -24.17
CA ALA FA 285 -52.61 59.07 -22.87
C ALA FA 285 -53.69 59.65 -21.95
N LEU FA 286 -53.90 60.97 -22.02
CA LEU FA 286 -54.83 61.67 -21.13
C LEU FA 286 -54.52 61.40 -19.66
N LEU FA 287 -53.24 61.21 -19.35
CA LEU FA 287 -52.87 60.62 -18.07
C LEU FA 287 -51.78 61.42 -17.38
N ALA FA 288 -50.58 61.43 -17.94
CA ALA FA 288 -49.44 62.08 -17.32
C ALA FA 288 -49.21 63.49 -17.83
N CYS FA 289 -49.99 63.94 -18.83
CA CYS FA 289 -49.71 65.22 -19.46
C CYS FA 289 -50.03 66.41 -18.57
N GLY FA 290 -50.86 66.22 -17.54
CA GLY FA 290 -51.25 67.34 -16.70
C GLY FA 290 -50.27 67.66 -15.59
N ILE FA 291 -49.60 66.63 -15.06
CA ILE FA 291 -48.68 66.83 -13.94
C ILE FA 291 -47.36 67.46 -14.36
N VAL FA 292 -47.11 67.55 -15.67
CA VAL FA 292 -45.92 68.21 -16.20
C VAL FA 292 -45.88 69.65 -15.71
N ASN FA 293 -46.84 70.46 -16.17
CA ASN FA 293 -46.86 71.88 -15.85
C ASN FA 293 -47.04 72.12 -14.35
N SER FA 294 -47.49 71.12 -13.60
CA SER FA 294 -47.59 71.26 -12.14
C SER FA 294 -46.23 71.60 -11.54
N GLY FA 295 -45.27 70.69 -11.67
CA GLY FA 295 -43.95 70.94 -11.10
C GLY FA 295 -43.14 71.95 -11.90
N VAL FA 296 -43.28 71.93 -13.23
CA VAL FA 296 -42.53 72.83 -14.10
C VAL FA 296 -42.81 74.29 -13.76
N ARG FA 297 -44.03 74.75 -14.05
CA ARG FA 297 -44.37 76.15 -13.83
C ARG FA 297 -45.67 76.34 -13.03
N ASN FA 298 -45.62 76.86 -11.79
CA ASN FA 298 -44.42 77.19 -10.99
C ASN FA 298 -43.42 78.20 -11.58
N GLU FA 299 -43.75 79.49 -11.55
CA GLU FA 299 -45.05 79.99 -11.11
C GLU FA 299 -45.97 80.48 -12.23
N CYS FA 300 -45.50 80.45 -13.48
CA CYS FA 300 -46.07 81.29 -14.54
C CYS FA 300 -47.56 81.04 -14.73
N ASP FA 301 -48.33 82.13 -14.68
CA ASP FA 301 -49.78 82.12 -14.89
C ASP FA 301 -50.25 81.80 -16.31
N PRO FA 302 -49.59 82.28 -17.39
CA PRO FA 302 -50.21 82.13 -18.72
C PRO FA 302 -50.46 80.69 -19.10
N ALA FA 303 -49.57 79.77 -18.74
CA ALA FA 303 -49.80 78.35 -19.02
C ALA FA 303 -50.92 77.79 -18.17
N LEU FA 304 -51.14 78.35 -16.97
CA LEU FA 304 -52.25 77.92 -16.14
C LEU FA 304 -53.59 78.22 -16.83
N ALA FA 305 -53.66 79.29 -17.61
CA ALA FA 305 -54.87 79.57 -18.38
C ALA FA 305 -55.12 78.46 -19.40
N LEU FA 306 -54.07 77.99 -20.07
CA LEU FA 306 -54.21 76.88 -21.00
C LEU FA 306 -54.57 75.59 -20.26
N LEU FA 307 -54.03 75.41 -19.06
CA LEU FA 307 -54.37 74.27 -18.21
C LEU FA 307 -55.87 74.21 -17.97
N SER FA 308 -56.43 75.23 -17.33
CA SER FA 308 -57.84 75.22 -16.98
C SER FA 308 -58.73 75.19 -18.21
N ASP FA 309 -58.44 76.04 -19.21
CA ASP FA 309 -59.29 76.10 -20.40
C ASP FA 309 -59.38 74.75 -21.09
N TYR FA 310 -58.25 74.05 -21.21
CA TYR FA 310 -58.27 72.69 -21.74
C TYR FA 310 -59.16 71.79 -20.89
N VAL FA 311 -58.78 71.60 -19.62
CA VAL FA 311 -59.43 70.61 -18.76
C VAL FA 311 -60.89 70.94 -18.49
N LEU FA 312 -61.37 72.12 -18.90
CA LEU FA 312 -62.81 72.36 -18.90
C LEU FA 312 -63.55 71.40 -19.82
N HIS FA 313 -62.84 70.70 -20.72
CA HIS FA 313 -63.48 69.69 -21.55
C HIS FA 313 -63.93 68.48 -20.75
N ASN FA 314 -63.42 68.32 -19.52
CA ASN FA 314 -63.84 67.30 -18.57
C ASN FA 314 -63.45 65.89 -18.99
N SER FA 315 -62.82 65.72 -20.16
CA SER FA 315 -62.55 64.38 -20.68
C SER FA 315 -61.67 63.59 -19.73
N ASN FA 316 -62.18 62.43 -19.32
CA ASN FA 316 -61.47 61.50 -18.47
C ASN FA 316 -60.86 62.18 -17.25
N THR FA 317 -59.65 61.75 -16.89
CA THR FA 317 -58.96 62.18 -15.68
C THR FA 317 -57.88 63.24 -15.93
N MET FA 318 -57.68 63.68 -17.18
CA MET FA 318 -56.54 64.53 -17.51
C MET FA 318 -56.48 65.77 -16.63
N ARG FA 319 -57.62 66.21 -16.11
CA ARG FA 319 -57.68 67.36 -15.20
C ARG FA 319 -56.83 67.18 -13.95
N LEU FA 320 -56.43 65.94 -13.63
CA LEU FA 320 -55.71 65.61 -12.40
C LEU FA 320 -54.49 66.48 -12.15
N GLY FA 321 -53.43 66.28 -12.93
CA GLY FA 321 -52.20 67.03 -12.74
C GLY FA 321 -52.31 68.49 -13.12
N SER FA 322 -53.34 68.83 -13.91
CA SER FA 322 -53.55 70.22 -14.31
C SER FA 322 -54.11 71.03 -13.14
N ILE FA 323 -55.31 70.67 -12.68
CA ILE FA 323 -55.90 71.34 -11.53
C ILE FA 323 -55.01 71.22 -10.30
N PHE FA 324 -54.22 70.14 -10.21
CA PHE FA 324 -53.20 70.07 -9.18
C PHE FA 324 -52.16 71.18 -9.37
N GLY FA 325 -51.73 71.41 -10.60
CA GLY FA 325 -50.85 72.52 -10.89
C GLY FA 325 -51.52 73.87 -10.79
N LEU FA 326 -52.84 73.92 -10.86
CA LEU FA 326 -53.57 75.17 -10.65
C LEU FA 326 -53.26 75.75 -9.28
N GLY FA 327 -53.35 74.93 -8.24
CA GLY FA 327 -52.99 75.34 -6.91
C GLY FA 327 -51.50 75.28 -6.63
N LEU FA 328 -50.81 74.28 -7.18
CA LEU FA 328 -49.40 74.08 -6.88
C LEU FA 328 -48.55 75.25 -7.36
N ALA FA 329 -48.93 75.86 -8.49
CA ALA FA 329 -48.18 76.99 -9.01
C ALA FA 329 -48.09 78.11 -7.99
N TYR FA 330 -49.24 78.71 -7.63
CA TYR FA 330 -49.24 79.81 -6.69
C TYR FA 330 -48.83 79.36 -5.29
N ALA FA 331 -49.19 78.14 -4.89
CA ALA FA 331 -48.80 77.62 -3.58
C ALA FA 331 -47.33 77.26 -3.49
N GLY FA 332 -46.57 77.36 -4.59
CA GLY FA 332 -45.14 77.07 -4.52
C GLY FA 332 -44.43 77.84 -3.43
N SER FA 333 -44.88 79.07 -3.14
CA SER FA 333 -44.38 79.81 -1.99
C SER FA 333 -45.47 79.95 -0.93
N ASN FA 334 -46.45 80.82 -1.15
CA ASN FA 334 -47.59 81.04 -0.24
C ASN FA 334 -48.54 82.08 -0.84
N ARG FA 335 -49.81 82.11 -0.41
CA ARG FA 335 -50.40 81.12 0.49
C ARG FA 335 -50.58 79.71 -0.11
N GLU FA 336 -51.20 79.54 -1.29
CA GLU FA 336 -51.88 80.56 -2.10
C GLU FA 336 -53.06 79.87 -2.80
N ASP FA 337 -53.85 80.65 -3.54
CA ASP FA 337 -54.92 80.16 -4.41
C ASP FA 337 -56.07 79.53 -3.65
N VAL FA 338 -55.97 79.40 -2.32
CA VAL FA 338 -56.96 78.65 -1.54
C VAL FA 338 -58.36 79.22 -1.67
N LEU FA 339 -58.51 80.43 -2.22
CA LEU FA 339 -59.83 80.99 -2.45
C LEU FA 339 -60.49 80.35 -3.68
N THR FA 340 -59.87 80.48 -4.85
CA THR FA 340 -60.39 79.90 -6.08
C THR FA 340 -59.99 78.45 -6.27
N LEU FA 341 -59.26 77.85 -5.33
CA LEU FA 341 -58.90 76.44 -5.46
C LEU FA 341 -60.07 75.53 -5.12
N LEU FA 342 -60.86 75.90 -4.12
CA LEU FA 342 -62.02 75.12 -3.71
C LEU FA 342 -63.29 75.53 -4.45
N LEU FA 343 -63.24 76.59 -5.26
CA LEU FA 343 -64.43 77.02 -6.00
C LEU FA 343 -64.90 75.99 -7.02
N PRO FA 344 -64.04 75.38 -7.85
CA PRO FA 344 -64.53 74.38 -8.81
C PRO FA 344 -65.09 73.13 -8.16
N VAL FA 345 -64.78 72.88 -6.89
CA VAL FA 345 -65.26 71.70 -6.17
C VAL FA 345 -66.80 71.67 -6.19
N MET FA 346 -67.41 72.64 -5.53
CA MET FA 346 -68.87 72.70 -5.49
C MET FA 346 -69.47 73.10 -6.83
N GLY FA 347 -68.68 73.72 -7.71
CA GLY FA 347 -69.18 74.13 -9.00
C GLY FA 347 -69.33 72.98 -9.98
N ASP FA 348 -68.36 72.07 -9.99
CA ASP FA 348 -68.39 70.92 -10.90
C ASP FA 348 -68.99 69.70 -10.20
N SER FA 349 -73.37 66.47 -6.75
CA SER FA 349 -73.17 65.47 -7.79
C SER FA 349 -71.82 65.63 -8.47
N LYS FA 350 -70.97 64.63 -8.36
CA LYS FA 350 -69.64 64.67 -8.97
C LYS FA 350 -69.66 64.23 -10.46
N SER FA 351 -70.07 63.00 -10.81
CA SER FA 351 -70.59 61.95 -9.93
C SER FA 351 -69.48 60.96 -9.55
N SER FA 352 -68.28 61.21 -10.05
CA SER FA 352 -67.13 60.33 -9.82
C SER FA 352 -65.92 61.19 -9.45
N MET FA 353 -64.77 60.52 -9.27
CA MET FA 353 -63.55 61.19 -8.88
C MET FA 353 -62.93 61.94 -10.05
N GLU FA 354 -62.97 61.36 -11.25
CA GLU FA 354 -62.32 61.96 -12.41
C GLU FA 354 -63.01 63.22 -12.90
N VAL FA 355 -64.17 63.57 -12.36
CA VAL FA 355 -64.88 64.77 -12.81
C VAL FA 355 -64.75 65.88 -11.78
N ALA FA 356 -65.52 65.79 -10.70
CA ALA FA 356 -65.49 66.81 -9.65
C ALA FA 356 -64.55 66.48 -8.51
N GLY FA 357 -64.00 65.26 -8.46
CA GLY FA 357 -63.10 64.90 -7.37
C GLY FA 357 -61.69 65.39 -7.54
N VAL FA 358 -61.30 65.74 -8.77
CA VAL FA 358 -59.96 66.29 -9.00
C VAL FA 358 -59.75 67.56 -8.18
N THR FA 359 -60.53 68.60 -8.47
CA THR FA 359 -60.41 69.85 -7.73
C THR FA 359 -60.76 69.69 -6.25
N ALA FA 360 -61.57 68.69 -5.90
CA ALA FA 360 -61.84 68.43 -4.49
C ALA FA 360 -60.60 67.87 -3.79
N LEU FA 361 -59.81 67.06 -4.51
CA LEU FA 361 -58.54 66.59 -3.98
C LEU FA 361 -57.50 67.69 -3.96
N ALA FA 362 -57.60 68.65 -4.88
CA ALA FA 362 -56.63 69.73 -4.98
C ALA FA 362 -56.41 70.42 -3.64
N CYS FA 363 -57.46 71.04 -3.10
CA CYS FA 363 -57.33 71.78 -1.85
C CYS FA 363 -56.76 70.92 -0.72
N GLY FA 364 -57.06 69.62 -0.72
CA GLY FA 364 -56.51 68.76 0.33
C GLY FA 364 -55.03 68.52 0.17
N MET FA 365 -54.60 68.11 -1.03
CA MET FA 365 -53.21 67.73 -1.24
C MET FA 365 -52.30 68.94 -1.39
N ILE FA 366 -52.75 69.97 -2.12
CA ILE FA 366 -51.93 71.15 -2.35
C ILE FA 366 -51.75 71.95 -1.07
N ALA FA 367 -52.58 71.71 -0.06
CA ALA FA 367 -52.56 72.45 1.20
C ALA FA 367 -51.15 72.54 1.78
N VAL FA 368 -50.62 71.41 2.27
CA VAL FA 368 -49.26 71.33 2.79
C VAL FA 368 -49.07 72.37 3.89
N GLY FA 369 -49.67 72.14 5.05
CA GLY FA 369 -49.59 73.07 6.16
C GLY FA 369 -50.83 73.92 6.39
N SER FA 370 -51.96 73.56 5.80
CA SER FA 370 -53.22 74.27 6.06
C SER FA 370 -54.39 73.29 6.05
N CYS FA 371 -55.33 73.34 7.02
CA CYS FA 371 -55.40 74.20 8.23
C CYS FA 371 -55.23 75.71 8.00
N ASN FA 372 -54.49 76.35 8.90
CA ASN FA 372 -54.18 77.80 8.90
C ASN FA 372 -55.17 78.85 9.49
N GLY FA 373 -56.35 78.53 10.03
CA GLY FA 373 -56.95 77.22 10.16
C GLY FA 373 -58.18 77.03 9.28
N ASP FA 374 -58.37 77.96 8.32
CA ASP FA 374 -59.61 77.99 7.55
C ASP FA 374 -59.75 76.78 6.64
N VAL FA 375 -58.63 76.25 6.12
CA VAL FA 375 -58.71 75.14 5.16
C VAL FA 375 -59.31 73.90 5.80
N THR FA 376 -59.04 73.66 7.09
CA THR FA 376 -59.60 72.52 7.80
C THR FA 376 -61.13 72.56 7.77
N SER FA 377 -61.72 73.59 8.38
CA SER FA 377 -63.18 73.67 8.44
C SER FA 377 -63.80 73.83 7.06
N THR FA 378 -63.08 74.43 6.12
CA THR FA 378 -63.62 74.57 4.77
C THR FA 378 -63.71 73.23 4.06
N ILE FA 379 -62.67 72.41 4.18
CA ILE FA 379 -62.70 71.07 3.57
C ILE FA 379 -63.74 70.20 4.27
N LEU FA 380 -63.83 70.29 5.60
CA LEU FA 380 -64.81 69.50 6.33
C LEU FA 380 -66.24 69.89 5.94
N GLN FA 381 -66.49 71.19 5.78
CA GLN FA 381 -67.83 71.62 5.36
C GLN FA 381 -68.09 71.29 3.91
N THR FA 382 -67.06 71.39 3.06
CA THR FA 382 -67.25 71.09 1.64
C THR FA 382 -67.54 69.61 1.42
N ILE FA 383 -66.89 68.73 2.19
CA ILE FA 383 -67.17 67.30 2.07
C ILE FA 383 -68.46 66.92 2.78
N MET FA 384 -68.92 67.73 3.74
CA MET FA 384 -70.22 67.49 4.35
C MET FA 384 -71.38 67.93 3.46
N GLU FA 385 -71.09 68.75 2.45
CA GLU FA 385 -72.14 69.17 1.51
C GLU FA 385 -72.48 68.07 0.53
N LYS FA 386 -71.48 67.40 -0.02
CA LYS FA 386 -71.66 66.31 -0.97
C LYS FA 386 -71.31 64.99 -0.27
N SER FA 387 -72.29 64.08 -0.22
CA SER FA 387 -72.10 62.82 0.49
C SER FA 387 -72.46 61.63 -0.39
N GLU FA 388 -73.74 61.53 -0.77
CA GLU FA 388 -74.23 60.35 -1.49
C GLU FA 388 -73.62 60.21 -2.88
N THR FA 389 -73.12 61.29 -3.47
CA THR FA 389 -72.63 61.25 -4.85
C THR FA 389 -71.12 61.01 -4.95
N GLU FA 390 -70.40 60.94 -3.84
CA GLU FA 390 -68.95 60.80 -3.90
C GLU FA 390 -68.46 59.38 -4.34
N LEU FA 391 -68.89 58.29 -3.69
CA LEU FA 391 -69.67 58.29 -2.45
C LEU FA 391 -68.87 57.72 -1.27
N LYS FA 392 -68.74 56.39 -1.17
CA LYS FA 392 -67.85 55.77 -0.21
C LYS FA 392 -66.53 55.27 -0.81
N ASP FA 393 -66.37 55.34 -2.14
CA ASP FA 393 -65.34 54.53 -2.80
C ASP FA 393 -64.27 55.37 -3.47
N THR FA 394 -64.55 55.99 -4.63
CA THR FA 394 -63.47 56.43 -5.49
C THR FA 394 -62.79 57.71 -4.97
N TYR FA 395 -63.56 58.71 -4.55
CA TYR FA 395 -62.96 59.93 -4.04
C TYR FA 395 -62.50 59.80 -2.60
N ALA FA 396 -63.16 58.99 -1.78
CA ALA FA 396 -62.73 58.77 -0.41
C ALA FA 396 -61.33 58.16 -0.32
N ARG FA 397 -60.79 57.67 -1.44
CA ARG FA 397 -59.44 57.14 -1.45
C ARG FA 397 -58.42 58.23 -1.16
N TRP FA 398 -58.51 59.36 -1.88
CA TRP FA 398 -57.54 60.45 -1.83
C TRP FA 398 -57.79 61.46 -0.73
N LEU FA 399 -58.99 61.48 -0.15
CA LEU FA 399 -59.34 62.60 0.73
C LEU FA 399 -58.52 62.62 2.02
N PRO FA 400 -58.35 61.52 2.76
CA PRO FA 400 -57.55 61.59 3.99
C PRO FA 400 -56.11 62.05 3.78
N LEU FA 401 -55.61 62.00 2.55
CA LEU FA 401 -54.26 62.47 2.26
C LEU FA 401 -54.10 63.97 2.45
N GLY FA 402 -55.18 64.69 2.73
CA GLY FA 402 -55.08 66.12 2.96
C GLY FA 402 -55.26 66.51 4.43
N LEU FA 403 -55.25 65.53 5.33
CA LEU FA 403 -55.50 65.84 6.74
C LEU FA 403 -54.38 65.32 7.64
N GLY FA 404 -54.25 64.00 7.77
CA GLY FA 404 -53.24 63.42 8.64
C GLY FA 404 -51.82 63.79 8.27
N LEU FA 405 -51.61 64.27 7.05
CA LEU FA 405 -50.30 64.73 6.63
C LEU FA 405 -49.89 65.99 7.39
N ASN FA 406 -50.75 67.00 7.38
CA ASN FA 406 -50.42 68.26 8.04
C ASN FA 406 -50.43 68.11 9.55
N HIS FA 407 -51.47 67.51 10.11
CA HIS FA 407 -51.58 67.32 11.55
C HIS FA 407 -52.05 65.89 11.82
N LEU FA 408 -51.23 65.12 12.54
CA LEU FA 408 -51.64 63.78 12.95
C LEU FA 408 -52.55 63.82 14.17
N GLY FA 409 -52.37 64.81 15.05
CA GLY FA 409 -53.15 64.91 16.26
C GLY FA 409 -54.28 65.92 16.18
N LYS FA 410 -54.72 66.24 14.97
CA LYS FA 410 -55.79 67.20 14.77
C LYS FA 410 -57.05 66.78 15.50
N GLY FA 411 -57.66 67.72 16.23
CA GLY FA 411 -58.84 67.40 17.01
C GLY FA 411 -60.06 67.09 16.17
N GLU FA 412 -60.17 67.71 15.00
CA GLU FA 412 -61.30 67.45 14.12
C GLU FA 412 -61.20 66.06 13.52
N ALA FA 413 -62.25 65.26 13.71
CA ALA FA 413 -62.30 63.89 13.21
C ALA FA 413 -63.23 63.85 12.01
N ILE FA 414 -62.66 63.67 10.82
CA ILE FA 414 -63.45 63.50 9.61
C ILE FA 414 -63.72 62.02 9.31
N GLU FA 415 -63.11 61.10 10.06
CA GLU FA 415 -63.28 59.68 9.80
C GLU FA 415 -64.72 59.24 10.00
N ALA FA 416 -65.37 59.71 11.07
CA ALA FA 416 -66.72 59.26 11.40
C ALA FA 416 -67.72 59.69 10.34
N ILE FA 417 -67.71 60.97 9.96
CA ILE FA 417 -68.66 61.46 8.97
C ILE FA 417 -68.38 60.86 7.59
N LEU FA 418 -67.14 60.46 7.34
CA LEU FA 418 -66.82 59.80 6.07
C LEU FA 418 -67.03 58.30 6.12
N ALA FA 419 -67.20 57.72 7.31
CA ALA FA 419 -67.46 56.28 7.45
C ALA FA 419 -68.94 55.96 7.53
N ALA FA 420 -69.81 56.98 7.56
CA ALA FA 420 -71.25 56.74 7.58
C ALA FA 420 -71.76 56.21 6.25
N LEU FA 421 -70.95 56.28 5.19
CA LEU FA 421 -71.32 55.79 3.87
C LEU FA 421 -70.85 54.36 3.63
N GLU FA 422 -70.24 53.70 4.61
CA GLU FA 422 -69.70 52.37 4.44
C GLU FA 422 -70.75 51.31 4.15
N VAL FA 423 -72.04 51.66 4.20
CA VAL FA 423 -73.11 50.71 3.97
C VAL FA 423 -73.15 50.17 2.55
N VAL FA 424 -72.33 50.71 1.65
CA VAL FA 424 -72.39 50.30 0.24
C VAL FA 424 -72.08 48.82 0.07
N SER FA 425 -71.30 48.24 0.98
CA SER FA 425 -71.04 46.80 1.11
C SER FA 425 -70.21 46.22 -0.03
N GLU FA 426 -69.83 47.01 -1.03
CA GLU FA 426 -69.13 46.48 -2.19
C GLU FA 426 -67.78 45.90 -1.79
N PRO FA 427 -67.58 44.58 -1.94
CA PRO FA 427 -66.30 43.99 -1.50
C PRO FA 427 -65.11 44.38 -2.36
N PHE FA 428 -65.30 44.57 -3.67
CA PHE FA 428 -64.16 44.75 -4.56
C PHE FA 428 -63.57 46.16 -4.43
N ARG FA 429 -64.34 47.19 -4.76
CA ARG FA 429 -63.83 48.54 -4.76
C ARG FA 429 -63.38 49.00 -3.38
N SER FA 430 -63.93 48.43 -2.31
CA SER FA 430 -63.61 48.86 -0.96
C SER FA 430 -62.21 48.42 -0.51
N PHE FA 431 -61.61 47.43 -1.16
CA PHE FA 431 -60.27 47.00 -0.80
C PHE FA 431 -59.28 48.16 -0.92
N ALA FA 432 -59.03 48.61 -2.15
CA ALA FA 432 -58.16 49.75 -2.37
C ALA FA 432 -58.74 51.04 -1.81
N ASN FA 433 -60.05 51.09 -1.58
CA ASN FA 433 -60.66 52.27 -0.98
C ASN FA 433 -60.37 52.34 0.51
N THR FA 434 -60.96 51.42 1.28
CA THR FA 434 -60.84 51.48 2.73
C THR FA 434 -59.41 51.28 3.22
N LEU FA 435 -58.52 50.85 2.35
CA LEU FA 435 -57.13 50.60 2.73
C LEU FA 435 -56.49 51.85 3.31
N VAL FA 436 -56.19 52.82 2.44
CA VAL FA 436 -55.50 54.03 2.85
C VAL FA 436 -56.47 55.09 3.34
N ASP FA 437 -57.76 54.93 3.04
CA ASP FA 437 -58.80 55.80 3.57
C ASP FA 437 -58.63 55.83 5.08
N VAL FA 438 -58.81 54.67 5.71
CA VAL FA 438 -58.63 54.56 7.15
C VAL FA 438 -57.16 54.68 7.55
N CYS FA 439 -56.22 54.44 6.63
CA CYS FA 439 -54.81 54.53 6.99
C CYS FA 439 -54.29 55.97 6.98
N ALA FA 440 -54.79 56.81 6.08
CA ALA FA 440 -54.29 58.17 5.93
C ALA FA 440 -55.07 59.20 6.74
N TYR FA 441 -56.07 58.77 7.51
CA TYR FA 441 -56.82 59.72 8.32
C TYR FA 441 -55.94 60.39 9.36
N ALA FA 442 -55.31 59.59 10.22
CA ALA FA 442 -54.45 60.13 11.27
C ALA FA 442 -53.48 59.04 11.72
N GLY FA 443 -52.41 59.47 12.38
CA GLY FA 443 -51.47 58.52 12.97
C GLY FA 443 -51.99 57.84 14.21
N SER FA 444 -53.01 58.39 14.84
CA SER FA 444 -53.65 57.82 16.04
C SER FA 444 -52.59 57.73 17.13
N GLY FA 445 -52.35 56.56 17.73
CA GLY FA 445 -51.38 56.39 18.79
C GLY FA 445 -51.96 56.24 20.16
N ASN FA 446 -53.25 56.47 20.34
CA ASN FA 446 -53.90 56.33 21.64
C ASN FA 446 -54.45 54.94 21.88
N VAL FA 447 -54.39 54.06 20.89
CA VAL FA 447 -54.80 52.66 20.97
C VAL FA 447 -56.32 52.56 21.14
N LEU FA 448 -56.97 53.69 21.42
CA LEU FA 448 -58.43 53.70 21.53
C LEU FA 448 -59.11 53.77 20.17
N LYS FA 449 -58.46 54.38 19.18
CA LYS FA 449 -59.08 54.53 17.86
C LYS FA 449 -59.30 53.18 17.20
N VAL FA 450 -58.33 52.25 17.33
CA VAL FA 450 -58.48 50.95 16.70
C VAL FA 450 -59.61 50.17 17.37
N GLN FA 451 -59.75 50.28 18.69
CA GLN FA 451 -60.82 49.57 19.39
C GLN FA 451 -62.18 50.16 19.03
N GLN FA 452 -62.28 51.49 19.02
CA GLN FA 452 -63.52 52.15 18.61
C GLN FA 452 -63.93 51.72 17.21
N LEU FA 453 -63.08 52.02 16.22
CA LEU FA 453 -63.43 51.73 14.83
C LEU FA 453 -63.65 50.25 14.57
N LEU FA 454 -62.92 49.38 15.28
CA LEU FA 454 -63.14 47.95 15.09
C LEU FA 454 -64.51 47.52 15.61
N HIS FA 455 -64.91 48.03 16.77
CA HIS FA 455 -66.18 47.61 17.35
C HIS FA 455 -67.36 48.15 16.55
N ILE FA 456 -67.31 49.43 16.16
CA ILE FA 456 -68.47 50.04 15.51
C ILE FA 456 -68.58 49.65 14.04
N CYS FA 457 -67.46 49.43 13.35
CA CYS FA 457 -67.54 49.05 11.94
C CYS FA 457 -67.87 47.57 11.77
N SER FA 458 -67.13 46.70 12.46
CA SER FA 458 -67.26 45.25 12.29
C SER FA 458 -68.66 44.75 12.64
N GLU FA 459 -68.97 44.76 13.94
CA GLU FA 459 -70.30 44.64 14.57
C GLU FA 459 -71.03 43.35 15.01
N HIS FA 460 -70.71 42.08 14.68
CA HIS FA 460 -70.05 41.46 13.51
C HIS FA 460 -68.62 41.78 13.10
N PHE FA 461 -68.45 41.86 11.78
CA PHE FA 461 -67.17 42.02 11.09
C PHE FA 461 -67.46 42.08 9.60
N ASP FA 462 -66.51 42.64 8.86
CA ASP FA 462 -66.63 42.77 7.41
C ASP FA 462 -66.01 41.60 6.66
N SER FA 463 -65.24 40.75 7.35
CA SER FA 463 -64.59 39.57 6.77
C SER FA 463 -63.51 39.97 5.75
N LYS FA 464 -63.45 41.25 5.39
CA LYS FA 464 -62.47 41.74 4.44
C LYS FA 464 -61.76 42.97 5.00
N GLU FA 465 -62.52 44.03 5.26
CA GLU FA 465 -61.94 45.28 5.75
C GLU FA 465 -61.16 45.07 7.04
N LYS FA 466 -61.49 44.04 7.82
CA LYS FA 466 -60.77 43.77 9.05
C LYS FA 466 -59.32 43.40 8.78
N GLU FA 467 -59.03 42.85 7.60
CA GLU FA 467 -57.66 42.60 7.19
C GLU FA 467 -56.84 43.89 7.22
N GLU FA 468 -57.21 44.86 6.40
CA GLU FA 468 -56.52 46.14 6.37
C GLU FA 468 -56.73 46.93 7.65
N ASP FA 469 -57.73 46.57 8.46
CA ASP FA 469 -57.96 47.27 9.73
C ASP FA 469 -56.87 46.92 10.74
N LYS FA 470 -56.54 45.64 10.85
CA LYS FA 470 -55.44 45.24 11.73
C LYS FA 470 -54.10 45.72 11.17
N ASP FA 471 -54.00 45.88 9.85
CA ASP FA 471 -52.82 46.50 9.27
C ASP FA 471 -52.74 47.98 9.65
N LYS FA 472 -53.88 48.63 9.85
CA LYS FA 472 -53.86 50.00 10.35
C LYS FA 472 -53.41 50.05 11.79
N LYS FA 473 -53.84 49.08 12.61
CA LYS FA 473 -53.34 48.98 13.97
C LYS FA 473 -51.84 48.73 13.99
N GLU FA 474 -51.34 47.95 13.03
CA GLU FA 474 -49.90 47.74 12.93
C GLU FA 474 -49.19 48.99 12.45
N LYS FA 475 -49.79 49.72 11.51
CA LYS FA 475 -49.20 50.95 11.02
C LYS FA 475 -49.26 52.07 12.05
N LYS FA 476 -50.24 52.03 12.95
CA LYS FA 476 -50.38 53.02 14.00
C LYS FA 476 -49.10 53.11 14.84
N ASP FA 477 -48.78 52.02 15.55
CA ASP FA 477 -47.54 51.96 16.30
C ASP FA 477 -46.35 51.89 15.35
N LYS FA 478 -45.40 52.80 15.51
CA LYS FA 478 -44.26 52.91 14.60
C LYS FA 478 -43.09 52.12 15.18
N ASP FA 479 -42.72 51.03 14.50
CA ASP FA 479 -41.58 50.18 14.82
C ASP FA 479 -41.49 49.86 16.31
N LYS FA 480 -42.65 49.62 16.94
CA LYS FA 480 -42.71 49.32 18.37
C LYS FA 480 -42.33 47.87 18.69
N LYS FA 481 -42.07 47.04 17.67
CA LYS FA 481 -41.66 45.64 17.76
C LYS FA 481 -42.83 44.73 18.14
N GLU FA 482 -44.02 45.28 18.38
CA GLU FA 482 -45.19 44.45 18.67
C GLU FA 482 -45.68 43.72 17.43
N ALA FA 483 -45.24 44.14 16.23
CA ALA FA 483 -45.70 43.54 14.99
C ALA FA 483 -45.30 42.06 14.87
N PRO FA 484 -44.05 41.69 15.14
CA PRO FA 484 -43.72 40.25 15.17
C PRO FA 484 -44.55 39.46 16.18
N ALA FA 485 -45.07 40.10 17.22
CA ALA FA 485 -45.99 39.43 18.13
C ALA FA 485 -47.41 39.38 17.58
N ASP FA 486 -47.74 40.25 16.63
CA ASP FA 486 -49.07 40.27 16.01
C ASP FA 486 -49.16 39.40 14.76
N MET FA 487 -48.05 38.85 14.28
CA MET FA 487 -48.05 38.00 13.09
C MET FA 487 -48.25 36.54 13.42
N GLY FA 488 -48.48 36.18 14.68
CA GLY FA 488 -48.69 34.79 15.03
C GLY FA 488 -49.93 34.19 14.38
N ALA FA 489 -50.91 35.03 14.05
CA ALA FA 489 -52.11 34.59 13.36
C ALA FA 489 -51.76 33.92 12.02
N HIS FA 490 -51.21 34.71 11.10
CA HIS FA 490 -50.81 34.24 9.77
C HIS FA 490 -51.99 33.62 9.03
N GLN FA 491 -52.94 34.48 8.70
CA GLN FA 491 -54.13 34.06 7.98
C GLN FA 491 -53.79 33.75 6.52
N GLY FA 492 -54.68 32.97 5.88
CA GLY FA 492 -54.50 32.60 4.49
C GLY FA 492 -54.51 33.77 3.54
N VAL FA 493 -55.03 34.93 3.97
CA VAL FA 493 -55.01 36.12 3.12
C VAL FA 493 -53.58 36.57 2.89
N ALA FA 494 -52.72 36.47 3.90
CA ALA FA 494 -51.29 36.72 3.87
C ALA FA 494 -50.94 38.19 3.64
N VAL FA 495 -51.92 39.05 3.36
CA VAL FA 495 -51.64 40.48 3.23
C VAL FA 495 -51.18 41.07 4.55
N LEU FA 496 -51.50 40.42 5.67
CA LEU FA 496 -51.00 40.89 6.96
C LEU FA 496 -49.48 40.86 7.02
N GLY FA 497 -48.87 39.75 6.59
CA GLY FA 497 -47.44 39.58 6.80
C GLY FA 497 -46.59 40.60 6.05
N ILE FA 498 -46.95 40.91 4.81
CA ILE FA 498 -46.12 41.79 4.00
C ILE FA 498 -46.11 43.20 4.59
N ALA FA 499 -47.29 43.72 4.93
CA ALA FA 499 -47.35 45.06 5.51
C ALA FA 499 -46.83 45.07 6.94
N LEU FA 500 -46.89 43.93 7.63
CA LEU FA 500 -46.44 43.88 9.02
C LEU FA 500 -44.92 44.01 9.12
N ILE FA 501 -44.20 43.34 8.22
CA ILE FA 501 -42.75 43.42 8.28
C ILE FA 501 -42.25 44.72 7.65
N ALA FA 502 -42.92 45.19 6.59
CA ALA FA 502 -42.57 46.46 5.95
C ALA FA 502 -42.68 47.63 6.92
N MET FA 503 -43.92 47.96 7.33
CA MET FA 503 -44.14 49.14 8.17
C MET FA 503 -43.79 48.89 9.62
N GLY FA 504 -44.06 47.69 10.14
CA GLY FA 504 -43.87 47.43 11.55
C GLY FA 504 -42.43 47.42 12.01
N GLU FA 505 -41.48 47.44 11.08
CA GLU FA 505 -40.06 47.45 11.41
C GLU FA 505 -39.39 48.61 10.68
N GLU FA 506 -38.92 49.59 11.42
CA GLU FA 506 -38.15 50.71 10.88
C GLU FA 506 -36.92 50.92 11.76
N ILE FA 507 -35.74 50.68 11.18
CA ILE FA 507 -34.48 50.80 11.90
C ILE FA 507 -33.39 51.10 10.89
N GLY FA 508 -32.25 51.57 11.37
CA GLY FA 508 -31.12 51.85 10.51
C GLY FA 508 -30.56 50.61 9.85
N ALA FA 509 -30.22 49.62 10.67
CA ALA FA 509 -29.75 48.34 10.15
C ALA FA 509 -30.95 47.50 9.68
N GLU FA 510 -30.73 46.72 8.61
CA GLU FA 510 -31.80 45.93 8.02
C GLU FA 510 -32.40 44.96 9.05
N MET FA 511 -31.66 43.91 9.40
CA MET FA 511 -32.01 42.95 10.44
C MET FA 511 -33.28 42.16 10.09
N ALA FA 512 -33.97 42.55 9.02
CA ALA FA 512 -35.21 41.91 8.62
C ALA FA 512 -35.00 40.82 7.56
N LEU FA 513 -33.75 40.54 7.18
CA LEU FA 513 -33.50 39.56 6.13
C LEU FA 513 -33.98 38.16 6.54
N ARG FA 514 -33.93 37.84 7.84
CA ARG FA 514 -34.34 36.52 8.27
C ARG FA 514 -35.86 36.35 8.17
N THR FA 515 -36.62 37.36 8.59
CA THR FA 515 -38.08 37.27 8.51
C THR FA 515 -38.58 37.50 7.10
N PHE FA 516 -38.01 38.48 6.39
CA PHE FA 516 -38.41 38.71 5.00
C PHE FA 516 -38.12 37.50 4.14
N GLY FA 517 -37.01 36.81 4.41
CA GLY FA 517 -36.66 35.61 3.69
C GLY FA 517 -37.51 34.42 4.12
N HIS FA 518 -37.87 34.37 5.41
CA HIS FA 518 -38.67 33.26 5.91
C HIS FA 518 -40.09 33.28 5.36
N LEU FA 519 -40.66 34.48 5.19
CA LEU FA 519 -42.04 34.55 4.71
C LEU FA 519 -42.15 34.20 3.23
N LEU FA 520 -41.10 34.46 2.44
CA LEU FA 520 -41.16 34.12 1.02
C LEU FA 520 -40.87 32.64 0.78
N ARG FA 521 -39.99 32.04 1.57
CA ARG FA 521 -39.67 30.62 1.39
C ARG FA 521 -40.72 29.72 2.02
N TYR FA 522 -41.31 30.13 3.14
CA TYR FA 522 -42.36 29.35 3.80
C TYR FA 522 -43.75 29.73 3.33
N GLY FA 523 -43.89 30.80 2.54
CA GLY FA 523 -45.20 31.23 2.11
C GLY FA 523 -45.77 30.38 1.00
N GLU FA 524 -47.09 30.48 0.83
CA GLU FA 524 -47.79 29.74 -0.19
C GLU FA 524 -47.50 30.34 -1.57
N PRO FA 525 -47.78 29.61 -2.65
CA PRO FA 525 -47.62 30.18 -3.98
C PRO FA 525 -48.51 31.40 -4.19
N THR FA 526 -48.13 32.20 -5.20
CA THR FA 526 -48.79 33.45 -5.60
C THR FA 526 -48.59 34.55 -4.56
N LEU FA 527 -48.10 34.18 -3.38
CA LEU FA 527 -47.75 35.19 -2.37
C LEU FA 527 -46.43 35.88 -2.70
N ARG FA 528 -45.52 35.19 -3.40
CA ARG FA 528 -44.24 35.78 -3.78
C ARG FA 528 -44.40 36.99 -4.67
N ARG FA 529 -45.59 37.21 -5.24
CA ARG FA 529 -45.82 38.41 -6.06
C ARG FA 529 -45.75 39.67 -5.20
N ALA FA 530 -46.35 39.64 -4.01
CA ALA FA 530 -46.42 40.81 -3.14
C ALA FA 530 -45.31 40.86 -2.10
N VAL FA 531 -44.42 39.87 -2.07
CA VAL FA 531 -43.33 39.83 -1.11
C VAL FA 531 -42.33 40.96 -1.34
N PRO FA 532 -41.83 41.21 -2.56
CA PRO FA 532 -40.83 42.27 -2.74
C PRO FA 532 -41.33 43.66 -2.37
N LEU FA 533 -42.64 43.85 -2.19
CA LEU FA 533 -43.19 45.18 -1.93
C LEU FA 533 -42.65 45.81 -0.65
N ALA FA 534 -42.03 45.03 0.23
CA ALA FA 534 -41.42 45.59 1.44
C ALA FA 534 -40.14 46.36 1.16
N LEU FA 535 -39.67 46.36 -0.09
CA LEU FA 535 -38.40 46.99 -0.44
C LEU FA 535 -38.43 48.51 -0.37
N ALA FA 536 -39.60 49.12 -0.19
CA ALA FA 536 -39.67 50.57 -0.16
C ALA FA 536 -39.32 51.16 1.19
N LEU FA 537 -38.98 50.32 2.17
CA LEU FA 537 -38.71 50.82 3.52
C LEU FA 537 -37.36 50.36 4.05
N ILE FA 538 -37.19 49.05 4.24
CA ILE FA 538 -35.98 48.52 4.85
C ILE FA 538 -34.78 48.53 3.92
N SER FA 539 -34.97 48.85 2.63
CA SER FA 539 -33.90 48.85 1.65
C SER FA 539 -33.21 50.20 1.50
N VAL FA 540 -33.59 51.20 2.30
CA VAL FA 540 -32.95 52.51 2.22
C VAL FA 540 -31.53 52.51 2.74
N SER FA 541 -31.08 51.41 3.35
CA SER FA 541 -29.72 51.35 3.90
C SER FA 541 -28.70 51.15 2.79
N ASN FA 542 -28.69 49.97 2.17
CA ASN FA 542 -27.75 49.65 1.08
C ASN FA 542 -28.49 48.88 0.00
N PRO FA 543 -29.29 49.58 -0.80
CA PRO FA 543 -30.03 48.89 -1.88
C PRO FA 543 -29.15 48.41 -3.01
N ARG FA 544 -27.93 48.91 -3.14
CA ARG FA 544 -27.10 48.56 -4.29
C ARG FA 544 -26.78 47.07 -4.32
N LEU FA 545 -26.44 46.50 -3.17
CA LEU FA 545 -26.04 45.09 -3.14
C LEU FA 545 -27.25 44.16 -3.18
N ASN FA 546 -28.27 44.45 -2.35
CA ASN FA 546 -29.35 43.49 -2.15
C ASN FA 546 -30.40 43.53 -3.25
N ILE FA 547 -30.74 44.73 -3.74
CA ILE FA 547 -31.93 44.87 -4.57
C ILE FA 547 -31.70 44.30 -5.97
N LEU FA 548 -30.76 44.88 -6.72
CA LEU FA 548 -30.52 44.42 -8.09
C LEU FA 548 -30.11 42.95 -8.12
N ASP FA 549 -29.40 42.48 -7.10
CA ASP FA 549 -29.07 41.06 -7.00
C ASP FA 549 -30.33 40.20 -6.98
N THR FA 550 -31.14 40.35 -5.94
CA THR FA 550 -32.37 39.58 -5.79
C THR FA 550 -33.27 39.72 -7.01
N LEU FA 551 -33.73 40.95 -7.28
CA LEU FA 551 -34.72 41.18 -8.32
C LEU FA 551 -34.22 40.85 -9.72
N SER FA 552 -32.93 40.57 -9.91
CA SER FA 552 -32.43 40.20 -11.23
C SER FA 552 -33.07 38.92 -11.72
N LYS FA 553 -33.16 37.90 -10.85
CA LYS FA 553 -33.74 36.63 -11.25
C LYS FA 553 -35.25 36.73 -11.44
N PHE FA 554 -35.91 37.61 -10.70
CA PHE FA 554 -37.35 37.79 -10.84
C PHE FA 554 -37.74 38.74 -11.96
N SER FA 555 -36.79 39.51 -12.50
CA SER FA 555 -37.10 40.41 -13.60
C SER FA 555 -37.26 39.67 -14.92
N HIS FA 556 -36.75 38.45 -15.03
CA HIS FA 556 -36.87 37.65 -16.23
C HIS FA 556 -38.07 36.71 -16.19
N ASP FA 557 -38.89 36.77 -15.14
CA ASP FA 557 -40.05 35.91 -15.04
C ASP FA 557 -41.09 36.29 -16.10
N ALA FA 558 -41.78 35.27 -16.62
CA ALA FA 558 -42.79 35.48 -17.66
C ALA FA 558 -44.11 35.99 -17.10
N ASP FA 559 -44.32 35.91 -15.79
CA ASP FA 559 -45.57 36.39 -15.20
C ASP FA 559 -45.57 37.91 -15.17
N PRO FA 560 -46.56 38.57 -15.77
CA PRO FA 560 -46.56 40.04 -15.78
C PRO FA 560 -46.81 40.66 -14.41
N GLU FA 561 -47.54 39.97 -13.53
CA GLU FA 561 -47.84 40.53 -12.22
C GLU FA 561 -46.59 40.61 -11.34
N VAL FA 562 -45.84 39.50 -11.25
CA VAL FA 562 -44.59 39.53 -10.49
C VAL FA 562 -43.57 40.43 -11.17
N SER FA 563 -43.60 40.54 -12.50
CA SER FA 563 -42.71 41.48 -13.18
C SER FA 563 -43.10 42.91 -12.90
N TYR FA 564 -44.39 43.21 -12.90
CA TYR FA 564 -44.85 44.55 -12.55
C TYR FA 564 -44.40 44.92 -11.14
N ASN FA 565 -44.54 43.98 -10.19
CA ASN FA 565 -44.22 44.29 -8.80
C ASN FA 565 -42.72 44.18 -8.50
N SER FA 566 -41.94 43.58 -9.40
CA SER FA 566 -40.50 43.52 -9.22
C SER FA 566 -39.84 44.86 -9.50
N ILE FA 567 -39.97 45.36 -10.74
CA ILE FA 567 -39.45 46.68 -11.08
C ILE FA 567 -40.10 47.74 -10.19
N PHE FA 568 -41.32 47.46 -9.71
CA PHE FA 568 -41.99 48.35 -8.78
C PHE FA 568 -41.32 48.32 -7.41
N ALA FA 569 -40.95 47.14 -6.90
CA ALA FA 569 -40.32 47.05 -5.59
C ALA FA 569 -39.00 47.81 -5.56
N MET FA 570 -38.23 47.73 -6.63
CA MET FA 570 -37.06 48.58 -6.79
C MET FA 570 -37.54 50.03 -6.74
N GLY FA 571 -38.23 50.46 -7.79
CA GLY FA 571 -39.02 51.68 -7.73
C GLY FA 571 -38.23 52.90 -7.27
N MET FA 572 -38.78 53.59 -6.27
CA MET FA 572 -38.20 54.83 -5.78
C MET FA 572 -37.01 54.58 -4.86
N VAL FA 573 -37.04 53.48 -4.08
CA VAL FA 573 -35.97 53.24 -3.12
C VAL FA 573 -34.63 52.98 -3.80
N GLY FA 574 -34.64 52.59 -5.07
CA GLY FA 574 -33.42 52.40 -5.83
C GLY FA 574 -33.12 53.48 -6.84
N SER FA 575 -33.90 54.56 -6.90
CA SER FA 575 -33.70 55.63 -7.85
C SER FA 575 -32.88 56.78 -7.29
N GLY FA 576 -32.42 56.69 -6.05
CA GLY FA 576 -31.63 57.75 -5.45
C GLY FA 576 -30.21 57.81 -5.97
N THR FA 577 -29.60 56.65 -6.20
CA THR FA 577 -28.24 56.56 -6.70
C THR FA 577 -28.23 55.89 -8.05
N ASN FA 578 -27.29 56.30 -8.90
CA ASN FA 578 -27.14 55.75 -10.24
C ASN FA 578 -26.02 54.71 -10.25
N ASN FA 579 -25.81 54.10 -11.41
CA ASN FA 579 -24.80 53.06 -11.61
C ASN FA 579 -24.82 52.70 -13.08
N ALA FA 580 -23.71 52.10 -13.54
CA ALA FA 580 -23.62 51.65 -14.92
C ALA FA 580 -24.31 50.32 -15.13
N ARG FA 581 -24.35 49.47 -14.09
CA ARG FA 581 -25.04 48.19 -14.22
C ARG FA 581 -26.51 48.38 -14.56
N LEU FA 582 -27.11 49.47 -14.10
CA LEU FA 582 -28.49 49.78 -14.46
C LEU FA 582 -28.57 50.23 -15.92
N ALA FA 583 -27.69 51.16 -16.31
CA ALA FA 583 -27.70 51.66 -17.69
C ALA FA 583 -27.39 50.55 -18.68
N ALA FA 584 -26.47 49.65 -18.33
CA ALA FA 584 -26.20 48.50 -19.18
C ALA FA 584 -27.31 47.47 -19.13
N MET FA 585 -28.10 47.46 -18.06
CA MET FA 585 -29.24 46.54 -17.96
C MET FA 585 -30.42 47.00 -18.78
N LEU FA 586 -30.52 48.30 -19.09
CA LEU FA 586 -31.63 48.81 -19.87
C LEU FA 586 -31.74 48.16 -21.24
N ARG FA 587 -30.64 47.62 -21.76
CA ARG FA 587 -30.68 46.92 -23.03
C ARG FA 587 -31.50 45.64 -22.92
N GLN FA 588 -32.14 45.26 -24.03
CA GLN FA 588 -32.92 44.04 -24.16
C GLN FA 588 -34.21 44.08 -23.34
N LEU FA 589 -34.37 45.10 -22.50
CA LEU FA 589 -35.61 45.23 -21.73
C LEU FA 589 -36.75 45.73 -22.60
N ALA FA 590 -36.48 46.75 -23.43
CA ALA FA 590 -37.49 47.31 -24.31
C ALA FA 590 -37.60 46.56 -25.65
N GLN FA 591 -36.76 45.56 -25.88
CA GLN FA 591 -36.79 44.78 -27.11
C GLN FA 591 -37.69 43.55 -27.01
N TYR FA 592 -38.36 43.35 -25.87
CA TYR FA 592 -39.24 42.20 -25.72
C TYR FA 592 -40.53 42.40 -26.52
N HIS FA 593 -41.08 41.29 -27.00
CA HIS FA 593 -42.31 41.29 -27.77
C HIS FA 593 -43.56 41.23 -26.90
N ALA FA 594 -43.40 41.23 -25.58
CA ALA FA 594 -44.55 41.12 -24.69
C ALA FA 594 -45.40 42.38 -24.74
N LYS FA 595 -46.72 42.18 -24.80
CA LYS FA 595 -47.68 43.27 -24.83
C LYS FA 595 -47.99 43.71 -23.40
N ASP FA 596 -49.04 44.52 -23.24
CA ASP FA 596 -49.58 45.02 -21.97
C ASP FA 596 -48.68 46.09 -21.38
N PRO FA 597 -49.21 46.97 -20.53
CA PRO FA 597 -48.39 48.07 -19.98
C PRO FA 597 -47.21 47.59 -19.15
N ASN FA 598 -47.17 46.33 -18.72
CA ASN FA 598 -46.07 45.86 -17.87
C ASN FA 598 -44.72 46.03 -18.53
N ASN FA 599 -44.65 45.92 -19.86
CA ASN FA 599 -43.37 46.04 -20.55
C ASN FA 599 -42.86 47.48 -20.50
N LEU FA 600 -43.67 48.43 -20.94
CA LEU FA 600 -43.26 49.83 -20.87
C LEU FA 600 -43.32 50.38 -19.45
N PHE FA 601 -43.95 49.68 -18.52
CA PHE FA 601 -43.84 50.06 -17.11
C PHE FA 601 -42.54 49.54 -16.50
N MET FA 602 -42.08 48.38 -16.96
CA MET FA 602 -40.79 47.86 -16.53
C MET FA 602 -39.65 48.75 -17.01
N VAL FA 603 -39.68 49.12 -18.30
CA VAL FA 603 -38.55 49.83 -18.89
C VAL FA 603 -38.56 51.30 -18.48
N ARG FA 604 -39.72 51.96 -18.60
CA ARG FA 604 -39.75 53.41 -18.40
C ARG FA 604 -39.53 53.78 -16.95
N LEU FA 605 -40.10 53.02 -16.01
CA LEU FA 605 -39.83 53.28 -14.60
C LEU FA 605 -38.37 53.00 -14.26
N ALA FA 606 -37.75 52.03 -14.95
CA ALA FA 606 -36.32 51.79 -14.77
C ALA FA 606 -35.47 52.93 -15.32
N GLN FA 607 -36.01 53.71 -16.26
CA GLN FA 607 -35.28 54.88 -16.75
C GLN FA 607 -35.18 55.96 -15.69
N GLY FA 608 -36.12 56.00 -14.75
CA GLY FA 608 -36.16 57.00 -13.70
C GLY FA 608 -35.20 56.77 -12.55
N LEU FA 609 -34.38 55.74 -12.61
CA LEU FA 609 -33.40 55.46 -11.57
C LEU FA 609 -32.05 56.12 -11.83
N THR FA 610 -31.91 56.88 -12.92
CA THR FA 610 -30.64 57.52 -13.22
C THR FA 610 -30.37 58.72 -12.33
N HIS FA 611 -31.42 59.45 -11.92
CA HIS FA 611 -31.29 60.63 -11.07
C HIS FA 611 -32.70 61.12 -10.77
N LEU FA 612 -32.79 61.95 -9.73
CA LEU FA 612 -34.06 62.52 -9.28
C LEU FA 612 -33.89 64.01 -9.07
N GLY FA 613 -34.58 64.81 -9.87
CA GLY FA 613 -34.48 66.26 -9.76
C GLY FA 613 -33.08 66.80 -10.00
N LYS FA 614 -32.26 66.11 -10.79
CA LYS FA 614 -30.90 66.51 -11.08
C LYS FA 614 -30.75 66.82 -12.56
N GLY FA 615 -30.05 67.92 -12.86
CA GLY FA 615 -29.86 68.34 -14.23
C GLY FA 615 -30.72 69.52 -14.63
N THR FA 616 -30.73 69.86 -15.91
CA THR FA 616 -29.86 69.23 -16.90
C THR FA 616 -28.63 70.07 -17.25
N LEU FA 617 -28.49 71.23 -16.62
CA LEU FA 617 -27.54 72.25 -17.09
C LEU FA 617 -26.04 71.89 -17.09
N THR FA 618 -25.34 71.49 -16.00
CA THR FA 618 -25.73 71.26 -14.59
C THR FA 618 -26.98 70.38 -14.41
N LEU FA 619 -26.82 69.08 -14.64
CA LEU FA 619 -25.52 68.48 -14.93
C LEU FA 619 -25.58 67.60 -16.18
N CYS FA 620 -26.32 66.49 -16.09
CA CYS FA 620 -26.35 65.53 -17.18
C CYS FA 620 -27.10 66.11 -18.38
N PRO FA 621 -26.62 65.85 -19.59
CA PRO FA 621 -27.31 66.39 -20.78
C PRO FA 621 -28.63 65.67 -21.04
N TYR FA 622 -29.60 66.44 -21.52
CA TYR FA 622 -30.93 65.92 -21.83
C TYR FA 622 -31.01 65.30 -23.22
N HIS FA 623 -30.02 65.55 -24.10
CA HIS FA 623 -30.08 65.03 -25.45
C HIS FA 623 -30.07 63.51 -25.48
N SER FA 624 -29.42 62.87 -24.50
CA SER FA 624 -29.39 61.41 -24.46
C SER FA 624 -30.78 60.84 -24.17
N ASP FA 625 -31.50 61.45 -23.23
CA ASP FA 625 -32.84 61.00 -22.93
C ASP FA 625 -33.79 61.27 -24.08
N ARG FA 626 -33.58 62.38 -24.79
CA ARG FA 626 -34.42 62.69 -25.95
C ARG FA 626 -34.20 61.68 -27.07
N GLN FA 627 -32.95 61.24 -27.27
CA GLN FA 627 -32.67 60.23 -28.28
C GLN FA 627 -33.27 58.88 -27.88
N LEU FA 628 -33.25 58.57 -26.58
CA LEU FA 628 -33.80 57.30 -26.12
C LEU FA 628 -35.32 57.28 -26.28
N MET FA 629 -36.00 58.35 -25.88
CA MET FA 629 -37.45 58.41 -26.01
C MET FA 629 -37.90 58.53 -27.46
N SER FA 630 -37.04 59.05 -28.34
CA SER FA 630 -37.40 59.17 -29.75
C SER FA 630 -37.26 57.84 -30.47
N GLN FA 631 -36.21 57.06 -30.14
CA GLN FA 631 -36.00 55.79 -30.80
C GLN FA 631 -36.92 54.70 -30.27
N VAL FA 632 -37.37 54.80 -29.01
CA VAL FA 632 -38.24 53.79 -28.43
C VAL FA 632 -39.70 54.00 -28.78
N ALA FA 633 -40.07 55.17 -29.28
CA ALA FA 633 -41.45 55.48 -29.62
C ALA FA 633 -41.82 55.12 -31.05
N VAL FA 634 -40.89 54.50 -31.81
CA VAL FA 634 -41.16 54.18 -33.21
C VAL FA 634 -41.80 52.81 -33.38
N ALA FA 635 -42.10 52.11 -32.29
CA ALA FA 635 -42.56 50.74 -32.36
C ALA FA 635 -44.07 50.63 -32.15
N GLY FA 636 -44.71 49.76 -32.92
CA GLY FA 636 -46.06 49.32 -32.72
C GLY FA 636 -47.29 49.73 -33.54
N LEU FA 637 -47.34 50.91 -34.17
CA LEU FA 637 -46.59 52.10 -33.82
C LEU FA 637 -47.27 52.73 -32.61
N LEU FA 638 -48.60 52.73 -32.62
CA LEU FA 638 -49.41 53.14 -31.49
C LEU FA 638 -50.53 52.13 -31.27
N THR FA 639 -50.65 51.45 -30.13
CA THR FA 639 -49.78 51.47 -28.92
C THR FA 639 -49.45 52.86 -28.38
N VAL FA 640 -50.51 53.63 -28.05
CA VAL FA 640 -50.34 54.96 -27.49
C VAL FA 640 -49.57 54.95 -26.18
N LEU FA 641 -49.33 53.78 -25.60
CA LEU FA 641 -48.49 53.67 -24.41
C LEU FA 641 -47.08 54.22 -24.65
N VAL FA 642 -46.65 54.31 -25.91
CA VAL FA 642 -45.38 54.98 -26.19
C VAL FA 642 -45.53 56.48 -26.02
N SER FA 643 -46.73 57.03 -26.29
CA SER FA 643 -47.02 58.41 -25.94
C SER FA 643 -47.29 58.57 -24.45
N PHE FA 644 -47.48 57.47 -23.72
CA PHE FA 644 -47.55 57.52 -22.27
C PHE FA 644 -46.16 57.56 -21.66
N LEU FA 645 -45.20 56.84 -22.23
CA LEU FA 645 -43.86 56.78 -21.66
C LEU FA 645 -43.02 58.00 -22.02
N ASP FA 646 -43.22 58.57 -23.22
CA ASP FA 646 -42.41 59.74 -23.60
C ASP FA 646 -42.74 60.95 -22.75
N VAL FA 647 -43.98 61.05 -22.26
CA VAL FA 647 -44.27 62.04 -21.24
C VAL FA 647 -43.87 61.52 -19.86
N ARG FA 648 -43.82 60.19 -19.67
CA ARG FA 648 -43.55 59.64 -18.35
C ARG FA 648 -42.12 59.92 -17.90
N ASN FA 649 -41.15 59.70 -18.77
CA ASN FA 649 -39.76 59.94 -18.39
C ASN FA 649 -39.50 61.42 -18.13
N ILE FA 650 -40.21 62.31 -18.82
CA ILE FA 650 -40.05 63.74 -18.58
C ILE FA 650 -40.90 64.25 -17.42
N ILE FA 651 -41.73 63.40 -16.82
CA ILE FA 651 -42.42 63.75 -15.59
C ILE FA 651 -41.37 64.10 -14.54
N LEU FA 652 -40.63 63.08 -14.10
CA LEU FA 652 -39.54 63.31 -13.15
C LEU FA 652 -38.30 63.87 -13.82
N GLY FA 653 -38.16 63.70 -15.13
CA GLY FA 653 -36.99 64.21 -15.82
C GLY FA 653 -36.99 65.74 -15.91
N LYS FA 654 -38.07 66.31 -16.42
CA LYS FA 654 -38.13 67.74 -16.71
C LYS FA 654 -38.79 68.56 -15.61
N SER FA 655 -39.33 67.93 -14.56
CA SER FA 655 -39.90 68.70 -13.46
C SER FA 655 -38.80 69.33 -12.61
N HIS FA 656 -37.88 68.50 -12.11
CA HIS FA 656 -36.84 68.92 -11.18
C HIS FA 656 -37.43 69.71 -10.02
N TYR FA 657 -36.75 70.78 -9.61
CA TYR FA 657 -37.29 71.76 -8.64
C TYR FA 657 -37.54 71.16 -7.27
N VAL FA 658 -37.42 69.84 -7.13
CA VAL FA 658 -37.65 69.15 -5.87
C VAL FA 658 -36.55 68.12 -5.67
N LEU FA 659 -35.80 68.25 -4.58
CA LEU FA 659 -34.72 67.32 -4.25
C LEU FA 659 -35.24 66.30 -3.25
N TYR FA 660 -35.27 65.03 -3.67
CA TYR FA 660 -35.60 63.96 -2.74
C TYR FA 660 -34.74 62.72 -2.97
N GLY FA 661 -33.97 62.33 -1.95
CA GLY FA 661 -33.81 63.13 -0.75
C GLY FA 661 -34.47 62.89 0.62
N LEU FA 662 -35.05 61.74 0.93
CA LEU FA 662 -35.21 60.55 0.09
C LEU FA 662 -36.40 60.57 -0.90
N VAL FA 663 -37.62 61.01 -0.54
CA VAL FA 663 -38.05 61.59 0.75
C VAL FA 663 -38.25 60.58 1.89
N ALA FA 664 -37.75 60.91 3.08
CA ALA FA 664 -36.94 62.12 3.30
C ALA FA 664 -35.68 61.81 4.11
N ALA FA 665 -34.73 62.75 4.07
CA ALA FA 665 -33.50 62.60 4.84
C ALA FA 665 -33.77 62.79 6.33
N MET FA 666 -34.72 63.65 6.67
CA MET FA 666 -35.19 63.81 8.04
C MET FA 666 -36.01 62.60 8.51
N GLN FA 667 -36.24 61.65 7.61
CA GLN FA 667 -37.02 60.42 7.78
C GLN FA 667 -38.49 60.62 8.12
N PRO FA 668 -39.23 61.50 7.41
CA PRO FA 668 -40.63 61.19 7.10
C PRO FA 668 -40.75 60.30 5.87
N ARG FA 669 -41.90 59.66 5.69
CA ARG FA 669 -42.15 58.94 4.45
C ARG FA 669 -43.22 59.65 3.65
N MET FA 670 -43.10 59.59 2.31
CA MET FA 670 -44.12 60.19 1.49
C MET FA 670 -45.44 59.44 1.63
N LEU FA 671 -46.49 60.13 2.02
CA LEU FA 671 -47.80 59.59 2.36
C LEU FA 671 -48.68 59.49 1.14
N VAL FA 672 -48.23 59.99 -0.02
CA VAL FA 672 -48.95 59.89 -1.27
C VAL FA 672 -48.46 58.62 -2.00
N THR FA 673 -47.15 58.56 -2.27
CA THR FA 673 -46.55 57.46 -3.01
C THR FA 673 -47.05 56.11 -2.51
N PHE FA 674 -46.63 55.71 -1.30
CA PHE FA 674 -46.99 54.38 -0.78
C PHE FA 674 -48.45 54.04 -1.06
N ASP FA 675 -49.37 54.84 -0.53
CA ASP FA 675 -50.79 54.70 -0.83
C ASP FA 675 -51.02 54.52 -2.33
N GLU FA 676 -50.46 55.41 -3.13
CA GLU FA 676 -50.61 55.26 -4.57
C GLU FA 676 -49.80 54.08 -5.09
N GLU FA 677 -48.70 53.70 -4.43
CA GLU FA 677 -47.96 52.56 -4.97
C GLU FA 677 -48.68 51.25 -4.63
N LEU FA 678 -49.68 51.31 -3.77
CA LEU FA 678 -50.40 50.09 -3.37
C LEU FA 678 -51.46 49.71 -4.41
N ARG FA 679 -52.18 50.68 -4.93
CA ARG FA 679 -53.36 50.33 -5.71
C ARG FA 679 -53.09 49.64 -7.05
N PRO FA 680 -52.12 50.12 -7.87
CA PRO FA 680 -51.91 49.49 -9.18
C PRO FA 680 -51.35 48.08 -9.14
N LEU FA 681 -50.88 47.61 -7.97
CA LEU FA 681 -50.38 46.24 -7.90
C LEU FA 681 -51.31 45.32 -8.68
N PRO FA 682 -52.75 45.37 -8.48
CA PRO FA 682 -53.69 45.06 -9.57
C PRO FA 682 -54.17 46.31 -10.30
N VAL FA 683 -53.37 46.81 -11.26
CA VAL FA 683 -53.88 47.90 -12.09
C VAL FA 683 -54.60 47.34 -13.31
N SER FA 684 -55.90 47.59 -13.40
CA SER FA 684 -56.65 47.19 -14.57
C SER FA 684 -56.82 48.39 -15.48
N VAL FA 685 -57.65 49.35 -15.06
CA VAL FA 685 -57.99 50.47 -15.93
C VAL FA 685 -57.50 51.81 -15.39
N ARG FA 686 -58.23 52.40 -14.43
CA ARG FA 686 -57.95 53.80 -14.09
C ARG FA 686 -57.13 53.99 -12.83
N VAL FA 687 -56.79 52.92 -12.10
CA VAL FA 687 -56.19 53.12 -10.77
C VAL FA 687 -54.75 53.59 -10.88
N GLY FA 688 -54.04 53.19 -11.95
CA GLY FA 688 -52.68 53.64 -12.12
C GLY FA 688 -52.61 55.11 -12.47
N GLN FA 689 -53.75 55.69 -12.81
CA GLN FA 689 -53.82 57.12 -13.08
C GLN FA 689 -53.78 57.93 -11.80
N ALA FA 690 -54.51 57.49 -10.76
CA ALA FA 690 -54.48 58.21 -9.49
C ALA FA 690 -53.08 58.17 -8.90
N VAL FA 691 -52.21 57.30 -9.43
CA VAL FA 691 -50.84 57.18 -8.93
C VAL FA 691 -49.89 58.07 -9.72
N ASP FA 692 -50.37 58.64 -10.83
CA ASP FA 692 -49.58 59.54 -11.63
C ASP FA 692 -49.29 60.85 -10.93
N VAL FA 693 -50.03 61.17 -9.86
CA VAL FA 693 -49.91 62.47 -9.20
C VAL FA 693 -48.47 62.69 -8.76
N VAL FA 694 -47.75 61.61 -8.51
CA VAL FA 694 -46.35 61.62 -8.09
C VAL FA 694 -45.53 62.74 -8.72
PB ADP GA . -0.54 31.20 -26.53
O1B ADP GA . -1.85 30.46 -26.65
O2B ADP GA . 0.23 30.91 -25.27
O3B ADP GA . 0.31 31.17 -27.78
PA ADP GA . -1.99 33.24 -25.25
O1A ADP GA . -3.39 32.85 -25.69
O2A ADP GA . -1.45 32.74 -23.93
O3A ADP GA . -0.96 32.76 -26.38
O5' ADP GA . -1.88 34.85 -25.22
C5' ADP GA . -1.95 35.67 -26.39
C4' ADP GA . -2.45 37.06 -26.00
O4' ADP GA . -1.91 38.08 -26.87
C3' ADP GA . -3.96 37.14 -26.10
O3' ADP GA . -4.50 37.61 -24.85
C2' ADP GA . -4.24 38.16 -27.18
O2' ADP GA . -5.31 39.02 -26.80
C1' ADP GA . -2.95 38.94 -27.36
N9 ADP GA . -2.67 39.25 -28.78
C8 ADP GA . -1.42 39.35 -29.29
N7 ADP GA . -1.43 39.65 -30.61
C5 ADP GA . -2.72 39.76 -30.98
C6 ADP GA . -3.43 40.05 -32.25
N6 ADP GA . -2.73 40.30 -33.38
N1 ADP GA . -4.78 40.07 -32.22
C2 ADP GA . -5.46 39.83 -31.09
N3 ADP GA . -4.88 39.56 -29.91
C4 ADP GA . -3.53 39.51 -29.78
PB ADP HA . 4.38 33.62 5.02
O1B ADP HA . 3.07 32.95 5.37
O2B ADP HA . 5.59 32.72 5.18
O3B ADP HA . 4.36 34.37 3.72
PA ADP HA . 4.93 36.29 5.91
O1A ADP HA . 4.09 36.83 4.79
O2A ADP HA . 6.42 36.47 5.82
O3A ADP HA . 4.60 34.73 6.18
O5' ADP HA . 4.39 37.01 7.24
C5' ADP HA . 4.98 38.20 7.73
C4' ADP HA . 4.19 38.61 8.97
O4' ADP HA . 4.34 39.98 9.30
C3' ADP HA . 2.70 38.38 8.79
O3' ADP HA . 2.33 37.13 9.35
C2' ADP HA . 2.04 39.51 9.54
O2' ADP HA . 1.30 38.98 10.64
C1' ADP HA . 3.19 40.37 10.06
N9 ADP HA . 2.86 41.81 9.88
C8 ADP HA . 3.35 42.64 8.94
N7 ADP HA . 2.84 43.88 9.07
C5 ADP HA . 1.99 43.86 10.13
C6 ADP HA . 1.11 44.84 10.82
N6 ADP HA . 1.03 46.13 10.41
N1 ADP HA . 0.40 44.39 11.88
C2 ADP HA . 0.48 43.12 12.31
N3 ADP HA . 1.24 42.19 11.73
C4 ADP HA . 2.02 42.49 10.66
PB ADP IA . 11.22 7.77 19.00
O1B ADP IA . 11.31 6.29 18.80
O2B ADP IA . 9.87 8.37 18.72
O3B ADP IA . 12.37 8.55 18.38
PA ADP IA . 10.28 7.51 21.62
O1A ADP IA . 9.44 6.47 20.92
O2A ADP IA . 9.64 8.73 22.21
O3A ADP IA . 11.42 7.97 20.58
O5' ADP IA . 11.13 6.74 22.76
C5' ADP IA . 11.18 5.31 22.73
C4' ADP IA . 11.46 4.71 24.11
O4' ADP IA . 12.46 5.42 24.83
C3' ADP IA . 10.23 4.70 25.00
O3' ADP IA . 9.56 3.44 24.91
C2' ADP IA . 10.76 4.93 26.40
O2' ADP IA . 10.69 3.71 27.14
C1' ADP IA . 12.20 5.37 26.24
N9 ADP IA . 12.38 6.70 26.86
C8 ADP IA . 11.65 7.80 26.57
N7 ADP IA . 12.05 8.86 27.30
C5 ADP IA . 13.04 8.46 28.11
C6 ADP IA . 13.91 9.08 29.14
N6 ADP IA . 13.77 10.39 29.47
N1 ADP IA . 14.83 8.30 29.74
C2 ADP IA . 14.97 7.00 29.43
N3 ADP IA . 14.22 6.37 28.51
C4 ADP IA . 13.26 7.02 27.82
PB ADP JA . 16.62 -17.38 0.62
O1B ADP JA . 15.19 -17.63 0.99
O2B ADP JA . 17.50 -16.91 1.76
O3B ADP JA . 16.82 -16.60 -0.66
PA ADP JA . 17.24 -20.03 1.35
O1A ADP JA . 16.09 -20.97 1.07
O2A ADP JA . 17.41 -19.45 2.73
O3A ADP JA . 17.21 -18.83 0.27
O5' ADP JA . 18.62 -20.76 0.93
C5' ADP JA . 18.72 -21.58 -0.22
C4' ADP JA . 20.14 -21.37 -0.74
O4' ADP JA . 21.03 -21.34 0.36
C3' ADP JA . 20.61 -22.47 -1.69
O3' ADP JA . 20.72 -21.94 -3.01
C2' ADP JA . 21.98 -22.88 -1.18
O2' ADP JA . 22.97 -22.61 -2.18
C1' ADP JA . 22.24 -22.03 0.05
N9 ADP JA . 22.66 -22.87 1.20
C8 ADP JA . 22.46 -24.19 1.31
N7 ADP JA . 22.96 -24.67 2.47
C5 ADP JA . 23.51 -23.63 3.13
C6 ADP JA . 24.22 -23.44 4.41
N6 ADP JA . 24.44 -24.48 5.24
N1 ADP JA . 24.64 -22.18 4.72
C2 ADP JA . 24.41 -21.14 3.90
N3 ADP JA . 23.78 -21.24 2.72
C4 ADP JA . 23.32 -22.44 2.28
PB ADP KA . 21.55 -13.39 -30.13
O1B ADP KA . 21.31 -12.87 -31.53
O2B ADP KA . 20.67 -12.76 -29.06
O3B ADP KA . 23.00 -13.52 -29.76
PA ADP KA . 20.86 -15.81 -28.89
O1A ADP KA . 19.38 -16.10 -28.72
O2A ADP KA . 21.65 -15.17 -27.77
O3A ADP KA . 21.02 -14.90 -30.21
O5' ADP KA . 21.63 -17.12 -29.40
C5' ADP KA . 20.97 -18.37 -29.50
C4' ADP KA . 20.83 -18.68 -31.00
O4' ADP KA . 22.05 -18.59 -31.75
C3' ADP KA . 20.35 -20.09 -31.25
O3' ADP KA . 18.93 -20.22 -31.12
C2' ADP KA . 20.78 -20.34 -32.68
O2' ADP KA . 19.66 -20.18 -33.56
C1' ADP KA . 21.84 -19.30 -32.97
N9 ADP KA . 23.02 -20.03 -33.50
C8 ADP KA . 24.22 -20.19 -32.92
N7 ADP KA . 25.07 -20.91 -33.70
C5 ADP KA . 24.39 -21.23 -34.82
C6 ADP KA . 24.68 -21.99 -36.06
N6 ADP KA . 25.89 -22.57 -36.27
N1 ADP KA . 23.70 -22.09 -36.98
C2 ADP KA . 22.49 -21.53 -36.79
N3 ADP KA . 22.16 -20.83 -35.69
C4 ADP KA . 23.05 -20.65 -34.69
PB ADP LA . 8.75 5.75 -42.18
O1B ADP LA . 8.65 4.31 -42.60
O2B ADP LA . 10.10 6.14 -41.63
O3B ADP LA . 7.58 6.22 -41.34
PA ADP LA . 9.73 7.23 -44.44
O1A ADP LA . 10.17 6.24 -45.46
O2A ADP LA . 10.79 7.78 -43.51
O3A ADP LA . 8.54 6.57 -43.56
O5' ADP LA . 8.98 8.43 -45.21
C5' ADP LA . 7.76 8.97 -44.69
C4' ADP LA . 6.95 9.74 -45.74
O4' ADP LA . 7.72 10.21 -46.86
C3' ADP LA . 5.85 8.89 -46.34
O3' ADP LA . 4.61 9.18 -45.70
C2' ADP LA . 5.78 9.27 -47.79
O2' ADP LA . 4.49 9.83 -48.09
C1' ADP LA . 6.83 10.35 -47.97
N9 ADP LA . 7.54 10.24 -49.28
C8 ADP LA . 8.87 10.43 -49.46
N7 ADP LA . 9.21 10.28 -50.76
C5 ADP LA . 8.10 10.01 -51.45
C6 ADP LA . 7.76 9.75 -52.87
N6 ADP LA . 8.73 9.75 -53.83
N1 ADP LA . 6.47 9.51 -53.19
C2 ADP LA . 5.51 9.51 -52.25
N3 ADP LA . 5.75 9.74 -50.94
C4 ADP LA . 6.99 10.00 -50.48
ZN ZN MA . -40.39 -21.17 -15.49
#